data_5U8T
#
_entry.id   5U8T
#
_cell.length_a   1
_cell.length_b   1
_cell.length_c   1
_cell.angle_alpha   90.00
_cell.angle_beta   90.00
_cell.angle_gamma   90.00
#
_symmetry.space_group_name_H-M   'P 1'
#
loop_
_entity.id
_entity.type
_entity.pdbx_description
1 polymer 'DNA replication licensing factor MCM2'
2 polymer 'DNA replication licensing factor MCM3'
3 polymer 'DNA replication licensing factor MCM4'
4 polymer 'Minichromosome maintenance protein 5'
5 polymer 'DNA replication licensing factor MCM6'
6 polymer 'DNA replication licensing factor MCM7'
7 polymer 'DNA replication complex GINS protein PSF1'
8 polymer 'DNA replication complex GINS protein PSF2'
9 polymer 'DNA replication complex GINS protein PSF3'
10 polymer 'DNA replication complex GINS protein SLD5'
11 polymer 'Cell division control protein 45'
12 polymer "DNA (5'-D(P*TP*TP*TP*TP*TP*TP*TP*TP*TP*TP*TP*TP*TP*T)-3')"
13 non-polymer 'PHOSPHOAMINOPHOSPHONIC ACID-ADENYLATE ESTER'
#
loop_
_entity_poly.entity_id
_entity_poly.type
_entity_poly.pdbx_seq_one_letter_code
_entity_poly.pdbx_strand_id
1 'polypeptide(L)'
;MSDNRRRRREEDDSDSENELPPSSPQQHFRGGMNPVSSPIGSPDMINPEGDDNEVDDVPDIDEVEEQMNEVDLMDDNMYE
DYAADHNRDRYDPDQVDDREQQELSLSERRRIDAQLNERDRLLRNVAYIDDEDEEQEGAAQLDEMGLPVQRRRRRRQYED
LENSDDDLLSDMDIDPLREELTLESLSNVKANSYSEWITQPNVSRTIARELKSFLLEYTDETGRSVYGARIRTLGEMNSE
SLEVNYRHLAESKAILALFLAKCPEEMLKIFDLVAMEATELHYPDYARIHSEIHVRISDFPTIYSLRELRESNLSSLVRV
TGVVTRRTGVFPQLKYVKFNCLKCGSILGPFFQDSNEEIRISFCTNCKSKGPFRVNGEKTVYRNYQRVTLQEAPGTVPPG
RLPRHREVILLADLVDVSKPGEEVEVTGIYKNNYDGNLNAKNGFPVFATIIEANSIKRREGNTANEGEEGLDVFSWTEEE
EREFRKISRDRGIIDKIISSMAPSIYGHRDIKTAVACSLFGGVPKNVNGKHSIRGDINVLLLGDPGTAKSQILKYVEKTA
HRAVFATGQGASAVGLTASVRKDPITKEWTLEGGALVLADKGVCLIDEFDKMNDQDRTSIHEAMEQQSISISKAGIVTTL
QARCSIIAAANPNGGRYNSTLPLAQNVSLTEPILSRFDILCVVRDLVDEEADERLATFVVDSHVRSHPENDEDREGEELK
NNGESAIEQGEDEINEQLNARQRRLQRQRKKEEEISPIPQELLMKYIHYARTKIYPKLHQMDMDKVSRVYADLRRESIST
GSFPITVRHLESILRIAESFAKMRLSEFVSSYDLDRAIKVVVDSFVDAQKVSVRRQLRRSFAIYTLGH
;
2
2 'polypeptide(L)'
;MEGSTGFDGDATTFFAPDAVFGDRVRRFQEFLDTFTSYRDSVRSIQVYNSNNAANYNDDQDDADERDLLGDDDGDDLEKE
KKAASSTSLNILPHRIIISLDDLREFDRSFWSGILVEPAYFIPPAEKALTDLADSMDDVPHPNASAVSSRHPWKLSFKGS
FGAHALSPRTLTAQHLNKLVSVEGIVTKTSLVRPKLIRSVHYAAKTGRFHYRDYTDATTTLTTRIPTPAIYPTEDTEGNK
LTTEYGYSTFIDHQRITVQEMPEMAPAGQLPRSIDVILDDDLVDKTKPGDRVNVVGVFKSLGAGGMNQSNSNTLIGFKTL
ILGNTVYPLHARSTGVAARQMLTDFDIRNINKLSKKKDIFDILSQSLAPSIYGHDHIKKAILLMLMGGVEKNLENGSHLR
GDINILMVGDPSTAKSQLLRFVLNTASLAIATTGRGSSGVGLTAAVTTDRETGERRLEAGAMVLADRGVVCIDEFDKMTD
VDRVAIHEVMEQQTVTIAKAGIHTTLNARCSVIAAANPVFGQYDVNRDPHQNIALPDSLLSRFDLLFVVTDDINEIRDRS
ISEHVLRTHRYLPPGYLEGEPVRERLNLSLAVGEDADINPEEHSNSGAGVENEGEDDEDHVFEKFNPLLQAGAKLAKNKG
NYNGTEIPKLVTIPFLRKYVQYAKERVIPQLTQEAINVIVKNYTDLRNDDNTKKSPITARTLETLIRLATAHAKVRLSKT
VNKVDAKVAANLLRFALLGEDIGNDIDEEESEYEEALSKRSPQKSPKKRQRVRQPASNSGSPIKSTPRRSTASSVNATPS
SARRILRFQDDEQNAGEDDNDIMSPLPADEEAELQRRLQLGLRVSPRRREHLHAPEEGSSGPLTEVGTPRLPNVSSAGQD
DEQQQSVISFDNVEPGTISTGRLSLISGIIARLMQTEIFEEESYPVASLFERINEELPEEEKFSAQEYLAGLKIMSDRNN
LMVADDKVWRV
;
3
3 'polypeptide(L)'
;MSQQSSSPTKEDNNSSSPVVPNPDSVPPQLSSPALFYSSSSSQGDIYGRNNSQNLSQGEGNIRAAIGSSPLNFPSSSQRQ
NSDVFQSQGRQGRIRSSASASGRSRYHSDLRSDRALPTSSSSLGRNGQNRVHMRRNDIHTSDLSSPRRIVDFDTRSGVNT
LDTSSSSAPPSEASEPLRIIWGTNVSIQECTTNFRNFLMSFKYKFRKILDEREEFINNTTDEELYYIKQLNEMRELGTSN
LNLDARNLLAYKQTEDLYHQLLNYPQEVISIMDQTIKDCMVSLIVDNNLDYDLDEIETKFYKVRPYNVGSCKGMRELNPN
DIDKLINLKGLVLRSTPVIPDMKVAFFKCNVCDHTMAVEIDRGVIQEPARCERIDCNEPNSMSLIHNRCSFADKQVIKLQ
ETPDFVPDGQTPHSISLCVYDELVDSCRAGDRIEVTGTFRSIPIRANSRQRVLKSLYKTYVDVVHVKKVSDKRLDVDTST
IEQELMQNKVDHNEVEEVRQITDQDLAKIREVAAREDLYSLLARSIAPSIYELEDVKKGILLQLFGGTNKTFTKGGRYRG
DINILLCGDPSTSKSQILQYVHKITPRGVYTSGKGSSAVGLTAYITRDVDTKQLVLESGALVLSDGGVCCIDEFDKMSDS
TRSVLHEVMEQQTISIAKAGIITTLNARSSILASANPIGSRYNPNLPVTENIDLPPPLLSRFDLVYLVLDKVDEKNDREL
AKHLTNLYLEDKPEHISQDDVLPVEFLTMYISYAKEHIHPIITEAAKTELVRAYVGMRKMGDDSRSDEKRITATTRQLES
MIRLAEAHAKMKLKNVVELEDVQEAVRLIRSAIKDYATDPKTGKIDMNLVQTGKSVIQRKLQEDLSREIMNVLKDQASDS
MSFNELIKQINEHSQDRVESSDIQEALSRLQQEDKVIVLGEGVRRSVRLNNRV
;
4
4 'polypeptide(L)'
;MSFDRPEIYSAPVLQGESPNDDDNTEIIKSFKNFILEFRLDSQFIYRDQLRNNILVKNYSLTVNMEHLIGYNEDIYKKLS
DEPSDIIPLFETAITQVAKRISILSRAQSANNNDKDPENTSMDTDSLLLNSLPTFQLILNSNANQIPLRDLDSEHVSKIV
RLSGIIISTSVLSSRATYLSIMCRNCRHTTSITINNFNSITGNTVSLPRSCLSTIESESSMANESNIGDESTKKNCGPDP
YIIIHESSKFIDQQFLKLQEIPELVPVGEMPRNLTMTCDRYLTNKVIPGTRVTIVGIYSIYNSKNGAGSGRSGGGNGGSG
VAIRTPYIKILGIQSDVETSSIWNSVTMFTEEEEEEFLQLSRNPKLYEILTNSIAPSIFGNEDIKKAIVCLLMGGSKKIL
PDGMRLRGDINVLLLGDPGTAKSQLLKFVEKVSPIAVYTSGKGSSAAGLTASVQRDPMTREFYLEGGAMVLADGGVVCID
EFDKMRDEDRVAIHEAMEQQTISIAKAGITTVLNSRTSVLAAANPIYGRYDDLKSPGDNIDFQTTILSRFDMIFIVKDDH
NEERDISIANHVINIHTGNANAMQNQQEENGSEISIEKMKRYITYCRLKCAPRLSPQAAEKLSSNFVTIRKQLLINELES
TERSSIPITIRQLEAIIRITESLAKLELSPIAQERHVDEAIRLFQASTMDAASQDPIGGLNQASGTSLSEIRRFEQELKR
RLPIGWSTSYQTLRREFVDTHRFSQLALDKALYALEKHETIQLRHQGQNIYRSGV
;
5
5 'polypeptide(L)'
;MSSPFPADTPSSNRPSNSSPPPSSIGAGFGSSSGLDSQIGSRLHFPSSSQPHVSNSQTGPFVNDSTQFSSQRLQTDGSAT
NDMEGNEPARSFKSRALNHVKKVDDVTGEKVREAFEQFLEDFSVQSTDTGEVEKVYRAQIEFMKIYDLNTIYIDYQHLSM
RENGALAMAISEQYYRFLPFLQKGLRRVVRKYAPELLNTSDSLKRSEGDEGQADEDEQQDDDMNGSSLPRDSGSSAAPGN
GTSAMATRSITTSTSPEQTERVFQISFFNLPTVHRIRDIRSEKIGSLLSISGTVTRTSEVRPELYKASFTCDMCRAIVDN
VEQSFKYTEPTFCPNPSCENRAFWTLNVTRSRFLDWQKVRIQENANEIPTGSMPRTLDVILRGDSVERAKPGDRCKFTGV
EIVVPDVTQLGLPGVKPSSTLDTRGISKTTEGLNSGVTGLRSLGVRDLTYKISFLACHVISIGSNIGASSPDANSNNRET
ELQMAANLQANNVYQDNERDQEVFLNSLSSDEINELKEMVKDEHIYDKLVRSIAPAVFGHEAVKKGILLQMLGGVHKSTV
EGIKLRGDINICVVGDPSTSKSQFLKYVVGFAPRSVYTSGKASSAAGLTAAVVRDEEGGDYTIEAGALMLADNGICCIDE
FDKMDISDQVAIHEAMEQQTISIAKAGIHATLNARTSILAAANPVGGRYNRKLSLRGNLNMTAPIMSRFDLFFVILDDCN
EKIDTELASHIVDLHMKRDEAIEPPFSAEQLRRYIKYARTFKPILTKEARSYLVEKYKELRKDDAQGFSRSSYRITVRQL
ESMIRLSEAIARANCVDEITPSFIAEAYDLLRQSIIRVDVDDVEMDEEFDNIESQSHAASGNNDDNDDGTGSGVITSEPP
ADIEEGQSEATARPGTSEKKKTTVTYDKYVSMMNMIVRKIAEVDREGAEELTAVDIVDWYLLQKENDLGSLAEYWEERRL
AFKVIKRLVKDRILMEIHGTRHNLRDLENEENENNKTVYVIHPNCEVLDQLEPQDSS
;
6
6 'polypeptide(L)'
;MSAALPSIQLPVDYNNLFNEITDFLVTFKQDTLSSDATRNENEDENLDAENIEQHLLEKGPKYMAMLQKVANRELNSVII
DLDDILQYQNEKFLQGTQADDLVSAIQQNANHFTELFCRAIDNNMPLPTKEIDYKDDVLDVILNQRRLRNERMLSDRTNE
IRSENLMDTTMDPPSSMNDALREVVEDETELFPPNLTRRYFLYFKPLSQNCARRYRKKAISSKPLSVRQIKGDFLGQLIT
VRGIITRVSDVKPAVEVIAYTCDQCGYEVFQEVNSRTFTPLSECTSEECSQNQTKGQLFMSTRASKFSAFQECKIQELSQ
QVPVGHIPRSLNIHVNGTLVRSLSPGDIVDVTGIFLPAPYTGFKALKAGLLTETYLEAQFVRQHKKKFASFSLTSDVEER
VMELITSGDVYNRLAKSIAPEIYGNLDVKKALLLLLVGGVDKRVGDGMKIRGDINVCLMGDPGVAKSQLLKAICKISPRG
VYTTGKGSSGVGLTAAVMKDPVTDEMILEGGALVLADNGICCIDEFDKMDESDRTAIHEVMEQQTISISKAGINTTLNAR
TSILAAANPLYGRYNPRLSPLDNINLPAALLSRFDILFLMLDIPSRDDDEKLAEHVTYVHMHNKQPDLDFTPVEPSKMRE
YIAYAKTKRPVMSEAVNDYVVQAYIRLRQDSKREMDSKFSFGQATPRTLLGIIRLSQALAKLRLADMVDIDDVEEALRLV
RVSKESLYQETNKSKEDESPTTKIFTIIKKMLQETGKNTLSYENIVKTVRLRGFTMLQLSNCIQEYSYLNVWHLINEGNT
LKFVDDGTMDTDQEDSLVSTPKLAPQTTASANVSAQDSDIDLQDA
;
7
7 'polypeptide(L)'
;MYGDLGNKLVLEAKRTKQLYARSNQDVNLPMYHEDIIRNILKEVSNLRKNTEYLKEQQQLGMLDDKVAKCQYFVTLLCME
RNKRCLLAYQRLRTDILDSMAWNNNGLDLMSSITFSQQDTNNLSHQEQEYLKEYCDLITDLKSGDLVDIDLSGSLVPPSD
VFIDVRVLKDAGEIQTEYGVFNLIKDSQFFVRQSDVERLIQQGYLQKI
;
A
8 'polypeptide(L)'
;MSLPAHLQQTFSPEEIQFIVENEPIKIFPRITTRQKIRGDDRGTGNHTRWQLITTDDKALNNMVAMRSTEVVLWIALLLK
QQSKCSIVAPQWLTTKELDRKIQYEKTHPDRFSELPWNWLVLARILFNKAKDDFHDPIHELRGKIQDLREIRQIKVLKGL
KYLNESHLQLDNLSLLEINELRPFITEIMDKLREIHTASLTAGTENDEEEFNI
;
B
9 'polypeptide(L)'
;MGYYDIDDVLADGTEFPCKFQYDIPGLGYLENNPGRPITKNTKLSLPLWLARILAIVGGDEALVDEEPVPFVELLPPDMF
STKVMNAIKTDPVALDLHSINSHFFSLAIKWIMLFSEKELANVVSELLLQRAQELNHHASSLSIDLNADSTGKNSANTNI
ATSTFLLKLEEMEKEIYKKSHESYKDTKRWMFKK
;
C
10 'polypeptide(L)'
;MDINIDDILAELDKETTAVDSTKITQGSSSTTHRDANTIVGSSLDLNDKTQIYVSPQQDFSDLMKSWKNERCSPELLPYP
HQLMKRLLNRISMQSQLIENISMGFLDMQNASNANPPMPNESKLPLLCMETELERLKFVIRSYIRCRLSKIDKFSLYLRQ
LNEDENSLISLTDLLSKDEIKYHDTHSLIWLKLVNDSILKYMPEELQAINDTEGSVNMIDEPDWNKFVFIHVNGPPDGKW
NEDPLLQENEFGKPCYTVTIPDLKEEVELTIGSIYVMRYEVIRDLLRDDKVALI
;
D
11 'polypeptide(L)'
;MYYGISQFSEAYNKILRNSSSHSSCQLVIFVSCLNIDALCATKMLSLLFKKQLVQSQIVPIFGYSELRRHYSQLDDNINS
LLLVGFGGVIDLEAFLEIDPQEYVIDTDEKSGEQSFRRDIYVLDAHRPWNLDNIFGSQIIQCFDDGTVDDTLGEQKEAYY
KLLELDEESGDDELSGDENDNNGGDDEATDADEVTDEDEEDEDETISNKRGNSSIGPNDLSKRKQRKKQIHEYEGVLEEY
YSQGTTVVNSISAQIYSLLSAIGETNLSNLWLNILGTTSLDIAYAQVYNRLYPLLQDEVKRLTPSSRNSVKTPDTLTLNI
QPDYYLFLLRHSSLYDSFYYSNYVNAKLSLWNENGKKRLHKMFARMGIPLSTAQETWLYMDHSIKRELGIIFDKNLDRYG
LQDIIRDGFVRTLGYRGSISASEFVEALTALLEVGNSTDKDSVKINNDNNDDTDGEEEEDNSAQKLTNLRKRWVSNFWLS
WDALDDRKVELLNRGIQLAQDLQRAIFNTGVAILEKKLIKHLRIYRLCVLQDGPDLDLYRNPLTLLRLGNWLIECCAESE
DKQLLPMVLASIDENTDTYLVAGLTPRYPRGLDTIHTKKPILNNFSMAFQQITAETDAKVRIDNFESSIIEIRREDLSPF
LEKLTLSGLL
;
E
12 'polydeoxyribonucleotide' (DT)(DT)(DT)(DT)(DT)(DT)(DT)(DT)(DT)(DT)(DT)(DT)(DT)(DT) F
#
loop_
_chem_comp.id
_chem_comp.type
_chem_comp.name
_chem_comp.formula
ANP non-polymer 'PHOSPHOAMINOPHOSPHONIC ACID-ADENYLATE ESTER' 'C10 H17 N6 O12 P3'
DT DNA linking THYMIDINE-5'-MONOPHOSPHATE 'C10 H15 N2 O8 P'
#
# COMPACT_ATOMS: atom_id res chain seq x y z
N PRO A 201 -29.58 5.06 -47.16
CA PRO A 201 -29.91 4.72 -48.55
C PRO A 201 -28.81 5.13 -49.53
N ASN A 202 -28.84 4.59 -50.75
CA ASN A 202 -27.84 4.94 -51.75
C ASN A 202 -28.01 6.38 -52.21
N VAL A 203 -29.21 6.92 -52.06
CA VAL A 203 -29.45 8.33 -52.36
C VAL A 203 -28.64 9.18 -51.38
N SER A 204 -28.35 8.64 -50.20
CA SER A 204 -27.51 9.34 -49.24
C SER A 204 -26.07 9.45 -49.74
N ARG A 205 -25.71 8.64 -50.73
CA ARG A 205 -24.42 8.82 -51.39
C ARG A 205 -24.40 10.21 -52.00
N THR A 206 -25.53 10.60 -52.60
CA THR A 206 -25.66 11.94 -53.14
C THR A 206 -25.56 12.96 -52.01
N ILE A 207 -26.06 12.62 -50.84
CA ILE A 207 -25.88 13.48 -49.67
C ILE A 207 -24.39 13.64 -49.49
N ALA A 208 -23.69 12.50 -49.48
CA ALA A 208 -22.25 12.46 -49.31
C ALA A 208 -21.56 13.31 -50.38
N ARG A 209 -22.20 13.41 -51.55
CA ARG A 209 -21.63 14.22 -52.61
C ARG A 209 -21.60 15.69 -52.22
N GLU A 210 -22.68 16.20 -51.64
CA GLU A 210 -22.69 17.63 -51.29
C GLU A 210 -22.00 17.93 -49.98
N LEU A 211 -22.08 17.05 -48.98
CA LEU A 211 -21.53 17.42 -47.69
C LEU A 211 -20.04 17.65 -47.83
N LYS A 212 -19.41 16.90 -48.74
CA LYS A 212 -18.01 17.10 -49.14
C LYS A 212 -17.72 18.56 -49.47
N SER A 213 -18.57 19.12 -50.32
CA SER A 213 -18.60 20.55 -50.60
C SER A 213 -18.67 21.42 -49.35
N PHE A 214 -19.55 21.08 -48.41
CA PHE A 214 -19.58 21.85 -47.18
C PHE A 214 -18.33 21.55 -46.37
N LEU A 215 -17.81 20.34 -46.55
CA LEU A 215 -16.73 19.85 -45.72
C LEU A 215 -15.35 20.41 -46.08
N LEU A 216 -15.09 20.67 -47.36
CA LEU A 216 -13.74 21.07 -47.73
C LEU A 216 -13.61 22.50 -48.27
N GLU A 217 -14.22 22.80 -49.41
CA GLU A 217 -13.95 24.08 -50.06
C GLU A 217 -14.80 25.20 -49.48
N TYR A 218 -15.64 24.87 -48.51
CA TYR A 218 -16.38 25.90 -47.80
C TYR A 218 -15.41 26.88 -47.16
N THR A 219 -15.79 28.15 -47.14
CA THR A 219 -14.94 29.20 -46.61
C THR A 219 -15.69 30.06 -45.60
N ASP A 220 -14.95 30.63 -44.65
CA ASP A 220 -15.56 31.51 -43.65
C ASP A 220 -14.61 32.63 -43.25
N GLU A 221 -15.17 33.80 -42.98
CA GLU A 221 -14.39 34.99 -42.61
C GLU A 221 -13.35 35.36 -43.67
N THR A 222 -13.82 35.61 -44.90
CA THR A 222 -12.96 36.02 -46.02
C THR A 222 -11.90 34.97 -46.36
N GLY A 223 -12.36 33.86 -46.94
CA GLY A 223 -11.47 32.79 -47.35
C GLY A 223 -10.83 32.14 -46.15
N ARG A 224 -9.68 31.49 -46.35
CA ARG A 224 -8.95 30.83 -45.29
C ARG A 224 -9.85 29.85 -44.54
N SER A 225 -10.27 28.79 -45.22
CA SER A 225 -11.14 27.79 -44.62
C SER A 225 -10.51 27.24 -43.36
N VAL A 226 -11.33 27.11 -42.32
CA VAL A 226 -10.90 26.44 -41.10
C VAL A 226 -10.43 25.06 -41.50
N TYR A 227 -11.17 24.44 -42.40
CA TYR A 227 -10.86 23.11 -42.90
C TYR A 227 -9.42 22.95 -43.35
N GLY A 228 -9.07 23.60 -44.47
CA GLY A 228 -7.73 23.49 -45.02
C GLY A 228 -6.67 23.77 -43.98
N ALA A 229 -6.96 24.69 -43.07
CA ALA A 229 -6.03 25.05 -42.00
C ALA A 229 -5.85 23.93 -40.97
N ARG A 230 -6.92 23.22 -40.66
CA ARG A 230 -6.89 22.15 -39.66
C ARG A 230 -6.39 20.83 -40.21
N ILE A 231 -6.85 20.53 -41.42
CA ILE A 231 -6.37 19.43 -42.22
C ILE A 231 -4.86 19.56 -42.33
N ARG A 232 -4.41 20.76 -42.67
CA ARG A 232 -3.00 21.09 -42.72
C ARG A 232 -2.36 20.99 -41.35
N THR A 233 -3.12 21.39 -40.33
CA THR A 233 -2.62 21.44 -38.97
C THR A 233 -2.24 20.04 -38.54
N LEU A 234 -3.21 19.14 -38.59
CA LEU A 234 -2.90 17.74 -38.48
C LEU A 234 -3.54 16.91 -39.59
N GLY A 235 -2.76 16.49 -40.59
CA GLY A 235 -1.53 17.17 -40.98
C GLY A 235 -0.24 17.19 -40.17
N GLU A 236 0.35 18.39 -40.12
CA GLU A 236 1.63 18.62 -39.45
C GLU A 236 1.61 18.16 -38.00
N MET A 237 0.46 18.29 -37.34
CA MET A 237 0.32 17.83 -35.98
C MET A 237 0.03 16.32 -35.92
N ASN A 238 -0.49 15.78 -37.03
CA ASN A 238 -0.82 14.36 -37.21
C ASN A 238 -1.56 13.73 -36.04
N SER A 239 -2.37 14.51 -35.36
CA SER A 239 -3.03 14.04 -34.15
C SER A 239 -4.28 13.25 -34.51
N GLU A 240 -4.57 13.17 -35.80
CA GLU A 240 -5.72 12.47 -36.37
C GLU A 240 -7.02 12.74 -35.62
N SER A 241 -7.13 13.94 -35.07
CA SER A 241 -8.37 14.39 -34.47
C SER A 241 -8.82 15.66 -35.16
N LEU A 242 -9.86 15.56 -35.98
CA LEU A 242 -10.33 16.73 -36.70
C LEU A 242 -11.55 17.29 -35.99
N GLU A 243 -11.60 18.61 -35.88
CA GLU A 243 -12.66 19.28 -35.14
C GLU A 243 -13.56 20.05 -36.11
N VAL A 244 -14.88 19.92 -35.93
CA VAL A 244 -15.85 20.49 -36.86
C VAL A 244 -16.80 21.50 -36.20
N ASN A 245 -16.84 22.72 -36.74
CA ASN A 245 -17.76 23.75 -36.27
C ASN A 245 -19.19 23.49 -36.69
N TYR A 246 -20.12 23.56 -35.74
CA TYR A 246 -21.54 23.54 -36.10
C TYR A 246 -22.02 24.96 -36.35
N ARG A 247 -21.19 25.94 -36.01
CA ARG A 247 -21.44 27.33 -36.38
C ARG A 247 -21.78 27.43 -37.86
N HIS A 248 -21.02 26.68 -38.64
CA HIS A 248 -21.07 26.76 -40.09
C HIS A 248 -22.19 25.96 -40.74
N LEU A 249 -22.47 24.77 -40.22
CA LEU A 249 -23.48 23.88 -40.83
C LEU A 249 -24.87 24.51 -40.85
N ALA A 250 -25.24 25.15 -39.75
CA ALA A 250 -26.53 25.83 -39.65
C ALA A 250 -26.62 26.94 -40.69
N GLU A 251 -25.57 27.75 -40.78
CA GLU A 251 -25.53 28.85 -41.73
C GLU A 251 -25.74 28.36 -43.15
N SER A 252 -25.09 27.27 -43.57
CA SER A 252 -25.27 26.81 -44.97
C SER A 252 -26.53 25.96 -45.20
N LYS A 253 -26.53 24.70 -44.78
CA LYS A 253 -27.75 23.91 -44.92
C LYS A 253 -28.20 23.35 -43.57
N ALA A 254 -29.44 23.64 -43.20
CA ALA A 254 -29.99 23.17 -41.93
C ALA A 254 -30.71 21.84 -42.10
N ILE A 255 -30.46 21.17 -43.23
CA ILE A 255 -31.08 19.89 -43.51
C ILE A 255 -30.08 18.78 -43.16
N LEU A 256 -28.80 19.07 -43.33
CA LEU A 256 -27.74 18.18 -42.86
C LEU A 256 -27.62 18.30 -41.35
N ALA A 257 -28.04 19.45 -40.83
CA ALA A 257 -27.96 19.71 -39.40
C ALA A 257 -29.09 19.02 -38.64
N LEU A 258 -30.23 18.86 -39.29
CA LEU A 258 -31.33 18.10 -38.71
C LEU A 258 -31.05 16.60 -38.85
N PHE A 259 -30.09 16.27 -39.72
CA PHE A 259 -29.70 14.87 -39.85
C PHE A 259 -28.98 14.41 -38.58
N LEU A 260 -28.48 15.36 -37.80
CA LEU A 260 -27.88 15.06 -36.51
C LEU A 260 -28.97 14.75 -35.49
N ALA A 261 -30.19 15.21 -35.78
CA ALA A 261 -31.34 14.98 -34.92
C ALA A 261 -32.14 13.74 -35.31
N LYS A 262 -31.81 13.12 -36.43
CA LYS A 262 -32.47 11.88 -36.82
C LYS A 262 -31.56 10.70 -36.46
N CYS A 263 -30.49 10.55 -37.24
CA CYS A 263 -29.47 9.52 -37.04
C CYS A 263 -28.04 10.03 -37.32
N PRO A 264 -27.47 10.86 -36.44
CA PRO A 264 -26.11 11.37 -36.66
C PRO A 264 -25.11 10.24 -36.72
N GLU A 265 -25.47 9.13 -36.08
CA GLU A 265 -24.59 7.99 -35.87
C GLU A 265 -23.78 7.63 -37.09
N GLU A 266 -24.47 7.24 -38.15
CA GLU A 266 -23.78 6.82 -39.36
C GLU A 266 -23.50 7.99 -40.29
N MET A 267 -24.08 9.15 -39.99
CA MET A 267 -23.91 10.29 -40.89
C MET A 267 -22.45 10.66 -40.93
N LEU A 268 -21.81 10.54 -39.77
CA LEU A 268 -20.42 10.89 -39.63
C LEU A 268 -19.54 9.81 -40.27
N LYS A 269 -20.08 8.59 -40.32
CA LYS A 269 -19.34 7.44 -40.85
C LYS A 269 -18.77 7.70 -42.24
N ILE A 270 -19.61 8.23 -43.12
CA ILE A 270 -19.13 8.66 -44.43
C ILE A 270 -18.52 10.06 -44.35
N PHE A 271 -19.08 10.89 -43.49
CA PHE A 271 -18.65 12.29 -43.32
C PHE A 271 -17.15 12.38 -43.17
N ASP A 272 -16.61 11.81 -42.10
CA ASP A 272 -15.17 11.79 -41.87
C ASP A 272 -14.41 11.09 -43.00
N LEU A 273 -15.04 10.07 -43.58
CA LEU A 273 -14.42 9.34 -44.70
C LEU A 273 -14.21 10.29 -45.87
N VAL A 274 -15.00 11.35 -45.91
CA VAL A 274 -14.80 12.38 -46.91
C VAL A 274 -13.69 13.34 -46.50
N ALA A 275 -13.66 13.68 -45.22
CA ALA A 275 -12.62 14.56 -44.68
C ALA A 275 -11.26 13.98 -45.00
N MET A 276 -11.14 12.67 -44.80
CA MET A 276 -9.98 11.90 -45.21
C MET A 276 -9.61 12.30 -46.62
N GLU A 277 -10.51 12.04 -47.56
CA GLU A 277 -10.35 12.48 -48.94
C GLU A 277 -9.99 13.95 -49.02
N ALA A 278 -10.74 14.78 -48.29
CA ALA A 278 -10.48 16.21 -48.29
C ALA A 278 -9.11 16.50 -47.71
N THR A 279 -8.72 15.71 -46.72
CA THR A 279 -7.40 15.81 -46.12
C THR A 279 -6.39 15.22 -47.09
N GLU A 280 -6.81 14.19 -47.82
CA GLU A 280 -5.93 13.49 -48.74
C GLU A 280 -5.48 14.38 -49.89
N LEU A 281 -6.38 15.24 -50.38
CA LEU A 281 -5.99 16.19 -51.42
C LEU A 281 -4.90 17.09 -50.87
N HIS A 282 -5.03 17.39 -49.58
CA HIS A 282 -4.08 18.25 -48.90
C HIS A 282 -2.83 17.45 -48.55
N TYR A 283 -3.02 16.19 -48.19
CA TYR A 283 -1.93 15.31 -47.80
C TYR A 283 -2.07 13.92 -48.40
N PRO A 284 -1.56 13.72 -49.62
CA PRO A 284 -1.79 12.46 -50.36
C PRO A 284 -1.15 11.28 -49.66
N ASP A 285 -1.60 11.06 -48.44
CA ASP A 285 -1.00 10.14 -47.50
C ASP A 285 -2.00 9.88 -46.40
N TYR A 286 -1.52 9.27 -45.31
CA TYR A 286 -2.33 8.79 -44.20
C TYR A 286 -2.87 7.42 -44.55
N ALA A 287 -2.59 6.96 -45.77
CA ALA A 287 -2.71 5.56 -46.08
C ALA A 287 -1.66 4.82 -45.27
N ARG A 288 -0.52 5.50 -45.09
CA ARG A 288 0.51 5.03 -44.18
C ARG A 288 0.36 5.64 -42.78
N ILE A 289 -0.53 6.63 -42.65
CA ILE A 289 -0.79 7.25 -41.35
C ILE A 289 -2.25 7.13 -40.89
N HIS A 290 -2.49 6.23 -39.95
CA HIS A 290 -3.78 5.98 -39.28
C HIS A 290 -4.88 5.38 -40.16
N SER A 291 -4.85 5.71 -41.45
CA SER A 291 -5.86 5.29 -42.43
C SER A 291 -7.31 5.48 -41.98
N GLU A 292 -7.51 6.21 -40.89
CA GLU A 292 -8.84 6.54 -40.41
C GLU A 292 -8.80 7.78 -39.50
N ILE A 293 -9.79 8.64 -39.64
CA ILE A 293 -10.01 9.73 -38.70
C ILE A 293 -11.49 9.96 -38.53
N HIS A 294 -11.96 10.11 -37.30
CA HIS A 294 -13.34 10.51 -37.04
C HIS A 294 -13.36 11.95 -36.58
N VAL A 295 -14.43 12.67 -36.89
CA VAL A 295 -14.54 14.09 -36.55
C VAL A 295 -15.02 14.33 -35.13
N ARG A 296 -14.59 15.45 -34.56
CA ARG A 296 -14.94 15.80 -33.19
C ARG A 296 -16.32 16.49 -33.00
N ILE A 297 -16.79 17.28 -33.98
CA ILE A 297 -18.10 17.93 -33.84
C ILE A 297 -18.17 18.87 -32.63
N SER A 298 -17.76 20.12 -32.81
CA SER A 298 -17.86 21.08 -31.73
C SER A 298 -19.31 21.38 -31.39
N ASP A 299 -19.50 22.32 -30.47
CA ASP A 299 -20.77 22.53 -29.79
C ASP A 299 -22.00 22.64 -30.69
N PHE A 300 -23.01 21.87 -30.33
CA PHE A 300 -24.27 21.87 -31.05
C PHE A 300 -25.35 21.87 -29.99
N PRO A 301 -25.95 23.03 -29.77
CA PRO A 301 -27.04 23.13 -28.79
C PRO A 301 -28.40 22.73 -29.40
N THR A 302 -29.26 21.90 -28.79
CA THR A 302 -29.16 21.19 -27.50
C THR A 302 -28.85 22.06 -26.26
N ILE A 303 -27.68 21.85 -25.66
CA ILE A 303 -27.22 22.41 -24.37
C ILE A 303 -28.01 21.85 -23.16
N TYR A 304 -28.43 20.59 -23.28
CA TYR A 304 -29.06 19.87 -22.16
C TYR A 304 -28.05 19.69 -21.03
N SER A 305 -28.52 19.43 -19.81
CA SER A 305 -27.58 19.34 -18.70
C SER A 305 -27.24 17.91 -18.27
N LEU A 306 -28.05 17.33 -17.38
CA LEU A 306 -27.96 15.90 -17.10
C LEU A 306 -29.30 15.21 -16.88
N ARG A 307 -29.92 15.55 -15.76
CA ARG A 307 -30.94 14.72 -15.15
C ARG A 307 -32.17 14.66 -16.02
N GLU A 308 -32.32 15.66 -16.88
CA GLU A 308 -33.42 15.67 -17.81
C GLU A 308 -32.95 15.04 -19.10
N LEU A 309 -33.41 13.82 -19.33
CA LEU A 309 -33.12 13.08 -20.55
C LEU A 309 -34.30 12.18 -20.85
N ARG A 310 -34.66 12.11 -22.13
CA ARG A 310 -35.80 11.29 -22.52
C ARG A 310 -35.37 10.33 -23.63
N GLU A 311 -36.12 9.23 -23.75
CA GLU A 311 -35.87 8.23 -24.79
C GLU A 311 -35.88 8.87 -26.17
N SER A 312 -36.57 10.01 -26.28
CA SER A 312 -36.59 10.78 -27.52
C SER A 312 -35.19 11.29 -27.86
N ASN A 313 -34.29 11.26 -26.90
CA ASN A 313 -32.92 11.74 -27.09
C ASN A 313 -31.94 10.63 -27.48
N LEU A 314 -32.43 9.41 -27.62
CA LEU A 314 -31.58 8.30 -28.03
C LEU A 314 -31.37 8.32 -29.55
N SER A 315 -30.18 7.87 -29.97
CA SER A 315 -29.83 7.72 -31.38
C SER A 315 -29.74 9.04 -32.16
N SER A 316 -30.12 10.14 -31.51
CA SER A 316 -29.99 11.47 -32.09
C SER A 316 -28.90 12.25 -31.38
N LEU A 317 -28.21 13.14 -32.09
CA LEU A 317 -27.03 13.79 -31.52
C LEU A 317 -27.40 14.62 -30.31
N VAL A 318 -26.61 14.46 -29.26
CA VAL A 318 -26.86 15.15 -28.02
C VAL A 318 -25.55 15.67 -27.40
N ARG A 319 -25.54 16.96 -27.09
CA ARG A 319 -24.46 17.57 -26.31
C ARG A 319 -24.77 17.48 -24.82
N VAL A 320 -23.76 17.19 -24.01
CA VAL A 320 -23.91 17.05 -22.57
C VAL A 320 -22.67 17.67 -21.89
N THR A 321 -22.77 17.97 -20.59
CA THR A 321 -21.59 18.38 -19.82
C THR A 321 -21.74 18.10 -18.33
N GLY A 322 -20.63 18.06 -17.61
CA GLY A 322 -20.63 17.79 -16.18
C GLY A 322 -19.23 17.66 -15.61
N VAL A 323 -19.11 17.29 -14.34
CA VAL A 323 -17.80 17.18 -13.70
C VAL A 323 -17.24 15.75 -13.75
N VAL A 324 -15.95 15.64 -14.08
CA VAL A 324 -15.29 14.33 -14.14
C VAL A 324 -15.28 13.66 -12.76
N THR A 325 -15.40 12.33 -12.82
CA THR A 325 -15.53 11.45 -11.67
C THR A 325 -14.80 10.12 -11.90
N ARG A 326 -14.83 9.23 -10.90
CA ARG A 326 -14.04 7.98 -10.93
C ARG A 326 -14.02 7.38 -12.33
N ARG A 327 -12.80 7.04 -12.77
CA ARG A 327 -12.60 6.60 -14.14
C ARG A 327 -11.70 5.38 -14.24
N THR A 328 -11.94 4.55 -15.24
CA THR A 328 -11.03 3.45 -15.57
C THR A 328 -9.80 3.92 -16.34
N GLY A 329 -8.78 3.07 -16.37
CA GLY A 329 -7.66 3.28 -17.28
C GLY A 329 -8.05 2.89 -18.69
N VAL A 330 -7.09 2.63 -19.56
CA VAL A 330 -7.42 2.36 -20.96
C VAL A 330 -7.24 0.90 -21.37
N PHE A 331 -8.33 0.30 -21.87
CA PHE A 331 -8.25 -1.05 -22.42
C PHE A 331 -8.45 -0.98 -23.92
N PRO A 332 -7.50 -1.51 -24.69
CA PRO A 332 -7.73 -1.51 -26.14
C PRO A 332 -8.92 -2.36 -26.57
N GLN A 333 -9.84 -1.71 -27.29
CA GLN A 333 -10.93 -2.31 -28.04
C GLN A 333 -10.42 -3.09 -29.25
N LEU A 334 -11.18 -4.10 -29.64
CA LEU A 334 -10.77 -5.05 -30.68
C LEU A 334 -11.01 -4.60 -32.12
N LYS A 335 -12.13 -3.93 -32.35
CA LYS A 335 -12.58 -3.53 -33.69
C LYS A 335 -12.69 -4.71 -34.65
N TYR A 336 -12.25 -4.51 -35.89
CA TYR A 336 -12.43 -5.48 -36.97
C TYR A 336 -11.85 -6.86 -36.65
N VAL A 337 -12.64 -7.90 -36.85
CA VAL A 337 -12.15 -9.27 -36.68
C VAL A 337 -11.35 -9.67 -37.92
N LYS A 338 -10.09 -10.06 -37.73
CA LYS A 338 -9.26 -10.52 -38.86
C LYS A 338 -8.22 -11.54 -38.42
N PHE A 339 -7.97 -12.54 -39.25
CA PHE A 339 -7.04 -13.62 -38.90
C PHE A 339 -6.26 -14.13 -40.11
N ASN A 340 -5.52 -15.21 -39.91
CA ASN A 340 -4.66 -15.80 -40.95
C ASN A 340 -5.47 -16.42 -42.09
N CYS A 341 -6.76 -16.63 -41.83
CA CYS A 341 -7.66 -17.34 -42.74
C CYS A 341 -7.16 -18.73 -43.10
N LEU A 342 -7.15 -19.66 -42.13
CA LEU A 342 -7.54 -19.39 -40.75
C LEU A 342 -6.49 -19.95 -39.79
N LEU A 348 -13.97 -18.53 -42.67
CA LEU A 348 -14.89 -17.86 -41.75
C LEU A 348 -15.04 -16.39 -42.14
N GLY A 349 -13.91 -15.71 -42.34
CA GLY A 349 -13.92 -14.35 -42.84
C GLY A 349 -13.92 -13.26 -41.78
N PRO A 350 -13.51 -12.05 -42.16
CA PRO A 350 -13.47 -10.90 -41.26
C PRO A 350 -14.84 -10.40 -40.82
N PHE A 351 -14.99 -10.15 -39.52
CA PHE A 351 -16.25 -9.64 -38.97
C PHE A 351 -16.05 -8.26 -38.37
N PHE A 352 -17.06 -7.42 -38.45
CA PHE A 352 -17.02 -6.18 -37.67
C PHE A 352 -17.32 -6.50 -36.23
N GLN A 353 -16.81 -5.67 -35.33
CA GLN A 353 -17.22 -5.65 -33.93
C GLN A 353 -16.49 -4.52 -33.21
N ASP A 354 -17.01 -4.04 -32.09
CA ASP A 354 -18.44 -4.02 -31.79
C ASP A 354 -18.72 -2.78 -30.98
N SER A 355 -19.80 -2.06 -31.28
CA SER A 355 -20.29 -1.16 -30.26
C SER A 355 -21.72 -1.48 -29.80
N ASN A 356 -21.84 -2.21 -28.68
CA ASN A 356 -20.86 -3.26 -28.38
C ASN A 356 -21.60 -4.57 -28.06
N GLU A 357 -21.59 -5.49 -29.02
CA GLU A 357 -22.23 -6.80 -28.84
C GLU A 357 -21.38 -7.94 -29.38
N GLU A 358 -21.21 -7.93 -30.71
CA GLU A 358 -20.57 -8.99 -31.48
C GLU A 358 -21.33 -10.32 -31.35
N ILE A 359 -22.64 -10.26 -31.53
CA ILE A 359 -23.49 -11.45 -31.50
C ILE A 359 -24.46 -11.45 -32.68
N ARG A 360 -24.70 -12.61 -33.29
CA ARG A 360 -24.11 -13.87 -32.86
C ARG A 360 -22.95 -14.28 -33.77
N VAL A 375 -15.55 -17.83 -33.68
CA VAL A 375 -14.45 -17.32 -32.87
C VAL A 375 -13.18 -17.25 -33.71
N ASN A 376 -12.49 -16.11 -33.65
CA ASN A 376 -11.43 -15.80 -34.60
C ASN A 376 -10.41 -14.75 -34.17
N GLY A 377 -9.60 -14.35 -35.14
CA GLY A 377 -8.82 -13.13 -35.14
C GLY A 377 -7.34 -13.19 -34.85
N GLU A 378 -6.59 -12.39 -35.61
CA GLU A 378 -5.14 -12.25 -35.49
C GLU A 378 -4.67 -10.80 -35.61
N LYS A 379 -4.83 -10.27 -36.82
CA LYS A 379 -4.26 -8.99 -37.25
C LYS A 379 -5.25 -7.86 -37.00
N THR A 380 -6.29 -8.20 -36.23
CA THR A 380 -7.40 -7.30 -35.95
C THR A 380 -6.91 -5.92 -35.58
N VAL A 381 -7.59 -4.89 -36.07
CA VAL A 381 -7.07 -3.55 -35.89
C VAL A 381 -7.61 -3.04 -34.57
N TYR A 382 -6.72 -2.96 -33.59
CA TYR A 382 -7.11 -2.55 -32.25
C TYR A 382 -7.25 -1.03 -32.18
N ARG A 383 -8.02 -0.54 -31.21
CA ARG A 383 -8.25 0.90 -31.05
C ARG A 383 -8.35 1.13 -29.55
N ASN A 384 -8.25 2.36 -29.06
CA ASN A 384 -8.44 2.56 -27.62
C ASN A 384 -9.89 2.48 -27.16
N TYR A 385 -10.11 1.97 -25.95
CA TYR A 385 -11.42 2.03 -25.33
C TYR A 385 -11.31 2.37 -23.85
N GLN A 386 -12.06 3.38 -23.41
CA GLN A 386 -12.07 3.71 -21.98
C GLN A 386 -13.46 4.07 -21.47
N ARG A 387 -13.98 3.34 -20.48
CA ARG A 387 -15.30 3.69 -19.94
C ARG A 387 -15.19 4.66 -18.76
N VAL A 388 -16.01 5.70 -18.78
CA VAL A 388 -15.84 6.80 -17.83
C VAL A 388 -17.13 7.18 -17.14
N THR A 389 -17.20 6.99 -15.84
CA THR A 389 -18.38 7.45 -15.13
C THR A 389 -18.25 8.93 -14.82
N LEU A 390 -19.20 9.72 -15.29
CA LEU A 390 -19.21 11.15 -15.04
C LEU A 390 -20.48 11.56 -14.30
N GLN A 391 -20.31 12.46 -13.34
CA GLN A 391 -21.41 12.96 -12.53
C GLN A 391 -21.54 14.47 -12.68
N GLU A 392 -22.78 14.93 -12.58
CA GLU A 392 -23.09 16.34 -12.67
C GLU A 392 -22.51 17.11 -11.49
N ALA A 393 -22.04 18.33 -11.77
CA ALA A 393 -21.37 19.16 -10.76
C ALA A 393 -22.24 19.39 -9.54
N PRO A 394 -21.72 19.03 -8.35
CA PRO A 394 -22.40 19.32 -7.09
C PRO A 394 -22.75 20.81 -6.97
N GLY A 395 -21.94 21.65 -7.62
CA GLY A 395 -22.22 23.07 -7.68
C GLY A 395 -23.43 23.39 -8.52
N THR A 396 -23.54 22.73 -9.67
CA THR A 396 -24.67 22.97 -10.55
C THR A 396 -25.83 22.04 -10.22
N VAL A 397 -25.65 21.20 -9.19
CA VAL A 397 -26.71 20.31 -8.74
C VAL A 397 -27.93 21.08 -8.28
N PRO A 398 -29.10 20.73 -8.84
CA PRO A 398 -30.37 21.27 -8.35
C PRO A 398 -30.65 20.75 -6.95
N PRO A 399 -31.12 21.63 -6.07
CA PRO A 399 -31.17 21.32 -4.64
C PRO A 399 -32.10 20.15 -4.29
N GLY A 400 -31.75 19.45 -3.21
CA GLY A 400 -32.55 18.34 -2.73
C GLY A 400 -32.16 17.03 -3.36
N ARG A 401 -31.56 17.12 -4.54
CA ARG A 401 -31.27 15.95 -5.35
C ARG A 401 -29.97 15.23 -4.99
N LEU A 402 -29.98 13.91 -5.16
CA LEU A 402 -28.76 13.13 -5.14
C LEU A 402 -28.13 13.22 -6.52
N PRO A 403 -26.80 13.06 -6.60
CA PRO A 403 -26.16 13.20 -7.91
C PRO A 403 -26.37 11.99 -8.80
N ARG A 404 -27.52 11.92 -9.47
CA ARG A 404 -27.73 10.94 -10.53
C ARG A 404 -26.60 11.12 -11.52
N HIS A 405 -26.15 10.05 -12.15
CA HIS A 405 -24.91 10.12 -12.92
C HIS A 405 -24.95 9.29 -14.20
N ARG A 406 -24.01 9.54 -15.10
CA ARG A 406 -24.02 8.82 -16.37
C ARG A 406 -22.69 8.21 -16.76
N GLU A 407 -22.78 7.06 -17.43
CA GLU A 407 -21.62 6.37 -17.98
C GLU A 407 -21.38 6.84 -19.42
N VAL A 408 -20.11 7.08 -19.74
CA VAL A 408 -19.71 7.69 -21.01
C VAL A 408 -18.48 7.02 -21.61
N ILE A 409 -18.60 6.53 -22.84
CA ILE A 409 -17.48 5.82 -23.46
C ILE A 409 -16.53 6.76 -24.21
N LEU A 410 -15.23 6.49 -24.11
CA LEU A 410 -14.18 7.22 -24.83
C LEU A 410 -13.45 6.33 -25.83
N LEU A 411 -13.19 6.88 -27.02
CA LEU A 411 -12.45 6.18 -28.07
C LEU A 411 -11.40 7.06 -28.75
N ALA A 412 -10.33 6.41 -29.19
CA ALA A 412 -9.25 7.05 -29.95
C ALA A 412 -8.62 8.24 -29.24
N ASP A 413 -8.49 9.35 -29.96
CA ASP A 413 -7.83 10.53 -29.41
C ASP A 413 -8.59 11.09 -28.22
N LEU A 414 -9.88 10.76 -28.14
CA LEU A 414 -10.73 11.20 -27.05
C LEU A 414 -10.41 10.48 -25.75
N VAL A 415 -9.68 9.37 -25.87
CA VAL A 415 -9.36 8.54 -24.73
C VAL A 415 -8.42 9.22 -23.75
N ASP A 416 -8.80 9.18 -22.47
CA ASP A 416 -7.92 9.56 -21.35
C ASP A 416 -7.66 11.07 -21.27
N VAL A 417 -8.10 11.82 -22.28
CA VAL A 417 -7.92 13.28 -22.30
C VAL A 417 -8.44 13.92 -21.01
N SER A 418 -9.65 13.54 -20.63
CA SER A 418 -10.25 14.07 -19.41
C SER A 418 -9.53 13.54 -18.18
N LYS A 419 -9.69 14.25 -17.06
CA LYS A 419 -8.96 13.96 -15.84
C LYS A 419 -9.90 14.14 -14.64
N PRO A 420 -9.79 13.28 -13.62
CA PRO A 420 -10.75 13.23 -12.51
C PRO A 420 -11.02 14.56 -11.81
N GLY A 421 -12.29 14.91 -11.66
CA GLY A 421 -12.70 16.06 -10.87
C GLY A 421 -12.83 17.41 -11.55
N GLU A 422 -12.99 17.42 -12.87
CA GLU A 422 -13.09 18.70 -13.60
C GLU A 422 -14.38 18.83 -14.41
N GLU A 423 -14.77 20.06 -14.70
CA GLU A 423 -15.92 20.29 -15.57
C GLU A 423 -15.51 20.11 -17.03
N VAL A 424 -16.33 19.37 -17.76
CA VAL A 424 -16.03 19.01 -19.12
C VAL A 424 -17.30 18.82 -19.95
N GLU A 425 -17.11 18.97 -21.26
CA GLU A 425 -18.13 18.82 -22.28
C GLU A 425 -17.97 17.48 -22.99
N VAL A 426 -19.05 16.70 -22.98
CA VAL A 426 -19.11 15.41 -23.65
C VAL A 426 -20.11 15.54 -24.82
N THR A 427 -19.61 15.41 -26.04
CA THR A 427 -20.41 15.74 -27.23
C THR A 427 -21.24 14.59 -27.78
N GLY A 428 -21.06 13.40 -27.22
CA GLY A 428 -21.52 12.21 -27.90
C GLY A 428 -22.94 11.74 -27.78
N ILE A 429 -23.29 10.83 -28.68
CA ILE A 429 -24.65 10.33 -28.77
C ILE A 429 -24.95 9.22 -27.77
N TYR A 430 -26.24 9.06 -27.48
CA TYR A 430 -26.74 8.13 -26.50
C TYR A 430 -26.91 6.71 -27.03
N LYS A 431 -26.53 5.74 -26.18
CA LYS A 431 -26.80 4.33 -26.37
C LYS A 431 -27.49 3.78 -25.13
N ASN A 432 -28.22 2.68 -25.32
CA ASN A 432 -29.08 2.13 -24.27
C ASN A 432 -28.81 0.64 -24.04
N ASN A 433 -28.94 -0.10 -25.12
CA ASN A 433 -29.10 -1.54 -25.18
C ASN A 433 -28.06 -2.44 -24.47
N TYR A 434 -28.46 -3.64 -24.05
CA TYR A 434 -29.86 -4.04 -23.86
C TYR A 434 -30.02 -5.05 -22.71
N ASP A 435 -30.98 -4.79 -21.82
CA ASP A 435 -31.50 -5.76 -20.83
C ASP A 435 -30.50 -6.76 -20.21
N GLY A 436 -29.29 -6.31 -19.86
CA GLY A 436 -28.96 -4.91 -19.66
C GLY A 436 -28.67 -4.21 -18.33
N ASN A 437 -28.39 -4.92 -17.24
CA ASN A 437 -28.79 -6.29 -16.96
C ASN A 437 -29.97 -6.30 -15.99
N LEU A 438 -30.41 -5.10 -15.63
CA LEU A 438 -31.13 -4.86 -14.39
C LEU A 438 -32.23 -5.88 -14.10
N ASN A 439 -33.27 -5.92 -14.91
CA ASN A 439 -34.28 -6.96 -14.75
C ASN A 439 -34.83 -6.95 -13.32
N ALA A 440 -34.44 -7.93 -12.52
CA ALA A 440 -35.00 -8.10 -11.17
C ALA A 440 -35.07 -6.81 -10.33
N LYS A 441 -34.21 -5.83 -10.61
CA LYS A 441 -34.33 -4.53 -9.94
C LYS A 441 -35.51 -3.72 -10.51
N ASN A 442 -35.96 -4.08 -11.71
CA ASN A 442 -37.10 -3.41 -12.31
C ASN A 442 -38.30 -4.35 -12.46
N GLY A 443 -38.12 -5.43 -13.23
CA GLY A 443 -39.18 -6.37 -13.54
C GLY A 443 -39.68 -6.10 -14.94
N PHE A 444 -39.12 -5.08 -15.57
CA PHE A 444 -39.64 -4.57 -16.82
C PHE A 444 -38.52 -4.18 -17.77
N PRO A 445 -38.83 -4.07 -19.07
CA PRO A 445 -37.75 -3.73 -20.00
C PRO A 445 -37.14 -2.37 -19.71
N VAL A 446 -35.83 -2.38 -19.53
CA VAL A 446 -35.12 -1.15 -19.30
C VAL A 446 -33.75 -1.25 -19.96
N PHE A 447 -33.41 -0.28 -20.80
CA PHE A 447 -32.11 -0.31 -21.44
C PHE A 447 -31.25 0.82 -20.89
N ALA A 448 -30.16 0.43 -20.23
CA ALA A 448 -29.40 1.32 -19.37
C ALA A 448 -28.79 2.49 -20.11
N THR A 449 -28.51 3.55 -19.36
CA THR A 449 -28.00 4.76 -19.97
C THR A 449 -26.49 4.70 -20.16
N ILE A 450 -26.06 4.77 -21.42
CA ILE A 450 -24.64 4.89 -21.73
C ILE A 450 -24.55 5.98 -22.79
N ILE A 451 -23.48 6.77 -22.80
CA ILE A 451 -23.34 7.75 -23.87
C ILE A 451 -21.92 7.80 -24.40
N GLU A 452 -21.74 7.60 -25.69
CA GLU A 452 -20.38 7.62 -26.22
C GLU A 452 -20.12 8.97 -26.85
N ALA A 453 -19.04 9.59 -26.39
CA ALA A 453 -18.67 10.93 -26.81
C ALA A 453 -17.91 10.92 -28.12
N ASN A 454 -18.44 11.63 -29.11
CA ASN A 454 -17.70 11.85 -30.35
C ASN A 454 -16.54 12.81 -30.09
N SER A 455 -16.58 13.48 -28.93
CA SER A 455 -15.52 14.40 -28.54
C SER A 455 -15.70 14.99 -27.15
N ILE A 456 -14.62 15.57 -26.65
CA ILE A 456 -14.49 16.03 -25.27
C ILE A 456 -13.79 17.39 -25.20
N LYS A 457 -14.33 18.35 -24.45
CA LYS A 457 -13.63 19.63 -24.26
C LYS A 457 -13.75 20.19 -22.84
N ARG A 458 -12.64 20.53 -22.21
CA ARG A 458 -12.67 21.00 -20.83
C ARG A 458 -13.44 22.32 -20.70
N ARG A 459 -13.88 22.64 -19.47
CA ARG A 459 -14.64 23.85 -19.22
C ARG A 459 -13.86 25.13 -19.56
N VAL A 473 -10.98 24.17 -23.41
CA VAL A 473 -11.31 24.50 -24.79
C VAL A 473 -10.24 25.41 -25.39
N PHE A 474 -9.74 26.35 -24.60
CA PHE A 474 -8.88 27.40 -25.14
C PHE A 474 -7.44 26.95 -25.37
N SER A 475 -6.97 27.22 -26.58
CA SER A 475 -5.56 27.07 -26.93
C SER A 475 -5.26 28.03 -28.08
N TRP A 476 -4.02 28.50 -28.16
CA TRP A 476 -3.64 29.43 -29.22
C TRP A 476 -3.55 28.74 -30.57
N THR A 477 -3.65 29.53 -31.63
CA THR A 477 -3.50 29.04 -33.00
C THR A 477 -2.44 29.91 -33.68
N GLU A 478 -2.13 29.64 -34.94
CA GLU A 478 -1.02 30.28 -35.64
C GLU A 478 -1.17 31.81 -35.80
N GLU A 479 -2.38 32.25 -36.16
CA GLU A 479 -2.63 33.66 -36.46
C GLU A 479 -2.67 34.52 -35.19
N GLU A 480 -3.41 34.05 -34.20
CA GLU A 480 -3.47 34.74 -32.92
C GLU A 480 -2.06 34.91 -32.41
N GLU A 481 -1.32 33.80 -32.35
CA GLU A 481 0.04 33.84 -31.81
C GLU A 481 0.98 34.73 -32.63
N ARG A 482 0.84 34.74 -33.95
CA ARG A 482 1.73 35.57 -34.75
C ARG A 482 1.44 37.06 -34.48
N GLU A 483 0.19 37.40 -34.16
CA GLU A 483 -0.15 38.78 -33.77
C GLU A 483 0.28 39.04 -32.31
N PHE A 484 0.34 37.94 -31.60
CA PHE A 484 0.43 37.91 -30.17
C PHE A 484 1.85 38.23 -29.77
N ARG A 485 2.75 37.89 -30.67
CA ARG A 485 4.14 38.25 -30.53
C ARG A 485 4.30 39.73 -30.86
N LYS A 486 3.44 40.22 -31.75
CA LYS A 486 3.47 41.61 -32.16
C LYS A 486 3.05 42.48 -30.99
N ILE A 487 2.30 41.91 -30.06
CA ILE A 487 2.19 42.58 -28.77
C ILE A 487 3.53 42.50 -28.06
N SER A 488 4.11 41.29 -28.01
CA SER A 488 5.31 41.03 -27.22
C SER A 488 6.51 41.91 -27.58
N ARG A 489 6.52 42.51 -28.77
CA ARG A 489 7.64 43.36 -29.17
C ARG A 489 7.66 44.69 -28.40
N ASP A 490 6.48 45.29 -28.18
CA ASP A 490 6.38 46.61 -27.56
C ASP A 490 6.93 46.61 -26.13
N ARG A 491 7.56 47.71 -25.75
CA ARG A 491 8.14 47.87 -24.42
C ARG A 491 7.19 47.54 -23.28
N GLY A 492 6.11 48.32 -23.18
CA GLY A 492 5.30 48.35 -21.98
C GLY A 492 4.19 47.32 -21.88
N ILE A 493 4.31 46.21 -22.60
CA ILE A 493 3.30 45.18 -22.50
C ILE A 493 3.27 44.62 -21.08
N ILE A 494 4.44 44.42 -20.49
CA ILE A 494 4.55 44.06 -19.08
C ILE A 494 3.75 45.03 -18.25
N ASP A 495 3.87 46.31 -18.58
CA ASP A 495 3.11 47.36 -17.89
C ASP A 495 1.62 47.17 -18.12
N LYS A 496 1.23 46.89 -19.36
CA LYS A 496 -0.19 46.78 -19.71
C LYS A 496 -0.90 45.69 -18.90
N ILE A 497 -0.32 44.49 -18.91
CA ILE A 497 -0.88 43.37 -18.17
C ILE A 497 -0.98 43.68 -16.68
N ILE A 498 -0.32 44.75 -16.24
CA ILE A 498 -0.47 45.13 -14.84
C ILE A 498 -1.87 45.66 -14.58
N SER A 499 -2.33 46.58 -15.43
CA SER A 499 -3.63 47.20 -15.23
C SER A 499 -4.76 46.27 -15.65
N SER A 500 -4.39 45.19 -16.33
CA SER A 500 -5.35 44.23 -16.86
C SER A 500 -5.83 43.18 -15.86
N MET A 501 -5.06 42.97 -14.79
CA MET A 501 -5.29 41.82 -13.92
C MET A 501 -6.39 42.05 -12.89
N ALA A 502 -6.75 43.31 -12.71
CA ALA A 502 -7.82 43.63 -11.79
C ALA A 502 -8.82 44.54 -12.46
N PRO A 503 -9.46 44.04 -13.54
CA PRO A 503 -10.23 44.88 -14.46
C PRO A 503 -11.40 45.57 -13.78
N SER A 504 -12.17 44.81 -13.00
CA SER A 504 -13.29 45.39 -12.27
C SER A 504 -12.87 45.81 -10.88
N ILE A 505 -11.66 45.41 -10.48
CA ILE A 505 -11.20 45.62 -9.12
C ILE A 505 -10.70 47.02 -8.82
N TYR A 506 -9.88 47.55 -9.72
CA TYR A 506 -8.99 48.67 -9.40
C TYR A 506 -8.14 48.24 -8.22
N GLY A 507 -8.30 48.91 -7.08
CA GLY A 507 -7.49 48.61 -5.92
C GLY A 507 -6.07 49.08 -6.10
N HIS A 508 -5.12 48.17 -5.92
CA HIS A 508 -3.72 48.55 -5.93
C HIS A 508 -2.91 47.87 -7.03
N ARG A 509 -2.31 48.70 -7.87
CA ARG A 509 -1.33 48.27 -8.87
C ARG A 509 -0.14 47.62 -8.17
N ASP A 510 -0.02 47.91 -6.88
CA ASP A 510 0.95 47.31 -5.98
C ASP A 510 0.95 45.79 -6.06
N ILE A 511 -0.18 45.19 -5.71
CA ILE A 511 -0.28 43.73 -5.60
C ILE A 511 -0.37 42.98 -6.94
N LYS A 512 -1.21 43.48 -7.85
CA LYS A 512 -1.49 42.80 -9.12
C LYS A 512 -0.21 42.43 -9.84
N THR A 513 0.79 43.30 -9.67
CA THR A 513 2.15 43.04 -10.11
C THR A 513 2.51 41.61 -9.70
N ALA A 514 2.57 41.39 -8.39
CA ALA A 514 2.90 40.09 -7.82
C ALA A 514 1.86 39.02 -8.18
N VAL A 515 0.66 39.47 -8.52
CA VAL A 515 -0.39 38.51 -8.83
C VAL A 515 -0.12 37.85 -10.18
N ALA A 516 -0.12 38.63 -11.25
CA ALA A 516 0.16 38.07 -12.57
C ALA A 516 1.59 37.56 -12.64
N CYS A 517 2.43 38.10 -11.75
CA CYS A 517 3.80 37.61 -11.61
C CYS A 517 3.79 36.14 -11.22
N SER A 518 3.10 35.84 -10.12
CA SER A 518 2.95 34.47 -9.64
C SER A 518 2.21 33.61 -10.64
N LEU A 519 1.20 34.22 -11.23
CA LEU A 519 0.29 33.57 -12.13
C LEU A 519 0.99 33.16 -13.42
N PHE A 520 2.12 33.80 -13.68
CA PHE A 520 2.87 33.51 -14.90
C PHE A 520 3.82 32.31 -14.75
N GLY A 521 4.08 31.89 -13.51
CA GLY A 521 4.97 30.76 -13.31
C GLY A 521 6.41 31.06 -13.68
N GLY A 522 7.24 30.03 -13.74
CA GLY A 522 8.64 30.17 -14.07
C GLY A 522 9.34 28.85 -14.42
N VAL A 523 10.54 28.96 -14.98
CA VAL A 523 11.39 27.82 -15.38
C VAL A 523 11.62 26.84 -14.21
N PRO A 524 11.57 25.52 -14.48
CA PRO A 524 11.41 24.54 -13.39
C PRO A 524 12.38 24.64 -12.17
N LYS A 525 13.72 24.73 -12.24
CA LYS A 525 14.59 24.38 -13.36
C LYS A 525 15.70 23.47 -12.83
N ASN A 526 15.98 22.40 -13.56
CA ASN A 526 16.84 21.32 -13.06
C ASN A 526 18.34 21.63 -13.07
N VAL A 527 19.04 21.18 -12.02
CA VAL A 527 20.49 21.07 -12.05
C VAL A 527 20.85 19.59 -11.97
N ASN A 528 21.33 19.03 -13.07
CA ASN A 528 21.50 17.58 -13.28
C ASN A 528 22.42 16.89 -12.26
N GLY A 529 22.01 15.71 -11.78
CA GLY A 529 20.69 15.16 -12.01
C GLY A 529 19.92 15.41 -10.72
N LYS A 530 20.43 16.40 -10.02
CA LYS A 530 20.05 16.78 -8.67
C LYS A 530 18.79 17.64 -8.61
N HIS A 531 18.65 18.32 -7.48
CA HIS A 531 17.51 19.18 -7.15
C HIS A 531 17.10 20.13 -8.28
N SER A 532 15.79 20.29 -8.43
CA SER A 532 15.23 21.13 -9.47
C SER A 532 14.91 22.55 -8.99
N ILE A 533 15.25 22.85 -7.73
CA ILE A 533 14.91 24.11 -7.07
C ILE A 533 13.42 24.42 -7.22
N ARG A 534 13.09 25.70 -7.44
CA ARG A 534 11.70 26.09 -7.67
C ARG A 534 11.54 27.21 -8.68
N GLY A 535 10.67 27.00 -9.66
CA GLY A 535 10.28 28.04 -10.60
C GLY A 535 8.87 28.53 -10.35
N ASP A 536 8.22 27.91 -9.38
CA ASP A 536 6.83 28.23 -9.05
C ASP A 536 6.75 29.20 -7.88
N ILE A 537 5.80 30.12 -7.97
CA ILE A 537 5.75 31.23 -7.05
C ILE A 537 4.86 30.93 -5.86
N ASN A 538 5.31 31.34 -4.67
CA ASN A 538 4.49 31.17 -3.49
C ASN A 538 3.97 32.53 -3.02
N VAL A 539 2.68 32.73 -3.22
CA VAL A 539 2.02 33.97 -2.86
C VAL A 539 1.51 33.87 -1.45
N LEU A 540 1.82 34.86 -0.63
CA LEU A 540 1.16 35.03 0.65
C LEU A 540 0.48 36.39 0.63
N LEU A 541 -0.85 36.41 0.66
CA LEU A 541 -1.53 37.69 0.79
C LEU A 541 -2.13 37.79 2.18
N LEU A 542 -1.50 38.65 2.98
CA LEU A 542 -2.07 39.10 4.24
C LEU A 542 -3.37 39.82 3.92
N GLY A 543 -4.37 39.66 4.79
CA GLY A 543 -5.67 40.25 4.52
C GLY A 543 -5.90 41.54 5.26
N ASP A 544 -7.16 41.95 5.27
CA ASP A 544 -7.64 43.15 5.93
C ASP A 544 -9.13 43.21 5.63
N PRO A 545 -9.98 43.52 6.63
CA PRO A 545 -11.41 43.53 6.36
C PRO A 545 -11.76 44.58 5.33
N GLY A 546 -12.65 44.24 4.42
CA GLY A 546 -13.14 45.21 3.45
C GLY A 546 -12.19 45.59 2.36
N THR A 547 -10.97 45.09 2.46
CA THR A 547 -9.99 45.21 1.39
C THR A 547 -10.50 44.36 0.23
N ALA A 548 -10.02 44.61 -0.98
CA ALA A 548 -10.43 43.82 -2.13
C ALA A 548 -10.05 42.34 -2.04
N LYS A 549 -9.32 41.96 -0.98
CA LYS A 549 -8.56 40.71 -0.96
C LYS A 549 -9.30 39.48 -1.46
N SER A 550 -10.39 39.09 -0.81
CA SER A 550 -11.11 37.90 -1.24
C SER A 550 -11.63 37.99 -2.68
N GLN A 551 -11.75 39.21 -3.19
CA GLN A 551 -12.23 39.41 -4.55
C GLN A 551 -11.13 39.22 -5.60
N ILE A 552 -9.87 39.41 -5.20
CA ILE A 552 -8.77 39.31 -6.15
C ILE A 552 -8.36 37.87 -6.45
N LEU A 553 -8.39 37.02 -5.43
CA LEU A 553 -7.96 35.64 -5.59
C LEU A 553 -8.72 34.90 -6.68
N LYS A 554 -10.01 35.20 -6.79
CA LYS A 554 -10.88 34.40 -7.63
C LYS A 554 -10.77 34.83 -9.07
N TYR A 555 -10.01 35.90 -9.30
CA TYR A 555 -9.72 36.32 -10.65
C TYR A 555 -8.85 35.27 -11.30
N VAL A 556 -8.00 34.66 -10.48
CA VAL A 556 -6.97 33.75 -10.96
C VAL A 556 -7.54 32.46 -11.55
N GLU A 557 -8.68 32.01 -11.04
CA GLU A 557 -9.32 30.81 -11.58
C GLU A 557 -9.63 30.93 -13.07
N LYS A 558 -10.55 31.83 -13.42
CA LYS A 558 -10.88 32.06 -14.82
C LYS A 558 -9.71 32.69 -15.55
N THR A 559 -8.72 33.15 -14.78
CA THR A 559 -7.46 33.53 -15.39
C THR A 559 -6.64 32.31 -15.77
N ALA A 560 -6.22 31.55 -14.76
CA ALA A 560 -5.33 30.41 -14.96
C ALA A 560 -5.93 29.38 -15.90
N HIS A 561 -5.06 28.75 -16.70
CA HIS A 561 -5.44 27.57 -17.43
C HIS A 561 -5.87 26.52 -16.43
N ARG A 562 -5.06 26.38 -15.39
CA ARG A 562 -5.30 25.33 -14.40
C ARG A 562 -5.21 25.88 -12.99
N ALA A 563 -6.22 25.55 -12.19
CA ALA A 563 -6.22 25.98 -10.80
C ALA A 563 -7.10 25.09 -9.93
N VAL A 564 -6.83 25.10 -8.63
CA VAL A 564 -7.74 24.47 -7.69
C VAL A 564 -8.13 25.42 -6.58
N PHE A 565 -9.44 25.61 -6.42
CA PHE A 565 -9.94 26.52 -5.40
C PHE A 565 -10.27 25.76 -4.12
N ALA A 566 -9.41 25.92 -3.11
CA ALA A 566 -9.55 25.22 -1.85
C ALA A 566 -10.16 26.05 -0.72
N THR A 567 -10.45 27.33 -1.00
CA THR A 567 -10.68 28.39 0.00
C THR A 567 -9.56 28.20 1.05
N GLY A 568 -9.81 28.47 2.33
CA GLY A 568 -8.98 27.96 3.39
C GLY A 568 -9.56 26.67 3.90
N GLN A 569 -9.46 26.43 5.18
CA GLN A 569 -10.12 25.25 5.70
C GLN A 569 -11.47 25.53 6.33
N GLY A 570 -12.02 24.48 6.93
CA GLY A 570 -13.44 24.40 7.26
C GLY A 570 -14.37 23.52 6.41
N ALA A 571 -14.14 23.24 5.13
CA ALA A 571 -13.08 23.74 4.24
C ALA A 571 -13.65 23.82 2.81
N SER A 572 -12.81 23.99 1.78
CA SER A 572 -13.31 23.90 0.39
C SER A 572 -12.64 22.85 -0.50
N ALA A 573 -13.47 22.00 -1.11
CA ALA A 573 -13.03 20.69 -1.59
C ALA A 573 -11.87 20.72 -2.55
N VAL A 574 -10.76 20.04 -2.24
CA VAL A 574 -10.54 19.25 -1.02
C VAL A 574 -9.64 19.91 0.04
N GLY A 575 -9.52 19.25 1.19
CA GLY A 575 -8.73 19.78 2.31
C GLY A 575 -7.25 19.68 2.03
N LEU A 576 -6.95 19.34 0.78
CA LEU A 576 -5.61 19.27 0.22
C LEU A 576 -4.76 18.16 0.83
N THR A 577 -5.41 17.11 1.31
CA THR A 577 -4.70 15.87 1.61
C THR A 577 -4.92 14.91 0.45
N ALA A 578 -3.86 14.24 0.03
CA ALA A 578 -3.95 13.22 -1.02
C ALA A 578 -4.20 11.89 -0.35
N SER A 579 -5.36 11.28 -0.54
CA SER A 579 -5.69 10.14 0.30
C SER A 579 -5.70 8.83 -0.44
N VAL A 580 -5.93 7.74 0.28
CA VAL A 580 -6.00 6.42 -0.33
C VAL A 580 -7.17 5.62 0.25
N ARG A 581 -8.10 5.25 -0.63
CA ARG A 581 -9.28 4.52 -0.23
C ARG A 581 -9.38 3.17 -0.94
N LYS A 582 -9.65 2.12 -0.17
CA LYS A 582 -9.98 0.82 -0.76
C LYS A 582 -11.30 0.91 -1.52
N ASP A 583 -11.29 0.43 -2.76
CA ASP A 583 -12.47 0.50 -3.62
C ASP A 583 -13.52 -0.55 -3.19
N PRO A 584 -14.70 -0.58 -3.84
CA PRO A 584 -15.73 -1.54 -3.41
C PRO A 584 -15.34 -3.02 -3.49
N ILE A 585 -16.12 -3.85 -2.79
CA ILE A 585 -16.01 -5.33 -2.78
C ILE A 585 -14.54 -5.78 -2.64
N THR A 586 -14.05 -6.61 -3.56
CA THR A 586 -12.67 -7.03 -3.45
C THR A 586 -11.82 -6.25 -4.43
N LYS A 587 -11.10 -5.28 -3.88
CA LYS A 587 -10.06 -4.54 -4.58
C LYS A 587 -9.13 -3.97 -3.52
N GLU A 588 -7.85 -3.86 -3.88
CA GLU A 588 -6.89 -3.22 -3.01
C GLU A 588 -7.10 -1.70 -3.06
N TRP A 589 -6.24 -0.95 -2.39
CA TRP A 589 -6.50 0.46 -2.17
C TRP A 589 -6.13 1.35 -3.35
N THR A 590 -7.12 2.07 -3.87
CA THR A 590 -6.90 3.07 -4.91
C THR A 590 -6.44 4.38 -4.31
N LEU A 591 -5.58 5.09 -5.02
CA LEU A 591 -5.05 6.35 -4.52
C LEU A 591 -5.74 7.54 -5.15
N GLU A 592 -6.37 8.36 -4.30
CA GLU A 592 -6.99 9.62 -4.71
C GLU A 592 -6.05 10.79 -4.53
N GLY A 593 -5.85 11.54 -5.60
CA GLY A 593 -4.96 12.69 -5.56
C GLY A 593 -5.49 13.80 -4.68
N GLY A 594 -4.59 14.46 -3.97
CA GLY A 594 -4.94 15.68 -3.26
C GLY A 594 -5.20 16.67 -4.37
N ALA A 595 -6.06 17.64 -4.12
CA ALA A 595 -6.52 18.53 -5.19
C ALA A 595 -5.36 19.16 -5.96
N LEU A 596 -4.19 19.22 -5.32
CA LEU A 596 -2.97 19.62 -5.99
C LEU A 596 -2.69 18.81 -7.25
N VAL A 597 -2.92 17.50 -7.19
CA VAL A 597 -2.76 16.62 -8.34
C VAL A 597 -3.61 17.11 -9.50
N LEU A 598 -4.83 17.53 -9.18
CA LEU A 598 -5.71 18.20 -10.11
C LEU A 598 -5.08 19.48 -10.62
N ALA A 599 -4.31 20.14 -9.75
CA ALA A 599 -3.73 21.46 -10.05
C ALA A 599 -2.34 21.44 -10.70
N ASP A 600 -1.79 20.27 -11.05
CA ASP A 600 -0.41 20.20 -11.54
C ASP A 600 -0.14 21.10 -12.75
N LYS A 601 0.98 21.83 -12.68
CA LYS A 601 1.38 22.87 -13.65
C LYS A 601 0.55 24.14 -13.47
N GLY A 602 -0.55 24.02 -12.72
CA GLY A 602 -1.43 25.16 -12.49
C GLY A 602 -1.15 25.82 -11.15
N VAL A 603 -2.20 26.40 -10.55
CA VAL A 603 -2.05 27.10 -9.28
C VAL A 603 -3.20 26.76 -8.29
N CYS A 604 -2.84 26.57 -7.03
CA CYS A 604 -3.80 26.32 -5.96
C CYS A 604 -4.06 27.60 -5.16
N LEU A 605 -5.33 27.89 -4.89
CA LEU A 605 -5.73 29.13 -4.27
C LEU A 605 -6.36 28.90 -2.89
N ILE A 606 -5.83 29.58 -1.88
CA ILE A 606 -6.38 29.46 -0.53
C ILE A 606 -6.70 30.86 0.02
N ASP A 607 -7.79 31.00 0.78
CA ASP A 607 -8.00 32.21 1.58
C ASP A 607 -8.36 31.88 3.03
N GLU A 608 -8.18 32.84 3.93
CA GLU A 608 -8.52 32.65 5.35
C GLU A 608 -7.70 31.57 6.07
N PHE A 609 -6.45 31.87 6.37
CA PHE A 609 -5.56 30.93 7.06
C PHE A 609 -5.82 30.84 8.55
N ASP A 610 -6.65 31.75 9.06
CA ASP A 610 -7.03 31.68 10.46
C ASP A 610 -7.98 30.50 10.66
N LYS A 611 -8.55 30.03 9.56
CA LYS A 611 -9.61 29.03 9.58
C LYS A 611 -9.08 27.63 9.27
N MET A 612 -7.78 27.53 8.99
CA MET A 612 -7.18 26.23 8.73
C MET A 612 -6.71 25.56 10.01
N ASN A 613 -7.06 24.29 10.17
CA ASN A 613 -6.53 23.51 11.28
C ASN A 613 -5.04 23.30 11.10
N ASP A 614 -4.36 22.98 12.18
CA ASP A 614 -2.95 22.63 12.12
C ASP A 614 -2.77 21.23 11.52
N GLN A 615 -3.88 20.55 11.28
CA GLN A 615 -3.85 19.22 10.70
C GLN A 615 -3.66 19.24 9.18
N ASP A 616 -4.62 19.77 8.45
CA ASP A 616 -4.53 19.81 6.99
C ASP A 616 -3.45 20.78 6.48
N ARG A 617 -3.00 21.68 7.35
CA ARG A 617 -2.01 22.68 6.96
C ARG A 617 -0.61 22.09 6.79
N THR A 618 -0.34 20.99 7.48
CA THR A 618 0.97 20.36 7.45
C THR A 618 1.44 20.17 6.01
N SER A 619 0.63 19.44 5.25
CA SER A 619 0.99 19.04 3.89
C SER A 619 1.18 20.21 2.92
N ILE A 620 0.60 21.37 3.24
CA ILE A 620 0.87 22.57 2.45
C ILE A 620 2.39 22.71 2.38
N HIS A 621 3.00 22.73 3.55
CA HIS A 621 4.43 23.00 3.68
C HIS A 621 5.25 21.99 2.89
N GLU A 622 4.61 20.88 2.53
CA GLU A 622 5.30 19.85 1.77
C GLU A 622 5.47 20.25 0.31
N ALA A 623 4.39 20.67 -0.33
CA ALA A 623 4.38 20.74 -1.80
C ALA A 623 5.39 21.75 -2.33
N MET A 624 5.48 22.88 -1.64
CA MET A 624 6.33 23.98 -2.09
C MET A 624 7.80 23.64 -1.89
N GLU A 625 8.08 22.48 -1.29
CA GLU A 625 9.47 22.04 -1.06
C GLU A 625 9.98 20.95 -2.03
N GLN A 626 9.20 19.88 -2.19
CA GLN A 626 9.50 18.77 -3.09
C GLN A 626 8.88 18.91 -4.47
N GLN A 627 7.90 19.80 -4.56
CA GLN A 627 6.99 19.87 -5.70
C GLN A 627 6.32 18.52 -5.90
N SER A 628 5.74 18.03 -4.80
CA SER A 628 5.05 16.75 -4.76
C SER A 628 4.26 16.59 -3.46
N ILE A 629 3.58 15.46 -3.30
CA ILE A 629 2.97 15.13 -2.02
C ILE A 629 3.38 13.72 -1.59
N SER A 630 3.72 13.58 -0.32
CA SER A 630 3.86 12.26 0.27
C SER A 630 3.07 12.15 1.58
N ILE A 631 2.01 11.33 1.55
CA ILE A 631 1.03 11.20 2.65
C ILE A 631 1.36 10.08 3.63
N SER A 632 0.33 9.45 4.22
CA SER A 632 0.55 8.37 5.16
C SER A 632 -0.19 7.07 4.84
N LYS A 633 -1.49 7.17 4.54
CA LYS A 633 -2.31 6.01 4.24
C LYS A 633 -2.08 5.37 2.90
N ALA A 634 -2.03 4.02 2.82
CA ALA A 634 -1.53 3.14 3.88
C ALA A 634 -0.59 2.13 3.25
N GLY A 635 -1.19 1.26 2.45
CA GLY A 635 -0.51 0.07 2.04
C GLY A 635 0.36 0.19 0.81
N ILE A 636 0.67 1.41 0.38
CA ILE A 636 1.43 1.55 -0.85
C ILE A 636 2.51 2.63 -0.84
N VAL A 637 3.75 2.23 -1.11
CA VAL A 637 4.84 3.22 -1.25
C VAL A 637 4.70 3.91 -2.62
N THR A 638 4.65 5.23 -2.60
CA THR A 638 4.55 6.00 -3.84
C THR A 638 5.32 7.30 -3.75
N THR A 639 5.14 8.11 -4.79
CA THR A 639 5.46 9.54 -4.79
C THR A 639 4.57 10.16 -5.84
N LEU A 640 4.40 11.48 -5.80
CA LEU A 640 3.67 12.13 -6.85
C LEU A 640 4.41 13.34 -7.38
N GLN A 641 3.74 14.09 -8.23
CA GLN A 641 4.29 15.32 -8.78
C GLN A 641 3.31 16.46 -8.55
N ALA A 642 3.71 17.47 -7.78
CA ALA A 642 2.89 18.66 -7.61
C ALA A 642 3.62 19.93 -8.04
N ARG A 643 3.20 20.49 -9.17
CA ARG A 643 3.83 21.71 -9.69
C ARG A 643 3.07 22.98 -9.31
N CYS A 644 2.06 22.84 -8.48
CA CYS A 644 1.17 23.94 -8.13
C CYS A 644 1.89 25.16 -7.56
N SER A 645 1.64 26.33 -8.17
CA SER A 645 1.97 27.60 -7.54
C SER A 645 0.92 27.80 -6.44
N ILE A 646 1.18 28.64 -5.45
CA ILE A 646 0.20 28.77 -4.38
C ILE A 646 -0.11 30.21 -4.01
N ILE A 647 -1.39 30.57 -4.06
CA ILE A 647 -1.81 31.90 -3.64
C ILE A 647 -2.42 31.86 -2.25
N ALA A 648 -1.72 32.49 -1.31
CA ALA A 648 -2.18 32.56 0.07
C ALA A 648 -2.91 33.85 0.31
N ALA A 649 -4.15 33.74 0.77
CA ALA A 649 -4.92 34.88 1.22
C ALA A 649 -5.30 34.57 2.66
N ALA A 650 -5.04 35.49 3.57
CA ALA A 650 -5.40 35.25 4.96
C ALA A 650 -5.69 36.56 5.64
N ASN A 651 -6.74 36.58 6.47
CA ASN A 651 -7.15 37.78 7.18
C ASN A 651 -6.27 37.98 8.42
N PRO A 652 -5.96 39.25 8.76
CA PRO A 652 -5.01 39.55 9.84
C PRO A 652 -5.53 39.04 11.18
N ASN A 653 -4.63 38.69 12.09
CA ASN A 653 -5.06 38.25 13.41
C ASN A 653 -5.95 39.32 14.02
N GLY A 654 -7.13 38.89 14.45
CA GLY A 654 -8.17 39.82 14.84
C GLY A 654 -8.73 40.56 13.65
N GLY A 655 -8.74 41.88 13.75
CA GLY A 655 -9.37 42.79 12.80
C GLY A 655 -8.42 43.34 11.77
N ARG A 656 -8.58 44.64 11.52
CA ARG A 656 -7.70 45.42 10.66
C ARG A 656 -6.33 45.47 11.31
N TYR A 657 -5.47 46.39 10.84
CA TYR A 657 -4.03 46.29 11.02
C TYR A 657 -3.61 45.87 12.42
N ASN A 658 -2.82 44.79 12.45
CA ASN A 658 -2.42 44.18 13.72
C ASN A 658 -1.10 44.47 14.41
N SER A 659 0.02 44.50 13.69
CA SER A 659 1.25 44.74 14.41
C SER A 659 1.86 46.06 14.05
N THR A 660 1.71 47.01 14.96
CA THR A 660 2.48 48.22 14.94
C THR A 660 3.86 47.80 15.39
N LEU A 661 3.83 46.74 16.19
CA LEU A 661 5.00 45.95 16.55
C LEU A 661 5.44 45.16 15.29
N PRO A 662 6.51 44.32 15.36
CA PRO A 662 6.87 43.67 14.09
C PRO A 662 5.76 42.79 13.51
N LEU A 663 5.64 42.73 12.18
CA LEU A 663 4.57 41.94 11.57
C LEU A 663 4.70 40.46 11.90
N ALA A 664 5.86 40.06 12.41
CA ALA A 664 5.99 38.71 12.95
C ALA A 664 4.98 38.53 14.08
N GLN A 665 4.61 39.64 14.71
CA GLN A 665 3.58 39.64 15.75
C GLN A 665 2.18 39.53 15.13
N ASN A 666 2.10 39.78 13.82
CA ASN A 666 0.83 39.75 13.11
C ASN A 666 0.36 38.31 12.89
N VAL A 667 1.10 37.54 12.11
CA VAL A 667 0.66 36.22 11.67
C VAL A 667 0.56 35.21 12.81
N SER A 668 -0.51 34.42 12.78
CA SER A 668 -0.67 33.31 13.71
C SER A 668 0.16 32.13 13.22
N LEU A 669 0.21 31.98 11.90
CA LEU A 669 0.95 30.89 11.27
C LEU A 669 2.42 30.94 11.62
N THR A 670 3.03 29.76 11.77
CA THR A 670 4.42 29.66 12.13
C THR A 670 5.30 30.20 10.99
N GLU A 671 6.41 30.84 11.36
CA GLU A 671 7.35 31.38 10.39
C GLU A 671 7.95 30.32 9.42
N PRO A 672 8.22 29.08 9.90
CA PRO A 672 8.66 28.04 8.95
C PRO A 672 7.79 27.88 7.71
N ILE A 673 6.47 27.95 7.89
CA ILE A 673 5.55 27.84 6.77
C ILE A 673 5.35 29.19 6.10
N LEU A 674 5.75 30.25 6.78
CA LEU A 674 5.59 31.62 6.27
C LEU A 674 6.63 31.95 5.22
N SER A 675 7.90 31.94 5.63
CA SER A 675 9.01 32.22 4.73
C SER A 675 9.03 31.31 3.51
N ARG A 676 8.33 30.18 3.64
CA ARG A 676 8.08 29.29 2.52
C ARG A 676 7.49 30.03 1.33
N PHE A 677 6.70 31.05 1.61
CA PHE A 677 6.10 31.86 0.56
C PHE A 677 6.99 33.02 0.16
N ASP A 678 7.19 33.19 -1.14
CA ASP A 678 8.14 34.16 -1.65
C ASP A 678 7.63 35.60 -1.67
N ILE A 679 6.34 35.79 -1.94
CA ILE A 679 5.83 37.17 -1.99
C ILE A 679 4.89 37.49 -0.83
N LEU A 680 5.34 38.37 0.06
CA LEU A 680 4.56 38.76 1.21
C LEU A 680 3.79 40.04 0.87
N CYS A 681 2.48 39.88 0.74
CA CYS A 681 1.59 40.91 0.23
C CYS A 681 0.84 41.53 1.38
N VAL A 682 1.10 42.79 1.67
CA VAL A 682 0.41 43.43 2.75
C VAL A 682 -0.68 44.33 2.19
N VAL A 683 -1.83 44.36 2.85
CA VAL A 683 -2.91 45.23 2.41
C VAL A 683 -3.36 46.12 3.55
N ARG A 684 -4.14 47.14 3.19
CA ARG A 684 -4.36 48.28 4.07
C ARG A 684 -5.62 49.02 3.54
N ASP A 685 -6.14 50.07 4.18
CA ASP A 685 -5.56 50.75 5.33
C ASP A 685 -6.53 51.34 6.34
N LEU A 686 -5.93 51.88 7.40
CA LEU A 686 -6.49 52.94 8.19
C LEU A 686 -6.77 54.08 7.20
N VAL A 687 -7.97 54.64 7.27
CA VAL A 687 -8.55 55.45 6.18
C VAL A 687 -7.66 56.58 5.65
N ASP A 688 -7.61 56.69 4.31
CA ASP A 688 -7.11 57.87 3.64
C ASP A 688 -8.25 58.47 2.81
N GLU A 689 -8.26 59.78 2.67
CA GLU A 689 -9.40 60.48 2.09
C GLU A 689 -9.51 60.35 0.56
N GLU A 690 -8.54 60.89 -0.16
CA GLU A 690 -8.63 61.02 -1.61
C GLU A 690 -8.67 59.69 -2.37
N ALA A 691 -7.90 58.72 -1.88
CA ALA A 691 -7.74 57.43 -2.56
C ALA A 691 -9.07 56.68 -2.66
N ASP A 692 -9.95 56.90 -1.70
CA ASP A 692 -11.26 56.26 -1.72
C ASP A 692 -12.23 56.98 -2.64
N GLU A 693 -12.06 58.29 -2.80
CA GLU A 693 -12.83 58.99 -3.82
C GLU A 693 -12.43 58.43 -5.17
N ARG A 694 -11.13 58.26 -5.33
CA ARG A 694 -10.56 57.61 -6.51
C ARG A 694 -11.23 56.25 -6.78
N LEU A 695 -10.97 55.30 -5.88
CA LEU A 695 -11.41 53.93 -6.07
C LEU A 695 -12.93 53.81 -6.15
N ALA A 696 -13.63 54.54 -5.30
CA ALA A 696 -15.09 54.44 -5.19
C ALA A 696 -15.87 55.20 -6.26
N THR A 697 -15.37 56.33 -6.72
CA THR A 697 -15.93 56.92 -7.93
C THR A 697 -15.79 55.90 -9.03
N PHE A 698 -14.59 55.32 -9.09
CA PHE A 698 -14.35 54.24 -10.03
C PHE A 698 -15.31 53.05 -9.79
N VAL A 699 -15.77 52.88 -8.54
CA VAL A 699 -16.56 51.72 -8.16
C VAL A 699 -18.00 51.85 -8.57
N VAL A 700 -18.58 53.01 -8.24
CA VAL A 700 -19.94 53.34 -8.62
C VAL A 700 -19.96 53.48 -10.14
N ASP A 701 -18.79 53.71 -10.73
CA ASP A 701 -18.66 53.63 -12.18
C ASP A 701 -18.54 52.18 -12.67
N SER A 702 -18.00 51.31 -11.83
CA SER A 702 -17.83 49.91 -12.22
C SER A 702 -19.20 49.26 -12.28
N HIS A 703 -19.98 49.42 -11.22
CA HIS A 703 -21.31 48.83 -11.11
C HIS A 703 -22.28 49.29 -12.19
N VAL A 704 -21.93 50.35 -12.92
CA VAL A 704 -22.77 50.93 -13.96
C VAL A 704 -23.21 49.88 -14.98
N ARG A 705 -22.40 48.84 -15.15
CA ARG A 705 -22.75 47.76 -16.05
C ARG A 705 -23.74 46.82 -15.37
N SER A 706 -24.74 46.37 -16.14
CA SER A 706 -25.82 45.55 -15.58
C SER A 706 -26.37 44.56 -16.61
N SER A 756 -6.81 50.58 -22.46
CA SER A 756 -5.51 50.10 -21.99
C SER A 756 -5.46 48.62 -21.57
N PRO A 757 -6.50 48.11 -20.88
CA PRO A 757 -6.42 46.66 -20.61
C PRO A 757 -6.38 45.81 -21.89
N ILE A 758 -5.46 44.86 -21.93
CA ILE A 758 -5.46 43.82 -22.96
C ILE A 758 -6.82 43.13 -22.92
N PRO A 759 -7.41 42.87 -24.10
CA PRO A 759 -8.64 42.08 -24.14
C PRO A 759 -8.47 40.79 -23.35
N GLN A 760 -9.48 40.44 -22.56
CA GLN A 760 -9.32 39.39 -21.57
C GLN A 760 -9.13 37.99 -22.15
N GLU A 761 -9.68 37.75 -23.34
CA GLU A 761 -9.42 36.51 -24.07
C GLU A 761 -7.91 36.43 -24.37
N LEU A 762 -7.40 37.57 -24.81
CA LEU A 762 -6.01 37.66 -25.19
C LEU A 762 -5.10 37.33 -24.01
N LEU A 763 -5.27 37.95 -22.85
CA LEU A 763 -4.27 37.79 -21.77
C LEU A 763 -4.21 36.39 -21.14
N MET A 764 -5.34 35.67 -21.15
CA MET A 764 -5.31 34.27 -20.73
C MET A 764 -4.54 33.47 -21.78
N LYS A 765 -4.92 33.64 -23.05
CA LYS A 765 -4.18 33.02 -24.14
C LYS A 765 -2.69 33.37 -23.99
N TYR A 766 -2.44 34.57 -23.49
CA TYR A 766 -1.10 35.13 -23.30
C TYR A 766 -0.23 34.40 -22.32
N ILE A 767 -0.60 34.50 -21.05
CA ILE A 767 0.28 33.95 -20.04
C ILE A 767 0.36 32.46 -20.31
N HIS A 768 -0.72 31.85 -20.78
CA HIS A 768 -0.63 30.42 -21.02
C HIS A 768 0.32 30.09 -22.16
N TYR A 769 0.22 30.85 -23.25
CA TYR A 769 1.08 30.65 -24.42
C TYR A 769 2.53 30.69 -24.01
N ALA A 770 2.87 31.66 -23.17
CA ALA A 770 4.25 31.79 -22.77
C ALA A 770 4.65 30.70 -21.76
N ARG A 771 3.67 30.16 -21.03
CA ARG A 771 4.00 29.14 -20.03
C ARG A 771 4.22 27.72 -20.60
N THR A 772 3.83 27.49 -21.84
CA THR A 772 4.14 26.22 -22.50
C THR A 772 5.39 26.34 -23.36
N LYS A 773 5.92 27.55 -23.49
CA LYS A 773 6.99 27.80 -24.45
C LYS A 773 8.21 28.54 -23.89
N ILE A 774 8.04 29.82 -23.56
CA ILE A 774 9.19 30.69 -23.32
C ILE A 774 9.95 30.34 -22.03
N TYR A 775 11.26 30.17 -22.17
CA TYR A 775 12.13 29.70 -21.09
C TYR A 775 13.31 30.64 -20.85
N PRO A 776 13.13 31.61 -19.95
CA PRO A 776 14.08 32.67 -19.57
C PRO A 776 15.35 32.19 -18.87
N LYS A 777 16.47 32.86 -19.16
CA LYS A 777 17.75 32.61 -18.49
C LYS A 777 18.53 33.91 -18.27
N LEU A 778 18.99 34.14 -17.04
CA LEU A 778 19.88 35.27 -16.77
C LEU A 778 21.31 34.98 -17.20
N HIS A 779 22.10 36.03 -17.39
CA HIS A 779 23.55 35.87 -17.56
C HIS A 779 24.30 36.31 -16.30
N GLN A 780 25.32 35.54 -15.91
CA GLN A 780 26.09 35.83 -14.71
C GLN A 780 26.82 37.17 -14.74
N MET A 781 26.90 37.77 -15.93
CA MET A 781 27.66 39.00 -16.13
C MET A 781 27.16 40.17 -15.27
N ASP A 782 25.89 40.50 -15.41
CA ASP A 782 25.32 41.61 -14.63
C ASP A 782 24.65 41.13 -13.34
N MET A 783 24.64 39.82 -13.13
CA MET A 783 23.85 39.24 -12.04
C MET A 783 24.61 38.97 -10.74
N ASP A 784 25.92 39.21 -10.72
CA ASP A 784 26.68 39.20 -9.47
C ASP A 784 26.16 40.35 -8.61
N LYS A 785 25.67 41.35 -9.34
CA LYS A 785 25.12 42.57 -8.77
C LYS A 785 24.07 42.24 -7.71
N VAL A 786 23.32 41.17 -7.91
CA VAL A 786 22.29 40.78 -6.94
C VAL A 786 22.88 39.96 -5.78
N SER A 787 24.11 39.46 -5.94
CA SER A 787 24.76 38.86 -4.78
C SER A 787 25.21 39.97 -3.84
N ARG A 788 25.85 40.99 -4.42
CA ARG A 788 26.30 42.14 -3.64
C ARG A 788 25.13 42.98 -3.08
N VAL A 789 24.10 43.16 -3.90
CA VAL A 789 22.95 43.97 -3.53
C VAL A 789 22.00 43.14 -2.64
N TYR A 790 22.12 41.81 -2.68
CA TYR A 790 21.43 41.02 -1.67
C TYR A 790 22.16 41.17 -0.36
N ALA A 791 23.48 41.22 -0.44
CA ALA A 791 24.27 41.54 0.74
C ALA A 791 23.72 42.84 1.31
N ASP A 792 23.42 43.79 0.42
CA ASP A 792 22.75 45.02 0.85
C ASP A 792 21.33 44.78 1.40
N LEU A 793 20.66 43.73 0.91
CA LEU A 793 19.25 43.48 1.26
C LEU A 793 19.11 42.63 2.52
N ARG A 794 20.25 42.15 3.03
CA ARG A 794 20.25 41.30 4.22
C ARG A 794 21.12 41.78 5.38
N ARG A 795 22.26 42.40 5.08
CA ARG A 795 23.15 42.90 6.14
C ARG A 795 22.41 43.72 7.19
N GLU A 796 21.51 44.59 6.75
CA GLU A 796 20.66 45.34 7.65
C GLU A 796 19.25 44.76 7.79
N SER A 797 19.00 43.60 7.17
CA SER A 797 17.80 42.84 7.51
C SER A 797 17.99 42.32 8.93
N ILE A 798 19.24 42.39 9.40
CA ILE A 798 19.57 42.27 10.81
C ILE A 798 19.09 43.49 11.60
N SER A 799 19.27 44.68 11.03
CA SER A 799 19.09 45.95 11.74
C SER A 799 17.79 46.03 12.53
N THR A 800 16.70 45.52 11.97
CA THR A 800 15.45 45.46 12.70
C THR A 800 14.72 44.13 12.50
N GLY A 801 14.46 43.44 13.61
CA GLY A 801 13.60 42.27 13.61
C GLY A 801 14.11 41.05 12.87
N SER A 802 13.35 39.96 12.94
CA SER A 802 13.69 38.75 12.20
C SER A 802 12.52 37.79 11.93
N PHE A 803 12.64 37.02 10.84
CA PHE A 803 13.45 37.49 9.73
C PHE A 803 12.65 38.49 8.81
N PRO A 804 11.55 38.06 8.14
CA PRO A 804 11.15 36.75 7.57
C PRO A 804 11.84 36.46 6.22
N ILE A 805 13.16 36.65 6.19
CA ILE A 805 14.07 36.21 5.13
C ILE A 805 14.50 34.75 5.25
N THR A 806 14.92 34.17 4.13
CA THR A 806 15.68 32.92 4.10
C THR A 806 16.70 33.02 2.96
N VAL A 807 17.47 31.97 2.74
CA VAL A 807 18.31 31.88 1.57
C VAL A 807 17.41 31.51 0.38
N ARG A 808 16.28 30.89 0.71
CA ARG A 808 15.19 30.69 -0.22
C ARG A 808 14.60 32.01 -0.66
N HIS A 809 14.56 32.96 0.26
CA HIS A 809 14.05 34.29 -0.01
C HIS A 809 14.87 34.94 -1.11
N LEU A 810 16.19 34.75 -1.03
CA LEU A 810 17.09 35.20 -2.09
C LEU A 810 16.86 34.40 -3.36
N GLU A 811 16.76 33.08 -3.22
CA GLU A 811 16.55 32.20 -4.37
C GLU A 811 15.35 32.66 -5.19
N SER A 812 14.32 33.14 -4.51
CA SER A 812 13.03 33.47 -5.11
C SER A 812 13.07 34.68 -6.03
N ILE A 813 14.06 35.54 -5.83
CA ILE A 813 14.14 36.82 -6.54
C ILE A 813 14.28 36.58 -8.05
N LEU A 814 15.15 35.63 -8.37
CA LEU A 814 15.39 35.23 -9.75
C LEU A 814 14.11 34.62 -10.33
N ARG A 815 13.38 33.92 -9.48
CA ARG A 815 12.11 33.31 -9.88
C ARG A 815 11.07 34.39 -10.18
N ILE A 816 11.19 35.52 -9.49
CA ILE A 816 10.31 36.65 -9.77
C ILE A 816 10.69 37.28 -11.11
N ALA A 817 11.98 37.47 -11.36
CA ALA A 817 12.44 38.09 -12.61
C ALA A 817 12.12 37.27 -13.86
N GLU A 818 12.38 35.97 -13.76
CA GLU A 818 12.22 35.05 -14.89
C GLU A 818 10.80 35.10 -15.44
N SER A 819 9.84 35.35 -14.56
CA SER A 819 8.44 35.45 -14.94
C SER A 819 8.20 36.66 -15.85
N PHE A 820 8.66 37.82 -15.41
CA PHE A 820 8.56 39.02 -16.24
C PHE A 820 9.27 38.81 -17.56
N ALA A 821 10.39 38.08 -17.51
CA ALA A 821 11.08 37.71 -18.74
C ALA A 821 10.15 36.91 -19.65
N LYS A 822 9.39 36.00 -19.05
CA LYS A 822 8.40 35.22 -19.80
C LYS A 822 7.27 36.10 -20.35
N MET A 823 6.98 37.22 -19.69
CA MET A 823 5.96 38.16 -20.17
C MET A 823 6.50 39.00 -21.33
N ARG A 824 7.79 39.28 -21.27
CA ARG A 824 8.49 40.04 -22.28
C ARG A 824 8.87 39.09 -23.42
N LEU A 825 8.77 37.80 -23.11
CA LEU A 825 9.13 36.72 -24.03
C LEU A 825 10.54 36.94 -24.58
N SER A 826 11.42 37.46 -23.73
CA SER A 826 12.78 37.79 -24.11
C SER A 826 13.63 36.53 -24.29
N GLU A 827 13.12 35.40 -23.80
CA GLU A 827 13.75 34.09 -23.87
C GLU A 827 14.98 33.99 -22.95
N PHE A 828 15.46 35.15 -22.51
CA PHE A 828 16.52 35.21 -21.51
C PHE A 828 16.45 36.56 -20.83
N VAL A 829 16.96 36.63 -19.60
CA VAL A 829 16.71 37.77 -18.73
C VAL A 829 17.54 39.00 -19.08
N SER A 830 16.85 40.10 -19.39
CA SER A 830 17.47 41.41 -19.49
C SER A 830 17.73 41.94 -18.09
N SER A 831 18.63 42.91 -17.96
CA SER A 831 18.93 43.49 -16.65
C SER A 831 17.70 44.10 -15.98
N TYR A 832 16.90 44.85 -16.74
CA TYR A 832 15.69 45.48 -16.24
C TYR A 832 14.70 44.45 -15.66
N ASP A 833 14.68 43.27 -16.29
CA ASP A 833 13.81 42.18 -15.90
C ASP A 833 14.03 41.86 -14.42
N LEU A 834 15.26 42.08 -13.97
CA LEU A 834 15.55 41.99 -12.54
C LEU A 834 14.94 43.16 -11.78
N ASP A 835 15.18 44.39 -12.26
CA ASP A 835 14.70 45.59 -11.57
C ASP A 835 13.24 45.46 -11.18
N ARG A 836 12.44 44.88 -12.07
CA ARG A 836 11.07 44.47 -11.69
C ARG A 836 11.07 43.64 -10.40
N ALA A 837 11.69 42.47 -10.45
CA ALA A 837 11.72 41.51 -9.34
C ALA A 837 12.22 42.12 -8.04
N ILE A 838 13.44 42.65 -8.11
CA ILE A 838 14.09 43.31 -6.99
C ILE A 838 13.18 44.35 -6.38
N LYS A 839 12.68 45.28 -7.19
CA LYS A 839 11.81 46.33 -6.66
C LYS A 839 10.58 45.75 -5.98
N VAL A 840 10.10 44.61 -6.47
CA VAL A 840 9.00 43.93 -5.79
C VAL A 840 9.41 43.43 -4.41
N VAL A 841 10.51 42.68 -4.36
CA VAL A 841 11.01 42.14 -3.09
C VAL A 841 11.21 43.21 -2.04
N VAL A 842 11.74 44.35 -2.47
CA VAL A 842 12.05 45.45 -1.57
C VAL A 842 10.88 45.77 -0.65
N ASP A 843 9.82 46.36 -1.20
CA ASP A 843 8.68 46.77 -0.39
C ASP A 843 7.81 45.59 0.00
N SER A 844 8.04 44.44 -0.62
CA SER A 844 7.43 43.20 -0.12
C SER A 844 7.91 42.99 1.32
N PHE A 845 9.19 43.25 1.54
CA PHE A 845 9.76 43.21 2.89
C PHE A 845 9.53 44.50 3.71
N VAL A 846 9.65 45.66 3.06
CA VAL A 846 9.65 46.97 3.74
C VAL A 846 8.48 47.48 4.58
N ASP A 847 7.25 47.41 4.08
CA ASP A 847 6.12 47.78 4.91
C ASP A 847 5.67 46.60 5.75
N ALA A 848 6.20 45.42 5.42
CA ALA A 848 6.05 44.25 6.26
C ALA A 848 6.82 44.44 7.56
N GLN A 849 7.77 45.37 7.58
CA GLN A 849 8.42 45.75 8.82
C GLN A 849 7.57 46.78 9.59
N LYS A 850 7.74 46.83 10.90
CA LYS A 850 6.94 47.70 11.75
C LYS A 850 7.35 49.15 11.56
N VAL A 851 6.72 50.07 12.29
CA VAL A 851 6.96 51.51 12.13
C VAL A 851 8.45 51.86 12.15
N SER A 852 9.27 51.00 12.78
CA SER A 852 10.73 51.09 12.67
C SER A 852 11.18 51.06 11.22
N VAL A 853 10.31 50.57 10.34
CA VAL A 853 10.56 50.59 8.90
C VAL A 853 10.79 52.02 8.37
N ARG A 854 10.46 53.01 9.18
CA ARG A 854 10.82 54.39 8.86
C ARG A 854 12.30 54.47 8.52
N ARG A 855 13.12 53.70 9.23
CA ARG A 855 14.53 53.62 8.94
C ARG A 855 14.81 52.69 7.74
N GLN A 856 14.08 51.57 7.73
CA GLN A 856 14.25 50.52 6.73
C GLN A 856 13.98 51.02 5.30
N LEU A 857 13.22 52.11 5.19
CA LEU A 857 13.09 52.76 3.88
C LEU A 857 14.46 53.24 3.43
N ARG A 858 15.05 54.11 4.25
CA ARG A 858 16.25 54.88 3.87
C ARG A 858 17.46 54.02 3.52
N ARG A 859 17.45 52.76 3.95
CA ARG A 859 18.51 51.85 3.56
C ARG A 859 18.32 51.20 2.18
N SER A 860 17.10 50.84 1.82
CA SER A 860 16.89 50.06 0.59
C SER A 860 16.79 50.95 -0.65
N PHE A 861 16.98 52.25 -0.43
CA PHE A 861 16.95 53.25 -1.50
C PHE A 861 17.81 52.89 -2.70
N ALA A 862 19.07 52.52 -2.46
CA ALA A 862 20.01 52.23 -3.53
C ALA A 862 19.60 51.00 -4.32
N ILE A 863 18.59 50.29 -3.82
CA ILE A 863 18.11 49.08 -4.46
C ILE A 863 16.93 49.41 -5.37
N TYR A 864 16.63 50.71 -5.47
CA TYR A 864 15.60 51.19 -6.38
C TYR A 864 15.96 50.82 -7.81
N ASP B 18 3.60 -52.28 -16.01
CA ASP B 18 4.43 -51.78 -14.94
C ASP B 18 5.34 -52.87 -14.37
N ALA B 19 5.97 -53.63 -15.25
CA ALA B 19 6.91 -54.66 -14.83
C ALA B 19 8.03 -54.04 -14.02
N VAL B 20 8.43 -52.84 -14.43
CA VAL B 20 9.49 -52.11 -13.74
C VAL B 20 9.06 -51.77 -12.31
N PHE B 21 7.76 -51.59 -12.09
CA PHE B 21 7.26 -51.29 -10.75
C PHE B 21 7.61 -52.42 -9.80
N GLY B 22 7.46 -53.65 -10.30
CA GLY B 22 7.84 -54.83 -9.56
C GLY B 22 9.35 -54.97 -9.51
N ASP B 23 10.03 -54.44 -10.51
CA ASP B 23 11.49 -54.45 -10.51
C ASP B 23 12.08 -53.57 -9.41
N ARG B 24 11.46 -52.41 -9.16
CA ARG B 24 11.91 -51.52 -8.08
C ARG B 24 11.74 -52.24 -6.76
N VAL B 25 10.63 -52.99 -6.65
CA VAL B 25 10.31 -53.80 -5.46
C VAL B 25 11.27 -54.98 -5.20
N ARG B 26 11.59 -55.77 -6.23
CA ARG B 26 12.55 -56.87 -6.07
C ARG B 26 14.00 -56.40 -6.00
N ARG B 27 14.25 -55.18 -6.44
CA ARG B 27 15.54 -54.53 -6.21
C ARG B 27 15.64 -54.15 -4.72
N PHE B 28 14.56 -53.57 -4.21
CA PHE B 28 14.49 -53.11 -2.82
C PHE B 28 14.22 -54.28 -1.87
N GLN B 29 13.84 -55.43 -2.44
CA GLN B 29 13.48 -56.62 -1.68
C GLN B 29 14.73 -57.17 -1.09
N GLU B 30 15.79 -57.08 -1.87
CA GLU B 30 17.11 -57.43 -1.41
C GLU B 30 17.42 -56.55 -0.21
N PHE B 31 17.03 -55.27 -0.30
CA PHE B 31 17.27 -54.36 0.82
C PHE B 31 16.51 -54.79 2.06
N LEU B 32 15.39 -55.47 1.86
CA LEU B 32 14.68 -56.08 2.98
C LEU B 32 15.57 -57.16 3.56
N ASP B 33 15.80 -57.06 4.87
CA ASP B 33 16.63 -57.99 5.65
C ASP B 33 18.12 -57.82 5.39
N THR B 34 18.49 -57.16 4.29
CA THR B 34 19.89 -56.79 4.09
C THR B 34 20.03 -55.32 3.72
N PHE B 35 20.56 -54.51 4.64
CA PHE B 35 20.73 -54.90 6.04
C PHE B 35 19.36 -54.98 6.74
N THR B 36 19.31 -55.70 7.85
CA THR B 36 18.05 -55.93 8.54
C THR B 36 17.80 -54.93 9.67
N SER B 37 18.68 -53.94 9.79
CA SER B 37 18.64 -53.00 10.91
C SER B 37 17.34 -52.20 11.00
N TYR B 38 16.55 -52.22 9.94
CA TYR B 38 15.22 -51.61 9.98
C TYR B 38 14.16 -52.54 10.56
N ARG B 39 14.31 -53.83 10.26
CA ARG B 39 13.35 -54.84 10.70
C ARG B 39 13.17 -54.86 12.22
N ASP B 40 14.14 -54.31 12.94
CA ASP B 40 14.00 -54.24 14.39
C ASP B 40 12.77 -53.41 14.79
N SER B 41 12.71 -52.18 14.29
CA SER B 41 11.60 -51.30 14.59
C SER B 41 10.33 -51.78 13.88
N VAL B 42 10.50 -52.44 12.74
CA VAL B 42 9.38 -53.02 12.01
C VAL B 42 8.65 -54.03 12.89
N ARG B 43 9.43 -55.01 13.34
CA ARG B 43 8.97 -56.02 14.27
C ARG B 43 8.43 -55.34 15.51
N SER B 44 9.11 -54.29 15.96
CA SER B 44 8.72 -53.58 17.17
C SER B 44 7.31 -53.02 17.06
N ILE B 45 6.98 -52.45 15.91
CA ILE B 45 5.63 -51.99 15.67
C ILE B 45 4.72 -53.21 15.74
N GLN B 46 5.14 -54.25 15.03
CA GLN B 46 4.40 -55.50 14.94
C GLN B 46 4.18 -56.15 16.31
N VAL B 47 4.93 -55.72 17.32
CA VAL B 47 4.82 -56.27 18.68
C VAL B 47 4.09 -55.37 19.67
N TYR B 48 4.51 -54.12 19.76
CA TYR B 48 3.86 -53.13 20.64
C TYR B 48 2.41 -52.87 20.24
N ASN B 49 2.06 -53.08 18.97
CA ASN B 49 0.65 -53.02 18.64
C ASN B 49 -0.13 -54.13 19.37
N SER B 50 0.38 -55.35 19.31
CA SER B 50 -0.25 -56.49 19.95
C SER B 50 -0.07 -56.47 21.47
N ASN B 51 0.87 -55.65 21.93
CA ASN B 51 1.09 -55.45 23.35
C ASN B 51 0.09 -54.45 23.91
N ASN B 52 -0.28 -53.49 23.07
CA ASN B 52 -1.44 -52.68 23.36
C ASN B 52 -2.67 -53.56 23.22
N ALA B 53 -2.55 -54.62 22.42
CA ALA B 53 -3.63 -55.58 22.28
C ALA B 53 -3.68 -56.53 23.48
N ALA B 54 -2.62 -56.51 24.28
CA ALA B 54 -2.61 -57.25 25.54
C ALA B 54 -2.95 -56.34 26.72
N ASN B 55 -3.16 -55.05 26.43
CA ASN B 55 -3.47 -54.06 27.47
C ASN B 55 -4.75 -54.44 28.20
N TYR B 56 -4.72 -54.31 29.53
CA TYR B 56 -5.82 -54.72 30.40
C TYR B 56 -6.13 -56.21 30.23
N ILE B 91 -2.63 -47.80 18.92
CA ILE B 91 -2.11 -46.46 19.19
C ILE B 91 -0.89 -46.19 18.30
N LEU B 92 -0.14 -47.24 17.99
CA LEU B 92 1.04 -47.12 17.13
C LEU B 92 0.71 -46.61 15.74
N PRO B 93 1.52 -45.66 15.25
CA PRO B 93 1.42 -45.25 13.85
C PRO B 93 2.07 -46.28 12.96
N HIS B 94 1.56 -46.45 11.75
CA HIS B 94 2.26 -47.31 10.81
C HIS B 94 3.02 -46.43 9.82
N ARG B 95 4.33 -46.37 10.02
CA ARG B 95 5.28 -45.67 9.13
C ARG B 95 6.66 -45.79 9.77
N ILE B 96 7.71 -45.60 8.97
CA ILE B 96 9.05 -45.84 9.46
C ILE B 96 10.07 -44.82 8.97
N ILE B 97 10.88 -44.31 9.89
CA ILE B 97 11.99 -43.44 9.54
C ILE B 97 13.11 -44.24 8.88
N ILE B 98 13.49 -43.84 7.68
CA ILE B 98 14.57 -44.47 6.95
C ILE B 98 15.66 -43.47 6.65
N SER B 99 16.82 -43.62 7.28
CA SER B 99 17.91 -42.69 6.96
C SER B 99 18.35 -43.00 5.55
N LEU B 100 18.28 -42.00 4.68
CA LEU B 100 18.57 -42.19 3.27
C LEU B 100 20.02 -42.54 3.10
N ASP B 101 20.81 -42.16 4.10
CA ASP B 101 22.24 -42.35 4.12
C ASP B 101 22.67 -43.78 3.77
N ASP B 102 21.87 -44.75 4.18
CA ASP B 102 22.20 -46.15 4.01
C ASP B 102 22.02 -46.63 2.57
N LEU B 103 21.14 -45.97 1.83
CA LEU B 103 20.67 -46.52 0.56
C LEU B 103 21.70 -46.39 -0.55
N ARG B 104 22.61 -45.45 -0.40
CA ARG B 104 23.72 -45.32 -1.34
C ARG B 104 24.65 -46.51 -1.24
N GLU B 105 24.46 -47.33 -0.19
CA GLU B 105 25.31 -48.48 0.03
C GLU B 105 24.79 -49.71 -0.69
N PHE B 106 23.65 -49.56 -1.36
CA PHE B 106 23.10 -50.65 -2.17
C PHE B 106 23.00 -50.23 -3.64
N ASP B 107 22.03 -49.38 -3.94
CA ASP B 107 21.86 -48.88 -5.30
C ASP B 107 21.84 -47.37 -5.32
N ARG B 108 22.86 -46.78 -5.93
CA ARG B 108 22.89 -45.35 -6.17
C ARG B 108 21.92 -45.08 -7.30
N SER B 109 21.90 -46.01 -8.25
CA SER B 109 21.01 -45.97 -9.39
C SER B 109 19.56 -45.96 -8.96
N PHE B 110 19.25 -46.62 -7.86
CA PHE B 110 17.94 -46.49 -7.25
C PHE B 110 17.87 -45.25 -6.36
N TRP B 111 18.97 -44.96 -5.66
CA TRP B 111 19.04 -43.82 -4.74
C TRP B 111 18.53 -42.55 -5.36
N SER B 112 19.16 -42.10 -6.44
CA SER B 112 18.90 -40.77 -6.96
C SER B 112 17.43 -40.56 -7.27
N GLY B 113 16.84 -41.50 -8.00
CA GLY B 113 15.45 -41.39 -8.42
C GLY B 113 14.45 -41.24 -7.30
N ILE B 114 14.76 -41.81 -6.13
CA ILE B 114 13.90 -41.69 -4.95
C ILE B 114 13.60 -40.22 -4.68
N LEU B 115 14.62 -39.39 -4.83
CA LEU B 115 14.42 -37.95 -4.81
C LEU B 115 13.85 -37.48 -6.14
N VAL B 116 14.46 -37.93 -7.24
CA VAL B 116 14.14 -37.47 -8.59
C VAL B 116 12.69 -37.71 -8.99
N GLU B 117 12.33 -38.97 -9.20
CA GLU B 117 10.99 -39.31 -9.65
C GLU B 117 10.35 -40.30 -8.71
N PRO B 118 10.00 -39.85 -7.50
CA PRO B 118 9.43 -40.67 -6.44
C PRO B 118 8.13 -41.33 -6.89
N ALA B 119 7.38 -40.71 -7.79
CA ALA B 119 6.16 -41.32 -8.29
C ALA B 119 6.43 -42.69 -8.92
N TYR B 120 7.63 -42.85 -9.48
CA TYR B 120 8.02 -44.09 -10.13
C TYR B 120 8.79 -45.06 -9.23
N PHE B 121 9.15 -44.60 -8.03
CA PHE B 121 10.07 -45.34 -7.16
C PHE B 121 9.48 -45.59 -5.77
N ILE B 122 9.12 -44.52 -5.08
CA ILE B 122 8.53 -44.62 -3.76
C ILE B 122 7.27 -45.51 -3.66
N PRO B 123 6.37 -45.54 -4.68
CA PRO B 123 5.26 -46.45 -4.33
C PRO B 123 5.56 -47.97 -4.31
N PRO B 124 6.44 -48.51 -5.13
CA PRO B 124 6.74 -49.92 -4.92
C PRO B 124 7.57 -50.23 -3.67
N ALA B 125 8.43 -49.30 -3.23
CA ALA B 125 9.19 -49.52 -1.99
C ALA B 125 8.26 -49.34 -0.81
N GLU B 126 7.26 -48.50 -1.02
CA GLU B 126 6.16 -48.29 -0.09
C GLU B 126 5.44 -49.61 0.07
N LYS B 127 5.18 -50.20 -1.09
CA LYS B 127 4.56 -51.51 -1.17
C LYS B 127 5.48 -52.52 -0.51
N ALA B 128 6.78 -52.23 -0.54
CA ALA B 128 7.76 -53.17 -0.01
C ALA B 128 7.72 -53.18 1.52
N LEU B 129 7.53 -52.02 2.13
CA LEU B 129 7.37 -51.99 3.58
C LEU B 129 6.19 -52.88 3.98
N THR B 130 5.05 -52.68 3.34
CA THR B 130 3.84 -53.43 3.63
C THR B 130 4.02 -54.91 3.34
N ASP B 131 4.70 -55.20 2.23
CA ASP B 131 4.94 -56.55 1.75
C ASP B 131 5.69 -57.33 2.81
N LEU B 132 6.84 -56.78 3.17
CA LEU B 132 7.67 -57.30 4.25
C LEU B 132 6.89 -57.51 5.52
N ALA B 133 6.40 -56.40 6.09
CA ALA B 133 5.70 -56.44 7.36
C ALA B 133 4.57 -57.46 7.34
N ASP B 134 3.94 -57.65 6.18
CA ASP B 134 2.93 -58.67 6.01
C ASP B 134 3.54 -60.06 6.09
N SER B 135 4.74 -60.22 5.55
CA SER B 135 5.43 -61.49 5.67
C SER B 135 5.77 -61.80 7.13
N MET B 136 5.79 -60.76 7.98
CA MET B 136 5.97 -60.93 9.42
C MET B 136 4.71 -61.46 10.13
N ASP B 137 4.92 -61.98 11.33
CA ASP B 137 3.83 -62.45 12.17
C ASP B 137 3.20 -61.17 12.69
N ASP B 138 1.94 -61.22 13.09
CA ASP B 138 1.14 -62.44 13.11
C ASP B 138 -0.25 -62.10 12.59
N VAL B 139 -1.03 -63.12 12.26
CA VAL B 139 -2.37 -62.88 11.76
C VAL B 139 -3.09 -62.10 12.85
N PRO B 140 -2.83 -62.47 14.10
CA PRO B 140 -3.43 -61.77 15.24
C PRO B 140 -2.62 -60.59 15.77
N HIS B 151 -3.21 -52.93 6.58
CA HIS B 151 -3.09 -51.48 6.53
C HIS B 151 -1.94 -51.07 5.59
N PRO B 152 -2.16 -50.03 4.77
CA PRO B 152 -1.28 -49.49 3.73
C PRO B 152 0.09 -48.93 4.18
N TRP B 153 0.28 -48.72 5.47
CA TRP B 153 1.46 -48.07 6.06
C TRP B 153 1.80 -46.70 5.44
N LYS B 154 3.10 -46.36 5.39
CA LYS B 154 3.62 -45.03 5.04
C LYS B 154 5.15 -44.96 5.18
N LEU B 155 5.74 -43.81 4.82
CA LEU B 155 7.18 -43.57 5.02
C LEU B 155 7.51 -42.12 5.41
N SER B 156 8.79 -41.87 5.74
CA SER B 156 9.28 -40.53 6.07
C SER B 156 10.62 -40.19 5.38
N PHE B 157 11.61 -41.00 5.73
CA PHE B 157 13.06 -40.78 5.69
C PHE B 157 13.63 -39.67 6.60
N LYS B 158 14.80 -39.12 6.24
CA LYS B 158 15.52 -38.22 7.15
C LYS B 158 16.24 -37.03 6.53
N GLY B 159 17.34 -37.34 5.85
CA GLY B 159 18.27 -36.42 5.21
C GLY B 159 19.34 -36.00 6.21
N SER B 160 20.63 -35.94 5.84
CA SER B 160 21.28 -36.51 4.63
C SER B 160 20.88 -35.92 3.28
N PHE B 161 20.88 -34.59 3.19
CA PHE B 161 20.60 -33.90 1.94
C PHE B 161 21.73 -32.89 1.64
N GLY B 162 21.73 -32.22 0.48
CA GLY B 162 20.86 -32.51 -0.65
C GLY B 162 20.81 -31.40 -1.68
N ALA B 163 19.99 -31.62 -2.69
CA ALA B 163 19.87 -30.72 -3.82
C ALA B 163 18.88 -29.53 -3.63
N HIS B 164 17.58 -29.69 -3.32
CA HIS B 164 16.86 -30.67 -2.46
C HIS B 164 17.27 -30.52 -1.01
N ALA B 165 18.20 -29.60 -0.76
CA ALA B 165 18.47 -29.14 0.60
C ALA B 165 17.66 -27.89 0.92
N LEU B 166 16.99 -27.34 -0.10
CA LEU B 166 16.57 -25.95 -0.09
C LEU B 166 15.50 -25.52 0.92
N SER B 167 15.48 -24.22 1.16
CA SER B 167 14.50 -23.52 2.01
C SER B 167 13.28 -23.07 1.18
N PRO B 168 12.13 -22.81 1.83
CA PRO B 168 10.89 -22.52 1.08
C PRO B 168 10.93 -21.24 0.29
N ARG B 169 11.86 -20.36 0.64
CA ARG B 169 12.03 -19.09 -0.05
C ARG B 169 12.10 -19.25 -1.56
N THR B 170 12.70 -20.36 -1.99
CA THR B 170 12.78 -20.68 -3.41
C THR B 170 12.19 -22.07 -3.70
N LEU B 171 11.66 -22.23 -4.91
CA LEU B 171 11.28 -23.55 -5.40
C LEU B 171 11.04 -23.50 -6.92
N THR B 172 10.66 -24.66 -7.44
CA THR B 172 10.49 -25.00 -8.85
C THR B 172 11.80 -24.64 -9.61
N ALA B 173 11.83 -24.52 -10.94
CA ALA B 173 11.06 -25.40 -11.83
C ALA B 173 11.41 -26.87 -11.59
N GLN B 174 12.68 -27.20 -11.75
CA GLN B 174 13.17 -28.56 -11.61
C GLN B 174 12.89 -29.10 -10.22
N HIS B 175 12.90 -28.21 -9.24
CA HIS B 175 12.67 -28.59 -7.85
C HIS B 175 11.33 -29.28 -7.66
N LEU B 176 10.40 -29.01 -8.57
CA LEU B 176 9.10 -29.67 -8.57
C LEU B 176 9.24 -31.16 -8.87
N ASN B 177 8.24 -31.93 -8.44
CA ASN B 177 8.11 -33.36 -8.74
C ASN B 177 9.24 -34.17 -8.18
N LYS B 178 9.85 -33.65 -7.13
CA LYS B 178 10.99 -34.30 -6.54
C LYS B 178 10.88 -34.28 -5.03
N LEU B 179 11.45 -35.29 -4.38
CA LEU B 179 11.53 -35.29 -2.93
C LEU B 179 12.40 -34.13 -2.48
N VAL B 180 11.91 -33.41 -1.48
CA VAL B 180 12.59 -32.23 -0.96
C VAL B 180 12.38 -32.10 0.55
N SER B 181 13.43 -31.67 1.24
CA SER B 181 13.31 -31.15 2.61
C SER B 181 13.24 -29.63 2.59
N VAL B 182 12.19 -29.09 3.19
CA VAL B 182 11.93 -27.66 3.22
C VAL B 182 11.40 -27.21 4.58
N GLU B 183 12.08 -26.25 5.20
CA GLU B 183 11.90 -25.94 6.62
C GLU B 183 11.28 -24.57 6.91
N GLY B 184 10.69 -24.42 8.09
CA GLY B 184 10.25 -23.09 8.52
C GLY B 184 9.05 -22.93 9.45
N ILE B 185 8.65 -21.67 9.57
CA ILE B 185 7.50 -21.23 10.37
C ILE B 185 6.19 -21.89 9.92
N VAL B 186 5.40 -22.37 10.87
CA VAL B 186 4.10 -22.94 10.54
C VAL B 186 2.97 -21.90 10.68
N THR B 187 2.35 -21.56 9.55
CA THR B 187 1.19 -20.66 9.54
C THR B 187 0.45 -20.97 8.24
N LYS B 188 -0.86 -20.76 8.16
CA LYS B 188 -1.71 -20.33 9.27
C LYS B 188 -2.42 -21.50 9.94
N THR B 189 -2.04 -22.72 9.57
CA THR B 189 -2.71 -23.95 10.03
C THR B 189 -4.17 -24.02 9.59
N SER B 190 -4.36 -24.34 8.30
CA SER B 190 -5.67 -24.73 7.82
C SER B 190 -6.15 -25.87 8.71
N LEU B 191 -7.33 -25.71 9.29
CA LEU B 191 -7.79 -26.63 10.32
C LEU B 191 -8.26 -27.98 9.77
N VAL B 192 -8.30 -28.96 10.67
CA VAL B 192 -8.56 -30.36 10.36
C VAL B 192 -9.96 -30.71 9.87
N ARG B 193 -10.03 -31.51 8.81
CA ARG B 193 -11.22 -32.29 8.52
C ARG B 193 -10.86 -33.68 7.99
N PRO B 194 -11.58 -34.72 8.44
CA PRO B 194 -11.34 -36.07 7.94
C PRO B 194 -11.80 -36.24 6.49
N LYS B 195 -11.22 -37.19 5.78
CA LYS B 195 -11.38 -37.29 4.33
C LYS B 195 -11.75 -38.70 3.86
N LEU B 196 -12.53 -38.79 2.79
CA LEU B 196 -12.99 -40.07 2.24
C LEU B 196 -12.00 -40.70 1.27
N ILE B 197 -11.76 -42.01 1.45
CA ILE B 197 -10.87 -42.75 0.56
C ILE B 197 -11.47 -44.03 0.00
N ARG B 198 -11.75 -45.01 0.85
CA ARG B 198 -12.29 -46.27 0.38
C ARG B 198 -13.79 -46.36 0.62
N SER B 199 -14.52 -46.90 -0.35
CA SER B 199 -15.97 -47.10 -0.24
C SER B 199 -16.25 -48.56 -0.02
N VAL B 200 -17.29 -48.88 0.75
CA VAL B 200 -17.71 -50.28 0.98
C VAL B 200 -19.23 -50.33 1.23
N HIS B 201 -19.85 -51.43 0.80
CA HIS B 201 -21.31 -51.63 0.83
C HIS B 201 -21.67 -53.10 1.01
N TYR B 202 -22.84 -53.41 1.55
CA TYR B 202 -23.25 -54.81 1.73
C TYR B 202 -24.53 -55.15 0.96
N ALA B 203 -24.45 -56.08 0.03
CA ALA B 203 -25.62 -56.50 -0.75
C ALA B 203 -26.51 -57.46 0.02
N ALA B 204 -27.79 -57.51 -0.34
CA ALA B 204 -28.72 -58.49 0.21
C ALA B 204 -29.85 -58.72 -0.79
N LYS B 205 -30.48 -59.91 -0.81
CA LYS B 205 -30.10 -61.06 0.01
C LYS B 205 -28.89 -61.80 -0.53
N THR B 206 -28.40 -61.38 -1.70
CA THR B 206 -27.22 -62.00 -2.32
C THR B 206 -26.00 -61.89 -1.40
N GLY B 207 -26.09 -61.03 -0.40
CA GLY B 207 -25.09 -60.94 0.63
C GLY B 207 -23.74 -60.43 0.16
N ARG B 208 -22.74 -61.27 0.40
CA ARG B 208 -21.33 -60.98 0.17
C ARG B 208 -20.83 -59.72 0.88
N PHE B 209 -19.84 -59.08 0.27
CA PHE B 209 -19.30 -57.81 0.72
C PHE B 209 -18.78 -57.11 -0.53
N HIS B 210 -19.13 -55.83 -0.68
CA HIS B 210 -18.91 -55.10 -1.92
C HIS B 210 -18.09 -53.85 -1.61
N TYR B 211 -17.29 -53.35 -2.55
CA TYR B 211 -16.51 -52.15 -2.26
C TYR B 211 -15.99 -51.40 -3.49
N ARG B 212 -15.56 -50.15 -3.26
CA ARG B 212 -14.88 -49.30 -4.22
C ARG B 212 -13.63 -48.73 -3.55
N ASP B 213 -12.71 -48.15 -4.33
CA ASP B 213 -11.56 -47.43 -3.77
C ASP B 213 -11.45 -46.04 -4.41
N TYR B 214 -11.69 -44.98 -3.65
CA TYR B 214 -11.66 -43.62 -4.20
C TYR B 214 -10.29 -42.99 -4.04
N THR B 215 -9.84 -42.29 -5.09
CA THR B 215 -8.52 -41.67 -5.08
C THR B 215 -8.58 -40.20 -5.50
N ASP B 216 -8.23 -39.32 -4.57
CA ASP B 216 -8.09 -37.89 -4.83
C ASP B 216 -6.75 -37.61 -5.52
N ALA B 217 -6.67 -36.49 -6.23
CA ALA B 217 -5.39 -36.06 -6.79
C ALA B 217 -4.33 -35.91 -5.70
N THR B 218 -4.78 -35.61 -4.48
CA THR B 218 -3.88 -35.43 -3.35
C THR B 218 -3.38 -36.74 -2.77
N THR B 219 -4.13 -37.82 -2.95
CA THR B 219 -3.67 -39.12 -2.43
C THR B 219 -2.60 -39.71 -3.34
N THR B 220 -1.73 -40.52 -2.74
CA THR B 220 -0.59 -41.11 -3.43
C THR B 220 0.21 -40.04 -4.17
N LEU B 221 0.67 -40.39 -5.35
CA LEU B 221 1.38 -39.47 -6.23
C LEU B 221 0.80 -39.55 -7.63
N THR B 222 0.90 -40.75 -8.20
CA THR B 222 0.58 -41.01 -9.60
C THR B 222 -0.76 -40.46 -10.05
N THR B 223 -0.77 -39.89 -11.24
CA THR B 223 -2.00 -39.43 -11.86
C THR B 223 -2.93 -40.61 -12.10
N ARG B 224 -4.19 -40.40 -11.75
CA ARG B 224 -5.20 -41.43 -11.94
C ARG B 224 -6.53 -40.79 -12.32
N ILE B 225 -7.36 -41.59 -13.00
CA ILE B 225 -8.67 -41.20 -13.49
C ILE B 225 -9.50 -40.58 -12.36
N PRO B 226 -10.33 -39.58 -12.67
CA PRO B 226 -11.16 -38.88 -11.69
C PRO B 226 -12.18 -39.77 -11.03
N THR B 227 -11.70 -40.55 -10.06
CA THR B 227 -12.55 -41.38 -9.23
C THR B 227 -13.85 -40.74 -8.67
N PRO B 228 -13.74 -39.56 -8.08
CA PRO B 228 -14.87 -38.87 -7.44
C PRO B 228 -16.01 -38.36 -8.34
N ALA B 229 -17.22 -38.24 -7.79
CA ALA B 229 -17.50 -38.61 -6.39
C ALA B 229 -18.95 -39.04 -6.11
N ILE B 230 -19.15 -40.36 -6.03
CA ILE B 230 -20.45 -40.93 -5.75
C ILE B 230 -20.31 -42.36 -5.24
N TYR B 231 -21.26 -42.82 -4.43
CA TYR B 231 -21.23 -44.19 -3.93
C TYR B 231 -21.65 -45.09 -5.10
N PRO B 232 -21.09 -46.28 -5.20
CA PRO B 232 -21.49 -47.15 -6.32
C PRO B 232 -23.00 -47.39 -6.36
N THR B 233 -23.63 -47.64 -5.20
CA THR B 233 -25.09 -47.57 -5.10
C THR B 233 -25.84 -48.51 -6.05
N GLU B 234 -26.04 -49.75 -5.59
CA GLU B 234 -26.82 -50.79 -6.30
C GLU B 234 -26.18 -51.33 -7.59
N ASP B 235 -24.92 -51.74 -7.48
CA ASP B 235 -24.23 -52.46 -8.56
C ASP B 235 -24.96 -53.73 -8.99
N THR B 236 -24.97 -54.01 -10.29
CA THR B 236 -25.73 -55.10 -10.89
C THR B 236 -25.42 -56.49 -10.31
N GLU B 237 -26.45 -57.30 -10.08
CA GLU B 237 -27.85 -56.92 -10.28
C GLU B 237 -28.28 -55.97 -9.17
N GLY B 238 -29.39 -55.27 -9.37
CA GLY B 238 -29.64 -53.98 -8.75
C GLY B 238 -29.74 -53.94 -7.24
N ASN B 239 -29.29 -55.01 -6.57
CA ASN B 239 -29.42 -55.15 -5.12
C ASN B 239 -28.99 -53.94 -4.30
N LYS B 240 -29.77 -53.65 -3.27
CA LYS B 240 -29.50 -52.53 -2.37
C LYS B 240 -28.12 -52.63 -1.75
N LEU B 241 -27.43 -51.50 -1.65
CA LEU B 241 -26.10 -51.46 -1.09
C LEU B 241 -25.98 -50.36 -0.04
N THR B 242 -25.74 -50.75 1.20
CA THR B 242 -25.64 -49.79 2.30
C THR B 242 -24.20 -49.40 2.55
N THR B 243 -23.98 -48.13 2.87
CA THR B 243 -22.66 -47.66 3.22
C THR B 243 -22.06 -48.53 4.30
N GLU B 244 -20.78 -48.87 4.18
CA GLU B 244 -20.15 -49.52 5.31
C GLU B 244 -19.39 -48.43 6.03
N TYR B 245 -19.97 -48.02 7.14
CA TYR B 245 -19.40 -46.99 7.98
C TYR B 245 -18.88 -47.74 9.18
N GLY B 246 -17.65 -47.45 9.58
CA GLY B 246 -17.01 -48.23 10.61
C GLY B 246 -16.30 -49.37 9.94
N TYR B 247 -16.36 -49.36 8.62
CA TYR B 247 -15.53 -50.25 7.85
C TYR B 247 -14.66 -49.47 6.88
N SER B 248 -15.30 -48.84 5.90
CA SER B 248 -14.58 -48.17 4.81
C SER B 248 -13.62 -47.12 5.33
N THR B 249 -12.50 -46.93 4.61
CA THR B 249 -11.38 -46.16 5.12
C THR B 249 -11.51 -44.66 4.97
N PHE B 250 -11.22 -43.95 6.07
CA PHE B 250 -11.08 -42.50 6.04
C PHE B 250 -9.78 -42.08 6.69
N ILE B 251 -8.86 -41.55 5.90
CA ILE B 251 -7.66 -40.93 6.44
C ILE B 251 -7.92 -39.43 6.53
N ASP B 252 -7.54 -38.83 7.64
CA ASP B 252 -7.66 -37.40 7.80
C ASP B 252 -6.63 -36.69 6.91
N HIS B 253 -7.00 -35.50 6.44
CA HIS B 253 -6.18 -34.75 5.51
C HIS B 253 -6.05 -33.30 5.99
N GLN B 254 -4.97 -32.63 5.60
CA GLN B 254 -4.82 -31.21 5.91
C GLN B 254 -3.89 -30.52 4.91
N ARG B 255 -3.92 -29.19 4.86
CA ARG B 255 -2.96 -28.44 4.06
C ARG B 255 -2.33 -27.33 4.90
N ILE B 256 -1.04 -27.46 5.17
CA ILE B 256 -0.36 -26.53 6.07
C ILE B 256 0.75 -25.75 5.40
N THR B 257 0.54 -24.45 5.24
CA THR B 257 1.56 -23.58 4.67
C THR B 257 2.72 -23.43 5.63
N VAL B 258 3.87 -23.08 5.08
CA VAL B 258 5.04 -22.78 5.88
C VAL B 258 5.71 -21.53 5.33
N GLN B 259 5.81 -20.51 6.19
CA GLN B 259 6.50 -19.26 5.92
C GLN B 259 7.98 -19.42 6.21
N GLU B 260 8.84 -19.00 5.28
CA GLU B 260 10.26 -19.03 5.54
C GLU B 260 10.56 -18.07 6.68
N MET B 261 11.65 -18.35 7.39
CA MET B 261 12.04 -17.53 8.52
C MET B 261 12.18 -16.08 8.09
N PRO B 262 11.52 -15.17 8.81
CA PRO B 262 11.49 -13.75 8.44
C PRO B 262 12.87 -13.10 8.50
N GLU B 263 13.67 -13.48 9.49
CA GLU B 263 14.98 -12.87 9.68
C GLU B 263 15.98 -13.31 8.61
N MET B 264 15.76 -14.48 8.02
CA MET B 264 16.67 -14.98 6.99
C MET B 264 16.23 -14.50 5.62
N ALA B 265 15.18 -13.67 5.58
CA ALA B 265 14.75 -13.05 4.34
C ALA B 265 15.87 -12.16 3.78
N PRO B 266 16.11 -12.24 2.47
CA PRO B 266 17.25 -11.65 1.76
C PRO B 266 17.24 -10.12 1.76
N ALA B 267 16.06 -9.54 1.61
CA ALA B 267 15.93 -8.11 1.38
C ALA B 267 14.57 -7.65 1.84
N GLY B 268 14.20 -6.44 1.44
CA GLY B 268 12.89 -5.89 1.76
C GLY B 268 11.74 -6.77 1.31
N GLN B 269 12.02 -7.73 0.44
CA GLN B 269 11.00 -8.67 0.00
C GLN B 269 10.46 -9.48 1.17
N LEU B 270 9.14 -9.62 1.20
CA LEU B 270 8.41 -10.20 2.33
C LEU B 270 8.51 -11.73 2.38
N PRO B 271 8.13 -12.34 3.52
CA PRO B 271 8.07 -13.81 3.61
C PRO B 271 6.99 -14.45 2.76
N ARG B 272 7.34 -15.52 2.06
CA ARG B 272 6.38 -16.29 1.27
C ARG B 272 6.21 -17.73 1.75
N SER B 273 5.04 -18.03 2.30
CA SER B 273 4.71 -19.38 2.71
C SER B 273 4.25 -20.25 1.56
N ILE B 274 4.46 -21.56 1.66
CA ILE B 274 3.78 -22.48 0.74
C ILE B 274 3.20 -23.70 1.45
N ASP B 275 2.08 -24.19 0.95
CA ASP B 275 1.35 -25.27 1.60
C ASP B 275 2.00 -26.64 1.42
N VAL B 276 1.77 -27.51 2.39
CA VAL B 276 2.21 -28.90 2.36
C VAL B 276 1.10 -29.77 2.93
N ILE B 277 0.68 -30.78 2.17
CA ILE B 277 -0.44 -31.61 2.63
C ILE B 277 0.01 -32.65 3.64
N LEU B 278 -0.77 -32.76 4.71
CA LEU B 278 -0.51 -33.68 5.80
C LEU B 278 -1.58 -34.76 5.86
N ASP B 279 -1.16 -35.99 5.61
CA ASP B 279 -2.07 -37.14 5.63
C ASP B 279 -1.75 -38.05 6.79
N ASP B 280 -2.78 -38.77 7.25
CA ASP B 280 -2.65 -39.73 8.34
C ASP B 280 -2.14 -39.07 9.61
N ASP B 281 -0.97 -39.50 10.06
CA ASP B 281 -0.43 -39.05 11.33
C ASP B 281 -0.08 -37.57 11.36
N LEU B 282 0.43 -37.04 10.24
CA LEU B 282 1.05 -35.71 10.18
C LEU B 282 0.18 -34.60 10.76
N VAL B 283 -1.12 -34.80 10.71
CA VAL B 283 -2.08 -33.89 11.30
C VAL B 283 -1.99 -33.89 12.83
N ASP B 284 -2.14 -32.70 13.42
CA ASP B 284 -2.20 -32.53 14.88
C ASP B 284 -0.82 -32.72 15.51
N LYS B 285 0.16 -33.08 14.67
CA LYS B 285 1.54 -33.19 15.12
C LYS B 285 2.10 -31.82 15.43
N THR B 286 1.70 -30.83 14.64
CA THR B 286 2.32 -29.51 14.69
C THR B 286 1.33 -28.35 14.68
N LYS B 287 1.48 -27.47 15.67
CA LYS B 287 0.68 -26.24 15.76
C LYS B 287 1.31 -25.14 14.90
N PRO B 288 0.57 -24.04 14.66
CA PRO B 288 1.20 -22.95 13.92
C PRO B 288 2.35 -22.30 14.68
N GLY B 289 3.26 -21.63 13.96
CA GLY B 289 4.33 -20.88 14.59
C GLY B 289 5.60 -21.66 14.87
N ASP B 290 5.52 -22.98 14.81
CA ASP B 290 6.66 -23.83 15.12
C ASP B 290 7.65 -23.89 13.96
N ARG B 291 8.93 -24.00 14.29
CA ARG B 291 9.94 -24.23 13.27
C ARG B 291 9.93 -25.71 12.90
N VAL B 292 9.68 -26.01 11.63
CA VAL B 292 9.63 -27.41 11.23
C VAL B 292 10.27 -27.71 9.89
N ASN B 293 11.18 -28.68 9.87
CA ASN B 293 11.66 -29.21 8.60
C ASN B 293 10.58 -30.15 8.08
N VAL B 294 10.01 -29.78 6.93
CA VAL B 294 8.93 -30.54 6.29
C VAL B 294 9.45 -31.16 4.99
N VAL B 295 9.46 -32.49 4.94
CA VAL B 295 10.01 -33.19 3.79
C VAL B 295 8.85 -33.89 3.08
N GLY B 296 9.01 -34.12 1.78
CA GLY B 296 7.99 -34.82 1.01
C GLY B 296 8.20 -34.57 -0.46
N VAL B 297 7.23 -34.92 -1.29
CA VAL B 297 7.39 -34.74 -2.72
C VAL B 297 6.52 -33.62 -3.26
N PHE B 298 7.09 -32.75 -4.08
CA PHE B 298 6.36 -31.56 -4.49
C PHE B 298 5.55 -31.88 -5.73
N LYS B 299 4.24 -31.92 -5.55
CA LYS B 299 3.36 -32.34 -6.62
C LYS B 299 3.08 -31.18 -7.56
N SER B 300 3.03 -31.49 -8.84
CA SER B 300 2.39 -30.59 -9.79
C SER B 300 0.92 -30.91 -9.74
N LEU B 301 0.09 -29.95 -9.37
CA LEU B 301 -1.32 -30.28 -9.20
C LEU B 301 -2.22 -29.36 -9.99
N GLY B 302 -3.38 -29.90 -10.35
CA GLY B 302 -4.44 -29.12 -10.93
C GLY B 302 -4.31 -28.86 -12.41
N ALA B 303 -5.44 -28.53 -13.01
CA ALA B 303 -5.48 -28.12 -14.40
C ALA B 303 -4.78 -26.78 -14.59
N GLY B 304 -4.32 -26.52 -15.82
CA GLY B 304 -3.59 -25.31 -16.10
C GLY B 304 -4.45 -24.14 -16.55
N GLY B 305 -5.73 -24.20 -16.20
CA GLY B 305 -6.70 -23.25 -16.70
C GLY B 305 -7.11 -23.69 -18.09
N MET B 306 -6.44 -24.72 -18.57
CA MET B 306 -6.65 -25.26 -19.90
C MET B 306 -7.56 -26.48 -19.88
N ASN B 307 -8.01 -26.88 -18.68
CA ASN B 307 -9.01 -27.92 -18.52
C ASN B 307 -10.26 -27.56 -19.29
N GLN B 308 -10.56 -26.27 -19.25
CA GLN B 308 -11.78 -25.73 -19.80
C GLN B 308 -11.44 -24.46 -20.57
N SER B 309 -12.47 -23.78 -21.07
CA SER B 309 -12.29 -22.49 -21.71
C SER B 309 -11.91 -21.44 -20.67
N ASN B 310 -12.14 -21.77 -19.40
CA ASN B 310 -11.86 -20.85 -18.30
C ASN B 310 -10.57 -21.21 -17.55
N SER B 311 -9.72 -20.23 -17.36
CA SER B 311 -9.96 -18.88 -17.86
C SER B 311 -8.89 -18.58 -18.88
N ASN B 312 -9.14 -17.62 -19.76
CA ASN B 312 -8.14 -17.34 -20.77
C ASN B 312 -7.20 -16.32 -20.16
N THR B 313 -6.02 -16.81 -19.78
CA THR B 313 -5.13 -16.15 -18.83
C THR B 313 -3.80 -16.88 -18.73
N LEU B 314 -2.84 -16.20 -18.13
CA LEU B 314 -1.50 -16.73 -17.91
C LEU B 314 -1.43 -17.58 -16.63
N ILE B 315 -2.14 -17.14 -15.59
CA ILE B 315 -2.00 -17.70 -14.24
C ILE B 315 -2.44 -19.16 -14.14
N GLY B 316 -1.85 -19.88 -13.19
CA GLY B 316 -2.24 -21.26 -12.94
C GLY B 316 -1.23 -22.10 -12.18
N PHE B 317 -1.61 -23.35 -11.93
CA PHE B 317 -0.77 -24.36 -11.29
C PHE B 317 -0.32 -24.03 -9.86
N LYS B 318 -1.27 -23.67 -9.00
CA LYS B 318 -1.00 -23.65 -7.58
C LYS B 318 -0.56 -25.05 -7.19
N THR B 319 0.45 -25.17 -6.34
CA THR B 319 1.04 -26.47 -6.03
C THR B 319 1.57 -26.59 -4.61
N LEU B 320 1.73 -27.82 -4.13
CA LEU B 320 2.17 -28.07 -2.76
C LEU B 320 3.02 -29.35 -2.65
N ILE B 321 3.31 -29.76 -1.42
CA ILE B 321 4.13 -30.95 -1.17
C ILE B 321 3.44 -32.05 -0.35
N LEU B 322 3.34 -33.24 -0.94
CA LEU B 322 2.80 -34.43 -0.27
C LEU B 322 3.77 -35.17 0.64
N GLY B 323 3.24 -35.96 1.57
CA GLY B 323 4.06 -36.64 2.57
C GLY B 323 4.48 -35.59 3.58
N ASN B 324 5.61 -35.76 4.26
CA ASN B 324 6.32 -37.03 4.41
C ASN B 324 6.75 -37.20 5.87
N THR B 325 7.62 -36.29 6.35
CA THR B 325 8.16 -36.34 7.74
C THR B 325 7.81 -35.26 8.80
N VAL B 326 7.97 -33.98 8.46
CA VAL B 326 7.67 -32.85 9.38
C VAL B 326 8.30 -32.68 10.80
N TYR B 327 9.63 -32.80 10.93
CA TYR B 327 10.33 -32.64 12.21
C TYR B 327 10.29 -31.22 12.76
N PRO B 328 10.05 -31.07 14.07
CA PRO B 328 10.19 -29.77 14.74
C PRO B 328 11.65 -29.44 15.00
N LEU B 329 11.98 -28.15 15.15
CA LEU B 329 13.38 -27.78 15.40
C LEU B 329 13.51 -26.54 16.29
N HIS B 330 14.76 -26.18 16.59
CA HIS B 330 15.06 -25.03 17.44
C HIS B 330 16.27 -24.26 16.92
N ARG B 339 13.83 -29.66 23.85
CA ARG B 339 12.77 -30.62 24.10
C ARG B 339 12.92 -31.33 25.47
N GLN B 340 14.05 -32.00 25.80
CA GLN B 340 15.17 -32.34 24.92
C GLN B 340 15.77 -33.70 25.29
N MET B 341 16.87 -34.03 24.61
CA MET B 341 17.53 -35.32 24.74
C MET B 341 18.66 -35.25 25.77
N LEU B 342 18.44 -35.86 26.92
CA LEU B 342 19.38 -35.74 28.03
C LEU B 342 20.34 -36.92 28.27
N THR B 343 20.15 -38.02 27.54
CA THR B 343 20.88 -39.26 27.81
C THR B 343 20.97 -39.58 29.31
N ASP B 344 22.19 -39.81 29.78
CA ASP B 344 22.49 -40.04 31.18
C ASP B 344 23.61 -39.09 31.60
N PHE B 345 24.74 -39.23 30.90
CA PHE B 345 25.95 -38.45 31.12
C PHE B 345 25.69 -36.94 31.26
N ASP B 346 24.68 -36.43 30.57
CA ASP B 346 24.33 -35.01 30.65
C ASP B 346 23.61 -34.68 31.96
N ILE B 347 22.46 -35.30 32.18
CA ILE B 347 21.66 -35.05 33.37
C ILE B 347 22.47 -35.30 34.64
N ARG B 348 23.48 -36.15 34.54
CA ARG B 348 24.39 -36.39 35.63
C ARG B 348 25.17 -35.11 35.94
N ASN B 349 25.47 -34.34 34.90
CA ASN B 349 26.06 -33.01 35.07
C ASN B 349 25.04 -32.04 35.62
N ILE B 350 23.82 -32.08 35.08
CA ILE B 350 22.74 -31.23 35.57
C ILE B 350 22.64 -31.32 37.10
N ASN B 351 22.65 -32.56 37.60
CA ASN B 351 22.52 -32.79 39.02
C ASN B 351 23.83 -32.54 39.76
N LYS B 352 24.95 -32.78 39.08
CA LYS B 352 26.27 -32.54 39.68
C LYS B 352 26.40 -31.06 40.04
N LEU B 353 25.88 -30.22 39.16
CA LEU B 353 25.83 -28.78 39.38
C LEU B 353 24.72 -28.46 40.38
N SER B 354 23.64 -29.24 40.33
CA SER B 354 22.48 -28.97 41.18
C SER B 354 22.83 -29.03 42.66
N LYS B 355 23.87 -29.80 42.97
CA LYS B 355 24.32 -29.96 44.35
C LYS B 355 24.87 -28.65 44.91
N LYS B 356 25.49 -27.86 44.05
CA LYS B 356 26.15 -26.62 44.47
C LYS B 356 25.11 -25.57 44.86
N LYS B 357 25.38 -24.85 45.96
CA LYS B 357 24.39 -23.97 46.56
C LYS B 357 24.46 -22.50 46.13
N ASP B 358 25.47 -22.14 45.34
CA ASP B 358 25.54 -20.79 44.80
C ASP B 358 25.03 -20.73 43.36
N ILE B 359 24.61 -21.87 42.82
CA ILE B 359 24.28 -21.97 41.40
C ILE B 359 23.17 -21.04 40.91
N PHE B 360 22.27 -20.65 41.79
CA PHE B 360 21.18 -19.73 41.42
C PHE B 360 21.75 -18.44 40.83
N ASP B 361 22.63 -17.82 41.60
CA ASP B 361 23.32 -16.59 41.18
C ASP B 361 24.11 -16.84 39.89
N ILE B 362 24.78 -17.98 39.82
CA ILE B 362 25.57 -18.37 38.65
C ILE B 362 24.71 -18.37 37.39
N LEU B 363 23.60 -19.12 37.44
CA LEU B 363 22.66 -19.20 36.33
C LEU B 363 22.17 -17.81 35.97
N SER B 364 21.97 -16.98 36.99
CA SER B 364 21.52 -15.61 36.75
C SER B 364 22.53 -14.77 35.96
N GLN B 365 23.81 -14.92 36.27
CA GLN B 365 24.82 -14.09 35.64
C GLN B 365 24.99 -14.38 34.14
N SER B 366 24.93 -15.66 33.76
CA SER B 366 25.20 -16.08 32.39
C SER B 366 24.13 -15.64 31.40
N LEU B 367 23.00 -15.17 31.94
CA LEU B 367 21.86 -14.77 31.13
C LEU B 367 22.22 -13.62 30.21
N ALA B 368 22.96 -12.65 30.72
CA ALA B 368 23.25 -11.47 29.93
C ALA B 368 24.74 -11.25 29.79
N PRO B 369 25.33 -11.84 28.74
CA PRO B 369 26.76 -11.84 28.47
C PRO B 369 27.34 -10.43 28.38
N SER B 370 26.65 -9.55 27.65
CA SER B 370 27.07 -8.16 27.55
C SER B 370 26.61 -7.31 28.73
N ILE B 371 25.37 -7.54 29.16
CA ILE B 371 24.69 -6.62 30.07
C ILE B 371 25.32 -6.56 31.47
N TYR B 372 25.35 -5.34 32.02
CA TYR B 372 25.87 -5.10 33.37
C TYR B 372 24.88 -5.47 34.45
N GLY B 373 25.28 -6.39 35.32
CA GLY B 373 24.56 -6.62 36.57
C GLY B 373 23.09 -6.84 36.38
N HIS B 374 22.29 -6.04 37.09
CA HIS B 374 20.84 -6.18 37.13
C HIS B 374 20.49 -7.61 37.47
N ASP B 375 21.34 -8.22 38.30
CA ASP B 375 21.24 -9.63 38.62
C ASP B 375 19.92 -9.98 39.29
N HIS B 376 19.35 -9.01 39.98
CA HIS B 376 18.08 -9.21 40.65
C HIS B 376 16.98 -9.39 39.60
N ILE B 377 17.07 -8.60 38.54
CA ILE B 377 16.20 -8.76 37.38
C ILE B 377 16.43 -10.10 36.70
N LYS B 378 17.70 -10.50 36.56
CA LYS B 378 18.07 -11.78 35.96
C LYS B 378 17.42 -12.96 36.70
N LYS B 379 17.70 -13.00 38.00
CA LYS B 379 17.09 -13.97 38.91
C LYS B 379 15.59 -13.98 38.66
N ALA B 380 14.96 -12.82 38.71
CA ALA B 380 13.54 -12.69 38.44
C ALA B 380 13.14 -13.40 37.13
N ILE B 381 13.94 -13.21 36.09
CA ILE B 381 13.67 -13.84 34.82
C ILE B 381 13.71 -15.36 34.91
N LEU B 382 14.76 -15.92 35.51
CA LEU B 382 14.84 -17.38 35.65
C LEU B 382 13.67 -17.91 36.46
N LEU B 383 13.33 -17.16 37.51
CA LEU B 383 12.17 -17.44 38.34
C LEU B 383 10.92 -17.51 37.49
N MET B 384 10.86 -16.71 36.43
CA MET B 384 9.78 -16.85 35.47
C MET B 384 10.04 -18.02 34.49
N LEU B 385 11.30 -18.43 34.35
CA LEU B 385 11.66 -19.46 33.35
C LEU B 385 11.29 -20.87 33.82
N MET B 386 11.16 -21.04 35.13
CA MET B 386 10.67 -22.32 35.66
C MET B 386 9.18 -22.51 35.40
N GLY B 387 8.40 -21.47 35.65
CA GLY B 387 6.95 -21.56 35.62
C GLY B 387 6.36 -21.54 37.01
N GLY B 388 7.20 -21.76 38.02
CA GLY B 388 6.76 -21.73 39.42
C GLY B 388 5.63 -22.69 39.70
N VAL B 389 5.71 -23.87 39.10
CA VAL B 389 4.72 -24.94 39.20
C VAL B 389 3.30 -24.47 38.86
N GLU B 390 2.31 -25.08 39.49
CA GLU B 390 0.91 -24.74 39.40
C GLU B 390 0.22 -25.45 40.56
N LYS B 391 -0.96 -24.99 40.97
CA LYS B 391 -1.86 -25.83 41.73
C LYS B 391 -3.30 -25.62 41.25
N ASN B 392 -3.93 -26.70 40.81
CA ASN B 392 -5.32 -26.63 40.38
C ASN B 392 -6.22 -27.11 41.51
N LEU B 393 -7.18 -26.27 41.89
CA LEU B 393 -8.16 -26.65 42.90
C LEU B 393 -9.01 -27.81 42.39
N GLU B 394 -9.59 -28.56 43.32
CA GLU B 394 -10.60 -29.53 42.97
C GLU B 394 -11.96 -28.83 42.96
N ASN B 395 -12.67 -28.92 41.83
CA ASN B 395 -14.02 -28.36 41.66
C ASN B 395 -14.07 -26.84 41.85
N GLY B 396 -12.93 -26.18 41.64
CA GLY B 396 -12.83 -24.74 41.79
C GLY B 396 -11.76 -24.18 40.87
N SER B 397 -11.60 -22.86 40.88
CA SER B 397 -10.66 -22.20 39.98
C SER B 397 -9.21 -22.33 40.41
N HIS B 398 -8.31 -22.33 39.44
CA HIS B 398 -6.89 -22.56 39.68
C HIS B 398 -6.19 -21.41 40.39
N LEU B 399 -5.06 -21.73 41.01
CA LEU B 399 -4.16 -20.71 41.54
C LEU B 399 -2.99 -20.59 40.58
N ARG B 400 -2.92 -19.48 39.87
CA ARG B 400 -1.90 -19.26 38.86
C ARG B 400 -0.50 -19.40 39.46
N GLY B 401 0.33 -20.27 38.88
CA GLY B 401 1.69 -20.41 39.35
C GLY B 401 2.75 -19.77 38.48
N ASP B 402 2.41 -19.44 37.23
CA ASP B 402 3.37 -18.83 36.32
C ASP B 402 3.50 -17.34 36.61
N ILE B 403 4.65 -16.79 36.21
CA ILE B 403 5.10 -15.52 36.74
C ILE B 403 5.01 -14.40 35.69
N ASN B 404 4.39 -13.28 36.07
CA ASN B 404 4.22 -12.13 35.17
C ASN B 404 4.89 -10.86 35.71
N ILE B 405 5.83 -10.30 34.95
CA ILE B 405 6.65 -9.20 35.43
C ILE B 405 6.70 -8.07 34.40
N LEU B 406 7.11 -6.87 34.80
CA LEU B 406 7.34 -5.80 33.82
C LEU B 406 8.55 -4.91 34.14
N MET B 407 9.22 -4.47 33.08
CA MET B 407 10.35 -3.54 33.19
C MET B 407 9.93 -2.10 32.89
N VAL B 408 10.55 -1.15 33.57
CA VAL B 408 10.28 0.26 33.34
C VAL B 408 11.57 1.05 33.62
N GLY B 409 11.80 2.11 32.87
CA GLY B 409 12.98 2.94 33.07
C GLY B 409 13.33 3.76 31.86
N ASP B 410 14.29 4.67 32.03
CA ASP B 410 14.76 5.53 30.96
C ASP B 410 15.23 4.71 29.77
N PRO B 411 15.20 5.30 28.56
CA PRO B 411 15.66 4.59 27.37
C PRO B 411 17.10 4.19 27.53
N SER B 412 17.53 3.21 26.74
CA SER B 412 18.87 2.63 26.84
C SER B 412 19.07 2.02 28.23
N THR B 413 18.09 1.23 28.66
CA THR B 413 18.21 0.42 29.87
C THR B 413 18.61 -1.02 29.48
N ALA B 414 18.68 -1.24 28.17
CA ALA B 414 18.77 -2.56 27.53
C ALA B 414 17.51 -3.38 27.73
N LYS B 415 16.37 -2.73 27.96
CA LYS B 415 15.15 -3.46 28.27
C LYS B 415 14.69 -4.31 27.06
N SER B 416 14.64 -3.71 25.88
CA SER B 416 14.22 -4.43 24.67
C SER B 416 15.22 -5.52 24.31
N GLN B 417 16.49 -5.14 24.29
CA GLN B 417 17.56 -6.07 24.02
C GLN B 417 17.58 -7.17 25.07
N LEU B 418 17.26 -6.82 26.32
CA LEU B 418 17.14 -7.82 27.38
C LEU B 418 16.01 -8.78 27.05
N LEU B 419 14.94 -8.27 26.45
CA LEU B 419 13.86 -9.14 26.03
C LEU B 419 14.35 -10.12 24.97
N ARG B 420 15.21 -9.65 24.08
CA ARG B 420 15.71 -10.52 23.02
C ARG B 420 16.57 -11.70 23.51
N PHE B 421 16.98 -11.68 24.78
CA PHE B 421 17.60 -12.88 25.34
C PHE B 421 16.52 -13.87 25.70
N VAL B 422 15.41 -13.35 26.20
CA VAL B 422 14.25 -14.17 26.51
C VAL B 422 13.58 -14.61 25.20
N LEU B 423 14.07 -14.08 24.08
CA LEU B 423 13.64 -14.55 22.77
C LEU B 423 14.10 -16.00 22.46
N ASN B 424 15.39 -16.31 22.68
CA ASN B 424 15.89 -17.64 22.30
C ASN B 424 16.02 -18.82 23.28
N THR B 425 16.60 -18.61 24.45
CA THR B 425 16.78 -19.70 25.41
C THR B 425 15.48 -20.25 25.97
N ALA B 426 14.45 -19.41 25.98
CA ALA B 426 13.27 -19.65 26.78
C ALA B 426 12.37 -20.79 26.31
N SER B 427 12.64 -21.36 25.12
CA SER B 427 11.76 -22.39 24.57
C SER B 427 10.35 -21.82 24.42
N LEU B 428 10.16 -21.05 23.35
CA LEU B 428 9.05 -20.12 23.14
C LEU B 428 9.09 -18.97 24.19
N ALA B 429 7.97 -18.28 24.47
CA ALA B 429 6.95 -17.91 23.47
C ALA B 429 7.28 -16.61 22.78
N ILE B 430 6.30 -16.10 22.04
CA ILE B 430 6.52 -15.03 21.08
C ILE B 430 6.39 -13.64 21.70
N ALA B 431 7.24 -12.73 21.25
CA ALA B 431 7.32 -11.36 21.75
C ALA B 431 6.82 -10.37 20.73
N THR B 432 6.35 -9.23 21.21
CA THR B 432 5.64 -8.25 20.40
C THR B 432 6.03 -6.83 20.76
N THR B 433 6.11 -5.94 19.77
CA THR B 433 6.34 -4.53 20.10
C THR B 433 5.03 -3.81 20.19
N GLY B 434 4.58 -3.52 21.41
CA GLY B 434 3.33 -2.80 21.56
C GLY B 434 2.28 -3.54 20.75
N ARG B 435 1.75 -2.83 19.77
CA ARG B 435 0.92 -3.39 18.74
C ARG B 435 1.56 -4.58 18.01
N GLY B 436 0.89 -5.72 18.03
CA GLY B 436 -0.26 -5.90 18.90
C GLY B 436 -1.62 -5.97 18.24
N SER B 437 -2.53 -6.57 19.00
CA SER B 437 -3.92 -6.83 18.65
C SER B 437 -4.06 -7.67 17.34
N SER B 438 -5.20 -7.69 16.64
CA SER B 438 -6.53 -7.55 17.28
C SER B 438 -6.67 -8.57 18.39
N GLY B 439 -6.89 -8.01 19.58
CA GLY B 439 -6.95 -8.78 20.80
C GLY B 439 -5.71 -9.62 21.07
N VAL B 440 -4.64 -9.38 20.31
CA VAL B 440 -3.40 -10.16 20.44
C VAL B 440 -3.75 -11.64 20.27
N GLY B 441 -3.62 -12.39 21.36
CA GLY B 441 -3.95 -13.81 21.36
C GLY B 441 -5.36 -14.17 20.94
N LEU B 442 -6.24 -13.17 20.92
CA LEU B 442 -7.55 -13.36 20.37
C LEU B 442 -7.41 -13.86 18.93
N THR B 443 -8.25 -14.81 18.57
CA THR B 443 -8.25 -15.36 17.23
C THR B 443 -8.65 -14.31 16.22
N ALA B 444 -9.59 -13.46 16.64
CA ALA B 444 -10.21 -12.47 15.79
C ALA B 444 -10.90 -13.12 14.60
N ALA B 445 -11.34 -14.36 14.78
CA ALA B 445 -12.39 -14.93 13.93
C ALA B 445 -12.12 -14.84 12.44
N VAL B 446 -11.26 -15.70 11.90
CA VAL B 446 -11.02 -15.72 10.46
C VAL B 446 -12.34 -15.79 9.72
N THR B 447 -12.54 -14.86 8.81
CA THR B 447 -13.85 -14.68 8.21
C THR B 447 -13.79 -14.19 6.78
N THR B 448 -14.69 -14.74 5.96
CA THR B 448 -15.58 -15.79 6.45
C THR B 448 -15.04 -17.14 6.03
N ASP B 449 -15.22 -18.10 6.92
CA ASP B 449 -14.87 -19.49 6.65
C ASP B 449 -13.38 -19.70 6.35
N ARG B 450 -13.08 -20.09 5.12
CA ARG B 450 -11.78 -20.67 4.76
C ARG B 450 -11.57 -21.97 5.55
N GLU B 451 -12.26 -23.04 5.17
CA GLU B 451 -13.07 -23.07 3.94
C GLU B 451 -14.22 -24.07 4.01
N THR B 452 -14.85 -24.27 2.85
CA THR B 452 -15.97 -25.20 2.66
C THR B 452 -17.16 -24.84 3.54
N GLY B 453 -17.36 -23.57 3.78
CA GLY B 453 -18.54 -23.10 4.51
C GLY B 453 -18.43 -23.19 6.02
N GLU B 454 -17.22 -23.20 6.54
CA GLU B 454 -17.01 -23.31 7.98
C GLU B 454 -16.25 -22.10 8.56
N ARG B 455 -16.96 -21.26 9.29
CA ARG B 455 -16.36 -20.10 9.95
C ARG B 455 -15.31 -20.59 10.96
N ARG B 456 -14.11 -20.04 10.89
CA ARG B 456 -12.98 -20.60 11.62
C ARG B 456 -12.21 -19.60 12.47
N LEU B 457 -11.65 -20.07 13.59
CA LEU B 457 -10.70 -19.26 14.34
C LEU B 457 -9.27 -19.69 14.01
N GLU B 458 -8.29 -18.94 14.50
CA GLU B 458 -6.88 -19.25 14.23
C GLU B 458 -6.02 -18.71 15.35
N ALA B 459 -4.88 -19.36 15.58
CA ALA B 459 -4.05 -19.05 16.74
C ALA B 459 -3.66 -17.59 16.77
N GLY B 460 -4.00 -16.92 17.88
CA GLY B 460 -3.59 -15.55 18.10
C GLY B 460 -2.25 -15.56 18.78
N ALA B 461 -1.68 -14.38 19.02
CA ALA B 461 -0.37 -14.28 19.63
C ALA B 461 -0.32 -14.94 21.02
N MET B 462 -1.06 -14.39 21.98
CA MET B 462 -1.16 -14.93 23.34
C MET B 462 -1.58 -16.41 23.39
N VAL B 463 -2.44 -16.85 22.47
CA VAL B 463 -2.83 -18.26 22.41
C VAL B 463 -1.63 -19.11 22.04
N LEU B 464 -0.97 -18.70 20.97
CA LEU B 464 0.25 -19.36 20.49
C LEU B 464 1.28 -19.40 21.62
N ALA B 465 1.13 -18.47 22.56
CA ALA B 465 2.05 -18.31 23.66
C ALA B 465 1.66 -19.11 24.90
N ASP B 466 0.61 -19.91 24.79
CA ASP B 466 0.13 -20.72 25.93
C ASP B 466 1.27 -21.54 26.51
N ARG B 467 1.45 -21.45 27.83
CA ARG B 467 2.57 -22.07 28.54
C ARG B 467 3.91 -21.63 27.96
N GLY B 468 4.03 -20.34 27.68
CA GLY B 468 5.26 -19.79 27.14
C GLY B 468 5.41 -18.33 27.50
N VAL B 469 6.47 -17.70 27.02
CA VAL B 469 6.76 -16.32 27.34
C VAL B 469 6.24 -15.29 26.33
N VAL B 470 5.24 -14.54 26.73
CA VAL B 470 4.87 -13.34 26.00
C VAL B 470 5.81 -12.24 26.45
N CYS B 471 6.35 -11.48 25.51
CA CYS B 471 7.16 -10.34 25.90
C CYS B 471 6.64 -9.11 25.19
N ILE B 472 6.74 -7.94 25.83
CA ILE B 472 6.29 -6.74 25.14
C ILE B 472 7.23 -5.53 25.18
N ASP B 473 7.67 -5.13 23.99
CA ASP B 473 8.19 -3.80 23.77
C ASP B 473 7.02 -2.84 23.84
N GLU B 474 7.14 -1.83 24.70
CA GLU B 474 6.17 -0.76 24.80
C GLU B 474 4.76 -1.24 25.15
N PHE B 475 4.65 -1.96 26.25
CA PHE B 475 3.36 -2.32 26.84
C PHE B 475 2.60 -1.07 27.26
N ASP B 476 3.32 0.03 27.39
CA ASP B 476 2.73 1.33 27.66
C ASP B 476 2.12 1.95 26.40
N LYS B 477 2.59 1.50 25.23
CA LYS B 477 2.14 2.05 23.97
C LYS B 477 1.02 1.23 23.31
N MET B 478 0.65 0.12 23.92
CA MET B 478 -0.49 -0.67 23.44
C MET B 478 -1.77 0.12 23.66
N THR B 479 -2.81 -0.21 22.90
CA THR B 479 -4.08 0.49 23.03
C THR B 479 -4.71 0.21 24.39
N ASP B 480 -5.54 1.13 24.85
CA ASP B 480 -6.30 0.95 26.08
C ASP B 480 -7.35 -0.15 25.90
N VAL B 481 -7.72 -0.39 24.65
CA VAL B 481 -8.75 -1.35 24.29
C VAL B 481 -8.23 -2.80 24.36
N ASP B 482 -6.96 -2.97 23.98
CA ASP B 482 -6.29 -4.25 24.08
C ASP B 482 -6.25 -4.68 25.54
N ARG B 483 -5.93 -3.73 26.41
CA ARG B 483 -5.72 -3.94 27.85
C ARG B 483 -6.82 -4.76 28.48
N VAL B 484 -8.04 -4.57 27.98
CA VAL B 484 -9.19 -5.32 28.46
C VAL B 484 -8.85 -6.81 28.45
N ALA B 485 -8.60 -7.35 27.26
CA ALA B 485 -8.31 -8.79 27.14
C ALA B 485 -7.01 -9.12 27.85
N ILE B 486 -6.16 -8.12 28.05
CA ILE B 486 -4.92 -8.34 28.76
C ILE B 486 -5.21 -8.65 30.22
N HIS B 487 -6.20 -7.99 30.80
CA HIS B 487 -6.64 -8.38 32.14
C HIS B 487 -7.09 -9.83 32.07
N GLU B 488 -7.83 -10.13 31.00
CA GLU B 488 -8.33 -11.48 30.73
C GLU B 488 -7.16 -12.44 30.52
N VAL B 489 -6.03 -11.92 30.07
CA VAL B 489 -4.83 -12.73 29.88
C VAL B 489 -4.25 -13.15 31.24
N MET B 490 -4.25 -12.25 32.22
CA MET B 490 -3.58 -12.56 33.50
C MET B 490 -4.32 -13.12 34.71
N GLU B 491 -5.40 -12.48 35.17
CA GLU B 491 -6.13 -13.04 36.31
C GLU B 491 -6.96 -14.23 35.87
N GLN B 492 -7.96 -13.92 35.04
CA GLN B 492 -8.83 -14.93 34.48
C GLN B 492 -8.00 -15.98 33.78
N GLN B 493 -6.89 -15.55 33.18
CA GLN B 493 -5.88 -16.44 32.63
C GLN B 493 -6.45 -17.30 31.51
N THR B 494 -7.53 -16.82 30.88
CA THR B 494 -8.14 -17.53 29.77
C THR B 494 -8.47 -16.57 28.62
N VAL B 495 -9.12 -17.09 27.59
CA VAL B 495 -9.57 -16.28 26.46
C VAL B 495 -11.05 -16.54 26.21
N THR B 496 -11.85 -15.49 26.37
CA THR B 496 -13.28 -15.50 26.10
C THR B 496 -13.54 -14.92 24.72
N ILE B 497 -14.29 -15.67 23.89
CA ILE B 497 -14.55 -15.24 22.53
C ILE B 497 -16.05 -15.27 22.22
N ALA B 498 -16.67 -14.11 22.07
CA ALA B 498 -18.06 -14.07 21.62
C ALA B 498 -18.28 -13.68 20.16
N LYS B 499 -17.20 -13.33 19.46
CA LYS B 499 -17.31 -12.37 18.37
C LYS B 499 -18.35 -12.62 17.27
N ALA B 500 -18.34 -13.78 16.63
CA ALA B 500 -19.30 -14.02 15.55
C ALA B 500 -20.51 -14.86 16.03
N GLY B 501 -20.35 -16.11 16.48
CA GLY B 501 -19.08 -16.78 16.68
C GLY B 501 -19.14 -17.97 17.60
N ILE B 502 -17.95 -18.43 17.95
CA ILE B 502 -17.79 -19.57 18.82
C ILE B 502 -17.44 -19.08 20.22
N HIS B 503 -18.14 -19.59 21.22
CA HIS B 503 -18.08 -19.04 22.58
C HIS B 503 -16.99 -19.62 23.45
N THR B 504 -16.10 -20.42 22.86
CA THR B 504 -15.05 -21.13 23.61
C THR B 504 -14.26 -20.25 24.56
N THR B 505 -14.10 -20.73 25.78
CA THR B 505 -13.15 -20.14 26.71
C THR B 505 -11.92 -21.03 26.71
N LEU B 506 -10.83 -20.55 26.13
CA LEU B 506 -9.66 -21.42 25.97
C LEU B 506 -8.53 -20.97 26.86
N ASN B 507 -7.74 -21.92 27.37
CA ASN B 507 -6.73 -21.59 28.36
C ASN B 507 -5.68 -20.61 27.81
N ALA B 508 -5.57 -19.46 28.46
CA ALA B 508 -4.56 -18.46 28.14
C ALA B 508 -3.36 -18.53 29.07
N ARG B 509 -3.27 -19.57 29.88
CA ARG B 509 -2.23 -19.61 30.91
C ARG B 509 -0.84 -19.41 30.29
N CYS B 510 -0.17 -18.34 30.72
CA CYS B 510 1.03 -17.87 30.07
C CYS B 510 1.97 -17.14 31.02
N SER B 511 3.27 -17.29 30.81
CA SER B 511 4.25 -16.46 31.48
C SER B 511 4.44 -15.19 30.65
N VAL B 512 4.25 -14.02 31.24
CA VAL B 512 4.29 -12.77 30.47
C VAL B 512 5.17 -11.69 31.11
N ILE B 513 6.14 -11.20 30.34
CA ILE B 513 7.00 -10.10 30.77
C ILE B 513 7.00 -8.96 29.74
N ALA B 514 6.98 -7.73 30.22
CA ALA B 514 7.01 -6.60 29.30
C ALA B 514 7.93 -5.50 29.80
N ALA B 515 8.03 -4.45 29.01
CA ALA B 515 8.77 -3.27 29.41
C ALA B 515 7.99 -2.02 29.01
N ALA B 516 8.02 -1.03 29.89
CA ALA B 516 7.38 0.25 29.60
C ALA B 516 8.33 1.38 29.92
N ASN B 517 8.31 2.43 29.11
CA ASN B 517 9.16 3.58 29.37
C ASN B 517 8.46 4.58 30.28
N PRO B 518 9.23 5.50 30.91
CA PRO B 518 8.56 6.52 31.72
C PRO B 518 7.55 7.27 30.87
N VAL B 519 6.35 7.49 31.39
CA VAL B 519 5.31 8.18 30.65
C VAL B 519 5.84 9.46 30.05
N PHE B 520 6.57 10.21 30.88
CA PHE B 520 7.11 11.49 30.48
C PHE B 520 8.61 11.58 30.80
N GLY B 521 9.43 11.61 29.76
CA GLY B 521 10.87 11.83 29.89
C GLY B 521 11.65 10.98 30.87
N GLN B 522 12.58 11.62 31.57
CA GLN B 522 13.48 10.97 32.52
C GLN B 522 12.95 11.04 33.96
N TYR B 523 11.71 11.50 34.11
CA TYR B 523 11.12 11.78 35.41
C TYR B 523 10.68 10.50 36.12
N ASP B 524 10.95 9.35 35.50
CA ASP B 524 10.64 8.05 36.08
C ASP B 524 11.09 7.95 37.53
N VAL B 525 12.26 8.52 37.81
CA VAL B 525 12.83 8.52 39.14
C VAL B 525 12.23 9.61 40.03
N ASN B 526 12.04 10.81 39.47
CA ASN B 526 11.58 11.96 40.25
C ASN B 526 10.11 11.87 40.66
N ARG B 527 9.26 11.56 39.69
CA ARG B 527 7.82 11.45 39.91
C ARG B 527 7.46 10.25 40.77
N ASP B 528 6.32 10.33 41.45
CA ASP B 528 5.75 9.19 42.18
C ASP B 528 5.39 8.06 41.20
N PRO B 529 5.26 6.81 41.71
CA PRO B 529 4.83 5.72 40.83
C PRO B 529 3.47 5.99 40.21
N HIS B 530 2.58 6.60 40.98
CA HIS B 530 1.34 7.12 40.44
C HIS B 530 1.69 8.18 39.40
N GLN B 531 1.01 8.09 38.25
CA GLN B 531 1.29 8.85 37.02
C GLN B 531 2.52 8.34 36.29
N ASN B 532 3.34 7.55 36.96
CA ASN B 532 4.52 6.95 36.34
C ASN B 532 4.20 5.57 35.80
N ILE B 533 3.01 5.11 36.18
CA ILE B 533 2.50 3.82 35.80
C ILE B 533 2.37 3.65 34.28
N ALA B 534 1.65 4.58 33.67
CA ALA B 534 1.45 4.63 32.22
C ALA B 534 0.42 3.60 31.79
N LEU B 535 0.03 2.75 32.73
CA LEU B 535 -0.96 1.73 32.44
C LEU B 535 -1.75 1.30 33.66
N PRO B 536 -2.56 2.20 34.22
CA PRO B 536 -3.37 1.81 35.38
C PRO B 536 -4.62 1.04 34.94
N ASP B 537 -5.20 0.23 35.83
CA ASP B 537 -4.71 0.04 37.19
C ASP B 537 -4.53 -1.44 37.51
N SER B 538 -5.60 -2.20 37.40
CA SER B 538 -5.58 -3.64 37.66
C SER B 538 -4.42 -4.33 36.93
N LEU B 539 -3.99 -3.72 35.84
CA LEU B 539 -2.76 -4.10 35.16
C LEU B 539 -1.57 -4.18 36.13
N LEU B 540 -1.57 -3.34 37.15
CA LEU B 540 -0.46 -3.23 38.09
C LEU B 540 -0.52 -4.34 39.12
N SER B 541 -1.74 -4.77 39.41
CA SER B 541 -1.98 -5.78 40.43
C SER B 541 -1.43 -7.12 39.98
N ARG B 542 -1.76 -7.49 38.75
CA ARG B 542 -1.36 -8.79 38.20
C ARG B 542 0.13 -8.93 38.02
N PHE B 543 0.85 -7.80 38.00
CA PHE B 543 2.29 -7.83 37.82
C PHE B 543 3.00 -8.29 39.09
N ASP B 544 3.76 -9.36 38.98
CA ASP B 544 4.49 -9.90 40.11
C ASP B 544 5.58 -8.93 40.52
N LEU B 545 6.17 -8.24 39.54
CA LEU B 545 7.19 -7.24 39.81
C LEU B 545 7.16 -6.05 38.83
N LEU B 546 7.38 -4.86 39.38
CA LEU B 546 7.59 -3.64 38.61
C LEU B 546 9.04 -3.22 38.77
N PHE B 547 9.81 -3.21 37.69
CA PHE B 547 11.23 -2.90 37.87
C PHE B 547 11.64 -1.54 37.34
N VAL B 548 11.88 -0.59 38.25
CA VAL B 548 12.39 0.71 37.87
C VAL B 548 13.89 0.62 37.70
N VAL B 549 14.37 0.94 36.50
CA VAL B 549 15.80 0.91 36.24
C VAL B 549 16.28 2.30 35.84
N THR B 550 17.14 2.86 36.66
CA THR B 550 17.60 4.23 36.50
C THR B 550 18.77 4.33 35.51
N ASP B 551 18.75 5.39 34.72
CA ASP B 551 19.83 5.68 33.78
C ASP B 551 20.88 6.54 34.50
N ASP B 552 20.68 6.72 35.80
CA ASP B 552 21.44 7.68 36.59
C ASP B 552 22.94 7.48 36.50
N ILE B 553 23.65 8.60 36.59
CA ILE B 553 25.06 8.64 36.23
C ILE B 553 25.96 8.50 37.45
N ASN B 554 26.92 7.58 37.34
CA ASN B 554 28.07 7.53 38.23
C ASN B 554 29.29 7.38 37.35
N GLU B 555 30.16 8.39 37.35
CA GLU B 555 31.34 8.35 36.50
C GLU B 555 32.23 7.19 36.93
N ILE B 556 32.23 6.95 38.24
CA ILE B 556 32.84 5.77 38.84
C ILE B 556 32.29 4.53 38.14
N ARG B 557 30.97 4.44 38.11
CA ARG B 557 30.30 3.37 37.39
C ARG B 557 30.52 3.52 35.90
N ASP B 558 30.53 4.75 35.39
CA ASP B 558 30.62 4.99 33.95
C ASP B 558 31.91 4.43 33.32
N ARG B 559 33.01 4.41 34.07
CA ARG B 559 34.22 3.74 33.57
C ARG B 559 33.93 2.26 33.28
N SER B 560 33.37 1.60 34.28
CA SER B 560 32.94 0.21 34.16
C SER B 560 31.97 0.03 33.00
N ILE B 561 31.03 0.97 32.90
CA ILE B 561 30.01 1.01 31.86
C ILE B 561 30.67 1.01 30.50
N SER B 562 31.77 1.74 30.41
CA SER B 562 32.46 1.86 29.15
C SER B 562 33.19 0.57 28.80
N GLU B 563 34.19 0.20 29.61
CA GLU B 563 35.11 -0.88 29.20
C GLU B 563 34.46 -2.19 28.72
N HIS B 564 33.44 -2.67 29.44
CA HIS B 564 32.80 -3.92 29.07
C HIS B 564 31.98 -3.72 27.78
N VAL B 565 31.48 -2.50 27.59
CA VAL B 565 30.75 -2.13 26.37
C VAL B 565 31.69 -2.06 25.17
N LEU B 566 32.93 -1.69 25.42
CA LEU B 566 33.91 -1.57 24.34
C LEU B 566 34.51 -2.92 23.97
N ARG B 567 34.80 -3.73 25.00
CA ARG B 567 35.26 -5.10 24.79
C ARG B 567 34.11 -5.96 24.30
N THR B 568 32.90 -5.42 24.33
CA THR B 568 31.74 -6.05 23.72
C THR B 568 31.96 -6.32 22.24
N HIS B 569 31.99 -5.25 21.44
CA HIS B 569 32.15 -5.38 19.99
C HIS B 569 33.38 -6.22 19.65
N ARG B 570 34.50 -5.94 20.32
CA ARG B 570 35.71 -6.72 20.14
C ARG B 570 35.47 -8.21 20.42
N VAL B 651 28.16 -21.73 33.67
CA VAL B 651 28.11 -20.38 33.12
C VAL B 651 27.64 -20.44 31.66
N THR B 652 27.36 -21.64 31.16
CA THR B 652 26.94 -21.81 29.77
C THR B 652 25.42 -21.75 29.59
N ILE B 653 24.98 -20.93 28.63
CA ILE B 653 23.57 -20.69 28.31
C ILE B 653 22.79 -21.86 27.66
N PRO B 654 23.33 -22.49 26.61
CA PRO B 654 22.56 -23.59 25.99
C PRO B 654 22.23 -24.68 26.99
N PHE B 655 23.23 -25.05 27.77
CA PHE B 655 23.04 -25.99 28.86
C PHE B 655 22.03 -25.44 29.85
N LEU B 656 21.97 -24.12 30.00
CA LEU B 656 21.01 -23.52 30.92
C LEU B 656 19.59 -23.84 30.46
N ARG B 657 19.37 -23.83 29.14
CA ARG B 657 18.07 -24.27 28.66
C ARG B 657 17.87 -25.77 28.92
N LYS B 658 18.91 -26.58 28.67
CA LYS B 658 18.81 -28.03 28.89
C LYS B 658 18.51 -28.39 30.36
N TYR B 659 18.92 -27.51 31.26
CA TYR B 659 18.69 -27.65 32.69
C TYR B 659 17.30 -27.18 33.13
N VAL B 660 16.93 -25.98 32.67
CA VAL B 660 15.64 -25.40 33.01
C VAL B 660 14.51 -26.33 32.61
N GLN B 661 14.59 -26.81 31.36
CA GLN B 661 13.59 -27.74 30.84
C GLN B 661 13.41 -28.94 31.77
N TYR B 662 14.53 -29.46 32.29
CA TYR B 662 14.48 -30.64 33.12
C TYR B 662 13.89 -30.30 34.48
N ALA B 663 14.16 -29.08 34.93
CA ALA B 663 13.70 -28.66 36.24
C ALA B 663 12.18 -28.39 36.22
N LYS B 664 11.61 -28.16 35.05
CA LYS B 664 10.15 -28.04 34.96
C LYS B 664 9.40 -29.32 35.35
N GLU B 665 9.65 -30.41 34.62
CA GLU B 665 8.87 -31.64 34.77
C GLU B 665 9.34 -32.47 35.96
N ARG B 666 10.63 -32.39 36.26
CA ARG B 666 11.17 -33.05 37.44
C ARG B 666 12.00 -32.07 38.28
N VAL B 667 11.51 -31.68 39.46
CA VAL B 667 10.16 -32.00 39.92
C VAL B 667 9.50 -30.74 40.49
N ILE B 668 8.20 -30.80 40.75
CA ILE B 668 7.49 -29.76 41.47
C ILE B 668 7.76 -29.91 42.98
N PRO B 669 8.11 -28.79 43.65
CA PRO B 669 8.46 -28.73 45.08
C PRO B 669 7.33 -28.87 46.10
N GLN B 670 6.08 -28.67 45.72
CA GLN B 670 4.99 -28.53 46.69
C GLN B 670 5.28 -27.36 47.64
N LEU B 671 5.31 -27.66 48.95
CA LEU B 671 5.57 -26.64 49.95
C LEU B 671 6.08 -27.24 51.27
N THR B 672 6.79 -26.43 52.06
CA THR B 672 7.05 -26.75 53.46
C THR B 672 6.68 -25.54 54.32
N GLN B 673 6.34 -25.79 55.57
CA GLN B 673 5.89 -24.71 56.45
C GLN B 673 7.05 -23.79 56.84
N GLU B 674 8.28 -24.15 56.52
CA GLU B 674 9.42 -23.35 56.94
C GLU B 674 9.44 -21.97 56.28
N ALA B 675 9.17 -21.94 54.98
CA ALA B 675 9.00 -20.69 54.24
C ALA B 675 7.83 -19.91 54.83
N ILE B 676 6.82 -20.66 55.22
CA ILE B 676 5.56 -20.12 55.71
C ILE B 676 5.75 -19.42 57.06
N ASN B 677 6.65 -19.97 57.87
CA ASN B 677 6.92 -19.48 59.22
C ASN B 677 7.67 -18.16 59.19
N VAL B 678 8.07 -17.74 57.99
CA VAL B 678 8.85 -16.53 57.79
C VAL B 678 8.12 -15.51 56.93
N ILE B 679 7.82 -15.89 55.68
CA ILE B 679 7.23 -14.97 54.71
C ILE B 679 5.93 -14.33 55.18
N VAL B 680 5.28 -14.93 56.17
CA VAL B 680 4.11 -14.33 56.79
C VAL B 680 4.51 -13.11 57.59
N LYS B 681 5.47 -13.35 58.50
CA LYS B 681 6.10 -12.28 59.26
C LYS B 681 6.55 -11.19 58.32
N ASN B 682 7.12 -11.61 57.21
CA ASN B 682 7.57 -10.69 56.19
C ASN B 682 6.43 -9.86 55.60
N TYR B 683 5.33 -10.50 55.23
CA TYR B 683 4.21 -9.79 54.60
C TYR B 683 3.59 -8.77 55.52
N THR B 684 3.31 -9.18 56.76
CA THR B 684 2.75 -8.21 57.69
C THR B 684 3.77 -7.11 57.93
N ASP B 685 5.04 -7.48 57.97
CA ASP B 685 6.13 -6.52 58.08
C ASP B 685 6.08 -5.51 56.93
N LEU B 686 5.67 -5.98 55.75
CA LEU B 686 5.53 -5.10 54.60
C LEU B 686 4.40 -4.12 54.88
N ARG B 687 3.24 -4.67 55.20
CA ARG B 687 2.04 -3.85 55.39
C ARG B 687 2.18 -2.77 56.47
N ASN B 688 2.95 -3.07 57.52
CA ASN B 688 3.14 -2.11 58.61
C ASN B 688 4.33 -1.19 58.38
N ASP B 689 5.06 -1.44 57.31
CA ASP B 689 6.25 -0.66 56.96
C ASP B 689 6.13 -0.09 55.56
N ASP B 690 5.96 -0.97 54.58
CA ASP B 690 5.93 -0.56 53.17
C ASP B 690 4.87 0.52 52.87
N ASN B 691 3.94 0.72 53.80
CA ASN B 691 2.99 1.83 53.70
C ASN B 691 3.54 3.14 54.28
N THR B 692 4.65 3.06 55.00
CA THR B 692 5.34 4.26 55.51
C THR B 692 6.40 4.70 54.51
N LYS B 693 6.45 4.02 53.37
CA LYS B 693 7.39 4.33 52.30
C LYS B 693 6.65 4.62 50.99
N LYS B 694 5.96 3.61 50.47
CA LYS B 694 5.31 3.66 49.16
C LYS B 694 4.06 2.79 49.10
N SER B 695 3.58 2.53 47.89
CA SER B 695 2.49 1.58 47.69
C SER B 695 2.77 0.76 46.41
N PRO B 696 1.93 -0.26 46.09
CA PRO B 696 0.80 -0.88 46.78
C PRO B 696 1.16 -2.08 47.64
N ILE B 697 0.17 -2.62 48.34
CA ILE B 697 0.26 -3.93 48.98
C ILE B 697 -1.08 -4.66 48.90
N THR B 698 -1.04 -5.91 48.45
CA THR B 698 -2.24 -6.74 48.37
C THR B 698 -1.93 -8.17 48.83
N ALA B 699 -2.96 -8.98 48.98
CA ALA B 699 -2.79 -10.42 49.20
C ALA B 699 -2.05 -11.05 48.02
N ARG B 700 -2.33 -10.56 46.82
CA ARG B 700 -1.74 -11.09 45.59
C ARG B 700 -0.22 -11.02 45.59
N THR B 701 0.30 -9.85 45.99
CA THR B 701 1.74 -9.65 46.07
C THR B 701 2.38 -10.66 47.01
N LEU B 702 1.61 -11.12 48.00
CA LEU B 702 2.07 -12.22 48.84
C LEU B 702 2.00 -13.53 48.09
N GLU B 703 0.93 -13.76 47.34
CA GLU B 703 0.81 -15.00 46.54
C GLU B 703 2.04 -15.15 45.66
N THR B 704 2.59 -14.01 45.24
CA THR B 704 3.88 -14.05 44.59
C THR B 704 4.96 -14.64 45.51
N LEU B 705 4.92 -14.44 46.82
CA LEU B 705 5.93 -15.09 47.68
C LEU B 705 5.92 -16.59 47.46
N ILE B 706 4.72 -17.14 47.40
CA ILE B 706 4.55 -18.53 47.00
C ILE B 706 5.26 -18.78 45.68
N ARG B 707 4.86 -18.09 44.61
CA ARG B 707 5.45 -18.35 43.29
C ARG B 707 6.98 -18.19 43.20
N LEU B 708 7.49 -17.12 43.79
CA LEU B 708 8.92 -16.78 43.84
C LEU B 708 9.72 -17.87 44.54
N ALA B 709 9.30 -18.15 45.76
CA ALA B 709 9.91 -19.22 46.55
C ALA B 709 9.89 -20.52 45.75
N THR B 710 8.76 -20.81 45.11
CA THR B 710 8.56 -22.05 44.36
C THR B 710 9.48 -22.13 43.15
N ALA B 711 9.72 -20.96 42.55
CA ALA B 711 10.62 -20.84 41.42
C ALA B 711 12.04 -21.20 41.87
N HIS B 712 12.53 -20.56 42.92
CA HIS B 712 13.85 -20.90 43.39
C HIS B 712 13.88 -22.34 43.91
N ALA B 713 12.71 -22.85 44.29
CA ALA B 713 12.58 -24.20 44.80
C ALA B 713 12.87 -25.16 43.67
N LYS B 714 12.38 -24.84 42.48
CA LYS B 714 12.78 -25.58 41.30
C LYS B 714 14.25 -25.35 40.95
N VAL B 715 14.78 -24.18 41.29
CA VAL B 715 16.20 -23.92 41.00
C VAL B 715 17.13 -24.81 41.83
N ARG B 716 16.77 -25.07 43.08
CA ARG B 716 17.56 -25.95 43.95
C ARG B 716 17.38 -27.42 43.56
N LEU B 717 16.34 -27.67 42.75
CA LEU B 717 15.91 -29.01 42.38
C LEU B 717 15.57 -29.83 43.62
N SER B 718 15.23 -29.12 44.70
CA SER B 718 14.79 -29.77 45.92
C SER B 718 13.42 -30.38 45.68
N LYS B 719 13.21 -31.58 46.20
CA LYS B 719 11.93 -32.25 46.07
C LYS B 719 10.84 -31.44 46.77
N THR B 720 11.24 -30.58 47.70
CA THR B 720 10.30 -29.74 48.43
C THR B 720 10.79 -28.31 48.61
N VAL B 721 9.85 -27.41 48.90
CA VAL B 721 10.14 -26.03 49.25
C VAL B 721 10.96 -25.99 50.53
N ASN B 722 11.83 -24.99 50.68
CA ASN B 722 12.60 -24.85 51.92
C ASN B 722 12.75 -23.38 52.33
N LYS B 723 13.02 -23.14 53.61
CA LYS B 723 13.06 -21.79 54.19
C LYS B 723 13.99 -20.81 53.45
N VAL B 724 15.18 -21.27 53.10
CA VAL B 724 16.18 -20.44 52.44
C VAL B 724 15.68 -19.95 51.06
N ASP B 725 14.85 -20.76 50.40
CA ASP B 725 14.19 -20.33 49.15
C ASP B 725 13.31 -19.11 49.42
N ALA B 726 12.55 -19.18 50.51
CA ALA B 726 11.76 -18.05 50.94
C ALA B 726 12.64 -16.84 51.19
N LYS B 727 13.82 -17.09 51.76
CA LYS B 727 14.80 -16.01 51.94
C LYS B 727 15.18 -15.40 50.58
N VAL B 728 15.26 -16.23 49.53
CA VAL B 728 15.43 -15.71 48.18
C VAL B 728 14.25 -14.80 47.77
N ALA B 729 13.03 -15.17 48.14
CA ALA B 729 11.87 -14.31 47.86
C ALA B 729 11.95 -12.96 48.59
N ALA B 730 12.16 -13.02 49.91
CA ALA B 730 12.34 -11.85 50.76
C ALA B 730 13.44 -10.95 50.21
N ASN B 731 14.47 -11.57 49.67
CA ASN B 731 15.43 -10.85 48.86
C ASN B 731 14.75 -10.10 47.70
N LEU B 732 14.11 -10.83 46.79
CA LEU B 732 13.60 -10.22 45.56
C LEU B 732 12.59 -9.08 45.74
N LEU B 733 11.71 -9.16 46.73
CA LEU B 733 10.70 -8.10 46.84
C LEU B 733 11.23 -6.78 47.44
N ARG B 734 12.24 -6.87 48.29
CA ARG B 734 12.92 -5.68 48.79
C ARG B 734 13.36 -4.82 47.61
N PHE B 735 14.27 -5.39 46.81
CA PHE B 735 14.75 -4.72 45.60
C PHE B 735 13.63 -4.45 44.61
N ALA B 736 12.53 -5.19 44.71
CA ALA B 736 11.36 -4.85 43.92
C ALA B 736 10.86 -3.46 44.29
N LEU B 737 10.72 -3.17 45.58
CA LEU B 737 10.25 -1.83 45.96
C LEU B 737 11.32 -0.82 46.40
N LEU B 738 12.58 -1.25 46.47
CA LEU B 738 13.67 -0.35 46.84
C LEU B 738 14.96 -0.67 46.09
N LEU C 177 -73.48 -40.32 7.37
CA LEU C 177 -72.64 -39.54 8.27
C LEU C 177 -71.50 -38.85 7.52
N ARG C 178 -71.25 -39.30 6.28
CA ARG C 178 -70.17 -38.76 5.46
C ARG C 178 -68.81 -38.89 6.14
N ILE C 179 -68.31 -40.12 6.20
CA ILE C 179 -67.00 -40.39 6.81
C ILE C 179 -65.89 -39.76 5.97
N ILE C 180 -64.98 -39.04 6.64
CA ILE C 180 -63.94 -38.33 5.90
C ILE C 180 -62.51 -38.74 6.31
N TRP C 181 -61.82 -39.44 5.42
CA TRP C 181 -60.40 -39.76 5.59
C TRP C 181 -60.07 -40.38 6.96
N GLY C 182 -58.98 -39.91 7.57
CA GLY C 182 -58.60 -40.34 8.90
C GLY C 182 -59.07 -39.31 9.91
N THR C 183 -59.42 -38.13 9.41
CA THR C 183 -60.07 -37.12 10.22
C THR C 183 -61.41 -37.68 10.70
N ASN C 184 -62.08 -38.40 9.79
CA ASN C 184 -63.27 -39.22 10.06
C ASN C 184 -64.34 -38.54 10.91
N VAL C 185 -64.47 -37.23 10.74
CA VAL C 185 -65.47 -36.47 11.48
C VAL C 185 -66.72 -36.28 10.62
N SER C 186 -67.84 -36.77 11.13
CA SER C 186 -69.05 -36.89 10.33
C SER C 186 -69.71 -35.57 9.94
N ILE C 187 -69.85 -35.34 8.64
CA ILE C 187 -70.60 -34.20 8.12
C ILE C 187 -72.09 -34.53 8.21
N GLN C 188 -72.92 -33.50 8.28
CA GLN C 188 -74.36 -33.64 8.50
C GLN C 188 -74.65 -34.28 9.86
N GLU C 189 -73.68 -34.13 10.77
CA GLU C 189 -73.90 -34.42 12.18
C GLU C 189 -73.41 -33.25 13.02
N CYS C 190 -72.11 -32.96 12.91
CA CYS C 190 -71.51 -31.82 13.59
C CYS C 190 -72.30 -30.55 13.34
N THR C 191 -72.70 -30.34 12.08
CA THR C 191 -73.54 -29.22 11.72
C THR C 191 -74.82 -29.24 12.55
N THR C 192 -75.39 -30.43 12.70
CA THR C 192 -76.64 -30.61 13.44
C THR C 192 -76.36 -30.65 14.94
N ASN C 193 -75.30 -31.35 15.31
CA ASN C 193 -74.92 -31.44 16.72
C ASN C 193 -74.43 -30.10 17.24
N PHE C 194 -73.99 -29.22 16.34
CA PHE C 194 -73.76 -27.82 16.67
C PHE C 194 -75.05 -27.01 16.57
N ARG C 195 -76.02 -27.52 15.83
CA ARG C 195 -77.25 -26.77 15.57
C ARG C 195 -78.15 -26.73 16.80
N ASN C 196 -78.07 -27.77 17.63
CA ASN C 196 -78.82 -27.77 18.89
C ASN C 196 -78.01 -27.09 20.00
N PHE C 197 -76.74 -26.85 19.73
CA PHE C 197 -75.83 -26.17 20.65
C PHE C 197 -76.34 -24.75 20.92
N LEU C 198 -77.20 -24.28 20.02
CA LEU C 198 -77.78 -22.95 20.09
C LEU C 198 -78.53 -22.71 21.41
N MET C 199 -78.50 -21.47 21.88
CA MET C 199 -79.22 -21.02 23.08
C MET C 199 -78.81 -21.70 24.39
N SER C 200 -77.60 -21.40 24.85
CA SER C 200 -77.17 -21.80 26.19
C SER C 200 -76.30 -20.72 26.85
N PHE C 201 -76.67 -20.30 28.06
CA PHE C 201 -75.81 -19.41 28.85
C PHE C 201 -74.59 -20.19 29.41
N LYS C 202 -74.77 -21.22 30.26
CA LYS C 202 -76.07 -21.80 30.59
C LYS C 202 -76.38 -22.02 32.10
N TYR C 203 -75.68 -22.81 32.93
CA TYR C 203 -74.27 -23.29 32.91
C TYR C 203 -73.28 -22.10 32.84
N LYS C 204 -72.15 -22.24 32.16
CA LYS C 204 -71.09 -21.22 32.13
C LYS C 204 -70.71 -20.64 33.49
N PHE C 205 -69.95 -21.34 34.35
CA PHE C 205 -69.11 -22.53 34.11
C PHE C 205 -68.44 -22.65 32.75
N TYR C 225 -74.79 -13.51 23.61
CA TYR C 225 -74.37 -14.82 24.09
C TYR C 225 -75.55 -15.62 24.65
N TYR C 226 -75.70 -16.85 24.17
CA TYR C 226 -74.86 -17.36 23.08
C TYR C 226 -75.34 -16.90 21.71
N ILE C 227 -76.63 -17.05 21.44
CA ILE C 227 -77.18 -16.73 20.14
C ILE C 227 -77.25 -15.22 19.96
N LYS C 228 -77.14 -14.46 21.04
CA LYS C 228 -77.18 -13.00 20.91
C LYS C 228 -75.90 -12.45 20.27
N GLN C 229 -74.83 -13.23 20.28
CA GLN C 229 -73.61 -12.85 19.55
C GLN C 229 -73.88 -13.04 18.07
N LEU C 230 -74.41 -14.21 17.74
CA LEU C 230 -74.91 -14.53 16.41
C LEU C 230 -75.94 -13.49 15.94
N ASN C 231 -76.63 -12.89 16.90
CA ASN C 231 -77.70 -11.94 16.66
C ASN C 231 -77.16 -10.55 16.39
N GLU C 232 -76.16 -10.13 17.16
CA GLU C 232 -75.58 -8.81 17.01
C GLU C 232 -74.71 -8.75 15.77
N MET C 233 -74.22 -9.93 15.38
CA MET C 233 -73.39 -10.05 14.20
C MET C 233 -74.07 -9.54 12.92
N ARG C 234 -75.32 -9.92 12.71
CA ARG C 234 -76.00 -9.72 11.42
C ARG C 234 -76.34 -8.27 11.07
N GLU C 235 -76.69 -7.45 12.05
CA GLU C 235 -77.00 -6.05 11.79
C GLU C 235 -75.75 -5.32 11.35
N LEU C 236 -74.63 -5.69 11.96
CA LEU C 236 -73.35 -5.07 11.67
C LEU C 236 -72.82 -5.58 10.34
N GLY C 237 -73.19 -6.81 9.99
CA GLY C 237 -72.78 -7.42 8.74
C GLY C 237 -71.27 -7.54 8.63
N THR C 238 -70.61 -7.57 9.79
CA THR C 238 -69.16 -7.62 9.82
C THR C 238 -68.62 -9.00 9.50
N SER C 239 -69.53 -9.98 9.47
CA SER C 239 -69.17 -11.39 9.41
C SER C 239 -68.25 -11.71 10.59
N ASN C 240 -67.20 -12.49 10.34
CA ASN C 240 -66.14 -12.79 11.33
C ASN C 240 -66.49 -13.26 12.76
N LEU C 241 -67.26 -14.34 12.89
CA LEU C 241 -67.66 -14.82 14.21
C LEU C 241 -66.46 -14.89 15.16
N ASN C 242 -66.60 -14.25 16.31
CA ASN C 242 -65.51 -14.17 17.31
C ASN C 242 -65.37 -15.41 18.18
N LEU C 243 -66.49 -16.11 18.36
CA LEU C 243 -66.65 -17.28 19.22
C LEU C 243 -66.20 -17.04 20.69
N ASP C 244 -65.85 -18.12 21.40
CA ASP C 244 -65.16 -18.08 22.70
C ASP C 244 -64.12 -19.20 22.85
N ALA C 245 -64.57 -20.45 22.94
CA ALA C 245 -63.69 -21.62 23.16
C ALA C 245 -62.89 -21.49 24.46
N ARG C 246 -63.45 -21.98 25.56
CA ARG C 246 -64.24 -23.22 25.50
C ARG C 246 -65.75 -23.07 25.35
N ASN C 247 -66.29 -23.79 24.36
CA ASN C 247 -67.71 -23.82 24.10
C ASN C 247 -68.25 -25.23 24.14
N LEU C 248 -67.82 -26.04 23.17
CA LEU C 248 -68.24 -27.43 23.10
C LEU C 248 -67.65 -28.19 24.30
N LEU C 249 -66.61 -27.60 24.89
CA LEU C 249 -66.18 -27.95 26.23
C LEU C 249 -66.76 -26.92 27.19
N ALA C 250 -67.42 -27.39 28.26
CA ALA C 250 -67.71 -28.81 28.45
C ALA C 250 -69.13 -29.18 28.04
N TYR C 251 -69.90 -28.23 27.52
CA TYR C 251 -71.32 -28.44 27.25
C TYR C 251 -71.59 -29.43 26.13
N LYS C 252 -72.60 -30.28 26.33
CA LYS C 252 -73.04 -31.26 25.34
C LYS C 252 -74.31 -30.72 24.66
N GLN C 253 -74.49 -30.92 23.35
CA GLN C 253 -73.72 -31.85 22.53
C GLN C 253 -72.30 -31.40 22.16
N THR C 254 -71.62 -32.26 21.42
CA THR C 254 -70.30 -32.01 20.85
C THR C 254 -69.19 -31.82 21.87
N GLU C 255 -69.26 -32.53 23.00
CA GLU C 255 -68.17 -32.47 23.96
C GLU C 255 -66.90 -33.09 23.36
N ASP C 256 -67.10 -34.07 22.48
CA ASP C 256 -66.01 -34.67 21.73
C ASP C 256 -65.62 -33.86 20.50
N LEU C 257 -66.59 -33.19 19.87
CA LEU C 257 -66.30 -32.39 18.68
C LEU C 257 -65.36 -31.24 19.03
N TYR C 258 -65.44 -30.75 20.26
CA TYR C 258 -64.49 -29.79 20.79
C TYR C 258 -63.08 -30.34 20.63
N HIS C 259 -62.94 -31.63 20.84
CA HIS C 259 -61.68 -32.31 20.60
C HIS C 259 -61.47 -32.55 19.12
N GLN C 260 -62.53 -32.88 18.39
CA GLN C 260 -62.41 -33.18 16.95
C GLN C 260 -61.88 -31.99 16.16
N LEU C 261 -62.13 -30.77 16.65
CA LEU C 261 -61.58 -29.57 16.04
C LEU C 261 -60.13 -29.38 16.43
N LEU C 262 -59.81 -29.66 17.69
CA LEU C 262 -58.44 -29.59 18.15
C LEU C 262 -57.59 -30.54 17.31
N ASN C 263 -58.14 -31.73 17.06
CA ASN C 263 -57.49 -32.78 16.28
C ASN C 263 -57.32 -32.40 14.82
N TYR C 264 -58.42 -31.97 14.20
CA TYR C 264 -58.40 -31.60 12.79
C TYR C 264 -59.09 -30.29 12.51
N PRO C 265 -58.44 -29.17 12.88
CA PRO C 265 -59.01 -27.81 12.77
C PRO C 265 -59.33 -27.43 11.33
N GLN C 266 -58.48 -27.84 10.40
CA GLN C 266 -58.65 -27.52 8.99
C GLN C 266 -60.03 -27.92 8.49
N GLU C 267 -60.49 -29.08 8.94
CA GLU C 267 -61.81 -29.59 8.56
C GLU C 267 -62.92 -28.86 9.30
N VAL C 268 -62.92 -29.01 10.62
CA VAL C 268 -63.99 -28.46 11.44
C VAL C 268 -64.22 -26.96 11.23
N ILE C 269 -63.19 -26.19 10.95
CA ILE C 269 -63.39 -24.76 10.70
C ILE C 269 -64.21 -24.58 9.42
N SER C 270 -63.90 -25.39 8.41
CA SER C 270 -64.65 -25.41 7.17
C SER C 270 -66.11 -25.74 7.44
N ILE C 271 -66.33 -26.84 8.15
CA ILE C 271 -67.68 -27.25 8.50
C ILE C 271 -68.38 -26.13 9.26
N MET C 272 -67.78 -25.66 10.35
CA MET C 272 -68.34 -24.59 11.17
C MET C 272 -68.76 -23.36 10.39
N ASP C 273 -67.85 -22.79 9.60
CA ASP C 273 -68.20 -21.61 8.82
C ASP C 273 -69.35 -21.94 7.87
N GLN C 274 -69.26 -23.11 7.24
CA GLN C 274 -70.31 -23.57 6.33
C GLN C 274 -71.68 -23.68 7.02
N THR C 275 -71.68 -24.18 8.24
CA THR C 275 -72.89 -24.43 9.01
C THR C 275 -73.52 -23.15 9.45
N ILE C 276 -72.72 -22.33 10.12
CA ILE C 276 -73.21 -21.08 10.68
C ILE C 276 -73.57 -20.09 9.59
N LYS C 277 -73.07 -20.30 8.37
CA LYS C 277 -73.63 -19.56 7.25
C LYS C 277 -75.12 -19.90 7.18
N ASP C 278 -75.41 -21.20 7.18
CA ASP C 278 -76.79 -21.70 7.09
C ASP C 278 -77.62 -21.45 8.36
N CYS C 279 -76.97 -21.29 9.50
CA CYS C 279 -77.65 -21.04 10.76
C CYS C 279 -78.03 -19.58 10.84
N MET C 280 -77.13 -18.75 10.31
CA MET C 280 -77.44 -17.34 10.11
C MET C 280 -78.57 -17.23 9.09
N VAL C 281 -78.64 -18.17 8.16
CA VAL C 281 -79.82 -18.27 7.28
C VAL C 281 -81.05 -18.74 8.06
N SER C 282 -80.83 -19.58 9.08
CA SER C 282 -81.93 -20.21 9.80
C SER C 282 -82.59 -19.23 10.77
N LEU C 283 -81.82 -18.25 11.21
CA LEU C 283 -82.36 -17.18 12.03
C LEU C 283 -83.16 -16.20 11.16
N ILE C 284 -82.88 -16.22 9.86
CA ILE C 284 -83.53 -15.32 8.92
C ILE C 284 -85.01 -15.70 8.72
N VAL C 285 -85.34 -16.98 8.87
CA VAL C 285 -86.71 -17.42 8.60
C VAL C 285 -87.72 -16.93 9.64
N ASP C 286 -87.26 -16.55 10.82
CA ASP C 286 -88.16 -16.05 11.86
C ASP C 286 -88.60 -14.63 11.56
N ASN C 287 -87.66 -13.79 11.16
CA ASN C 287 -87.97 -12.43 10.74
C ASN C 287 -88.24 -12.40 9.24
N ASN C 288 -88.20 -13.58 8.61
CA ASN C 288 -88.43 -13.75 7.19
C ASN C 288 -87.49 -12.90 6.35
N LEU C 289 -88.03 -11.97 5.57
CA LEU C 289 -87.19 -11.13 4.72
C LEU C 289 -86.33 -10.19 5.57
N ASP C 290 -85.02 -10.27 5.40
CA ASP C 290 -84.07 -9.50 6.21
C ASP C 290 -82.94 -8.88 5.41
N TYR C 291 -82.60 -7.63 5.75
CA TYR C 291 -81.35 -7.00 5.32
C TYR C 291 -81.26 -6.71 3.82
N ASP C 292 -82.30 -7.07 3.08
CA ASP C 292 -82.40 -6.77 1.66
C ASP C 292 -81.28 -7.37 0.78
N LEU C 293 -81.34 -8.68 0.52
CA LEU C 293 -82.19 -9.62 1.25
C LEU C 293 -81.41 -10.89 1.57
N ASP C 294 -81.18 -11.65 0.51
CA ASP C 294 -80.54 -12.95 0.57
C ASP C 294 -79.05 -12.75 0.30
N GLU C 295 -78.68 -11.51 0.05
CA GLU C 295 -77.30 -11.17 -0.23
C GLU C 295 -76.44 -11.22 1.03
N ILE C 296 -77.05 -10.96 2.18
CA ILE C 296 -76.33 -11.10 3.44
C ILE C 296 -76.11 -12.58 3.74
N GLU C 297 -76.90 -13.43 3.09
CA GLU C 297 -76.64 -14.87 3.10
C GLU C 297 -75.52 -15.22 2.12
N THR C 298 -75.31 -14.37 1.12
CA THR C 298 -74.22 -14.54 0.16
C THR C 298 -72.90 -14.12 0.80
N LYS C 299 -72.97 -13.07 1.63
CA LYS C 299 -71.81 -12.59 2.36
C LYS C 299 -71.24 -13.72 3.22
N PHE C 300 -69.94 -13.95 3.09
CA PHE C 300 -69.29 -15.08 3.74
C PHE C 300 -69.14 -14.89 5.24
N TYR C 301 -68.99 -16.00 5.96
CA TYR C 301 -68.76 -16.00 7.39
C TYR C 301 -67.57 -16.87 7.74
N LYS C 302 -66.93 -16.60 8.88
CA LYS C 302 -65.88 -17.50 9.38
C LYS C 302 -65.77 -17.50 10.90
N VAL C 303 -65.43 -18.67 11.43
CA VAL C 303 -65.28 -18.89 12.87
C VAL C 303 -63.85 -18.59 13.31
N ARG C 304 -63.68 -18.00 14.50
CA ARG C 304 -62.36 -17.74 15.05
C ARG C 304 -62.15 -18.42 16.41
N PRO C 305 -61.89 -19.75 16.41
CA PRO C 305 -61.70 -20.45 17.68
C PRO C 305 -60.38 -20.10 18.37
N TYR C 306 -60.44 -19.84 19.68
CA TYR C 306 -59.26 -19.45 20.45
C TYR C 306 -59.32 -20.01 21.86
N ASN C 307 -58.18 -20.13 22.53
CA ASN C 307 -58.14 -20.58 23.92
C ASN C 307 -58.67 -22.01 24.11
N VAL C 308 -58.27 -22.92 23.22
CA VAL C 308 -58.58 -24.33 23.41
C VAL C 308 -57.33 -25.01 23.96
N GLY C 309 -57.37 -25.33 25.24
CA GLY C 309 -56.16 -25.78 25.93
C GLY C 309 -55.17 -24.63 25.99
N SER C 310 -54.06 -24.83 26.69
CA SER C 310 -52.94 -23.90 26.55
C SER C 310 -51.64 -24.68 26.41
N CYS C 311 -51.01 -24.56 25.24
CA CYS C 311 -49.73 -25.21 25.01
C CYS C 311 -48.63 -24.17 25.17
N LYS C 312 -47.52 -24.57 25.75
CA LYS C 312 -46.54 -23.60 26.24
C LYS C 312 -45.43 -23.27 25.24
N GLY C 313 -45.45 -22.05 24.70
CA GLY C 313 -44.33 -21.57 23.90
C GLY C 313 -44.12 -22.31 22.60
N MET C 314 -43.16 -21.85 21.81
CA MET C 314 -42.70 -22.60 20.65
C MET C 314 -41.70 -23.65 21.10
N ARG C 315 -41.13 -23.43 22.28
CA ARG C 315 -40.13 -24.32 22.86
C ARG C 315 -40.66 -25.73 23.05
N GLU C 316 -41.86 -25.84 23.61
CA GLU C 316 -42.45 -27.13 23.92
C GLU C 316 -42.99 -27.84 22.68
N LEU C 317 -43.11 -27.09 21.58
CA LEU C 317 -43.75 -27.61 20.37
C LEU C 317 -43.10 -28.88 19.83
N ASN C 318 -43.92 -29.73 19.22
CA ASN C 318 -43.52 -31.08 18.86
C ASN C 318 -44.06 -31.52 17.49
N PRO C 319 -43.35 -32.47 16.84
CA PRO C 319 -43.83 -33.08 15.59
C PRO C 319 -45.05 -33.96 15.79
N ASN C 320 -45.16 -34.60 16.96
CA ASN C 320 -46.26 -35.50 17.26
C ASN C 320 -47.61 -34.86 17.00
N ASP C 321 -47.72 -33.58 17.33
CA ASP C 321 -48.88 -32.82 16.94
C ASP C 321 -48.49 -31.79 15.89
N ILE C 322 -48.85 -32.05 14.63
CA ILE C 322 -48.62 -31.07 13.57
C ILE C 322 -49.87 -30.28 13.23
N ASP C 323 -51.01 -30.69 13.78
CA ASP C 323 -52.23 -29.93 13.61
C ASP C 323 -52.97 -29.81 14.92
N LYS C 324 -53.03 -28.59 15.47
CA LYS C 324 -53.69 -28.30 16.74
C LYS C 324 -53.56 -26.81 17.03
N LEU C 325 -54.46 -26.28 17.83
CA LEU C 325 -54.47 -24.85 18.12
C LEU C 325 -53.66 -24.58 19.38
N ILE C 326 -52.91 -23.48 19.37
CA ILE C 326 -51.93 -23.24 20.42
C ILE C 326 -52.00 -21.83 21.02
N ASN C 327 -52.09 -21.75 22.34
CA ASN C 327 -51.97 -20.47 23.03
C ASN C 327 -50.51 -20.06 23.06
N LEU C 328 -50.19 -18.92 22.46
CA LEU C 328 -48.81 -18.49 22.35
C LEU C 328 -48.66 -17.01 22.61
N LYS C 329 -47.44 -16.62 22.97
CA LYS C 329 -47.16 -15.26 23.40
C LYS C 329 -45.85 -14.79 22.80
N GLY C 330 -45.38 -13.65 23.29
CA GLY C 330 -44.19 -13.03 22.74
C GLY C 330 -44.49 -11.78 21.96
N LEU C 331 -43.49 -10.91 21.86
CA LEU C 331 -43.71 -9.60 21.26
C LEU C 331 -43.57 -9.66 19.74
N VAL C 332 -44.44 -8.94 19.05
CA VAL C 332 -44.35 -8.86 17.59
C VAL C 332 -43.10 -8.11 17.18
N LEU C 333 -42.29 -8.75 16.34
CA LEU C 333 -41.02 -8.18 15.91
C LEU C 333 -41.22 -7.16 14.80
N ARG C 334 -41.72 -7.62 13.67
CA ARG C 334 -41.98 -6.75 12.53
C ARG C 334 -43.11 -7.26 11.66
N SER C 335 -43.75 -6.34 10.93
CA SER C 335 -44.78 -6.71 9.97
C SER C 335 -44.17 -6.85 8.58
N THR C 336 -44.14 -8.08 8.06
CA THR C 336 -43.66 -8.31 6.71
C THR C 336 -44.54 -7.56 5.72
N PRO C 337 -43.99 -7.21 4.56
CA PRO C 337 -44.79 -6.54 3.52
C PRO C 337 -45.97 -7.40 3.11
N VAL C 338 -47.03 -6.78 2.61
CA VAL C 338 -48.22 -7.52 2.24
C VAL C 338 -47.91 -8.49 1.10
N ILE C 339 -48.21 -9.76 1.34
CA ILE C 339 -48.01 -10.82 0.37
C ILE C 339 -49.27 -11.07 -0.43
N PRO C 340 -49.17 -10.91 -1.77
CA PRO C 340 -50.25 -11.26 -2.68
C PRO C 340 -50.39 -12.77 -2.75
N ASP C 341 -51.61 -13.27 -2.82
CA ASP C 341 -51.77 -14.71 -2.84
C ASP C 341 -52.73 -15.21 -3.91
N MET C 342 -52.35 -16.35 -4.47
CA MET C 342 -52.99 -16.99 -5.61
C MET C 342 -54.27 -17.75 -5.27
N LYS C 343 -55.35 -17.40 -5.96
CA LYS C 343 -56.65 -18.05 -5.79
C LYS C 343 -57.16 -18.66 -7.09
N VAL C 344 -57.40 -17.82 -8.08
CA VAL C 344 -57.85 -18.27 -9.41
C VAL C 344 -56.95 -17.69 -10.48
N ALA C 345 -56.23 -18.56 -11.20
CA ALA C 345 -55.23 -18.11 -12.16
C ALA C 345 -55.88 -17.84 -13.50
N PHE C 346 -55.51 -16.71 -14.09
CA PHE C 346 -56.10 -16.29 -15.35
C PHE C 346 -55.17 -16.63 -16.51
N PHE C 347 -55.76 -17.04 -17.62
CA PHE C 347 -54.97 -17.49 -18.77
C PHE C 347 -55.50 -17.03 -20.12
N LYS C 348 -54.63 -17.12 -21.11
CA LYS C 348 -54.96 -16.84 -22.51
C LYS C 348 -54.04 -17.65 -23.40
N CYS C 349 -54.10 -17.38 -24.70
CA CYS C 349 -53.12 -17.84 -25.67
C CYS C 349 -53.11 -16.82 -26.79
N ASN C 350 -52.47 -17.14 -27.91
CA ASN C 350 -52.76 -16.43 -29.13
C ASN C 350 -53.99 -17.09 -29.75
N VAL C 351 -54.34 -18.24 -29.19
CA VAL C 351 -55.57 -18.96 -29.52
C VAL C 351 -56.62 -18.72 -28.44
N CYS C 352 -57.76 -18.14 -28.82
CA CYS C 352 -57.98 -17.68 -30.20
C CYS C 352 -57.56 -16.26 -30.63
N ASP C 353 -57.21 -15.29 -29.78
CA ASP C 353 -56.98 -15.37 -28.33
C ASP C 353 -58.25 -15.40 -27.50
N HIS C 354 -58.24 -16.23 -26.45
CA HIS C 354 -59.41 -16.39 -25.58
C HIS C 354 -59.08 -16.25 -24.08
N THR C 355 -60.11 -15.96 -23.30
CA THR C 355 -59.99 -15.48 -21.92
C THR C 355 -60.03 -16.52 -20.80
N MET C 356 -60.10 -17.81 -21.14
CA MET C 356 -60.38 -18.84 -20.14
C MET C 356 -59.42 -18.90 -18.94
N ALA C 357 -60.00 -18.99 -17.75
CA ALA C 357 -59.25 -19.01 -16.50
C ALA C 357 -59.72 -20.14 -15.60
N VAL C 358 -58.85 -20.59 -14.70
CA VAL C 358 -59.15 -21.73 -13.84
C VAL C 358 -58.65 -21.47 -12.41
N GLU C 359 -59.26 -22.14 -11.44
CA GLU C 359 -58.86 -22.02 -10.04
C GLU C 359 -57.44 -22.57 -9.80
N ILE C 360 -56.71 -21.90 -8.91
CA ILE C 360 -55.36 -22.28 -8.56
C ILE C 360 -55.34 -23.44 -7.58
N ASP C 361 -56.42 -23.56 -6.80
CA ASP C 361 -56.60 -24.64 -5.84
C ASP C 361 -55.51 -24.60 -4.76
N ARG C 362 -54.84 -25.74 -4.54
CA ARG C 362 -53.71 -25.81 -3.62
C ARG C 362 -52.60 -24.97 -4.22
N GLY C 363 -51.58 -24.60 -3.45
CA GLY C 363 -50.54 -23.83 -4.09
C GLY C 363 -49.91 -24.76 -5.10
N VAL C 364 -50.16 -24.45 -6.37
CA VAL C 364 -49.84 -25.21 -7.57
C VAL C 364 -50.44 -24.38 -8.69
N ILE C 365 -49.97 -24.57 -9.92
CA ILE C 365 -50.73 -24.05 -11.06
C ILE C 365 -50.74 -25.07 -12.19
N GLN C 366 -51.92 -25.59 -12.53
CA GLN C 366 -52.00 -26.43 -13.71
C GLN C 366 -53.00 -25.86 -14.72
N GLU C 367 -52.46 -25.28 -15.77
CA GLU C 367 -53.24 -24.87 -16.92
C GLU C 367 -53.18 -25.97 -17.97
N PRO C 368 -54.19 -26.06 -18.84
CA PRO C 368 -54.01 -26.94 -19.99
C PRO C 368 -52.90 -26.42 -20.91
N ALA C 369 -52.07 -27.33 -21.42
CA ALA C 369 -51.05 -26.95 -22.40
C ALA C 369 -51.74 -26.35 -23.60
N ARG C 370 -52.92 -26.89 -23.90
CA ARG C 370 -53.79 -26.38 -24.94
C ARG C 370 -55.09 -27.16 -24.99
N CYS C 371 -56.17 -26.56 -25.49
CA CYS C 371 -56.39 -25.11 -25.54
C CYS C 371 -57.88 -24.87 -25.48
N GLU C 372 -58.26 -23.62 -25.23
CA GLU C 372 -59.66 -23.25 -25.27
C GLU C 372 -59.97 -22.37 -26.47
N ARG C 373 -61.09 -22.64 -27.13
CA ARG C 373 -61.78 -21.59 -27.90
C ARG C 373 -61.10 -20.95 -29.12
N ILE C 374 -61.38 -21.40 -30.34
CA ILE C 374 -62.20 -22.58 -30.67
C ILE C 374 -62.00 -23.06 -32.10
N ASP C 375 -61.83 -24.35 -32.29
CA ASP C 375 -61.03 -25.14 -31.36
C ASP C 375 -59.89 -25.71 -32.22
N CYS C 376 -58.65 -25.23 -32.13
CA CYS C 376 -58.13 -24.17 -31.24
C CYS C 376 -58.44 -24.41 -29.76
N ASN C 377 -57.85 -25.40 -29.10
CA ASN C 377 -56.75 -26.30 -29.52
C ASN C 377 -55.56 -25.57 -30.14
N GLU C 378 -54.97 -26.15 -31.18
CA GLU C 378 -53.72 -25.65 -31.77
C GLU C 378 -52.57 -25.80 -30.75
N PRO C 379 -51.33 -25.88 -31.25
CA PRO C 379 -50.17 -26.13 -30.38
C PRO C 379 -49.87 -24.97 -29.43
N ASN C 380 -50.46 -23.81 -29.67
CA ASN C 380 -50.08 -22.56 -28.99
C ASN C 380 -50.03 -22.67 -27.47
N SER C 381 -48.92 -22.19 -26.90
CA SER C 381 -48.70 -22.23 -25.46
C SER C 381 -49.69 -21.32 -24.73
N MET C 382 -50.06 -21.73 -23.53
CA MET C 382 -50.98 -20.95 -22.72
C MET C 382 -50.36 -19.63 -22.31
N SER C 383 -51.12 -18.55 -22.42
CA SER C 383 -50.64 -17.24 -21.98
C SER C 383 -51.23 -16.92 -20.63
N LEU C 384 -50.39 -16.97 -19.59
CA LEU C 384 -50.81 -16.61 -18.25
C LEU C 384 -50.54 -15.14 -18.05
N ILE C 385 -51.59 -14.35 -17.82
CA ILE C 385 -51.38 -13.00 -17.35
C ILE C 385 -50.99 -13.08 -15.89
N HIS C 386 -49.84 -12.50 -15.57
CA HIS C 386 -49.38 -12.48 -14.18
C HIS C 386 -50.35 -11.66 -13.34
N ASN C 387 -50.77 -10.53 -13.88
CA ASN C 387 -51.53 -9.57 -13.10
C ASN C 387 -53.02 -9.86 -12.93
N ARG C 388 -53.68 -10.26 -14.01
CA ARG C 388 -55.14 -10.33 -14.05
C ARG C 388 -55.76 -11.32 -13.05
N CYS C 389 -55.01 -12.36 -12.69
CA CYS C 389 -55.57 -13.43 -11.87
C CYS C 389 -56.01 -12.96 -10.49
N SER C 390 -56.92 -13.72 -9.90
CA SER C 390 -57.50 -13.39 -8.60
C SER C 390 -56.46 -13.45 -7.50
N PHE C 391 -56.55 -12.54 -6.54
CA PHE C 391 -55.59 -12.50 -5.44
C PHE C 391 -56.24 -12.23 -4.10
N ALA C 392 -55.59 -12.68 -3.03
CA ALA C 392 -56.03 -12.32 -1.69
C ALA C 392 -54.85 -11.96 -0.80
N ASP C 393 -55.13 -11.35 0.34
CA ASP C 393 -54.09 -10.85 1.23
C ASP C 393 -53.58 -11.90 2.20
N LYS C 394 -52.27 -12.10 2.19
CA LYS C 394 -51.59 -12.90 3.21
C LYS C 394 -50.45 -12.04 3.74
N GLN C 395 -49.99 -12.32 4.95
CA GLN C 395 -48.82 -11.64 5.47
C GLN C 395 -47.97 -12.65 6.25
N VAL C 396 -46.96 -12.15 6.94
CA VAL C 396 -46.12 -12.95 7.83
C VAL C 396 -45.64 -12.04 8.96
N ILE C 397 -45.50 -12.59 10.17
CA ILE C 397 -44.80 -11.92 11.26
C ILE C 397 -43.89 -12.94 11.95
N LYS C 398 -42.69 -12.49 12.31
CA LYS C 398 -41.79 -13.25 13.17
C LYS C 398 -42.05 -12.81 14.61
N LEU C 399 -42.01 -13.74 15.55
CA LEU C 399 -42.42 -13.45 16.92
C LEU C 399 -41.52 -14.14 17.94
N GLN C 400 -41.09 -13.48 19.01
CA GLN C 400 -40.30 -14.21 20.00
C GLN C 400 -41.21 -15.08 20.88
N GLU C 401 -40.66 -16.13 21.49
CA GLU C 401 -41.50 -16.94 22.37
C GLU C 401 -41.39 -16.46 23.81
N THR C 402 -42.46 -15.85 24.32
CA THR C 402 -42.56 -15.46 25.73
C THR C 402 -41.33 -14.76 26.33
N PRO C 403 -40.88 -13.68 25.72
CA PRO C 403 -39.66 -13.03 26.24
C PRO C 403 -39.68 -12.80 27.74
N ASP C 404 -40.87 -12.75 28.32
CA ASP C 404 -41.00 -12.69 29.77
C ASP C 404 -40.53 -14.01 30.40
N PHE C 405 -40.70 -15.10 29.66
CA PHE C 405 -40.31 -16.43 30.14
C PHE C 405 -39.09 -16.98 29.41
N VAL C 406 -38.22 -17.67 30.14
CA VAL C 406 -37.10 -18.35 29.51
C VAL C 406 -36.94 -19.76 30.06
N PRO C 407 -36.58 -20.71 29.19
CA PRO C 407 -36.11 -22.02 29.66
C PRO C 407 -34.84 -21.88 30.50
N ASP C 408 -34.17 -20.72 30.42
CA ASP C 408 -33.15 -20.36 31.41
C ASP C 408 -31.96 -21.32 31.48
N GLY C 409 -30.95 -21.09 30.66
CA GLY C 409 -30.70 -19.79 30.08
C GLY C 409 -30.93 -19.51 28.61
N GLN C 410 -31.21 -20.55 27.83
CA GLN C 410 -31.12 -20.46 26.37
C GLN C 410 -32.09 -19.44 25.77
N THR C 411 -31.71 -18.88 24.63
CA THR C 411 -32.54 -17.92 23.92
C THR C 411 -33.85 -18.55 23.49
N PRO C 412 -34.93 -17.75 23.53
CA PRO C 412 -36.24 -18.18 23.07
C PRO C 412 -36.25 -18.44 21.56
N HIS C 413 -36.89 -19.53 21.14
CA HIS C 413 -37.04 -19.85 19.73
C HIS C 413 -37.96 -18.85 19.06
N SER C 414 -37.90 -18.78 17.74
CA SER C 414 -38.76 -17.88 16.99
C SER C 414 -40.04 -18.54 16.47
N ILE C 415 -41.17 -17.91 16.81
CA ILE C 415 -42.47 -18.20 16.25
C ILE C 415 -42.56 -17.66 14.85
N SER C 416 -43.00 -18.53 13.95
CA SER C 416 -43.23 -18.18 12.57
C SER C 416 -44.73 -18.08 12.34
N LEU C 417 -45.23 -16.89 12.06
CA LEU C 417 -46.67 -16.74 11.82
C LEU C 417 -46.94 -16.05 10.49
N CYS C 418 -48.14 -16.20 9.98
CA CYS C 418 -48.49 -15.70 8.65
C CYS C 418 -49.78 -14.87 8.65
N VAL C 419 -50.84 -15.54 9.07
CA VAL C 419 -52.27 -15.20 9.01
C VAL C 419 -52.84 -14.93 7.60
N TYR C 420 -53.92 -14.14 7.55
CA TYR C 420 -54.76 -13.92 6.36
C TYR C 420 -55.81 -12.89 6.73
N ASP C 421 -56.41 -12.24 5.72
CA ASP C 421 -57.51 -11.30 5.91
C ASP C 421 -57.27 -10.26 7.02
N GLU C 422 -58.22 -10.12 7.93
CA GLU C 422 -58.16 -9.11 8.99
C GLU C 422 -56.91 -9.24 9.85
N LEU C 423 -56.53 -10.48 10.09
CA LEU C 423 -55.38 -10.76 10.93
C LEU C 423 -54.10 -10.19 10.32
N VAL C 424 -54.11 -9.98 9.00
CA VAL C 424 -53.03 -9.26 8.35
C VAL C 424 -53.05 -7.83 8.84
N ASP C 425 -51.90 -7.35 9.31
CA ASP C 425 -51.79 -6.03 9.91
C ASP C 425 -52.72 -5.93 11.12
N SER C 426 -52.86 -7.05 11.84
CA SER C 426 -53.70 -7.12 13.03
C SER C 426 -53.28 -6.07 14.06
N CYS C 427 -52.07 -6.25 14.59
CA CYS C 427 -51.50 -5.30 15.54
C CYS C 427 -50.09 -4.94 15.10
N ARG C 428 -49.58 -3.82 15.60
CA ARG C 428 -48.27 -3.29 15.20
C ARG C 428 -46.96 -4.01 15.53
N ALA C 429 -46.81 -4.44 16.77
CA ALA C 429 -45.61 -5.16 17.19
C ALA C 429 -45.36 -4.89 18.65
N GLY C 430 -44.33 -5.54 19.18
CA GLY C 430 -43.99 -5.36 20.57
C GLY C 430 -45.18 -5.74 21.43
N ASP C 431 -45.98 -6.68 20.97
CA ASP C 431 -47.14 -7.09 21.75
C ASP C 431 -47.02 -8.55 22.16
N ARG C 432 -46.67 -8.84 23.45
CA ARG C 432 -46.57 -10.24 23.98
C ARG C 432 -47.93 -10.96 24.08
N ILE C 433 -48.89 -10.32 24.77
CA ILE C 433 -50.30 -10.62 24.71
C ILE C 433 -50.57 -12.11 24.53
N GLU C 434 -51.19 -12.48 23.42
CA GLU C 434 -51.59 -13.86 23.20
C GLU C 434 -51.80 -14.13 21.71
N VAL C 435 -51.67 -15.39 21.30
CA VAL C 435 -51.80 -15.80 19.90
C VAL C 435 -52.43 -17.20 19.83
N THR C 436 -53.25 -17.48 18.80
CA THR C 436 -53.81 -18.81 18.59
C THR C 436 -53.85 -19.25 17.13
N GLY C 437 -53.62 -20.55 16.89
CA GLY C 437 -53.76 -21.13 15.57
C GLY C 437 -53.20 -22.54 15.47
N THR C 438 -53.57 -23.25 14.41
CA THR C 438 -53.03 -24.59 14.19
C THR C 438 -51.63 -24.56 13.57
N PHE C 439 -50.89 -25.64 13.73
CA PHE C 439 -49.53 -25.72 13.22
C PHE C 439 -49.52 -26.06 11.72
N ARG C 440 -48.53 -25.52 11.01
CA ARG C 440 -48.28 -25.87 9.61
C ARG C 440 -46.79 -25.99 9.35
N SER C 441 -46.41 -26.87 8.42
CA SER C 441 -45.02 -26.96 8.01
C SER C 441 -44.87 -27.42 6.56
N ILE C 442 -43.87 -26.87 5.87
CA ILE C 442 -43.65 -27.18 4.46
C ILE C 442 -42.16 -27.34 4.15
N PRO C 443 -41.80 -28.33 3.32
CA PRO C 443 -40.40 -28.46 2.89
C PRO C 443 -40.00 -27.34 1.93
N ILE C 444 -38.71 -27.08 1.80
CA ILE C 444 -38.25 -26.01 0.93
C ILE C 444 -37.25 -26.48 -0.13
N ARG C 445 -37.29 -25.82 -1.28
CA ARG C 445 -36.33 -26.08 -2.35
C ARG C 445 -34.94 -25.62 -1.94
N ALA C 446 -33.91 -26.27 -2.46
CA ALA C 446 -32.54 -25.92 -2.10
C ALA C 446 -31.63 -25.90 -3.32
N ASN C 447 -30.70 -24.96 -3.36
CA ASN C 447 -29.70 -24.88 -4.43
C ASN C 447 -30.17 -25.00 -5.89
N SER C 448 -31.07 -24.15 -6.35
CA SER C 448 -31.64 -23.05 -5.59
C SER C 448 -33.19 -23.00 -5.55
N ARG C 449 -33.96 -22.92 -6.66
CA ARG C 449 -33.80 -23.49 -8.02
C ARG C 449 -33.58 -25.03 -7.93
N GLN C 450 -32.99 -25.66 -8.95
CA GLN C 450 -32.71 -27.11 -9.02
C GLN C 450 -33.96 -28.00 -8.86
N ARG C 451 -35.02 -27.42 -8.29
CA ARG C 451 -36.28 -28.15 -8.04
C ARG C 451 -36.13 -29.40 -7.15
N VAL C 452 -35.36 -29.28 -6.07
CA VAL C 452 -35.14 -30.43 -5.17
C VAL C 452 -35.43 -30.03 -3.72
N LEU C 453 -35.81 -31.00 -2.90
CA LEU C 453 -36.17 -30.74 -1.51
C LEU C 453 -34.98 -30.63 -0.57
N LYS C 454 -35.17 -29.90 0.52
CA LYS C 454 -34.16 -29.76 1.57
C LYS C 454 -34.35 -30.83 2.66
N SER C 455 -35.47 -31.53 2.58
CA SER C 455 -35.77 -32.67 3.47
C SER C 455 -35.79 -32.33 4.96
N LEU C 456 -36.08 -31.07 5.29
CA LEU C 456 -36.50 -30.73 6.64
C LEU C 456 -37.55 -29.64 6.51
N TYR C 457 -38.67 -29.80 7.21
CA TYR C 457 -39.80 -28.91 7.01
C TYR C 457 -39.68 -27.62 7.81
N LYS C 458 -39.79 -26.50 7.09
CA LYS C 458 -39.94 -25.17 7.67
C LYS C 458 -41.26 -25.09 8.44
N THR C 459 -41.19 -24.62 9.68
CA THR C 459 -42.33 -24.73 10.59
C THR C 459 -42.93 -23.39 11.02
N TYR C 460 -44.21 -23.18 10.70
CA TYR C 460 -44.90 -21.97 11.11
C TYR C 460 -46.29 -22.25 11.66
N VAL C 461 -47.01 -21.18 12.00
CA VAL C 461 -48.33 -21.31 12.59
C VAL C 461 -49.41 -20.79 11.65
N ASP C 462 -50.52 -21.51 11.55
CA ASP C 462 -51.65 -21.12 10.71
C ASP C 462 -52.42 -19.97 11.37
N VAL C 463 -52.08 -19.69 12.63
CA VAL C 463 -52.49 -18.50 13.37
C VAL C 463 -53.94 -18.07 13.14
N VAL C 464 -54.85 -18.86 13.68
CA VAL C 464 -56.29 -18.65 13.53
C VAL C 464 -56.79 -17.36 14.17
N HIS C 465 -56.30 -17.06 15.36
CA HIS C 465 -56.82 -15.90 16.09
C HIS C 465 -55.81 -15.34 17.11
N VAL C 466 -56.02 -14.09 17.51
CA VAL C 466 -55.20 -13.45 18.54
C VAL C 466 -56.08 -12.60 19.45
N LYS C 467 -55.93 -12.75 20.76
CA LYS C 467 -56.64 -11.86 21.68
C LYS C 467 -55.87 -11.48 22.95
N LYS C 468 -55.83 -10.18 23.25
CA LYS C 468 -55.95 -9.10 22.26
C LYS C 468 -54.89 -8.07 22.59
N VAL C 469 -55.03 -7.49 23.78
CA VAL C 469 -54.05 -6.61 24.40
C VAL C 469 -53.56 -7.24 25.71
N SER C 470 -52.37 -6.83 26.16
CA SER C 470 -51.76 -7.35 27.39
C SER C 470 -52.69 -7.25 28.60
N ARG C 499 -60.52 4.44 22.57
CA ARG C 499 -61.38 4.79 23.69
C ARG C 499 -62.43 5.82 23.28
N GLN C 500 -63.62 5.35 22.93
CA GLN C 500 -64.73 6.26 22.65
C GLN C 500 -65.48 6.55 23.95
N ILE C 501 -65.78 7.82 24.16
CA ILE C 501 -66.40 8.29 25.39
C ILE C 501 -67.89 7.95 25.49
N THR C 502 -68.29 7.35 26.59
CA THR C 502 -69.71 7.07 26.84
C THR C 502 -70.43 8.38 27.14
N ASP C 503 -71.73 8.43 26.87
CA ASP C 503 -72.46 9.69 26.97
C ASP C 503 -72.85 10.05 28.40
N GLN C 504 -73.29 9.07 29.19
CA GLN C 504 -73.87 9.36 30.50
C GLN C 504 -72.84 9.79 31.55
N ASP C 505 -71.57 9.48 31.34
CA ASP C 505 -70.54 9.95 32.26
C ASP C 505 -69.92 11.27 31.79
N LEU C 506 -70.44 11.81 30.69
CA LEU C 506 -70.07 13.15 30.21
C LEU C 506 -70.75 14.23 31.04
N ALA C 507 -72.00 13.97 31.43
CA ALA C 507 -72.71 14.88 32.32
C ALA C 507 -72.33 14.52 33.76
N LYS C 508 -71.64 13.41 33.91
CA LYS C 508 -70.98 13.08 35.17
C LYS C 508 -69.69 13.88 35.25
N ILE C 509 -69.16 14.25 34.09
CA ILE C 509 -68.02 15.16 34.02
C ILE C 509 -68.40 16.57 34.46
N ARG C 510 -69.53 17.05 33.93
CA ARG C 510 -70.03 18.37 34.27
C ARG C 510 -70.51 18.39 35.73
N GLU C 511 -70.93 17.22 36.20
CA GLU C 511 -71.25 17.03 37.60
C GLU C 511 -69.99 17.20 38.45
N VAL C 512 -68.88 16.68 37.95
CA VAL C 512 -67.59 16.84 38.61
C VAL C 512 -67.10 18.27 38.42
N ALA C 513 -67.69 18.98 37.46
CA ALA C 513 -67.33 20.36 37.18
C ALA C 513 -67.99 21.31 38.18
N ALA C 514 -69.23 21.04 38.53
CA ALA C 514 -69.91 21.83 39.56
C ALA C 514 -69.28 21.58 40.94
N ARG C 515 -68.63 20.43 41.10
CA ARG C 515 -67.85 20.15 42.30
C ARG C 515 -66.76 21.20 42.43
N GLU C 516 -66.69 21.81 43.61
CA GLU C 516 -65.86 23.00 43.79
C GLU C 516 -64.36 22.73 43.71
N ASP C 517 -63.94 21.63 44.33
CA ASP C 517 -62.52 21.39 44.56
C ASP C 517 -61.81 20.66 43.43
N LEU C 518 -62.45 20.52 42.26
CA LEU C 518 -61.84 19.84 41.11
C LEU C 518 -60.43 20.35 40.77
N TYR C 519 -60.14 21.61 41.08
CA TYR C 519 -58.81 22.20 40.86
C TYR C 519 -57.78 21.59 41.81
N SER C 520 -58.17 21.48 43.09
CA SER C 520 -57.43 20.70 44.09
C SER C 520 -57.68 19.19 43.92
N LEU C 521 -58.95 18.78 43.93
CA LEU C 521 -59.32 17.36 43.87
C LEU C 521 -58.58 16.53 42.84
N LEU C 522 -58.80 16.83 41.56
CA LEU C 522 -58.13 16.08 40.51
C LEU C 522 -56.63 16.05 40.74
N ALA C 523 -56.08 17.16 41.22
CA ALA C 523 -54.66 17.25 41.54
C ALA C 523 -54.25 16.22 42.58
N ARG C 524 -55.02 16.10 43.65
CA ARG C 524 -54.69 15.10 44.67
C ARG C 524 -54.90 13.71 44.09
N SER C 525 -55.69 13.61 43.03
CA SER C 525 -55.87 12.33 42.35
C SER C 525 -54.74 12.07 41.35
N ILE C 526 -54.06 13.13 40.93
CA ILE C 526 -52.90 13.00 40.05
C ILE C 526 -51.84 12.13 40.68
N ALA C 527 -51.32 12.61 41.80
CA ALA C 527 -50.18 11.98 42.44
C ALA C 527 -50.55 11.45 43.82
N PRO C 528 -51.14 10.26 43.87
CA PRO C 528 -51.57 9.64 45.13
C PRO C 528 -50.40 9.23 46.00
N SER C 529 -49.24 9.08 45.35
CA SER C 529 -48.06 8.55 46.00
C SER C 529 -47.32 9.60 46.83
N ILE C 530 -47.52 10.86 46.51
CA ILE C 530 -46.64 11.91 47.02
C ILE C 530 -47.29 12.80 48.09
N TYR C 531 -46.50 13.13 49.11
CA TYR C 531 -46.93 14.02 50.19
C TYR C 531 -46.70 15.50 49.87
N GLU C 532 -47.70 16.32 50.18
CA GLU C 532 -47.64 17.77 50.02
C GLU C 532 -47.30 18.19 48.59
N LEU C 533 -46.44 19.21 48.46
CA LEU C 533 -46.06 19.83 47.17
C LEU C 533 -47.26 20.03 46.26
N GLU C 534 -48.32 20.62 46.82
CA GLU C 534 -49.58 20.74 46.12
C GLU C 534 -49.52 21.67 44.90
N ASP C 535 -48.59 22.63 44.90
CA ASP C 535 -48.48 23.54 43.75
C ASP C 535 -47.98 22.78 42.53
N VAL C 536 -47.30 21.66 42.78
CA VAL C 536 -46.84 20.77 41.73
C VAL C 536 -48.01 20.00 41.12
N LYS C 537 -48.86 19.41 41.95
CA LYS C 537 -50.05 18.71 41.47
C LYS C 537 -50.99 19.69 40.76
N LYS C 538 -51.02 20.90 41.29
CA LYS C 538 -51.77 22.03 40.78
C LYS C 538 -51.38 22.32 39.34
N GLY C 539 -50.12 22.73 39.21
CA GLY C 539 -49.52 23.01 37.93
C GLY C 539 -49.65 21.85 36.95
N ILE C 540 -49.24 20.66 37.35
CA ILE C 540 -49.27 19.47 36.51
C ILE C 540 -50.70 19.12 36.08
N LEU C 541 -51.66 19.45 36.93
CA LEU C 541 -53.07 19.34 36.55
C LEU C 541 -53.29 20.26 35.37
N LEU C 542 -52.91 21.52 35.54
CA LEU C 542 -53.08 22.49 34.47
C LEU C 542 -52.19 22.20 33.26
N GLN C 543 -51.31 21.21 33.40
CA GLN C 543 -50.36 20.85 32.35
C GLN C 543 -51.02 20.02 31.27
N LEU C 544 -51.93 19.15 31.69
CA LEU C 544 -52.66 18.28 30.79
C LEU C 544 -53.84 19.03 30.19
N PHE C 545 -54.23 20.13 30.84
CA PHE C 545 -55.20 21.08 30.30
C PHE C 545 -54.53 22.25 29.62
N GLY C 546 -53.21 22.17 29.47
CA GLY C 546 -52.41 23.28 28.99
C GLY C 546 -52.80 23.88 27.65
N GLY C 547 -53.05 25.20 27.67
CA GLY C 547 -53.18 26.00 26.47
C GLY C 547 -54.31 25.75 25.48
N THR C 548 -54.18 26.35 24.30
CA THR C 548 -55.15 26.24 23.22
C THR C 548 -54.46 26.59 21.90
N ASN C 549 -55.00 26.16 20.77
CA ASN C 549 -54.40 26.43 19.46
C ASN C 549 -54.75 27.77 18.85
N LYS C 550 -53.74 28.58 18.52
CA LYS C 550 -53.96 29.80 17.75
C LYS C 550 -53.34 29.66 16.36
N THR C 551 -54.18 29.47 15.35
CA THR C 551 -53.70 29.29 13.97
C THR C 551 -53.81 30.53 13.09
N PHE C 552 -54.43 31.59 13.61
CA PHE C 552 -54.64 32.86 12.91
C PHE C 552 -55.21 32.72 11.50
N THR C 553 -54.72 33.60 10.62
CA THR C 553 -54.75 33.41 9.17
C THR C 553 -53.55 32.58 8.75
N LYS C 554 -52.39 32.93 9.32
CA LYS C 554 -51.12 32.26 9.07
C LYS C 554 -50.17 32.45 10.25
N GLY C 555 -48.99 31.84 10.17
CA GLY C 555 -48.02 31.90 11.25
C GLY C 555 -48.55 31.30 12.53
N GLY C 556 -48.44 32.03 13.63
CA GLY C 556 -49.02 31.63 14.89
C GLY C 556 -48.51 30.30 15.43
N ARG C 557 -49.45 29.42 15.78
CA ARG C 557 -49.15 28.07 16.26
C ARG C 557 -48.33 28.10 17.56
N TYR C 558 -48.72 28.98 18.48
CA TYR C 558 -48.05 29.10 19.77
C TYR C 558 -48.45 27.91 20.65
N ARG C 559 -49.49 27.22 20.19
CA ARG C 559 -50.07 26.02 20.78
C ARG C 559 -50.51 26.11 22.24
N GLY C 560 -50.49 24.95 22.90
CA GLY C 560 -50.80 24.82 24.31
C GLY C 560 -49.56 24.44 25.08
N ASP C 561 -48.49 24.25 24.31
CA ASP C 561 -47.27 23.63 24.78
C ASP C 561 -46.67 24.33 26.00
N ILE C 562 -46.43 23.58 27.07
CA ILE C 562 -45.80 24.14 28.27
C ILE C 562 -44.68 23.26 28.83
N ASN C 563 -43.47 23.80 28.84
CA ASN C 563 -42.39 23.17 29.59
C ASN C 563 -42.47 23.61 31.02
N ILE C 564 -42.10 22.73 31.93
CA ILE C 564 -41.96 23.12 33.32
C ILE C 564 -40.75 22.43 33.94
N LEU C 565 -39.89 23.21 34.61
CA LEU C 565 -38.79 22.63 35.36
C LEU C 565 -39.20 22.48 36.81
N LEU C 566 -38.74 21.41 37.46
CA LEU C 566 -38.84 21.32 38.91
C LEU C 566 -37.52 20.80 39.47
N CYS C 567 -37.19 21.23 40.69
CA CYS C 567 -35.96 20.79 41.34
C CYS C 567 -36.00 21.04 42.83
N GLY C 568 -34.94 20.63 43.53
CA GLY C 568 -34.84 20.79 44.96
C GLY C 568 -33.83 19.85 45.60
N ASP C 569 -34.01 19.56 46.88
CA ASP C 569 -33.16 18.57 47.56
C ASP C 569 -33.15 17.28 46.75
N PRO C 570 -31.96 16.69 46.55
CA PRO C 570 -31.76 15.56 45.63
C PRO C 570 -32.70 14.39 45.89
N SER C 571 -33.24 13.80 44.82
CA SER C 571 -34.20 12.70 44.91
C SER C 571 -35.43 13.09 45.73
N THR C 572 -36.27 13.93 45.14
CA THR C 572 -37.41 14.55 45.80
C THR C 572 -38.69 13.70 45.74
N SER C 573 -38.58 12.53 45.10
CA SER C 573 -39.72 11.81 44.54
C SER C 573 -40.26 12.59 43.35
N LYS C 574 -39.33 13.24 42.65
CA LYS C 574 -39.60 13.87 41.36
C LYS C 574 -39.67 12.80 40.28
N SER C 575 -38.76 11.84 40.38
CA SER C 575 -38.68 10.75 39.42
C SER C 575 -39.90 9.85 39.53
N GLN C 576 -40.60 9.89 40.66
CA GLN C 576 -41.80 9.08 40.80
C GLN C 576 -42.97 9.72 40.05
N ILE C 577 -43.08 11.04 40.14
CA ILE C 577 -44.12 11.77 39.43
C ILE C 577 -43.84 11.76 37.93
N LEU C 578 -42.56 11.79 37.57
CA LEU C 578 -42.19 11.62 36.18
C LEU C 578 -42.57 10.23 35.71
N GLN C 579 -42.10 9.20 36.42
CA GLN C 579 -42.39 7.81 36.05
C GLN C 579 -43.88 7.47 36.06
N TYR C 580 -44.68 8.31 36.71
CA TYR C 580 -46.13 8.13 36.79
C TYR C 580 -46.85 8.81 35.62
N VAL C 581 -46.71 10.14 35.59
CA VAL C 581 -47.32 10.97 34.56
C VAL C 581 -46.89 10.49 33.18
N HIS C 582 -45.65 10.01 33.08
CA HIS C 582 -45.12 9.40 31.87
C HIS C 582 -46.02 8.28 31.38
N LYS C 583 -46.51 7.47 32.31
CA LYS C 583 -47.33 6.31 31.99
C LYS C 583 -48.80 6.67 31.69
N ILE C 584 -49.33 7.68 32.38
CA ILE C 584 -50.72 8.08 32.10
C ILE C 584 -50.94 8.59 30.66
N THR C 585 -49.86 9.07 30.02
CA THR C 585 -49.94 9.83 28.78
C THR C 585 -50.14 9.00 27.49
N PRO C 586 -50.96 9.52 26.56
CA PRO C 586 -51.08 9.01 25.18
C PRO C 586 -49.73 8.91 24.45
N ARG C 587 -48.90 9.94 24.51
CA ARG C 587 -47.50 9.83 24.10
C ARG C 587 -46.57 10.39 25.19
N GLY C 588 -45.86 9.49 25.87
CA GLY C 588 -44.98 9.88 26.95
C GLY C 588 -43.52 9.90 26.55
N VAL C 589 -42.70 10.64 27.30
CA VAL C 589 -41.25 10.67 27.06
C VAL C 589 -40.51 10.83 28.38
N TYR C 590 -39.45 10.05 28.58
CA TYR C 590 -38.59 10.22 29.74
C TYR C 590 -37.14 9.77 29.47
N THR C 591 -36.18 10.51 30.01
CA THR C 591 -34.76 10.13 30.04
C THR C 591 -34.03 10.89 31.15
N SER C 592 -32.71 10.76 31.21
CA SER C 592 -31.91 11.44 32.23
C SER C 592 -31.08 12.60 31.69
N GLY C 593 -30.35 13.27 32.59
CA GLY C 593 -29.33 14.22 32.22
C GLY C 593 -28.08 13.44 31.93
N LYS C 594 -27.24 13.96 31.02
CA LYS C 594 -26.08 13.28 30.46
C LYS C 594 -26.49 12.10 29.58
N GLY C 595 -27.77 11.73 29.65
CA GLY C 595 -28.33 10.69 28.81
C GLY C 595 -29.11 11.36 27.70
N SER C 596 -28.84 12.64 27.52
CA SER C 596 -29.49 13.45 26.50
C SER C 596 -28.44 14.28 25.74
N SER C 597 -28.67 14.48 24.45
CA SER C 597 -27.77 15.26 23.60
C SER C 597 -28.50 15.73 22.34
N ALA C 598 -27.82 16.45 21.46
CA ALA C 598 -28.43 16.91 20.20
C ALA C 598 -28.73 15.74 19.29
N VAL C 599 -27.69 14.98 19.01
CA VAL C 599 -27.74 13.88 18.05
C VAL C 599 -28.71 12.79 18.49
N GLY C 600 -29.02 12.76 19.79
CA GLY C 600 -29.73 11.64 20.38
C GLY C 600 -31.22 11.50 20.14
N LEU C 601 -31.96 12.61 20.12
CA LEU C 601 -33.42 12.52 20.10
C LEU C 601 -34.12 12.72 18.74
N THR C 602 -33.38 12.92 17.65
CA THR C 602 -34.06 13.18 16.38
C THR C 602 -33.48 12.46 15.13
N ALA C 603 -34.35 11.69 14.47
CA ALA C 603 -34.14 11.22 13.09
C ALA C 603 -32.86 10.43 12.82
N TYR C 604 -32.65 9.33 13.53
CA TYR C 604 -31.44 8.51 13.37
C TYR C 604 -31.24 7.94 11.97
N ILE C 605 -32.31 7.96 11.16
CA ILE C 605 -32.26 7.66 9.72
C ILE C 605 -31.47 6.37 9.36
N THR C 606 -31.67 5.32 10.16
CA THR C 606 -30.92 4.07 9.98
C THR C 606 -31.42 3.18 8.82
N ARG C 607 -30.54 2.28 8.38
CA ARG C 607 -30.86 1.27 7.37
C ARG C 607 -31.94 0.33 7.87
N ASP C 608 -32.77 -0.18 6.96
CA ASP C 608 -33.80 -1.17 7.30
C ASP C 608 -33.17 -2.50 7.72
N VAL C 609 -31.84 -2.60 7.61
CA VAL C 609 -31.15 -3.85 7.91
C VAL C 609 -31.68 -4.95 6.99
N ASP C 610 -32.48 -5.88 7.55
CA ASP C 610 -32.84 -7.12 6.86
C ASP C 610 -33.32 -6.98 5.41
N THR C 611 -33.92 -5.85 5.03
CA THR C 611 -34.21 -5.60 3.61
C THR C 611 -33.19 -4.69 2.92
N LYS C 612 -32.15 -4.28 3.65
CA LYS C 612 -31.02 -3.51 3.09
C LYS C 612 -31.42 -2.14 2.52
N GLN C 613 -32.25 -1.39 3.25
CA GLN C 613 -32.73 -0.10 2.75
C GLN C 613 -32.78 1.00 3.82
N LEU C 614 -32.11 2.11 3.57
CA LEU C 614 -32.10 3.21 4.54
C LEU C 614 -33.49 3.86 4.62
N VAL C 615 -34.05 3.89 5.82
CA VAL C 615 -35.41 4.38 6.04
C VAL C 615 -35.44 5.37 7.20
N LEU C 616 -36.11 6.51 7.00
CA LEU C 616 -36.14 7.57 8.02
C LEU C 616 -36.80 7.10 9.31
N GLU C 617 -36.08 7.25 10.41
CA GLU C 617 -36.59 6.86 11.72
C GLU C 617 -37.00 8.08 12.53
N SER C 618 -38.05 7.94 13.32
CA SER C 618 -38.46 9.00 14.22
C SER C 618 -37.67 8.89 15.53
N GLY C 619 -37.12 10.00 15.98
CA GLY C 619 -36.39 10.04 17.23
C GLY C 619 -37.35 10.23 18.39
N ALA C 620 -36.82 10.18 19.62
CA ALA C 620 -37.66 10.25 20.81
C ALA C 620 -38.52 11.52 20.87
N LEU C 621 -38.10 12.56 20.15
CA LEU C 621 -38.85 13.81 20.11
C LEU C 621 -40.03 13.86 19.13
N VAL C 622 -39.91 13.16 18.00
CA VAL C 622 -40.96 13.11 17.00
C VAL C 622 -42.19 12.39 17.54
N LEU C 623 -41.97 11.32 18.29
CA LEU C 623 -43.06 10.54 18.86
C LEU C 623 -43.77 11.33 19.96
N SER C 624 -43.01 12.12 20.71
CA SER C 624 -43.57 12.94 21.77
C SER C 624 -44.51 14.00 21.21
N ASP C 625 -44.32 14.34 19.94
CA ASP C 625 -45.15 15.34 19.27
C ASP C 625 -46.60 15.15 19.71
N GLY C 626 -47.10 16.10 20.51
CA GLY C 626 -48.33 15.88 21.25
C GLY C 626 -47.98 15.20 22.55
N GLY C 627 -48.77 15.43 23.60
CA GLY C 627 -48.50 14.80 24.88
C GLY C 627 -47.41 15.45 25.71
N VAL C 628 -46.61 14.64 26.42
CA VAL C 628 -45.60 15.20 27.34
C VAL C 628 -44.24 14.48 27.41
N CYS C 629 -43.16 15.24 27.22
CA CYS C 629 -41.79 14.76 27.53
C CYS C 629 -41.36 14.97 28.99
N CYS C 630 -40.39 14.17 29.44
CA CYS C 630 -39.80 14.31 30.78
C CYS C 630 -38.29 14.00 30.78
N ILE C 631 -37.49 14.76 31.52
CA ILE C 631 -36.05 14.45 31.65
C ILE C 631 -35.47 14.79 33.04
N ASP C 632 -34.24 14.36 33.31
CA ASP C 632 -33.59 14.60 34.60
C ASP C 632 -32.46 15.63 34.58
N GLU C 633 -32.50 16.59 35.49
CA GLU C 633 -31.36 17.48 35.77
C GLU C 633 -30.84 18.29 34.57
N PHE C 634 -31.59 19.32 34.18
CA PHE C 634 -31.20 20.19 33.07
C PHE C 634 -29.91 20.98 33.34
N ASP C 635 -29.53 21.12 34.60
CA ASP C 635 -28.22 21.69 34.93
C ASP C 635 -27.12 20.81 34.34
N LYS C 636 -27.39 19.51 34.30
CA LYS C 636 -26.41 18.49 33.93
C LYS C 636 -26.47 18.04 32.47
N MET C 637 -27.42 18.55 31.71
CA MET C 637 -27.52 18.21 30.30
C MET C 637 -26.24 18.61 29.57
N SER C 638 -25.87 17.84 28.55
CA SER C 638 -24.64 18.15 27.82
C SER C 638 -24.81 19.39 26.94
N ASP C 639 -23.77 19.75 26.21
CA ASP C 639 -23.77 20.99 25.42
C ASP C 639 -24.52 20.82 24.11
N SER C 640 -24.46 19.63 23.53
CA SER C 640 -25.28 19.31 22.37
C SER C 640 -26.69 19.02 22.88
N THR C 641 -26.81 18.62 24.14
CA THR C 641 -28.13 18.70 24.75
C THR C 641 -28.45 20.18 24.81
N ARG C 642 -29.74 20.49 24.89
CA ARG C 642 -30.28 21.85 24.79
C ARG C 642 -30.24 22.32 23.32
N SER C 643 -29.50 21.62 22.47
CA SER C 643 -29.43 21.99 21.06
C SER C 643 -30.61 21.42 20.30
N VAL C 644 -31.23 20.36 20.83
CA VAL C 644 -32.53 19.94 20.34
C VAL C 644 -33.63 20.74 21.04
N LEU C 645 -33.31 21.32 22.19
CA LEU C 645 -34.29 22.10 22.95
C LEU C 645 -34.46 23.50 22.39
N HIS C 646 -33.35 24.18 22.14
CA HIS C 646 -33.37 25.52 21.53
C HIS C 646 -34.14 25.45 20.22
N GLU C 647 -34.06 24.26 19.61
CA GLU C 647 -34.76 23.89 18.39
C GLU C 647 -36.30 23.68 18.41
N VAL C 648 -36.86 23.04 19.44
CA VAL C 648 -38.29 22.79 19.47
C VAL C 648 -39.09 23.72 20.39
N MET C 649 -38.41 24.42 21.29
CA MET C 649 -39.09 25.32 22.21
C MET C 649 -39.94 26.35 21.48
N GLU C 650 -39.39 26.87 20.40
CA GLU C 650 -39.97 28.02 19.71
C GLU C 650 -40.28 27.67 18.26
N GLN C 651 -39.27 27.22 17.51
CA GLN C 651 -39.50 26.65 16.19
C GLN C 651 -40.67 25.67 16.25
N GLN C 652 -40.72 24.90 17.33
CA GLN C 652 -41.80 23.96 17.58
C GLN C 652 -41.87 22.98 16.41
N THR C 653 -40.70 22.80 15.78
CA THR C 653 -40.51 21.95 14.62
C THR C 653 -39.15 21.31 14.76
N ILE C 654 -38.73 20.57 13.74
CA ILE C 654 -37.40 19.96 13.67
C ILE C 654 -36.98 19.92 12.19
N SER C 655 -35.72 20.17 11.89
CA SER C 655 -35.27 20.22 10.50
C SER C 655 -34.33 19.06 10.14
N ILE C 656 -34.78 18.15 9.27
CA ILE C 656 -33.90 17.10 8.75
C ILE C 656 -33.80 17.14 7.23
N ALA C 657 -32.66 17.61 6.72
CA ALA C 657 -32.41 17.56 5.28
C ALA C 657 -31.43 16.47 4.83
N LYS C 658 -30.79 15.78 5.77
CA LYS C 658 -29.64 14.95 5.42
C LYS C 658 -29.97 13.61 4.76
N ALA C 659 -28.96 13.05 4.10
CA ALA C 659 -29.05 11.88 3.24
C ALA C 659 -29.96 12.13 2.04
N GLY C 660 -30.88 11.21 1.78
CA GLY C 660 -31.65 11.25 0.56
C GLY C 660 -32.88 12.14 0.56
N ILE C 661 -33.49 12.31 1.73
CA ILE C 661 -34.85 12.87 1.80
C ILE C 661 -34.93 14.07 2.76
N ILE C 662 -35.72 15.07 2.38
CA ILE C 662 -35.79 16.32 3.14
C ILE C 662 -37.17 16.61 3.74
N THR C 663 -37.23 16.62 5.07
CA THR C 663 -38.43 17.03 5.78
C THR C 663 -38.08 17.88 7.00
N THR C 664 -38.72 19.05 7.10
CA THR C 664 -38.76 19.76 8.37
C THR C 664 -40.15 19.50 8.96
N LEU C 665 -40.19 18.65 9.98
CA LEU C 665 -41.45 18.15 10.53
C LEU C 665 -41.69 18.62 11.97
N ASN C 666 -42.96 18.84 12.30
CA ASN C 666 -43.34 19.48 13.56
C ASN C 666 -43.26 18.60 14.80
N ALA C 667 -42.90 19.21 15.92
CA ALA C 667 -43.03 18.57 17.24
C ALA C 667 -43.65 19.55 18.23
N ARG C 668 -44.86 19.24 18.72
CA ARG C 668 -45.50 20.09 19.73
C ARG C 668 -46.00 19.28 20.93
N SER C 669 -45.33 19.42 22.08
CA SER C 669 -45.85 18.80 23.31
C SER C 669 -45.34 19.48 24.57
N SER C 670 -46.19 19.52 25.58
CA SER C 670 -45.79 20.02 26.90
C SER C 670 -44.76 19.06 27.48
N ILE C 671 -43.93 19.52 28.40
CA ILE C 671 -42.78 18.73 28.86
C ILE C 671 -42.46 19.02 30.33
N LEU C 672 -42.04 18.00 31.11
CA LEU C 672 -41.55 18.28 32.46
C LEU C 672 -40.25 17.55 32.77
N ALA C 673 -39.18 18.32 32.99
CA ALA C 673 -37.92 17.73 33.39
C ALA C 673 -37.66 17.87 34.88
N SER C 674 -37.33 16.77 35.54
CA SER C 674 -36.88 16.81 36.93
C SER C 674 -35.44 17.31 36.98
N ALA C 675 -35.01 17.80 38.13
CA ALA C 675 -33.65 18.31 38.27
C ALA C 675 -33.16 18.36 39.72
N ASN C 676 -31.92 18.79 39.89
CA ASN C 676 -31.38 19.11 41.22
C ASN C 676 -30.56 20.40 41.17
N PRO C 677 -30.66 21.22 42.22
CA PRO C 677 -29.70 22.30 42.44
C PRO C 677 -28.26 21.76 42.47
N ILE C 678 -27.30 22.62 42.17
CA ILE C 678 -25.90 22.24 42.05
C ILE C 678 -25.32 21.67 43.35
N GLY C 679 -25.99 21.92 44.47
CA GLY C 679 -25.46 21.59 45.78
C GLY C 679 -25.19 20.15 46.21
N SER C 680 -26.18 19.25 46.18
CA SER C 680 -27.50 19.46 45.59
C SER C 680 -28.43 20.36 46.40
N ARG C 681 -27.98 20.80 47.58
CA ARG C 681 -28.68 21.89 48.27
C ARG C 681 -28.28 23.21 47.62
N TYR C 682 -29.27 24.04 47.33
CA TYR C 682 -29.00 25.29 46.66
C TYR C 682 -28.52 26.35 47.65
N ASN C 683 -28.47 25.94 48.92
CA ASN C 683 -27.98 26.72 50.07
C ASN C 683 -28.85 27.94 50.36
N PRO C 684 -28.90 28.38 51.64
CA PRO C 684 -29.74 29.51 52.04
C PRO C 684 -29.27 30.83 51.45
N ASN C 685 -30.16 31.81 51.40
CA ASN C 685 -29.89 33.10 50.79
C ASN C 685 -29.43 32.96 49.34
N LEU C 686 -28.35 33.66 49.00
CA LEU C 686 -27.68 33.57 47.69
C LEU C 686 -28.54 34.15 46.57
N PRO C 687 -27.89 34.66 45.51
CA PRO C 687 -28.65 34.91 44.28
C PRO C 687 -29.25 33.62 43.74
N VAL C 688 -30.39 33.72 43.07
CA VAL C 688 -31.08 32.52 42.62
C VAL C 688 -30.54 31.92 41.33
N THR C 689 -30.21 32.77 40.36
CA THR C 689 -29.88 32.32 39.00
C THR C 689 -28.77 31.30 38.98
N GLU C 690 -27.57 31.69 39.39
CA GLU C 690 -26.45 30.75 39.49
C GLU C 690 -26.84 29.53 40.32
N ASN C 691 -27.66 29.76 41.33
CA ASN C 691 -28.08 28.70 42.23
C ASN C 691 -29.04 27.70 41.57
N ILE C 692 -29.61 28.11 40.44
CA ILE C 692 -30.51 27.31 39.64
C ILE C 692 -29.65 26.58 38.59
N ASP C 693 -28.36 26.82 38.75
CA ASP C 693 -27.29 26.72 37.76
C ASP C 693 -27.57 27.60 36.56
N LEU C 694 -26.85 27.36 35.46
CA LEU C 694 -27.13 27.91 34.13
C LEU C 694 -27.17 29.46 34.09
N PRO C 695 -27.03 30.07 32.90
CA PRO C 695 -27.21 31.52 32.87
C PRO C 695 -28.70 31.92 32.88
N PRO C 696 -29.05 33.04 33.54
CA PRO C 696 -30.42 33.57 33.46
C PRO C 696 -30.91 33.85 32.02
N PRO C 697 -30.01 34.13 31.04
CA PRO C 697 -30.52 34.13 29.67
C PRO C 697 -31.12 32.80 29.19
N LEU C 698 -30.50 31.67 29.52
CA LEU C 698 -31.02 30.37 29.12
C LEU C 698 -32.30 30.04 29.89
N LEU C 699 -32.40 30.57 31.12
CA LEU C 699 -33.56 30.35 31.97
C LEU C 699 -34.73 31.26 31.60
N SER C 700 -34.44 32.31 30.85
CA SER C 700 -35.46 33.27 30.41
C SER C 700 -36.64 32.59 29.73
N ARG C 701 -36.33 31.51 29.01
CA ARG C 701 -37.32 30.82 28.19
C ARG C 701 -38.25 29.86 28.95
N PHE C 702 -37.67 29.08 29.86
CA PHE C 702 -38.39 27.99 30.51
C PHE C 702 -39.54 28.56 31.34
N ASP C 703 -40.75 28.06 31.07
CA ASP C 703 -41.98 28.70 31.50
C ASP C 703 -42.16 28.81 33.02
N LEU C 704 -41.40 28.03 33.77
CA LEU C 704 -41.53 28.06 35.21
C LEU C 704 -40.27 27.53 35.88
N VAL C 705 -40.12 27.84 37.16
CA VAL C 705 -39.06 27.26 37.98
C VAL C 705 -39.64 26.72 39.27
N TYR C 706 -39.55 25.42 39.47
CA TYR C 706 -40.09 24.81 40.68
C TYR C 706 -38.98 24.39 41.61
N LEU C 707 -39.00 24.92 42.82
CA LEU C 707 -37.95 24.68 43.77
C LEU C 707 -38.49 23.89 44.98
N VAL C 708 -38.06 22.65 45.09
CA VAL C 708 -38.33 21.88 46.29
C VAL C 708 -37.28 22.22 47.34
N LEU C 709 -37.64 22.19 48.60
CA LEU C 709 -36.67 22.44 49.65
C LEU C 709 -36.97 21.63 50.91
N ASP C 710 -36.15 21.83 51.92
CA ASP C 710 -36.20 21.05 53.14
C ASP C 710 -36.32 21.92 54.38
N LYS C 711 -37.46 21.87 55.05
CA LYS C 711 -37.71 22.71 56.22
C LYS C 711 -37.29 22.10 57.55
N VAL C 712 -37.04 20.79 57.55
CA VAL C 712 -36.88 20.00 58.78
C VAL C 712 -38.04 20.28 59.74
N ASP C 713 -39.23 20.55 59.19
CA ASP C 713 -40.40 20.62 60.05
C ASP C 713 -40.64 19.20 60.54
N GLU C 714 -41.20 19.09 61.73
CA GLU C 714 -41.19 17.83 62.47
C GLU C 714 -42.23 16.72 62.14
N LYS C 715 -43.56 16.93 61.96
CA LYS C 715 -44.37 18.13 61.63
C LYS C 715 -44.18 18.46 60.14
N ASN C 716 -43.14 17.89 59.53
CA ASN C 716 -43.09 17.70 58.08
C ASN C 716 -42.69 16.27 57.79
N ASP C 717 -41.52 15.88 58.29
CA ASP C 717 -40.97 14.55 58.02
C ASP C 717 -41.71 13.42 58.73
N ARG C 718 -42.33 13.71 59.87
CA ARG C 718 -43.22 12.73 60.49
C ARG C 718 -44.57 12.80 59.80
N GLU C 719 -44.93 13.95 59.26
CA GLU C 719 -46.22 14.10 58.59
C GLU C 719 -46.16 13.42 57.23
N LEU C 720 -44.93 13.33 56.72
CA LEU C 720 -44.59 12.68 55.47
C LEU C 720 -44.45 11.22 55.73
N ALA C 721 -43.90 10.91 56.91
CA ALA C 721 -43.74 9.54 57.32
C ALA C 721 -45.11 8.90 57.46
N LYS C 722 -46.02 9.62 58.12
CA LYS C 722 -47.39 9.17 58.35
C LYS C 722 -48.12 9.01 57.03
N HIS C 723 -47.59 9.63 55.98
CA HIS C 723 -48.02 9.39 54.61
C HIS C 723 -47.42 8.09 54.09
N LEU C 724 -46.12 7.90 54.35
CA LEU C 724 -45.42 6.69 53.94
C LEU C 724 -45.59 5.62 55.01
N THR C 725 -46.20 6.01 56.13
CA THR C 725 -46.57 5.10 57.20
C THR C 725 -47.56 4.08 56.67
N ASN C 726 -48.36 4.51 55.71
CA ASN C 726 -49.23 3.60 54.99
C ASN C 726 -48.40 2.71 54.08
N LEU C 727 -48.97 1.53 53.77
CA LEU C 727 -48.32 0.52 52.95
C LEU C 727 -46.90 0.08 53.40
N TYR C 728 -46.72 -0.51 54.58
CA TYR C 728 -47.77 -0.77 55.53
C TYR C 728 -48.92 -1.62 55.05
N LEU C 729 -50.10 -1.06 55.28
CA LEU C 729 -51.38 -1.68 55.01
C LEU C 729 -52.35 -0.64 54.43
N GLU C 730 -53.34 -1.08 53.66
CA GLU C 730 -53.56 -2.50 53.35
C GLU C 730 -52.99 -2.85 51.97
N ASP C 740 -61.67 11.25 51.69
CA ASP C 740 -61.05 12.00 50.61
C ASP C 740 -61.55 11.51 49.25
N VAL C 741 -61.99 12.40 48.37
CA VAL C 741 -62.48 11.96 47.05
C VAL C 741 -61.38 11.91 46.00
N LEU C 742 -61.18 10.74 45.39
CA LEU C 742 -60.14 10.56 44.38
C LEU C 742 -60.47 9.80 43.08
N PRO C 743 -61.22 10.40 42.16
CA PRO C 743 -61.52 9.74 40.88
C PRO C 743 -60.26 9.15 40.21
N VAL C 744 -60.40 8.00 39.55
CA VAL C 744 -59.23 7.31 38.98
C VAL C 744 -59.14 7.44 37.46
N GLU C 745 -60.00 6.73 36.73
CA GLU C 745 -59.98 6.79 35.28
C GLU C 745 -61.01 7.74 34.72
N PHE C 746 -61.75 8.39 35.61
CA PHE C 746 -62.73 9.38 35.19
C PHE C 746 -62.06 10.68 34.80
N LEU C 747 -60.88 10.93 35.36
CA LEU C 747 -60.13 12.13 35.04
C LEU C 747 -59.59 12.06 33.61
N THR C 748 -59.22 10.86 33.17
CA THR C 748 -58.62 10.66 31.86
C THR C 748 -59.56 10.96 30.70
N MET C 749 -60.77 10.43 30.77
CA MET C 749 -61.77 10.70 29.74
C MET C 749 -62.10 12.19 29.72
N TYR C 750 -62.02 12.82 30.89
CA TYR C 750 -62.20 14.26 30.99
C TYR C 750 -60.99 14.97 30.40
N ILE C 751 -59.85 14.30 30.36
CA ILE C 751 -58.69 14.89 29.71
C ILE C 751 -58.92 14.82 28.20
N SER C 752 -59.58 13.78 27.73
CA SER C 752 -59.90 13.69 26.32
C SER C 752 -60.94 14.73 25.91
N TYR C 753 -62.03 14.85 26.68
CA TYR C 753 -63.11 15.77 26.32
C TYR C 753 -62.72 17.23 26.54
N ALA C 754 -62.06 17.52 27.67
CA ALA C 754 -61.78 18.91 28.04
C ALA C 754 -60.79 19.62 27.13
N LYS C 755 -60.16 18.89 26.20
CA LYS C 755 -59.14 19.49 25.34
C LYS C 755 -59.49 19.99 23.92
N GLU C 756 -60.18 19.17 23.13
CA GLU C 756 -60.54 19.57 21.77
C GLU C 756 -61.95 20.15 21.68
N HIS C 757 -62.86 19.60 22.49
CA HIS C 757 -64.26 19.95 22.39
C HIS C 757 -64.56 21.25 23.15
N ILE C 758 -63.53 21.75 23.83
CA ILE C 758 -63.57 23.08 24.43
C ILE C 758 -62.66 24.02 23.66
N HIS C 759 -63.13 25.23 23.41
CA HIS C 759 -62.33 26.24 22.72
C HIS C 759 -62.38 27.55 23.47
N PRO C 760 -61.68 27.62 24.61
CA PRO C 760 -61.72 28.76 25.52
C PRO C 760 -61.30 30.09 24.90
N ILE C 761 -61.92 31.17 25.37
CA ILE C 761 -61.64 32.51 24.89
C ILE C 761 -61.47 33.47 26.06
N ILE C 762 -60.45 34.31 26.00
CA ILE C 762 -60.07 35.21 27.09
C ILE C 762 -61.08 36.31 27.38
N THR C 763 -62.07 36.44 26.51
CA THR C 763 -63.03 37.54 26.49
C THR C 763 -62.38 38.93 26.45
N GLU C 764 -63.07 39.92 27.03
CA GLU C 764 -62.49 41.23 27.31
C GLU C 764 -61.88 41.27 28.70
N ALA C 765 -62.56 40.57 29.60
CA ALA C 765 -62.31 40.64 31.04
C ALA C 765 -60.88 40.31 31.43
N ALA C 766 -60.22 39.46 30.65
CA ALA C 766 -58.87 39.00 30.95
C ALA C 766 -57.89 40.14 31.13
N LYS C 767 -57.96 41.12 30.23
CA LYS C 767 -56.96 42.18 30.16
C LYS C 767 -56.81 43.02 31.43
N THR C 768 -57.90 43.48 32.03
CA THR C 768 -57.81 44.39 33.19
C THR C 768 -56.88 43.86 34.29
N GLU C 769 -56.87 42.55 34.50
CA GLU C 769 -56.03 41.91 35.51
C GLU C 769 -54.72 41.39 34.91
N LEU C 770 -54.86 40.47 33.96
CA LEU C 770 -53.73 39.83 33.27
C LEU C 770 -52.69 40.83 32.79
N VAL C 771 -53.14 42.05 32.46
CA VAL C 771 -52.25 43.15 32.12
C VAL C 771 -51.65 43.81 33.36
N ARG C 772 -52.49 44.39 34.21
CA ARG C 772 -52.02 45.26 35.28
C ARG C 772 -51.07 44.52 36.23
N ALA C 773 -51.28 43.22 36.41
CA ALA C 773 -50.42 42.47 37.30
C ALA C 773 -49.01 42.45 36.72
N TYR C 774 -48.92 42.43 35.40
CA TYR C 774 -47.65 42.29 34.72
C TYR C 774 -46.73 43.50 34.90
N VAL C 775 -47.25 44.64 35.32
CA VAL C 775 -46.38 45.79 35.55
C VAL C 775 -45.57 45.57 36.82
N GLY C 776 -46.24 45.09 37.87
CA GLY C 776 -45.58 44.75 39.11
C GLY C 776 -44.71 43.51 38.97
N MET C 777 -45.13 42.59 38.10
CA MET C 777 -44.27 41.46 37.76
C MET C 777 -43.00 42.00 37.10
N ARG C 778 -43.19 42.96 36.20
CA ARG C 778 -42.10 43.67 35.53
C ARG C 778 -41.37 44.56 36.53
N LYS C 779 -42.11 45.08 37.49
CA LYS C 779 -41.53 45.90 38.54
C LYS C 779 -41.14 45.06 39.75
N ALA C 793 -40.07 40.40 35.82
CA ALA C 793 -40.62 39.46 34.86
C ALA C 793 -40.13 39.75 33.44
N THR C 794 -40.86 39.21 32.47
CA THR C 794 -40.58 39.47 31.06
C THR C 794 -41.77 39.09 30.20
N THR C 795 -41.65 39.29 28.90
CA THR C 795 -42.74 38.99 27.97
C THR C 795 -42.84 37.49 27.73
N ARG C 796 -41.88 36.73 28.23
CA ARG C 796 -41.92 35.27 28.19
C ARG C 796 -42.76 34.68 29.32
N GLN C 797 -42.72 35.32 30.48
CA GLN C 797 -43.57 34.91 31.59
C GLN C 797 -45.01 35.24 31.23
N LEU C 798 -45.24 36.48 30.81
CA LEU C 798 -46.57 36.93 30.39
C LEU C 798 -47.00 36.21 29.12
N GLU C 799 -46.01 35.73 28.36
CA GLU C 799 -46.28 34.91 27.18
C GLU C 799 -47.20 33.78 27.56
N SER C 800 -46.90 33.19 28.71
CA SER C 800 -47.70 32.12 29.25
C SER C 800 -48.72 32.58 30.30
N MET C 801 -48.74 33.87 30.62
CA MET C 801 -49.70 34.38 31.61
C MET C 801 -51.12 34.13 31.12
N ILE C 802 -51.28 34.11 29.79
CA ILE C 802 -52.49 33.56 29.21
C ILE C 802 -52.41 32.03 29.11
N ARG C 803 -51.26 31.49 28.66
CA ARG C 803 -51.15 30.05 28.39
C ARG C 803 -51.45 29.20 29.61
N LEU C 804 -51.00 29.66 30.77
CA LEU C 804 -51.25 28.97 32.02
C LEU C 804 -52.70 29.20 32.47
N ALA C 805 -53.19 30.41 32.22
CA ALA C 805 -54.57 30.76 32.58
C ALA C 805 -55.56 30.22 31.56
N GLU C 806 -55.13 30.13 30.30
CA GLU C 806 -55.97 29.52 29.29
C GLU C 806 -55.92 28.00 29.46
N ALA C 807 -55.00 27.56 30.33
CA ALA C 807 -55.00 26.18 30.80
C ALA C 807 -55.99 26.04 31.97
N HIS C 808 -56.29 27.15 32.62
CA HIS C 808 -57.37 27.19 33.60
C HIS C 808 -58.66 27.41 32.83
N ALA C 809 -58.51 27.82 31.57
CA ALA C 809 -59.63 27.99 30.66
C ALA C 809 -60.08 26.66 30.08
N LYS C 810 -59.10 25.84 29.72
CA LYS C 810 -59.38 24.51 29.19
C LYS C 810 -59.97 23.64 30.29
N MET C 811 -59.72 24.06 31.52
CA MET C 811 -60.37 23.47 32.69
C MET C 811 -61.80 24.03 32.82
N LYS C 812 -62.66 23.27 33.50
CA LYS C 812 -64.05 23.64 33.84
C LYS C 812 -65.04 23.53 32.68
N LEU C 813 -64.55 23.17 31.50
CA LEU C 813 -65.33 23.18 30.25
C LEU C 813 -65.77 24.57 29.83
N LYS C 814 -65.02 25.59 30.26
CA LYS C 814 -65.38 26.96 29.93
C LYS C 814 -64.88 27.33 28.53
N ASN C 815 -65.82 27.66 27.65
CA ASN C 815 -65.48 28.15 26.32
C ASN C 815 -65.27 29.66 26.36
N VAL C 816 -65.77 30.28 27.42
CA VAL C 816 -65.42 31.65 27.75
C VAL C 816 -64.88 31.65 29.18
N VAL C 817 -63.59 31.96 29.33
CA VAL C 817 -62.90 31.70 30.57
C VAL C 817 -63.14 32.77 31.64
N GLU C 818 -63.23 32.32 32.89
CA GLU C 818 -63.40 33.19 34.04
C GLU C 818 -62.32 34.25 34.18
N LEU C 819 -62.73 35.47 34.50
CA LEU C 819 -61.82 36.57 34.77
C LEU C 819 -60.90 36.24 35.94
N GLU C 820 -61.45 35.63 36.99
CA GLU C 820 -60.58 35.30 38.10
C GLU C 820 -60.17 33.83 38.02
N ASP C 821 -59.02 33.64 37.40
CA ASP C 821 -58.24 32.42 37.37
C ASP C 821 -56.80 32.88 37.48
N VAL C 822 -56.48 33.80 36.58
CA VAL C 822 -55.14 34.38 36.41
C VAL C 822 -54.59 34.87 37.74
N GLN C 823 -55.41 35.01 38.76
CA GLN C 823 -54.89 35.19 40.12
C GLN C 823 -53.94 34.06 40.52
N GLU C 824 -54.42 32.82 40.47
CA GLU C 824 -53.56 31.68 40.85
C GLU C 824 -52.71 31.18 39.69
N ALA C 825 -52.95 31.71 38.49
CA ALA C 825 -52.04 31.49 37.37
C ALA C 825 -50.79 32.34 37.54
N VAL C 826 -51.03 33.63 37.79
CA VAL C 826 -49.99 34.58 38.17
C VAL C 826 -49.29 34.00 39.38
N ARG C 827 -50.06 33.42 40.29
CA ARG C 827 -49.52 32.77 41.49
C ARG C 827 -48.64 31.57 41.13
N LEU C 828 -48.99 30.86 40.06
CA LEU C 828 -48.15 29.77 39.59
C LEU C 828 -46.84 30.32 39.00
N ILE C 829 -46.88 31.55 38.49
CA ILE C 829 -45.67 32.23 38.01
C ILE C 829 -44.84 32.72 39.20
N ARG C 830 -45.53 33.30 40.17
CA ARG C 830 -44.95 33.77 41.42
C ARG C 830 -44.27 32.61 42.12
N SER C 831 -44.75 31.40 41.86
CA SER C 831 -44.19 30.20 42.49
C SER C 831 -42.71 30.08 42.15
N ALA C 832 -42.38 30.31 40.87
CA ALA C 832 -40.98 30.42 40.48
C ALA C 832 -40.39 31.70 41.04
N ILE C 833 -41.21 32.74 41.07
CA ILE C 833 -40.75 34.01 41.59
C ILE C 833 -40.57 33.99 43.11
N LYS C 834 -41.40 33.22 43.82
CA LYS C 834 -41.21 33.04 45.27
C LYS C 834 -40.00 32.15 45.53
N ASP C 835 -39.50 31.51 44.48
CA ASP C 835 -38.26 30.76 44.58
C ASP C 835 -37.07 31.70 44.39
N TYR C 836 -37.35 32.90 43.89
CA TYR C 836 -36.32 33.90 43.64
C TYR C 836 -36.16 34.88 44.80
N ALA C 837 -37.00 34.71 45.82
CA ALA C 837 -36.91 35.53 47.02
C ALA C 837 -35.64 35.20 47.80
N THR C 838 -35.11 34.00 47.55
CA THR C 838 -33.88 33.49 48.17
C THR C 838 -34.00 33.40 49.68
N GLN C 851 -26.24 34.87 38.35
CA GLN C 851 -25.10 35.78 38.44
C GLN C 851 -25.13 36.79 37.31
N THR C 852 -25.38 36.30 36.09
CA THR C 852 -25.47 37.14 34.91
C THR C 852 -26.73 38.02 34.98
N GLY C 853 -27.57 37.80 35.99
CA GLY C 853 -28.77 38.60 36.17
C GLY C 853 -28.67 39.69 37.24
N LYS C 854 -27.45 40.00 37.66
CA LYS C 854 -27.19 41.03 38.68
C LYS C 854 -26.77 42.41 38.15
N SER C 855 -26.89 42.63 36.84
CA SER C 855 -26.28 43.77 36.09
C SER C 855 -24.74 43.71 36.05
N VAL C 856 -24.06 44.77 36.46
CA VAL C 856 -22.64 44.97 36.13
C VAL C 856 -21.76 43.72 36.34
N ILE C 857 -21.51 43.36 37.60
CA ILE C 857 -20.81 42.11 37.93
C ILE C 857 -19.46 42.06 37.20
N GLN C 858 -19.31 41.17 36.23
CA GLN C 858 -18.09 41.10 35.43
C GLN C 858 -17.71 42.47 34.88
N ARG C 859 -18.70 43.35 34.72
CA ARG C 859 -18.46 44.70 34.19
C ARG C 859 -17.87 45.70 35.20
N LYS C 860 -18.34 45.70 36.44
CA LYS C 860 -17.73 46.57 37.46
C LYS C 860 -16.32 46.07 37.72
N LEU C 861 -16.21 44.74 37.77
CA LEU C 861 -14.93 44.07 37.86
C LEU C 861 -14.07 44.48 36.68
N GLN C 862 -14.69 44.74 35.52
CA GLN C 862 -13.97 45.13 34.31
C GLN C 862 -13.64 46.62 34.22
N GLU C 863 -14.33 47.43 35.00
CA GLU C 863 -13.99 48.83 35.13
C GLU C 863 -12.72 48.86 35.95
N ASP C 864 -12.70 48.08 37.02
CA ASP C 864 -11.51 47.98 37.86
C ASP C 864 -10.43 47.11 37.21
N LEU C 865 -10.82 46.32 36.20
CA LEU C 865 -9.89 45.48 35.45
C LEU C 865 -9.16 46.38 34.50
N SER C 866 -9.90 46.97 33.57
CA SER C 866 -9.35 47.92 32.63
C SER C 866 -8.65 49.09 33.32
N ARG C 867 -9.06 49.41 34.55
CA ARG C 867 -8.40 50.46 35.33
C ARG C 867 -7.11 49.93 35.96
N GLU C 868 -7.10 48.65 36.33
CA GLU C 868 -5.90 48.02 36.89
C GLU C 868 -4.85 47.82 35.79
N ILE C 869 -5.32 47.40 34.63
CA ILE C 869 -4.50 47.19 33.44
C ILE C 869 -4.01 48.53 32.92
N MET C 870 -4.85 49.56 33.03
CA MET C 870 -4.46 50.91 32.66
C MET C 870 -3.38 51.43 33.59
N ASN C 871 -3.63 51.36 34.89
CA ASN C 871 -2.72 51.90 35.88
C ASN C 871 -1.43 51.10 35.97
N VAL C 872 -1.48 49.85 35.54
CA VAL C 872 -0.26 49.07 35.42
C VAL C 872 0.47 49.48 34.14
N LEU C 873 -0.27 49.69 33.06
CA LEU C 873 0.30 50.15 31.80
C LEU C 873 1.00 51.51 31.98
N LYS C 874 0.47 52.31 32.91
CA LYS C 874 1.08 53.59 33.27
C LYS C 874 2.27 53.38 34.20
N ASP C 875 2.09 52.55 35.22
CA ASP C 875 3.15 52.27 36.20
C ASP C 875 4.22 51.34 35.62
N GLN C 876 3.79 50.24 35.01
CA GLN C 876 4.71 49.29 34.39
C GLN C 876 5.02 49.74 32.96
N ALA C 877 6.29 49.58 32.58
CA ALA C 877 6.78 50.11 31.31
C ALA C 877 6.37 49.27 30.10
N SER C 878 5.75 48.13 30.35
CA SER C 878 5.30 47.25 29.29
C SER C 878 3.79 47.20 29.29
N ASP C 879 3.20 46.92 28.12
CA ASP C 879 1.75 46.78 28.02
C ASP C 879 1.28 45.55 28.78
N SER C 880 2.22 44.71 29.19
CA SER C 880 1.86 43.45 29.80
C SER C 880 2.19 43.37 31.28
N MET C 881 1.44 42.55 31.98
CA MET C 881 1.74 42.20 33.36
C MET C 881 1.37 40.73 33.56
N SER C 882 1.97 40.08 34.55
CA SER C 882 1.59 38.71 34.83
C SER C 882 0.16 38.68 35.34
N PHE C 883 -0.62 37.71 34.89
CA PHE C 883 -1.97 37.49 35.39
C PHE C 883 -1.93 37.31 36.90
N ASN C 884 -0.80 36.80 37.39
CA ASN C 884 -0.54 36.69 38.82
C ASN C 884 -0.54 38.03 39.54
N GLU C 885 0.29 38.96 39.05
CA GLU C 885 0.36 40.30 39.63
C GLU C 885 -1.02 40.95 39.53
N LEU C 886 -1.75 40.59 38.49
CA LEU C 886 -3.12 41.04 38.33
C LEU C 886 -4.01 40.52 39.47
N ILE C 887 -4.03 39.22 39.71
CA ILE C 887 -4.92 38.64 40.74
C ILE C 887 -4.49 39.05 42.15
N LYS C 888 -3.20 39.33 42.32
CA LYS C 888 -2.72 39.93 43.56
C LYS C 888 -3.28 41.33 43.68
N GLN C 889 -3.46 41.96 42.52
CA GLN C 889 -4.10 43.27 42.46
C GLN C 889 -5.63 43.15 42.38
N ILE C 890 -6.16 41.93 42.41
CA ILE C 890 -7.60 41.76 42.37
C ILE C 890 -8.12 41.25 43.70
N ASN C 891 -8.05 39.94 43.92
CA ASN C 891 -8.89 39.29 44.93
C ASN C 891 -8.68 39.82 46.34
N GLU C 892 -7.47 40.33 46.59
CA GLU C 892 -7.08 40.76 47.93
C GLU C 892 -7.58 42.15 48.34
N HIS C 893 -7.45 43.13 47.46
CA HIS C 893 -7.77 44.53 47.77
C HIS C 893 -9.18 44.71 48.32
N SER C 894 -10.17 44.13 47.63
CA SER C 894 -11.55 44.16 48.09
C SER C 894 -12.21 42.81 47.76
N GLN C 895 -13.45 42.62 48.18
CA GLN C 895 -14.12 41.34 47.96
C GLN C 895 -15.07 41.31 46.76
N ASP C 896 -15.23 42.45 46.07
CA ASP C 896 -15.92 42.47 44.79
C ASP C 896 -14.89 42.13 43.73
N ARG C 897 -13.68 41.92 44.22
CA ARG C 897 -12.58 41.42 43.43
C ARG C 897 -12.57 39.90 43.56
N VAL C 898 -12.81 39.20 42.45
CA VAL C 898 -13.10 37.78 42.50
C VAL C 898 -11.88 36.88 42.33
N GLU C 899 -12.12 35.57 42.23
CA GLU C 899 -11.07 34.56 42.09
C GLU C 899 -10.49 34.47 40.68
N SER C 900 -9.30 33.89 40.60
CA SER C 900 -8.47 33.90 39.38
C SER C 900 -9.16 33.52 38.07
N SER C 901 -9.87 32.39 38.07
CA SER C 901 -10.43 31.88 36.83
C SER C 901 -11.57 32.74 36.33
N ASP C 902 -12.31 33.36 37.24
CA ASP C 902 -13.41 34.26 36.89
C ASP C 902 -12.94 35.67 36.54
N ILE C 903 -11.80 36.07 37.10
CA ILE C 903 -11.10 37.26 36.62
C ILE C 903 -10.67 36.97 35.19
N GLN C 904 -10.33 35.70 34.93
CA GLN C 904 -9.90 35.25 33.62
C GLN C 904 -11.09 35.07 32.68
N GLU C 905 -12.29 34.94 33.25
CA GLU C 905 -13.51 34.92 32.45
C GLU C 905 -13.97 36.34 32.14
N ALA C 906 -13.56 37.27 32.99
CA ALA C 906 -13.84 38.68 32.78
C ALA C 906 -12.85 39.26 31.78
N LEU C 907 -11.62 38.76 31.81
CA LEU C 907 -10.60 39.11 30.82
C LEU C 907 -10.76 38.24 29.59
N SER C 908 -11.57 37.20 29.72
CA SER C 908 -12.01 36.47 28.54
C SER C 908 -13.06 37.32 27.87
N ARG C 909 -13.88 37.94 28.71
CA ARG C 909 -14.94 38.83 28.25
C ARG C 909 -14.33 40.14 27.74
N LEU C 910 -13.08 40.40 28.12
CA LEU C 910 -12.30 41.47 27.49
C LEU C 910 -11.66 40.97 26.19
N GLN C 911 -11.18 39.73 26.21
CA GLN C 911 -10.55 39.10 25.06
C GLN C 911 -11.53 38.92 23.93
N GLN C 912 -12.73 38.45 24.29
CA GLN C 912 -13.81 38.29 23.33
C GLN C 912 -14.36 39.68 22.95
N GLU C 913 -13.93 40.70 23.68
CA GLU C 913 -14.17 42.10 23.33
C GLU C 913 -12.98 42.72 22.59
N ASP C 914 -11.91 41.95 22.44
CA ASP C 914 -10.62 42.42 21.96
C ASP C 914 -10.01 43.46 22.92
N LYS C 915 -10.42 43.40 24.18
CA LYS C 915 -9.90 44.35 25.17
C LYS C 915 -8.75 43.81 26.02
N VAL C 916 -8.31 42.58 25.73
CA VAL C 916 -6.99 42.12 26.19
C VAL C 916 -6.25 41.33 25.09
N ILE C 917 -4.95 41.13 25.31
CA ILE C 917 -4.09 40.34 24.43
C ILE C 917 -3.21 39.44 25.30
N VAL C 918 -3.08 38.16 24.94
CA VAL C 918 -2.48 37.19 25.86
C VAL C 918 -0.95 37.28 25.98
N LEU C 919 -0.26 37.42 24.84
CA LEU C 919 1.20 37.59 24.81
C LEU C 919 1.92 36.45 25.53
N GLY C 920 1.65 35.22 25.11
CA GLY C 920 2.22 34.05 25.77
C GLY C 920 1.34 33.69 26.96
N GLU C 921 1.33 32.42 27.32
CA GLU C 921 0.38 31.95 28.32
C GLU C 921 0.94 32.10 29.73
N GLY C 922 2.10 32.74 29.83
CA GLY C 922 2.71 33.05 31.12
C GLY C 922 2.40 34.43 31.67
N VAL C 923 1.98 35.35 30.79
CA VAL C 923 1.61 36.72 31.19
C VAL C 923 0.38 37.22 30.45
N ARG C 924 0.05 38.49 30.62
CA ARG C 924 -1.09 39.12 29.94
C ARG C 924 -0.75 40.51 29.38
N ARG C 925 -0.83 40.67 28.06
CA ARG C 925 -0.64 41.98 27.41
C ARG C 925 -1.89 42.86 27.52
N SER C 926 -1.71 44.17 27.44
CA SER C 926 -2.84 45.11 27.38
C SER C 926 -3.12 45.55 25.96
N VAL C 927 -4.41 45.79 25.67
CA VAL C 927 -4.86 46.17 24.34
C VAL C 927 -4.14 47.44 23.88
N ARG C 928 -3.89 47.51 22.58
CA ARG C 928 -3.06 48.57 22.03
C ARG C 928 -3.61 49.09 20.70
N LEU C 929 -3.15 50.28 20.31
CA LEU C 929 -3.63 50.92 19.09
C LEU C 929 -3.24 50.13 17.85
N ASP D 21 5.13 -24.42 -41.96
CA ASP D 21 6.07 -24.64 -40.87
C ASP D 21 7.44 -25.00 -41.43
N ASP D 22 7.43 -25.56 -42.64
CA ASP D 22 8.68 -25.76 -43.35
C ASP D 22 9.17 -24.42 -43.87
N ASP D 23 8.25 -23.47 -43.95
CA ASP D 23 8.58 -22.07 -44.16
C ASP D 23 9.26 -21.56 -42.89
N ASN D 24 8.62 -21.88 -41.76
CA ASN D 24 9.20 -21.63 -40.46
C ASN D 24 10.48 -22.43 -40.25
N THR D 25 10.60 -23.56 -40.95
CA THR D 25 11.79 -24.40 -40.87
C THR D 25 12.92 -23.77 -41.68
N GLU D 26 12.56 -23.08 -42.75
CA GLU D 26 13.54 -22.32 -43.51
C GLU D 26 14.02 -21.15 -42.66
N ILE D 27 13.10 -20.59 -41.87
CA ILE D 27 13.45 -19.55 -40.92
C ILE D 27 14.36 -20.13 -39.82
N ILE D 28 14.11 -21.38 -39.45
CA ILE D 28 14.90 -22.11 -38.47
C ILE D 28 16.34 -22.24 -38.96
N LYS D 29 16.47 -22.71 -40.20
CA LYS D 29 17.75 -22.78 -40.87
C LYS D 29 18.37 -21.39 -40.92
N SER D 30 17.53 -20.37 -41.10
CA SER D 30 18.00 -19.00 -41.20
C SER D 30 18.67 -18.54 -39.92
N PHE D 31 18.14 -18.95 -38.78
CA PHE D 31 18.75 -18.58 -37.52
C PHE D 31 19.96 -19.44 -37.18
N LYS D 32 19.93 -20.72 -37.55
CA LYS D 32 21.10 -21.57 -37.36
C LYS D 32 22.27 -21.00 -38.14
N ASN D 33 21.97 -20.58 -39.37
CA ASN D 33 22.87 -19.78 -40.19
C ASN D 33 23.32 -18.57 -39.41
N PHE D 34 22.36 -17.82 -38.87
CA PHE D 34 22.64 -16.58 -38.16
C PHE D 34 23.68 -16.74 -37.08
N ILE D 35 23.62 -17.85 -36.37
CA ILE D 35 24.56 -18.11 -35.30
C ILE D 35 25.90 -18.63 -35.84
N LEU D 36 25.89 -19.76 -36.53
CA LEU D 36 27.15 -20.35 -37.00
C LEU D 36 27.98 -19.40 -37.88
N GLU D 37 27.31 -18.58 -38.68
CA GLU D 37 27.98 -17.71 -39.65
C GLU D 37 28.52 -16.39 -39.08
N PHE D 38 27.77 -15.77 -38.17
CA PHE D 38 28.05 -14.40 -37.70
C PHE D 38 29.45 -14.20 -37.11
N ARG D 39 30.05 -13.05 -37.39
CA ARG D 39 31.38 -12.73 -36.86
C ARG D 39 31.62 -11.25 -36.54
N LEU D 40 32.19 -11.00 -35.36
CA LEU D 40 32.71 -9.68 -34.95
C LEU D 40 34.23 -9.53 -35.10
N ASP D 41 34.89 -10.43 -35.84
CA ASP D 41 36.36 -10.46 -35.99
C ASP D 41 37.21 -10.91 -34.80
N SER D 42 37.46 -12.22 -34.68
CA SER D 42 36.84 -13.24 -35.54
C SER D 42 35.89 -14.23 -34.86
N GLN D 43 35.79 -14.21 -33.53
CA GLN D 43 35.01 -15.26 -32.87
C GLN D 43 33.55 -15.00 -33.04
N PHE D 44 32.77 -16.07 -33.03
CA PHE D 44 31.35 -15.94 -33.26
C PHE D 44 30.71 -15.79 -31.89
N ILE D 45 30.30 -14.56 -31.60
CA ILE D 45 30.06 -14.15 -30.22
C ILE D 45 28.98 -14.97 -29.55
N TYR D 46 27.88 -15.16 -30.26
CA TYR D 46 26.78 -15.96 -29.76
C TYR D 46 27.18 -17.41 -29.64
N ARG D 47 27.98 -17.89 -30.58
CA ARG D 47 28.43 -19.27 -30.55
C ARG D 47 29.30 -19.57 -29.34
N ASP D 48 30.24 -18.67 -29.06
CA ASP D 48 31.05 -18.79 -27.85
C ASP D 48 30.12 -18.75 -26.66
N GLN D 49 29.25 -17.74 -26.67
CA GLN D 49 28.30 -17.48 -25.60
C GLN D 49 27.52 -18.74 -25.22
N LEU D 50 27.15 -19.53 -26.22
CA LEU D 50 26.42 -20.75 -25.96
C LEU D 50 27.22 -21.70 -25.08
N ARG D 51 28.32 -22.25 -25.61
CA ARG D 51 29.10 -23.23 -24.83
C ARG D 51 29.59 -22.62 -23.53
N ASN D 52 29.68 -21.29 -23.48
CA ASN D 52 29.93 -20.61 -22.23
C ASN D 52 28.79 -20.86 -21.24
N ASN D 53 27.56 -20.60 -21.68
CA ASN D 53 26.40 -20.63 -20.81
C ASN D 53 25.85 -22.03 -20.53
N ILE D 54 26.18 -23.00 -21.38
CA ILE D 54 25.68 -24.35 -21.19
C ILE D 54 26.30 -24.96 -19.95
N LEU D 55 27.48 -24.49 -19.59
CA LEU D 55 28.15 -24.92 -18.37
C LEU D 55 27.79 -23.99 -17.22
N VAL D 56 27.13 -22.89 -17.55
CA VAL D 56 26.50 -22.03 -16.56
C VAL D 56 25.14 -22.64 -16.22
N LYS D 57 24.65 -23.47 -17.14
CA LYS D 57 23.27 -23.96 -17.12
C LYS D 57 22.31 -22.78 -17.24
N ASN D 58 22.76 -21.74 -17.94
CA ASN D 58 21.94 -20.56 -18.24
C ASN D 58 20.85 -20.94 -19.22
N TYR D 59 21.23 -21.76 -20.21
CA TYR D 59 20.32 -22.20 -21.26
C TYR D 59 19.61 -21.01 -21.91
N SER D 60 20.32 -19.90 -22.02
CA SER D 60 19.76 -18.71 -22.65
C SER D 60 20.84 -17.82 -23.25
N LEU D 61 20.45 -17.01 -24.22
CA LEU D 61 21.42 -16.15 -24.88
C LEU D 61 20.85 -14.75 -25.15
N THR D 62 21.66 -13.74 -24.85
CA THR D 62 21.26 -12.36 -25.08
C THR D 62 21.85 -11.82 -26.39
N VAL D 63 20.97 -11.57 -27.36
CA VAL D 63 21.40 -11.20 -28.70
C VAL D 63 21.06 -9.77 -29.07
N ASN D 64 22.09 -9.05 -29.51
CA ASN D 64 21.94 -7.71 -30.07
C ASN D 64 21.11 -7.77 -31.34
N MET D 65 20.05 -6.98 -31.41
CA MET D 65 19.21 -6.95 -32.61
C MET D 65 19.95 -6.23 -33.72
N GLU D 66 21.04 -5.55 -33.35
CA GLU D 66 21.86 -4.82 -34.32
C GLU D 66 22.87 -5.72 -35.04
N HIS D 67 23.32 -6.78 -34.37
CA HIS D 67 24.14 -7.77 -35.05
C HIS D 67 23.22 -8.56 -35.96
N LEU D 68 21.93 -8.56 -35.61
CA LEU D 68 20.92 -9.23 -36.40
C LEU D 68 20.58 -8.43 -37.65
N ILE D 69 20.36 -7.12 -37.48
CA ILE D 69 20.01 -6.24 -38.61
C ILE D 69 21.24 -6.14 -39.49
N GLY D 70 22.40 -6.32 -38.87
CA GLY D 70 23.67 -6.33 -39.57
C GLY D 70 23.85 -7.62 -40.33
N TYR D 71 23.29 -8.73 -39.81
CA TYR D 71 23.37 -10.06 -40.48
C TYR D 71 22.41 -10.26 -41.67
N ASN D 72 21.10 -10.08 -41.43
CA ASN D 72 20.09 -10.06 -42.48
C ASN D 72 18.90 -9.21 -42.03
N GLU D 73 18.56 -8.20 -42.82
CA GLU D 73 17.45 -7.30 -42.50
C GLU D 73 16.11 -8.03 -42.60
N ASP D 74 16.02 -8.89 -43.59
CA ASP D 74 14.80 -9.62 -43.94
C ASP D 74 14.13 -10.25 -42.71
N ILE D 75 14.88 -11.16 -42.09
CA ILE D 75 14.37 -11.90 -40.94
C ILE D 75 13.88 -10.99 -39.82
N TYR D 76 14.43 -9.79 -39.71
CA TYR D 76 13.92 -8.84 -38.72
C TYR D 76 12.64 -8.19 -39.19
N LYS D 77 12.61 -7.82 -40.47
CA LYS D 77 11.44 -7.22 -41.06
C LYS D 77 10.23 -8.11 -40.81
N LYS D 78 10.41 -9.43 -40.92
CA LYS D 78 9.33 -10.33 -40.56
C LYS D 78 9.26 -10.61 -39.05
N LEU D 79 10.38 -10.41 -38.36
CA LEU D 79 10.43 -10.63 -36.91
C LEU D 79 9.73 -9.49 -36.22
N SER D 80 10.04 -8.28 -36.64
CA SER D 80 9.40 -7.11 -36.07
C SER D 80 7.91 -7.12 -36.38
N ASP D 81 7.49 -7.84 -37.45
CA ASP D 81 6.05 -7.92 -37.88
C ASP D 81 5.07 -8.76 -37.02
N GLU D 82 5.38 -10.05 -36.79
CA GLU D 82 4.66 -10.86 -35.83
C GLU D 82 5.63 -11.73 -35.03
N PRO D 83 6.42 -11.08 -34.16
CA PRO D 83 7.49 -11.73 -33.40
C PRO D 83 6.97 -12.87 -32.55
N SER D 84 5.75 -12.71 -32.07
CA SER D 84 5.10 -13.70 -31.23
C SER D 84 5.06 -15.06 -31.91
N ASP D 85 4.77 -15.06 -33.21
CA ASP D 85 4.68 -16.30 -33.98
C ASP D 85 6.05 -16.86 -34.35
N ILE D 86 7.09 -16.06 -34.09
CA ILE D 86 8.46 -16.46 -34.41
C ILE D 86 9.39 -16.72 -33.22
N ILE D 87 9.28 -15.90 -32.19
CA ILE D 87 10.20 -15.97 -31.06
C ILE D 87 10.38 -17.40 -30.59
N PRO D 88 9.33 -18.18 -30.45
CA PRO D 88 9.59 -19.58 -30.08
C PRO D 88 10.37 -20.34 -31.15
N LEU D 89 10.06 -20.11 -32.43
CA LEU D 89 10.79 -20.74 -33.52
C LEU D 89 12.27 -20.40 -33.39
N PHE D 90 12.55 -19.12 -33.15
CA PHE D 90 13.92 -18.65 -32.94
C PHE D 90 14.60 -19.51 -31.90
N GLU D 91 13.85 -19.93 -30.89
CA GLU D 91 14.41 -20.75 -29.84
C GLU D 91 14.55 -22.22 -30.25
N THR D 92 13.57 -22.73 -31.00
CA THR D 92 13.58 -24.13 -31.38
C THR D 92 14.81 -24.50 -32.19
N ALA D 93 15.38 -23.52 -32.86
CA ALA D 93 16.62 -23.71 -33.59
C ALA D 93 17.83 -23.61 -32.67
N ILE D 94 17.82 -22.65 -31.75
CA ILE D 94 19.02 -22.45 -30.95
C ILE D 94 19.08 -23.52 -29.87
N THR D 95 17.92 -24.05 -29.50
CA THR D 95 17.89 -25.19 -28.61
C THR D 95 18.44 -26.39 -29.39
N GLN D 96 18.27 -26.38 -30.71
CA GLN D 96 18.90 -27.38 -31.55
C GLN D 96 20.37 -27.05 -31.67
N VAL D 97 20.71 -25.77 -31.58
CA VAL D 97 22.10 -25.34 -31.76
C VAL D 97 22.97 -25.96 -30.69
N ALA D 98 22.48 -25.93 -29.46
CA ALA D 98 23.17 -26.60 -28.35
C ALA D 98 23.37 -28.07 -28.64
N LYS D 99 22.42 -28.69 -29.35
CA LYS D 99 22.51 -30.10 -29.69
C LYS D 99 23.76 -30.32 -30.53
N ARG D 100 24.04 -29.38 -31.43
CA ARG D 100 25.21 -29.46 -32.29
C ARG D 100 26.42 -28.80 -31.64
N ILE D 101 26.26 -28.39 -30.39
CA ILE D 101 27.34 -27.75 -29.65
C ILE D 101 27.64 -28.48 -28.35
N SER D 102 26.65 -28.56 -27.46
CA SER D 102 26.85 -29.12 -26.12
C SER D 102 27.52 -30.48 -26.12
N ILE D 103 27.01 -31.40 -26.94
CA ILE D 103 27.47 -32.78 -26.95
C ILE D 103 27.36 -33.38 -28.35
N LEU D 104 28.01 -34.52 -28.54
CA LEU D 104 27.84 -35.29 -29.78
C LEU D 104 27.05 -36.56 -29.48
N SER D 105 26.26 -37.00 -30.45
CA SER D 105 25.42 -38.17 -30.30
C SER D 105 25.61 -39.19 -31.42
N ARG D 106 25.34 -40.45 -31.11
CA ARG D 106 25.39 -41.55 -32.08
C ARG D 106 26.76 -41.70 -32.74
N ASN D 130 20.85 -34.10 -22.71
CA ASN D 130 20.19 -35.37 -22.42
C ASN D 130 20.06 -35.60 -20.90
N SER D 131 18.97 -35.10 -20.32
CA SER D 131 17.94 -34.36 -21.04
C SER D 131 18.34 -32.91 -21.22
N LEU D 132 18.09 -32.37 -22.41
CA LEU D 132 18.46 -30.99 -22.70
C LEU D 132 17.23 -30.09 -22.70
N PRO D 133 17.17 -29.17 -21.73
CA PRO D 133 16.02 -28.28 -21.53
C PRO D 133 15.83 -27.26 -22.65
N THR D 134 14.56 -27.00 -22.99
CA THR D 134 14.23 -26.00 -24.00
C THR D 134 14.73 -24.63 -23.56
N PHE D 135 15.47 -23.98 -24.46
CA PHE D 135 16.16 -22.74 -24.16
C PHE D 135 15.24 -21.57 -23.82
N GLN D 136 15.82 -20.59 -23.12
CA GLN D 136 15.23 -19.27 -23.00
C GLN D 136 16.00 -18.35 -23.93
N LEU D 137 15.35 -17.32 -24.44
CA LEU D 137 16.08 -16.28 -25.15
C LEU D 137 15.72 -14.94 -24.55
N ILE D 138 16.74 -14.09 -24.41
CA ILE D 138 16.56 -12.75 -23.92
C ILE D 138 17.20 -11.79 -24.89
N LEU D 139 16.41 -10.98 -25.56
CA LEU D 139 16.99 -10.05 -26.51
C LEU D 139 16.82 -8.61 -26.03
N ASN D 140 17.90 -7.85 -26.05
CA ASN D 140 17.83 -6.42 -25.75
C ASN D 140 18.39 -5.64 -26.93
N SER D 141 18.03 -4.37 -27.01
CA SER D 141 18.64 -3.50 -28.01
C SER D 141 18.59 -2.07 -27.54
N ASN D 142 19.53 -1.28 -28.04
CA ASN D 142 19.56 0.16 -27.81
C ASN D 142 18.19 0.73 -28.11
N ALA D 143 17.66 0.28 -29.25
CA ALA D 143 16.32 0.60 -29.72
C ALA D 143 15.97 2.08 -29.73
N ASN D 144 14.72 2.37 -29.41
CA ASN D 144 14.28 3.74 -29.24
C ASN D 144 13.25 3.81 -28.12
N GLN D 145 13.49 4.69 -27.15
CA GLN D 145 12.66 4.76 -25.96
C GLN D 145 11.25 5.26 -26.27
N ILE D 146 10.25 4.63 -25.64
CA ILE D 146 8.89 5.10 -25.76
C ILE D 146 8.29 5.35 -24.36
N PRO D 147 7.56 6.46 -24.19
CA PRO D 147 6.88 6.80 -22.94
C PRO D 147 5.61 5.97 -22.71
N LEU D 148 5.29 5.68 -21.45
CA LEU D 148 4.20 4.77 -21.12
C LEU D 148 2.79 5.33 -21.39
N ARG D 149 2.57 6.60 -21.08
CA ARG D 149 1.23 7.19 -21.19
C ARG D 149 0.68 7.16 -22.61
N ASP D 150 1.59 7.15 -23.58
CA ASP D 150 1.20 7.17 -24.98
C ASP D 150 1.01 5.78 -25.54
N LEU D 151 1.07 4.76 -24.69
CA LEU D 151 1.01 3.42 -25.22
C LEU D 151 -0.43 2.94 -25.29
N ASP D 152 -0.95 2.94 -26.52
CA ASP D 152 -2.30 2.49 -26.79
C ASP D 152 -2.42 1.89 -28.18
N SER D 153 -3.13 0.77 -28.29
CA SER D 153 -3.43 0.15 -29.58
C SER D 153 -2.18 0.11 -30.46
N GLU D 154 -2.35 0.43 -31.75
CA GLU D 154 -1.20 0.78 -32.58
C GLU D 154 -0.11 -0.29 -32.48
N HIS D 155 0.95 0.09 -31.78
CA HIS D 155 2.11 -0.75 -31.51
C HIS D 155 1.80 -2.08 -30.83
N VAL D 156 0.54 -2.29 -30.42
CA VAL D 156 0.13 -3.56 -29.79
C VAL D 156 0.61 -4.75 -30.60
N SER D 157 1.11 -5.77 -29.90
CA SER D 157 1.69 -6.97 -30.50
C SER D 157 2.95 -6.65 -31.28
N LYS D 158 3.81 -5.82 -30.70
CA LYS D 158 5.14 -5.51 -31.24
C LYS D 158 6.15 -5.35 -30.12
N ILE D 159 7.36 -4.92 -30.48
CA ILE D 159 8.41 -4.66 -29.49
C ILE D 159 8.35 -3.22 -28.99
N VAL D 160 8.38 -3.02 -27.68
CA VAL D 160 8.55 -1.66 -27.15
C VAL D 160 9.59 -1.57 -26.05
N ARG D 161 10.70 -0.89 -26.32
CA ARG D 161 11.64 -0.60 -25.26
C ARG D 161 11.05 0.53 -24.42
N LEU D 162 11.23 0.44 -23.11
CA LEU D 162 10.67 1.41 -22.17
C LEU D 162 11.16 1.09 -20.78
N SER D 163 11.06 2.04 -19.86
CA SER D 163 11.64 1.85 -18.55
C SER D 163 10.59 1.71 -17.46
N GLY D 164 10.02 2.83 -17.05
CA GLY D 164 9.16 2.86 -15.88
C GLY D 164 9.94 2.39 -14.65
N ILE D 165 9.22 2.02 -13.60
CA ILE D 165 9.83 1.44 -12.39
C ILE D 165 8.88 0.41 -11.77
N ILE D 166 9.41 -0.71 -11.31
CA ILE D 166 8.60 -1.71 -10.63
C ILE D 166 8.15 -1.24 -9.25
N ILE D 167 6.88 -1.49 -8.90
CA ILE D 167 6.37 -1.21 -7.56
C ILE D 167 6.54 -2.44 -6.66
N SER D 168 5.89 -3.54 -7.02
CA SER D 168 5.85 -4.70 -6.15
C SER D 168 6.00 -6.00 -6.93
N THR D 169 6.74 -6.94 -6.37
CA THR D 169 6.95 -8.23 -7.02
C THR D 169 5.85 -9.21 -6.66
N SER D 170 5.32 -9.88 -7.68
CA SER D 170 4.40 -10.97 -7.44
C SER D 170 5.21 -12.20 -7.03
N VAL D 171 4.55 -13.10 -6.32
CA VAL D 171 5.15 -14.36 -5.87
C VAL D 171 5.47 -15.23 -7.08
N LEU D 172 6.46 -16.11 -6.96
CA LEU D 172 6.81 -17.05 -8.02
C LEU D 172 5.59 -17.90 -8.40
N SER D 173 5.26 -17.97 -9.67
CA SER D 173 4.16 -18.83 -10.10
C SER D 173 4.57 -19.77 -11.22
N SER D 174 4.67 -21.07 -10.93
CA SER D 174 5.17 -22.01 -11.92
C SER D 174 4.12 -22.41 -12.96
N ARG D 175 4.60 -22.58 -14.19
CA ARG D 175 3.82 -22.83 -15.38
C ARG D 175 4.37 -24.00 -16.18
N ALA D 176 3.54 -24.56 -17.06
CA ALA D 176 3.88 -25.77 -17.79
C ALA D 176 4.92 -25.55 -18.88
N THR D 177 5.65 -26.63 -19.15
CA THR D 177 6.67 -26.71 -20.20
C THR D 177 6.39 -27.92 -21.09
N TYR D 178 6.35 -29.10 -20.48
CA TYR D 178 5.88 -30.30 -21.17
C TYR D 178 4.74 -30.94 -20.37
N LEU D 179 3.71 -31.43 -21.04
CA LEU D 179 2.73 -32.28 -20.34
C LEU D 179 2.16 -33.36 -21.26
N SER D 180 1.82 -34.51 -20.68
CA SER D 180 1.24 -35.62 -21.44
C SER D 180 0.01 -36.14 -20.73
N ILE D 181 -0.90 -36.79 -21.45
CA ILE D 181 -2.14 -37.28 -20.84
C ILE D 181 -2.73 -38.59 -21.40
N MET D 182 -3.11 -39.53 -20.53
CA MET D 182 -3.93 -40.67 -20.95
C MET D 182 -5.42 -40.30 -20.96
N CYS D 183 -6.19 -40.90 -21.87
CA CYS D 183 -7.62 -40.61 -21.95
C CYS D 183 -8.42 -41.25 -20.82
N ARG D 184 -9.38 -40.50 -20.26
CA ARG D 184 -10.29 -41.01 -19.24
C ARG D 184 -11.08 -42.23 -19.75
N ASN D 185 -11.18 -42.36 -21.07
CA ASN D 185 -11.94 -43.46 -21.68
C ASN D 185 -11.21 -44.45 -22.61
N CYS D 186 -10.54 -43.95 -23.65
CA CYS D 186 -9.85 -44.84 -24.59
C CYS D 186 -8.38 -45.09 -24.23
N ARG D 187 -7.88 -44.34 -23.25
CA ARG D 187 -6.51 -44.49 -22.75
C ARG D 187 -5.46 -44.23 -23.84
N HIS D 188 -5.82 -43.43 -24.83
CA HIS D 188 -4.84 -42.97 -25.80
C HIS D 188 -3.85 -42.04 -25.09
N THR D 189 -2.55 -42.24 -25.34
CA THR D 189 -1.54 -41.42 -24.69
C THR D 189 -1.14 -40.23 -25.56
N THR D 190 -1.53 -39.05 -25.10
CA THR D 190 -1.25 -37.78 -25.77
C THR D 190 0.00 -37.14 -25.22
N SER D 191 0.73 -36.45 -26.08
CA SER D 191 1.86 -35.67 -25.61
C SER D 191 1.77 -34.26 -26.17
N ILE D 192 1.56 -33.30 -25.27
CA ILE D 192 1.59 -31.89 -25.63
C ILE D 192 2.86 -31.23 -25.14
N THR D 193 3.55 -30.59 -26.07
CA THR D 193 4.60 -29.67 -25.70
C THR D 193 3.92 -28.33 -25.54
N ILE D 194 3.84 -27.83 -24.31
CA ILE D 194 3.25 -26.52 -24.12
C ILE D 194 4.38 -25.51 -24.26
N ASN D 195 4.13 -24.63 -25.23
CA ASN D 195 5.03 -23.60 -25.71
C ASN D 195 4.41 -22.24 -25.55
N ASN D 196 5.23 -21.21 -25.73
CA ASN D 196 4.77 -19.86 -25.49
C ASN D 196 5.01 -19.02 -26.74
N PHE D 197 4.22 -17.96 -26.95
CA PHE D 197 3.22 -17.50 -25.98
C PHE D 197 1.80 -17.79 -26.45
N THR D 204 -6.42 -18.69 -23.32
CA THR D 204 -5.12 -19.27 -23.66
C THR D 204 -5.31 -20.43 -24.62
N VAL D 205 -4.61 -21.54 -24.38
CA VAL D 205 -4.79 -22.75 -25.18
C VAL D 205 -5.24 -23.93 -24.32
N SER D 206 -6.50 -24.32 -24.48
CA SER D 206 -7.07 -25.46 -23.77
C SER D 206 -6.68 -26.79 -24.43
N LEU D 207 -6.77 -27.87 -23.65
CA LEU D 207 -6.35 -29.20 -24.08
C LEU D 207 -7.21 -29.78 -25.21
N PRO D 208 -6.56 -30.26 -26.28
CA PRO D 208 -7.13 -30.92 -27.47
C PRO D 208 -7.74 -32.29 -27.18
N ARG D 209 -8.90 -32.55 -27.79
CA ARG D 209 -9.74 -33.68 -27.41
C ARG D 209 -9.67 -34.95 -28.28
N SER D 210 -8.89 -34.95 -29.35
CA SER D 210 -8.94 -36.06 -30.31
C SER D 210 -8.11 -37.26 -29.91
N CYS D 211 -8.68 -38.45 -30.04
CA CYS D 211 -7.94 -39.70 -29.84
C CYS D 211 -7.08 -40.01 -31.06
N ASN D 235 -18.53 -40.00 -27.52
CA ASN D 235 -17.38 -40.53 -26.80
C ASN D 235 -16.47 -41.36 -27.70
N CYS D 236 -15.15 -41.11 -27.65
CA CYS D 236 -14.49 -40.24 -26.68
C CYS D 236 -14.83 -38.75 -26.77
N GLY D 237 -15.22 -38.19 -25.63
CA GLY D 237 -15.61 -36.80 -25.57
C GLY D 237 -16.14 -36.36 -24.21
N PRO D 238 -16.38 -35.05 -24.05
CA PRO D 238 -16.02 -34.02 -25.03
C PRO D 238 -14.50 -33.83 -25.16
N ASP D 239 -13.82 -33.70 -24.03
CA ASP D 239 -12.37 -33.56 -23.94
C ASP D 239 -11.90 -34.42 -22.76
N PRO D 240 -11.70 -35.71 -22.98
CA PRO D 240 -11.31 -36.59 -21.87
C PRO D 240 -9.80 -36.71 -21.65
N TYR D 241 -9.21 -35.68 -21.05
CA TYR D 241 -7.79 -35.68 -20.75
C TYR D 241 -7.48 -35.02 -19.42
N ILE D 242 -6.70 -35.68 -18.56
CA ILE D 242 -6.17 -35.03 -17.36
C ILE D 242 -4.66 -35.20 -17.26
N ILE D 243 -3.99 -34.10 -16.89
CA ILE D 243 -2.55 -33.99 -16.92
C ILE D 243 -1.82 -35.15 -16.26
N ILE D 244 -0.73 -35.59 -16.89
CA ILE D 244 0.17 -36.50 -16.22
C ILE D 244 1.14 -35.56 -15.52
N HIS D 245 0.94 -35.46 -14.21
CA HIS D 245 1.61 -34.47 -13.38
C HIS D 245 2.99 -34.97 -12.99
N GLU D 246 3.07 -36.28 -12.80
CA GLU D 246 4.33 -36.95 -12.54
C GLU D 246 5.34 -36.64 -13.63
N SER D 247 5.06 -37.00 -14.88
CA SER D 247 5.98 -36.64 -15.93
C SER D 247 5.44 -35.42 -16.64
N SER D 248 6.08 -34.30 -16.32
CA SER D 248 5.81 -33.01 -16.93
C SER D 248 7.04 -32.16 -16.61
N LYS D 249 7.27 -31.10 -17.39
CA LYS D 249 8.41 -30.24 -17.11
C LYS D 249 7.87 -28.83 -16.90
N PHE D 250 8.65 -27.97 -16.26
CA PHE D 250 8.11 -26.70 -15.76
C PHE D 250 9.05 -25.49 -15.79
N ILE D 251 8.47 -24.31 -15.53
CA ILE D 251 9.21 -23.04 -15.48
C ILE D 251 8.53 -22.04 -14.54
N ASP D 252 9.25 -21.09 -13.96
CA ASP D 252 8.60 -20.04 -13.18
C ASP D 252 8.09 -18.86 -14.03
N GLN D 253 7.09 -18.15 -13.51
CA GLN D 253 6.63 -16.89 -14.07
C GLN D 253 6.40 -15.86 -12.96
N GLN D 254 6.91 -14.64 -13.19
CA GLN D 254 6.95 -13.59 -12.17
C GLN D 254 5.68 -12.75 -11.95
N PHE D 255 5.09 -12.28 -13.03
CA PHE D 255 4.01 -11.28 -12.97
C PHE D 255 4.42 -9.97 -12.29
N LEU D 256 5.35 -9.29 -12.93
CA LEU D 256 5.71 -7.91 -12.62
C LEU D 256 4.54 -6.95 -12.62
N LYS D 257 4.40 -6.22 -11.52
CA LYS D 257 3.58 -5.02 -11.49
C LYS D 257 4.54 -3.84 -11.49
N LEU D 258 4.58 -3.11 -12.61
CA LEU D 258 5.52 -2.02 -12.72
C LEU D 258 4.85 -0.72 -13.13
N GLN D 259 5.49 0.37 -12.72
CA GLN D 259 4.92 1.71 -12.76
C GLN D 259 5.77 2.60 -13.65
N GLU D 260 5.15 3.60 -14.27
CA GLU D 260 5.90 4.55 -15.08
C GLU D 260 6.87 5.35 -14.21
N ILE D 261 7.91 5.90 -14.82
CA ILE D 261 8.88 6.70 -14.09
C ILE D 261 8.17 7.88 -13.43
N PRO D 262 8.72 8.35 -12.30
CA PRO D 262 8.05 9.43 -11.57
C PRO D 262 7.96 10.73 -12.37
N GLU D 263 8.91 10.97 -13.26
CA GLU D 263 9.01 12.25 -13.95
C GLU D 263 8.00 12.45 -15.09
N LEU D 264 7.89 11.47 -15.99
CA LEU D 264 7.01 11.60 -17.16
C LEU D 264 6.14 10.35 -17.33
N VAL D 265 4.93 10.50 -17.89
CA VAL D 265 4.31 11.79 -18.21
C VAL D 265 3.02 11.90 -17.40
N PRO D 266 3.13 12.33 -16.14
CA PRO D 266 1.96 12.35 -15.27
C PRO D 266 0.94 13.40 -15.70
N VAL D 267 1.43 14.44 -16.39
CA VAL D 267 0.63 15.62 -16.68
C VAL D 267 0.06 16.09 -15.34
N GLY D 268 -1.25 16.08 -15.21
CA GLY D 268 -1.86 16.34 -13.92
C GLY D 268 -2.07 15.07 -13.11
N GLU D 269 -2.24 13.94 -13.81
CA GLU D 269 -2.81 12.75 -13.19
C GLU D 269 -1.87 11.88 -12.37
N MET D 270 -2.40 10.70 -12.01
CA MET D 270 -1.70 9.68 -11.24
C MET D 270 -0.89 8.76 -12.14
N PRO D 271 0.25 8.25 -11.64
CA PRO D 271 1.06 7.29 -12.37
C PRO D 271 0.35 5.96 -12.62
N ARG D 272 0.38 5.49 -13.86
CA ARG D 272 -0.18 4.20 -14.21
C ARG D 272 0.75 3.06 -13.85
N ASN D 273 0.19 1.87 -13.68
CA ASN D 273 0.99 0.66 -13.56
C ASN D 273 0.54 -0.36 -14.60
N LEU D 274 1.43 -0.75 -15.49
CA LEU D 274 1.08 -1.74 -16.50
C LEU D 274 1.78 -3.06 -16.21
N THR D 275 1.02 -4.14 -16.26
CA THR D 275 1.46 -5.44 -15.79
C THR D 275 2.21 -6.23 -16.87
N MET D 276 3.31 -6.85 -16.48
CA MET D 276 4.15 -7.61 -17.40
C MET D 276 4.55 -8.91 -16.71
N THR D 277 5.13 -9.86 -17.43
CA THR D 277 5.46 -11.14 -16.79
C THR D 277 6.81 -11.77 -17.21
N CYS D 278 7.70 -11.99 -16.23
CA CYS D 278 8.94 -12.73 -16.47
C CYS D 278 8.74 -14.24 -16.53
N ASP D 279 9.73 -14.95 -17.05
CA ASP D 279 9.78 -16.40 -16.92
C ASP D 279 11.22 -16.92 -16.95
N ARG D 280 11.45 -18.07 -16.33
CA ARG D 280 12.75 -18.74 -16.30
C ARG D 280 13.86 -17.84 -15.74
N TYR D 281 14.93 -17.65 -16.49
CA TYR D 281 16.12 -16.96 -16.00
C TYR D 281 15.89 -15.46 -15.90
N LEU D 282 14.72 -15.03 -16.33
CA LEU D 282 14.29 -13.65 -16.18
C LEU D 282 13.75 -13.35 -14.78
N THR D 283 13.29 -14.39 -14.10
CA THR D 283 12.61 -14.22 -12.81
C THR D 283 13.54 -13.73 -11.71
N ASN D 284 12.96 -12.94 -10.79
CA ASN D 284 13.67 -12.45 -9.61
C ASN D 284 14.91 -11.67 -9.97
N LYS D 285 14.95 -11.18 -11.19
CA LYS D 285 16.11 -10.46 -11.68
C LYS D 285 16.07 -9.05 -11.15
N VAL D 286 14.86 -8.58 -10.86
CA VAL D 286 14.66 -7.21 -10.45
C VAL D 286 13.95 -7.05 -9.11
N ILE D 287 14.60 -6.31 -8.23
CA ILE D 287 14.09 -5.91 -6.92
C ILE D 287 12.77 -5.15 -7.02
N PRO D 288 11.91 -5.30 -6.02
CA PRO D 288 10.80 -4.34 -5.93
C PRO D 288 11.30 -2.93 -5.67
N GLY D 289 10.83 -1.96 -6.44
CA GLY D 289 11.12 -0.56 -6.18
C GLY D 289 12.40 0.01 -6.75
N THR D 290 12.96 -0.65 -7.76
CA THR D 290 14.18 -0.16 -8.40
C THR D 290 13.93 0.23 -9.86
N ARG D 291 14.67 1.23 -10.33
CA ARG D 291 14.55 1.69 -11.71
C ARG D 291 15.04 0.62 -12.68
N VAL D 292 14.26 0.33 -13.72
CA VAL D 292 14.55 -0.79 -14.61
C VAL D 292 14.14 -0.55 -16.06
N THR D 293 14.67 -1.37 -16.98
CA THR D 293 14.22 -1.29 -18.36
C THR D 293 13.76 -2.64 -18.90
N ILE D 294 12.56 -2.64 -19.45
CA ILE D 294 11.99 -3.83 -20.06
C ILE D 294 11.70 -3.57 -21.52
N VAL D 295 11.88 -4.61 -22.34
CA VAL D 295 11.57 -4.48 -23.75
C VAL D 295 10.22 -5.13 -24.02
N GLY D 296 10.18 -6.46 -24.03
CA GLY D 296 8.91 -7.16 -24.08
C GLY D 296 8.01 -6.89 -25.28
N ILE D 297 6.75 -7.32 -25.17
CA ILE D 297 5.76 -7.18 -26.24
C ILE D 297 4.38 -6.83 -25.69
N TYR D 298 3.76 -5.80 -26.29
CA TYR D 298 2.46 -5.26 -25.87
C TYR D 298 1.33 -6.16 -26.36
N SER D 299 0.58 -6.74 -25.43
CA SER D 299 -0.46 -7.71 -25.76
C SER D 299 -1.58 -7.70 -24.75
N ILE D 300 -2.58 -8.57 -24.94
CA ILE D 300 -3.82 -8.50 -24.16
C ILE D 300 -4.38 -9.89 -23.82
N TYR D 301 -5.06 -10.03 -22.67
CA TYR D 301 -5.83 -11.25 -22.38
C TYR D 301 -7.03 -10.99 -21.48
N ASN D 302 -8.12 -11.72 -21.69
CA ASN D 302 -9.42 -11.44 -21.05
C ASN D 302 -9.37 -11.20 -19.54
N SER D 303 -9.11 -12.26 -18.77
CA SER D 303 -8.93 -12.15 -17.31
C SER D 303 -10.11 -11.54 -16.55
N LYS D 304 -11.20 -12.29 -16.42
CA LYS D 304 -12.34 -11.84 -15.62
C LYS D 304 -11.97 -11.74 -14.15
N VAL D 321 -16.65 -4.11 -24.31
CA VAL D 321 -16.44 -5.46 -24.80
C VAL D 321 -15.69 -5.36 -26.14
N ALA D 322 -14.69 -6.23 -26.37
CA ALA D 322 -14.46 -7.43 -25.57
C ALA D 322 -13.71 -7.21 -24.25
N ILE D 323 -13.17 -6.00 -24.06
CA ILE D 323 -12.52 -5.58 -22.79
C ILE D 323 -11.45 -6.48 -22.15
N ARG D 324 -10.37 -6.77 -22.88
CA ARG D 324 -9.37 -7.67 -22.33
C ARG D 324 -8.26 -6.84 -21.68
N THR D 325 -7.66 -7.40 -20.63
CA THR D 325 -6.62 -6.73 -19.86
C THR D 325 -5.33 -6.58 -20.63
N PRO D 326 -4.85 -5.34 -20.75
CA PRO D 326 -3.55 -4.96 -21.32
C PRO D 326 -2.39 -5.46 -20.46
N TYR D 327 -1.33 -5.91 -21.12
CA TYR D 327 -0.13 -6.42 -20.46
C TYR D 327 1.01 -6.48 -21.45
N ILE D 328 2.19 -6.89 -20.98
CA ILE D 328 3.33 -7.09 -21.87
C ILE D 328 4.11 -8.34 -21.50
N LYS D 329 4.29 -9.27 -22.44
CA LYS D 329 5.11 -10.43 -22.13
C LYS D 329 6.58 -10.02 -22.22
N ILE D 330 7.45 -10.68 -21.47
CA ILE D 330 8.78 -10.10 -21.24
C ILE D 330 9.95 -10.78 -21.91
N LEU D 331 10.48 -10.10 -22.93
CA LEU D 331 11.81 -10.37 -23.44
C LEU D 331 12.40 -9.11 -24.08
N GLY D 332 13.68 -8.87 -23.83
CA GLY D 332 14.35 -9.41 -22.67
C GLY D 332 14.38 -8.26 -21.70
N ILE D 333 14.70 -8.51 -20.44
CA ILE D 333 14.75 -7.42 -19.49
C ILE D 333 16.19 -7.04 -19.15
N GLN D 334 16.45 -5.75 -19.07
CA GLN D 334 17.75 -5.28 -18.60
C GLN D 334 17.61 -4.21 -17.53
N SER D 335 18.44 -4.36 -16.52
CA SER D 335 18.49 -3.44 -15.42
C SER D 335 18.94 -2.07 -15.89
N ASP D 336 18.29 -1.04 -15.37
CA ASP D 336 18.78 0.33 -15.52
C ASP D 336 19.97 0.48 -14.58
N VAL D 337 20.90 1.37 -14.91
CA VAL D 337 22.23 1.36 -14.30
C VAL D 337 22.21 1.39 -12.76
N GLU D 338 22.84 0.40 -12.15
CA GLU D 338 23.41 -0.73 -12.88
C GLU D 338 22.37 -1.79 -13.33
N THR D 339 21.37 -2.17 -12.52
CA THR D 339 21.32 -1.93 -11.08
C THR D 339 22.10 -3.05 -10.41
N SER D 340 22.21 -4.19 -11.09
CA SER D 340 22.94 -5.33 -10.55
C SER D 340 22.69 -5.49 -9.05
N SER D 341 23.61 -4.99 -8.24
CA SER D 341 23.50 -5.04 -6.78
C SER D 341 23.18 -6.44 -6.27
N ILE D 342 21.89 -6.72 -6.08
CA ILE D 342 21.44 -8.01 -5.60
C ILE D 342 21.98 -9.14 -6.46
N TRP D 343 22.52 -10.17 -5.82
CA TRP D 343 22.60 -10.21 -4.37
C TRP D 343 23.90 -10.87 -3.90
N ASN D 344 24.54 -10.25 -2.93
CA ASN D 344 25.82 -10.79 -2.38
C ASN D 344 27.23 -10.25 -2.82
N SER D 345 27.38 -9.41 -3.85
CA SER D 345 26.40 -9.14 -4.89
C SER D 345 27.02 -9.19 -6.28
N VAL D 346 27.81 -8.17 -6.59
CA VAL D 346 28.32 -7.97 -7.93
C VAL D 346 29.52 -7.07 -7.85
N THR D 347 30.39 -7.16 -8.85
CA THR D 347 31.46 -6.19 -8.99
C THR D 347 31.55 -5.70 -10.49
N MET D 348 31.78 -6.54 -11.52
CA MET D 348 32.28 -7.92 -11.41
C MET D 348 33.40 -8.25 -12.41
N PHE D 349 34.65 -8.22 -11.93
CA PHE D 349 34.99 -7.25 -10.92
C PHE D 349 35.27 -5.93 -11.61
N THR D 350 35.86 -6.01 -12.81
CA THR D 350 36.42 -4.84 -13.48
C THR D 350 37.50 -4.24 -12.58
N GLU D 351 38.67 -4.87 -12.58
CA GLU D 351 39.71 -4.71 -11.55
C GLU D 351 40.00 -3.27 -11.12
N GLU D 352 39.89 -2.34 -12.06
CA GLU D 352 40.25 -0.95 -11.81
C GLU D 352 39.55 -0.39 -10.58
N GLU D 353 38.46 -1.03 -10.16
CA GLU D 353 37.74 -0.59 -8.98
C GLU D 353 38.61 -0.72 -7.72
N GLU D 354 39.18 -1.90 -7.49
CA GLU D 354 39.95 -2.12 -6.26
C GLU D 354 41.00 -1.04 -6.13
N GLU D 355 41.87 -0.92 -7.14
CA GLU D 355 42.86 0.13 -7.19
C GLU D 355 42.21 1.49 -6.96
N GLU D 356 41.18 1.80 -7.74
CA GLU D 356 40.57 3.12 -7.65
C GLU D 356 39.88 3.28 -6.30
N PHE D 357 39.47 2.19 -5.68
CA PHE D 357 38.89 2.28 -4.35
C PHE D 357 39.98 2.34 -3.28
N LEU D 358 41.15 1.79 -3.57
CA LEU D 358 42.28 1.83 -2.65
C LEU D 358 42.98 3.18 -2.70
N GLN D 359 43.05 3.75 -3.90
CA GLN D 359 43.66 5.06 -4.09
C GLN D 359 42.85 6.10 -3.35
N LEU D 360 41.53 5.93 -3.38
CA LEU D 360 40.62 6.71 -2.56
C LEU D 360 41.10 6.63 -1.11
N SER D 361 41.36 5.42 -0.64
CA SER D 361 41.85 5.24 0.72
C SER D 361 43.24 5.84 0.94
N ARG D 362 44.00 6.01 -0.15
CA ARG D 362 45.31 6.63 -0.05
C ARG D 362 45.22 8.15 -0.20
N ASN D 363 44.06 8.63 -0.65
CA ASN D 363 43.79 10.05 -0.70
C ASN D 363 43.39 10.54 0.68
N PRO D 364 44.20 11.44 1.26
CA PRO D 364 43.92 11.96 2.59
C PRO D 364 42.66 12.80 2.59
N LYS D 365 42.30 13.29 1.40
CA LYS D 365 41.13 14.13 1.22
C LYS D 365 39.87 13.31 0.99
N LEU D 366 40.02 12.00 0.83
CA LEU D 366 38.90 11.16 0.42
C LEU D 366 37.67 11.29 1.30
N TYR D 367 37.85 11.20 2.60
CA TYR D 367 36.77 11.46 3.54
C TYR D 367 36.10 12.79 3.20
N GLU D 368 36.92 13.83 3.12
CA GLU D 368 36.44 15.17 2.83
C GLU D 368 36.02 15.34 1.37
N ILE D 369 36.56 14.55 0.47
CA ILE D 369 36.15 14.68 -0.93
C ILE D 369 34.79 14.00 -1.12
N LEU D 370 34.49 13.01 -0.28
CA LEU D 370 33.16 12.44 -0.16
C LEU D 370 32.23 13.54 0.32
N THR D 371 32.67 14.25 1.35
CA THR D 371 31.92 15.42 1.80
C THR D 371 31.67 16.37 0.63
N ASN D 372 32.65 16.54 -0.27
CA ASN D 372 32.43 17.39 -1.44
C ASN D 372 31.67 16.70 -2.57
N SER D 373 31.41 15.40 -2.41
CA SER D 373 30.53 14.69 -3.33
C SER D 373 29.08 14.98 -2.98
N ILE D 374 28.81 15.07 -1.69
CA ILE D 374 27.43 15.16 -1.23
C ILE D 374 26.63 16.41 -1.66
N ALA D 375 27.20 17.60 -1.67
CA ALA D 375 26.37 18.71 -2.08
C ALA D 375 27.01 19.68 -3.06
N PRO D 376 26.91 19.35 -4.36
CA PRO D 376 27.21 20.30 -5.42
C PRO D 376 26.24 21.47 -5.29
N SER D 377 25.03 21.12 -4.86
CA SER D 377 24.00 22.10 -4.54
C SER D 377 24.39 22.96 -3.34
N ILE D 378 24.66 22.30 -2.21
CA ILE D 378 24.82 23.01 -0.95
C ILE D 378 26.27 23.39 -0.69
N PHE D 379 26.51 24.70 -0.68
CA PHE D 379 27.80 25.25 -0.29
C PHE D 379 27.70 25.61 1.19
N GLY D 380 28.55 24.97 2.00
CA GLY D 380 28.52 25.18 3.44
C GLY D 380 27.83 24.06 4.17
N ASN D 381 27.55 24.28 5.45
CA ASN D 381 26.98 23.28 6.34
C ASN D 381 27.84 22.02 6.37
N GLU D 382 29.16 22.23 6.32
CA GLU D 382 30.14 21.16 6.23
C GLU D 382 30.05 20.12 7.36
N ASP D 383 29.55 20.53 8.51
CA ASP D 383 29.40 19.64 9.67
C ASP D 383 28.46 18.45 9.40
N ILE D 384 27.17 18.75 9.25
CA ILE D 384 26.17 17.76 8.90
C ILE D 384 26.52 17.12 7.57
N LYS D 385 27.20 17.90 6.74
CA LYS D 385 27.69 17.43 5.46
C LYS D 385 28.66 16.25 5.64
N LYS D 386 29.48 16.33 6.66
CA LYS D 386 30.37 15.22 7.02
C LYS D 386 29.55 14.13 7.68
N ALA D 387 28.45 14.52 8.31
CA ALA D 387 27.57 13.60 9.02
C ALA D 387 26.79 12.63 8.12
N ILE D 388 26.46 13.05 6.89
CA ILE D 388 25.69 12.18 6.01
C ILE D 388 26.47 10.95 5.58
N VAL D 389 27.71 11.18 5.14
CA VAL D 389 28.58 10.14 4.61
C VAL D 389 28.62 8.92 5.50
N CYS D 390 29.07 9.12 6.74
CA CYS D 390 29.33 8.03 7.67
C CYS D 390 28.14 7.09 7.85
N LEU D 391 26.93 7.55 7.61
CA LEU D 391 25.78 6.67 7.71
C LEU D 391 25.76 5.63 6.59
N LEU D 392 25.88 6.11 5.35
CA LEU D 392 25.64 5.26 4.18
C LEU D 392 26.54 4.03 4.11
N MET D 393 27.79 4.17 4.52
CA MET D 393 28.75 3.07 4.51
C MET D 393 28.26 1.89 5.34
N GLY D 394 27.44 2.19 6.34
CA GLY D 394 27.09 1.20 7.35
C GLY D 394 28.16 1.29 8.40
N GLY D 395 27.79 1.08 9.65
CA GLY D 395 28.74 1.21 10.74
C GLY D 395 29.07 -0.14 11.29
N SER D 396 29.45 -0.18 12.56
CA SER D 396 29.62 -1.46 13.22
C SER D 396 28.28 -2.17 13.31
N LYS D 397 28.24 -3.39 12.78
CA LYS D 397 27.17 -4.29 13.14
C LYS D 397 27.84 -5.59 13.54
N LYS D 398 27.76 -5.91 14.83
CA LYS D 398 28.41 -7.10 15.37
C LYS D 398 27.38 -7.92 16.14
N ILE D 399 27.38 -9.22 15.83
CA ILE D 399 26.28 -10.11 16.14
C ILE D 399 26.47 -10.96 17.41
N LEU D 400 27.50 -10.66 18.21
CA LEU D 400 28.08 -11.63 19.16
C LEU D 400 27.06 -12.42 19.94
N PRO D 401 27.24 -13.76 19.98
CA PRO D 401 26.39 -14.73 20.70
C PRO D 401 26.39 -14.45 22.20
N ASP D 402 25.24 -14.43 22.86
CA ASP D 402 23.94 -14.87 22.35
C ASP D 402 23.29 -13.89 21.36
N GLY D 403 22.02 -14.07 21.07
CA GLY D 403 21.39 -13.39 19.94
C GLY D 403 21.46 -11.87 19.95
N MET D 404 22.06 -11.30 20.99
CA MET D 404 22.31 -9.86 21.07
C MET D 404 23.04 -9.31 19.85
N ARG D 405 22.45 -8.30 19.22
CA ARG D 405 23.12 -7.64 18.11
C ARG D 405 22.82 -6.14 18.09
N LEU D 406 23.86 -5.35 17.84
CA LEU D 406 23.76 -3.90 17.88
C LEU D 406 23.69 -3.35 16.45
N ARG D 407 22.93 -2.28 16.29
CA ARG D 407 22.51 -1.79 14.98
C ARG D 407 23.57 -1.06 14.16
N GLY D 408 23.34 -0.99 12.86
CA GLY D 408 24.02 -0.03 12.01
C GLY D 408 23.33 0.25 10.69
N ASP D 409 23.52 1.46 10.18
CA ASP D 409 24.21 2.46 10.97
C ASP D 409 23.35 3.64 11.41
N ILE D 410 23.05 3.65 12.70
CA ILE D 410 22.62 4.81 13.49
C ILE D 410 21.46 5.68 12.99
N ASN D 411 21.52 6.96 13.34
CA ASN D 411 20.46 7.94 13.10
C ASN D 411 21.03 9.36 13.14
N VAL D 412 20.33 10.29 12.50
CA VAL D 412 20.81 11.68 12.35
C VAL D 412 19.64 12.66 12.33
N LEU D 413 19.83 13.86 12.89
CA LEU D 413 18.75 14.85 12.92
C LEU D 413 19.10 16.12 12.16
N LEU D 414 18.24 16.46 11.21
CA LEU D 414 18.40 17.68 10.44
C LEU D 414 17.56 18.82 10.97
N LEU D 415 16.88 18.60 12.09
CA LEU D 415 15.98 19.61 12.62
C LEU D 415 16.68 20.95 12.80
N GLY D 416 16.05 21.99 12.26
CA GLY D 416 16.60 23.32 12.27
C GLY D 416 15.67 24.23 11.49
N ASP D 417 15.96 25.53 11.48
CA ASP D 417 15.13 26.49 10.78
C ASP D 417 15.09 26.21 9.28
N PRO D 418 13.92 26.44 8.66
CA PRO D 418 13.79 26.36 7.20
C PRO D 418 14.84 27.25 6.55
N GLY D 419 15.48 26.77 5.50
CA GLY D 419 16.67 27.40 4.97
C GLY D 419 17.90 26.57 5.29
N THR D 420 17.65 25.42 5.89
CA THR D 420 18.70 24.50 6.28
C THR D 420 19.30 23.75 5.08
N ALA D 421 18.50 23.65 4.01
CA ALA D 421 18.78 22.88 2.78
C ALA D 421 18.52 21.41 3.00
N LYS D 422 18.15 21.07 4.22
CA LYS D 422 17.97 19.69 4.66
C LYS D 422 16.97 18.85 3.84
N SER D 423 15.95 19.48 3.22
CA SER D 423 15.10 18.69 2.32
C SER D 423 15.76 18.54 0.98
N GLN D 424 16.37 19.63 0.50
CA GLN D 424 17.19 19.57 -0.70
C GLN D 424 18.32 18.58 -0.45
N LEU D 425 18.92 18.68 0.74
CA LEU D 425 19.96 17.76 1.17
C LEU D 425 19.48 16.32 1.12
N LEU D 426 18.34 16.05 1.75
CA LEU D 426 17.78 14.71 1.79
C LEU D 426 17.50 14.19 0.39
N LYS D 427 16.99 15.06 -0.47
CA LYS D 427 16.76 14.68 -1.85
C LYS D 427 18.07 14.47 -2.60
N PHE D 428 19.18 14.90 -2.03
CA PHE D 428 20.44 14.32 -2.47
C PHE D 428 20.60 12.92 -1.88
N VAL D 429 20.45 12.83 -0.54
CA VAL D 429 20.78 11.63 0.24
C VAL D 429 20.13 10.33 -0.26
N GLU D 430 18.85 10.40 -0.59
CA GLU D 430 18.14 9.23 -1.07
C GLU D 430 18.65 8.80 -2.45
N LYS D 431 18.90 9.76 -3.33
CA LYS D 431 19.46 9.47 -4.65
C LYS D 431 20.85 8.86 -4.52
N VAL D 432 21.52 9.14 -3.40
CA VAL D 432 22.82 8.53 -3.15
C VAL D 432 22.73 7.05 -2.82
N SER D 433 21.77 6.72 -1.95
CA SER D 433 21.58 5.33 -1.53
C SER D 433 21.41 4.41 -2.72
N PRO D 434 22.05 3.23 -2.66
CA PRO D 434 21.82 2.24 -3.71
C PRO D 434 20.35 1.82 -3.74
N ILE D 435 19.82 1.54 -2.55
CA ILE D 435 18.43 1.16 -2.38
C ILE D 435 17.84 1.90 -1.18
N ALA D 436 16.78 2.67 -1.41
CA ALA D 436 16.10 3.38 -0.33
C ALA D 436 14.74 3.92 -0.75
N VAL D 437 14.03 4.52 0.21
CA VAL D 437 12.71 5.07 -0.03
C VAL D 437 12.60 6.45 0.64
N TYR D 438 12.11 7.44 -0.11
CA TYR D 438 12.04 8.82 0.40
C TYR D 438 10.72 9.11 1.09
N THR D 439 10.76 9.34 2.40
CA THR D 439 9.51 9.52 3.15
C THR D 439 9.35 10.88 3.83
N SER D 440 8.39 11.65 3.34
CA SER D 440 8.06 12.95 3.92
C SER D 440 6.89 12.88 4.88
N GLY D 441 6.45 11.67 5.18
CA GLY D 441 5.19 11.50 5.89
C GLY D 441 5.14 11.81 7.37
N LYS D 442 4.08 11.39 8.09
CA LYS D 442 3.00 10.49 7.64
C LYS D 442 3.64 9.15 7.14
N GLY D 443 3.54 8.79 5.86
CA GLY D 443 4.48 7.83 5.27
C GLY D 443 4.39 7.64 3.76
N SER D 444 5.50 7.34 3.09
CA SER D 444 5.64 7.76 1.68
C SER D 444 5.44 6.82 0.50
N SER D 445 4.77 7.34 -0.53
CA SER D 445 4.08 8.63 -0.38
C SER D 445 2.79 8.29 0.29
N ALA D 446 2.19 7.21 -0.16
CA ALA D 446 0.98 6.67 0.43
C ALA D 446 1.29 5.57 1.42
N ALA D 447 2.56 5.35 1.72
CA ALA D 447 2.94 4.16 2.46
C ALA D 447 2.66 4.24 3.95
N GLY D 448 2.07 3.17 4.48
CA GLY D 448 2.10 2.95 5.92
C GLY D 448 3.58 2.91 6.26
N LEU D 449 3.99 3.79 7.17
CA LEU D 449 5.42 3.95 7.45
C LEU D 449 5.98 2.62 7.90
N THR D 450 5.14 1.83 8.55
CA THR D 450 5.44 0.43 8.80
C THR D 450 4.50 -0.42 7.98
N ALA D 451 4.93 -1.64 7.62
CA ALA D 451 4.10 -2.54 6.84
C ALA D 451 2.79 -2.78 7.54
N SER D 452 1.70 -2.52 6.84
CA SER D 452 0.38 -2.73 7.39
C SER D 452 -0.29 -3.90 6.69
N VAL D 453 -0.42 -5.00 7.40
CA VAL D 453 -0.98 -6.22 6.83
C VAL D 453 -2.45 -6.03 6.52
N GLN D 454 -2.81 -6.28 5.27
CA GLN D 454 -4.18 -6.05 4.88
C GLN D 454 -4.75 -7.22 4.09
N ARG D 455 -5.90 -7.70 4.55
CA ARG D 455 -6.60 -8.81 3.93
C ARG D 455 -6.82 -8.60 2.45
N ASP D 456 -6.56 -9.63 1.67
CA ASP D 456 -7.04 -9.68 0.31
C ASP D 456 -8.53 -9.90 0.42
N PRO D 457 -9.32 -8.91 -0.01
CA PRO D 457 -10.77 -9.06 0.11
C PRO D 457 -11.30 -10.19 -0.79
N MET D 458 -10.48 -10.64 -1.74
CA MET D 458 -10.79 -11.81 -2.55
C MET D 458 -10.04 -13.04 -2.02
N THR D 459 -10.80 -14.12 -1.79
CA THR D 459 -10.29 -15.35 -1.17
C THR D 459 -9.72 -15.05 0.23
N ARG D 460 -10.27 -14.02 0.87
CA ARG D 460 -10.03 -13.70 2.29
C ARG D 460 -8.54 -13.65 2.68
N GLU D 461 -8.20 -14.17 3.85
CA GLU D 461 -6.81 -14.48 4.19
C GLU D 461 -5.79 -13.31 4.17
N PHE D 462 -5.65 -12.59 5.30
CA PHE D 462 -4.69 -11.48 5.40
C PHE D 462 -3.33 -11.85 4.81
N TYR D 463 -2.74 -10.90 4.08
CA TYR D 463 -1.36 -11.02 3.64
C TYR D 463 -0.66 -9.68 3.86
N LEU D 464 0.62 -9.73 4.23
CA LEU D 464 1.38 -8.52 4.54
C LEU D 464 1.60 -7.69 3.27
N GLU D 465 1.30 -6.40 3.34
CA GLU D 465 1.27 -5.54 2.16
C GLU D 465 2.61 -4.86 1.88
N GLY D 466 3.59 -5.12 2.75
CA GLY D 466 4.88 -4.47 2.63
C GLY D 466 4.85 -3.10 3.26
N GLY D 467 6.02 -2.50 3.44
CA GLY D 467 6.12 -1.19 4.05
C GLY D 467 7.35 -0.45 3.58
N ALA D 468 7.33 0.87 3.71
CA ALA D 468 8.44 1.71 3.29
C ALA D 468 9.71 1.31 4.02
N MET D 469 9.59 1.14 5.34
CA MET D 469 10.71 0.68 6.16
C MET D 469 11.12 -0.72 5.75
N VAL D 470 10.14 -1.56 5.46
CA VAL D 470 10.40 -2.93 5.09
C VAL D 470 11.18 -3.00 3.78
N LEU D 471 10.68 -2.32 2.76
CA LEU D 471 11.32 -2.32 1.44
C LEU D 471 12.68 -1.61 1.47
N ALA D 472 12.89 -0.73 2.44
CA ALA D 472 14.11 0.06 2.52
C ALA D 472 15.20 -0.64 3.32
N ASP D 473 14.95 -1.88 3.73
CA ASP D 473 15.91 -2.65 4.54
C ASP D 473 17.28 -2.71 3.89
N GLY D 474 18.31 -2.55 4.71
CA GLY D 474 19.68 -2.51 4.22
C GLY D 474 19.90 -1.27 3.40
N GLY D 475 19.10 -0.24 3.67
CA GLY D 475 19.16 1.00 2.93
C GLY D 475 18.72 2.19 3.77
N VAL D 476 18.80 3.37 3.15
CA VAL D 476 18.58 4.64 3.84
C VAL D 476 17.14 4.82 4.30
N VAL D 477 16.99 5.49 5.45
CA VAL D 477 15.70 6.01 5.88
C VAL D 477 15.59 7.50 5.73
N CYS D 478 14.64 7.90 4.91
CA CYS D 478 14.36 9.30 4.68
C CYS D 478 13.11 9.71 5.43
N ILE D 479 13.19 10.76 6.23
CA ILE D 479 12.01 11.25 6.93
C ILE D 479 11.90 12.79 6.93
N ASP D 480 10.81 13.31 6.36
CA ASP D 480 10.41 14.69 6.62
C ASP D 480 9.22 14.67 7.57
N GLU D 481 8.77 15.84 7.98
CA GLU D 481 7.50 15.97 8.70
C GLU D 481 7.45 15.05 9.93
N PHE D 482 8.63 14.73 10.48
CA PHE D 482 8.75 13.77 11.59
C PHE D 482 8.05 14.32 12.83
N ASP D 483 7.73 15.60 12.80
CA ASP D 483 6.81 16.19 13.76
C ASP D 483 5.46 15.46 13.68
N LYS D 484 5.08 15.06 12.46
CA LYS D 484 3.76 14.49 12.18
C LYS D 484 3.64 12.95 12.03
N MET D 485 4.72 12.19 12.24
CA MET D 485 4.70 10.74 11.96
C MET D 485 3.59 10.01 12.72
N ARG D 486 3.08 8.92 12.13
CA ARG D 486 2.06 8.09 12.75
C ARG D 486 2.49 7.69 14.15
N ASP D 487 1.67 8.00 15.15
CA ASP D 487 2.07 7.84 16.55
C ASP D 487 2.15 6.38 17.00
N GLU D 488 1.33 5.51 16.43
CA GLU D 488 1.26 4.13 16.91
C GLU D 488 2.50 3.34 16.46
N ASP D 489 2.86 3.44 15.19
CA ASP D 489 4.08 2.78 14.71
C ASP D 489 5.25 3.76 14.66
N ARG D 490 5.01 4.97 15.17
CA ARG D 490 6.09 5.86 15.58
C ARG D 490 7.00 5.10 16.48
N VAL D 491 6.37 4.25 17.30
CA VAL D 491 7.06 3.37 18.20
C VAL D 491 7.73 2.22 17.45
N ALA D 492 7.13 1.80 16.35
CA ALA D 492 7.77 0.80 15.52
C ALA D 492 9.01 1.41 14.86
N ILE D 493 9.06 2.73 14.78
CA ILE D 493 10.28 3.42 14.40
C ILE D 493 11.18 3.51 15.63
N HIS D 494 10.57 3.71 16.80
CA HIS D 494 11.28 3.77 18.06
C HIS D 494 11.98 2.45 18.37
N GLU D 495 11.66 1.45 17.57
CA GLU D 495 12.03 0.06 17.82
C GLU D 495 12.93 -0.46 16.69
N ALA D 496 12.37 -0.45 15.48
CA ALA D 496 13.07 -0.87 14.26
C ALA D 496 14.42 -0.21 14.04
N MET D 497 14.56 1.04 14.46
CA MET D 497 15.84 1.71 14.36
C MET D 497 16.87 1.01 15.23
N GLU D 498 16.40 0.49 16.37
CA GLU D 498 17.26 -0.10 17.39
C GLU D 498 17.40 -1.60 17.26
N GLN D 499 16.29 -2.31 17.38
CA GLN D 499 16.30 -3.76 17.39
C GLN D 499 16.41 -4.31 15.98
N GLN D 500 16.50 -3.40 15.00
CA GLN D 500 16.67 -3.74 13.60
C GLN D 500 15.51 -4.59 13.08
N THR D 501 14.35 -4.44 13.69
CA THR D 501 13.22 -5.32 13.43
C THR D 501 11.87 -4.65 13.64
N ILE D 502 10.82 -5.23 13.07
CA ILE D 502 9.47 -4.87 13.47
C ILE D 502 8.67 -6.14 13.71
N SER D 503 8.12 -6.26 14.91
CA SER D 503 7.29 -7.41 15.27
C SER D 503 5.83 -7.14 14.97
N ILE D 504 5.26 -7.99 14.13
CA ILE D 504 3.83 -7.94 13.86
C ILE D 504 3.22 -9.22 14.39
N ALA D 505 2.46 -9.12 15.47
CA ALA D 505 1.71 -10.27 15.96
C ALA D 505 0.27 -10.21 15.49
N LYS D 506 -0.03 -9.17 14.72
CA LYS D 506 -1.40 -8.85 14.36
C LYS D 506 -2.00 -9.87 13.40
N ALA D 507 -3.31 -10.10 13.56
CA ALA D 507 -4.02 -11.14 12.80
C ALA D 507 -3.38 -12.50 12.98
N GLY D 508 -3.10 -13.17 11.87
CA GLY D 508 -2.46 -14.47 11.90
C GLY D 508 -0.95 -14.47 12.09
N ILE D 509 -0.26 -13.55 11.42
CA ILE D 509 1.20 -13.62 11.30
C ILE D 509 1.94 -13.06 12.51
N THR D 510 2.87 -13.86 13.05
CA THR D 510 3.74 -13.43 14.15
C THR D 510 5.17 -13.03 13.74
N THR D 511 5.51 -13.15 12.46
CA THR D 511 6.90 -12.99 12.02
C THR D 511 7.48 -11.62 12.32
N VAL D 512 8.65 -11.61 12.96
CA VAL D 512 9.35 -10.37 13.25
C VAL D 512 10.27 -10.08 12.07
N LEU D 513 9.95 -9.07 11.28
CA LEU D 513 10.64 -8.91 10.00
C LEU D 513 11.65 -7.77 10.01
N ASN D 514 12.71 -7.94 9.22
CA ASN D 514 13.87 -7.09 9.30
C ASN D 514 13.71 -5.71 8.69
N SER D 515 13.93 -4.70 9.52
CA SER D 515 14.34 -3.41 9.02
C SER D 515 15.67 -3.05 9.65
N ARG D 516 16.74 -3.14 8.87
CA ARG D 516 18.07 -2.80 9.33
C ARG D 516 18.34 -1.37 8.92
N THR D 517 17.29 -0.77 8.37
CA THR D 517 17.30 0.58 7.83
C THR D 517 17.86 1.61 8.80
N SER D 518 18.67 2.52 8.29
CA SER D 518 19.31 3.53 9.11
C SER D 518 18.66 4.91 8.91
N VAL D 519 18.12 5.47 9.97
CA VAL D 519 17.24 6.64 9.85
C VAL D 519 17.99 7.97 9.81
N LEU D 520 17.50 8.89 9.00
CA LEU D 520 17.96 10.26 9.08
C LEU D 520 16.76 11.19 9.31
N ALA D 521 16.72 11.85 10.48
CA ALA D 521 15.53 12.62 10.85
C ALA D 521 15.63 14.07 10.40
N ALA D 522 14.81 14.44 9.42
CA ALA D 522 14.85 15.78 8.84
C ALA D 522 13.77 16.77 9.33
N ALA D 523 12.96 16.41 10.32
CA ALA D 523 11.79 17.22 10.66
C ALA D 523 12.13 18.65 11.07
N ASN D 524 11.16 19.53 10.89
CA ASN D 524 11.30 20.90 11.35
C ASN D 524 10.89 21.05 12.82
N PRO D 525 11.80 21.63 13.63
CA PRO D 525 11.60 21.81 15.07
C PRO D 525 10.40 22.68 15.36
N ILE D 526 9.82 22.55 16.55
CA ILE D 526 8.65 23.33 16.92
C ILE D 526 8.99 24.82 16.97
N TYR D 527 8.19 25.60 16.25
CA TYR D 527 8.29 27.06 16.24
C TYR D 527 9.63 27.59 15.75
N GLY D 528 10.36 26.79 14.98
CA GLY D 528 11.62 27.27 14.44
C GLY D 528 12.67 27.58 15.50
N ARG D 529 13.09 28.85 15.52
CA ARG D 529 14.13 29.31 16.43
C ARG D 529 13.61 29.59 17.84
N TYR D 530 12.32 29.36 18.06
CA TYR D 530 11.67 29.69 19.34
C TYR D 530 11.93 28.67 20.44
N ASP D 531 12.39 27.47 20.08
CA ASP D 531 12.71 26.46 21.08
C ASP D 531 14.15 26.63 21.59
N ASP D 532 14.82 27.65 21.07
CA ASP D 532 16.19 27.96 21.45
C ASP D 532 16.31 28.74 22.76
N LEU D 533 15.38 29.67 22.99
CA LEU D 533 15.34 30.40 24.25
C LEU D 533 14.57 29.61 25.30
N LYS D 534 13.91 28.55 24.84
CA LYS D 534 13.19 27.63 25.72
C LYS D 534 14.04 26.43 26.05
N SER D 535 13.42 25.43 26.68
CA SER D 535 14.02 24.11 26.77
C SER D 535 14.04 23.50 25.38
N PRO D 536 15.25 23.24 24.85
CA PRO D 536 15.40 22.68 23.51
C PRO D 536 14.84 21.25 23.42
N GLY D 537 14.62 20.63 24.57
CA GLY D 537 14.08 19.27 24.65
C GLY D 537 12.57 19.25 24.63
N ASP D 538 12.00 18.06 24.41
CA ASP D 538 10.55 17.87 24.23
C ASP D 538 10.09 18.54 22.93
N ASN D 539 11.04 19.14 22.24
CA ASN D 539 10.89 19.64 20.88
C ASN D 539 10.27 18.56 19.99
N ILE D 540 10.74 17.33 20.16
CA ILE D 540 10.22 16.21 19.39
C ILE D 540 9.10 15.52 20.15
N ASP D 541 7.87 15.70 19.66
CA ASP D 541 6.66 15.22 20.32
C ASP D 541 6.65 15.61 21.81
N PHE D 542 6.21 14.69 22.66
CA PHE D 542 6.19 14.96 24.10
C PHE D 542 7.31 14.32 24.93
N GLN D 543 8.23 13.59 24.30
CA GLN D 543 9.30 12.94 25.04
C GLN D 543 10.68 13.30 24.50
N THR D 544 11.69 13.27 25.37
CA THR D 544 13.07 13.52 24.96
C THR D 544 13.75 12.25 24.47
N THR D 545 13.10 11.12 24.73
CA THR D 545 13.67 9.79 24.52
C THR D 545 13.99 9.49 23.05
N ILE D 546 13.24 10.13 22.16
CA ILE D 546 13.46 9.97 20.72
C ILE D 546 14.88 10.34 20.34
N LEU D 547 15.42 11.35 21.00
CA LEU D 547 16.79 11.76 20.79
C LEU D 547 17.76 10.63 21.10
N SER D 548 17.58 10.01 22.26
CA SER D 548 18.34 8.84 22.64
C SER D 548 18.26 7.76 21.57
N ARG D 549 17.05 7.60 21.04
CA ARG D 549 16.82 6.64 19.97
C ARG D 549 17.61 7.00 18.72
N PHE D 550 17.75 8.29 18.50
CA PHE D 550 18.60 8.78 17.42
C PHE D 550 20.03 8.91 17.94
N ASP D 551 20.95 9.36 17.11
CA ASP D 551 22.37 9.33 17.50
C ASP D 551 23.14 10.64 17.28
N MET D 552 23.24 11.06 16.03
CA MET D 552 24.10 12.14 15.60
C MET D 552 23.45 13.52 15.67
N ILE D 553 22.39 13.63 16.47
CA ILE D 553 21.42 14.72 16.44
C ILE D 553 22.03 16.08 16.25
N PHE D 554 21.53 16.83 15.26
CA PHE D 554 22.14 18.09 14.88
C PHE D 554 21.13 19.21 14.69
N ILE D 555 21.37 20.30 15.41
CA ILE D 555 20.55 21.49 15.30
C ILE D 555 21.25 22.50 14.39
N VAL D 556 20.64 22.79 13.26
CA VAL D 556 21.24 23.71 12.29
C VAL D 556 20.70 25.13 12.50
N LYS D 557 21.58 26.02 12.95
CA LYS D 557 21.20 27.39 13.23
C LYS D 557 21.78 28.36 12.22
N ASP D 558 20.94 28.93 11.38
CA ASP D 558 21.43 29.97 10.48
C ASP D 558 20.90 31.33 10.90
N ASP D 559 21.79 32.13 11.48
CA ASP D 559 21.54 33.53 11.67
C ASP D 559 21.74 34.19 10.30
N HIS D 560 21.28 35.42 10.16
CA HIS D 560 21.29 36.10 8.86
C HIS D 560 22.69 36.64 8.53
N ASN D 561 23.69 36.16 9.27
CA ASN D 561 25.06 36.70 9.34
C ASN D 561 25.78 37.02 8.03
N GLU D 562 26.59 38.08 8.11
CA GLU D 562 27.37 38.60 6.98
C GLU D 562 28.41 37.64 6.39
N GLU D 563 28.60 37.79 5.08
CA GLU D 563 29.76 37.31 4.31
C GLU D 563 29.93 35.80 4.26
N ARG D 564 29.30 35.08 5.20
CA ARG D 564 29.25 33.64 5.04
C ARG D 564 28.15 33.49 4.03
N ASP D 565 27.18 34.40 4.14
CA ASP D 565 26.17 34.50 3.11
C ASP D 565 26.78 35.02 1.82
N ILE D 566 27.35 36.22 1.80
CA ILE D 566 27.67 36.88 0.52
C ILE D 566 28.44 35.98 -0.44
N SER D 567 29.17 35.02 0.11
CA SER D 567 29.84 33.99 -0.69
C SER D 567 28.91 32.86 -1.18
N ILE D 568 27.93 32.43 -0.36
CA ILE D 568 26.98 31.40 -0.80
C ILE D 568 25.85 32.03 -1.64
N ALA D 569 25.58 33.29 -1.34
CA ALA D 569 24.70 34.14 -2.12
C ALA D 569 25.34 34.41 -3.46
N ASN D 570 26.66 34.55 -3.45
CA ASN D 570 27.41 34.62 -4.70
C ASN D 570 27.32 33.28 -5.42
N HIS D 571 27.36 32.22 -4.62
CA HIS D 571 27.30 30.84 -5.09
C HIS D 571 25.98 30.61 -5.83
N VAL D 572 24.93 31.27 -5.35
CA VAL D 572 23.55 31.10 -5.82
C VAL D 572 23.35 31.34 -7.31
N ILE D 573 23.57 32.59 -7.72
CA ILE D 573 23.23 33.02 -9.06
C ILE D 573 24.07 32.22 -10.05
N ASN D 574 25.25 31.80 -9.60
CA ASN D 574 26.03 30.84 -10.34
C ASN D 574 25.30 29.50 -10.45
N ILE D 575 24.82 28.98 -9.33
CA ILE D 575 24.09 27.70 -9.31
C ILE D 575 22.97 27.69 -10.34
N HIS D 576 22.19 28.77 -10.42
CA HIS D 576 21.03 28.77 -11.33
C HIS D 576 21.16 28.80 -12.87
N THR D 577 21.80 29.84 -13.39
CA THR D 577 22.01 30.01 -14.81
C THR D 577 23.26 30.85 -15.10
N GLY D 578 24.13 30.39 -16.00
CA GLY D 578 23.99 29.08 -16.61
C GLY D 578 24.81 28.12 -15.77
N ASN D 579 24.19 27.48 -14.79
CA ASN D 579 24.91 26.48 -14.04
C ASN D 579 26.35 26.90 -13.98
N ALA D 580 26.60 28.12 -13.55
CA ALA D 580 27.98 28.62 -13.51
C ALA D 580 28.75 28.01 -12.35
N ASN D 581 28.01 27.49 -11.36
CA ASN D 581 28.61 26.62 -10.33
C ASN D 581 28.59 25.13 -10.68
N ALA D 582 27.77 24.73 -11.64
CA ALA D 582 27.70 23.31 -11.98
C ALA D 582 28.70 22.96 -13.08
N MET D 583 29.27 23.99 -13.70
CA MET D 583 30.43 23.79 -14.55
C MET D 583 31.68 23.75 -13.68
N GLN D 584 31.73 24.64 -12.69
CA GLN D 584 32.88 24.78 -11.79
C GLN D 584 33.15 23.51 -11.00
N ASN D 585 32.18 22.60 -10.95
CA ASN D 585 32.36 21.32 -10.29
C ASN D 585 32.91 20.24 -11.23
N GLN D 586 32.88 20.50 -12.53
CA GLN D 586 33.37 19.53 -13.51
C GLN D 586 34.88 19.58 -13.72
N GLN D 587 35.51 20.71 -13.37
CA GLN D 587 36.97 20.78 -13.38
C GLN D 587 37.53 20.30 -12.05
N GLU D 588 36.66 20.24 -11.04
CA GLU D 588 37.01 19.60 -9.79
C GLU D 588 36.82 18.10 -9.94
N GLU D 589 36.07 17.69 -10.96
CA GLU D 589 35.93 16.26 -11.30
C GLU D 589 37.25 15.74 -11.85
N ASN D 590 37.83 16.52 -12.75
CA ASN D 590 39.12 16.18 -13.33
C ASN D 590 40.24 16.41 -12.32
N GLY D 591 40.17 17.51 -11.58
CA GLY D 591 41.14 17.76 -10.53
C GLY D 591 41.02 16.83 -9.34
N SER D 592 39.86 16.81 -8.69
CA SER D 592 39.66 16.06 -7.46
C SER D 592 38.38 15.21 -7.40
N GLU D 593 37.24 15.91 -7.42
CA GLU D 593 35.94 15.41 -6.96
C GLU D 593 35.38 14.11 -7.59
N ILE D 594 34.61 13.37 -6.79
CA ILE D 594 33.92 12.13 -7.20
C ILE D 594 32.68 12.40 -8.05
N SER D 595 32.33 11.42 -8.89
CA SER D 595 31.19 11.51 -9.81
C SER D 595 29.82 11.21 -9.18
N ILE D 596 29.82 10.53 -8.02
CA ILE D 596 28.66 10.35 -7.13
C ILE D 596 27.61 9.32 -7.60
N GLU D 597 27.57 8.98 -8.89
CA GLU D 597 26.86 7.78 -9.29
C GLU D 597 27.86 6.67 -9.06
N LYS D 598 29.11 7.11 -9.02
CA LYS D 598 30.22 6.31 -8.53
C LYS D 598 30.01 6.04 -7.05
N MET D 599 29.73 7.10 -6.29
CA MET D 599 29.58 7.04 -4.83
C MET D 599 28.62 5.93 -4.39
N LYS D 600 27.59 5.73 -5.20
CA LYS D 600 26.74 4.56 -5.02
C LYS D 600 27.65 3.34 -5.01
N ARG D 601 28.25 3.03 -6.16
CA ARG D 601 29.10 1.84 -6.31
C ARG D 601 30.21 1.73 -5.25
N TYR D 602 30.67 2.86 -4.72
CA TYR D 602 31.65 2.89 -3.64
C TYR D 602 31.02 2.35 -2.36
N ILE D 603 29.87 2.89 -2.00
CA ILE D 603 29.23 2.55 -0.74
C ILE D 603 28.58 1.17 -0.80
N THR D 604 28.13 0.78 -1.99
CA THR D 604 27.73 -0.60 -2.26
C THR D 604 28.93 -1.50 -2.09
N TYR D 605 30.08 -1.04 -2.59
CA TYR D 605 31.29 -1.82 -2.54
C TYR D 605 31.74 -2.11 -1.12
N CYS D 606 31.95 -1.07 -0.32
CA CYS D 606 32.60 -1.29 0.96
C CYS D 606 31.62 -1.62 2.07
N ARG D 607 30.33 -1.72 1.75
CA ARG D 607 29.37 -2.25 2.72
C ARG D 607 29.29 -3.78 2.63
N LEU D 608 29.77 -4.36 1.54
CA LEU D 608 29.71 -5.82 1.39
C LEU D 608 30.94 -6.55 1.95
N LYS D 609 32.01 -5.80 2.22
CA LYS D 609 33.17 -6.36 2.93
C LYS D 609 32.90 -6.32 4.44
N CYS D 610 33.55 -7.21 5.19
CA CYS D 610 33.23 -7.40 6.61
C CYS D 610 33.49 -6.14 7.46
N ALA D 611 32.78 -6.06 8.58
CA ALA D 611 32.71 -4.85 9.40
C ALA D 611 34.04 -4.44 10.03
N PRO D 612 34.41 -3.16 9.86
CA PRO D 612 35.61 -2.54 10.43
C PRO D 612 35.52 -2.46 11.95
N ARG D 613 36.67 -2.31 12.62
CA ARG D 613 36.70 -2.31 14.08
C ARG D 613 37.85 -1.48 14.63
N LEU D 614 37.62 -0.83 15.77
CA LEU D 614 38.65 -0.02 16.43
C LEU D 614 39.61 -0.86 17.29
N SER D 615 40.85 -0.40 17.40
CA SER D 615 41.79 -0.91 18.39
C SER D 615 41.34 -0.42 19.78
N PRO D 616 41.71 -1.13 20.86
CA PRO D 616 41.24 -0.89 22.24
C PRO D 616 41.30 0.54 22.81
N GLN D 617 42.38 1.27 22.54
CA GLN D 617 42.62 2.52 23.26
C GLN D 617 41.74 3.68 22.79
N ALA D 618 41.31 3.70 21.54
CA ALA D 618 40.38 4.72 21.09
C ALA D 618 39.06 4.55 21.82
N ALA D 619 38.76 3.28 22.13
CA ALA D 619 37.60 2.95 22.95
C ALA D 619 37.78 3.48 24.37
N GLU D 620 38.89 3.18 25.03
CA GLU D 620 39.11 3.73 26.38
C GLU D 620 39.08 5.26 26.36
N LYS D 621 39.48 5.83 25.22
CA LYS D 621 39.40 7.26 24.98
C LYS D 621 37.95 7.69 24.91
N LEU D 622 37.10 6.84 24.33
CA LEU D 622 35.66 7.09 24.35
C LEU D 622 35.15 7.06 25.77
N SER D 623 35.82 6.26 26.61
CA SER D 623 35.53 6.15 28.06
C SER D 623 35.89 7.40 28.89
N SER D 624 37.09 7.98 28.69
CA SER D 624 37.46 9.22 29.40
C SER D 624 36.87 10.49 28.78
N ASN D 625 36.53 10.40 27.49
CA ASN D 625 35.80 11.48 26.82
C ASN D 625 34.38 11.54 27.35
N PHE D 626 33.73 10.37 27.38
CA PHE D 626 32.33 10.29 27.76
C PHE D 626 32.11 10.40 29.26
N VAL D 627 33.07 9.96 30.07
CA VAL D 627 32.93 10.03 31.51
C VAL D 627 32.86 11.50 31.84
N THR D 628 33.50 12.31 31.00
CA THR D 628 33.38 13.75 31.10
C THR D 628 32.21 14.31 30.29
N ILE D 629 31.64 13.55 29.37
CA ILE D 629 30.44 14.03 28.67
C ILE D 629 29.25 13.93 29.63
N ARG D 630 29.15 12.77 30.25
CA ARG D 630 28.18 12.43 31.27
C ARG D 630 28.41 13.25 32.54
N LYS D 631 29.67 13.36 32.97
CA LYS D 631 30.03 14.19 34.11
C LYS D 631 29.60 15.60 33.84
N GLN D 632 29.94 16.06 32.64
CA GLN D 632 29.61 17.40 32.20
C GLN D 632 28.12 17.60 32.17
N LEU D 633 27.33 16.58 31.87
CA LEU D 633 25.91 16.83 31.74
C LEU D 633 25.12 16.46 33.00
N LEU D 634 25.81 15.96 34.03
CA LEU D 634 25.28 16.05 35.39
C LEU D 634 25.61 17.42 36.00
N ILE D 635 26.84 17.87 35.76
CA ILE D 635 27.31 19.18 36.27
C ILE D 635 26.60 20.34 35.57
N ASN D 636 26.28 20.13 34.29
CA ASN D 636 25.49 21.05 33.48
C ASN D 636 24.10 21.09 34.06
N GLU D 637 23.71 19.94 34.60
CA GLU D 637 22.42 19.76 35.23
C GLU D 637 22.46 20.11 36.72
N LEU D 638 23.58 20.66 37.18
CA LEU D 638 23.64 21.22 38.54
C LEU D 638 22.60 22.32 38.72
N GLU D 639 22.06 22.80 37.60
CA GLU D 639 21.03 23.82 37.60
C GLU D 639 19.63 23.21 37.68
N SER D 640 19.57 21.90 37.88
CA SER D 640 18.33 21.12 37.91
C SER D 640 17.62 21.18 36.56
N THR D 641 18.42 21.32 35.51
CA THR D 641 17.89 21.40 34.16
C THR D 641 17.43 20.04 33.67
N GLU D 642 16.19 20.00 33.18
CA GLU D 642 15.66 18.81 32.54
C GLU D 642 16.28 18.66 31.16
N ARG D 643 16.34 17.43 30.66
CA ARG D 643 16.92 17.19 29.34
C ARG D 643 16.08 16.19 28.55
N PRO D 647 19.71 14.39 24.50
CA PRO D 647 20.39 14.20 25.78
C PRO D 647 21.04 12.83 25.93
N ILE D 648 21.91 12.70 26.93
CA ILE D 648 22.81 11.56 27.08
C ILE D 648 22.16 10.25 27.52
N THR D 649 22.68 9.15 26.95
CA THR D 649 22.42 7.80 27.39
C THR D 649 23.71 6.98 27.31
N ILE D 650 23.61 5.67 27.52
CA ILE D 650 24.72 4.77 27.28
C ILE D 650 24.64 4.23 25.86
N ARG D 651 23.54 4.53 25.18
CA ARG D 651 23.43 4.25 23.75
C ARG D 651 23.95 5.45 22.96
N GLN D 652 24.23 6.54 23.66
CA GLN D 652 24.84 7.70 23.01
C GLN D 652 26.34 7.49 22.81
N LEU D 653 27.02 7.02 23.85
CA LEU D 653 28.43 6.63 23.75
C LEU D 653 28.58 5.61 22.62
N GLU D 654 27.75 4.57 22.67
CA GLU D 654 27.75 3.49 21.69
C GLU D 654 27.41 4.03 20.29
N ALA D 655 26.55 5.05 20.27
CA ALA D 655 26.20 5.73 19.04
C ALA D 655 27.44 6.32 18.41
N ILE D 656 28.22 7.02 19.23
CA ILE D 656 29.46 7.60 18.76
C ILE D 656 30.45 6.50 18.39
N ILE D 657 30.32 5.33 19.04
CA ILE D 657 31.11 4.16 18.62
C ILE D 657 30.86 3.84 17.16
N ARG D 658 29.59 3.66 16.79
CA ARG D 658 29.29 3.24 15.43
C ARG D 658 29.79 4.22 14.35
N ILE D 659 29.86 5.49 14.72
CA ILE D 659 30.39 6.52 13.83
C ILE D 659 31.86 6.26 13.53
N THR D 660 32.56 5.68 14.50
CA THR D 660 33.96 5.33 14.30
C THR D 660 34.11 4.29 13.21
N GLU D 661 33.40 3.17 13.33
CA GLU D 661 33.49 2.11 12.32
C GLU D 661 32.91 2.56 10.98
N SER D 662 32.03 3.55 11.01
CA SER D 662 31.58 4.20 9.78
C SER D 662 32.73 4.89 9.03
N LEU D 663 33.23 5.95 9.67
CA LEU D 663 34.32 6.76 9.15
C LEU D 663 35.53 5.89 8.84
N ALA D 664 35.61 4.75 9.52
CA ALA D 664 36.67 3.78 9.30
C ALA D 664 36.38 2.92 8.09
N LYS D 665 35.11 2.64 7.87
CA LYS D 665 34.72 1.82 6.75
C LYS D 665 34.95 2.62 5.47
N LEU D 666 35.02 3.94 5.62
CA LEU D 666 35.57 4.75 4.54
C LEU D 666 36.96 4.26 4.14
N GLU D 667 37.82 4.10 5.14
CA GLU D 667 39.23 3.75 4.94
C GLU D 667 39.45 2.38 4.27
N LEU D 668 38.44 1.52 4.34
CA LEU D 668 38.52 0.12 3.90
C LEU D 668 39.55 -0.63 4.76
N SER D 669 39.72 -0.15 5.99
CA SER D 669 40.69 -0.72 6.94
C SER D 669 40.01 -1.48 8.07
N PRO D 670 40.43 -2.72 8.32
CA PRO D 670 39.94 -3.51 9.46
C PRO D 670 40.11 -2.81 10.80
N ILE D 671 41.08 -1.90 10.91
CA ILE D 671 41.29 -1.16 12.15
C ILE D 671 40.82 0.30 12.05
N ALA D 672 40.95 1.02 13.17
CA ALA D 672 40.73 2.45 13.21
C ALA D 672 41.76 3.11 14.12
N GLN D 673 42.39 4.16 13.62
CA GLN D 673 43.42 4.91 14.34
C GLN D 673 42.80 5.77 15.44
N GLU D 674 43.63 6.24 16.37
CA GLU D 674 43.18 7.11 17.45
C GLU D 674 42.49 8.39 16.95
N ARG D 675 43.20 9.18 16.17
CA ARG D 675 42.67 10.43 15.62
C ARG D 675 41.53 10.16 14.63
N HIS D 676 41.65 9.01 13.97
CA HIS D 676 40.67 8.47 13.05
C HIS D 676 39.29 8.57 13.69
N VAL D 677 39.16 7.87 14.81
CA VAL D 677 38.04 8.02 15.71
C VAL D 677 37.84 9.47 16.17
N ASP D 678 38.94 10.15 16.48
CA ASP D 678 38.83 11.49 17.05
C ASP D 678 38.00 12.48 16.24
N GLU D 679 38.09 12.49 14.91
CA GLU D 679 37.23 13.48 14.25
C GLU D 679 35.77 13.03 14.23
N ALA D 680 35.51 11.75 14.51
CA ALA D 680 34.14 11.31 14.75
C ALA D 680 33.68 11.91 16.08
N ILE D 681 34.60 11.95 17.04
CA ILE D 681 34.32 12.64 18.31
C ILE D 681 33.98 14.11 18.11
N ARG D 682 34.86 14.85 17.42
CA ARG D 682 34.58 16.26 17.12
C ARG D 682 33.32 16.40 16.26
N LEU D 683 32.98 15.33 15.57
CA LEU D 683 31.82 15.31 14.70
C LEU D 683 30.50 15.22 15.48
N PHE D 684 30.46 14.48 16.58
CA PHE D 684 29.26 14.47 17.43
C PHE D 684 29.34 15.57 18.52
N GLN D 685 30.53 16.16 18.63
CA GLN D 685 30.81 17.13 19.69
C GLN D 685 29.93 18.36 19.56
N ALA D 686 29.51 18.67 18.34
CA ALA D 686 28.58 19.76 18.11
C ALA D 686 27.22 19.41 18.70
N SER D 687 26.88 18.13 18.66
CA SER D 687 25.62 17.66 19.24
C SER D 687 25.68 17.71 20.77
N THR D 688 26.87 17.52 21.33
CA THR D 688 26.99 17.71 22.78
C THR D 688 26.73 19.16 23.20
N MET D 689 27.08 20.12 22.35
CA MET D 689 26.76 21.52 22.61
C MET D 689 25.31 21.81 22.20
N ASP D 690 24.74 20.94 21.38
CA ASP D 690 23.31 20.98 21.12
C ASP D 690 22.59 20.61 22.41
N ALA D 691 23.25 19.78 23.22
CA ALA D 691 22.75 19.50 24.56
C ALA D 691 23.03 20.68 25.49
N ALA D 692 24.08 21.44 25.21
CA ALA D 692 24.46 22.59 26.03
C ALA D 692 23.71 23.86 25.63
N SER D 693 22.87 23.74 24.61
CA SER D 693 22.08 24.87 24.14
C SER D 693 20.59 24.54 24.18
N LEU E 97 -52.56 -21.17 -42.73
CA LEU E 97 -53.25 -21.49 -41.48
C LEU E 97 -54.07 -20.29 -41.01
N ASN E 98 -55.39 -20.39 -41.16
CA ASN E 98 -56.29 -19.28 -40.87
C ASN E 98 -56.45 -18.97 -39.38
N HIS E 99 -56.61 -17.69 -39.06
CA HIS E 99 -56.88 -17.25 -37.71
C HIS E 99 -58.38 -17.03 -37.50
N VAL E 100 -58.99 -17.87 -36.67
CA VAL E 100 -60.39 -17.74 -36.30
C VAL E 100 -60.56 -18.23 -34.86
N LYS E 101 -61.19 -17.46 -33.98
CA LYS E 101 -61.67 -16.12 -34.26
C LYS E 101 -61.36 -15.24 -33.04
N LYS E 102 -61.14 -13.95 -33.26
CA LYS E 102 -60.82 -13.01 -32.18
C LYS E 102 -61.97 -12.73 -31.22
N VAL E 103 -61.65 -12.47 -29.96
CA VAL E 103 -62.67 -12.18 -28.94
C VAL E 103 -62.04 -11.46 -27.76
N ASP E 104 -62.84 -10.73 -26.99
CA ASP E 104 -64.10 -10.13 -27.41
C ASP E 104 -64.11 -8.72 -26.85
N ASP E 105 -63.99 -8.71 -25.52
CA ASP E 105 -64.01 -7.59 -24.59
C ASP E 105 -65.42 -7.21 -24.15
N VAL E 106 -66.42 -7.64 -24.90
CA VAL E 106 -67.82 -7.66 -24.44
C VAL E 106 -68.18 -6.34 -23.75
N THR E 107 -68.45 -6.46 -22.45
CA THR E 107 -68.67 -5.32 -21.57
C THR E 107 -67.56 -4.28 -21.69
N GLY E 108 -66.31 -4.72 -21.79
CA GLY E 108 -65.21 -3.78 -21.96
C GLY E 108 -65.35 -2.94 -23.21
N GLU E 109 -65.95 -3.51 -24.23
CA GLU E 109 -66.22 -2.80 -25.49
C GLU E 109 -67.45 -1.91 -25.35
N LYS E 110 -68.42 -2.36 -24.56
CA LYS E 110 -69.60 -1.56 -24.28
C LYS E 110 -69.15 -0.29 -23.57
N VAL E 111 -68.27 -0.49 -22.59
CA VAL E 111 -67.60 0.58 -21.88
C VAL E 111 -66.66 1.29 -22.85
N ARG E 112 -66.27 0.61 -23.93
CA ARG E 112 -65.46 1.32 -24.90
C ARG E 112 -66.27 2.42 -25.54
N GLU E 113 -67.44 2.09 -26.07
CA GLU E 113 -68.23 3.12 -26.75
C GLU E 113 -68.93 4.04 -25.76
N ALA E 114 -69.10 3.59 -24.53
CA ALA E 114 -69.76 4.38 -23.50
C ALA E 114 -68.80 5.43 -22.95
N PHE E 115 -67.57 4.98 -22.65
CA PHE E 115 -66.51 5.89 -22.25
C PHE E 115 -66.08 6.73 -23.44
N GLU E 116 -66.37 6.24 -24.65
CA GLU E 116 -66.07 6.97 -25.88
C GLU E 116 -67.02 8.13 -25.96
N GLN E 117 -68.26 7.85 -25.61
CA GLN E 117 -69.26 8.89 -25.50
C GLN E 117 -68.83 9.88 -24.43
N PHE E 118 -68.57 9.39 -23.22
CA PHE E 118 -68.22 10.27 -22.11
C PHE E 118 -67.01 11.15 -22.41
N LEU E 119 -66.00 10.56 -23.03
CA LEU E 119 -64.81 11.33 -23.35
C LEU E 119 -65.17 12.32 -24.45
N GLU E 120 -66.13 11.96 -25.32
CA GLU E 120 -66.60 12.86 -26.39
C GLU E 120 -67.80 13.71 -25.92
N ASP E 121 -68.91 13.06 -25.56
CA ASP E 121 -70.06 13.73 -24.98
C ASP E 121 -69.75 14.11 -23.56
N PHE E 122 -69.94 15.39 -23.26
CA PHE E 122 -69.41 16.00 -22.04
C PHE E 122 -69.89 15.32 -20.76
N SER E 123 -69.08 15.23 -19.68
CA SER E 123 -67.76 15.85 -19.41
C SER E 123 -67.80 17.38 -19.36
N VAL E 124 -68.94 17.91 -18.90
CA VAL E 124 -69.16 19.34 -18.70
C VAL E 124 -70.16 19.59 -17.60
N GLN E 125 -69.95 20.68 -16.86
CA GLN E 125 -70.89 21.08 -15.84
C GLN E 125 -71.66 22.35 -16.24
N SER E 126 -70.97 23.48 -16.22
CA SER E 126 -71.62 24.78 -16.37
C SER E 126 -71.76 25.23 -17.82
N THR E 127 -72.99 25.53 -18.23
CA THR E 127 -73.25 26.10 -19.55
C THR E 127 -72.72 27.54 -19.61
N ASP E 128 -72.56 28.07 -20.82
CA ASP E 128 -72.10 29.46 -21.00
C ASP E 128 -70.73 29.69 -20.35
N THR E 129 -70.73 30.47 -19.27
CA THR E 129 -69.51 30.91 -18.57
C THR E 129 -68.64 29.73 -18.12
N GLY E 130 -69.17 28.52 -18.28
CA GLY E 130 -68.44 27.31 -17.91
C GLY E 130 -67.16 27.07 -18.71
N GLU E 131 -66.44 25.95 -18.52
CA GLU E 131 -66.87 24.67 -17.93
C GLU E 131 -67.96 24.08 -18.84
N VAL E 132 -67.83 24.37 -20.13
CA VAL E 132 -68.65 23.73 -21.17
C VAL E 132 -67.86 23.64 -22.48
N GLU E 133 -68.17 22.63 -23.30
CA GLU E 133 -67.60 22.50 -24.64
C GLU E 133 -66.08 22.36 -24.76
N LYS E 134 -65.54 21.14 -24.57
CA LYS E 134 -66.30 19.95 -24.16
C LYS E 134 -66.21 19.38 -22.73
N VAL E 135 -65.37 19.88 -21.81
CA VAL E 135 -64.26 20.78 -22.02
C VAL E 135 -63.13 20.02 -22.71
N TYR E 136 -63.31 18.71 -22.81
CA TYR E 136 -62.25 17.85 -23.33
C TYR E 136 -61.92 18.13 -24.79
N ARG E 137 -62.86 18.54 -25.63
CA ARG E 137 -62.50 18.86 -27.01
C ARG E 137 -61.55 20.06 -27.01
N ALA E 138 -61.87 21.04 -26.19
CA ALA E 138 -61.00 22.17 -25.95
C ALA E 138 -59.65 21.66 -25.46
N GLN E 139 -59.68 20.65 -24.60
CA GLN E 139 -58.47 20.15 -23.98
C GLN E 139 -57.56 19.33 -24.90
N ILE E 140 -58.16 18.52 -25.76
CA ILE E 140 -57.44 17.62 -26.67
C ILE E 140 -56.98 18.38 -27.90
N GLU E 141 -57.79 19.33 -28.36
CA GLU E 141 -57.35 20.18 -29.45
C GLU E 141 -56.34 21.21 -28.93
N PHE E 142 -56.38 21.50 -27.63
CA PHE E 142 -55.31 22.26 -26.99
C PHE E 142 -54.14 21.32 -26.73
N MET E 143 -54.43 20.03 -26.76
CA MET E 143 -53.46 18.99 -26.55
C MET E 143 -52.84 18.66 -27.90
N LYS E 144 -53.52 19.14 -28.94
CA LYS E 144 -53.00 19.06 -30.29
C LYS E 144 -52.21 20.33 -30.62
N ILE E 145 -52.31 21.33 -29.75
CA ILE E 145 -51.42 22.49 -29.81
C ILE E 145 -50.02 22.01 -29.45
N TYR E 146 -49.98 20.86 -28.80
CA TYR E 146 -48.78 20.32 -28.19
C TYR E 146 -48.47 18.90 -28.70
N ASP E 147 -49.40 17.98 -28.50
CA ASP E 147 -49.23 16.55 -28.80
C ASP E 147 -48.15 15.92 -27.93
N LEU E 148 -48.27 16.14 -26.63
CA LEU E 148 -47.38 15.55 -25.63
C LEU E 148 -47.79 14.11 -25.31
N ASN E 149 -48.84 13.65 -25.99
CA ASN E 149 -49.31 12.27 -25.87
C ASN E 149 -49.82 11.91 -24.47
N THR E 150 -50.62 12.80 -23.87
CA THR E 150 -51.16 12.61 -22.53
C THR E 150 -52.44 13.43 -22.32
N ILE E 151 -53.25 13.07 -21.33
CA ILE E 151 -54.48 13.82 -21.06
C ILE E 151 -54.76 13.97 -19.57
N TYR E 152 -55.68 14.86 -19.24
CA TYR E 152 -56.19 14.99 -17.87
C TYR E 152 -57.72 14.91 -17.87
N ILE E 153 -58.30 14.01 -17.07
CA ILE E 153 -59.74 14.02 -16.86
C ILE E 153 -60.10 13.77 -15.40
N ASP E 154 -61.27 14.24 -14.99
CA ASP E 154 -61.75 14.06 -13.62
C ASP E 154 -62.59 12.80 -13.49
N TYR E 155 -62.32 12.00 -12.46
CA TYR E 155 -63.11 10.82 -12.17
C TYR E 155 -64.48 11.22 -11.60
N GLN E 156 -64.47 12.31 -10.84
CA GLN E 156 -65.71 12.87 -10.29
C GLN E 156 -66.70 13.17 -11.40
N HIS E 157 -66.20 13.79 -12.47
CA HIS E 157 -67.03 14.06 -13.63
C HIS E 157 -67.43 12.76 -14.32
N LEU E 158 -66.58 11.74 -14.22
CA LEU E 158 -66.86 10.45 -14.85
C LEU E 158 -68.04 9.80 -14.17
N SER E 159 -68.23 10.09 -12.90
CA SER E 159 -69.42 9.63 -12.21
C SER E 159 -70.69 10.06 -12.95
N MET E 160 -70.84 11.36 -13.16
CA MET E 160 -72.11 11.98 -13.56
C MET E 160 -72.88 11.32 -14.71
N ARG E 161 -72.17 10.87 -15.74
CA ARG E 161 -72.84 10.32 -16.92
C ARG E 161 -73.65 9.08 -16.60
N GLU E 162 -73.00 8.08 -16.01
CA GLU E 162 -73.65 6.83 -15.63
C GLU E 162 -74.05 6.81 -14.14
N ASN E 163 -73.84 7.93 -13.46
CA ASN E 163 -73.87 8.02 -11.99
C ASN E 163 -72.74 7.22 -11.38
N GLY E 164 -71.69 6.99 -12.17
CA GLY E 164 -70.50 6.31 -11.69
C GLY E 164 -70.51 4.80 -11.82
N ALA E 165 -71.56 4.24 -12.42
CA ALA E 165 -71.63 2.80 -12.54
C ALA E 165 -70.63 2.29 -13.59
N LEU E 166 -70.38 3.11 -14.61
CA LEU E 166 -69.30 2.80 -15.55
C LEU E 166 -67.98 3.05 -14.87
N ALA E 167 -67.97 4.08 -14.03
CA ALA E 167 -66.80 4.43 -13.24
C ALA E 167 -66.38 3.27 -12.35
N MET E 168 -67.36 2.45 -11.94
CA MET E 168 -67.12 1.19 -11.24
C MET E 168 -66.32 0.17 -12.04
N ALA E 169 -66.89 -0.26 -13.17
CA ALA E 169 -66.25 -1.24 -14.04
C ALA E 169 -64.87 -0.73 -14.46
N ILE E 170 -64.71 0.58 -14.55
CA ILE E 170 -63.42 1.16 -14.83
C ILE E 170 -62.65 1.36 -13.51
N SER E 171 -63.38 1.24 -12.39
CA SER E 171 -62.86 1.33 -11.00
C SER E 171 -62.05 0.15 -10.43
N GLU E 172 -62.57 -1.07 -10.56
CA GLU E 172 -61.92 -2.31 -10.15
C GLU E 172 -61.30 -3.11 -11.30
N GLN E 173 -61.96 -3.08 -12.45
CA GLN E 173 -61.54 -3.86 -13.61
C GLN E 173 -60.62 -3.06 -14.51
N TYR E 174 -60.18 -1.90 -14.02
CA TYR E 174 -59.45 -0.91 -14.82
C TYR E 174 -58.33 -1.51 -15.65
N TYR E 175 -57.40 -2.23 -15.02
CA TYR E 175 -56.27 -2.79 -15.74
C TYR E 175 -56.72 -3.61 -16.94
N ARG E 176 -57.75 -4.41 -16.71
CA ARG E 176 -58.39 -5.21 -17.74
C ARG E 176 -58.89 -4.32 -18.87
N PHE E 177 -59.40 -3.14 -18.53
CA PHE E 177 -60.08 -2.30 -19.50
C PHE E 177 -59.25 -1.19 -20.14
N LEU E 178 -58.00 -0.99 -19.72
CA LEU E 178 -57.15 0.06 -20.29
C LEU E 178 -57.05 0.07 -21.82
N PRO E 179 -56.71 -1.08 -22.44
CA PRO E 179 -56.44 -1.05 -23.88
C PRO E 179 -57.53 -0.40 -24.71
N PHE E 180 -58.76 -0.43 -24.20
CA PHE E 180 -59.89 0.16 -24.92
C PHE E 180 -60.00 1.67 -24.72
N LEU E 181 -59.74 2.15 -23.51
CA LEU E 181 -59.86 3.59 -23.22
C LEU E 181 -58.98 4.40 -24.16
N GLN E 182 -57.81 3.85 -24.42
CA GLN E 182 -56.78 4.51 -25.20
C GLN E 182 -57.16 4.53 -26.66
N LYS E 183 -57.28 3.36 -27.28
CA LYS E 183 -57.62 3.27 -28.71
C LYS E 183 -59.03 3.79 -29.02
N GLY E 184 -59.85 3.93 -27.99
CA GLY E 184 -61.17 4.51 -28.14
C GLY E 184 -61.02 6.01 -28.21
N LEU E 185 -60.18 6.54 -27.32
CA LEU E 185 -59.82 7.94 -27.38
C LEU E 185 -59.19 8.21 -28.75
N ARG E 186 -58.33 7.29 -29.19
CA ARG E 186 -57.60 7.42 -30.44
C ARG E 186 -58.56 7.37 -31.61
N ARG E 187 -59.62 6.60 -31.45
CA ARG E 187 -60.67 6.51 -32.46
C ARG E 187 -61.40 7.83 -32.54
N VAL E 188 -61.61 8.44 -31.38
CA VAL E 188 -62.31 9.72 -31.30
C VAL E 188 -61.49 10.90 -31.85
N VAL E 189 -60.22 10.95 -31.46
CA VAL E 189 -59.34 12.03 -31.86
C VAL E 189 -58.87 11.77 -33.30
N ARG E 190 -59.09 10.55 -33.78
CA ARG E 190 -58.86 10.21 -35.18
C ARG E 190 -59.86 10.99 -36.03
N LYS E 191 -60.93 11.43 -35.37
CA LYS E 191 -61.90 12.32 -35.99
C LYS E 191 -61.38 13.76 -35.90
N TYR E 192 -60.34 13.97 -35.10
CA TYR E 192 -59.86 15.33 -34.81
C TYR E 192 -58.37 15.51 -35.11
N ALA E 193 -57.51 14.80 -34.39
CA ALA E 193 -56.07 14.98 -34.51
C ALA E 193 -55.32 13.70 -34.91
N PRO E 194 -54.20 13.85 -35.61
CA PRO E 194 -53.31 12.72 -35.88
C PRO E 194 -52.78 12.08 -34.60
N GLU E 260 -46.59 8.00 -34.85
CA GLU E 260 -46.05 9.08 -34.03
C GLU E 260 -47.08 9.48 -32.98
N ARG E 261 -47.92 8.54 -32.58
CA ARG E 261 -48.90 8.78 -31.52
C ARG E 261 -48.99 7.64 -30.52
N VAL E 262 -48.68 7.92 -29.26
CA VAL E 262 -48.97 6.98 -28.18
C VAL E 262 -49.63 7.70 -27.01
N PHE E 263 -50.90 7.41 -26.74
CA PHE E 263 -51.66 8.26 -25.84
C PHE E 263 -51.68 7.73 -24.41
N GLN E 264 -51.54 8.64 -23.46
CA GLN E 264 -51.41 8.27 -22.05
C GLN E 264 -52.52 8.87 -21.18
N ILE E 265 -53.25 7.99 -20.51
CA ILE E 265 -54.41 8.35 -19.73
C ILE E 265 -54.01 8.76 -18.31
N SER E 266 -54.68 9.77 -17.76
CA SER E 266 -54.52 10.09 -16.34
C SER E 266 -55.84 10.47 -15.69
N PHE E 267 -56.15 9.85 -14.55
CA PHE E 267 -57.37 10.14 -13.79
C PHE E 267 -57.03 10.74 -12.43
N PHE E 268 -57.76 11.78 -12.04
CA PHE E 268 -57.48 12.46 -10.78
C PHE E 268 -58.74 12.77 -9.97
N ASN E 269 -58.55 13.49 -8.87
CA ASN E 269 -59.63 13.87 -7.96
C ASN E 269 -60.43 12.64 -7.53
N LEU E 270 -59.70 11.64 -7.07
CA LEU E 270 -60.26 10.32 -6.74
C LEU E 270 -61.12 10.37 -5.47
N PRO E 271 -62.03 9.39 -5.29
CA PRO E 271 -63.00 9.43 -4.19
C PRO E 271 -62.41 9.62 -2.79
N THR E 272 -61.37 8.86 -2.44
CA THR E 272 -60.80 8.94 -1.10
C THR E 272 -59.32 8.51 -1.10
N VAL E 273 -58.54 9.12 -0.23
CA VAL E 273 -57.15 8.71 -0.02
C VAL E 273 -57.10 7.43 0.81
N HIS E 274 -56.35 6.43 0.33
CA HIS E 274 -56.18 5.19 1.07
C HIS E 274 -54.74 5.05 1.58
N ARG E 275 -54.61 4.42 2.74
CA ARG E 275 -53.30 4.16 3.35
C ARG E 275 -52.53 3.03 2.68
N ILE E 276 -51.24 2.96 2.96
CA ILE E 276 -50.47 1.77 2.60
C ILE E 276 -50.90 0.59 3.46
N ARG E 277 -51.30 0.87 4.70
CA ARG E 277 -51.81 -0.17 5.59
C ARG E 277 -53.15 -0.62 5.06
N ASP E 278 -53.75 0.24 4.25
CA ASP E 278 -55.04 0.00 3.64
C ASP E 278 -54.89 -0.84 2.38
N ILE E 279 -53.64 -1.11 1.99
CA ILE E 279 -53.37 -1.81 0.74
C ILE E 279 -53.68 -3.30 0.83
N ARG E 280 -54.57 -3.74 -0.05
CA ARG E 280 -55.12 -5.09 -0.04
C ARG E 280 -55.23 -5.61 -1.46
N SER E 281 -55.43 -6.92 -1.64
CA SER E 281 -55.44 -7.52 -2.97
C SER E 281 -56.63 -7.16 -3.84
N GLU E 282 -57.72 -6.73 -3.23
CA GLU E 282 -58.93 -6.35 -3.97
C GLU E 282 -58.64 -5.21 -4.92
N LYS E 283 -57.76 -4.31 -4.48
CA LYS E 283 -57.44 -3.10 -5.21
C LYS E 283 -56.73 -3.38 -6.55
N ILE E 284 -56.41 -4.64 -6.81
CA ILE E 284 -55.70 -5.02 -8.02
C ILE E 284 -56.46 -4.61 -9.28
N GLY E 285 -55.74 -4.02 -10.22
CA GLY E 285 -56.32 -3.52 -11.45
C GLY E 285 -57.29 -2.38 -11.20
N SER E 286 -57.11 -1.66 -10.10
CA SER E 286 -58.05 -0.60 -9.74
C SER E 286 -57.39 0.72 -9.36
N LEU E 287 -58.09 1.81 -9.67
CA LEU E 287 -57.64 3.14 -9.32
C LEU E 287 -57.77 3.43 -7.84
N LEU E 288 -56.73 4.02 -7.27
CA LEU E 288 -56.73 4.37 -5.85
C LEU E 288 -55.83 5.57 -5.56
N SER E 289 -56.26 6.41 -4.62
CA SER E 289 -55.45 7.57 -4.26
C SER E 289 -54.65 7.33 -2.97
N ILE E 290 -53.34 7.54 -3.04
CA ILE E 290 -52.44 7.37 -1.89
C ILE E 290 -51.42 8.51 -1.93
N SER E 291 -50.93 8.92 -0.76
CA SER E 291 -49.89 9.95 -0.69
C SER E 291 -48.90 9.69 0.43
N GLY E 292 -47.66 10.18 0.25
CA GLY E 292 -46.60 9.99 1.21
C GLY E 292 -45.24 10.44 0.71
N THR E 293 -44.21 10.27 1.53
CA THR E 293 -42.89 10.82 1.28
C THR E 293 -41.99 9.96 0.38
N VAL E 294 -41.28 10.63 -0.53
CA VAL E 294 -40.34 9.98 -1.46
C VAL E 294 -39.15 9.31 -0.77
N THR E 295 -38.68 8.21 -1.33
CA THR E 295 -37.37 7.67 -1.02
C THR E 295 -36.64 7.24 -2.30
N ARG E 296 -35.46 7.83 -2.52
CA ARG E 296 -34.53 7.34 -3.56
C ARG E 296 -35.11 7.31 -4.97
N THR E 297 -35.25 8.48 -5.59
CA THR E 297 -35.57 8.52 -6.99
C THR E 297 -34.42 7.90 -7.80
N SER E 298 -34.75 6.99 -8.71
CA SER E 298 -33.74 6.29 -9.51
C SER E 298 -33.77 6.75 -10.96
N GLU E 299 -32.62 6.73 -11.62
CA GLU E 299 -32.49 7.31 -12.95
C GLU E 299 -33.47 6.71 -13.97
N VAL E 300 -33.96 7.57 -14.87
CA VAL E 300 -34.96 7.21 -15.87
C VAL E 300 -34.38 6.35 -16.97
N ARG E 301 -35.03 5.21 -17.24
CA ARG E 301 -34.62 4.31 -18.31
C ARG E 301 -35.81 3.73 -19.08
N PRO E 302 -35.71 3.64 -20.40
CA PRO E 302 -36.85 3.48 -21.32
C PRO E 302 -37.75 2.28 -21.10
N GLU E 303 -39.02 2.46 -21.46
CA GLU E 303 -40.04 1.41 -21.47
C GLU E 303 -40.20 0.91 -22.87
N LEU E 304 -40.10 -0.41 -23.03
CA LEU E 304 -40.13 -1.06 -24.33
C LEU E 304 -41.39 -0.75 -25.09
N TYR E 305 -42.53 -0.85 -24.42
CA TYR E 305 -43.79 -0.73 -25.14
C TYR E 305 -43.73 -1.82 -26.21
N LYS E 306 -43.64 -1.42 -27.47
CA LYS E 306 -43.50 -2.39 -28.56
C LYS E 306 -42.10 -2.37 -29.19
N ALA E 307 -41.69 -3.52 -29.73
CA ALA E 307 -40.39 -3.63 -30.41
C ALA E 307 -40.49 -4.37 -31.74
N SER E 308 -39.43 -4.27 -32.53
CA SER E 308 -39.40 -4.80 -33.90
C SER E 308 -38.72 -6.16 -34.09
N PHE E 309 -38.30 -6.79 -33.00
CA PHE E 309 -37.30 -7.86 -33.11
C PHE E 309 -37.69 -9.01 -34.06
N THR E 310 -36.82 -9.19 -35.06
CA THR E 310 -36.91 -10.25 -36.08
C THR E 310 -35.82 -9.98 -37.12
N CYS E 311 -35.43 -10.99 -37.91
CA CYS E 311 -35.75 -12.40 -37.70
C CYS E 311 -34.86 -13.08 -36.65
N ASP E 312 -35.20 -14.24 -36.07
CA ASP E 312 -36.27 -15.22 -36.43
C ASP E 312 -35.99 -16.11 -37.66
N MET E 313 -34.78 -16.02 -38.25
CA MET E 313 -34.33 -16.92 -39.34
C MET E 313 -34.96 -16.85 -40.75
N CYS E 314 -34.38 -16.03 -41.65
CA CYS E 314 -33.29 -15.11 -41.32
C CYS E 314 -33.60 -13.61 -41.33
N ARG E 315 -34.63 -13.19 -42.08
CA ARG E 315 -35.21 -11.84 -41.92
C ARG E 315 -36.74 -11.91 -42.03
N ALA E 316 -37.44 -11.76 -40.90
CA ALA E 316 -38.90 -11.64 -40.93
C ALA E 316 -39.39 -10.21 -40.78
N ILE E 317 -38.50 -9.37 -40.26
CA ILE E 317 -38.78 -7.95 -40.02
C ILE E 317 -40.14 -7.70 -39.36
N VAL E 318 -40.60 -8.61 -38.50
CA VAL E 318 -41.92 -8.46 -37.89
C VAL E 318 -41.83 -7.48 -36.73
N ASP E 319 -42.57 -6.37 -36.85
CA ASP E 319 -42.47 -5.31 -35.85
C ASP E 319 -43.83 -4.88 -35.28
N ASN E 320 -44.06 -5.25 -34.02
CA ASN E 320 -45.25 -4.87 -33.26
C ASN E 320 -45.23 -5.58 -31.91
N VAL E 321 -46.11 -5.14 -31.01
CA VAL E 321 -46.38 -5.82 -29.75
C VAL E 321 -45.13 -6.17 -28.95
N GLU E 322 -45.10 -7.41 -28.43
CA GLU E 322 -44.07 -7.86 -27.50
C GLU E 322 -44.02 -6.92 -26.29
N GLN E 323 -45.21 -6.51 -25.84
CA GLN E 323 -45.37 -5.54 -24.76
C GLN E 323 -45.49 -6.20 -23.39
N SER E 324 -45.32 -7.51 -23.34
CA SER E 324 -45.49 -8.29 -22.12
C SER E 324 -44.49 -7.87 -21.04
N PHE E 325 -44.78 -8.19 -19.78
CA PHE E 325 -43.85 -7.80 -18.75
C PHE E 325 -42.83 -8.90 -18.54
N LYS E 326 -41.73 -8.75 -19.26
CA LYS E 326 -40.51 -9.52 -19.08
C LYS E 326 -39.28 -8.62 -19.29
N TYR E 327 -39.13 -7.98 -20.47
CA TYR E 327 -40.12 -7.91 -21.56
C TYR E 327 -39.90 -8.84 -22.73
N THR E 328 -38.82 -9.61 -22.69
CA THR E 328 -38.55 -10.59 -23.74
C THR E 328 -39.73 -11.57 -23.82
N GLU E 329 -40.06 -12.08 -25.01
CA GLU E 329 -39.36 -11.78 -26.25
C GLU E 329 -40.30 -11.70 -27.43
N PRO E 330 -39.81 -11.10 -28.52
CA PRO E 330 -40.32 -11.38 -29.87
C PRO E 330 -39.89 -12.78 -30.30
N THR E 331 -40.04 -13.09 -31.59
CA THR E 331 -39.72 -14.41 -32.18
C THR E 331 -40.83 -15.41 -31.91
N PHE E 332 -41.87 -14.97 -31.22
CA PHE E 332 -43.02 -15.83 -30.94
C PHE E 332 -43.93 -15.97 -32.17
N CYS E 333 -44.09 -17.21 -32.63
CA CYS E 333 -44.99 -17.56 -33.73
C CYS E 333 -44.77 -16.77 -35.02
N PRO E 334 -43.51 -16.64 -35.44
CA PRO E 334 -43.05 -16.04 -36.69
C PRO E 334 -42.79 -17.09 -37.80
N ASN E 335 -42.41 -16.66 -39.01
CA ASN E 335 -42.73 -15.32 -39.50
C ASN E 335 -44.20 -15.19 -39.92
N PRO E 336 -44.68 -16.09 -40.79
CA PRO E 336 -44.21 -17.23 -41.61
C PRO E 336 -43.40 -16.76 -42.81
N SER E 337 -42.48 -17.56 -43.33
CA SER E 337 -42.22 -18.94 -42.89
C SER E 337 -41.05 -19.12 -41.89
N CYS E 338 -40.49 -18.01 -41.40
CA CYS E 338 -39.16 -18.01 -40.75
C CYS E 338 -38.93 -19.04 -39.63
N GLU E 339 -40.01 -19.52 -39.02
CA GLU E 339 -39.97 -20.67 -38.10
C GLU E 339 -39.17 -20.46 -36.82
N ASN E 340 -39.30 -19.27 -36.25
CA ASN E 340 -38.66 -18.96 -34.97
C ASN E 340 -39.64 -19.09 -33.81
N ARG E 341 -39.23 -19.51 -32.61
CA ARG E 341 -37.90 -19.96 -32.16
C ARG E 341 -36.68 -19.04 -32.41
N ALA E 342 -35.57 -19.67 -32.74
CA ALA E 342 -34.32 -19.02 -33.15
C ALA E 342 -33.87 -17.87 -32.23
N PHE E 343 -33.28 -16.86 -32.85
CA PHE E 343 -33.06 -15.56 -32.24
C PHE E 343 -34.36 -14.77 -32.33
N TRP E 344 -34.49 -13.71 -31.54
CA TRP E 344 -35.64 -12.83 -31.73
C TRP E 344 -35.73 -12.36 -33.21
N THR E 345 -34.66 -11.85 -33.84
CA THR E 345 -33.44 -11.33 -33.21
C THR E 345 -33.72 -9.87 -32.94
N LEU E 346 -33.20 -9.38 -31.82
CA LEU E 346 -33.64 -8.10 -31.29
C LEU E 346 -33.47 -6.98 -32.31
N ASN E 347 -34.56 -6.30 -32.61
CA ASN E 347 -34.53 -5.10 -33.43
C ASN E 347 -34.94 -3.95 -32.55
N VAL E 348 -33.94 -3.16 -32.17
CA VAL E 348 -34.13 -2.10 -31.20
C VAL E 348 -34.65 -0.81 -31.82
N THR E 349 -34.23 -0.53 -33.05
CA THR E 349 -34.39 0.81 -33.62
C THR E 349 -35.84 1.18 -33.91
N ARG E 350 -36.67 0.21 -34.27
CA ARG E 350 -38.07 0.51 -34.60
C ARG E 350 -38.93 0.64 -33.36
N SER E 351 -38.40 0.20 -32.23
CA SER E 351 -39.16 0.22 -30.98
C SER E 351 -39.34 1.64 -30.43
N ARG E 352 -40.59 2.02 -30.22
CA ARG E 352 -40.89 3.28 -29.53
C ARG E 352 -40.77 3.06 -28.02
N PHE E 353 -40.17 4.02 -27.32
CA PHE E 353 -39.89 3.85 -25.89
C PHE E 353 -40.55 4.96 -25.07
N LEU E 354 -40.67 4.78 -23.76
CA LEU E 354 -41.12 5.90 -22.92
C LEU E 354 -40.65 5.84 -21.46
N ASP E 355 -40.39 6.99 -20.83
CA ASP E 355 -40.13 7.00 -19.37
C ASP E 355 -38.90 6.07 -19.04
N TRP E 356 -38.78 5.29 -17.94
CA TRP E 356 -39.48 5.31 -16.63
C TRP E 356 -38.51 5.21 -15.46
N GLN E 357 -38.95 5.65 -14.29
CA GLN E 357 -38.11 5.60 -13.11
C GLN E 357 -38.90 5.03 -11.95
N LYS E 358 -38.21 4.27 -11.10
CA LYS E 358 -38.81 3.69 -9.91
C LYS E 358 -38.55 4.63 -8.74
N VAL E 359 -39.61 5.09 -8.09
CA VAL E 359 -39.44 5.91 -6.89
C VAL E 359 -40.20 5.30 -5.71
N ARG E 360 -39.47 4.85 -4.71
CA ARG E 360 -40.10 4.20 -3.57
C ARG E 360 -40.64 5.25 -2.61
N ILE E 361 -41.94 5.21 -2.38
CA ILE E 361 -42.58 6.16 -1.48
C ILE E 361 -42.52 5.63 -0.05
N GLN E 362 -42.32 6.52 0.91
CA GLN E 362 -42.40 6.11 2.31
C GLN E 362 -43.67 6.63 2.94
N GLU E 363 -44.24 5.84 3.85
CA GLU E 363 -45.45 6.24 4.54
C GLU E 363 -45.20 7.39 5.51
N ASN E 364 -46.06 8.41 5.45
CA ASN E 364 -45.87 9.64 6.22
C ASN E 364 -45.94 9.46 7.73
N ALA E 365 -45.18 10.29 8.43
CA ALA E 365 -45.02 10.16 9.88
C ALA E 365 -46.24 10.61 10.69
N ASN E 366 -46.87 11.69 10.26
CA ASN E 366 -47.99 12.28 11.00
C ASN E 366 -49.12 11.28 11.22
N GLU E 367 -49.41 10.47 10.21
CA GLU E 367 -50.43 9.45 10.31
C GLU E 367 -49.94 8.18 11.02
N ILE E 368 -48.71 7.74 10.71
CA ILE E 368 -48.24 6.46 11.24
C ILE E 368 -48.11 6.49 12.75
N PRO E 369 -48.63 5.43 13.39
CA PRO E 369 -48.81 5.23 14.83
C PRO E 369 -47.59 4.67 15.57
N THR E 370 -46.69 5.57 15.98
CA THR E 370 -45.53 5.22 16.79
C THR E 370 -45.88 4.39 18.03
N GLY E 371 -45.11 3.34 18.33
CA GLY E 371 -44.05 2.85 17.47
C GLY E 371 -44.55 2.04 16.28
N SER E 372 -44.03 2.34 15.11
CA SER E 372 -44.49 1.68 13.89
C SER E 372 -43.37 1.14 13.00
N MET E 373 -42.47 2.03 12.55
CA MET E 373 -41.55 1.75 11.45
C MET E 373 -42.33 1.45 10.18
N PRO E 374 -42.84 2.51 9.54
CA PRO E 374 -43.79 2.44 8.41
C PRO E 374 -43.29 1.54 7.29
N ARG E 375 -44.15 0.62 6.87
CA ARG E 375 -43.84 -0.36 5.84
C ARG E 375 -44.27 0.16 4.48
N THR E 376 -43.31 0.35 3.58
CA THR E 376 -43.59 1.08 2.36
C THR E 376 -43.11 0.35 1.12
N LEU E 377 -43.75 0.64 -0.02
CA LEU E 377 -43.37 -0.01 -1.26
C LEU E 377 -43.18 1.00 -2.39
N ASP E 378 -42.89 0.48 -3.59
CA ASP E 378 -42.49 1.31 -4.72
C ASP E 378 -43.64 1.93 -5.49
N VAL E 379 -43.48 3.20 -5.85
CA VAL E 379 -44.33 3.86 -6.83
C VAL E 379 -43.55 4.00 -8.13
N ILE E 380 -44.03 3.34 -9.18
CA ILE E 380 -43.36 3.46 -10.47
C ILE E 380 -44.10 4.50 -11.31
N LEU E 381 -43.32 5.30 -12.02
CA LEU E 381 -43.76 6.58 -12.57
C LEU E 381 -44.27 6.55 -14.01
N ARG E 382 -44.53 5.36 -14.54
CA ARG E 382 -44.89 5.18 -15.95
C ARG E 382 -45.94 6.19 -16.41
N GLY E 383 -45.68 6.84 -17.54
CA GLY E 383 -46.43 8.00 -17.97
C GLY E 383 -45.56 9.23 -17.84
N ASP E 384 -45.91 10.29 -18.58
CA ASP E 384 -45.15 11.54 -18.55
C ASP E 384 -45.16 12.16 -17.16
N SER E 385 -46.03 11.65 -16.29
CA SER E 385 -46.09 12.06 -14.89
C SER E 385 -44.79 11.70 -14.16
N VAL E 386 -43.95 10.93 -14.84
CA VAL E 386 -42.62 10.58 -14.35
C VAL E 386 -41.82 11.84 -14.01
N GLU E 387 -41.00 11.73 -12.95
CA GLU E 387 -39.96 12.70 -12.63
C GLU E 387 -40.49 13.98 -11.96
N ARG E 388 -41.79 14.20 -12.04
CA ARG E 388 -42.39 15.41 -11.47
C ARG E 388 -42.23 15.51 -9.96
N ALA E 389 -42.02 14.36 -9.33
CA ALA E 389 -41.92 14.29 -7.88
C ALA E 389 -40.63 14.91 -7.35
N LYS E 390 -40.64 15.29 -6.08
CA LYS E 390 -39.44 15.72 -5.39
C LYS E 390 -39.36 15.05 -4.03
N PRO E 391 -38.15 14.63 -3.62
CA PRO E 391 -37.91 13.91 -2.37
C PRO E 391 -38.38 14.64 -1.11
N GLY E 392 -39.11 13.93 -0.26
CA GLY E 392 -39.61 14.47 1.00
C GLY E 392 -41.07 14.85 0.97
N ASP E 393 -41.59 15.11 -0.22
CA ASP E 393 -42.96 15.56 -0.38
C ASP E 393 -43.97 14.42 -0.35
N ARG E 394 -45.19 14.72 0.08
CA ARG E 394 -46.30 13.80 -0.04
C ARG E 394 -47.13 14.16 -1.26
N CYS E 395 -47.57 13.16 -2.01
CA CYS E 395 -48.20 13.41 -3.30
C CYS E 395 -49.35 12.46 -3.64
N LYS E 396 -50.46 13.01 -4.13
CA LYS E 396 -51.60 12.20 -4.53
C LYS E 396 -51.24 11.32 -5.72
N PHE E 397 -51.62 10.05 -5.65
CA PHE E 397 -51.26 9.07 -6.66
C PHE E 397 -52.49 8.32 -7.18
N THR E 398 -52.33 7.66 -8.32
CA THR E 398 -53.37 6.81 -8.90
C THR E 398 -53.05 5.35 -8.57
N GLY E 399 -54.05 4.53 -8.21
CA GLY E 399 -53.75 3.24 -7.61
C GLY E 399 -53.15 2.06 -8.34
N VAL E 400 -53.89 1.42 -9.26
CA VAL E 400 -53.32 0.33 -10.08
C VAL E 400 -52.50 -0.65 -9.24
N GLU E 401 -53.14 -1.36 -8.31
CA GLU E 401 -52.37 -2.18 -7.37
C GLU E 401 -51.37 -3.15 -8.01
N ILE E 402 -51.89 -4.07 -8.81
CA ILE E 402 -51.17 -5.12 -9.53
C ILE E 402 -50.13 -5.89 -8.69
N VAL E 403 -49.07 -6.41 -9.33
CA VAL E 403 -48.14 -7.36 -8.70
C VAL E 403 -46.79 -7.39 -9.47
N VAL E 404 -45.72 -7.90 -8.85
CA VAL E 404 -44.43 -8.04 -9.56
C VAL E 404 -43.70 -9.39 -9.29
N PRO E 405 -43.12 -9.98 -10.36
CA PRO E 405 -42.27 -11.19 -10.32
C PRO E 405 -40.84 -10.93 -9.85
N ASP E 406 -40.13 -11.97 -9.45
CA ASP E 406 -38.79 -11.83 -8.91
C ASP E 406 -37.71 -12.37 -9.85
N LYS E 416 -45.31 -20.96 -1.57
CA LYS E 416 -45.82 -19.89 -2.43
C LYS E 416 -45.83 -20.36 -3.88
N PRO E 417 -46.74 -19.81 -4.70
CA PRO E 417 -47.09 -20.38 -6.02
C PRO E 417 -45.93 -20.54 -6.99
N SER E 418 -46.13 -21.43 -7.96
CA SER E 418 -45.24 -21.58 -9.10
C SER E 418 -46.07 -22.09 -10.26
N SER E 419 -45.73 -21.71 -11.49
CA SER E 419 -46.52 -22.15 -12.61
C SER E 419 -45.93 -23.46 -13.12
N THR E 420 -46.68 -24.54 -12.92
CA THR E 420 -46.19 -25.88 -13.23
C THR E 420 -46.59 -26.28 -14.64
N LEU E 421 -45.57 -26.52 -15.48
CA LEU E 421 -45.79 -26.85 -16.87
C LEU E 421 -46.05 -28.34 -17.06
N LEU E 448 -42.67 -19.69 -8.00
CA LEU E 448 -42.47 -18.26 -8.18
C LEU E 448 -42.75 -17.50 -6.89
N THR E 449 -42.55 -16.20 -6.93
CA THR E 449 -42.90 -15.33 -5.81
C THR E 449 -43.28 -13.95 -6.34
N TYR E 450 -44.29 -13.35 -5.72
CA TYR E 450 -44.83 -12.08 -6.19
C TYR E 450 -44.96 -11.08 -5.04
N LYS E 451 -45.07 -9.79 -5.37
CA LYS E 451 -45.34 -8.79 -4.34
C LYS E 451 -46.04 -7.55 -4.89
N ILE E 452 -46.38 -6.63 -4.00
CA ILE E 452 -47.12 -5.42 -4.39
C ILE E 452 -46.31 -4.50 -5.27
N SER E 453 -46.86 -4.14 -6.41
CA SER E 453 -46.24 -3.10 -7.22
C SER E 453 -47.17 -1.94 -7.47
N PHE E 454 -46.91 -0.81 -6.83
CA PHE E 454 -47.82 0.30 -6.98
C PHE E 454 -47.42 1.15 -8.19
N LEU E 455 -48.40 1.40 -9.04
CA LEU E 455 -48.18 2.25 -10.20
C LEU E 455 -49.16 3.40 -10.09
N ALA E 456 -48.92 4.47 -10.84
CA ALA E 456 -49.93 5.50 -11.07
C ALA E 456 -49.86 5.98 -12.51
N CYS E 457 -51.02 6.05 -13.18
CA CYS E 457 -51.06 6.66 -14.49
C CYS E 457 -51.17 8.17 -14.30
N HIS E 458 -51.47 8.57 -13.07
CA HIS E 458 -51.58 9.99 -12.72
C HIS E 458 -51.07 10.27 -11.32
N VAL E 459 -50.41 11.41 -11.18
CA VAL E 459 -49.79 11.84 -9.93
C VAL E 459 -49.90 13.36 -9.80
N ILE E 460 -50.16 13.85 -8.60
CA ILE E 460 -50.04 15.30 -8.35
C ILE E 460 -49.23 15.51 -7.07
N SER E 461 -48.57 16.66 -6.98
CA SER E 461 -47.57 16.90 -5.93
C SER E 461 -48.17 17.36 -4.61
N ILE E 462 -49.50 17.43 -4.56
CA ILE E 462 -50.22 17.89 -3.36
C ILE E 462 -49.92 17.05 -2.12
N GLY E 463 -49.53 17.73 -1.04
CA GLY E 463 -49.28 17.07 0.23
C GLY E 463 -47.90 17.38 0.78
N SER E 510 -52.35 37.20 -13.60
CA SER E 510 -53.71 37.33 -14.11
C SER E 510 -54.33 38.68 -13.73
N ASP E 511 -55.50 38.63 -13.10
CA ASP E 511 -56.25 39.84 -12.75
C ASP E 511 -55.75 40.48 -11.45
N GLU E 512 -54.82 39.81 -10.79
CA GLU E 512 -54.34 40.27 -9.50
C GLU E 512 -53.20 41.29 -9.63
N ILE E 513 -52.77 41.54 -10.88
CA ILE E 513 -51.88 42.66 -11.13
C ILE E 513 -52.73 43.92 -11.23
N ASN E 514 -54.01 43.72 -11.56
CA ASN E 514 -54.95 44.82 -11.54
C ASN E 514 -55.23 45.22 -10.09
N GLU E 515 -54.90 44.31 -9.18
CA GLU E 515 -54.81 44.61 -7.76
C GLU E 515 -53.53 45.40 -7.53
N LEU E 516 -52.49 44.97 -8.22
CA LEU E 516 -51.18 45.57 -8.08
C LEU E 516 -51.11 46.97 -8.63
N LYS E 517 -51.81 47.27 -9.73
CA LYS E 517 -51.80 48.64 -10.24
C LYS E 517 -52.38 49.59 -9.19
N GLU E 518 -53.52 49.18 -8.64
CA GLU E 518 -54.14 49.86 -7.52
C GLU E 518 -53.15 50.05 -6.37
N MET E 519 -52.29 49.06 -6.14
CA MET E 519 -51.29 49.17 -5.10
C MET E 519 -50.05 50.00 -5.47
N VAL E 520 -49.74 50.11 -6.76
CA VAL E 520 -48.52 50.79 -7.18
C VAL E 520 -48.81 52.24 -7.50
N LYS E 521 -50.07 52.63 -7.40
CA LYS E 521 -50.41 54.05 -7.52
C LYS E 521 -49.94 54.88 -6.31
N ASP E 522 -50.31 54.45 -5.11
CA ASP E 522 -50.12 55.24 -3.90
C ASP E 522 -48.68 55.65 -3.60
N GLU E 523 -48.53 56.84 -3.03
CA GLU E 523 -47.30 57.22 -2.36
C GLU E 523 -47.15 56.35 -1.14
N HIS E 524 -48.31 56.06 -0.53
CA HIS E 524 -48.36 55.59 0.85
C HIS E 524 -48.02 54.11 0.99
N ILE E 525 -48.00 53.38 -0.12
CA ILE E 525 -47.72 51.95 -0.04
C ILE E 525 -46.28 51.68 0.37
N TYR E 526 -45.46 52.72 0.43
CA TYR E 526 -44.12 52.56 0.96
C TYR E 526 -44.16 52.35 2.47
N ASP E 527 -44.91 53.21 3.16
CA ASP E 527 -45.11 53.06 4.60
C ASP E 527 -46.11 51.95 4.88
N LYS E 528 -47.02 51.73 3.94
CA LYS E 528 -47.99 50.64 4.03
C LYS E 528 -47.28 49.29 4.05
N LEU E 529 -46.40 49.07 3.07
CA LEU E 529 -45.63 47.83 3.00
C LEU E 529 -44.87 47.58 4.29
N VAL E 530 -44.59 48.67 5.02
CA VAL E 530 -43.92 48.63 6.31
C VAL E 530 -44.85 48.21 7.45
N ARG E 531 -45.91 48.96 7.70
CA ARG E 531 -46.77 48.56 8.82
C ARG E 531 -47.53 47.25 8.53
N SER E 532 -47.43 46.75 7.29
CA SER E 532 -48.18 45.56 6.88
C SER E 532 -47.41 44.24 6.98
N ILE E 533 -46.13 44.28 7.40
CA ILE E 533 -45.30 43.04 7.39
C ILE E 533 -45.37 41.97 8.51
N ALA E 534 -45.11 42.34 9.75
CA ALA E 534 -45.24 41.40 10.86
C ALA E 534 -46.04 42.04 11.97
N PRO E 535 -47.31 41.64 12.10
CA PRO E 535 -48.21 42.08 13.16
C PRO E 535 -47.79 41.47 14.49
N ALA E 536 -47.17 40.30 14.41
CA ALA E 536 -46.70 39.58 15.58
C ALA E 536 -45.63 40.38 16.33
N VAL E 537 -45.08 41.38 15.64
CA VAL E 537 -44.09 42.26 16.24
C VAL E 537 -44.67 43.66 16.40
N PHE E 538 -44.24 44.36 17.45
CA PHE E 538 -44.67 45.72 17.71
C PHE E 538 -43.47 46.67 17.75
N GLY E 539 -43.60 47.82 17.12
CA GLY E 539 -42.51 48.78 17.05
C GLY E 539 -41.39 48.27 16.17
N HIS E 540 -40.17 48.71 16.46
CA HIS E 540 -38.92 48.22 15.85
C HIS E 540 -38.71 48.70 14.41
N GLU E 541 -39.79 49.17 13.76
CA GLU E 541 -39.71 50.13 12.65
C GLU E 541 -38.72 49.84 11.52
N ALA E 542 -37.66 50.63 11.42
CA ALA E 542 -36.72 50.53 10.30
C ALA E 542 -36.27 49.09 9.98
N VAL E 543 -36.00 48.29 11.01
CA VAL E 543 -35.54 46.91 10.84
C VAL E 543 -36.51 46.07 10.02
N LYS E 544 -37.80 46.34 10.21
CA LYS E 544 -38.84 45.71 9.42
C LYS E 544 -38.52 45.86 7.93
N LYS E 545 -38.22 47.09 7.52
CA LYS E 545 -37.99 47.41 6.11
C LYS E 545 -37.04 46.41 5.48
N GLY E 546 -35.81 46.35 6.02
CA GLY E 546 -34.80 45.44 5.52
C GLY E 546 -35.29 44.03 5.30
N ILE E 547 -36.12 43.53 6.21
CA ILE E 547 -36.64 42.17 6.10
C ILE E 547 -37.26 42.01 4.72
N LEU E 548 -38.19 42.92 4.41
CA LEU E 548 -38.81 43.01 3.09
C LEU E 548 -37.76 43.14 2.05
N LEU E 549 -36.90 44.13 2.26
CA LEU E 549 -35.86 44.44 1.30
C LEU E 549 -34.93 43.23 1.14
N GLN E 550 -34.98 42.31 2.10
CA GLN E 550 -34.21 41.07 1.98
C GLN E 550 -34.89 40.08 1.04
N MET E 551 -36.20 39.90 1.22
CA MET E 551 -36.99 39.07 0.33
C MET E 551 -36.90 39.62 -1.09
N LEU E 552 -36.83 40.94 -1.17
CA LEU E 552 -36.60 41.63 -2.43
C LEU E 552 -35.16 41.40 -2.88
N GLY E 553 -34.97 41.21 -4.18
CA GLY E 553 -33.65 40.91 -4.71
C GLY E 553 -32.81 42.14 -4.98
N GLY E 554 -31.52 41.93 -5.18
CA GLY E 554 -30.61 43.00 -5.53
C GLY E 554 -30.22 42.94 -7.00
N VAL E 555 -29.05 43.47 -7.34
CA VAL E 555 -28.56 43.31 -8.70
C VAL E 555 -27.97 41.89 -8.87
N HIS E 556 -27.15 41.48 -7.90
CA HIS E 556 -26.49 40.17 -7.87
C HIS E 556 -25.92 39.77 -9.22
N LYS E 557 -25.37 40.74 -9.93
CA LYS E 557 -24.92 40.52 -11.29
C LYS E 557 -23.78 41.44 -11.68
N SER E 558 -23.01 40.94 -12.65
CA SER E 558 -21.98 41.70 -13.32
C SER E 558 -20.95 42.29 -12.31
N THR E 559 -20.19 43.35 -12.60
CA THR E 559 -19.87 43.72 -13.98
C THR E 559 -18.61 43.01 -14.40
N VAL E 560 -18.89 41.88 -15.07
CA VAL E 560 -17.97 40.97 -15.76
C VAL E 560 -16.68 40.91 -14.89
N GLU E 561 -15.46 40.84 -15.44
CA GLU E 561 -15.07 40.04 -16.61
C GLU E 561 -14.51 38.60 -16.39
N GLY E 562 -14.10 38.17 -15.18
CA GLY E 562 -14.11 38.92 -13.92
C GLY E 562 -15.29 38.52 -13.06
N ILE E 563 -15.29 38.96 -11.82
CA ILE E 563 -16.21 38.45 -10.80
C ILE E 563 -17.60 39.08 -10.80
N LYS E 564 -18.60 38.28 -10.45
CA LYS E 564 -19.94 38.80 -10.14
C LYS E 564 -19.92 39.57 -8.84
N LEU E 565 -20.36 40.83 -8.88
CA LEU E 565 -20.51 41.65 -7.68
C LEU E 565 -21.84 41.34 -6.98
N ARG E 566 -21.88 41.64 -5.68
CA ARG E 566 -23.13 41.66 -4.92
C ARG E 566 -23.82 43.02 -5.07
N GLY E 567 -25.16 43.04 -5.04
CA GLY E 567 -25.96 41.84 -4.90
C GLY E 567 -26.45 41.59 -3.48
N ASP E 568 -27.58 40.91 -3.40
CA ASP E 568 -28.16 40.48 -2.13
C ASP E 568 -28.42 41.61 -1.14
N ILE E 569 -28.23 41.28 0.14
CA ILE E 569 -28.25 42.21 1.29
C ILE E 569 -28.17 41.33 2.54
N ASN E 570 -27.79 41.87 3.69
CA ASN E 570 -27.75 41.05 4.89
C ASN E 570 -27.95 41.72 6.24
N ILE E 571 -28.63 41.04 7.14
CA ILE E 571 -28.96 41.66 8.42
C ILE E 571 -28.75 40.72 9.59
N CYS E 572 -27.96 41.14 10.57
CA CYS E 572 -27.95 40.43 11.84
C CYS E 572 -28.52 41.33 12.93
N VAL E 573 -29.76 41.07 13.34
CA VAL E 573 -30.45 41.94 14.28
C VAL E 573 -30.07 41.54 15.69
N VAL E 574 -29.78 42.52 16.55
CA VAL E 574 -29.32 42.18 17.89
C VAL E 574 -30.05 43.00 18.96
N GLY E 575 -30.09 42.44 20.17
CA GLY E 575 -30.64 43.11 21.34
C GLY E 575 -30.82 42.17 22.51
N ASP E 576 -31.11 42.73 23.68
CA ASP E 576 -31.28 41.97 24.91
C ASP E 576 -32.38 40.91 24.78
N PRO E 577 -32.06 39.63 25.08
CA PRO E 577 -33.05 38.56 25.07
C PRO E 577 -34.31 38.95 25.82
N SER E 578 -35.46 38.43 25.37
CA SER E 578 -36.81 38.95 25.63
C SER E 578 -37.15 40.02 24.58
N THR E 579 -36.19 40.31 23.71
CA THR E 579 -36.35 41.31 22.65
C THR E 579 -37.56 41.04 21.75
N SER E 580 -37.90 39.76 21.59
CA SER E 580 -38.93 39.32 20.65
C SER E 580 -38.49 39.65 19.22
N LYS E 581 -37.20 39.45 18.97
CA LYS E 581 -36.66 39.54 17.62
C LYS E 581 -36.97 38.27 16.83
N SER E 582 -36.97 37.11 17.51
CA SER E 582 -37.21 35.81 16.87
C SER E 582 -38.55 35.74 16.14
N GLN E 583 -39.48 36.55 16.64
CA GLN E 583 -40.78 36.76 16.00
C GLN E 583 -40.60 37.23 14.56
N PHE E 584 -39.48 37.88 14.28
CA PHE E 584 -39.08 38.18 12.91
C PHE E 584 -38.79 36.91 12.14
N LEU E 585 -38.13 35.97 12.80
CA LEU E 585 -37.55 34.83 12.11
C LEU E 585 -38.58 33.81 11.68
N LYS E 586 -39.47 33.49 12.61
CA LYS E 586 -40.58 32.63 12.21
C LYS E 586 -41.39 33.35 11.14
N TYR E 587 -41.34 34.68 11.13
CA TYR E 587 -42.00 35.45 10.07
C TYR E 587 -41.28 35.27 8.74
N VAL E 588 -39.96 35.16 8.77
CA VAL E 588 -39.23 34.81 7.56
C VAL E 588 -39.79 33.51 7.04
N VAL E 589 -39.66 32.44 7.83
CA VAL E 589 -40.06 31.13 7.33
C VAL E 589 -41.59 31.03 7.11
N GLY E 590 -42.37 31.79 7.88
CA GLY E 590 -43.81 31.74 7.77
C GLY E 590 -44.40 32.62 6.69
N PHE E 591 -43.52 33.30 5.95
CA PHE E 591 -43.93 34.21 4.88
C PHE E 591 -43.14 33.92 3.61
N ALA E 592 -41.83 34.10 3.70
CA ALA E 592 -40.92 33.99 2.55
C ALA E 592 -40.89 32.60 1.92
N PRO E 593 -40.61 32.56 0.60
CA PRO E 593 -40.43 31.31 -0.16
C PRO E 593 -39.10 30.61 0.14
N ARG E 594 -39.09 29.28 0.01
CA ARG E 594 -37.90 28.42 0.14
C ARG E 594 -37.01 28.78 1.33
N SER E 595 -37.63 29.06 2.46
CA SER E 595 -36.89 29.50 3.64
C SER E 595 -36.28 28.36 4.43
N VAL E 596 -34.95 28.39 4.57
CA VAL E 596 -34.28 27.46 5.46
C VAL E 596 -33.95 28.14 6.77
N TYR E 597 -34.31 27.50 7.87
CA TYR E 597 -34.04 28.05 9.17
C TYR E 597 -33.56 27.00 10.17
N THR E 598 -32.36 27.22 10.72
CA THR E 598 -31.91 26.53 11.91
C THR E 598 -31.05 27.46 12.76
N SER E 599 -31.31 27.49 14.07
CA SER E 599 -30.52 28.28 15.00
C SER E 599 -29.35 27.53 15.62
N GLY E 600 -29.39 26.21 15.50
CA GLY E 600 -28.59 25.35 16.36
C GLY E 600 -27.09 25.44 16.20
N LYS E 601 -26.38 25.09 17.27
CA LYS E 601 -24.96 24.82 17.19
C LYS E 601 -24.77 23.59 16.33
N ALA E 602 -25.68 22.65 16.51
CA ALA E 602 -25.54 21.34 15.89
C ALA E 602 -26.21 21.31 14.54
N SER E 603 -25.34 21.25 13.54
CA SER E 603 -25.68 21.10 12.14
C SER E 603 -25.19 19.72 11.62
N SER E 604 -23.89 19.40 11.71
CA SER E 604 -22.89 20.03 12.58
C SER E 604 -21.65 20.44 11.82
N ALA E 605 -21.18 21.68 12.03
CA ALA E 605 -20.20 22.25 11.11
C ALA E 605 -20.88 22.13 9.78
N ALA E 606 -20.50 21.10 9.03
CA ALA E 606 -21.34 20.62 7.95
C ALA E 606 -22.51 19.78 8.47
N GLY E 607 -23.75 20.29 8.35
CA GLY E 607 -24.01 21.70 8.15
C GLY E 607 -24.26 22.16 6.74
N LEU E 608 -24.20 23.48 6.55
CA LEU E 608 -24.40 24.10 5.25
C LEU E 608 -23.28 23.64 4.32
N THR E 609 -22.21 23.18 4.97
CA THR E 609 -21.07 22.53 4.38
C THR E 609 -21.42 21.04 4.07
N ALA E 610 -20.73 20.41 3.12
CA ALA E 610 -20.90 18.97 2.85
C ALA E 610 -20.09 18.17 3.86
N ALA E 611 -20.52 16.94 4.13
CA ALA E 611 -20.02 16.21 5.30
C ALA E 611 -18.49 15.96 5.30
N VAL E 612 -17.87 15.17 4.41
CA VAL E 612 -18.45 14.35 3.35
C VAL E 612 -18.65 12.95 3.93
N VAL E 613 -19.77 12.30 3.60
CA VAL E 613 -20.12 11.05 4.25
C VAL E 613 -19.22 9.89 3.80
N ARG E 614 -18.56 9.28 4.77
CA ARG E 614 -17.67 8.15 4.56
C ARG E 614 -17.76 7.21 5.79
N ASP E 615 -17.91 5.90 5.62
CA ASP E 615 -18.16 5.19 4.36
C ASP E 615 -19.63 5.31 3.93
N GLU E 616 -19.90 5.26 2.63
CA GLU E 616 -21.28 5.30 2.12
C GLU E 616 -22.22 4.17 2.60
N GLU E 617 -21.81 2.90 2.63
CA GLU E 617 -20.47 2.36 2.30
C GLU E 617 -20.33 1.96 0.84
N GLY E 618 -19.26 1.23 0.53
CA GLY E 618 -18.99 0.81 -0.83
C GLY E 618 -18.34 1.84 -1.75
N GLY E 619 -17.25 2.44 -1.28
CA GLY E 619 -16.49 3.39 -2.08
C GLY E 619 -16.73 4.80 -1.58
N ASP E 620 -17.84 4.96 -0.87
CA ASP E 620 -18.07 6.12 -0.03
C ASP E 620 -18.05 7.48 -0.71
N TYR E 621 -17.39 8.44 -0.06
CA TYR E 621 -17.30 9.84 -0.46
C TYR E 621 -18.64 10.47 -0.83
N THR E 622 -19.71 9.98 -0.21
CA THR E 622 -21.04 10.49 -0.56
C THR E 622 -21.16 11.90 -0.03
N ILE E 623 -21.47 12.85 -0.92
CA ILE E 623 -21.40 14.26 -0.58
C ILE E 623 -22.73 14.75 -0.04
N GLU E 624 -22.75 15.05 1.26
CA GLU E 624 -23.95 15.59 1.88
C GLU E 624 -24.15 16.97 1.30
N ALA E 625 -25.37 17.49 1.38
CA ALA E 625 -25.58 18.84 0.89
C ALA E 625 -24.66 19.85 1.62
N GLY E 626 -24.78 20.07 2.95
CA GLY E 626 -25.88 19.65 3.82
C GLY E 626 -26.66 20.92 4.09
N ALA E 627 -27.71 20.85 4.91
CA ALA E 627 -28.39 22.06 5.38
C ALA E 627 -28.78 22.95 4.20
N LEU E 628 -28.09 24.09 4.08
CA LEU E 628 -28.40 25.01 2.99
C LEU E 628 -28.06 24.28 1.69
N MET E 629 -29.11 23.90 0.98
CA MET E 629 -29.04 23.39 -0.38
C MET E 629 -30.21 24.00 -1.14
N LEU E 630 -31.41 23.62 -0.72
CA LEU E 630 -32.64 24.25 -1.21
C LEU E 630 -32.73 25.66 -0.66
N ALA E 631 -31.82 25.98 0.25
CA ALA E 631 -31.70 27.34 0.74
C ALA E 631 -31.21 28.26 -0.36
N ASP E 632 -30.55 27.71 -1.37
CA ASP E 632 -30.01 28.51 -2.48
C ASP E 632 -31.09 29.42 -3.03
N ASN E 633 -30.71 30.66 -3.31
CA ASN E 633 -31.62 31.68 -3.77
C ASN E 633 -32.75 31.94 -2.76
N GLY E 634 -32.39 32.03 -1.49
CA GLY E 634 -33.39 32.18 -0.44
C GLY E 634 -32.88 32.93 0.76
N ILE E 635 -33.76 33.14 1.74
CA ILE E 635 -33.38 33.85 2.95
C ILE E 635 -33.10 32.87 4.07
N CYS E 636 -31.82 32.77 4.43
CA CYS E 636 -31.38 31.80 5.42
C CYS E 636 -31.32 32.47 6.79
N CYS E 637 -31.66 31.74 7.84
CA CYS E 637 -31.75 32.33 9.17
C CYS E 637 -31.14 31.45 10.26
N ILE E 638 -30.48 32.11 11.23
CA ILE E 638 -29.85 31.45 12.36
C ILE E 638 -30.18 32.26 13.63
N ASP E 639 -30.08 31.64 14.81
CA ASP E 639 -30.04 32.43 16.04
C ASP E 639 -28.70 32.27 16.75
N GLU E 640 -28.37 33.26 17.56
CA GLU E 640 -27.36 33.12 18.60
C GLU E 640 -26.00 32.69 18.07
N PHE E 641 -25.31 33.63 17.43
CA PHE E 641 -23.94 33.42 16.95
C PHE E 641 -23.02 32.95 18.06
N ASP E 642 -23.36 33.28 19.30
CA ASP E 642 -22.64 32.74 20.44
C ASP E 642 -22.77 31.22 20.43
N LYS E 643 -23.90 30.74 19.93
CA LYS E 643 -24.20 29.31 19.94
C LYS E 643 -23.85 28.62 18.62
N MET E 644 -23.30 29.33 17.63
CA MET E 644 -22.59 28.62 16.54
C MET E 644 -21.08 28.70 16.73
N ASP E 645 -20.68 29.34 17.83
CA ASP E 645 -19.28 29.55 18.19
C ASP E 645 -18.43 30.36 17.21
N ILE E 646 -17.21 29.88 16.97
CA ILE E 646 -16.26 30.53 16.06
C ILE E 646 -15.74 29.62 14.94
N SER E 647 -15.62 28.33 15.23
CA SER E 647 -15.13 27.36 14.25
C SER E 647 -15.72 27.54 12.84
N ASP E 648 -17.04 27.44 12.72
CA ASP E 648 -17.68 27.59 11.42
C ASP E 648 -17.97 29.04 10.97
N GLN E 649 -17.61 30.03 11.79
CA GLN E 649 -18.01 31.43 11.54
C GLN E 649 -17.76 31.92 10.11
N VAL E 650 -16.55 31.70 9.63
CA VAL E 650 -16.17 32.15 8.30
C VAL E 650 -16.36 31.04 7.24
N ALA E 651 -16.65 29.83 7.69
CA ALA E 651 -16.85 28.71 6.77
C ALA E 651 -18.25 28.76 6.17
N ILE E 652 -19.14 29.49 6.81
CA ILE E 652 -20.45 29.81 6.26
C ILE E 652 -20.32 31.18 5.60
N HIS E 653 -19.14 31.79 5.74
CA HIS E 653 -18.88 33.09 5.13
C HIS E 653 -18.31 32.99 3.72
N GLU E 654 -18.02 31.76 3.26
CA GLU E 654 -17.60 31.56 1.88
C GLU E 654 -18.65 32.17 0.95
N ALA E 655 -19.91 31.80 1.20
CA ALA E 655 -21.04 32.33 0.46
C ALA E 655 -21.29 33.78 0.78
N MET E 656 -20.62 34.30 1.79
CA MET E 656 -20.86 35.68 2.13
C MET E 656 -19.90 36.55 1.34
N GLU E 657 -18.97 35.94 0.62
CA GLU E 657 -18.19 36.71 -0.35
C GLU E 657 -18.31 36.09 -1.73
N GLN E 658 -17.75 34.90 -1.89
CA GLN E 658 -17.78 34.18 -3.16
C GLN E 658 -19.22 33.88 -3.56
N GLN E 659 -20.12 33.91 -2.58
CA GLN E 659 -21.54 33.62 -2.77
C GLN E 659 -21.73 32.14 -3.09
N THR E 660 -20.61 31.44 -3.21
CA THR E 660 -20.62 29.99 -3.40
C THR E 660 -19.57 29.35 -2.50
N ILE E 661 -19.85 28.13 -2.06
CA ILE E 661 -19.04 27.46 -1.05
C ILE E 661 -18.50 26.13 -1.52
N SER E 662 -17.19 26.05 -1.69
CA SER E 662 -16.59 24.75 -1.94
C SER E 662 -16.39 24.04 -0.58
N ILE E 663 -16.33 22.70 -0.54
CA ILE E 663 -16.32 21.98 0.74
C ILE E 663 -15.31 20.84 0.97
N ALA E 664 -14.37 21.03 1.91
CA ALA E 664 -13.22 20.14 1.99
C ALA E 664 -13.00 19.33 3.25
N LYS E 665 -13.27 18.05 3.16
CA LYS E 665 -12.80 17.10 4.15
C LYS E 665 -11.64 16.21 3.67
N ALA E 666 -11.07 16.50 2.50
CA ALA E 666 -10.36 15.53 1.66
C ALA E 666 -11.37 14.54 1.09
N GLY E 667 -12.51 15.09 0.70
CA GLY E 667 -13.52 14.40 -0.06
C GLY E 667 -13.09 14.51 -1.50
N ILE E 668 -14.04 14.67 -2.41
CA ILE E 668 -13.69 14.97 -3.79
C ILE E 668 -13.88 16.47 -4.05
N HIS E 669 -12.98 17.04 -4.85
CA HIS E 669 -12.97 18.46 -5.17
C HIS E 669 -14.33 18.96 -5.67
N ALA E 670 -14.79 20.07 -5.11
CA ALA E 670 -16.15 20.54 -5.31
C ALA E 670 -16.26 22.02 -4.99
N THR E 671 -17.30 22.66 -5.51
CA THR E 671 -17.72 24.03 -5.16
C THR E 671 -19.25 24.04 -5.22
N LEU E 672 -19.93 24.83 -4.38
CA LEU E 672 -21.41 24.79 -4.35
C LEU E 672 -22.10 26.13 -4.57
N ASN E 673 -23.16 26.16 -5.38
CA ASN E 673 -23.91 27.41 -5.53
C ASN E 673 -24.65 27.71 -4.25
N ALA E 674 -24.26 28.80 -3.60
CA ALA E 674 -24.89 29.19 -2.36
C ALA E 674 -25.77 30.46 -2.39
N ARG E 675 -25.96 31.09 -3.55
CA ARG E 675 -26.33 32.51 -3.53
C ARG E 675 -27.58 32.78 -2.71
N THR E 676 -27.38 33.43 -1.56
CA THR E 676 -28.44 33.65 -0.57
C THR E 676 -28.18 34.81 0.35
N SER E 677 -29.26 35.44 0.79
CA SER E 677 -29.17 36.28 1.97
C SER E 677 -29.05 35.39 3.18
N ILE E 678 -28.22 35.80 4.13
CA ILE E 678 -28.21 35.20 5.45
C ILE E 678 -28.57 36.26 6.49
N LEU E 679 -29.76 36.16 7.05
CA LEU E 679 -30.19 37.05 8.12
C LEU E 679 -30.18 36.24 9.40
N ALA E 680 -29.86 36.88 10.51
CA ALA E 680 -29.92 36.16 11.78
C ALA E 680 -29.99 37.09 12.96
N ALA E 681 -30.13 36.51 14.13
CA ALA E 681 -30.02 37.28 15.34
C ALA E 681 -29.27 36.55 16.45
N ALA E 682 -28.10 37.05 16.81
CA ALA E 682 -27.42 36.61 18.02
C ALA E 682 -27.95 37.39 19.21
N ASN E 683 -27.89 36.80 20.39
CA ASN E 683 -28.10 37.58 21.60
C ASN E 683 -26.75 38.10 22.10
N PRO E 684 -26.67 39.41 22.40
CA PRO E 684 -25.39 40.10 22.61
C PRO E 684 -24.63 39.44 23.74
N VAL E 685 -23.30 39.48 23.69
CA VAL E 685 -22.49 38.66 24.59
C VAL E 685 -22.53 39.16 26.04
N GLY E 686 -23.13 40.33 26.26
CA GLY E 686 -23.42 40.78 27.61
C GLY E 686 -24.87 40.46 27.92
N GLY E 687 -25.59 40.05 26.88
CA GLY E 687 -27.02 39.83 26.98
C GLY E 687 -27.75 41.14 26.79
N ARG E 688 -27.00 42.22 26.70
CA ARG E 688 -27.57 43.55 26.68
C ARG E 688 -26.62 44.54 26.04
N TYR E 689 -26.91 45.82 26.20
CA TYR E 689 -25.89 46.81 25.92
C TYR E 689 -25.36 47.41 27.23
N ASN E 690 -24.02 47.43 27.44
CA ASN E 690 -22.95 47.31 26.43
C ASN E 690 -23.12 48.40 25.39
N ARG E 691 -23.66 49.53 25.85
CA ARG E 691 -23.73 50.75 25.07
C ARG E 691 -22.35 50.99 24.52
N LYS E 692 -21.44 51.20 25.46
CA LYS E 692 -20.04 51.47 25.20
C LYS E 692 -19.42 50.50 24.19
N LEU E 693 -19.90 49.27 24.16
CA LEU E 693 -19.35 48.29 23.22
C LEU E 693 -19.45 48.81 21.80
N SER E 694 -18.29 48.91 21.15
CA SER E 694 -18.27 49.05 19.71
C SER E 694 -18.79 47.70 19.25
N LEU E 695 -19.72 47.72 18.31
CA LEU E 695 -20.44 46.52 17.93
C LEU E 695 -19.47 45.40 17.46
N ARG E 696 -18.25 45.81 17.12
CA ARG E 696 -17.19 44.89 16.70
C ARG E 696 -16.76 43.91 17.81
N GLY E 697 -16.67 44.42 19.03
CA GLY E 697 -16.35 43.58 20.17
C GLY E 697 -17.62 43.17 20.88
N ASN E 698 -18.74 43.71 20.40
CA ASN E 698 -20.06 43.40 20.93
C ASN E 698 -20.49 41.99 20.54
N LEU E 699 -20.11 41.60 19.33
CA LEU E 699 -20.58 40.35 18.71
C LEU E 699 -19.86 39.07 19.13
N ASN E 700 -18.57 39.20 19.50
CA ASN E 700 -17.67 38.06 19.62
C ASN E 700 -17.50 37.36 18.27
N MET E 701 -17.23 38.15 17.21
CA MET E 701 -16.94 37.58 15.91
C MET E 701 -16.15 38.54 15.01
N THR E 702 -15.59 37.97 13.94
CA THR E 702 -14.58 38.64 13.12
C THR E 702 -15.16 39.56 12.04
N ALA E 703 -14.50 40.69 11.81
CA ALA E 703 -14.92 41.69 10.82
C ALA E 703 -15.13 41.16 9.39
N PRO E 704 -14.27 40.23 8.92
CA PRO E 704 -14.54 39.65 7.60
C PRO E 704 -15.96 39.11 7.40
N ILE E 705 -16.48 38.38 8.39
CA ILE E 705 -17.85 37.90 8.31
C ILE E 705 -18.83 38.91 8.87
N MET E 706 -18.31 39.87 9.63
CA MET E 706 -19.12 40.85 10.30
C MET E 706 -19.44 42.01 9.37
N SER E 707 -18.38 42.69 8.93
CA SER E 707 -18.49 43.77 7.97
C SER E 707 -19.29 43.35 6.74
N ARG E 708 -19.28 42.06 6.47
CA ARG E 708 -19.92 41.52 5.28
C ARG E 708 -21.44 41.52 5.37
N PHE E 709 -21.98 41.35 6.58
CA PHE E 709 -23.43 41.29 6.75
C PHE E 709 -23.92 42.71 7.05
N ASP E 710 -24.64 43.33 6.13
CA ASP E 710 -24.93 44.76 6.23
C ASP E 710 -26.37 45.17 5.96
N LEU E 711 -27.01 45.77 6.96
CA LEU E 711 -26.33 46.05 8.21
C LEU E 711 -27.08 45.50 9.42
N PHE E 712 -26.33 45.32 10.51
CA PHE E 712 -26.80 44.63 11.72
C PHE E 712 -28.09 45.14 12.34
N PHE E 713 -28.21 46.45 12.49
CA PHE E 713 -29.44 47.06 12.98
C PHE E 713 -29.82 46.63 14.41
N VAL E 714 -29.07 47.15 15.38
CA VAL E 714 -29.32 46.98 16.82
C VAL E 714 -30.70 47.42 17.30
N ILE E 715 -31.32 46.59 18.15
CA ILE E 715 -32.43 47.07 18.95
C ILE E 715 -32.32 46.63 20.41
N LEU E 716 -32.14 47.57 21.33
CA LEU E 716 -32.19 47.21 22.75
C LEU E 716 -33.64 47.34 23.21
N ASP E 717 -34.10 46.34 23.96
CA ASP E 717 -35.46 46.37 24.49
C ASP E 717 -35.49 46.71 25.97
N ASP E 718 -36.13 47.83 26.28
CA ASP E 718 -36.17 48.34 27.64
C ASP E 718 -37.60 48.52 28.13
N CYS E 719 -37.75 48.65 29.45
CA CYS E 719 -39.03 49.02 30.02
C CYS E 719 -39.19 50.53 29.97
N ASN E 720 -40.43 50.97 29.76
CA ASN E 720 -40.81 52.35 29.96
C ASN E 720 -42.27 52.33 30.37
N GLU E 721 -42.64 53.20 31.31
CA GLU E 721 -43.90 53.05 32.03
C GLU E 721 -45.11 53.08 31.10
N LYS E 722 -45.21 54.14 30.29
CA LYS E 722 -46.18 54.16 29.20
C LYS E 722 -45.98 52.92 28.37
N ILE E 723 -44.76 52.75 27.89
CA ILE E 723 -44.40 51.60 27.06
C ILE E 723 -44.70 50.30 27.79
N ASP E 724 -44.48 50.23 29.10
CA ASP E 724 -44.87 49.03 29.83
C ASP E 724 -46.37 48.80 29.71
N THR E 725 -47.14 49.88 29.65
CA THR E 725 -48.58 49.75 29.44
C THR E 725 -48.97 49.54 27.97
N GLU E 726 -48.07 49.87 27.05
CA GLU E 726 -48.30 49.74 25.60
C GLU E 726 -47.96 48.33 25.12
N LEU E 727 -46.92 47.77 25.73
CA LEU E 727 -46.61 46.36 25.69
C LEU E 727 -47.75 45.66 26.40
N ALA E 728 -48.33 46.37 27.35
CA ALA E 728 -49.53 45.89 28.02
C ALA E 728 -50.76 46.31 27.21
N SER E 729 -50.53 46.92 26.05
CA SER E 729 -51.61 47.22 25.13
C SER E 729 -51.52 46.32 23.90
N HIS E 730 -50.55 46.58 23.02
CA HIS E 730 -50.49 45.83 21.77
C HIS E 730 -49.92 44.43 21.92
N ILE E 731 -48.82 44.29 22.65
CA ILE E 731 -48.26 42.96 22.86
C ILE E 731 -49.35 42.10 23.47
N VAL E 732 -50.16 42.71 24.32
CA VAL E 732 -51.35 42.05 24.86
C VAL E 732 -52.32 41.65 23.75
N ASP E 733 -52.55 42.55 22.79
CA ASP E 733 -53.45 42.26 21.68
C ASP E 733 -52.93 41.09 20.83
N LEU E 734 -51.62 40.84 20.95
CA LEU E 734 -51.01 39.64 20.35
C LEU E 734 -51.20 38.44 21.27
N HIS E 735 -51.01 38.67 22.57
CA HIS E 735 -51.30 37.71 23.62
C HIS E 735 -52.74 37.27 23.44
N MET E 736 -53.58 38.25 23.10
CA MET E 736 -54.98 38.00 22.83
C MET E 736 -55.12 36.90 21.79
N LYS E 737 -56.02 35.97 22.07
CA LYS E 737 -56.59 35.11 21.06
C LYS E 737 -57.64 35.96 20.35
N ARG E 738 -58.34 36.77 21.14
CA ARG E 738 -59.20 37.84 20.62
C ARG E 738 -59.17 39.04 21.57
N ASP E 739 -59.04 40.25 21.03
CA ASP E 739 -59.03 40.48 19.59
C ASP E 739 -57.66 40.23 18.94
N GLU E 740 -57.63 39.23 18.06
CA GLU E 740 -56.56 39.06 17.09
C GLU E 740 -57.03 39.63 15.76
N ALA E 741 -58.19 40.29 15.79
CA ALA E 741 -58.85 40.76 14.59
C ALA E 741 -58.25 42.06 14.05
N ILE E 742 -57.24 42.60 14.72
CA ILE E 742 -56.54 43.77 14.22
C ILE E 742 -55.68 43.39 13.00
N GLU E 743 -55.81 44.15 11.93
CA GLU E 743 -55.24 43.74 10.64
C GLU E 743 -54.28 44.76 10.02
N PRO E 744 -53.31 44.24 9.25
CA PRO E 744 -52.41 45.07 8.44
C PRO E 744 -53.11 45.61 7.20
N PRO E 745 -52.60 46.68 6.61
CA PRO E 745 -53.23 47.22 5.41
C PRO E 745 -53.08 46.30 4.20
N PHE E 746 -52.11 45.40 4.26
CA PHE E 746 -51.89 44.44 3.17
C PHE E 746 -52.20 43.02 3.61
N SER E 747 -53.09 42.36 2.87
CA SER E 747 -53.29 40.94 3.05
C SER E 747 -51.97 40.27 2.72
N ALA E 748 -51.53 39.38 3.60
CA ALA E 748 -50.18 38.79 3.51
C ALA E 748 -49.88 38.19 2.14
N GLU E 749 -50.80 37.38 1.64
CA GLU E 749 -50.59 36.69 0.38
C GLU E 749 -50.52 37.65 -0.81
N GLN E 750 -51.25 38.76 -0.72
CA GLN E 750 -51.20 39.76 -1.77
C GLN E 750 -49.88 40.51 -1.69
N LEU E 751 -49.30 40.55 -0.49
CA LEU E 751 -47.97 41.12 -0.32
C LEU E 751 -46.97 40.19 -0.99
N ARG E 752 -47.18 38.88 -0.82
CA ARG E 752 -46.31 37.91 -1.47
C ARG E 752 -46.41 37.96 -3.00
N ARG E 753 -47.63 38.05 -3.54
CA ARG E 753 -47.78 38.11 -4.99
C ARG E 753 -47.28 39.46 -5.49
N TYR E 754 -47.35 40.47 -4.63
CA TYR E 754 -46.75 41.75 -4.97
C TYR E 754 -45.24 41.60 -5.05
N ILE E 755 -44.67 40.73 -4.22
CA ILE E 755 -43.24 40.50 -4.29
C ILE E 755 -42.88 39.72 -5.54
N LYS E 756 -43.62 38.65 -5.81
CA LYS E 756 -43.46 37.84 -7.00
C LYS E 756 -43.61 38.69 -8.26
N TYR E 757 -44.31 39.81 -8.12
CA TYR E 757 -44.31 40.85 -9.15
C TYR E 757 -43.09 41.77 -9.04
N ALA E 758 -42.65 42.01 -7.80
CA ALA E 758 -41.61 42.97 -7.51
C ALA E 758 -40.26 42.29 -7.67
N ARG E 759 -40.33 40.97 -7.83
CA ARG E 759 -39.15 40.18 -8.12
C ARG E 759 -38.84 40.21 -9.61
N THR E 760 -39.75 40.73 -10.41
CA THR E 760 -39.54 40.82 -11.86
C THR E 760 -38.63 41.99 -12.23
N PHE E 761 -38.72 43.06 -11.44
CA PHE E 761 -37.94 44.27 -11.71
C PHE E 761 -36.45 44.00 -11.69
N LYS E 762 -35.72 44.67 -12.59
CA LYS E 762 -34.27 44.73 -12.51
C LYS E 762 -33.84 46.18 -12.52
N PRO E 763 -34.18 46.92 -11.45
CA PRO E 763 -33.95 48.37 -11.41
C PRO E 763 -32.48 48.71 -11.32
N ILE E 764 -32.07 49.68 -12.12
CA ILE E 764 -30.67 50.08 -12.15
C ILE E 764 -30.55 51.59 -12.14
N LEU E 765 -29.78 52.11 -11.18
CA LEU E 765 -29.44 53.51 -11.25
C LEU E 765 -28.12 53.60 -11.99
N THR E 766 -28.21 54.05 -13.24
CA THR E 766 -27.05 54.49 -14.00
C THR E 766 -26.99 56.00 -13.83
N LYS E 767 -28.07 56.54 -13.27
CA LYS E 767 -28.33 57.98 -13.20
C LYS E 767 -27.16 58.75 -12.60
N GLU E 768 -26.89 59.92 -13.18
CA GLU E 768 -25.68 60.68 -12.87
C GLU E 768 -25.71 61.26 -11.46
N ALA E 769 -26.89 61.21 -10.83
CA ALA E 769 -27.03 61.69 -9.47
C ALA E 769 -26.51 60.63 -8.50
N ARG E 770 -25.99 59.52 -9.04
CA ARG E 770 -25.21 58.60 -8.21
C ARG E 770 -23.90 59.28 -7.84
N SER E 771 -23.59 60.37 -8.53
CA SER E 771 -22.53 61.27 -8.10
C SER E 771 -22.76 61.67 -6.65
N TYR E 772 -24.02 61.96 -6.31
CA TYR E 772 -24.39 62.28 -4.93
C TYR E 772 -24.06 61.12 -3.99
N LEU E 773 -24.14 59.89 -4.49
CA LEU E 773 -23.86 58.73 -3.65
C LEU E 773 -22.37 58.68 -3.33
N VAL E 774 -21.55 59.29 -4.19
CA VAL E 774 -20.12 59.37 -3.91
C VAL E 774 -19.88 60.26 -2.71
N GLU E 775 -20.33 61.51 -2.79
CA GLU E 775 -20.22 62.48 -1.71
C GLU E 775 -20.74 61.84 -0.44
N LYS E 776 -21.96 61.30 -0.53
CA LYS E 776 -22.55 60.57 0.57
C LYS E 776 -21.58 59.51 1.07
N TYR E 777 -21.16 58.60 0.21
CA TYR E 777 -20.24 57.57 0.67
C TYR E 777 -18.92 58.17 1.12
N LYS E 778 -18.51 59.25 0.48
CA LYS E 778 -17.32 59.93 0.93
C LYS E 778 -17.56 60.40 2.35
N GLU E 779 -18.67 61.10 2.52
CA GLU E 779 -18.99 61.62 3.85
C GLU E 779 -19.47 60.49 4.72
N LEU E 780 -19.62 59.30 4.14
CA LEU E 780 -19.90 58.12 4.95
C LEU E 780 -18.67 57.76 5.72
N ARG E 781 -17.48 57.90 5.12
CA ARG E 781 -16.27 57.56 5.85
C ARG E 781 -15.46 58.72 6.42
N LYS E 782 -15.88 59.96 6.13
CA LYS E 782 -15.18 61.13 6.67
C LYS E 782 -15.36 61.19 8.17
N ASP E 783 -16.53 60.74 8.61
CA ASP E 783 -16.91 60.69 10.01
C ASP E 783 -16.32 59.49 10.74
N ASP E 784 -16.42 58.31 10.14
CA ASP E 784 -15.88 57.09 10.74
C ASP E 784 -14.37 57.10 10.75
N ALA E 785 -13.80 58.09 10.06
CA ALA E 785 -12.36 58.25 9.95
C ALA E 785 -11.69 58.15 11.32
N GLN E 786 -12.22 58.85 12.31
CA GLN E 786 -11.72 58.69 13.68
C GLN E 786 -12.91 58.71 14.64
N GLY E 787 -12.94 57.78 15.60
CA GLY E 787 -11.91 56.76 15.76
C GLY E 787 -11.96 55.62 14.77
N PHE E 788 -10.85 54.89 14.67
CA PHE E 788 -10.82 53.68 13.87
C PHE E 788 -11.29 52.53 14.75
N SER E 789 -11.51 52.82 16.03
CA SER E 789 -12.17 51.91 16.98
C SER E 789 -13.65 52.22 17.08
N ARG E 790 -14.09 53.19 16.29
CA ARG E 790 -15.48 53.60 16.19
C ARG E 790 -16.22 52.60 15.33
N SER E 791 -17.32 53.06 14.75
CA SER E 791 -18.11 52.26 13.83
C SER E 791 -17.22 51.48 12.89
N SER E 792 -16.10 52.09 12.50
CA SER E 792 -15.05 51.42 11.76
C SER E 792 -14.57 50.12 12.47
N TYR E 793 -14.53 48.97 11.77
CA TYR E 793 -14.69 48.79 10.32
C TYR E 793 -13.70 49.65 9.54
N ARG E 794 -14.26 50.42 8.61
CA ARG E 794 -13.63 51.59 8.03
C ARG E 794 -14.55 52.85 8.09
N ILE E 795 -15.78 52.84 7.55
CA ILE E 795 -16.53 51.63 7.17
C ILE E 795 -16.17 51.13 5.78
N THR E 796 -16.29 49.82 5.67
CA THR E 796 -15.74 48.99 4.61
C THR E 796 -16.00 49.45 3.18
N VAL E 797 -15.02 49.26 2.28
CA VAL E 797 -15.21 49.55 0.85
C VAL E 797 -16.44 48.83 0.31
N ARG E 798 -16.71 47.66 0.90
CA ARG E 798 -17.90 46.91 0.61
C ARG E 798 -19.16 47.68 0.99
N GLN E 799 -19.09 48.57 1.97
CA GLN E 799 -20.30 49.32 2.38
C GLN E 799 -20.73 50.34 1.36
N LEU E 800 -19.92 50.55 0.34
CA LEU E 800 -20.36 51.33 -0.81
C LEU E 800 -21.21 50.45 -1.71
N GLU E 801 -20.72 49.24 -1.92
CA GLU E 801 -21.45 48.20 -2.64
C GLU E 801 -22.77 47.93 -1.91
N SER E 802 -22.73 48.08 -0.59
CA SER E 802 -23.85 47.82 0.30
C SER E 802 -24.79 48.98 0.15
N MET E 803 -24.19 50.17 0.11
CA MET E 803 -24.92 51.43 -0.10
C MET E 803 -25.79 51.33 -1.34
N ILE E 804 -25.21 50.69 -2.36
CA ILE E 804 -25.92 50.41 -3.60
C ILE E 804 -27.00 49.36 -3.40
N ARG E 805 -26.61 48.24 -2.81
CA ARG E 805 -27.50 47.08 -2.72
C ARG E 805 -28.69 47.35 -1.82
N LEU E 806 -28.64 48.48 -1.12
CA LEU E 806 -29.80 48.97 -0.38
C LEU E 806 -30.85 49.57 -1.31
N SER E 807 -30.42 50.51 -2.14
CA SER E 807 -31.34 51.18 -3.06
C SER E 807 -31.83 50.23 -4.15
N GLU E 808 -31.08 49.15 -4.37
CA GLU E 808 -31.56 48.06 -5.22
C GLU E 808 -32.97 47.64 -4.81
N ALA E 809 -33.13 47.31 -3.54
CA ALA E 809 -34.42 46.88 -3.00
C ALA E 809 -35.35 48.05 -2.75
N ILE E 810 -34.79 49.22 -2.45
CA ILE E 810 -35.62 50.42 -2.33
C ILE E 810 -36.42 50.65 -3.60
N ALA E 811 -35.80 50.32 -4.73
CA ALA E 811 -36.45 50.45 -6.02
C ALA E 811 -37.62 49.47 -6.17
N ARG E 812 -37.44 48.22 -5.77
CA ARG E 812 -38.52 47.23 -5.83
C ARG E 812 -39.64 47.65 -4.89
N ALA E 813 -39.27 48.38 -3.84
CA ALA E 813 -40.23 48.90 -2.89
C ALA E 813 -41.10 49.96 -3.54
N ASN E 814 -40.45 50.91 -4.22
CA ASN E 814 -41.18 51.98 -4.87
C ASN E 814 -41.55 51.65 -6.32
N CYS E 815 -41.09 50.49 -6.79
CA CYS E 815 -41.57 49.86 -8.03
C CYS E 815 -41.07 50.57 -9.30
N VAL E 816 -40.65 51.81 -9.14
CA VAL E 816 -39.98 52.56 -10.20
C VAL E 816 -38.51 52.16 -10.21
N ASP E 817 -37.84 52.31 -11.35
CA ASP E 817 -36.43 51.96 -11.46
C ASP E 817 -35.60 53.23 -11.57
N GLU E 818 -34.28 53.06 -11.72
CA GLU E 818 -33.30 54.15 -11.78
C GLU E 818 -33.08 54.86 -10.45
N ILE E 819 -33.90 54.52 -9.45
CA ILE E 819 -33.76 55.02 -8.08
C ILE E 819 -33.77 56.59 -8.09
N THR E 820 -33.04 57.26 -7.19
CA THR E 820 -33.11 58.72 -6.94
C THR E 820 -32.14 59.09 -5.81
N PRO E 821 -31.88 60.40 -5.60
CA PRO E 821 -31.12 60.75 -4.39
C PRO E 821 -31.87 60.47 -3.09
N SER E 822 -33.19 60.69 -3.12
CA SER E 822 -34.03 60.45 -1.94
C SER E 822 -33.99 58.99 -1.52
N PHE E 823 -34.13 58.10 -2.49
CA PHE E 823 -34.12 56.66 -2.23
C PHE E 823 -32.86 56.24 -1.50
N ILE E 824 -31.71 56.49 -2.10
CA ILE E 824 -30.47 56.14 -1.41
C ILE E 824 -30.35 56.85 -0.08
N ALA E 825 -30.80 58.10 -0.02
CA ALA E 825 -30.75 58.86 1.25
C ALA E 825 -31.40 58.07 2.38
N GLU E 826 -32.58 57.51 2.08
CA GLU E 826 -33.24 56.59 3.00
C GLU E 826 -32.24 55.58 3.54
N ALA E 827 -31.71 54.76 2.63
CA ALA E 827 -30.84 53.65 2.97
C ALA E 827 -29.53 54.03 3.66
N TYR E 828 -28.98 55.17 3.25
CA TYR E 828 -27.73 55.66 3.76
C TYR E 828 -27.89 56.03 5.21
N ASP E 829 -28.89 56.86 5.49
CA ASP E 829 -29.19 57.22 6.86
C ASP E 829 -29.59 55.96 7.63
N LEU E 830 -30.22 55.03 6.92
CA LEU E 830 -30.74 53.80 7.51
C LEU E 830 -29.60 52.92 8.00
N LEU E 831 -28.50 52.96 7.28
CA LEU E 831 -27.28 52.37 7.75
C LEU E 831 -26.83 53.19 8.93
N ARG E 832 -26.80 54.49 8.71
CA ARG E 832 -26.21 55.45 9.63
C ARG E 832 -26.69 55.25 11.07
N GLN E 833 -27.95 54.86 11.27
CA GLN E 833 -28.38 54.57 12.64
C GLN E 833 -27.64 53.40 13.25
N SER E 834 -27.52 52.31 12.50
CA SER E 834 -27.01 51.08 13.07
C SER E 834 -25.50 50.98 12.98
N ILE E 835 -24.92 51.95 12.28
CA ILE E 835 -23.52 52.24 12.43
C ILE E 835 -23.34 53.17 13.64
N ILE E 836 -24.37 53.98 13.93
CA ILE E 836 -24.42 54.82 15.13
C ILE E 836 -24.92 53.97 16.30
N ARG E 837 -25.51 52.82 15.99
CA ARG E 837 -25.81 51.87 17.05
C ARG E 837 -24.49 51.21 17.48
N VAL E 838 -23.46 51.39 16.65
CA VAL E 838 -22.10 50.98 16.98
C VAL E 838 -21.37 52.12 17.74
N ASP E 839 -21.95 53.33 17.68
CA ASP E 839 -21.34 54.58 18.22
C ASP E 839 -21.06 55.00 19.69
N VAL E 840 -22.00 54.79 20.62
CA VAL E 840 -21.86 55.20 22.01
C VAL E 840 -20.47 55.75 22.42
N ASP E 907 4.94 64.51 9.32
CA ASP E 907 3.84 63.94 10.11
C ASP E 907 4.22 63.81 11.58
N LYS E 908 5.12 64.69 12.03
CA LYS E 908 5.47 64.79 13.45
C LYS E 908 4.31 65.41 14.20
N TYR E 909 3.87 66.57 13.73
CA TYR E 909 2.80 67.33 14.37
C TYR E 909 1.43 66.86 13.89
N VAL E 910 1.43 65.90 12.98
CA VAL E 910 0.19 65.29 12.51
C VAL E 910 -0.29 64.29 13.57
N SER E 911 0.62 63.81 14.40
CA SER E 911 0.23 63.10 15.61
C SER E 911 -0.07 64.07 16.74
N MET E 912 0.49 65.28 16.64
CA MET E 912 0.28 66.29 17.67
C MET E 912 -0.99 67.10 17.48
N MET E 913 -1.30 67.48 16.24
CA MET E 913 -2.55 68.17 15.95
C MET E 913 -3.65 67.13 15.81
N ASN E 914 -3.26 65.87 15.71
CA ASN E 914 -4.19 64.76 15.86
C ASN E 914 -4.84 64.87 17.23
N MET E 915 -4.03 64.64 18.27
CA MET E 915 -4.51 64.54 19.64
C MET E 915 -4.68 65.90 20.35
N ILE E 916 -4.22 66.98 19.75
CA ILE E 916 -4.48 68.30 20.33
C ILE E 916 -5.97 68.59 20.25
N VAL E 917 -6.59 68.30 19.11
CA VAL E 917 -8.03 68.42 18.97
C VAL E 917 -8.75 67.08 19.24
N ARG E 918 -8.00 65.97 19.29
CA ARG E 918 -8.62 64.65 19.55
C ARG E 918 -8.84 64.38 21.03
N LYS E 919 -7.88 64.76 21.86
CA LYS E 919 -8.02 64.61 23.32
C LYS E 919 -9.29 65.33 23.72
N ILE E 920 -9.52 66.50 23.12
CA ILE E 920 -10.71 67.26 23.40
C ILE E 920 -11.90 66.62 22.66
N ALA E 921 -11.63 65.95 21.54
CA ALA E 921 -12.70 65.32 20.78
C ALA E 921 -13.39 64.24 21.59
N GLU E 922 -12.61 63.39 22.24
CA GLU E 922 -13.19 62.39 23.13
C GLU E 922 -13.54 62.96 24.49
N VAL E 923 -12.84 64.00 24.94
CA VAL E 923 -13.08 64.59 26.27
C VAL E 923 -13.77 65.96 26.49
N ASP E 924 -13.62 66.93 25.57
CA ASP E 924 -14.23 68.26 25.76
C ASP E 924 -15.75 68.31 25.58
N ARG E 925 -16.31 67.29 24.93
CA ARG E 925 -17.76 67.08 24.90
C ARG E 925 -18.28 66.37 26.17
N GLU E 926 -17.49 65.43 26.69
CA GLU E 926 -17.90 64.63 27.85
C GLU E 926 -17.47 65.27 29.17
N GLY E 927 -16.83 66.43 29.08
CA GLY E 927 -16.25 67.08 30.24
C GLY E 927 -15.77 68.47 29.87
N ALA E 928 -14.89 69.03 30.71
CA ALA E 928 -14.44 70.41 30.52
C ALA E 928 -13.35 70.56 29.46
N GLU E 929 -12.43 69.59 29.39
CA GLU E 929 -11.14 69.76 28.74
C GLU E 929 -10.36 70.88 29.42
N GLU E 930 -9.92 70.59 30.63
CA GLU E 930 -9.34 71.57 31.54
C GLU E 930 -8.25 70.90 32.37
N LEU E 931 -7.95 71.51 33.52
CA LEU E 931 -6.77 71.26 34.35
C LEU E 931 -5.50 71.73 33.67
N THR E 932 -4.46 70.90 33.72
CA THR E 932 -3.14 71.36 33.30
C THR E 932 -2.82 70.95 31.86
N ALA E 933 -1.67 71.41 31.38
CA ALA E 933 -1.23 71.11 30.02
C ALA E 933 -0.62 69.70 29.91
N VAL E 934 0.13 69.29 30.93
CA VAL E 934 0.92 68.05 30.84
C VAL E 934 0.15 66.78 31.21
N ASP E 935 -1.04 66.93 31.78
CA ASP E 935 -1.83 65.75 32.09
C ASP E 935 -2.28 65.13 30.77
N ILE E 936 -2.49 65.99 29.78
CA ILE E 936 -2.87 65.56 28.44
C ILE E 936 -1.77 64.73 27.81
N VAL E 937 -0.56 64.87 28.35
CA VAL E 937 0.57 64.05 27.94
C VAL E 937 0.55 62.68 28.63
N ASP E 938 0.09 62.64 29.88
CA ASP E 938 0.34 61.46 30.72
C ASP E 938 -0.50 60.21 30.41
N TRP E 939 -1.77 60.40 30.08
CA TRP E 939 -2.60 59.29 29.61
C TRP E 939 -2.18 58.93 28.19
N TYR E 940 -1.46 59.87 27.56
CA TYR E 940 -0.99 59.69 26.21
C TYR E 940 0.28 58.83 26.16
N LEU E 941 1.09 58.85 27.23
CA LEU E 941 2.27 57.97 27.31
C LEU E 941 1.85 56.52 27.50
N LEU E 942 0.56 56.36 27.77
CA LEU E 942 -0.09 55.06 27.86
C LEU E 942 -0.32 54.49 26.47
N GLN E 943 -1.12 55.21 25.68
CA GLN E 943 -1.56 54.68 24.39
C GLN E 943 -0.57 54.96 23.26
N LYS E 944 0.44 55.80 23.51
CA LYS E 944 1.42 56.11 22.48
C LYS E 944 2.41 54.96 22.33
N GLU E 945 2.82 54.39 23.45
CA GLU E 945 3.96 53.46 23.49
C GLU E 945 3.63 52.16 22.80
N ASN E 946 2.34 51.85 22.73
CA ASN E 946 1.95 50.55 22.27
C ASN E 946 1.92 50.43 20.74
N ASP E 947 1.60 51.52 20.04
CA ASP E 947 1.63 51.47 18.58
C ASP E 947 2.89 52.09 17.93
N LEU E 948 3.81 52.62 18.74
CA LEU E 948 5.04 53.19 18.17
C LEU E 948 6.09 52.09 17.99
N GLY E 949 6.94 52.27 16.98
CA GLY E 949 7.83 51.20 16.55
C GLY E 949 9.30 51.24 16.94
N SER E 950 9.66 52.06 17.92
CA SER E 950 11.04 52.13 18.42
C SER E 950 11.10 52.85 19.76
N LEU E 951 12.30 53.04 20.28
CA LEU E 951 12.51 53.93 21.42
C LEU E 951 12.56 55.37 20.92
N ALA E 952 12.93 55.54 19.65
CA ALA E 952 13.00 56.85 19.03
C ALA E 952 11.59 57.36 18.72
N GLU E 953 10.71 56.43 18.35
CA GLU E 953 9.32 56.77 18.07
C GLU E 953 8.56 56.91 19.38
N TYR E 954 9.20 56.54 20.49
CA TYR E 954 8.65 56.77 21.83
C TYR E 954 8.96 58.18 22.30
N TRP E 955 10.14 58.65 21.94
CA TRP E 955 10.65 59.93 22.40
C TRP E 955 10.06 61.12 21.64
N GLU E 956 9.70 60.91 20.38
CA GLU E 956 8.99 61.92 19.62
C GLU E 956 7.51 61.80 19.92
N GLU E 957 7.18 60.84 20.78
CA GLU E 957 5.89 60.85 21.43
C GLU E 957 6.05 61.44 22.83
N ARG E 958 7.27 61.87 23.16
CA ARG E 958 7.49 62.55 24.43
C ARG E 958 7.82 64.01 24.21
N ARG E 959 8.96 64.26 23.59
CA ARG E 959 9.43 65.63 23.44
C ARG E 959 8.53 66.41 22.50
N LEU E 960 7.71 65.72 21.71
CA LEU E 960 6.73 66.40 20.85
C LEU E 960 5.46 66.76 21.63
N ALA E 961 5.14 65.94 22.62
CA ALA E 961 4.02 66.22 23.50
C ALA E 961 4.48 67.26 24.51
N PHE E 962 5.78 67.51 24.55
CA PHE E 962 6.34 68.68 25.20
C PHE E 962 6.38 69.91 24.28
N LYS E 963 6.75 69.69 23.01
CA LYS E 963 7.10 70.75 22.07
C LYS E 963 5.87 71.48 21.53
N VAL E 964 4.76 70.75 21.44
CA VAL E 964 3.51 71.32 20.99
C VAL E 964 2.77 71.94 22.17
N ILE E 965 3.16 71.55 23.38
CA ILE E 965 2.61 72.17 24.57
C ILE E 965 3.16 73.58 24.71
N LYS E 966 4.46 73.76 24.52
CA LYS E 966 5.05 75.09 24.57
C LYS E 966 4.86 75.83 23.24
N ARG E 967 4.32 75.12 22.25
CA ARG E 967 3.87 75.74 21.00
C ARG E 967 2.53 76.43 21.21
N LEU E 968 1.62 75.76 21.91
CA LEU E 968 0.29 76.30 22.18
C LEU E 968 0.25 76.99 23.55
N VAL E 969 1.39 77.01 24.25
CA VAL E 969 1.52 77.80 25.48
C VAL E 969 2.43 78.99 25.25
N ALA F 4 -15.77 -54.03 -12.10
CA ALA F 4 -16.81 -53.12 -11.65
C ALA F 4 -17.23 -53.44 -10.23
N LEU F 5 -16.80 -52.60 -9.29
CA LEU F 5 -17.04 -52.83 -7.87
C LEU F 5 -16.55 -54.24 -7.46
N PRO F 6 -15.24 -54.39 -7.29
CA PRO F 6 -14.71 -55.63 -6.71
C PRO F 6 -15.36 -55.94 -5.36
N SER F 7 -15.48 -57.23 -5.05
CA SER F 7 -16.21 -57.68 -3.86
C SER F 7 -15.43 -58.78 -3.13
N ILE F 8 -15.25 -58.63 -1.81
CA ILE F 8 -14.38 -59.53 -1.05
C ILE F 8 -14.99 -60.01 0.27
N GLN F 9 -14.92 -61.32 0.51
CA GLN F 9 -15.46 -61.92 1.72
C GLN F 9 -14.83 -61.37 2.99
N LEU F 10 -15.63 -61.32 4.05
CA LEU F 10 -15.15 -60.94 5.37
C LEU F 10 -15.88 -61.73 6.44
N PRO F 11 -15.20 -62.00 7.56
CA PRO F 11 -15.77 -62.78 8.67
C PRO F 11 -17.11 -62.23 9.18
N VAL F 12 -17.36 -60.95 8.95
CA VAL F 12 -18.61 -60.32 9.36
C VAL F 12 -19.79 -60.77 8.51
N ASP F 13 -20.82 -61.30 9.15
CA ASP F 13 -22.03 -61.75 8.48
C ASP F 13 -23.28 -61.40 9.30
N TYR F 14 -24.25 -60.74 8.66
CA TYR F 14 -25.45 -60.25 9.35
C TYR F 14 -26.47 -61.36 9.60
N ASN F 15 -26.37 -62.40 8.76
CA ASN F 15 -27.31 -63.51 8.71
C ASN F 15 -27.67 -64.10 10.07
N ASN F 16 -26.70 -64.68 10.76
CA ASN F 16 -26.93 -65.30 12.05
C ASN F 16 -27.12 -64.30 13.19
N LEU F 17 -26.42 -63.17 13.09
CA LEU F 17 -26.51 -62.11 14.08
C LEU F 17 -27.95 -61.64 14.27
N PHE F 18 -28.70 -61.59 13.17
CA PHE F 18 -30.13 -61.33 13.26
C PHE F 18 -30.82 -62.28 14.26
N ASN F 19 -30.58 -63.58 14.09
CA ASN F 19 -31.13 -64.59 14.99
C ASN F 19 -30.69 -64.35 16.43
N GLU F 20 -29.40 -64.04 16.60
CA GLU F 20 -28.89 -63.73 17.93
C GLU F 20 -29.64 -62.56 18.54
N ILE F 21 -30.07 -61.63 17.70
CA ILE F 21 -30.85 -60.50 18.17
C ILE F 21 -32.25 -60.93 18.60
N THR F 22 -32.83 -61.86 17.86
CA THR F 22 -34.13 -62.41 18.26
C THR F 22 -34.03 -63.08 19.64
N ASP F 23 -32.96 -63.85 19.85
CA ASP F 23 -32.78 -64.52 21.14
C ASP F 23 -32.28 -63.57 22.21
N PHE F 24 -31.82 -62.39 21.80
CA PHE F 24 -31.28 -61.39 22.71
C PHE F 24 -32.44 -60.68 23.38
N LEU F 25 -33.49 -60.47 22.61
CA LEU F 25 -34.68 -59.78 23.10
C LEU F 25 -35.78 -60.79 23.41
N VAL F 26 -36.48 -60.52 24.51
CA VAL F 26 -37.62 -61.30 25.00
C VAL F 26 -37.16 -62.60 25.67
N THR F 27 -35.94 -63.05 25.38
CA THR F 27 -35.39 -64.18 26.11
C THR F 27 -34.18 -63.77 26.93
N PHE F 28 -34.37 -63.70 28.24
CA PHE F 28 -33.35 -63.26 29.19
C PHE F 28 -33.96 -63.26 30.59
N LYS F 29 -33.12 -63.14 31.63
CA LYS F 29 -33.63 -63.19 33.00
C LYS F 29 -33.14 -62.03 33.88
N GLN F 30 -31.82 -61.92 34.05
CA GLN F 30 -31.18 -61.13 35.11
C GLN F 30 -31.76 -59.73 35.31
N ASP F 31 -32.19 -59.09 34.23
CA ASP F 31 -32.86 -57.80 34.32
C ASP F 31 -34.27 -57.88 33.77
N GLY F 60 -40.59 -61.13 35.04
CA GLY F 60 -40.15 -61.44 33.70
C GLY F 60 -39.02 -60.54 33.22
N PRO F 61 -38.46 -60.86 32.04
CA PRO F 61 -37.36 -60.11 31.42
C PRO F 61 -37.75 -58.69 31.01
N LYS F 62 -36.73 -57.86 30.78
CA LYS F 62 -36.94 -56.45 30.45
C LYS F 62 -37.38 -56.24 29.00
N TYR F 63 -37.07 -57.21 28.15
CA TYR F 63 -37.28 -57.03 26.72
C TYR F 63 -38.65 -57.47 26.22
N MET F 64 -39.39 -58.20 27.05
CA MET F 64 -40.72 -58.72 26.69
C MET F 64 -41.97 -57.86 26.96
N ALA F 65 -42.04 -57.22 28.13
CA ALA F 65 -43.19 -56.40 28.50
C ALA F 65 -42.91 -54.89 28.48
N MET F 66 -41.64 -54.51 28.40
CA MET F 66 -41.32 -53.09 28.23
C MET F 66 -41.51 -52.72 26.77
N LEU F 67 -41.12 -53.64 25.90
CA LEU F 67 -41.42 -53.58 24.48
C LEU F 67 -42.93 -53.43 24.33
N GLN F 68 -43.66 -54.17 25.16
CA GLN F 68 -45.11 -54.07 25.20
C GLN F 68 -45.52 -52.68 25.63
N LYS F 69 -44.88 -52.17 26.69
CA LYS F 69 -45.22 -50.86 27.24
C LYS F 69 -45.01 -49.76 26.22
N VAL F 70 -44.11 -50.02 25.28
CA VAL F 70 -43.99 -49.17 24.11
C VAL F 70 -45.20 -49.38 23.20
N ALA F 71 -45.50 -50.65 22.91
CA ALA F 71 -46.68 -50.97 22.13
C ALA F 71 -47.95 -50.67 22.93
N ASN F 72 -47.80 -50.61 24.26
CA ASN F 72 -48.89 -50.18 25.15
C ASN F 72 -49.06 -48.67 25.16
N ARG F 73 -48.07 -47.98 24.59
CA ARG F 73 -48.03 -46.52 24.49
C ARG F 73 -47.89 -45.79 25.84
N GLU F 74 -47.21 -46.40 26.80
CA GLU F 74 -46.82 -45.67 28.01
C GLU F 74 -45.37 -45.19 27.95
N LEU F 75 -44.67 -45.58 26.90
CA LEU F 75 -43.25 -45.21 26.75
C LEU F 75 -42.85 -45.20 25.27
N ASN F 76 -41.87 -44.35 24.95
CA ASN F 76 -41.36 -44.24 23.57
C ASN F 76 -39.93 -44.75 23.33
N SER F 77 -38.99 -44.28 24.17
CA SER F 77 -37.60 -44.69 24.07
C SER F 77 -37.38 -46.16 24.39
N VAL F 78 -36.73 -46.87 23.49
CA VAL F 78 -36.28 -48.22 23.78
C VAL F 78 -34.83 -48.16 24.20
N ILE F 79 -34.56 -48.36 25.48
CA ILE F 79 -33.20 -48.25 25.95
C ILE F 79 -32.56 -49.63 25.91
N ILE F 80 -31.63 -49.82 24.98
CA ILE F 80 -30.92 -51.08 24.87
C ILE F 80 -29.49 -50.89 25.33
N ASP F 81 -29.19 -51.43 26.50
CA ASP F 81 -27.89 -51.21 27.14
C ASP F 81 -26.82 -52.10 26.55
N LEU F 82 -25.61 -51.56 26.43
CA LEU F 82 -24.45 -52.37 26.08
C LEU F 82 -24.13 -53.28 27.28
N ASP F 83 -24.57 -52.84 28.45
CA ASP F 83 -24.47 -53.62 29.69
C ASP F 83 -25.02 -55.03 29.53
N ASP F 84 -26.27 -55.11 29.12
CA ASP F 84 -26.92 -56.40 28.97
C ASP F 84 -26.49 -57.09 27.71
N ILE F 85 -25.83 -56.39 26.80
CA ILE F 85 -25.25 -57.09 25.68
C ILE F 85 -24.06 -57.91 26.20
N LEU F 86 -23.32 -57.29 27.11
CA LEU F 86 -22.24 -57.96 27.82
C LEU F 86 -22.74 -59.12 28.71
N GLN F 87 -23.74 -58.86 29.55
CA GLN F 87 -24.27 -59.88 30.47
C GLN F 87 -24.96 -61.01 29.71
N TYR F 88 -25.54 -60.65 28.57
CA TYR F 88 -26.19 -61.63 27.72
C TYR F 88 -25.17 -62.48 26.99
N GLN F 89 -24.01 -61.90 26.69
CA GLN F 89 -22.93 -62.73 26.18
C GLN F 89 -22.29 -63.53 27.32
N ASN F 90 -22.55 -63.12 28.56
CA ASN F 90 -22.22 -63.96 29.70
C ASN F 90 -23.17 -65.13 29.73
N GLU F 91 -24.39 -64.93 29.22
CA GLU F 91 -25.31 -66.04 29.04
C GLU F 91 -25.02 -66.83 27.76
N LYS F 92 -24.31 -66.20 26.80
CA LYS F 92 -24.04 -66.78 25.49
C LYS F 92 -22.64 -67.36 25.32
N PHE F 93 -21.84 -67.32 26.36
CA PHE F 93 -20.50 -67.89 26.30
C PHE F 93 -20.18 -68.83 27.46
N LEU F 94 -20.27 -68.31 28.68
CA LEU F 94 -19.59 -68.90 29.84
C LEU F 94 -19.84 -70.39 30.20
N GLN F 95 -21.05 -70.93 30.41
CA GLN F 95 -22.42 -70.54 30.01
C GLN F 95 -22.58 -70.45 28.49
N GLY F 96 -22.19 -71.52 27.80
CA GLY F 96 -22.28 -71.60 26.36
C GLY F 96 -23.70 -71.81 25.85
N THR F 97 -23.83 -72.11 24.56
CA THR F 97 -22.70 -72.25 23.65
C THR F 97 -22.20 -70.89 23.16
N GLN F 98 -20.91 -70.83 22.83
CA GLN F 98 -20.23 -69.59 22.45
C GLN F 98 -20.92 -68.84 21.32
N ALA F 99 -20.92 -67.51 21.42
CA ALA F 99 -21.58 -66.66 20.44
C ALA F 99 -20.64 -65.60 19.88
N ASP F 100 -20.94 -65.12 18.67
CA ASP F 100 -20.12 -64.12 18.00
C ASP F 100 -20.18 -62.77 18.70
N ASP F 101 -19.16 -61.95 18.45
CA ASP F 101 -18.98 -60.68 19.16
C ASP F 101 -20.12 -59.68 18.94
N LEU F 102 -20.41 -58.90 19.98
CA LEU F 102 -21.53 -57.97 19.93
C LEU F 102 -21.14 -56.50 20.18
N VAL F 103 -20.89 -56.15 21.43
CA VAL F 103 -20.60 -54.74 21.80
C VAL F 103 -19.44 -54.18 21.00
N SER F 104 -18.44 -55.01 20.73
CA SER F 104 -17.31 -54.58 19.91
C SER F 104 -17.73 -54.49 18.45
N ALA F 105 -18.50 -55.46 17.97
CA ALA F 105 -19.05 -55.39 16.62
C ALA F 105 -20.00 -54.21 16.50
N ILE F 106 -20.71 -53.93 17.59
CA ILE F 106 -21.56 -52.76 17.69
C ILE F 106 -20.78 -51.45 17.53
N GLN F 107 -19.88 -51.16 18.46
CA GLN F 107 -19.21 -49.87 18.49
C GLN F 107 -18.21 -49.73 17.34
N GLN F 108 -17.99 -50.81 16.59
CA GLN F 108 -17.12 -50.77 15.42
C GLN F 108 -17.91 -50.40 14.16
N ASN F 109 -19.23 -50.48 14.24
CA ASN F 109 -20.11 -50.18 13.11
C ASN F 109 -21.14 -49.11 13.49
N ALA F 110 -21.94 -49.45 14.50
CA ALA F 110 -22.78 -48.52 15.25
C ALA F 110 -24.07 -48.09 14.59
N ASN F 111 -24.11 -48.11 13.25
CA ASN F 111 -25.31 -47.67 12.54
C ASN F 111 -26.32 -48.73 12.10
N HIS F 112 -25.81 -49.82 11.52
CA HIS F 112 -26.63 -50.92 11.04
C HIS F 112 -27.42 -51.63 12.15
N PHE F 113 -26.89 -51.59 13.36
CA PHE F 113 -27.54 -52.26 14.48
C PHE F 113 -28.83 -51.58 14.94
N THR F 114 -29.13 -50.39 14.44
CA THR F 114 -30.45 -49.81 14.68
C THR F 114 -31.41 -50.13 13.53
N GLU F 115 -30.87 -50.63 12.42
CA GLU F 115 -31.70 -50.99 11.27
C GLU F 115 -31.99 -52.48 11.19
N LEU F 116 -31.40 -53.25 12.11
CA LEU F 116 -31.50 -54.70 12.08
C LEU F 116 -31.96 -55.23 13.44
N PHE F 117 -31.16 -54.96 14.47
CA PHE F 117 -31.51 -55.28 15.84
C PHE F 117 -32.90 -54.75 16.18
N CYS F 118 -33.23 -53.58 15.65
CA CYS F 118 -34.54 -52.98 15.84
C CYS F 118 -35.61 -53.49 14.85
N ARG F 119 -35.20 -53.97 13.68
CA ARG F 119 -36.18 -54.36 12.66
C ARG F 119 -36.92 -55.66 13.03
N ALA F 120 -36.23 -56.54 13.78
CA ALA F 120 -36.82 -57.79 14.21
C ALA F 120 -37.82 -57.59 15.35
N ILE F 121 -37.74 -56.43 15.98
CA ILE F 121 -38.61 -56.08 17.09
C ILE F 121 -40.07 -56.13 16.65
N ASP F 122 -40.31 -55.89 15.37
CA ASP F 122 -41.64 -55.95 14.79
C ASP F 122 -42.27 -57.35 14.93
N ASN F 123 -41.42 -58.38 14.86
CA ASN F 123 -41.91 -59.76 14.89
C ASN F 123 -42.55 -60.18 16.22
N ASN F 124 -41.84 -60.00 17.32
CA ASN F 124 -42.32 -60.51 18.61
C ASN F 124 -43.10 -59.48 19.45
N MET F 125 -43.33 -58.29 18.89
CA MET F 125 -44.09 -57.27 19.58
C MET F 125 -45.52 -57.72 19.83
N PRO F 126 -46.00 -57.56 21.08
CA PRO F 126 -47.36 -57.93 21.50
C PRO F 126 -48.46 -57.26 20.68
N LEU F 127 -49.44 -58.06 20.28
CA LEU F 127 -50.53 -57.59 19.42
C LEU F 127 -51.56 -56.64 20.04
N PRO F 128 -52.16 -56.98 21.20
CA PRO F 128 -53.45 -56.34 21.48
C PRO F 128 -53.46 -54.78 21.60
N THR F 129 -52.57 -54.10 22.32
CA THR F 129 -51.63 -54.65 23.31
C THR F 129 -52.34 -54.61 24.65
N LYS F 130 -52.66 -53.41 25.11
CA LYS F 130 -53.79 -53.22 26.00
C LYS F 130 -54.32 -51.81 25.79
N GLU F 131 -55.64 -51.65 25.81
CA GLU F 131 -56.34 -50.36 25.77
C GLU F 131 -55.79 -49.34 24.75
N ILE F 132 -55.64 -49.76 23.49
CA ILE F 132 -55.09 -48.89 22.45
C ILE F 132 -55.95 -47.67 22.14
N ASP F 133 -57.26 -47.81 22.32
CA ASP F 133 -58.29 -46.93 21.77
C ASP F 133 -58.09 -46.69 20.27
N TYR F 134 -58.53 -45.54 19.79
CA TYR F 134 -58.11 -45.03 18.48
C TYR F 134 -57.95 -43.50 18.51
N LYS F 135 -59.07 -42.78 18.62
CA LYS F 135 -59.06 -41.35 18.90
C LYS F 135 -60.09 -40.97 19.97
N ASP F 136 -59.66 -40.45 21.13
CA ASP F 136 -58.29 -40.44 21.67
C ASP F 136 -57.23 -39.72 20.82
N ASP F 137 -56.20 -40.47 20.42
CA ASP F 137 -55.03 -39.91 19.77
C ASP F 137 -55.28 -39.51 18.31
N VAL F 138 -54.81 -38.33 17.95
CA VAL F 138 -54.88 -37.84 16.58
C VAL F 138 -53.83 -38.57 15.75
N LEU F 139 -54.21 -38.92 14.52
CA LEU F 139 -53.40 -39.67 13.56
C LEU F 139 -53.29 -41.15 13.93
N ASP F 140 -53.62 -41.49 15.17
CA ASP F 140 -53.64 -42.89 15.56
C ASP F 140 -54.75 -43.55 14.76
N VAL F 141 -55.89 -42.87 14.70
CA VAL F 141 -56.96 -43.25 13.79
C VAL F 141 -56.56 -43.07 12.34
N ILE F 142 -55.65 -42.15 12.08
CA ILE F 142 -55.21 -41.94 10.70
C ILE F 142 -54.50 -43.19 10.23
N LEU F 143 -53.50 -43.67 10.97
CA LEU F 143 -52.76 -44.86 10.55
C LEU F 143 -53.60 -46.13 10.67
N ASN F 144 -54.42 -46.20 11.71
CA ASN F 144 -55.38 -47.28 11.89
C ASN F 144 -56.23 -47.44 10.63
N GLN F 145 -56.80 -46.33 10.19
CA GLN F 145 -57.66 -46.31 9.01
C GLN F 145 -56.82 -46.21 7.75
N ARG F 146 -55.52 -46.06 7.92
CA ARG F 146 -54.56 -46.00 6.81
C ARG F 146 -54.46 -47.40 6.33
N ARG F 147 -54.04 -48.28 7.22
CA ARG F 147 -53.92 -49.69 6.90
C ARG F 147 -55.26 -50.41 6.87
N LEU F 148 -56.30 -49.84 7.48
CA LEU F 148 -57.60 -50.46 7.29
C LEU F 148 -58.17 -50.05 5.94
N ARG F 149 -58.00 -48.80 5.53
CA ARG F 149 -58.46 -48.44 4.19
C ARG F 149 -57.50 -49.01 3.15
N ASN F 150 -56.28 -49.35 3.57
CA ASN F 150 -55.26 -49.85 2.67
C ASN F 150 -55.54 -51.30 2.36
N GLU F 151 -55.82 -52.05 3.43
CA GLU F 151 -56.13 -53.46 3.31
C GLU F 151 -57.52 -53.64 2.70
N ARG F 152 -58.43 -52.72 2.99
CA ARG F 152 -59.78 -52.79 2.45
C ARG F 152 -59.82 -52.36 0.99
N MET F 153 -58.96 -51.41 0.61
CA MET F 153 -58.82 -51.09 -0.81
C MET F 153 -57.90 -52.12 -1.47
N LEU F 154 -57.13 -52.83 -0.65
CA LEU F 154 -56.36 -53.98 -1.15
C LEU F 154 -57.23 -55.23 -1.08
N SER F 155 -58.34 -55.17 -0.34
CA SER F 155 -59.25 -56.30 -0.23
C SER F 155 -60.19 -56.37 -1.44
N ASP F 156 -60.46 -55.22 -2.05
CA ASP F 156 -61.33 -55.18 -3.23
C ASP F 156 -60.57 -55.62 -4.48
N ARG F 157 -59.26 -55.35 -4.49
CA ARG F 157 -58.41 -55.68 -5.63
C ARG F 157 -58.02 -57.16 -5.63
N THR F 158 -57.97 -57.77 -4.45
CA THR F 158 -57.60 -59.18 -4.32
C THR F 158 -58.84 -60.08 -4.32
N ASN F 159 -60.02 -59.46 -4.38
CA ASN F 159 -61.27 -60.21 -4.36
C ASN F 159 -61.95 -60.22 -5.72
N GLU F 190 -43.88 -53.75 -0.77
CA GLU F 190 -45.21 -54.22 -1.16
C GLU F 190 -46.24 -53.88 -0.09
N LEU F 191 -45.76 -53.27 0.99
CA LEU F 191 -46.60 -52.86 2.09
C LEU F 191 -45.91 -51.67 2.74
N PHE F 192 -46.64 -50.89 3.53
CA PHE F 192 -46.06 -49.72 4.19
C PHE F 192 -44.84 -50.17 4.99
N PRO F 193 -43.67 -49.55 4.76
CA PRO F 193 -42.42 -50.01 5.37
C PRO F 193 -42.51 -50.08 6.89
N PRO F 194 -41.81 -51.05 7.52
CA PRO F 194 -41.91 -51.28 8.95
C PRO F 194 -41.51 -50.07 9.79
N ASN F 195 -40.64 -49.24 9.24
CA ASN F 195 -40.20 -48.02 9.91
C ASN F 195 -41.30 -46.97 9.99
N LEU F 196 -42.35 -47.16 9.19
CA LEU F 196 -43.48 -46.23 9.18
C LEU F 196 -44.28 -46.30 10.47
N THR F 197 -44.59 -47.52 10.91
CA THR F 197 -45.26 -47.68 12.20
C THR F 197 -44.26 -48.10 13.26
N ARG F 198 -43.89 -47.15 14.10
CA ARG F 198 -42.96 -47.42 15.18
C ARG F 198 -43.42 -46.82 16.50
N ARG F 199 -43.36 -45.49 16.55
CA ARG F 199 -43.64 -44.70 17.75
C ARG F 199 -42.70 -45.07 18.89
N TYR F 200 -41.55 -45.65 18.56
CA TYR F 200 -40.50 -45.87 19.55
C TYR F 200 -39.08 -45.68 19.00
N PHE F 201 -38.31 -44.84 19.67
CA PHE F 201 -36.90 -44.68 19.39
C PHE F 201 -36.01 -45.69 20.11
N LEU F 202 -34.83 -45.96 19.54
CA LEU F 202 -33.87 -46.87 20.16
C LEU F 202 -32.56 -46.19 20.56
N TYR F 203 -32.29 -46.20 21.86
CA TYR F 203 -31.10 -45.59 22.47
C TYR F 203 -30.18 -46.63 23.08
N PHE F 204 -28.97 -46.75 22.54
CA PHE F 204 -27.93 -47.54 23.19
C PHE F 204 -27.32 -46.71 24.32
N LYS F 205 -26.89 -47.38 25.39
CA LYS F 205 -26.22 -46.71 26.49
C LYS F 205 -24.85 -47.36 26.72
N PRO F 206 -23.87 -46.59 27.23
CA PRO F 206 -22.50 -47.10 27.34
C PRO F 206 -22.28 -48.08 28.48
N LEU F 207 -21.24 -48.89 28.37
CA LEU F 207 -20.76 -49.70 29.48
C LEU F 207 -19.42 -49.13 29.94
N SER F 208 -19.36 -48.61 31.17
CA SER F 208 -18.15 -47.94 31.66
C SER F 208 -16.90 -48.86 31.61
N GLN F 209 -16.88 -50.06 32.23
CA GLN F 209 -17.87 -50.58 33.17
C GLN F 209 -17.18 -51.47 34.20
N ASN F 210 -17.76 -51.53 35.39
CA ASN F 210 -17.27 -52.41 36.44
C ASN F 210 -17.52 -53.87 36.06
N CYS F 211 -18.55 -54.11 35.27
CA CYS F 211 -18.82 -55.45 34.74
C CYS F 211 -18.28 -55.64 33.32
N ALA F 212 -17.68 -54.59 32.75
CA ALA F 212 -16.94 -54.72 31.49
C ALA F 212 -15.62 -55.43 31.78
N ARG F 213 -15.39 -55.62 33.06
CA ARG F 213 -14.18 -56.23 33.59
C ARG F 213 -14.32 -57.74 33.65
N ARG F 214 -15.33 -58.24 32.94
CA ARG F 214 -15.55 -59.68 32.75
C ARG F 214 -14.34 -60.59 32.41
N TYR F 215 -13.39 -60.21 31.54
CA TYR F 215 -13.31 -58.96 30.80
C TYR F 215 -13.09 -59.13 29.31
N ARG F 216 -13.52 -58.13 28.56
CA ARG F 216 -13.15 -58.02 27.16
C ARG F 216 -11.99 -57.03 26.99
N LYS F 217 -11.57 -56.43 28.11
CA LYS F 217 -10.48 -55.44 28.16
C LYS F 217 -10.60 -54.35 27.09
N LYS F 218 -9.63 -54.29 26.18
CA LYS F 218 -9.47 -53.17 25.26
C LYS F 218 -10.71 -52.70 24.54
N ALA F 219 -11.61 -53.64 24.27
CA ALA F 219 -12.75 -53.36 23.42
C ALA F 219 -13.68 -52.31 24.00
N ILE F 220 -13.38 -51.85 25.22
CA ILE F 220 -14.26 -50.89 25.84
C ILE F 220 -13.84 -49.46 25.50
N SER F 221 -14.62 -48.84 24.62
CA SER F 221 -14.70 -47.40 24.60
C SER F 221 -16.18 -47.01 24.53
N SER F 222 -16.75 -46.58 25.64
CA SER F 222 -15.97 -46.47 26.87
C SER F 222 -15.52 -45.06 27.23
N LYS F 223 -14.22 -44.79 27.08
CA LYS F 223 -13.66 -43.49 27.44
C LYS F 223 -14.25 -42.32 26.65
N PRO F 224 -14.50 -41.24 27.38
CA PRO F 224 -15.06 -39.99 26.85
C PRO F 224 -13.98 -39.13 26.23
N LEU F 225 -13.35 -39.65 25.18
CA LEU F 225 -12.19 -39.01 24.58
C LEU F 225 -12.49 -37.63 23.99
N SER F 226 -11.47 -36.79 23.97
CA SER F 226 -11.55 -35.46 23.37
C SER F 226 -11.69 -35.54 21.85
N VAL F 227 -12.13 -34.46 21.24
CA VAL F 227 -12.29 -34.43 19.80
C VAL F 227 -10.91 -34.38 19.11
N ARG F 228 -9.91 -33.89 19.82
CA ARG F 228 -8.54 -34.01 19.33
C ARG F 228 -8.20 -35.48 19.22
N GLN F 229 -8.66 -36.25 20.20
CA GLN F 229 -8.48 -37.68 20.20
C GLN F 229 -9.34 -38.33 19.11
N ILE F 230 -10.42 -37.65 18.72
CA ILE F 230 -11.29 -38.16 17.66
C ILE F 230 -10.51 -38.26 16.34
N LYS F 231 -10.80 -39.31 15.58
CA LYS F 231 -9.99 -39.74 14.46
C LYS F 231 -10.87 -40.09 13.25
N GLY F 232 -10.25 -40.22 12.08
CA GLY F 232 -10.96 -40.58 10.87
C GLY F 232 -11.41 -42.03 10.76
N ASP F 233 -10.77 -42.91 11.53
CA ASP F 233 -11.18 -44.31 11.54
C ASP F 233 -12.36 -44.52 12.48
N PHE F 234 -12.76 -43.44 13.13
CA PHE F 234 -13.87 -43.49 14.08
C PHE F 234 -15.21 -43.31 13.37
N LEU F 235 -15.15 -43.07 12.06
CA LEU F 235 -16.37 -43.01 11.28
C LEU F 235 -17.03 -44.37 11.35
N GLY F 236 -18.34 -44.38 11.59
CA GLY F 236 -19.07 -45.60 11.78
C GLY F 236 -18.69 -46.31 13.07
N GLN F 237 -18.46 -45.55 14.12
CA GLN F 237 -18.11 -46.17 15.39
C GLN F 237 -18.86 -45.52 16.55
N LEU F 238 -19.57 -46.34 17.32
CA LEU F 238 -20.36 -45.84 18.44
C LEU F 238 -19.45 -45.62 19.62
N ILE F 239 -19.33 -44.37 20.05
CA ILE F 239 -18.40 -44.05 21.11
C ILE F 239 -18.93 -43.01 22.08
N THR F 240 -18.23 -42.94 23.21
CA THR F 240 -18.39 -41.89 24.21
C THR F 240 -17.50 -40.68 23.91
N VAL F 241 -18.07 -39.49 24.08
CA VAL F 241 -17.34 -38.23 23.98
C VAL F 241 -17.85 -37.32 25.09
N ARG F 242 -16.97 -36.50 25.65
CA ARG F 242 -17.42 -35.57 26.67
C ARG F 242 -17.04 -34.15 26.27
N GLY F 243 -17.85 -33.18 26.70
CA GLY F 243 -17.56 -31.79 26.40
C GLY F 243 -18.74 -30.87 26.66
N ILE F 244 -18.51 -29.58 26.50
CA ILE F 244 -19.50 -28.57 26.85
C ILE F 244 -20.52 -28.41 25.73
N ILE F 245 -21.79 -28.16 26.06
CA ILE F 245 -22.78 -27.87 25.04
C ILE F 245 -22.60 -26.45 24.53
N THR F 246 -22.58 -26.25 23.22
CA THR F 246 -22.54 -24.88 22.72
C THR F 246 -23.44 -24.66 21.50
N ARG F 247 -24.29 -23.65 21.63
CA ARG F 247 -25.15 -23.12 20.58
C ARG F 247 -26.40 -23.98 20.28
N VAL F 248 -26.33 -25.27 20.60
CA VAL F 248 -27.49 -26.14 20.88
C VAL F 248 -28.76 -25.77 20.06
N SER F 249 -28.73 -26.03 18.74
CA SER F 249 -29.81 -25.58 17.86
C SER F 249 -31.17 -25.98 18.39
N ASP F 250 -32.14 -25.08 18.29
CA ASP F 250 -33.47 -25.36 18.84
C ASP F 250 -34.13 -26.56 18.15
N VAL F 251 -34.93 -27.29 18.91
CA VAL F 251 -35.59 -28.48 18.41
C VAL F 251 -36.46 -28.17 17.20
N LYS F 252 -36.33 -29.01 16.18
CA LYS F 252 -37.12 -28.87 14.98
C LYS F 252 -37.55 -30.25 14.49
N PRO F 253 -38.73 -30.34 13.85
CA PRO F 253 -39.13 -31.61 13.26
C PRO F 253 -38.23 -31.91 12.08
N ALA F 254 -38.08 -33.16 11.68
CA ALA F 254 -37.31 -33.38 10.48
C ALA F 254 -38.16 -33.99 9.37
N VAL F 255 -38.28 -35.33 9.37
CA VAL F 255 -39.12 -36.07 8.42
C VAL F 255 -38.99 -37.59 8.58
N GLU F 256 -40.08 -38.35 8.38
CA GLU F 256 -39.99 -39.75 7.95
C GLU F 256 -41.27 -40.19 7.20
N VAL F 257 -41.18 -40.54 5.90
CA VAL F 257 -42.25 -41.27 5.15
C VAL F 257 -43.68 -40.93 5.62
N ILE F 258 -44.23 -39.72 5.40
CA ILE F 258 -44.15 -38.87 4.20
C ILE F 258 -44.79 -39.64 3.06
N ALA F 259 -46.11 -39.76 3.19
CA ALA F 259 -46.96 -40.31 2.17
C ALA F 259 -47.68 -39.18 1.45
N TYR F 260 -47.46 -39.09 0.15
CA TYR F 260 -48.12 -38.06 -0.64
C TYR F 260 -49.31 -38.66 -1.40
N THR F 261 -50.49 -38.08 -1.20
CA THR F 261 -51.71 -38.54 -1.85
C THR F 261 -51.69 -38.32 -3.35
N CYS F 262 -52.55 -39.04 -4.07
CA CYS F 262 -52.72 -38.87 -5.50
C CYS F 262 -54.16 -38.43 -5.80
N ASP F 263 -54.30 -37.64 -6.88
CA ASP F 263 -55.57 -37.01 -7.34
C ASP F 263 -56.80 -37.71 -8.01
N GLN F 264 -56.60 -38.56 -9.02
CA GLN F 264 -57.75 -39.20 -9.69
C GLN F 264 -58.26 -40.54 -9.10
N CYS F 265 -57.44 -41.59 -9.13
CA CYS F 265 -57.83 -42.85 -8.51
C CYS F 265 -57.12 -43.05 -7.17
N GLY F 266 -56.35 -42.05 -6.76
CA GLY F 266 -55.65 -42.13 -5.49
C GLY F 266 -54.51 -43.13 -5.44
N TYR F 267 -54.66 -44.09 -4.53
CA TYR F 267 -53.58 -44.89 -3.94
C TYR F 267 -52.57 -43.97 -3.26
N GLU F 268 -51.30 -44.36 -3.27
CA GLU F 268 -50.25 -43.75 -2.44
C GLU F 268 -48.91 -44.40 -2.79
N VAL F 269 -47.82 -43.71 -2.46
CA VAL F 269 -46.46 -44.26 -2.56
C VAL F 269 -45.61 -43.60 -1.47
N PHE F 270 -44.59 -44.30 -0.99
CA PHE F 270 -43.80 -43.82 0.13
C PHE F 270 -42.34 -43.66 -0.27
N GLN F 271 -41.91 -42.40 -0.33
CA GLN F 271 -40.55 -42.08 -0.67
C GLN F 271 -39.70 -42.14 0.58
N GLU F 272 -38.70 -43.03 0.59
CA GLU F 272 -37.85 -43.16 1.76
C GLU F 272 -37.04 -41.90 1.97
N VAL F 273 -36.73 -41.64 3.23
CA VAL F 273 -36.26 -40.34 3.72
C VAL F 273 -34.74 -40.23 3.69
N ASN F 274 -34.12 -41.20 3.04
CA ASN F 274 -32.69 -41.40 3.15
C ASN F 274 -31.84 -40.16 2.89
N SER F 275 -30.71 -40.14 3.59
CA SER F 275 -29.77 -39.03 3.75
C SER F 275 -30.33 -37.75 4.35
N ARG F 276 -29.75 -36.61 3.96
CA ARG F 276 -30.13 -35.31 4.51
C ARG F 276 -31.08 -34.57 3.57
N THR F 277 -31.15 -35.05 2.34
CA THR F 277 -31.95 -34.45 1.28
C THR F 277 -32.31 -35.51 0.25
N PHE F 278 -33.31 -35.22 -0.56
CA PHE F 278 -33.78 -36.14 -1.57
C PHE F 278 -34.49 -35.39 -2.67
N THR F 279 -34.73 -36.04 -3.80
CA THR F 279 -35.56 -35.44 -4.82
C THR F 279 -37.04 -35.68 -4.51
N PRO F 280 -37.84 -34.60 -4.54
CA PRO F 280 -39.30 -34.77 -4.47
C PRO F 280 -39.80 -35.37 -5.77
N LEU F 281 -41.01 -35.90 -5.76
CA LEU F 281 -41.55 -36.53 -6.97
C LEU F 281 -43.06 -36.37 -7.07
N SER F 282 -43.56 -36.21 -8.29
CA SER F 282 -45.00 -36.27 -8.46
C SER F 282 -45.45 -37.33 -9.47
N GLU F 283 -45.38 -36.99 -10.75
CA GLU F 283 -45.86 -37.85 -11.86
C GLU F 283 -47.15 -38.57 -11.48
N CYS F 284 -47.24 -39.84 -11.82
CA CYS F 284 -48.09 -40.76 -11.08
C CYS F 284 -47.46 -42.15 -11.01
N THR F 285 -47.32 -42.70 -9.80
CA THR F 285 -46.90 -44.08 -9.67
C THR F 285 -48.06 -45.07 -9.79
N SER F 286 -49.19 -44.73 -9.16
CA SER F 286 -50.35 -45.60 -9.14
C SER F 286 -50.81 -45.95 -10.55
N GLU F 287 -50.91 -47.24 -10.83
CA GLU F 287 -51.18 -47.73 -12.18
C GLU F 287 -52.50 -47.23 -12.76
N GLU F 288 -53.47 -46.95 -11.90
CA GLU F 288 -54.78 -46.53 -12.37
C GLU F 288 -54.84 -45.06 -12.77
N CYS F 289 -54.28 -44.19 -11.95
CA CYS F 289 -54.17 -42.78 -12.33
C CYS F 289 -53.15 -42.62 -13.44
N SER F 290 -52.24 -43.59 -13.56
CA SER F 290 -51.20 -43.56 -14.57
C SER F 290 -51.71 -44.17 -15.87
N GLN F 291 -51.24 -43.59 -16.98
CA GLN F 291 -51.55 -44.02 -18.35
C GLN F 291 -53.01 -43.76 -18.74
N ASN F 292 -53.87 -43.53 -17.75
CA ASN F 292 -55.22 -43.04 -18.00
C ASN F 292 -55.70 -42.08 -16.91
N GLN F 293 -56.00 -40.82 -17.21
CA GLN F 293 -55.49 -40.06 -18.36
C GLN F 293 -55.38 -38.58 -17.95
N THR F 294 -54.30 -37.90 -18.33
CA THR F 294 -53.12 -38.52 -18.92
C THR F 294 -52.26 -39.12 -17.81
N LYS F 295 -52.09 -38.36 -16.73
CA LYS F 295 -51.45 -38.85 -15.52
C LYS F 295 -52.12 -38.26 -14.29
N GLY F 296 -52.39 -39.11 -13.31
CA GLY F 296 -53.00 -38.65 -12.07
C GLY F 296 -52.06 -37.76 -11.29
N GLN F 297 -52.51 -36.55 -11.00
CA GLN F 297 -51.70 -35.61 -10.25
C GLN F 297 -51.63 -36.05 -8.79
N LEU F 298 -50.58 -35.64 -8.09
CA LEU F 298 -50.45 -36.02 -6.70
C LEU F 298 -49.66 -35.01 -5.89
N PHE F 299 -50.08 -34.80 -4.64
CA PHE F 299 -49.48 -33.79 -3.77
C PHE F 299 -49.12 -34.41 -2.42
N MET F 300 -48.32 -33.71 -1.63
CA MET F 300 -47.94 -34.25 -0.33
C MET F 300 -49.03 -34.03 0.72
N SER F 301 -49.28 -35.05 1.52
CA SER F 301 -50.19 -34.95 2.64
C SER F 301 -49.41 -34.86 3.94
N THR F 302 -49.43 -33.69 4.56
CA THR F 302 -48.57 -33.44 5.70
C THR F 302 -49.02 -34.19 6.95
N ARG F 303 -50.27 -34.66 6.96
CA ARG F 303 -50.72 -35.51 8.06
C ARG F 303 -50.45 -36.98 7.76
N ALA F 304 -50.00 -37.26 6.54
CA ALA F 304 -49.58 -38.61 6.17
C ALA F 304 -48.09 -38.76 6.43
N SER F 305 -47.46 -37.64 6.75
CA SER F 305 -46.04 -37.60 7.04
C SER F 305 -45.76 -38.02 8.48
N LYS F 306 -44.55 -38.52 8.71
CA LYS F 306 -44.06 -38.71 10.06
C LYS F 306 -42.78 -37.89 10.22
N PHE F 307 -42.56 -37.34 11.41
CA PHE F 307 -41.35 -36.59 11.67
C PHE F 307 -40.62 -37.16 12.88
N SER F 308 -39.40 -37.63 12.66
CA SER F 308 -38.53 -37.95 13.78
C SER F 308 -38.09 -36.65 14.42
N ALA F 309 -37.87 -36.66 15.73
CA ALA F 309 -37.45 -35.45 16.44
C ALA F 309 -35.99 -35.16 16.14
N PHE F 310 -35.68 -33.90 15.84
CA PHE F 310 -34.31 -33.53 15.53
C PHE F 310 -33.84 -32.23 16.16
N GLN F 311 -32.80 -32.30 16.99
CA GLN F 311 -32.17 -31.09 17.49
C GLN F 311 -30.63 -31.19 17.45
N GLU F 312 -29.97 -30.46 16.55
CA GLU F 312 -28.52 -30.67 16.43
C GLU F 312 -27.76 -29.70 17.32
N CYS F 313 -26.76 -30.21 18.04
CA CYS F 313 -25.99 -29.35 18.92
C CYS F 313 -24.50 -29.67 18.91
N LYS F 314 -23.69 -28.62 18.76
CA LYS F 314 -22.24 -28.77 18.83
C LYS F 314 -21.77 -28.90 20.27
N ILE F 315 -20.74 -29.71 20.46
CA ILE F 315 -20.13 -29.87 21.77
C ILE F 315 -18.64 -29.55 21.72
N GLN F 316 -18.25 -28.51 22.44
CA GLN F 316 -16.86 -28.05 22.48
C GLN F 316 -16.01 -28.88 23.42
N GLU F 317 -14.72 -28.88 23.13
CA GLU F 317 -13.72 -29.60 23.90
C GLU F 317 -13.59 -29.05 25.32
N LEU F 318 -13.06 -29.89 26.20
CA LEU F 318 -12.95 -29.56 27.63
C LEU F 318 -11.90 -28.49 27.91
N SER F 319 -11.01 -28.29 26.94
CA SER F 319 -9.91 -27.31 26.96
C SER F 319 -8.73 -27.72 27.83
N GLN F 320 -8.90 -28.68 28.74
CA GLN F 320 -7.76 -29.29 29.40
C GLN F 320 -7.45 -30.64 28.76
N GLN F 321 -8.29 -31.05 27.81
CA GLN F 321 -8.06 -32.24 27.02
C GLN F 321 -7.04 -31.94 25.93
N VAL F 322 -6.90 -30.65 25.66
CA VAL F 322 -6.17 -30.15 24.51
C VAL F 322 -4.69 -29.89 24.84
N PRO F 323 -3.80 -30.08 23.85
CA PRO F 323 -2.43 -29.54 23.96
C PRO F 323 -2.44 -28.03 24.12
N VAL F 324 -1.34 -27.46 24.62
CA VAL F 324 -1.30 -26.08 25.11
C VAL F 324 -1.67 -25.03 24.05
N GLY F 325 -1.24 -25.25 22.81
CA GLY F 325 -1.57 -24.34 21.72
C GLY F 325 -2.93 -24.80 21.25
N HIS F 326 -3.17 -24.73 19.95
CA HIS F 326 -4.27 -25.51 19.40
C HIS F 326 -5.66 -25.13 19.91
N ILE F 327 -6.21 -24.05 19.35
CA ILE F 327 -7.54 -23.56 19.67
C ILE F 327 -8.58 -24.67 19.71
N PRO F 328 -9.53 -24.60 20.67
CA PRO F 328 -10.57 -25.60 20.86
C PRO F 328 -11.27 -25.96 19.57
N ARG F 329 -11.51 -27.25 19.40
CA ARG F 329 -12.17 -27.77 18.22
C ARG F 329 -13.52 -28.36 18.60
N SER F 330 -14.59 -27.66 18.24
CA SER F 330 -15.93 -28.13 18.54
C SER F 330 -16.39 -29.10 17.44
N LEU F 331 -17.20 -30.08 17.83
CA LEU F 331 -17.66 -31.10 16.88
C LEU F 331 -19.18 -31.06 16.69
N ASN F 332 -19.62 -31.50 15.51
CA ASN F 332 -21.02 -31.49 15.13
C ASN F 332 -21.78 -32.75 15.56
N ILE F 333 -22.92 -32.56 16.23
CA ILE F 333 -23.75 -33.67 16.67
C ILE F 333 -25.23 -33.46 16.30
N HIS F 334 -25.91 -34.56 15.96
CA HIS F 334 -27.34 -34.55 15.72
C HIS F 334 -28.10 -35.21 16.89
N VAL F 335 -29.30 -34.72 17.19
CA VAL F 335 -30.19 -35.41 18.13
C VAL F 335 -31.35 -36.04 17.38
N ASN F 336 -31.67 -37.27 17.74
CA ASN F 336 -32.88 -37.90 17.23
C ASN F 336 -33.67 -38.56 18.34
N GLY F 337 -34.98 -38.33 18.33
CA GLY F 337 -35.90 -39.05 19.18
C GLY F 337 -36.30 -38.51 20.54
N THR F 338 -36.62 -39.44 21.43
CA THR F 338 -37.05 -39.15 22.80
C THR F 338 -35.97 -38.40 23.58
N LEU F 339 -34.73 -38.50 23.11
CA LEU F 339 -33.61 -37.83 23.77
C LEU F 339 -33.53 -36.38 23.35
N VAL F 340 -34.51 -35.93 22.58
CA VAL F 340 -34.62 -34.51 22.27
C VAL F 340 -34.82 -33.75 23.58
N ARG F 341 -34.36 -32.49 23.60
CA ARG F 341 -34.47 -31.60 24.75
C ARG F 341 -33.59 -32.03 25.91
N SER F 342 -32.87 -33.14 25.75
CA SER F 342 -31.97 -33.64 26.78
C SER F 342 -30.79 -32.71 27.04
N LEU F 343 -30.39 -31.95 26.02
CA LEU F 343 -29.18 -31.13 26.13
C LEU F 343 -29.46 -29.63 26.02
N SER F 344 -28.88 -28.87 26.94
CA SER F 344 -29.09 -27.43 27.02
C SER F 344 -27.72 -26.74 26.98
N PRO F 345 -27.66 -25.44 26.62
CA PRO F 345 -26.38 -24.75 26.43
C PRO F 345 -25.40 -24.83 27.60
N GLY F 346 -24.12 -24.96 27.28
CA GLY F 346 -23.06 -24.90 28.29
C GLY F 346 -23.05 -26.03 29.29
N ASP F 347 -23.34 -27.25 28.82
CA ASP F 347 -23.48 -28.38 29.74
C ASP F 347 -22.53 -29.55 29.46
N ILE F 348 -21.65 -29.82 30.42
CA ILE F 348 -20.76 -30.97 30.32
C ILE F 348 -21.54 -32.26 30.56
N VAL F 349 -21.32 -33.24 29.68
CA VAL F 349 -22.06 -34.49 29.74
C VAL F 349 -21.22 -35.60 29.11
N ASP F 350 -21.43 -36.84 29.55
CA ASP F 350 -20.92 -37.97 28.80
C ASP F 350 -22.00 -38.31 27.79
N VAL F 351 -21.66 -38.04 26.53
CA VAL F 351 -22.58 -38.14 25.40
C VAL F 351 -22.08 -39.24 24.50
N THR F 352 -22.89 -40.27 24.29
CA THR F 352 -22.44 -41.34 23.43
C THR F 352 -23.29 -41.38 22.17
N GLY F 353 -22.67 -41.66 21.03
CA GLY F 353 -23.45 -41.66 19.81
C GLY F 353 -22.76 -42.16 18.56
N ILE F 354 -23.57 -42.47 17.56
CA ILE F 354 -23.07 -42.96 16.28
C ILE F 354 -22.55 -41.83 15.43
N PHE F 355 -21.31 -41.98 14.95
CA PHE F 355 -20.60 -40.90 14.27
C PHE F 355 -20.41 -41.24 12.80
N LEU F 356 -21.15 -40.56 11.92
CA LEU F 356 -21.22 -40.93 10.50
C LEU F 356 -20.96 -39.77 9.55
N PRO F 357 -20.40 -40.07 8.37
CA PRO F 357 -20.25 -39.03 7.36
C PRO F 357 -21.57 -38.68 6.71
N ALA F 358 -21.80 -37.39 6.46
CA ALA F 358 -22.98 -36.96 5.73
C ALA F 358 -22.64 -36.02 4.58
N PRO F 359 -21.84 -36.50 3.61
CA PRO F 359 -21.67 -35.66 2.41
C PRO F 359 -22.88 -35.81 1.49
N TYR F 360 -23.15 -34.81 0.65
CA TYR F 360 -22.51 -33.51 0.74
C TYR F 360 -23.55 -32.37 0.66
N THR F 361 -24.41 -32.46 -0.36
CA THR F 361 -24.93 -31.34 -1.16
C THR F 361 -23.79 -30.80 -2.02
N GLY F 362 -23.48 -29.52 -1.92
CA GLY F 362 -22.38 -28.98 -2.70
C GLY F 362 -22.61 -27.95 -3.80
N PHE F 363 -21.53 -27.28 -4.29
CA PHE F 363 -20.11 -27.69 -4.19
C PHE F 363 -19.96 -29.04 -4.92
N LYS F 364 -19.83 -30.16 -4.20
CA LYS F 364 -19.48 -31.44 -4.81
C LYS F 364 -18.09 -31.36 -5.39
N ALA F 365 -17.97 -31.31 -6.72
CA ALA F 365 -16.68 -31.35 -7.40
C ALA F 365 -15.63 -30.42 -6.75
N LEU F 366 -16.11 -29.38 -6.07
CA LEU F 366 -15.26 -28.62 -5.15
C LEU F 366 -14.55 -29.54 -4.17
N LYS F 367 -15.29 -30.41 -3.49
CA LYS F 367 -14.69 -31.33 -2.54
C LYS F 367 -15.06 -32.78 -2.88
N ALA F 368 -14.11 -33.67 -3.24
CA ALA F 368 -12.64 -33.53 -3.17
C ALA F 368 -12.14 -33.26 -1.75
N GLY F 369 -11.90 -34.29 -0.94
CA GLY F 369 -11.47 -35.59 -1.43
C GLY F 369 -12.07 -37.00 -1.40
N LEU F 370 -13.35 -37.23 -1.08
CA LEU F 370 -14.45 -36.29 -1.00
C LEU F 370 -14.47 -35.37 0.21
N LEU F 371 -13.63 -35.67 1.20
CA LEU F 371 -13.53 -34.82 2.39
C LEU F 371 -14.88 -34.70 3.10
N THR F 372 -15.27 -35.78 3.78
CA THR F 372 -16.63 -35.98 4.30
C THR F 372 -17.28 -34.85 5.10
N GLU F 373 -16.54 -34.31 6.08
CA GLU F 373 -16.99 -33.27 7.02
C GLU F 373 -17.91 -33.85 8.10
N THR F 374 -18.42 -35.05 7.85
CA THR F 374 -19.15 -35.93 8.78
C THR F 374 -20.22 -35.29 9.68
N TYR F 375 -20.46 -35.90 10.84
CA TYR F 375 -21.28 -35.39 11.95
C TYR F 375 -21.50 -36.51 13.00
N LEU F 376 -22.01 -36.15 14.17
CA LEU F 376 -22.39 -37.15 15.18
C LEU F 376 -23.90 -37.22 15.39
N GLU F 377 -24.43 -38.41 15.66
CA GLU F 377 -25.83 -38.55 16.08
C GLU F 377 -25.89 -38.91 17.56
N ALA F 378 -26.88 -38.37 18.27
CA ALA F 378 -27.09 -38.69 19.69
C ALA F 378 -27.57 -40.12 19.88
N GLN F 379 -27.08 -40.78 20.93
CA GLN F 379 -27.56 -42.09 21.32
C GLN F 379 -27.93 -42.12 22.79
N PHE F 380 -26.94 -41.83 23.65
CA PHE F 380 -27.19 -41.76 25.09
C PHE F 380 -26.63 -40.50 25.74
N VAL F 381 -27.30 -40.09 26.81
CA VAL F 381 -26.91 -38.92 27.61
C VAL F 381 -26.74 -39.26 29.09
N ARG F 382 -25.53 -39.08 29.61
CA ARG F 382 -25.29 -39.15 31.05
C ARG F 382 -24.76 -37.81 31.55
N GLN F 383 -25.56 -37.08 32.31
CA GLN F 383 -25.18 -35.71 32.66
C GLN F 383 -24.63 -35.58 34.07
N HIS F 384 -23.41 -35.06 34.15
CA HIS F 384 -22.77 -34.79 35.44
C HIS F 384 -23.57 -33.77 36.23
N LYS F 385 -23.79 -34.07 37.52
CA LYS F 385 -24.38 -33.10 38.45
C LYS F 385 -25.77 -32.63 38.01
N LYS F 386 -26.76 -33.51 38.17
CA LYS F 386 -28.17 -33.25 37.83
C LYS F 386 -28.63 -31.79 37.96
N SER F 395 -43.47 -29.82 56.09
CA SER F 395 -42.93 -30.83 55.20
C SER F 395 -41.68 -31.47 55.80
N ASP F 396 -41.21 -32.54 55.17
CA ASP F 396 -39.97 -33.18 55.59
C ASP F 396 -38.78 -32.33 55.15
N VAL F 397 -39.04 -31.44 54.21
CA VAL F 397 -38.04 -30.46 53.79
C VAL F 397 -38.00 -29.33 54.82
N GLU F 398 -39.17 -28.98 55.34
CA GLU F 398 -39.26 -28.04 56.45
C GLU F 398 -38.68 -28.69 57.70
N GLU F 399 -38.69 -30.03 57.73
CA GLU F 399 -38.05 -30.79 58.79
C GLU F 399 -36.53 -30.74 58.62
N ARG F 400 -36.07 -30.79 57.38
CA ARG F 400 -34.67 -30.54 57.09
C ARG F 400 -34.32 -29.13 57.53
N VAL F 401 -35.31 -28.25 57.53
CA VAL F 401 -35.16 -26.89 58.04
C VAL F 401 -35.32 -26.85 59.57
N MET F 402 -35.93 -27.88 60.14
CA MET F 402 -36.32 -27.84 61.55
C MET F 402 -35.20 -28.05 62.58
N GLU F 403 -34.01 -28.43 62.13
CA GLU F 403 -32.86 -28.39 63.05
C GLU F 403 -32.39 -26.95 63.12
N LEU F 404 -32.62 -26.22 62.02
CA LEU F 404 -32.26 -24.81 61.93
C LEU F 404 -33.31 -23.94 62.61
N ILE F 405 -34.57 -24.35 62.54
CA ILE F 405 -35.66 -23.65 63.23
C ILE F 405 -35.47 -23.75 64.75
N THR F 406 -35.12 -24.94 65.21
CA THR F 406 -34.87 -25.16 66.63
C THR F 406 -33.47 -24.70 67.02
N SER F 407 -32.60 -24.51 66.02
CA SER F 407 -31.23 -24.04 66.26
C SER F 407 -31.22 -22.71 67.00
N GLY F 408 -32.19 -21.86 66.69
CA GLY F 408 -32.20 -20.52 67.21
C GLY F 408 -31.13 -19.71 66.50
N ASP F 409 -31.12 -18.41 66.73
CA ASP F 409 -30.12 -17.52 66.14
C ASP F 409 -30.11 -17.65 64.61
N VAL F 410 -31.29 -17.74 64.02
CA VAL F 410 -31.41 -17.87 62.58
C VAL F 410 -30.61 -16.76 61.89
N TYR F 411 -30.88 -15.51 62.27
CA TYR F 411 -30.21 -14.33 61.68
C TYR F 411 -28.67 -14.15 61.80
N ASN F 412 -28.11 -14.33 63.00
CA ASN F 412 -26.65 -14.22 63.14
C ASN F 412 -25.91 -15.47 62.68
N ARG F 413 -26.46 -16.65 62.98
CA ARG F 413 -25.84 -17.90 62.56
C ARG F 413 -25.84 -18.03 61.04
N LEU F 414 -26.99 -17.87 60.41
CA LEU F 414 -27.05 -17.96 58.95
C LEU F 414 -26.24 -16.82 58.33
N ALA F 415 -25.98 -15.79 59.12
CA ALA F 415 -25.15 -14.68 58.68
C ALA F 415 -23.69 -15.09 58.69
N LYS F 416 -23.35 -15.99 59.61
CA LYS F 416 -22.02 -16.59 59.62
C LYS F 416 -21.89 -17.61 58.49
N SER F 417 -23.01 -18.24 58.15
CA SER F 417 -23.05 -19.28 57.11
C SER F 417 -22.79 -18.75 55.70
N ILE F 418 -22.96 -17.44 55.54
CA ILE F 418 -22.74 -16.78 54.26
C ILE F 418 -21.26 -16.73 53.91
N ALA F 419 -20.89 -17.29 52.76
CA ALA F 419 -19.50 -17.26 52.29
C ALA F 419 -18.52 -17.70 53.38
N PRO F 420 -18.70 -18.90 53.93
CA PRO F 420 -17.85 -19.29 55.05
C PRO F 420 -16.36 -19.30 54.70
N GLU F 421 -16.07 -19.28 53.39
CA GLU F 421 -14.70 -19.21 52.90
C GLU F 421 -14.03 -17.90 53.31
N ILE F 422 -14.66 -16.78 52.98
CA ILE F 422 -14.07 -15.48 53.29
C ILE F 422 -14.09 -15.25 54.80
N TYR F 423 -12.93 -14.89 55.35
CA TYR F 423 -12.83 -14.62 56.77
C TYR F 423 -13.16 -13.16 57.06
N GLY F 424 -13.81 -12.93 58.20
CA GLY F 424 -14.01 -11.59 58.70
C GLY F 424 -15.18 -10.84 58.10
N ASN F 425 -15.52 -9.73 58.74
CA ASN F 425 -16.58 -8.85 58.28
C ASN F 425 -17.92 -9.55 58.18
N LEU F 426 -18.31 -10.23 59.25
CA LEU F 426 -19.63 -10.85 59.37
C LEU F 426 -20.69 -9.74 59.41
N ASP F 427 -20.25 -8.51 59.65
CA ASP F 427 -21.13 -7.35 59.60
C ASP F 427 -21.65 -7.14 58.17
N VAL F 428 -20.82 -7.49 57.19
CA VAL F 428 -21.19 -7.39 55.77
C VAL F 428 -22.14 -8.53 55.37
N LYS F 429 -21.74 -9.74 55.73
CA LYS F 429 -22.56 -10.93 55.50
C LYS F 429 -23.93 -10.74 56.14
N LYS F 430 -23.95 -9.98 57.24
CA LYS F 430 -25.16 -9.70 58.00
C LYS F 430 -26.25 -9.10 57.13
N ALA F 431 -25.86 -8.15 56.29
CA ALA F 431 -26.77 -7.51 55.34
C ALA F 431 -27.00 -8.39 54.11
N LEU F 432 -25.94 -9.08 53.67
CA LEU F 432 -26.10 -10.04 52.57
C LEU F 432 -27.25 -11.02 52.88
N LEU F 433 -27.39 -11.32 54.17
CA LEU F 433 -28.48 -12.14 54.68
C LEU F 433 -29.84 -11.52 54.35
N LEU F 434 -29.98 -10.22 54.63
CA LEU F 434 -31.17 -9.48 54.24
C LEU F 434 -31.44 -9.66 52.76
N LEU F 435 -30.36 -9.67 51.97
CA LEU F 435 -30.54 -9.81 50.53
C LEU F 435 -31.08 -11.16 50.09
N LEU F 436 -30.43 -12.25 50.51
CA LEU F 436 -30.77 -13.59 50.03
C LEU F 436 -32.28 -13.86 50.11
N VAL F 437 -32.89 -13.43 51.22
CA VAL F 437 -34.33 -13.49 51.37
C VAL F 437 -35.03 -12.29 50.73
N GLY F 438 -34.46 -11.09 50.91
CA GLY F 438 -35.07 -9.88 50.39
C GLY F 438 -36.44 -9.65 51.02
N GLY F 439 -37.45 -9.42 50.19
CA GLY F 439 -38.82 -9.34 50.67
C GLY F 439 -39.15 -8.08 51.42
N VAL F 440 -40.43 -7.88 51.74
CA VAL F 440 -41.50 -8.80 51.33
C VAL F 440 -42.22 -8.32 50.09
N ASP F 441 -41.77 -7.17 49.62
CA ASP F 441 -42.52 -6.16 48.87
C ASP F 441 -43.80 -5.76 49.57
N LYS F 442 -44.78 -5.41 48.75
CA LYS F 442 -46.09 -4.95 49.17
C LYS F 442 -46.77 -4.47 47.91
N ARG F 443 -48.09 -4.39 47.94
CA ARG F 443 -48.85 -3.89 46.83
C ARG F 443 -49.85 -2.89 47.35
N VAL F 444 -49.81 -1.68 46.81
CA VAL F 444 -50.51 -0.55 47.40
C VAL F 444 -52.03 -0.58 47.15
N GLY F 445 -52.48 -1.51 46.32
CA GLY F 445 -53.92 -1.66 46.09
C GLY F 445 -54.43 -0.97 44.84
N ASP F 446 -53.65 -0.03 44.32
CA ASP F 446 -54.01 0.66 43.08
C ASP F 446 -53.77 -0.21 41.81
N GLY F 447 -52.55 -0.65 41.50
CA GLY F 447 -51.41 -0.62 42.40
C GLY F 447 -50.04 -0.43 41.75
N MET F 448 -49.11 0.04 42.57
CA MET F 448 -47.74 0.26 42.17
C MET F 448 -46.82 -0.35 43.22
N LYS F 449 -46.00 -1.30 42.80
CA LYS F 449 -45.17 -2.06 43.75
C LYS F 449 -44.15 -1.22 44.50
N ILE F 450 -44.02 -1.46 45.79
CA ILE F 450 -42.95 -0.88 46.58
C ILE F 450 -41.96 -1.98 46.97
N ARG F 451 -40.76 -1.90 46.42
CA ARG F 451 -39.75 -2.94 46.63
C ARG F 451 -39.31 -3.00 48.08
N GLY F 452 -39.21 -4.22 48.62
CA GLY F 452 -39.58 -5.43 47.90
C GLY F 452 -38.43 -6.13 47.24
N ASP F 453 -37.40 -5.35 47.01
CA ASP F 453 -36.22 -5.84 46.37
C ASP F 453 -35.04 -5.11 46.99
N ILE F 454 -33.99 -5.83 47.34
CA ILE F 454 -32.87 -5.21 48.05
C ILE F 454 -31.67 -5.01 47.12
N ASN F 455 -31.34 -3.73 46.88
CA ASN F 455 -30.37 -3.32 45.88
C ASN F 455 -28.94 -3.08 46.41
N VAL F 456 -28.67 -3.47 47.65
CA VAL F 456 -27.46 -3.09 48.41
C VAL F 456 -26.16 -3.21 47.61
N CYS F 457 -25.25 -2.26 47.80
CA CYS F 457 -23.98 -2.24 47.07
C CYS F 457 -22.75 -2.39 47.97
N LEU F 458 -21.65 -2.83 47.36
CA LEU F 458 -20.37 -2.92 48.05
C LEU F 458 -19.53 -1.68 47.74
N MET F 459 -18.30 -1.68 48.24
CA MET F 459 -17.34 -0.60 47.99
C MET F 459 -15.99 -1.05 48.49
N GLY F 460 -14.99 -0.17 48.40
CA GLY F 460 -13.66 -0.48 48.86
C GLY F 460 -12.94 -1.36 47.88
N ASP F 461 -11.64 -1.54 48.06
CA ASP F 461 -10.85 -2.06 46.96
C ASP F 461 -9.41 -2.47 47.36
N PRO F 462 -8.59 -2.93 46.38
CA PRO F 462 -8.96 -3.41 45.04
C PRO F 462 -9.68 -4.77 44.97
N GLY F 463 -9.02 -5.84 45.44
CA GLY F 463 -9.60 -7.16 45.32
C GLY F 463 -10.63 -7.55 46.35
N VAL F 464 -10.17 -7.64 47.60
CA VAL F 464 -11.00 -7.99 48.77
C VAL F 464 -11.63 -9.40 48.61
N ALA F 465 -11.57 -9.94 47.41
CA ALA F 465 -12.34 -11.12 47.03
C ALA F 465 -13.82 -10.94 47.41
N LYS F 466 -14.35 -9.74 47.19
CA LYS F 466 -15.77 -9.45 47.42
C LYS F 466 -16.56 -10.11 46.29
N SER F 467 -15.84 -10.24 45.19
CA SER F 467 -16.30 -11.02 44.06
C SER F 467 -16.72 -12.39 44.55
N GLN F 468 -16.07 -12.92 45.58
CA GLN F 468 -16.46 -14.21 46.15
C GLN F 468 -17.82 -14.14 46.83
N LEU F 469 -18.07 -13.03 47.53
CA LEU F 469 -19.36 -12.82 48.16
C LEU F 469 -20.43 -12.99 47.09
N LEU F 470 -20.29 -12.26 46.00
CA LEU F 470 -21.27 -12.41 44.93
C LEU F 470 -21.29 -13.81 44.31
N LYS F 471 -20.08 -14.33 44.09
CA LYS F 471 -19.82 -15.59 43.39
C LYS F 471 -20.53 -16.76 44.04
N ALA F 472 -20.52 -16.75 45.37
CA ALA F 472 -21.27 -17.73 46.14
C ALA F 472 -22.74 -17.35 46.23
N ILE F 473 -23.03 -16.06 46.39
CA ILE F 473 -24.43 -15.63 46.54
C ILE F 473 -25.31 -16.09 45.39
N CYS F 474 -24.95 -15.76 44.15
CA CYS F 474 -25.76 -16.16 43.00
C CYS F 474 -25.77 -17.67 42.80
N LYS F 475 -24.64 -18.29 43.14
CA LYS F 475 -24.50 -19.75 43.15
C LYS F 475 -25.53 -20.38 44.07
N ILE F 476 -25.89 -19.66 45.13
CA ILE F 476 -26.87 -20.11 46.12
C ILE F 476 -28.23 -19.39 46.11
N SER F 477 -28.22 -18.07 46.12
CA SER F 477 -29.45 -17.28 46.11
C SER F 477 -30.29 -17.56 44.86
N PRO F 478 -31.60 -17.73 45.06
CA PRO F 478 -32.54 -18.08 44.00
C PRO F 478 -32.48 -17.13 42.80
N ARG F 479 -32.41 -17.70 41.60
CA ARG F 479 -32.51 -16.93 40.36
C ARG F 479 -31.44 -15.84 40.29
N GLY F 480 -30.19 -16.22 40.57
CA GLY F 480 -29.11 -15.25 40.61
C GLY F 480 -28.48 -14.95 39.27
N VAL F 481 -27.98 -13.73 39.12
CA VAL F 481 -27.16 -13.35 37.95
C VAL F 481 -25.83 -12.78 38.40
N TYR F 482 -24.74 -13.46 38.07
CA TYR F 482 -23.41 -12.96 38.38
C TYR F 482 -22.86 -12.19 37.18
N THR F 483 -22.69 -10.88 37.34
CA THR F 483 -22.24 -10.03 36.24
C THR F 483 -21.12 -9.09 36.63
N THR F 484 -20.75 -8.23 35.69
CA THR F 484 -19.74 -7.22 35.90
C THR F 484 -19.89 -6.12 34.85
N GLY F 485 -18.96 -5.16 34.83
CA GLY F 485 -19.10 -4.00 33.95
C GLY F 485 -19.03 -4.34 32.48
N LYS F 486 -17.90 -4.88 32.03
CA LYS F 486 -17.92 -5.60 30.77
C LYS F 486 -17.34 -7.00 30.89
N GLY F 487 -18.22 -7.99 30.98
CA GLY F 487 -19.53 -7.77 31.58
C GLY F 487 -20.78 -7.65 30.75
N SER F 488 -21.90 -7.59 31.46
CA SER F 488 -23.21 -7.43 30.85
C SER F 488 -23.35 -6.03 30.28
N SER F 489 -23.64 -5.95 28.99
CA SER F 489 -23.67 -4.68 28.29
C SER F 489 -25.00 -3.97 28.50
N GLY F 490 -25.22 -2.89 27.76
CA GLY F 490 -26.53 -2.29 27.68
C GLY F 490 -27.45 -3.32 27.06
N VAL F 491 -27.04 -3.86 25.91
CA VAL F 491 -27.76 -4.93 25.23
C VAL F 491 -27.57 -6.25 25.98
N GLY F 492 -26.66 -6.23 26.94
CA GLY F 492 -26.50 -7.34 27.86
C GLY F 492 -27.44 -7.16 29.03
N LEU F 493 -28.24 -6.10 28.98
CA LEU F 493 -29.20 -5.81 30.05
C LEU F 493 -30.53 -5.34 29.47
N THR F 494 -30.50 -4.83 28.25
CA THR F 494 -31.70 -4.33 27.58
C THR F 494 -32.03 -5.18 26.36
N ALA F 495 -33.20 -5.80 26.37
CA ALA F 495 -33.64 -6.63 25.25
C ALA F 495 -33.66 -5.83 23.95
N ALA F 496 -32.88 -6.28 22.98
CA ALA F 496 -32.81 -5.61 21.68
C ALA F 496 -33.11 -6.59 20.54
N VAL F 497 -32.23 -6.60 19.54
CA VAL F 497 -32.40 -7.48 18.40
C VAL F 497 -31.05 -7.98 17.89
N MET F 498 -30.22 -8.47 18.81
CA MET F 498 -28.90 -8.98 18.46
C MET F 498 -29.01 -10.14 17.47
N LYS F 499 -28.63 -9.89 16.22
CA LYS F 499 -28.69 -10.91 15.19
C LYS F 499 -28.20 -12.24 15.77
N ASP F 500 -28.94 -13.30 15.50
CA ASP F 500 -28.53 -14.63 15.93
C ASP F 500 -27.53 -15.22 14.95
N PRO F 501 -26.37 -15.65 15.45
CA PRO F 501 -25.36 -16.37 14.66
C PRO F 501 -25.88 -17.70 14.12
N VAL F 502 -25.31 -18.16 13.01
CA VAL F 502 -25.65 -19.48 12.43
C VAL F 502 -27.16 -19.56 12.18
N THR F 503 -27.85 -20.42 12.94
CA THR F 503 -29.29 -20.50 12.88
C THR F 503 -29.91 -19.11 13.02
N ASP F 504 -30.87 -18.82 12.16
CA ASP F 504 -31.31 -17.45 11.90
C ASP F 504 -32.78 -17.25 12.32
N GLU F 505 -33.22 -16.02 12.58
CA GLU F 505 -32.43 -14.78 12.53
C GLU F 505 -32.96 -13.74 13.52
N MET F 506 -32.14 -12.74 13.83
CA MET F 506 -32.58 -11.55 14.57
C MET F 506 -33.38 -11.87 15.83
N ILE F 507 -32.99 -12.94 16.54
CA ILE F 507 -33.69 -13.32 17.76
C ILE F 507 -33.50 -12.29 18.84
N LEU F 508 -34.36 -12.33 19.84
CA LEU F 508 -34.25 -11.40 20.95
C LEU F 508 -33.77 -12.10 22.22
N GLU F 509 -32.63 -11.65 22.74
CA GLU F 509 -32.17 -12.10 24.04
C GLU F 509 -31.87 -10.91 24.94
N GLY F 510 -32.70 -10.71 25.96
CA GLY F 510 -32.34 -9.80 27.02
C GLY F 510 -31.36 -10.53 27.93
N GLY F 511 -30.30 -9.85 28.34
CA GLY F 511 -29.36 -10.44 29.28
C GLY F 511 -29.56 -9.85 30.65
N ALA F 512 -28.92 -10.43 31.66
CA ALA F 512 -28.88 -9.85 33.00
C ALA F 512 -30.28 -9.57 33.54
N LEU F 513 -30.58 -8.29 33.67
CA LEU F 513 -31.82 -7.79 34.27
C LEU F 513 -33.08 -8.47 33.72
N VAL F 514 -33.03 -8.97 32.49
CA VAL F 514 -34.10 -9.83 32.00
C VAL F 514 -33.93 -11.30 32.40
N LEU F 515 -32.71 -11.80 32.24
CA LEU F 515 -32.45 -13.25 32.21
C LEU F 515 -32.91 -13.97 33.46
N ALA F 516 -32.44 -13.53 34.61
CA ALA F 516 -32.98 -14.04 35.85
C ALA F 516 -33.68 -12.93 36.60
N ASP F 517 -35.02 -12.96 36.60
CA ASP F 517 -35.82 -11.88 37.16
C ASP F 517 -36.54 -12.37 38.41
N ASN F 518 -36.86 -11.44 39.30
CA ASN F 518 -37.30 -11.75 40.67
C ASN F 518 -36.15 -12.43 41.40
N GLY F 519 -34.93 -12.05 41.03
CA GLY F 519 -33.72 -12.59 41.61
C GLY F 519 -32.58 -11.59 41.53
N ILE F 520 -31.50 -11.87 42.26
CA ILE F 520 -30.41 -10.90 42.43
C ILE F 520 -29.56 -10.77 41.18
N CYS F 521 -29.23 -9.51 40.83
CA CYS F 521 -28.16 -9.25 39.89
C CYS F 521 -26.90 -8.91 40.66
N CYS F 522 -25.79 -9.54 40.28
CA CYS F 522 -24.53 -9.42 40.99
C CYS F 522 -23.47 -8.77 40.11
N ILE F 523 -23.02 -7.58 40.47
CA ILE F 523 -22.12 -6.84 39.58
C ILE F 523 -20.75 -6.55 40.20
N ASP F 524 -19.72 -6.53 39.35
CA ASP F 524 -18.43 -5.98 39.73
C ASP F 524 -18.05 -5.04 38.60
N GLU F 525 -16.91 -4.36 38.72
CA GLU F 525 -16.52 -3.34 37.71
C GLU F 525 -17.69 -2.42 37.39
N PHE F 526 -18.50 -2.11 38.40
CA PHE F 526 -19.79 -1.46 38.20
C PHE F 526 -19.66 -0.04 37.67
N ASP F 527 -18.45 0.51 37.70
CA ASP F 527 -18.25 1.85 37.17
C ASP F 527 -17.84 1.79 35.70
N LYS F 528 -17.51 0.58 35.24
CA LYS F 528 -17.07 0.35 33.87
C LYS F 528 -18.21 -0.17 33.01
N MET F 529 -19.40 -0.19 33.60
CA MET F 529 -20.65 -0.54 32.91
C MET F 529 -20.99 0.49 31.82
N ASP F 530 -20.17 1.54 31.76
CA ASP F 530 -20.36 2.74 30.95
C ASP F 530 -21.68 3.43 31.23
N GLU F 531 -22.26 4.04 30.20
CA GLU F 531 -23.58 4.64 30.31
C GLU F 531 -24.61 3.72 29.67
N SER F 532 -24.13 2.63 29.07
CA SER F 532 -24.98 1.69 28.34
C SER F 532 -25.90 0.99 29.31
N ASP F 533 -25.31 0.50 30.38
CA ASP F 533 -26.07 -0.09 31.47
C ASP F 533 -26.61 0.98 32.40
N ARG F 534 -25.87 2.08 32.52
CA ARG F 534 -26.07 3.03 33.60
C ARG F 534 -27.46 3.65 33.65
N THR F 535 -27.99 4.11 32.52
CA THR F 535 -29.30 4.76 32.51
C THR F 535 -30.44 3.76 32.67
N ALA F 536 -30.23 2.56 32.14
CA ALA F 536 -31.25 1.52 32.23
C ALA F 536 -31.40 1.04 33.67
N ILE F 537 -30.28 0.70 34.31
CA ILE F 537 -30.28 0.31 35.71
C ILE F 537 -30.71 1.51 36.57
N HIS F 538 -30.38 2.71 36.08
CA HIS F 538 -30.86 3.97 36.65
C HIS F 538 -32.39 4.00 36.63
N GLU F 539 -32.99 3.30 35.68
CA GLU F 539 -34.43 3.05 35.74
C GLU F 539 -34.74 1.91 36.72
N VAL F 540 -33.94 0.84 36.70
CA VAL F 540 -34.24 -0.39 37.46
C VAL F 540 -34.21 -0.14 38.99
N MET F 541 -33.83 1.07 39.40
CA MET F 541 -33.99 1.44 40.81
C MET F 541 -35.40 1.99 41.07
N GLU F 542 -36.11 2.32 39.99
CA GLU F 542 -37.55 2.53 40.03
C GLU F 542 -38.18 1.14 39.87
N GLN F 543 -37.28 0.18 39.64
CA GLN F 543 -37.55 -1.25 39.49
C GLN F 543 -38.57 -1.55 38.41
N GLN F 544 -39.26 -2.68 38.58
CA GLN F 544 -40.51 -3.05 37.94
C GLN F 544 -40.68 -2.64 36.47
N THR F 545 -39.57 -2.63 35.72
CA THR F 545 -39.59 -2.33 34.28
C THR F 545 -38.17 -2.30 33.69
N ILE F 546 -38.07 -2.56 32.38
CA ILE F 546 -37.00 -2.08 31.50
C ILE F 546 -37.62 -1.68 30.17
N SER F 547 -37.52 -0.42 29.79
CA SER F 547 -38.11 0.04 28.54
C SER F 547 -37.19 -0.22 27.36
N ILE F 548 -37.75 -0.64 26.22
CA ILE F 548 -36.98 -0.74 24.99
C ILE F 548 -37.72 -0.11 23.82
N SER F 549 -37.19 0.97 23.26
CA SER F 549 -37.72 1.53 22.02
C SER F 549 -36.90 1.15 20.78
N LYS F 550 -35.83 0.40 20.99
CA LYS F 550 -34.94 0.02 19.88
C LYS F 550 -35.67 -0.80 18.83
N ALA F 551 -35.31 -0.57 17.57
CA ALA F 551 -35.94 -1.23 16.42
C ALA F 551 -37.45 -1.02 16.38
N GLY F 552 -38.21 -2.08 16.12
CA GLY F 552 -39.64 -1.98 15.99
C GLY F 552 -40.40 -2.34 17.26
N ILE F 553 -39.64 -2.73 18.29
CA ILE F 553 -40.24 -3.18 19.53
C ILE F 553 -40.21 -2.11 20.62
N ASN F 554 -41.40 -1.64 21.01
CA ASN F 554 -41.52 -0.56 21.99
C ASN F 554 -41.80 -0.98 23.44
N THR F 555 -41.82 -2.28 23.72
CA THR F 555 -42.20 -2.76 25.05
C THR F 555 -41.29 -2.32 26.18
N THR F 556 -41.85 -2.34 27.37
CA THR F 556 -41.06 -2.30 28.59
C THR F 556 -41.23 -3.66 29.29
N LEU F 557 -40.19 -4.47 29.27
CA LEU F 557 -40.26 -5.81 29.84
C LEU F 557 -39.78 -5.84 31.28
N ASN F 558 -40.41 -6.68 32.09
CA ASN F 558 -40.10 -6.69 33.50
C ASN F 558 -38.65 -7.06 33.78
N ALA F 559 -37.96 -6.16 34.47
CA ALA F 559 -36.81 -6.56 35.24
C ALA F 559 -37.26 -6.47 36.67
N ARG F 560 -37.51 -7.63 37.25
CA ARG F 560 -37.93 -7.71 38.63
C ARG F 560 -36.67 -8.00 39.44
N THR F 561 -35.55 -7.98 38.73
CA THR F 561 -34.26 -8.35 39.27
C THR F 561 -33.85 -7.61 40.52
N SER F 562 -33.25 -8.36 41.45
CA SER F 562 -32.61 -7.72 42.57
C SER F 562 -31.25 -7.22 42.13
N ILE F 563 -30.80 -6.14 42.75
CA ILE F 563 -29.56 -5.51 42.34
C ILE F 563 -28.51 -5.64 43.44
N LEU F 564 -27.30 -6.02 43.06
CA LEU F 564 -26.16 -5.87 43.96
C LEU F 564 -24.94 -5.70 43.10
N ALA F 565 -24.00 -4.90 43.60
CA ALA F 565 -22.75 -4.71 42.91
C ALA F 565 -21.59 -4.73 43.88
N ALA F 566 -20.43 -5.10 43.36
CA ALA F 566 -19.18 -4.85 44.04
C ALA F 566 -18.61 -3.59 43.45
N ALA F 567 -18.56 -2.52 44.22
CA ALA F 567 -18.09 -1.26 43.66
C ALA F 567 -16.58 -1.17 43.81
N ASN F 568 -15.90 -1.20 42.68
CA ASN F 568 -14.46 -1.00 42.65
C ASN F 568 -14.14 0.45 42.34
N PRO F 569 -13.70 1.20 43.37
CA PRO F 569 -13.38 2.61 43.23
C PRO F 569 -12.27 2.84 42.23
N LEU F 570 -12.13 4.08 41.79
CA LEU F 570 -11.11 4.43 40.82
C LEU F 570 -9.72 4.17 41.39
N TYR F 571 -8.74 4.04 40.50
CA TYR F 571 -7.36 3.72 40.84
C TYR F 571 -6.75 4.64 41.90
N GLY F 572 -5.90 4.09 42.77
CA GLY F 572 -5.71 2.65 42.88
C GLY F 572 -6.39 2.11 44.13
N ARG F 573 -6.75 3.04 45.02
CA ARG F 573 -7.51 2.73 46.21
C ARG F 573 -8.21 3.99 46.71
N TYR F 574 -9.25 3.82 47.51
CA TYR F 574 -9.93 4.97 48.08
C TYR F 574 -9.01 5.68 49.09
N ASN F 575 -9.06 7.00 49.08
CA ASN F 575 -8.20 7.80 49.95
C ASN F 575 -8.98 8.42 51.11
N PRO F 576 -8.65 7.99 52.36
CA PRO F 576 -9.34 8.36 53.60
C PRO F 576 -9.58 9.87 53.81
N ARG F 577 -8.62 10.70 53.43
CA ARG F 577 -8.78 12.15 53.55
C ARG F 577 -9.91 12.63 52.63
N LEU F 578 -10.02 11.99 51.48
CA LEU F 578 -10.96 12.42 50.43
C LEU F 578 -12.40 12.25 50.86
N SER F 579 -13.24 13.20 50.46
CA SER F 579 -14.67 13.15 50.76
C SER F 579 -15.31 11.98 50.04
N PRO F 580 -16.35 11.39 50.65
CA PRO F 580 -17.12 10.33 49.97
C PRO F 580 -17.66 10.79 48.62
N LEU F 581 -17.87 9.83 47.72
CA LEU F 581 -18.26 10.04 46.32
C LEU F 581 -17.07 10.48 45.46
N ASP F 582 -15.97 10.87 46.08
CA ASP F 582 -14.78 11.20 45.31
C ASP F 582 -14.18 9.92 44.74
N ASN F 583 -14.06 8.91 45.59
CA ASN F 583 -13.61 7.59 45.17
C ASN F 583 -14.54 6.99 44.11
N ILE F 584 -15.84 7.20 44.30
CA ILE F 584 -16.86 6.67 43.42
C ILE F 584 -17.00 7.50 42.15
N ASN F 585 -16.99 6.85 41.00
CA ASN F 585 -17.09 7.54 39.72
C ASN F 585 -18.51 7.53 39.15
N LEU F 586 -19.43 6.94 39.90
CA LEU F 586 -20.83 6.83 39.52
C LEU F 586 -21.56 8.16 39.63
N PRO F 587 -22.76 8.28 39.01
CA PRO F 587 -23.55 9.50 39.18
C PRO F 587 -24.01 9.70 40.62
N ALA F 588 -24.16 10.97 41.01
CA ALA F 588 -24.61 11.30 42.36
C ALA F 588 -26.05 10.89 42.59
N ALA F 589 -26.81 10.82 41.51
CA ALA F 589 -28.23 10.49 41.59
C ALA F 589 -28.47 8.99 41.74
N LEU F 590 -27.45 8.19 41.44
CA LEU F 590 -27.60 6.74 41.43
C LEU F 590 -27.28 6.07 42.78
N LEU F 591 -26.66 6.81 43.69
CA LEU F 591 -26.27 6.22 44.97
C LEU F 591 -27.29 6.46 46.09
N SER F 592 -28.33 7.23 45.80
CA SER F 592 -29.47 7.33 46.71
C SER F 592 -30.48 6.27 46.30
N ARG F 593 -30.22 5.67 45.14
CA ARG F 593 -31.11 4.68 44.55
C ARG F 593 -30.92 3.31 45.20
N PHE F 594 -29.69 2.99 45.58
CA PHE F 594 -29.44 1.83 46.43
C PHE F 594 -29.97 2.14 47.83
N ASP F 595 -30.27 1.11 48.61
CA ASP F 595 -30.66 1.32 50.00
C ASP F 595 -29.48 1.63 50.91
N ILE F 596 -28.47 0.78 50.83
CA ILE F 596 -27.36 0.81 51.76
C ILE F 596 -26.13 0.30 51.05
N LEU F 597 -24.96 0.66 51.53
CA LEU F 597 -23.73 0.20 50.91
C LEU F 597 -22.67 -0.07 51.98
N PHE F 598 -21.86 -1.10 51.80
CA PHE F 598 -20.73 -1.31 52.71
C PHE F 598 -19.39 -1.03 52.04
N LEU F 599 -18.66 -0.06 52.55
CA LEU F 599 -17.34 0.23 52.01
C LEU F 599 -16.30 -0.69 52.64
N MET F 600 -15.51 -1.35 51.80
CA MET F 600 -14.52 -2.28 52.31
C MET F 600 -13.11 -1.72 52.19
N LEU F 601 -12.58 -1.27 53.32
CA LEU F 601 -11.24 -0.72 53.34
C LEU F 601 -10.31 -1.84 53.71
N ASP F 602 -9.18 -1.93 53.04
CA ASP F 602 -8.17 -2.86 53.51
C ASP F 602 -7.04 -2.07 54.16
N ILE F 603 -7.03 -2.11 55.49
CA ILE F 603 -6.05 -1.38 56.29
C ILE F 603 -5.13 -2.36 57.00
N PRO F 604 -3.82 -2.22 56.77
CA PRO F 604 -2.87 -3.13 57.43
C PRO F 604 -2.95 -3.07 58.95
N SER F 605 -3.12 -4.25 59.55
CA SER F 605 -3.05 -4.39 60.99
C SER F 605 -2.10 -5.54 61.28
N ARG F 606 -1.08 -5.28 62.09
CA ARG F 606 -0.07 -6.29 62.39
C ARG F 606 -0.69 -7.47 63.15
N ASP F 607 -1.96 -7.36 63.51
CA ASP F 607 -2.68 -8.46 64.14
C ASP F 607 -3.46 -9.28 63.11
N ASP F 608 -4.44 -8.65 62.46
CA ASP F 608 -5.38 -9.36 61.60
C ASP F 608 -4.73 -9.86 60.31
N ASP F 609 -3.69 -9.17 59.86
CA ASP F 609 -2.99 -9.60 58.67
C ASP F 609 -2.15 -10.84 58.96
N GLU F 610 -1.86 -11.08 60.24
CA GLU F 610 -1.25 -12.35 60.63
C GLU F 610 -2.18 -13.52 60.32
N LYS F 611 -3.31 -13.56 61.01
CA LYS F 611 -4.32 -14.60 60.78
C LYS F 611 -4.74 -14.62 59.32
N LEU F 612 -4.62 -13.48 58.65
CA LEU F 612 -4.88 -13.39 57.22
C LEU F 612 -3.84 -14.15 56.43
N ALA F 613 -2.57 -13.92 56.72
CA ALA F 613 -1.50 -14.54 55.96
C ALA F 613 -1.42 -16.02 56.28
N GLU F 614 -1.86 -16.35 57.49
CA GLU F 614 -1.98 -17.73 57.91
C GLU F 614 -3.19 -18.33 57.22
N HIS F 615 -4.12 -17.48 56.82
CA HIS F 615 -5.31 -17.90 56.10
C HIS F 615 -4.98 -18.11 54.62
N VAL F 616 -3.99 -17.35 54.15
CA VAL F 616 -3.50 -17.47 52.79
C VAL F 616 -2.53 -18.63 52.70
N THR F 617 -1.88 -18.97 53.81
CA THR F 617 -0.94 -20.09 53.86
C THR F 617 -1.63 -21.37 54.32
N TYR F 618 -2.89 -21.24 54.74
CA TYR F 618 -3.71 -22.41 55.02
C TYR F 618 -4.01 -23.07 53.67
N VAL F 619 -3.73 -22.29 52.62
CA VAL F 619 -3.57 -22.76 51.26
C VAL F 619 -2.08 -22.54 50.95
N HIS F 620 -1.37 -23.49 50.33
CA HIS F 620 -1.91 -24.68 49.70
C HIS F 620 -1.82 -25.90 50.62
N MET F 621 -1.37 -25.68 51.85
CA MET F 621 -1.19 -26.75 52.83
C MET F 621 -2.41 -27.66 52.91
N HIS F 622 -3.58 -27.07 53.04
CA HIS F 622 -4.83 -27.82 53.09
C HIS F 622 -5.72 -27.49 51.90
N ASN F 623 -6.95 -28.01 51.99
CA ASN F 623 -8.05 -27.79 51.04
C ASN F 623 -9.15 -27.07 51.85
N LYS F 624 -9.67 -27.75 52.87
CA LYS F 624 -10.63 -27.18 53.81
C LYS F 624 -9.96 -26.12 54.68
N GLN F 625 -10.46 -24.89 54.59
CA GLN F 625 -9.97 -23.78 55.43
C GLN F 625 -10.43 -23.72 56.91
N PRO F 626 -11.76 -23.75 57.17
CA PRO F 626 -12.21 -23.34 58.50
C PRO F 626 -12.04 -24.39 59.59
N ASP F 627 -11.93 -23.93 60.84
CA ASP F 627 -11.84 -24.79 62.02
C ASP F 627 -11.78 -24.00 63.32
N LEU F 628 -12.07 -24.71 64.41
CA LEU F 628 -12.07 -24.17 65.78
C LEU F 628 -12.91 -22.91 66.10
N ASP F 629 -14.19 -22.85 65.72
CA ASP F 629 -14.92 -23.91 65.00
C ASP F 629 -16.14 -23.31 64.29
N PHE F 630 -16.43 -23.83 63.10
CA PHE F 630 -17.73 -23.63 62.51
C PHE F 630 -18.06 -24.77 61.54
N THR F 631 -19.35 -25.11 61.46
CA THR F 631 -19.82 -26.07 60.47
C THR F 631 -20.65 -25.33 59.43
N PRO F 632 -20.13 -25.28 58.19
CA PRO F 632 -20.79 -24.55 57.09
C PRO F 632 -22.24 -24.97 56.88
N VAL F 633 -23.11 -24.02 56.59
CA VAL F 633 -24.50 -24.32 56.32
C VAL F 633 -24.74 -24.38 54.81
N GLU F 634 -25.13 -25.56 54.34
CA GLU F 634 -25.20 -25.84 52.91
C GLU F 634 -26.41 -25.18 52.25
N PRO F 635 -26.30 -24.85 50.95
CA PRO F 635 -27.30 -24.10 50.21
C PRO F 635 -28.70 -24.72 50.12
N SER F 636 -28.86 -26.02 49.90
CA SER F 636 -30.20 -26.56 49.70
C SER F 636 -31.14 -26.30 50.88
N LYS F 637 -30.81 -26.90 52.00
CA LYS F 637 -31.56 -26.77 53.25
C LYS F 637 -31.75 -25.30 53.67
N MET F 638 -30.75 -24.48 53.40
CA MET F 638 -30.77 -23.06 53.73
C MET F 638 -31.75 -22.30 52.84
N ARG F 639 -31.61 -22.53 51.53
CA ARG F 639 -32.45 -21.97 50.49
C ARG F 639 -33.91 -22.30 50.70
N GLU F 640 -34.17 -23.44 51.32
CA GLU F 640 -35.56 -23.79 51.54
C GLU F 640 -36.18 -22.98 52.69
N TYR F 641 -35.38 -22.60 53.70
CA TYR F 641 -35.88 -21.67 54.72
C TYR F 641 -35.97 -20.27 54.15
N ILE F 642 -35.02 -19.92 53.29
CA ILE F 642 -34.97 -18.61 52.66
C ILE F 642 -36.16 -18.44 51.71
N ALA F 643 -36.65 -19.55 51.16
CA ALA F 643 -37.85 -19.54 50.32
C ALA F 643 -39.10 -19.81 51.15
N TYR F 644 -38.89 -20.22 52.40
CA TYR F 644 -39.96 -20.45 53.36
C TYR F 644 -40.37 -19.13 53.97
N ALA F 645 -39.42 -18.22 54.00
CA ALA F 645 -39.54 -16.92 54.63
C ALA F 645 -40.27 -15.89 53.76
N LYS F 646 -39.98 -15.88 52.46
CA LYS F 646 -40.57 -14.91 51.54
C LYS F 646 -42.08 -15.06 51.44
N THR F 647 -42.56 -16.23 51.83
CA THR F 647 -43.99 -16.50 51.89
C THR F 647 -44.61 -15.87 53.12
N LYS F 648 -43.83 -15.76 54.20
CA LYS F 648 -44.33 -15.30 55.51
C LYS F 648 -45.10 -13.99 55.44
N ARG F 649 -44.51 -12.99 54.79
CA ARG F 649 -45.15 -11.69 54.61
C ARG F 649 -45.55 -11.00 55.91
N PRO F 650 -44.58 -10.51 56.67
CA PRO F 650 -44.87 -9.77 57.90
C PRO F 650 -45.71 -8.52 57.70
N VAL F 651 -46.41 -8.15 58.76
CA VAL F 651 -47.18 -6.92 58.78
C VAL F 651 -46.80 -6.10 60.02
N MET F 652 -46.26 -4.91 59.77
CA MET F 652 -45.78 -4.06 60.86
C MET F 652 -46.86 -3.71 61.86
N SER F 653 -46.55 -3.91 63.14
CA SER F 653 -47.36 -3.34 64.19
C SER F 653 -47.15 -1.83 64.15
N GLU F 654 -48.10 -1.06 64.69
CA GLU F 654 -48.02 0.40 64.61
C GLU F 654 -46.99 0.96 65.60
N ALA F 655 -46.78 0.28 66.72
CA ALA F 655 -45.79 0.74 67.70
C ALA F 655 -44.41 0.84 67.05
N VAL F 656 -44.00 -0.24 66.42
CA VAL F 656 -42.71 -0.27 65.74
C VAL F 656 -42.72 0.72 64.57
N ASN F 657 -43.87 0.93 63.96
CA ASN F 657 -44.04 1.90 62.86
C ASN F 657 -43.69 3.32 63.31
N ASP F 658 -44.33 3.75 64.39
CA ASP F 658 -44.07 5.05 64.99
C ASP F 658 -42.62 5.17 65.45
N TYR F 659 -42.07 4.10 66.00
CA TYR F 659 -40.65 4.08 66.33
C TYR F 659 -39.77 4.24 65.08
N VAL F 660 -40.23 3.70 63.96
CA VAL F 660 -39.54 3.83 62.68
C VAL F 660 -39.59 5.29 62.26
N VAL F 661 -40.63 6.00 62.70
CA VAL F 661 -40.67 7.43 62.46
C VAL F 661 -39.73 8.26 63.36
N GLN F 662 -39.79 8.04 64.67
CA GLN F 662 -39.12 8.93 65.63
C GLN F 662 -37.59 9.01 65.52
N ALA F 663 -36.91 7.88 65.66
CA ALA F 663 -35.44 7.87 65.56
C ALA F 663 -35.03 8.26 64.16
N TYR F 664 -35.95 8.09 63.22
CA TYR F 664 -35.73 8.52 61.85
C TYR F 664 -35.83 10.01 61.71
N ILE F 665 -36.45 10.67 62.68
CA ILE F 665 -36.46 12.13 62.64
C ILE F 665 -35.07 12.68 62.95
N ARG F 666 -34.43 12.14 63.98
CA ARG F 666 -33.07 12.52 64.31
C ARG F 666 -32.11 11.93 63.29
N LEU F 667 -32.55 10.90 62.57
CA LEU F 667 -31.78 10.39 61.43
C LEU F 667 -31.92 11.38 60.27
N ARG F 668 -33.03 12.10 60.28
CA ARG F 668 -33.39 13.09 59.27
C ARG F 668 -32.88 14.45 59.73
N GLN F 669 -32.20 14.43 60.87
CA GLN F 669 -31.63 15.65 61.47
C GLN F 669 -30.10 15.67 61.52
N ASP F 670 -29.49 14.57 61.97
CA ASP F 670 -28.03 14.49 62.08
C ASP F 670 -27.29 14.37 60.75
N SER F 671 -27.93 13.83 59.73
CA SER F 671 -27.32 13.82 58.40
C SER F 671 -27.50 15.21 57.78
N LYS F 672 -28.58 15.88 58.17
CA LYS F 672 -28.85 17.27 57.77
C LYS F 672 -28.13 18.33 58.61
N ARG F 673 -28.11 18.15 59.93
CA ARG F 673 -27.49 19.14 60.81
C ARG F 673 -25.98 19.07 60.73
N GLU F 674 -25.48 18.04 60.04
CA GLU F 674 -24.07 17.96 59.67
C GLU F 674 -23.84 18.82 58.43
N MET F 675 -24.95 19.25 57.82
CA MET F 675 -24.93 20.26 56.76
C MET F 675 -24.06 19.88 55.58
N ASP F 676 -22.99 20.66 55.39
CA ASP F 676 -22.08 20.52 54.25
C ASP F 676 -21.59 19.08 54.13
N SER F 677 -21.37 18.58 52.90
CA SER F 677 -21.15 17.13 52.65
C SER F 677 -20.07 16.41 53.46
N LYS F 678 -18.85 16.89 53.47
CA LYS F 678 -17.88 16.36 54.42
C LYS F 678 -18.00 14.84 54.49
N PHE F 679 -18.39 14.32 55.65
CA PHE F 679 -18.79 12.91 55.77
C PHE F 679 -19.90 12.63 54.78
N SER F 680 -21.07 13.21 55.05
CA SER F 680 -22.29 13.04 54.26
C SER F 680 -22.58 11.53 54.10
N PHE F 681 -23.28 11.07 53.04
CA PHE F 681 -24.38 11.79 52.44
C PHE F 681 -25.52 11.90 53.44
N GLY F 682 -26.30 12.94 53.31
CA GLY F 682 -27.60 12.96 53.93
C GLY F 682 -28.49 12.19 52.99
N GLN F 683 -29.79 12.44 53.05
CA GLN F 683 -30.38 13.24 54.11
C GLN F 683 -30.86 12.27 55.17
N ALA F 684 -30.47 11.01 54.96
CA ALA F 684 -31.26 9.86 55.37
C ALA F 684 -32.59 10.03 54.65
N THR F 685 -32.52 9.90 53.33
CA THR F 685 -33.61 10.21 52.41
C THR F 685 -34.79 9.28 52.67
N PRO F 686 -35.93 9.48 51.96
CA PRO F 686 -37.00 8.54 52.27
C PRO F 686 -36.61 7.10 52.01
N ARG F 687 -35.81 6.85 50.97
CA ARG F 687 -35.44 5.49 50.57
C ARG F 687 -34.67 4.72 51.64
N THR F 688 -34.10 5.43 52.60
CA THR F 688 -33.46 4.74 53.72
C THR F 688 -34.50 4.34 54.77
N LEU F 689 -35.64 5.03 54.79
CA LEU F 689 -36.75 4.65 55.65
C LEU F 689 -37.59 3.54 55.01
N LEU F 690 -37.83 3.74 53.72
CA LEU F 690 -38.41 2.75 52.82
C LEU F 690 -37.65 1.48 53.05
N GLY F 691 -36.35 1.58 52.82
CA GLY F 691 -35.42 0.51 53.05
C GLY F 691 -35.49 -0.05 54.45
N ILE F 692 -35.31 0.78 55.48
CA ILE F 692 -35.29 0.31 56.87
C ILE F 692 -36.54 -0.53 57.18
N ILE F 693 -37.66 -0.10 56.61
CA ILE F 693 -38.91 -0.79 56.74
C ILE F 693 -38.88 -2.12 56.01
N ARG F 694 -38.43 -2.10 54.76
CA ARG F 694 -38.30 -3.30 53.93
C ARG F 694 -37.26 -4.27 54.48
N LEU F 695 -36.36 -3.72 55.28
CA LEU F 695 -35.27 -4.43 55.91
C LEU F 695 -35.74 -5.10 57.18
N SER F 696 -36.74 -4.51 57.83
CA SER F 696 -37.41 -5.19 58.92
C SER F 696 -38.44 -6.18 58.38
N GLN F 697 -38.92 -5.90 57.17
CA GLN F 697 -39.81 -6.80 56.45
C GLN F 697 -38.99 -8.00 56.02
N ALA F 698 -37.70 -7.76 55.81
CA ALA F 698 -36.72 -8.78 55.48
C ALA F 698 -36.27 -9.52 56.73
N LEU F 699 -36.18 -8.77 57.83
CA LEU F 699 -35.61 -9.26 59.09
C LEU F 699 -36.62 -10.10 59.85
N ALA F 700 -37.89 -9.85 59.57
CA ALA F 700 -38.97 -10.52 60.27
C ALA F 700 -39.07 -11.96 59.81
N LYS F 701 -38.94 -12.18 58.51
CA LYS F 701 -39.00 -13.52 57.93
C LYS F 701 -37.83 -14.36 58.43
N LEU F 702 -36.78 -13.68 58.88
CA LEU F 702 -35.65 -14.33 59.53
C LEU F 702 -36.09 -14.77 60.93
N ARG F 703 -37.08 -14.06 61.46
CA ARG F 703 -37.72 -14.44 62.71
C ARG F 703 -39.04 -15.19 62.49
N LEU F 704 -39.47 -15.33 61.23
CA LEU F 704 -40.89 -15.62 60.94
C LEU F 704 -41.71 -14.47 61.51
N ALA F 705 -42.38 -14.68 62.65
CA ALA F 705 -43.17 -13.61 63.26
C ALA F 705 -44.31 -13.22 62.33
N ASP F 706 -44.12 -12.11 61.61
CA ASP F 706 -45.12 -11.31 60.89
C ASP F 706 -45.61 -10.21 61.82
N MET F 707 -45.12 -10.27 63.06
CA MET F 707 -45.46 -9.27 64.06
C MET F 707 -44.44 -8.11 64.12
N VAL F 708 -43.29 -8.27 63.47
CA VAL F 708 -42.30 -7.18 63.33
C VAL F 708 -41.91 -6.53 64.66
N ASP F 709 -41.03 -7.19 65.43
CA ASP F 709 -40.62 -6.68 66.74
C ASP F 709 -39.96 -5.29 66.66
N ILE F 710 -39.95 -4.59 67.79
CA ILE F 710 -39.31 -3.29 67.88
C ILE F 710 -37.81 -3.41 67.60
N ASP F 711 -37.19 -4.45 68.13
CA ASP F 711 -35.78 -4.71 67.88
C ASP F 711 -35.62 -5.33 66.50
N ASP F 712 -36.72 -5.83 65.95
CA ASP F 712 -36.72 -6.34 64.58
C ASP F 712 -36.51 -5.17 63.62
N VAL F 713 -36.94 -3.99 64.05
CA VAL F 713 -36.63 -2.75 63.37
C VAL F 713 -35.20 -2.33 63.71
N GLU F 714 -34.90 -2.34 65.01
CA GLU F 714 -33.63 -1.87 65.53
C GLU F 714 -32.40 -2.58 64.93
N GLU F 715 -32.58 -3.83 64.49
CA GLU F 715 -31.47 -4.59 63.93
C GLU F 715 -31.08 -4.02 62.58
N ALA F 716 -32.06 -3.52 61.85
CA ALA F 716 -31.78 -2.75 60.65
C ALA F 716 -31.16 -1.43 61.05
N LEU F 717 -31.65 -0.86 62.16
CA LEU F 717 -31.09 0.42 62.65
C LEU F 717 -29.60 0.34 62.98
N ARG F 718 -29.13 -0.84 63.39
CA ARG F 718 -27.71 -0.99 63.66
C ARG F 718 -26.91 -0.96 62.35
N LEU F 719 -27.50 -1.50 61.29
CA LEU F 719 -26.82 -1.56 59.99
C LEU F 719 -26.82 -0.21 59.28
N VAL F 720 -27.82 0.62 59.59
CA VAL F 720 -27.96 1.94 58.99
C VAL F 720 -26.64 2.73 59.01
N ARG F 721 -26.19 3.11 60.21
CA ARG F 721 -24.98 3.93 60.30
C ARG F 721 -23.74 3.08 60.04
N VAL F 722 -23.78 1.81 60.42
CA VAL F 722 -22.64 0.92 60.24
C VAL F 722 -22.22 0.86 58.76
N SER F 723 -23.20 0.95 57.87
CA SER F 723 -22.92 1.07 56.44
C SER F 723 -22.00 2.24 56.15
N LYS F 724 -22.42 3.43 56.59
CA LYS F 724 -21.61 4.62 56.51
C LYS F 724 -20.63 4.60 57.68
N GLU F 725 -19.99 5.75 57.92
CA GLU F 725 -19.11 5.95 59.08
C GLU F 725 -17.90 5.02 59.04
N SER F 726 -17.92 4.07 58.10
CA SER F 726 -16.76 3.25 57.84
C SER F 726 -15.84 4.08 56.96
N LEU F 727 -16.38 5.19 56.46
CA LEU F 727 -15.63 6.15 55.65
C LEU F 727 -14.53 6.88 56.44
N TYR F 728 -14.51 6.70 57.76
CA TYR F 728 -13.51 7.33 58.62
C TYR F 728 -12.11 6.71 58.54
N GLN F 729 -12.03 5.41 58.75
CA GLN F 729 -10.75 4.73 58.95
C GLN F 729 -9.91 4.70 57.67
N MET G 1 46.35 -17.66 22.60
CA MET G 1 47.03 -16.97 23.68
C MET G 1 48.53 -17.25 23.65
N TYR G 2 48.96 -18.05 22.68
CA TYR G 2 50.29 -18.62 22.75
C TYR G 2 51.14 -18.47 21.49
N GLY G 3 50.81 -19.22 20.45
CA GLY G 3 51.51 -19.13 19.17
C GLY G 3 50.59 -18.48 18.17
N ASP G 4 49.48 -18.00 18.70
CA ASP G 4 48.41 -17.40 17.91
C ASP G 4 48.79 -16.07 17.30
N LEU G 5 49.57 -15.29 18.03
CA LEU G 5 49.86 -13.91 17.66
C LEU G 5 50.42 -13.82 16.24
N GLY G 6 51.22 -14.81 15.88
CA GLY G 6 51.78 -14.89 14.55
C GLY G 6 50.72 -15.15 13.48
N ASN G 7 49.58 -15.71 13.89
CA ASN G 7 48.55 -16.06 12.93
C ASN G 7 47.85 -14.83 12.35
N LYS G 8 47.76 -13.77 13.14
CA LYS G 8 47.31 -12.48 12.65
C LYS G 8 48.22 -12.04 11.52
N LEU G 9 49.51 -12.22 11.76
CA LEU G 9 50.56 -11.78 10.86
C LEU G 9 50.57 -12.57 9.55
N VAL G 10 50.43 -13.89 9.63
CA VAL G 10 50.41 -14.73 8.44
C VAL G 10 49.09 -14.54 7.69
N LEU G 11 48.04 -14.19 8.42
CA LEU G 11 46.78 -13.82 7.77
C LEU G 11 47.01 -12.57 6.91
N GLU G 12 47.64 -11.57 7.52
CA GLU G 12 48.04 -10.37 6.80
C GLU G 12 48.92 -10.74 5.62
N ALA G 13 49.71 -11.80 5.79
CA ALA G 13 50.56 -12.29 4.73
C ALA G 13 49.73 -12.85 3.58
N LYS G 14 48.58 -13.43 3.92
CA LYS G 14 47.65 -13.90 2.90
C LYS G 14 47.16 -12.74 2.08
N ARG G 15 46.64 -11.72 2.77
CA ARG G 15 46.09 -10.58 2.05
C ARG G 15 47.17 -9.90 1.20
N THR G 16 48.41 -9.87 1.70
CA THR G 16 49.46 -9.17 0.98
C THR G 16 50.00 -10.04 -0.15
N LYS G 17 49.73 -11.34 -0.09
CA LYS G 17 49.94 -12.19 -1.25
C LYS G 17 48.91 -11.85 -2.31
N GLN G 18 47.68 -11.60 -1.86
CA GLN G 18 46.61 -11.22 -2.77
C GLN G 18 46.85 -9.85 -3.41
N LEU G 19 47.59 -8.99 -2.71
CA LEU G 19 47.88 -7.66 -3.24
C LEU G 19 48.90 -7.68 -4.38
N TYR G 20 49.67 -8.77 -4.47
CA TYR G 20 50.45 -9.04 -5.69
C TYR G 20 49.81 -10.06 -6.66
N ALA G 21 48.91 -10.94 -6.18
CA ALA G 21 48.39 -12.09 -7.00
C ALA G 21 47.63 -11.94 -8.33
N ARG G 22 46.58 -11.13 -8.40
CA ARG G 22 45.94 -10.78 -9.67
C ARG G 22 46.74 -9.67 -10.38
N SER G 23 47.17 -8.62 -9.66
CA SER G 23 46.53 -8.12 -8.43
C SER G 23 45.54 -6.94 -8.48
N ASN G 24 45.51 -6.09 -9.53
CA ASN G 24 46.52 -5.94 -10.58
C ASN G 24 47.82 -5.40 -9.97
N GLN G 25 48.94 -5.51 -10.67
CA GLN G 25 50.22 -5.39 -9.98
C GLN G 25 50.70 -3.94 -9.92
N ASP G 26 50.51 -3.35 -8.74
CA ASP G 26 51.19 -2.11 -8.34
C ASP G 26 52.23 -2.32 -7.25
N VAL G 27 52.37 -3.56 -6.78
CA VAL G 27 53.17 -3.96 -5.60
C VAL G 27 52.86 -3.02 -4.39
N ASN G 28 53.83 -2.23 -3.90
CA ASN G 28 53.62 -1.32 -2.75
C ASN G 28 53.22 -2.03 -1.45
N LEU G 29 54.18 -2.73 -0.84
CA LEU G 29 53.93 -3.47 0.40
C LEU G 29 53.57 -2.54 1.55
N PRO G 30 52.56 -2.92 2.35
CA PRO G 30 51.95 -2.02 3.33
C PRO G 30 52.92 -1.49 4.38
N MET G 31 53.67 -2.39 5.02
CA MET G 31 54.72 -2.06 5.98
C MET G 31 55.28 -3.35 6.55
N TYR G 32 56.46 -3.27 7.13
CA TYR G 32 56.94 -4.32 8.01
C TYR G 32 56.31 -4.08 9.36
N HIS G 33 55.72 -5.12 9.95
CA HIS G 33 55.09 -4.88 11.22
C HIS G 33 56.20 -5.06 12.25
N GLU G 34 56.68 -3.94 12.76
CA GLU G 34 57.80 -3.92 13.69
C GLU G 34 57.32 -4.17 15.11
N ASP G 35 56.20 -3.55 15.43
CA ASP G 35 55.54 -3.68 16.73
C ASP G 35 55.15 -5.12 17.06
N ILE G 36 54.34 -5.72 16.18
CA ILE G 36 53.71 -6.99 16.49
C ILE G 36 54.72 -8.13 16.60
N ILE G 37 55.70 -8.15 15.70
CA ILE G 37 56.68 -9.22 15.75
C ILE G 37 57.44 -9.09 17.04
N ARG G 38 57.66 -7.86 17.50
CA ARG G 38 58.33 -7.64 18.78
C ARG G 38 57.47 -8.09 19.96
N ASN G 39 56.15 -8.00 19.82
CA ASN G 39 55.30 -8.60 20.85
C ASN G 39 55.55 -10.10 20.87
N ILE G 40 55.50 -10.71 19.69
CA ILE G 40 55.87 -12.11 19.54
C ILE G 40 57.23 -12.37 20.17
N LEU G 41 58.17 -11.44 19.98
CA LEU G 41 59.56 -11.63 20.34
C LEU G 41 59.74 -11.55 21.83
N LYS G 42 58.95 -10.70 22.47
CA LYS G 42 59.01 -10.61 23.91
C LYS G 42 58.42 -11.88 24.47
N GLU G 43 57.46 -12.48 23.78
CA GLU G 43 56.98 -13.79 24.24
C GLU G 43 57.87 -14.97 23.81
N VAL G 44 58.68 -14.80 22.76
CA VAL G 44 59.50 -15.88 22.22
C VAL G 44 60.77 -15.93 23.05
N SER G 45 61.14 -14.75 23.55
CA SER G 45 62.24 -14.63 24.47
C SER G 45 61.74 -15.01 25.85
N ASN G 46 60.47 -14.73 26.10
CA ASN G 46 59.81 -15.10 27.36
C ASN G 46 59.68 -16.59 27.46
N LEU G 47 59.53 -17.25 26.31
CA LEU G 47 59.25 -18.66 26.28
C LEU G 47 60.50 -19.42 26.65
N ARG G 48 61.60 -19.03 26.03
CA ARG G 48 62.89 -19.62 26.36
C ARG G 48 63.42 -19.02 27.66
N LYS G 49 62.75 -17.99 28.18
CA LYS G 49 63.08 -17.47 29.50
C LYS G 49 62.46 -18.38 30.54
N ASN G 50 61.22 -18.78 30.27
CA ASN G 50 60.53 -19.74 31.11
C ASN G 50 61.25 -21.07 31.02
N THR G 51 61.61 -21.46 29.80
CA THR G 51 62.27 -22.74 29.55
C THR G 51 63.68 -22.79 30.14
N GLU G 52 64.42 -21.67 30.06
CA GLU G 52 65.74 -21.63 30.70
C GLU G 52 65.52 -21.72 32.20
N TYR G 53 64.49 -21.06 32.70
CA TYR G 53 64.17 -21.14 34.12
C TYR G 53 63.81 -22.57 34.52
N LEU G 54 63.16 -23.30 33.63
CA LEU G 54 62.72 -24.67 33.93
C LEU G 54 63.90 -25.60 33.80
N LYS G 55 64.88 -25.13 33.03
CA LYS G 55 66.12 -25.87 32.80
C LYS G 55 66.95 -25.75 34.06
N GLU G 56 66.70 -24.67 34.80
CA GLU G 56 67.19 -24.58 36.17
C GLU G 56 66.31 -25.43 37.10
N GLN G 57 64.99 -25.37 36.90
CA GLN G 57 64.03 -26.00 37.80
C GLN G 57 64.02 -27.52 37.65
N GLN G 58 64.28 -28.01 36.44
CA GLN G 58 64.36 -29.43 36.17
C GLN G 58 65.55 -30.05 36.91
N GLN G 59 66.53 -29.21 37.21
CA GLN G 59 67.78 -29.67 37.81
C GLN G 59 67.65 -29.81 39.33
N LEU G 60 66.59 -29.23 39.89
CA LEU G 60 66.44 -29.18 41.34
C LEU G 60 65.32 -30.06 41.89
N GLY G 61 64.10 -29.57 41.80
CA GLY G 61 62.97 -30.23 42.45
C GLY G 61 62.06 -31.01 41.52
N MET G 62 62.19 -30.77 40.22
CA MET G 62 61.35 -31.46 39.24
C MET G 62 61.91 -32.85 38.96
N LEU G 63 63.23 -32.98 39.05
CA LEU G 63 63.92 -34.26 38.92
C LEU G 63 63.59 -35.02 37.64
N ASP G 64 63.71 -34.34 36.50
CA ASP G 64 63.42 -34.92 35.19
C ASP G 64 62.04 -35.59 35.18
N ASP G 65 61.08 -34.91 35.80
CA ASP G 65 59.69 -35.37 35.81
C ASP G 65 59.22 -35.60 34.39
N LYS G 66 58.51 -36.70 34.16
CA LYS G 66 58.04 -37.06 32.82
C LYS G 66 57.23 -35.91 32.22
N VAL G 67 56.56 -35.15 33.08
CA VAL G 67 55.88 -33.95 32.63
C VAL G 67 56.86 -32.79 32.47
N ALA G 68 57.83 -32.68 33.37
CA ALA G 68 58.87 -31.66 33.23
C ALA G 68 59.60 -31.87 31.91
N LYS G 69 59.67 -33.12 31.48
CA LYS G 69 60.25 -33.49 30.19
C LYS G 69 59.42 -32.93 29.04
N CYS G 70 58.13 -32.72 29.28
CA CYS G 70 57.21 -32.28 28.23
C CYS G 70 57.52 -30.90 27.68
N GLN G 71 57.61 -29.89 28.53
CA GLN G 71 57.65 -28.49 28.07
C GLN G 71 58.84 -28.16 27.17
N TYR G 72 59.83 -29.02 27.11
CA TYR G 72 60.92 -28.81 26.16
C TYR G 72 60.45 -29.33 24.82
N PHE G 73 59.68 -30.41 24.89
CA PHE G 73 59.01 -30.99 23.74
C PHE G 73 57.77 -30.17 23.36
N VAL G 74 57.45 -29.13 24.14
CA VAL G 74 56.19 -28.38 23.99
C VAL G 74 56.38 -26.90 23.62
N THR G 75 57.02 -26.15 24.51
CA THR G 75 57.21 -24.73 24.32
C THR G 75 58.11 -24.44 23.11
N LEU G 76 59.14 -25.26 22.98
CA LEU G 76 60.05 -25.18 21.84
C LEU G 76 59.28 -25.32 20.53
N LEU G 77 58.15 -26.03 20.56
CA LEU G 77 57.33 -26.14 19.37
C LEU G 77 56.85 -24.79 18.94
N CYS G 78 56.36 -24.00 19.90
CA CYS G 78 55.91 -22.65 19.60
C CYS G 78 57.09 -21.82 19.16
N MET G 79 58.27 -22.15 19.62
CA MET G 79 59.45 -21.48 19.06
C MET G 79 59.55 -21.75 17.56
N GLU G 80 59.40 -23.02 17.19
CA GLU G 80 59.40 -23.39 15.78
C GLU G 80 58.22 -22.76 15.03
N ARG G 81 57.14 -22.54 15.76
CA ARG G 81 55.89 -22.02 15.23
C ARG G 81 56.07 -20.58 14.80
N ASN G 82 56.51 -19.78 15.77
CA ASN G 82 56.88 -18.40 15.54
C ASN G 82 57.84 -18.38 14.38
N LYS G 83 58.93 -19.13 14.50
CA LYS G 83 59.93 -19.16 13.44
C LYS G 83 59.27 -19.37 12.08
N ARG G 84 58.40 -20.36 11.98
CA ARG G 84 57.67 -20.62 10.73
C ARG G 84 56.96 -19.36 10.23
N CYS G 85 56.16 -18.78 11.12
CA CYS G 85 55.39 -17.57 10.83
C CYS G 85 56.28 -16.43 10.33
N LEU G 86 57.29 -16.07 11.11
CA LEU G 86 58.22 -14.99 10.81
C LEU G 86 58.97 -15.24 9.51
N LEU G 87 59.60 -16.40 9.43
CA LEU G 87 60.30 -16.84 8.23
C LEU G 87 59.39 -16.61 7.04
N ALA G 88 58.33 -17.38 6.94
CA ALA G 88 57.47 -17.33 5.76
C ALA G 88 56.92 -15.93 5.50
N TYR G 89 56.72 -15.17 6.57
CA TYR G 89 56.31 -13.78 6.43
C TYR G 89 57.33 -13.02 5.64
N GLN G 90 58.58 -13.23 6.01
CA GLN G 90 59.69 -12.52 5.40
C GLN G 90 60.08 -13.12 4.05
N ARG G 91 59.87 -14.43 3.85
CA ARG G 91 60.20 -15.08 2.59
C ARG G 91 59.20 -14.61 1.56
N LEU G 92 57.97 -14.44 2.01
CA LEU G 92 56.98 -13.70 1.24
C LEU G 92 57.49 -12.30 0.95
N ARG G 93 57.69 -11.55 2.04
CA ARG G 93 58.08 -10.14 2.04
C ARG G 93 59.33 -9.86 1.20
N THR G 94 60.12 -10.91 0.98
CA THR G 94 61.36 -10.80 0.20
C THR G 94 61.18 -11.29 -1.25
N ASP G 95 60.63 -12.49 -1.41
CA ASP G 95 60.35 -13.03 -2.74
C ASP G 95 59.59 -12.01 -3.58
N ILE G 96 58.63 -11.34 -2.95
CA ILE G 96 57.90 -10.26 -3.61
C ILE G 96 58.85 -9.12 -4.01
N LEU G 97 59.82 -8.80 -3.16
CA LEU G 97 60.71 -7.68 -3.41
C LEU G 97 61.84 -8.01 -4.38
N ASP G 98 62.32 -9.25 -4.35
CA ASP G 98 63.30 -9.73 -5.32
C ASP G 98 62.63 -9.74 -6.67
N SER G 99 61.38 -10.16 -6.71
CA SER G 99 60.60 -10.04 -7.93
C SER G 99 60.54 -8.57 -8.33
N MET G 100 60.35 -7.69 -7.35
CA MET G 100 60.31 -6.25 -7.59
C MET G 100 61.66 -5.71 -8.07
N ALA G 101 62.71 -6.50 -7.88
CA ALA G 101 64.03 -6.15 -8.36
C ALA G 101 64.17 -6.57 -9.81
N TRP G 102 64.03 -7.87 -10.04
CA TRP G 102 64.22 -8.49 -11.35
C TRP G 102 63.50 -7.77 -12.48
N ASN G 103 62.20 -7.57 -12.31
CA ASN G 103 61.38 -6.91 -13.33
C ASN G 103 62.00 -5.57 -13.72
N ASN G 104 62.04 -4.64 -12.78
CA ASN G 104 62.76 -3.41 -13.06
C ASN G 104 63.99 -3.12 -12.20
N ASN G 105 65.14 -3.42 -12.76
CA ASN G 105 66.14 -2.39 -12.96
C ASN G 105 66.46 -2.67 -14.40
N GLY G 106 65.68 -2.07 -15.29
CA GLY G 106 64.79 -0.97 -14.96
C GLY G 106 64.74 0.39 -15.69
N LEU G 107 65.14 0.47 -16.96
CA LEU G 107 66.10 -0.38 -17.65
C LEU G 107 66.86 0.44 -18.67
N ASP G 108 68.11 0.82 -18.40
CA ASP G 108 69.01 1.14 -19.50
C ASP G 108 70.50 0.79 -19.14
N LEU G 109 71.19 1.52 -18.26
CA LEU G 109 70.69 2.65 -17.44
C LEU G 109 69.54 2.49 -16.43
N MET G 110 69.64 1.58 -15.45
CA MET G 110 68.53 1.45 -14.50
C MET G 110 67.95 2.83 -14.06
N SER G 111 68.76 3.84 -13.71
CA SER G 111 70.19 3.75 -13.46
C SER G 111 70.41 3.64 -11.96
N SER G 112 69.31 3.72 -11.22
CA SER G 112 69.33 3.58 -9.77
C SER G 112 67.99 3.04 -9.27
N ILE G 113 68.03 2.40 -8.10
CA ILE G 113 66.86 1.86 -7.45
C ILE G 113 66.18 2.99 -6.69
N THR G 114 66.85 4.14 -6.68
CA THR G 114 66.34 5.35 -6.03
C THR G 114 64.99 5.76 -6.65
N PHE G 115 64.02 6.02 -5.77
CA PHE G 115 62.64 6.37 -6.11
C PHE G 115 61.89 5.21 -6.74
N SER G 116 62.62 4.19 -7.19
CA SER G 116 61.98 2.96 -7.62
C SER G 116 61.65 2.22 -6.35
N GLN G 117 60.58 1.44 -6.37
CA GLN G 117 60.06 0.83 -5.16
C GLN G 117 59.70 1.93 -4.17
N GLN G 118 58.60 2.62 -4.47
CA GLN G 118 58.19 3.84 -3.79
C GLN G 118 58.09 3.72 -2.27
N ASP G 119 57.96 2.48 -1.79
CA ASP G 119 57.85 2.22 -0.36
C ASP G 119 58.93 2.94 0.42
N THR G 120 60.18 2.83 -0.03
CA THR G 120 61.28 3.61 0.52
C THR G 120 61.30 3.47 2.05
N ASN G 121 61.01 4.57 2.73
CA ASN G 121 60.89 4.59 4.18
C ASN G 121 59.98 3.49 4.76
N ASN G 122 58.85 3.24 4.11
CA ASN G 122 57.84 2.32 4.65
C ASN G 122 58.34 0.89 4.74
N LEU G 123 59.18 0.51 3.79
CA LEU G 123 59.85 -0.79 3.80
C LEU G 123 60.92 -0.76 4.89
N SER G 124 60.93 -1.77 5.77
CA SER G 124 61.83 -1.75 6.93
C SER G 124 63.30 -1.75 6.52
N HIS G 125 64.11 -1.00 7.27
CA HIS G 125 65.47 -0.69 6.89
C HIS G 125 66.35 -1.93 6.67
N GLN G 126 66.11 -2.98 7.44
CA GLN G 126 66.86 -4.21 7.27
C GLN G 126 66.59 -4.76 5.87
N GLU G 127 65.34 -4.65 5.44
CA GLU G 127 64.97 -5.03 4.09
C GLU G 127 65.44 -4.01 3.06
N GLN G 128 65.62 -2.75 3.46
CA GLN G 128 66.05 -1.72 2.52
C GLN G 128 67.48 -2.00 2.12
N GLU G 129 68.33 -2.08 3.15
CA GLU G 129 69.72 -2.49 3.03
C GLU G 129 69.82 -3.80 2.27
N TYR G 130 69.04 -4.79 2.68
CA TYR G 130 69.06 -6.09 2.01
C TYR G 130 68.77 -6.00 0.54
N LEU G 131 67.63 -5.38 0.21
CA LEU G 131 67.16 -5.29 -1.16
C LEU G 131 68.18 -4.60 -2.02
N LYS G 132 68.62 -3.42 -1.61
CA LYS G 132 69.53 -2.67 -2.45
C LYS G 132 70.83 -3.46 -2.59
N GLU G 133 71.19 -4.21 -1.54
CA GLU G 133 72.36 -5.08 -1.60
C GLU G 133 72.12 -6.23 -2.58
N TYR G 134 70.87 -6.62 -2.73
CA TYR G 134 70.51 -7.76 -3.56
C TYR G 134 70.54 -7.37 -5.02
N CYS G 135 70.09 -6.17 -5.33
CA CYS G 135 70.19 -5.72 -6.70
C CYS G 135 71.64 -5.32 -6.98
N ASP G 136 72.39 -5.02 -5.91
CA ASP G 136 73.83 -4.94 -6.06
C ASP G 136 74.33 -6.29 -6.55
N LEU G 137 73.77 -7.36 -5.99
CA LEU G 137 74.11 -8.70 -6.45
C LEU G 137 73.67 -8.93 -7.90
N ILE G 138 72.50 -8.43 -8.29
CA ILE G 138 71.97 -8.71 -9.63
C ILE G 138 72.77 -7.96 -10.69
N THR G 139 73.38 -6.85 -10.28
CA THR G 139 74.28 -6.11 -11.15
C THR G 139 75.44 -7.02 -11.56
N ASP G 140 75.81 -7.94 -10.67
CA ASP G 140 76.86 -8.90 -10.96
C ASP G 140 76.37 -9.96 -11.94
N LEU G 141 75.07 -10.10 -12.07
CA LEU G 141 74.53 -10.97 -13.10
C LEU G 141 74.55 -10.21 -14.42
N LYS G 142 74.45 -8.89 -14.33
CA LYS G 142 74.75 -8.08 -15.49
C LYS G 142 76.25 -8.14 -15.82
N SER G 143 77.05 -8.51 -14.83
CA SER G 143 78.49 -8.70 -15.06
C SER G 143 78.78 -10.04 -15.70
N GLY G 144 78.05 -11.07 -15.27
CA GLY G 144 78.30 -12.42 -15.73
C GLY G 144 77.97 -12.57 -17.20
N ASP G 145 76.96 -11.83 -17.65
CA ASP G 145 76.62 -11.85 -19.07
C ASP G 145 76.66 -10.43 -19.65
N LEU G 146 77.43 -10.16 -20.73
CA LEU G 146 78.10 -11.12 -21.63
C LEU G 146 77.03 -11.99 -22.31
N VAL G 147 75.97 -11.31 -22.76
CA VAL G 147 75.00 -11.92 -23.67
C VAL G 147 74.75 -11.01 -24.91
N ASP G 148 74.27 -9.76 -24.78
CA ASP G 148 74.11 -9.00 -23.54
C ASP G 148 72.70 -9.13 -22.98
N ILE G 149 72.61 -9.17 -21.67
CA ILE G 149 71.35 -9.41 -20.98
C ILE G 149 71.22 -8.33 -19.89
N ASP G 150 70.13 -7.55 -19.82
CA ASP G 150 68.83 -7.65 -20.51
C ASP G 150 68.08 -8.93 -20.12
N LEU G 151 68.36 -9.39 -18.90
CA LEU G 151 67.50 -10.35 -18.22
C LEU G 151 66.34 -9.57 -17.66
N SER G 152 66.67 -8.37 -17.18
CA SER G 152 65.68 -7.48 -16.61
C SER G 152 64.81 -7.02 -17.76
N GLY G 153 65.43 -6.85 -18.92
CA GLY G 153 64.70 -6.53 -20.13
C GLY G 153 64.33 -7.79 -20.87
N SER G 154 63.74 -7.64 -22.05
CA SER G 154 63.43 -8.76 -22.95
C SER G 154 62.74 -9.93 -22.26
N LEU G 155 61.67 -9.64 -21.53
CA LEU G 155 60.90 -10.70 -20.88
C LEU G 155 59.98 -11.42 -21.86
N VAL G 156 59.25 -10.63 -22.66
CA VAL G 156 58.29 -11.15 -23.63
C VAL G 156 58.90 -11.28 -25.04
N PRO G 157 58.60 -12.38 -25.75
CA PRO G 157 59.03 -12.68 -27.12
C PRO G 157 58.80 -11.55 -28.11
N PRO G 158 59.67 -11.43 -29.11
CA PRO G 158 59.69 -10.38 -30.14
C PRO G 158 58.63 -10.52 -31.23
N SER G 159 58.06 -9.40 -31.66
CA SER G 159 57.31 -9.31 -32.93
C SER G 159 56.70 -7.95 -33.26
N ASP G 160 56.47 -7.70 -34.55
CA ASP G 160 57.35 -8.19 -35.62
C ASP G 160 57.55 -7.17 -36.75
N VAL G 161 58.75 -6.63 -36.91
CA VAL G 161 59.67 -6.42 -35.81
C VAL G 161 59.33 -5.03 -35.30
N PHE G 162 58.56 -4.33 -36.12
CA PHE G 162 58.37 -2.90 -35.97
C PHE G 162 56.99 -2.55 -35.43
N ILE G 163 56.97 -1.64 -34.47
CA ILE G 163 55.71 -1.26 -33.85
C ILE G 163 55.56 0.26 -33.85
N ASP G 164 54.41 0.75 -33.41
CA ASP G 164 54.20 2.18 -33.25
C ASP G 164 53.98 2.53 -31.79
N VAL G 165 54.98 3.16 -31.19
CA VAL G 165 54.89 3.56 -29.80
C VAL G 165 54.58 5.04 -29.73
N ARG G 166 53.70 5.44 -28.82
CA ARG G 166 53.42 6.87 -28.62
C ARG G 166 53.90 7.32 -27.24
N VAL G 167 54.49 8.50 -27.20
CA VAL G 167 55.05 9.06 -25.98
C VAL G 167 53.97 9.74 -25.14
N LEU G 168 54.05 9.59 -23.81
CA LEU G 168 53.07 10.25 -22.95
C LEU G 168 53.70 11.30 -22.03
N LYS G 169 53.52 12.57 -22.38
CA LYS G 169 54.04 13.70 -21.61
C LYS G 169 55.49 13.52 -21.16
N ASP G 170 56.35 13.08 -22.08
CA ASP G 170 57.71 12.70 -21.72
C ASP G 170 58.78 13.37 -22.56
N ALA G 171 59.68 14.09 -21.90
CA ALA G 171 60.84 14.66 -22.56
C ALA G 171 62.04 14.64 -21.61
N GLY G 172 63.21 14.22 -22.10
CA GLY G 172 63.38 13.77 -23.47
C GLY G 172 63.96 14.84 -24.38
N GLU G 173 64.79 14.44 -25.33
CA GLU G 173 65.14 13.03 -25.52
C GLU G 173 66.41 12.63 -24.75
N ILE G 174 66.36 11.43 -24.20
CA ILE G 174 67.51 10.79 -23.53
C ILE G 174 68.29 9.99 -24.56
N GLN G 175 67.94 10.19 -25.82
CA GLN G 175 68.16 9.23 -26.90
C GLN G 175 69.60 9.17 -27.39
N THR G 176 70.51 9.77 -26.63
CA THR G 176 71.94 9.74 -26.94
C THR G 176 72.44 8.36 -27.37
N GLU G 177 71.94 7.30 -26.73
CA GLU G 177 72.27 5.93 -27.15
C GLU G 177 71.68 5.66 -28.53
N TYR G 178 72.40 4.91 -29.36
CA TYR G 178 71.93 4.63 -30.72
C TYR G 178 71.74 5.96 -31.43
N GLY G 179 70.51 6.38 -31.66
CA GLY G 179 70.32 7.68 -32.29
C GLY G 179 69.19 8.45 -31.65
N VAL G 180 69.17 9.76 -31.89
CA VAL G 180 68.35 10.64 -31.09
C VAL G 180 66.97 10.84 -31.70
N PHE G 181 65.97 10.26 -31.03
CA PHE G 181 64.63 10.13 -31.58
C PHE G 181 63.70 11.25 -31.11
N ASN G 182 64.24 12.18 -30.34
CA ASN G 182 63.57 13.44 -30.05
C ASN G 182 62.20 13.29 -29.38
N LEU G 183 62.19 12.90 -28.11
CA LEU G 183 60.94 12.70 -27.39
C LEU G 183 60.20 14.00 -27.10
N ILE G 184 58.95 14.05 -27.53
CA ILE G 184 58.05 15.18 -27.30
C ILE G 184 56.71 14.63 -26.82
N LYS G 185 55.95 15.41 -26.06
CA LYS G 185 54.58 15.04 -25.72
C LYS G 185 53.79 14.76 -27.00
N ASP G 186 52.99 13.69 -26.97
CA ASP G 186 52.17 13.28 -28.10
C ASP G 186 53.02 13.00 -29.31
N SER G 187 54.06 12.20 -29.12
CA SER G 187 54.93 11.81 -30.22
C SER G 187 54.93 10.30 -30.37
N GLN G 188 54.50 9.81 -31.53
CA GLN G 188 54.66 8.39 -31.77
C GLN G 188 55.62 8.12 -32.91
N PHE G 189 55.91 6.84 -33.13
CA PHE G 189 56.96 6.44 -34.06
C PHE G 189 56.56 5.22 -34.86
N PHE G 190 57.47 4.77 -35.72
CA PHE G 190 57.43 3.44 -36.28
C PHE G 190 58.85 2.91 -36.15
N VAL G 191 59.07 1.90 -35.30
CA VAL G 191 60.43 1.50 -34.93
C VAL G 191 60.48 0.02 -34.54
N ARG G 192 61.66 -0.59 -34.72
CA ARG G 192 61.91 -1.98 -34.36
C ARG G 192 61.74 -2.27 -32.88
N GLN G 193 61.55 -3.54 -32.56
CA GLN G 193 61.39 -4.02 -31.19
C GLN G 193 62.54 -3.65 -30.26
N SER G 194 63.76 -3.60 -30.81
CA SER G 194 64.97 -3.44 -30.01
C SER G 194 64.94 -2.25 -29.05
N ASP G 195 64.90 -1.04 -29.61
CA ASP G 195 65.00 0.17 -28.82
C ASP G 195 63.79 0.37 -27.90
N VAL G 196 62.70 -0.29 -28.21
CA VAL G 196 61.46 -0.16 -27.45
C VAL G 196 61.61 -0.57 -25.99
N GLU G 197 62.29 -1.70 -25.79
CA GLU G 197 62.25 -2.45 -24.53
C GLU G 197 62.52 -1.63 -23.28
N ARG G 198 63.41 -0.64 -23.41
CA ARG G 198 63.84 0.26 -22.30
C ARG G 198 62.92 1.42 -21.86
N LEU G 199 62.46 2.23 -22.81
CA LEU G 199 61.54 3.33 -22.55
C LEU G 199 60.09 2.86 -22.50
N ILE G 200 59.84 1.63 -22.92
CA ILE G 200 58.50 1.06 -22.73
C ILE G 200 58.33 0.66 -21.26
N GLN G 201 59.40 0.13 -20.66
CA GLN G 201 59.41 -0.14 -19.22
C GLN G 201 59.76 1.11 -18.43
N GLN G 202 60.45 2.05 -19.08
CA GLN G 202 60.81 3.31 -18.44
C GLN G 202 59.57 4.21 -18.35
N GLY G 203 58.49 3.79 -19.02
CA GLY G 203 57.20 4.45 -18.91
C GLY G 203 56.97 5.52 -19.95
N TYR G 204 58.02 5.87 -20.69
CA TYR G 204 57.96 6.96 -21.65
C TYR G 204 57.16 6.56 -22.90
N LEU G 205 57.51 5.42 -23.47
CA LEU G 205 56.82 4.87 -24.63
C LEU G 205 55.50 4.18 -24.22
N GLN G 206 54.56 4.04 -25.16
CA GLN G 206 53.32 3.32 -24.84
C GLN G 206 52.86 2.24 -25.81
N LYS G 207 52.36 2.66 -26.97
CA LYS G 207 51.49 1.79 -27.76
C LYS G 207 52.25 0.67 -28.45
N ILE G 208 51.67 -0.51 -28.45
CA ILE G 208 52.25 -1.66 -29.13
C ILE G 208 51.29 -2.22 -30.17
N LEU H 3 63.39 -13.72 -11.70
CA LEU H 3 62.23 -14.45 -11.19
C LEU H 3 61.02 -14.21 -12.08
N PRO H 4 60.74 -15.16 -12.98
CA PRO H 4 59.65 -15.05 -13.94
C PRO H 4 58.29 -14.74 -13.32
N ALA H 5 58.05 -15.10 -12.06
CA ALA H 5 56.71 -15.01 -11.50
C ALA H 5 55.81 -15.83 -12.42
N HIS H 6 55.00 -15.13 -13.21
CA HIS H 6 54.28 -15.76 -14.31
C HIS H 6 55.24 -16.56 -15.19
N LEU H 7 54.76 -17.69 -15.72
CA LEU H 7 53.39 -18.12 -15.53
C LEU H 7 53.00 -18.87 -14.23
N GLN H 8 53.87 -19.72 -13.70
CA GLN H 8 55.17 -19.98 -14.31
C GLN H 8 55.46 -21.34 -14.97
N GLN H 9 54.94 -22.45 -14.42
CA GLN H 9 55.24 -23.73 -15.05
C GLN H 9 54.78 -23.82 -16.50
N THR H 10 53.51 -23.47 -16.73
CA THR H 10 52.94 -23.51 -18.07
C THR H 10 53.55 -22.44 -18.97
N PHE H 11 53.51 -22.68 -20.28
CA PHE H 11 53.98 -21.67 -21.24
C PHE H 11 52.85 -20.71 -21.59
N SER H 12 53.19 -19.45 -21.79
CA SER H 12 52.21 -18.48 -22.26
C SER H 12 51.88 -18.79 -23.72
N PRO H 13 50.60 -18.68 -24.08
CA PRO H 13 50.18 -18.88 -25.48
C PRO H 13 50.97 -17.94 -26.36
N GLU H 14 51.16 -16.74 -25.83
CA GLU H 14 52.05 -15.76 -26.40
C GLU H 14 53.42 -16.37 -26.69
N GLU H 15 53.92 -17.19 -25.76
CA GLU H 15 55.20 -17.87 -25.97
C GLU H 15 55.09 -19.04 -26.93
N ILE H 16 54.09 -19.88 -26.72
CA ILE H 16 54.01 -21.12 -27.50
C ILE H 16 53.87 -20.76 -28.97
N GLN H 17 53.31 -19.60 -29.25
CA GLN H 17 53.26 -19.15 -30.63
C GLN H 17 54.69 -18.92 -31.09
N PHE H 18 55.55 -18.45 -30.20
CA PHE H 18 56.95 -18.24 -30.54
C PHE H 18 57.63 -19.59 -30.78
N ILE H 19 57.18 -20.62 -30.07
CA ILE H 19 57.63 -21.98 -30.36
C ILE H 19 57.28 -22.38 -31.80
N VAL H 20 55.98 -22.48 -32.09
CA VAL H 20 55.53 -22.98 -33.39
C VAL H 20 56.06 -22.15 -34.55
N GLU H 21 56.28 -20.86 -34.31
CA GLU H 21 56.81 -19.96 -35.33
C GLU H 21 58.17 -20.43 -35.87
N ASN H 22 58.77 -21.41 -35.17
CA ASN H 22 60.05 -21.97 -35.57
C ASN H 22 59.93 -23.21 -36.48
N GLU H 23 58.72 -23.55 -36.89
CA GLU H 23 58.50 -24.72 -37.75
C GLU H 23 58.66 -24.40 -39.24
N PRO H 24 59.05 -25.41 -40.04
CA PRO H 24 59.21 -25.30 -41.51
C PRO H 24 57.89 -25.34 -42.31
N ILE H 25 57.87 -24.61 -43.42
CA ILE H 25 56.73 -24.47 -44.34
C ILE H 25 57.20 -24.09 -45.75
N LYS H 26 56.32 -24.21 -46.75
CA LYS H 26 56.67 -23.83 -48.12
C LYS H 26 56.12 -22.45 -48.50
N ILE H 27 56.85 -21.75 -49.36
CA ILE H 27 56.45 -20.43 -49.84
C ILE H 27 56.70 -20.24 -51.34
N PHE H 28 56.13 -19.15 -51.87
CA PHE H 28 56.24 -18.75 -53.28
C PHE H 28 56.89 -17.38 -53.41
N PRO H 29 58.22 -17.34 -53.45
CA PRO H 29 59.05 -16.12 -53.47
C PRO H 29 58.78 -15.21 -54.65
N ARG H 30 58.75 -13.90 -54.41
CA ARG H 30 58.76 -12.91 -55.48
C ARG H 30 60.18 -12.63 -55.98
N ILE H 31 61.15 -12.64 -55.07
CA ILE H 31 62.53 -12.29 -55.38
C ILE H 31 63.29 -13.40 -56.09
N THR H 32 64.36 -13.03 -56.80
CA THR H 32 65.27 -14.00 -57.37
C THR H 32 66.37 -14.33 -56.38
N TRP H 50 75.60 -12.50 -49.48
CA TRP H 50 74.76 -11.59 -48.69
C TRP H 50 74.51 -12.11 -47.25
N GLN H 51 74.22 -13.40 -47.04
CA GLN H 51 73.69 -14.34 -48.02
C GLN H 51 72.15 -14.38 -48.19
N LEU H 52 71.33 -14.37 -47.13
CA LEU H 52 71.69 -14.22 -45.71
C LEU H 52 72.42 -15.38 -45.05
N ILE H 53 73.32 -15.05 -44.12
CA ILE H 53 74.11 -16.02 -43.37
C ILE H 53 73.32 -16.68 -42.24
N THR H 54 72.88 -15.86 -41.29
CA THR H 54 72.06 -16.29 -40.13
C THR H 54 72.72 -17.38 -39.27
N THR H 55 71.91 -18.29 -38.72
CA THR H 55 72.41 -19.41 -37.91
C THR H 55 71.77 -20.74 -38.29
N ASP H 56 70.48 -20.83 -37.98
CA ASP H 56 69.73 -22.08 -38.10
C ASP H 56 69.09 -22.23 -39.48
N ASP H 57 69.41 -21.32 -40.38
CA ASP H 57 68.73 -21.24 -41.67
C ASP H 57 69.19 -22.26 -42.72
N LYS H 58 70.50 -22.51 -42.82
CA LYS H 58 71.08 -23.09 -44.02
C LYS H 58 70.71 -22.17 -45.18
N ALA H 59 69.77 -22.65 -45.99
CA ALA H 59 69.29 -22.01 -47.21
C ALA H 59 69.01 -20.50 -47.06
N LEU H 60 69.35 -19.68 -48.07
CA LEU H 60 69.79 -20.16 -49.39
C LEU H 60 70.60 -19.16 -50.23
N ASN H 61 71.02 -19.66 -51.38
CA ASN H 61 71.41 -18.91 -52.57
C ASN H 61 70.14 -18.22 -53.06
N ASN H 62 70.27 -17.22 -53.93
CA ASN H 62 69.08 -16.44 -54.31
C ASN H 62 67.98 -17.39 -54.79
N MET H 63 66.84 -17.31 -54.11
CA MET H 63 65.85 -18.37 -54.16
C MET H 63 64.85 -18.09 -55.26
N VAL H 64 64.59 -19.11 -56.08
CA VAL H 64 63.80 -18.96 -57.29
C VAL H 64 62.43 -18.34 -57.01
N ALA H 65 62.12 -17.29 -57.76
CA ALA H 65 60.84 -16.61 -57.65
C ALA H 65 59.73 -17.48 -58.22
N MET H 66 58.54 -17.35 -57.64
CA MET H 66 57.33 -18.02 -58.14
C MET H 66 57.46 -19.53 -58.18
N ARG H 67 58.18 -20.10 -57.21
CA ARG H 67 58.36 -21.54 -57.13
C ARG H 67 58.16 -22.00 -55.69
N SER H 68 57.76 -23.26 -55.51
CA SER H 68 57.60 -23.84 -54.18
C SER H 68 58.94 -24.02 -53.47
N THR H 69 59.09 -23.47 -52.27
CA THR H 69 60.37 -23.65 -51.54
C THR H 69 60.22 -23.72 -50.02
N GLU H 70 61.04 -24.53 -49.37
CA GLU H 70 60.93 -24.73 -47.93
C GLU H 70 61.77 -23.73 -47.12
N VAL H 71 61.14 -23.06 -46.16
CA VAL H 71 61.79 -22.11 -45.25
C VAL H 71 61.17 -22.26 -43.86
N VAL H 72 61.65 -21.49 -42.89
CA VAL H 72 60.98 -21.41 -41.58
C VAL H 72 59.80 -20.42 -41.61
N LEU H 73 58.85 -20.56 -40.69
CA LEU H 73 57.67 -19.69 -40.72
C LEU H 73 57.98 -18.21 -40.55
N TRP H 74 58.60 -17.83 -39.43
CA TRP H 74 58.68 -16.42 -39.05
C TRP H 74 59.34 -15.54 -40.12
N ILE H 75 60.35 -16.08 -40.81
CA ILE H 75 60.98 -15.34 -41.91
C ILE H 75 59.94 -15.08 -42.98
N ALA H 76 59.12 -16.09 -43.26
CA ALA H 76 58.13 -16.02 -44.30
C ALA H 76 57.07 -15.01 -43.90
N LEU H 77 56.79 -14.97 -42.60
CA LEU H 77 55.89 -14.00 -42.02
C LEU H 77 56.38 -12.60 -42.33
N LEU H 78 57.65 -12.35 -42.06
CA LEU H 78 58.22 -11.03 -42.26
C LEU H 78 58.33 -10.63 -43.73
N LEU H 79 58.72 -11.55 -44.60
CA LEU H 79 58.86 -11.21 -46.01
C LEU H 79 57.50 -11.10 -46.69
N LYS H 80 56.53 -11.82 -46.13
CA LYS H 80 55.13 -11.65 -46.52
C LYS H 80 54.65 -10.27 -46.07
N GLN H 81 55.21 -9.78 -44.97
CA GLN H 81 54.95 -8.42 -44.54
C GLN H 81 55.58 -7.41 -45.52
N GLN H 82 56.63 -7.83 -46.23
CA GLN H 82 57.15 -7.02 -47.33
C GLN H 82 56.57 -7.51 -48.66
N SER H 83 55.80 -8.61 -48.59
CA SER H 83 55.10 -9.18 -49.74
C SER H 83 56.05 -9.57 -50.86
N LYS H 84 57.30 -9.84 -50.53
CA LYS H 84 58.27 -10.33 -51.50
C LYS H 84 58.26 -11.85 -51.51
N CYS H 85 57.33 -12.41 -50.74
CA CYS H 85 57.09 -13.85 -50.75
C CYS H 85 55.60 -14.12 -50.58
N SER H 86 55.20 -15.36 -50.86
CA SER H 86 53.83 -15.79 -50.62
C SER H 86 53.83 -17.16 -49.97
N ILE H 87 53.09 -17.29 -48.88
CA ILE H 87 53.05 -18.53 -48.13
C ILE H 87 52.03 -19.50 -48.71
N VAL H 88 52.44 -20.76 -48.89
CA VAL H 88 51.52 -21.78 -49.36
C VAL H 88 50.57 -22.19 -48.23
N ALA H 89 49.32 -22.43 -48.59
CA ALA H 89 48.39 -23.04 -47.67
C ALA H 89 48.87 -24.45 -47.41
N PRO H 90 48.98 -24.82 -46.12
CA PRO H 90 49.28 -26.22 -45.83
C PRO H 90 48.27 -27.16 -46.47
N GLN H 91 48.74 -28.23 -47.08
CA GLN H 91 47.89 -29.17 -47.80
C GLN H 91 46.86 -29.83 -46.89
N TRP H 92 47.08 -29.74 -45.58
CA TRP H 92 46.11 -30.24 -44.62
C TRP H 92 44.98 -29.25 -44.47
N LEU H 93 45.25 -27.97 -44.72
CA LEU H 93 44.24 -26.96 -44.43
C LEU H 93 43.41 -26.70 -45.68
N THR H 94 42.19 -27.23 -45.67
CA THR H 94 41.24 -27.06 -46.75
C THR H 94 39.86 -27.42 -46.21
N THR H 95 38.80 -26.89 -46.82
CA THR H 95 37.42 -27.23 -46.48
C THR H 95 37.15 -28.75 -46.54
N LYS H 96 37.27 -29.30 -47.74
CA LYS H 96 36.95 -30.70 -48.01
C LYS H 96 37.76 -31.66 -47.13
N GLU H 97 38.92 -31.21 -46.66
CA GLU H 97 39.75 -31.99 -45.75
C GLU H 97 39.23 -31.93 -44.31
N LEU H 98 38.94 -30.72 -43.87
CA LEU H 98 38.39 -30.51 -42.54
C LEU H 98 37.17 -31.39 -42.40
N ASP H 99 36.42 -31.53 -43.48
CA ASP H 99 35.26 -32.41 -43.43
C ASP H 99 35.61 -33.85 -43.07
N ARG H 100 36.61 -34.43 -43.73
CA ARG H 100 36.97 -35.82 -43.44
C ARG H 100 37.42 -35.95 -41.99
N LYS H 101 38.16 -34.96 -41.50
CA LYS H 101 38.65 -35.06 -40.13
C LYS H 101 37.57 -34.89 -39.06
N ILE H 102 36.69 -33.90 -39.23
CA ILE H 102 35.61 -33.63 -38.27
C ILE H 102 34.58 -34.76 -38.28
N GLN H 103 34.41 -35.36 -39.45
CA GLN H 103 33.54 -36.52 -39.57
C GLN H 103 34.15 -37.67 -38.80
N TYR H 104 35.44 -37.91 -39.01
CA TYR H 104 36.15 -38.90 -38.20
C TYR H 104 35.94 -38.60 -36.72
N GLU H 105 35.88 -37.31 -36.39
CA GLU H 105 35.73 -36.88 -35.01
C GLU H 105 34.37 -37.26 -34.43
N LYS H 106 33.31 -37.07 -35.22
CA LYS H 106 31.98 -37.44 -34.76
C LYS H 106 31.82 -38.96 -34.61
N THR H 107 32.47 -39.73 -35.48
CA THR H 107 32.31 -41.19 -35.45
C THR H 107 33.35 -41.86 -34.55
N HIS H 108 34.16 -41.06 -33.87
CA HIS H 108 35.08 -41.59 -32.87
C HIS H 108 35.01 -40.75 -31.59
N PRO H 109 33.99 -41.02 -30.76
CA PRO H 109 33.64 -40.24 -29.56
C PRO H 109 34.76 -40.19 -28.53
N ASP H 110 35.73 -41.11 -28.63
CA ASP H 110 36.85 -41.16 -27.67
C ASP H 110 38.18 -40.58 -28.18
N ARG H 111 38.65 -41.08 -29.32
CA ARG H 111 39.87 -40.55 -29.92
C ARG H 111 39.65 -39.18 -30.57
N PHE H 112 40.70 -38.37 -30.57
CA PHE H 112 40.66 -37.00 -31.07
C PHE H 112 41.00 -36.86 -32.55
N SER H 113 41.13 -38.00 -33.23
CA SER H 113 41.61 -38.06 -34.62
C SER H 113 43.03 -37.52 -34.80
N GLU H 114 43.27 -36.81 -35.89
CA GLU H 114 44.64 -36.44 -36.24
C GLU H 114 44.79 -35.04 -36.80
N LEU H 115 45.81 -34.33 -36.32
CA LEU H 115 46.00 -32.93 -36.61
C LEU H 115 47.48 -32.58 -36.79
N PRO H 116 47.76 -31.47 -37.50
CA PRO H 116 49.10 -30.89 -37.70
C PRO H 116 49.77 -30.42 -36.40
N TRP H 117 48.96 -30.25 -35.36
CA TRP H 117 49.38 -30.01 -33.96
C TRP H 117 49.85 -28.61 -33.59
N ASN H 118 50.30 -27.82 -34.55
CA ASN H 118 50.60 -26.42 -34.26
C ASN H 118 49.45 -25.56 -34.76
N TRP H 119 48.43 -26.25 -35.25
CA TRP H 119 47.40 -25.70 -36.11
C TRP H 119 46.65 -24.47 -35.60
N LEU H 120 46.08 -24.47 -34.40
CA LEU H 120 45.26 -23.32 -33.98
C LEU H 120 46.05 -22.02 -34.11
N VAL H 121 47.29 -22.09 -33.62
CA VAL H 121 48.24 -20.99 -33.79
C VAL H 121 48.42 -20.69 -35.28
N LEU H 122 48.66 -21.73 -36.08
CA LEU H 122 48.84 -21.55 -37.52
C LEU H 122 47.65 -20.82 -38.14
N ALA H 123 46.45 -21.20 -37.73
CA ALA H 123 45.21 -20.60 -38.17
C ALA H 123 45.23 -19.11 -37.94
N ARG H 124 45.32 -18.70 -36.68
CA ARG H 124 45.33 -17.26 -36.39
C ARG H 124 46.48 -16.55 -37.12
N ILE H 125 47.67 -17.17 -37.08
CA ILE H 125 48.87 -16.65 -37.73
C ILE H 125 48.64 -16.31 -39.20
N LEU H 126 48.12 -17.28 -39.95
CA LEU H 126 47.93 -17.12 -41.37
C LEU H 126 46.78 -16.16 -41.64
N PHE H 127 45.69 -16.31 -40.91
CA PHE H 127 44.53 -15.45 -41.17
C PHE H 127 44.84 -13.99 -40.92
N ASN H 128 45.71 -13.72 -39.95
CA ASN H 128 46.15 -12.34 -39.67
C ASN H 128 46.77 -11.66 -40.88
N LYS H 129 47.59 -12.39 -41.62
CA LYS H 129 48.36 -11.85 -42.74
C LYS H 129 48.16 -12.67 -44.01
N ALA H 130 48.50 -13.95 -43.93
CA ALA H 130 48.50 -14.88 -45.06
C ALA H 130 47.12 -15.07 -45.69
N LYS H 131 46.12 -14.43 -45.11
CA LYS H 131 44.72 -14.54 -45.53
C LYS H 131 44.51 -14.49 -47.05
N ASP H 132 45.31 -13.66 -47.72
CA ASP H 132 45.16 -13.42 -49.15
C ASP H 132 45.53 -14.62 -50.02
N ASP H 133 46.38 -15.50 -49.51
CA ASP H 133 46.91 -16.60 -50.33
C ASP H 133 45.94 -17.78 -50.47
N PHE H 134 45.12 -18.03 -49.45
CA PHE H 134 44.17 -19.13 -49.50
C PHE H 134 43.06 -18.86 -50.51
N HIS H 135 42.36 -19.90 -50.91
CA HIS H 135 41.11 -19.73 -51.65
C HIS H 135 39.90 -20.09 -50.80
N ASP H 136 39.12 -19.06 -50.47
CA ASP H 136 37.93 -19.14 -49.61
C ASP H 136 38.14 -19.75 -48.21
N PRO H 137 39.16 -19.28 -47.46
CA PRO H 137 39.20 -19.64 -46.03
C PRO H 137 38.13 -18.88 -45.24
N ILE H 138 37.90 -17.65 -45.72
CA ILE H 138 37.01 -16.69 -45.11
C ILE H 138 35.64 -17.29 -44.89
N HIS H 139 35.06 -16.97 -43.74
CA HIS H 139 33.69 -17.33 -43.38
C HIS H 139 33.45 -18.82 -43.59
N GLU H 140 34.52 -19.59 -43.57
CA GLU H 140 34.42 -21.01 -43.84
C GLU H 140 35.18 -21.80 -42.82
N LEU H 141 36.50 -21.73 -42.93
CA LEU H 141 37.35 -22.52 -42.07
C LEU H 141 37.23 -22.04 -40.65
N ARG H 142 37.28 -20.75 -40.41
CA ARG H 142 37.15 -20.26 -39.03
C ARG H 142 35.92 -20.85 -38.34
N GLY H 143 34.87 -21.08 -39.11
CA GLY H 143 33.70 -21.79 -38.61
C GLY H 143 33.98 -23.27 -38.43
N LYS H 144 34.62 -23.89 -39.41
CA LYS H 144 34.87 -25.33 -39.37
C LYS H 144 35.78 -25.73 -38.21
N ILE H 145 36.78 -24.88 -37.95
CA ILE H 145 37.76 -25.04 -36.89
C ILE H 145 37.21 -24.56 -35.58
N GLN H 146 36.23 -23.66 -35.62
CA GLN H 146 35.57 -23.28 -34.39
C GLN H 146 34.77 -24.47 -33.90
N ASP H 147 34.11 -25.13 -34.84
CA ASP H 147 33.29 -26.30 -34.56
C ASP H 147 34.16 -27.51 -34.24
N LEU H 148 35.32 -27.56 -34.89
CA LEU H 148 36.25 -28.65 -34.76
C LEU H 148 36.77 -28.58 -33.36
N ARG H 149 37.21 -27.39 -33.01
CA ARG H 149 37.70 -27.10 -31.68
C ARG H 149 36.57 -27.32 -30.69
N GLU H 150 35.33 -27.09 -31.13
CA GLU H 150 34.16 -27.35 -30.31
C GLU H 150 34.02 -28.83 -29.94
N ILE H 151 33.75 -29.68 -30.92
CA ILE H 151 33.53 -31.10 -30.65
C ILE H 151 34.77 -31.72 -30.02
N ARG H 152 35.92 -31.18 -30.37
CA ARG H 152 37.16 -31.61 -29.76
C ARG H 152 37.19 -31.17 -28.30
N GLN H 153 36.59 -30.01 -28.03
CA GLN H 153 36.63 -29.41 -26.70
C GLN H 153 35.71 -30.16 -25.76
N ILE H 154 34.59 -30.61 -26.30
CA ILE H 154 33.67 -31.41 -25.51
C ILE H 154 34.27 -32.80 -25.36
N LYS H 155 35.06 -33.25 -26.33
CA LYS H 155 35.68 -34.56 -26.20
C LYS H 155 36.71 -34.50 -25.07
N VAL H 156 37.41 -33.38 -25.00
CA VAL H 156 38.33 -33.06 -23.90
C VAL H 156 37.59 -33.10 -22.57
N LEU H 157 36.65 -32.18 -22.45
CA LEU H 157 35.91 -31.94 -21.22
C LEU H 157 35.21 -33.21 -20.72
N LYS H 158 34.74 -34.03 -21.66
CA LYS H 158 34.07 -35.27 -21.32
C LYS H 158 35.09 -36.32 -20.92
N GLY H 159 36.27 -36.26 -21.54
CA GLY H 159 37.36 -37.13 -21.16
C GLY H 159 37.84 -36.81 -19.76
N LEU H 160 37.53 -35.60 -19.30
CA LEU H 160 37.99 -35.12 -18.00
C LEU H 160 37.35 -35.80 -16.78
N LYS H 161 36.36 -36.67 -16.97
CA LYS H 161 35.77 -37.39 -15.82
C LYS H 161 36.51 -38.68 -15.50
N TYR H 162 37.33 -39.12 -16.44
CA TYR H 162 38.17 -40.29 -16.23
C TYR H 162 39.41 -39.88 -15.48
N LEU H 163 39.50 -38.58 -15.19
CA LEU H 163 40.71 -38.04 -14.59
C LEU H 163 41.03 -38.76 -13.30
N ASN H 164 42.19 -39.39 -13.26
CA ASN H 164 42.62 -40.20 -12.13
C ASN H 164 44.13 -40.39 -12.11
N GLU H 165 44.63 -40.73 -10.93
CA GLU H 165 46.05 -40.91 -10.72
C GLU H 165 46.43 -42.39 -10.66
N SER H 166 47.57 -42.73 -11.23
CA SER H 166 48.25 -41.80 -12.12
C SER H 166 48.31 -42.39 -13.52
N HIS H 167 47.42 -41.91 -14.38
CA HIS H 167 47.50 -42.24 -15.78
C HIS H 167 46.79 -41.15 -16.58
N LEU H 168 47.37 -40.73 -17.70
CA LEU H 168 46.67 -39.82 -18.61
C LEU H 168 46.96 -40.15 -20.06
N GLN H 169 45.91 -40.42 -20.84
CA GLN H 169 46.09 -40.44 -22.28
C GLN H 169 45.33 -39.27 -22.89
N LEU H 170 46.07 -38.25 -23.29
CA LEU H 170 45.47 -37.17 -24.08
C LEU H 170 45.67 -37.45 -25.56
N ASP H 171 46.57 -38.39 -25.85
CA ASP H 171 46.81 -38.87 -27.21
C ASP H 171 47.04 -37.70 -28.17
N ASN H 172 46.13 -37.50 -29.11
CA ASN H 172 46.25 -36.37 -30.00
C ASN H 172 45.53 -35.16 -29.41
N LEU H 173 46.32 -34.18 -28.99
CA LEU H 173 45.80 -32.93 -28.47
C LEU H 173 46.85 -31.87 -28.80
N SER H 174 46.41 -30.68 -29.19
CA SER H 174 47.35 -29.65 -29.63
C SER H 174 48.02 -28.92 -28.49
N LEU H 175 49.22 -28.40 -28.74
CA LEU H 175 49.97 -27.71 -27.70
C LEU H 175 49.22 -26.47 -27.21
N LEU H 176 48.55 -25.77 -28.12
CA LEU H 176 47.70 -24.67 -27.68
C LEU H 176 46.57 -25.23 -26.81
N GLU H 177 45.87 -26.21 -27.36
CA GLU H 177 44.78 -26.92 -26.69
C GLU H 177 45.16 -27.35 -25.29
N ILE H 178 46.34 -27.94 -25.20
CA ILE H 178 46.82 -28.50 -23.96
C ILE H 178 47.25 -27.41 -23.00
N ASN H 179 48.28 -26.67 -23.39
CA ASN H 179 48.84 -25.61 -22.58
C ASN H 179 47.81 -24.65 -21.98
N GLU H 180 46.81 -24.29 -22.77
CA GLU H 180 45.80 -23.37 -22.27
C GLU H 180 45.09 -23.96 -21.04
N LEU H 181 44.92 -25.28 -21.01
CA LEU H 181 44.30 -25.94 -19.85
C LEU H 181 45.29 -26.60 -18.87
N ARG H 182 46.59 -26.48 -19.15
CA ARG H 182 47.63 -27.16 -18.37
C ARG H 182 47.50 -27.07 -16.82
N PRO H 183 47.37 -25.84 -16.27
CA PRO H 183 47.32 -25.71 -14.82
C PRO H 183 46.27 -26.59 -14.16
N PHE H 184 45.07 -26.68 -14.75
CA PHE H 184 43.95 -27.45 -14.15
C PHE H 184 44.13 -28.95 -13.94
N ILE H 185 44.59 -29.68 -14.95
CA ILE H 185 44.91 -31.09 -14.76
C ILE H 185 46.16 -31.24 -13.93
N THR H 186 47.21 -30.50 -14.25
CA THR H 186 48.45 -30.66 -13.49
C THR H 186 48.24 -30.50 -11.99
N GLU H 187 47.94 -29.26 -11.60
CA GLU H 187 47.74 -28.87 -10.21
C GLU H 187 46.77 -29.80 -9.48
N ILE H 188 45.68 -30.14 -10.14
CA ILE H 188 44.69 -31.04 -9.54
C ILE H 188 45.23 -32.43 -9.29
N MET H 189 45.74 -33.03 -10.36
CA MET H 189 46.23 -34.40 -10.32
C MET H 189 47.24 -34.55 -9.21
N ASP H 190 48.05 -33.52 -8.97
CA ASP H 190 48.95 -33.64 -7.82
C ASP H 190 48.18 -33.80 -6.51
N LYS H 191 47.15 -33.00 -6.33
CA LYS H 191 46.30 -33.13 -5.14
C LYS H 191 45.68 -34.52 -5.07
N LEU H 192 45.56 -35.18 -6.22
CA LEU H 192 45.01 -36.54 -6.26
C LEU H 192 46.03 -37.59 -5.80
N ARG H 193 47.08 -37.74 -6.61
CA ARG H 193 48.12 -38.73 -6.37
C ARG H 193 48.71 -38.62 -4.98
N GLU H 194 49.03 -37.38 -4.59
CA GLU H 194 49.62 -37.12 -3.29
C GLU H 194 48.78 -37.78 -2.22
N ILE H 195 47.50 -37.44 -2.15
CA ILE H 195 46.63 -37.96 -1.10
C ILE H 195 46.49 -39.49 -1.21
N HIS H 196 46.36 -39.98 -2.45
CA HIS H 196 46.10 -41.40 -2.66
C HIS H 196 47.24 -42.25 -2.13
N THR H 197 48.44 -42.03 -2.63
CA THR H 197 49.55 -42.85 -2.14
C THR H 197 49.84 -42.50 -0.70
N ALA H 198 49.47 -41.29 -0.32
CA ALA H 198 49.63 -40.86 1.05
C ALA H 198 48.84 -41.77 2.00
N SER H 199 47.71 -42.33 1.53
CA SER H 199 46.90 -43.23 2.37
C SER H 199 47.71 -44.29 3.14
N LEU H 200 48.69 -44.90 2.49
CA LEU H 200 49.49 -45.96 3.11
C LEU H 200 50.28 -45.42 4.31
N TYR I 3 55.34 -24.67 7.17
CA TYR I 3 56.15 -24.47 5.97
C TYR I 3 56.01 -23.01 5.48
N TYR I 4 56.61 -22.70 4.32
CA TYR I 4 56.72 -21.34 3.83
C TYR I 4 55.57 -20.88 2.94
N ASP I 5 54.60 -21.76 2.71
CA ASP I 5 53.34 -21.29 2.18
C ASP I 5 52.48 -20.94 3.38
N ILE I 6 51.94 -19.72 3.38
CA ILE I 6 51.17 -19.20 4.49
C ILE I 6 50.09 -20.18 4.93
N ASP I 7 49.55 -20.91 3.96
CA ASP I 7 48.48 -21.87 4.22
C ASP I 7 48.95 -23.06 5.03
N ASP I 8 50.26 -23.26 5.13
CA ASP I 8 50.77 -24.42 5.84
C ASP I 8 50.79 -24.19 7.33
N VAL I 9 51.19 -22.99 7.75
CA VAL I 9 51.11 -22.60 9.14
C VAL I 9 49.65 -22.27 9.46
N LEU I 10 48.91 -21.89 8.42
CA LEU I 10 47.51 -21.51 8.57
C LEU I 10 46.61 -22.72 8.73
N ALA I 11 47.09 -23.87 8.23
CA ALA I 11 46.28 -25.08 8.21
C ALA I 11 46.25 -25.74 9.58
N ASP I 12 47.34 -25.56 10.31
CA ASP I 12 47.44 -26.08 11.66
C ASP I 12 46.75 -25.13 12.64
N GLY I 13 46.19 -24.04 12.11
CA GLY I 13 45.45 -23.08 12.92
C GLY I 13 44.06 -23.56 13.26
N THR I 14 43.82 -24.85 13.06
CA THR I 14 42.54 -25.46 13.36
C THR I 14 42.59 -26.30 14.63
N GLU I 15 41.57 -26.15 15.46
CA GLU I 15 41.50 -26.86 16.73
C GLU I 15 40.79 -28.20 16.56
N PHE I 16 41.37 -29.25 17.13
CA PHE I 16 40.78 -30.59 17.09
C PHE I 16 40.46 -31.04 18.50
N PRO I 17 39.35 -31.77 18.68
CA PRO I 17 39.02 -32.31 20.00
C PRO I 17 40.04 -33.34 20.42
N CYS I 18 40.65 -33.09 21.58
CA CYS I 18 41.67 -33.95 22.11
C CYS I 18 41.64 -33.96 23.63
N LYS I 19 41.60 -35.14 24.25
CA LYS I 19 41.77 -35.22 25.70
C LYS I 19 43.11 -35.88 25.97
N PHE I 20 43.79 -35.42 27.02
CA PHE I 20 45.13 -35.91 27.28
C PHE I 20 45.06 -37.24 28.04
N GLN I 21 46.00 -38.13 27.75
CA GLN I 21 46.02 -39.44 28.41
C GLN I 21 46.74 -39.35 29.75
N TYR I 22 47.38 -38.21 29.99
CA TYR I 22 48.18 -38.02 31.19
C TYR I 22 47.82 -36.73 31.91
N ASP I 23 48.31 -36.58 33.13
CA ASP I 23 48.25 -35.31 33.83
C ASP I 23 49.37 -34.42 33.31
N ILE I 24 49.07 -33.15 33.05
CA ILE I 24 50.06 -32.25 32.45
C ILE I 24 50.36 -31.00 33.29
N PRO I 25 51.21 -31.13 34.32
CA PRO I 25 51.75 -29.95 35.01
C PRO I 25 52.38 -28.95 34.03
N GLY I 26 52.40 -27.67 34.40
CA GLY I 26 52.81 -26.64 33.46
C GLY I 26 51.80 -26.43 32.34
N LEU I 27 50.58 -26.05 32.72
CA LEU I 27 49.47 -25.85 31.77
C LEU I 27 49.88 -24.99 30.59
N GLY I 28 49.50 -25.43 29.39
CA GLY I 28 49.88 -24.74 28.18
C GLY I 28 49.05 -23.48 27.92
N TYR I 29 48.04 -23.26 28.76
CA TYR I 29 47.11 -22.16 28.60
C TYR I 29 47.03 -21.31 29.86
N ASN I 33 43.86 -21.05 33.04
CA ASN I 33 45.28 -20.70 33.11
C ASN I 33 46.02 -21.41 34.28
N PRO I 34 45.55 -21.26 35.54
CA PRO I 34 46.31 -21.87 36.63
C PRO I 34 45.89 -23.30 36.98
N GLY I 35 46.35 -24.28 36.20
CA GLY I 35 46.06 -25.67 36.53
C GLY I 35 46.65 -26.09 37.86
N ARG I 36 47.97 -26.01 38.04
CA ARG I 36 48.91 -25.88 36.94
C ARG I 36 48.91 -27.14 36.06
N PRO I 37 48.79 -28.34 36.68
CA PRO I 37 48.43 -29.51 35.86
C PRO I 37 46.96 -29.58 35.47
N ILE I 38 46.67 -30.22 34.34
CA ILE I 38 45.30 -30.59 34.01
C ILE I 38 45.14 -32.09 34.07
N THR I 39 44.10 -32.55 34.76
CA THR I 39 43.88 -33.97 34.96
C THR I 39 43.73 -34.73 33.64
N LYS I 40 44.16 -35.99 33.66
CA LYS I 40 44.06 -36.88 32.52
C LYS I 40 42.64 -36.96 31.98
N ASN I 41 42.52 -36.96 30.66
CA ASN I 41 41.23 -36.99 29.95
C ASN I 41 40.38 -35.73 30.17
N THR I 42 41.02 -34.56 30.18
CA THR I 42 40.29 -33.31 30.12
C THR I 42 40.20 -32.84 28.67
N LYS I 43 38.97 -32.75 28.18
CA LYS I 43 38.71 -32.45 26.78
C LYS I 43 39.12 -31.03 26.41
N LEU I 44 39.87 -30.89 25.32
CA LEU I 44 40.34 -29.60 24.85
C LEU I 44 40.50 -29.53 23.34
N SER I 45 40.12 -28.40 22.75
CA SER I 45 40.38 -28.20 21.33
C SER I 45 41.80 -27.67 21.17
N LEU I 46 42.58 -28.28 20.28
CA LEU I 46 43.99 -27.90 20.15
C LEU I 46 44.47 -27.71 18.72
N PRO I 47 45.37 -26.75 18.50
CA PRO I 47 45.96 -26.58 17.17
C PRO I 47 46.72 -27.83 16.74
N LEU I 48 46.65 -28.18 15.45
CA LEU I 48 47.31 -29.39 14.97
C LEU I 48 48.83 -29.30 15.09
N TRP I 49 49.40 -28.12 14.95
CA TRP I 49 50.87 -28.04 14.94
C TRP I 49 51.47 -28.60 16.22
N LEU I 50 50.86 -28.30 17.36
CA LEU I 50 51.29 -28.89 18.62
C LEU I 50 50.77 -30.31 18.76
N ALA I 51 49.51 -30.52 18.41
CA ALA I 51 48.82 -31.79 18.68
C ALA I 51 49.41 -32.98 17.93
N ARG I 52 49.83 -32.71 16.70
CA ARG I 52 50.33 -33.69 15.73
C ARG I 52 51.38 -34.59 16.33
N ILE I 53 52.31 -33.99 17.06
CA ILE I 53 53.34 -34.76 17.73
C ILE I 53 52.89 -35.31 19.07
N LEU I 54 51.85 -34.72 19.65
CA LEU I 54 51.44 -35.08 21.01
C LEU I 54 50.92 -36.52 21.06
N ALA I 55 50.55 -37.04 19.90
CA ALA I 55 50.24 -38.45 19.75
C ALA I 55 51.51 -39.29 19.62
N ILE I 56 52.51 -38.72 18.96
CA ILE I 56 53.73 -39.44 18.59
C ILE I 56 54.64 -39.67 19.82
N VAL I 57 54.37 -38.97 20.91
CA VAL I 57 55.22 -39.09 22.09
C VAL I 57 54.44 -39.27 23.40
N GLY I 58 54.88 -40.23 24.20
CA GLY I 58 54.29 -40.47 25.50
C GLY I 58 55.30 -40.93 26.53
N PRO I 68 54.46 -46.81 25.74
CA PRO I 68 54.44 -46.08 24.47
C PRO I 68 53.13 -45.32 24.28
N VAL I 69 52.36 -45.19 25.36
CA VAL I 69 51.06 -44.54 25.34
C VAL I 69 51.20 -43.02 25.19
N PRO I 70 50.50 -42.43 24.22
CA PRO I 70 50.58 -41.01 23.87
C PRO I 70 50.17 -40.04 24.98
N PHE I 71 50.59 -38.79 24.84
CA PHE I 71 50.18 -37.73 25.76
C PHE I 71 48.70 -37.41 25.61
N VAL I 72 48.18 -37.63 24.40
CA VAL I 72 46.86 -37.14 24.01
C VAL I 72 46.01 -38.22 23.33
N GLU I 73 44.70 -38.21 23.58
CA GLU I 73 43.78 -39.22 23.03
C GLU I 73 43.30 -38.95 21.58
N LEU I 74 43.07 -37.68 21.24
CA LEU I 74 42.65 -37.28 19.89
C LEU I 74 41.32 -37.86 19.39
N LEU I 75 40.19 -37.38 19.93
CA LEU I 75 38.87 -37.71 19.42
C LEU I 75 38.69 -37.20 17.99
N PRO I 76 37.87 -37.90 17.15
CA PRO I 76 37.57 -37.45 15.78
C PRO I 76 37.01 -36.03 15.65
N PRO I 77 37.51 -35.28 14.66
CA PRO I 77 37.11 -33.89 14.40
C PRO I 77 35.62 -33.76 14.05
N ASP I 78 35.08 -32.55 14.17
CA ASP I 78 33.66 -32.33 13.92
C ASP I 78 33.35 -32.28 12.43
N MET I 79 34.36 -32.00 11.62
CA MET I 79 34.17 -31.85 10.18
C MET I 79 34.22 -33.18 9.44
N PHE I 80 34.76 -34.20 10.10
CA PHE I 80 34.88 -35.53 9.49
C PHE I 80 33.75 -36.46 9.91
N SER I 81 32.77 -35.89 10.61
CA SER I 81 31.62 -36.65 11.12
C SER I 81 30.94 -37.41 10.00
N THR I 82 30.35 -38.56 10.35
CA THR I 82 29.57 -39.35 9.40
C THR I 82 28.56 -38.42 8.73
N LYS I 83 28.05 -37.49 9.53
CA LYS I 83 27.18 -36.40 9.11
C LYS I 83 27.69 -35.77 7.83
N VAL I 84 28.87 -35.15 7.93
CA VAL I 84 29.45 -34.46 6.78
C VAL I 84 29.96 -35.44 5.72
N MET I 85 30.57 -36.54 6.16
CA MET I 85 31.21 -37.45 5.22
C MET I 85 30.19 -38.00 4.23
N ASN I 86 28.98 -38.31 4.66
CA ASN I 86 27.96 -38.69 3.71
C ASN I 86 27.24 -37.48 3.09
N ALA I 87 27.20 -36.38 3.85
CA ALA I 87 26.64 -35.12 3.34
C ALA I 87 27.28 -34.79 1.99
N ILE I 88 28.58 -34.97 1.89
CA ILE I 88 29.27 -34.73 0.62
C ILE I 88 28.95 -35.84 -0.37
N LYS I 89 28.66 -37.02 0.15
CA LYS I 89 28.41 -38.19 -0.70
C LYS I 89 27.12 -38.00 -1.49
N THR I 90 26.17 -37.20 -0.96
CA THR I 90 24.85 -36.94 -1.63
C THR I 90 24.75 -36.07 -2.93
N ASP I 91 25.33 -34.88 -2.93
CA ASP I 91 25.45 -34.02 -4.11
C ASP I 91 26.61 -33.06 -3.91
N PRO I 92 27.84 -33.53 -4.19
CA PRO I 92 29.10 -32.84 -3.90
C PRO I 92 29.15 -31.39 -4.35
N VAL I 93 28.59 -31.09 -5.52
CA VAL I 93 28.65 -29.75 -6.11
C VAL I 93 28.00 -28.69 -5.22
N ALA I 94 26.89 -29.04 -4.60
CA ALA I 94 26.06 -28.07 -3.88
C ALA I 94 26.63 -27.65 -2.53
N LEU I 95 27.18 -28.60 -1.79
CA LEU I 95 27.73 -28.31 -0.47
C LEU I 95 28.79 -27.23 -0.53
N ASP I 96 28.76 -26.33 0.46
CA ASP I 96 29.69 -25.22 0.54
C ASP I 96 30.91 -25.62 1.37
N LEU I 97 32.06 -25.71 0.71
CA LEU I 97 33.31 -26.07 1.37
C LEU I 97 33.86 -24.90 2.17
N HIS I 98 33.58 -23.68 1.71
CA HIS I 98 34.05 -22.48 2.42
C HIS I 98 33.41 -22.39 3.80
N SER I 99 32.21 -22.92 3.94
CA SER I 99 31.48 -22.86 5.19
C SER I 99 32.02 -23.83 6.23
N ILE I 100 32.65 -24.91 5.76
CA ILE I 100 33.04 -25.97 6.69
C ILE I 100 34.33 -25.64 7.46
N ASN I 101 35.34 -25.08 6.80
CA ASN I 101 36.61 -24.88 7.51
C ASN I 101 37.26 -23.46 7.43
N SER I 102 37.68 -22.93 6.28
CA SER I 102 37.47 -23.42 4.92
C SER I 102 38.59 -24.34 4.45
N HIS I 103 39.62 -24.50 5.27
CA HIS I 103 40.79 -25.27 4.86
C HIS I 103 40.57 -26.74 5.16
N PHE I 104 40.46 -27.52 4.08
CA PHE I 104 39.93 -28.87 4.11
C PHE I 104 40.85 -29.85 3.39
N PHE I 105 40.96 -29.71 2.07
CA PHE I 105 41.91 -30.49 1.30
C PHE I 105 43.31 -30.14 1.75
N SER I 106 43.46 -28.90 2.22
CA SER I 106 44.71 -28.44 2.82
C SER I 106 44.88 -29.01 4.22
N LEU I 107 43.83 -29.66 4.72
CA LEU I 107 43.82 -30.16 6.07
C LEU I 107 43.55 -31.65 6.12
N ALA I 108 42.41 -32.06 5.59
CA ALA I 108 41.99 -33.47 5.64
C ALA I 108 43.14 -34.38 5.22
N ILE I 109 43.98 -33.88 4.33
CA ILE I 109 45.23 -34.52 3.97
C ILE I 109 46.13 -34.73 5.20
N LYS I 110 46.13 -33.74 6.09
CA LYS I 110 47.01 -33.81 7.26
C LYS I 110 46.49 -34.83 8.28
N TRP I 111 45.18 -34.84 8.51
CA TRP I 111 44.60 -35.79 9.45
C TRP I 111 44.67 -37.20 8.89
N ILE I 112 44.51 -37.33 7.57
CA ILE I 112 44.58 -38.65 6.95
C ILE I 112 46.03 -39.13 6.93
N MET I 113 46.97 -38.20 7.04
CA MET I 113 48.36 -38.64 7.23
C MET I 113 48.61 -39.04 8.67
N LEU I 114 48.44 -38.07 9.56
CA LEU I 114 48.64 -38.27 10.98
C LEU I 114 47.88 -39.47 11.55
N PHE I 115 46.58 -39.53 11.30
CA PHE I 115 45.78 -40.63 11.83
C PHE I 115 45.79 -41.85 10.91
N SER I 116 46.21 -41.65 9.67
CA SER I 116 46.44 -42.74 8.70
C SER I 116 45.21 -43.61 8.38
N GLU I 117 44.08 -42.97 8.06
CA GLU I 117 42.90 -43.69 7.60
C GLU I 117 43.01 -44.13 6.14
N LYS I 118 42.19 -45.12 5.76
CA LYS I 118 42.15 -45.65 4.38
C LYS I 118 40.86 -45.45 3.52
N GLU I 119 39.67 -45.46 4.12
CA GLU I 119 38.41 -45.28 3.39
C GLU I 119 38.01 -43.85 3.00
N LEU I 120 38.01 -42.97 4.02
CA LEU I 120 37.53 -41.61 3.81
C LEU I 120 38.33 -40.97 2.71
N ALA I 121 39.57 -41.40 2.54
CA ALA I 121 40.42 -40.92 1.44
C ALA I 121 39.72 -41.13 0.11
N ASN I 122 39.48 -42.41 -0.21
CA ASN I 122 38.85 -42.79 -1.46
C ASN I 122 37.55 -42.02 -1.65
N VAL I 123 36.88 -41.66 -0.55
CA VAL I 123 35.73 -40.77 -0.69
C VAL I 123 36.10 -39.30 -1.08
N VAL I 124 37.02 -38.74 -0.30
CA VAL I 124 37.41 -37.33 -0.36
C VAL I 124 37.99 -36.95 -1.71
N SER I 125 38.87 -37.81 -2.21
CA SER I 125 39.43 -37.63 -3.53
C SER I 125 38.32 -37.40 -4.54
N GLU I 126 37.29 -38.21 -4.44
CA GLU I 126 36.13 -38.08 -5.30
C GLU I 126 35.45 -36.74 -5.09
N LEU I 127 35.39 -36.28 -3.85
CA LEU I 127 34.89 -34.92 -3.60
C LEU I 127 35.63 -33.92 -4.50
N LEU I 128 36.96 -33.90 -4.39
CA LEU I 128 37.71 -32.93 -5.18
C LEU I 128 37.52 -33.17 -6.68
N LEU I 129 37.40 -34.43 -7.07
CA LEU I 129 37.20 -34.79 -8.47
C LEU I 129 35.97 -34.10 -9.02
N GLN I 130 34.81 -34.45 -8.47
CA GLN I 130 33.55 -33.87 -8.91
C GLN I 130 33.63 -32.36 -8.92
N ARG I 131 34.21 -31.82 -7.84
CA ARG I 131 34.42 -30.39 -7.73
C ARG I 131 35.12 -29.85 -8.97
N ALA I 132 36.24 -30.47 -9.34
CA ALA I 132 37.03 -30.04 -10.48
C ALA I 132 36.28 -30.23 -11.80
N GLN I 133 35.50 -31.30 -11.89
CA GLN I 133 34.66 -31.53 -13.06
C GLN I 133 33.81 -30.30 -13.30
N GLU I 134 33.29 -29.75 -12.22
CA GLU I 134 32.56 -28.48 -12.32
C GLU I 134 33.50 -27.29 -12.56
N LEU I 135 34.62 -27.28 -11.86
CA LEU I 135 35.51 -26.13 -11.77
C LEU I 135 36.12 -25.79 -13.10
N ASN I 136 36.28 -26.82 -13.93
CA ASN I 136 36.71 -26.63 -15.31
C ASN I 136 35.64 -25.93 -16.11
N HIS I 137 34.38 -26.23 -15.81
CA HIS I 137 33.27 -25.68 -16.58
C HIS I 137 33.17 -24.16 -16.45
N HIS I 138 33.95 -23.58 -15.54
CA HIS I 138 34.03 -22.14 -15.40
C HIS I 138 35.19 -21.57 -16.18
N ALA I 139 35.87 -22.42 -16.94
CA ALA I 139 36.96 -22.02 -17.81
C ALA I 139 36.53 -20.93 -18.79
N SER I 140 35.26 -20.94 -19.14
CA SER I 140 34.74 -20.01 -20.12
C SER I 140 34.19 -18.76 -19.47
N SER I 141 34.49 -17.61 -20.06
CA SER I 141 34.05 -16.32 -19.53
C SER I 141 32.64 -15.99 -20.01
N THR I 162 28.78 -15.87 -11.91
CA THR I 162 29.65 -16.99 -11.55
C THR I 162 28.98 -18.33 -11.14
N SER I 163 27.82 -18.35 -10.46
CA SER I 163 27.09 -17.19 -9.94
C SER I 163 27.15 -17.20 -8.41
N THR I 164 26.41 -18.11 -7.79
CA THR I 164 26.48 -18.29 -6.35
C THR I 164 27.74 -19.06 -5.98
N PHE I 165 28.18 -19.90 -6.92
CA PHE I 165 29.25 -20.84 -6.72
C PHE I 165 30.56 -20.21 -6.25
N LEU I 166 30.98 -19.14 -6.91
CA LEU I 166 32.31 -18.55 -6.65
C LEU I 166 32.57 -18.25 -5.17
N LEU I 167 31.50 -18.02 -4.42
CA LEU I 167 31.61 -17.73 -3.00
C LEU I 167 32.12 -18.94 -2.21
N LYS I 168 31.62 -20.13 -2.56
CA LYS I 168 31.64 -21.28 -1.65
C LYS I 168 32.87 -22.19 -1.73
N LEU I 169 33.87 -21.80 -2.50
CA LEU I 169 35.03 -22.66 -2.74
C LEU I 169 36.09 -22.59 -1.65
N GLU I 170 36.81 -23.69 -1.44
CA GLU I 170 37.95 -23.69 -0.53
C GLU I 170 39.07 -22.83 -1.12
N GLU I 171 39.98 -22.37 -0.27
CA GLU I 171 41.12 -21.57 -0.70
C GLU I 171 41.97 -22.21 -1.82
N MET I 172 42.32 -23.49 -1.69
CA MET I 172 43.04 -24.15 -2.77
C MET I 172 42.07 -24.36 -3.92
N GLU I 173 40.81 -24.60 -3.57
CA GLU I 173 39.74 -24.72 -4.55
C GLU I 173 39.48 -23.37 -5.20
N LYS I 174 39.86 -22.31 -4.49
CA LYS I 174 39.75 -20.94 -5.01
C LYS I 174 40.91 -20.58 -5.95
N GLU I 175 42.09 -21.10 -5.64
CA GLU I 175 43.31 -20.79 -6.39
C GLU I 175 43.45 -21.62 -7.67
N ILE I 176 43.03 -22.90 -7.59
CA ILE I 176 43.01 -23.77 -8.76
C ILE I 176 42.24 -23.03 -9.82
N TYR I 177 41.19 -22.35 -9.37
CA TYR I 177 40.39 -21.48 -10.20
C TYR I 177 41.28 -20.39 -10.77
N LYS I 178 42.14 -19.78 -9.94
CA LYS I 178 43.01 -18.75 -10.48
C LYS I 178 43.83 -19.31 -11.63
N LYS I 179 44.78 -20.20 -11.35
CA LYS I 179 45.69 -20.62 -12.43
C LYS I 179 44.92 -21.15 -13.65
N SER I 180 43.93 -22.01 -13.41
CA SER I 180 43.10 -22.54 -14.50
C SER I 180 42.47 -21.43 -15.34
N HIS I 181 41.63 -20.63 -14.70
CA HIS I 181 40.89 -19.55 -15.35
C HIS I 181 41.83 -18.57 -16.05
N GLU I 182 42.74 -17.96 -15.30
CA GLU I 182 43.69 -16.98 -15.85
C GLU I 182 44.43 -17.53 -17.05
N SER I 183 44.72 -18.83 -17.05
CA SER I 183 45.27 -19.47 -18.25
C SER I 183 44.40 -19.14 -19.47
N TYR I 184 43.13 -19.55 -19.42
CA TYR I 184 42.16 -19.20 -20.45
C TYR I 184 42.06 -17.68 -20.67
N LYS I 185 41.95 -16.93 -19.59
CA LYS I 185 41.74 -15.48 -19.62
C LYS I 185 42.81 -14.79 -20.43
N ASP I 186 44.01 -15.36 -20.43
CA ASP I 186 45.06 -14.91 -21.32
C ASP I 186 44.86 -15.51 -22.72
N THR I 187 44.48 -16.78 -22.75
CA THR I 187 44.39 -17.54 -24.00
C THR I 187 43.47 -16.89 -25.02
N LYS I 188 42.27 -16.53 -24.59
CA LYS I 188 41.30 -15.89 -25.48
C LYS I 188 41.80 -14.52 -25.94
N ARG I 189 42.37 -13.76 -25.02
CA ARG I 189 42.90 -12.45 -25.36
C ARG I 189 44.01 -12.56 -26.41
N TRP I 190 44.71 -13.70 -26.41
CA TRP I 190 45.61 -13.96 -27.53
C TRP I 190 44.83 -14.29 -28.77
N MET I 191 43.78 -15.12 -28.61
CA MET I 191 43.03 -15.67 -29.73
C MET I 191 42.56 -14.59 -30.69
N PHE I 192 42.32 -13.39 -30.16
CA PHE I 192 41.87 -12.30 -31.02
C PHE I 192 42.61 -11.00 -30.72
N LYS I 193 43.40 -10.56 -31.70
CA LYS I 193 44.19 -9.33 -31.62
C LYS I 193 44.95 -9.20 -30.31
N VAL J 54 76.91 -31.17 -33.44
CA VAL J 54 77.73 -30.02 -33.81
C VAL J 54 76.97 -29.16 -34.82
N SER J 55 75.93 -29.72 -35.41
CA SER J 55 75.09 -28.98 -36.34
C SER J 55 74.45 -27.78 -35.64
N PRO J 56 74.72 -26.57 -36.13
CA PRO J 56 74.26 -25.30 -35.55
C PRO J 56 72.76 -25.28 -35.28
N GLN J 57 72.03 -26.06 -36.06
CA GLN J 57 70.59 -26.18 -35.92
C GLN J 57 70.26 -27.12 -34.77
N GLN J 58 71.04 -28.19 -34.62
CA GLN J 58 70.86 -29.11 -33.50
C GLN J 58 71.16 -28.39 -32.20
N ASP J 59 72.03 -27.39 -32.29
CA ASP J 59 72.34 -26.54 -31.15
C ASP J 59 71.08 -25.90 -30.59
N PHE J 60 70.31 -25.26 -31.46
CA PHE J 60 69.09 -24.59 -31.06
C PHE J 60 67.95 -25.58 -30.86
N SER J 61 68.06 -26.74 -31.48
CA SER J 61 67.06 -27.79 -31.35
C SER J 61 67.09 -28.30 -29.93
N ASP J 62 68.31 -28.54 -29.44
CA ASP J 62 68.52 -28.97 -28.08
C ASP J 62 68.51 -27.77 -27.12
N LEU J 63 68.57 -26.56 -27.67
CA LEU J 63 68.48 -25.36 -26.86
C LEU J 63 67.04 -25.15 -26.45
N MET J 64 66.15 -25.32 -27.42
CA MET J 64 64.72 -25.36 -27.16
C MET J 64 64.41 -26.62 -26.38
N LYS J 65 65.05 -27.74 -26.69
CA LYS J 65 64.79 -28.96 -25.93
C LYS J 65 65.04 -28.70 -24.45
N SER J 66 66.18 -28.04 -24.18
CA SER J 66 66.58 -27.69 -22.83
C SER J 66 65.62 -26.68 -22.20
N TRP J 67 65.19 -25.69 -22.98
CA TRP J 67 64.33 -24.60 -22.52
C TRP J 67 62.90 -25.04 -22.21
N LYS J 68 62.29 -25.64 -23.22
CA LYS J 68 60.98 -26.25 -23.16
C LYS J 68 60.92 -27.27 -22.05
N ASN J 69 61.93 -28.13 -21.96
CA ASN J 69 61.99 -29.02 -20.82
C ASN J 69 62.18 -28.24 -19.53
N GLU J 70 62.81 -27.07 -19.64
CA GLU J 70 63.23 -26.34 -18.44
C GLU J 70 62.07 -25.74 -17.67
N ARG J 71 61.25 -24.94 -18.34
CA ARG J 71 60.19 -24.26 -17.58
C ARG J 71 59.16 -25.26 -17.06
N CYS J 72 58.86 -26.27 -17.87
CA CYS J 72 57.87 -27.28 -17.50
C CYS J 72 58.41 -28.22 -16.44
N SER J 73 59.74 -28.28 -16.34
CA SER J 73 60.42 -29.21 -15.43
C SER J 73 59.98 -29.06 -13.98
N PRO J 74 59.99 -30.18 -13.23
CA PRO J 74 59.66 -30.19 -11.80
C PRO J 74 60.69 -29.44 -10.96
N GLU J 75 61.96 -29.62 -11.30
CA GLU J 75 63.07 -29.08 -10.54
C GLU J 75 64.30 -28.93 -11.42
N LEU J 76 65.28 -28.16 -10.95
CA LEU J 76 66.43 -27.81 -11.77
C LEU J 76 67.24 -29.01 -12.24
N LEU J 77 67.69 -28.93 -13.49
CA LEU J 77 68.42 -30.00 -14.17
C LEU J 77 69.74 -29.43 -14.73
N PRO J 78 70.70 -30.29 -15.11
CA PRO J 78 72.07 -29.85 -15.48
C PRO J 78 72.19 -28.69 -16.46
N TYR J 79 73.24 -27.90 -16.28
CA TYR J 79 73.53 -26.76 -17.14
C TYR J 79 74.37 -27.18 -18.35
N PRO J 80 73.76 -27.14 -19.54
CA PRO J 80 74.33 -27.61 -20.80
C PRO J 80 75.40 -26.68 -21.34
N HIS J 81 76.47 -26.48 -20.56
CA HIS J 81 77.55 -25.60 -20.96
C HIS J 81 78.34 -26.14 -22.15
N GLN J 82 78.45 -27.46 -22.26
CA GLN J 82 79.25 -28.06 -23.32
C GLN J 82 78.81 -27.61 -24.73
N LEU J 83 77.53 -27.29 -24.87
CA LEU J 83 76.99 -26.84 -26.14
C LEU J 83 76.58 -25.38 -26.13
N MET J 84 76.12 -24.92 -24.98
CA MET J 84 75.70 -23.53 -24.82
C MET J 84 76.91 -22.63 -25.03
N LYS J 85 78.05 -23.08 -24.49
CA LYS J 85 79.31 -22.35 -24.60
C LYS J 85 79.58 -21.90 -26.02
N ARG J 86 79.64 -22.88 -26.91
CA ARG J 86 79.87 -22.63 -28.33
C ARG J 86 78.77 -21.69 -28.83
N LEU J 87 77.61 -21.72 -28.16
CA LEU J 87 76.55 -20.80 -28.51
C LEU J 87 76.83 -19.36 -28.06
N LEU J 88 76.96 -19.15 -26.74
CA LEU J 88 77.21 -17.84 -26.15
C LEU J 88 78.43 -17.16 -26.77
N ASN J 89 79.33 -17.95 -27.37
CA ASN J 89 80.34 -17.34 -28.24
C ASN J 89 79.80 -17.07 -29.65
N ARG J 90 79.06 -18.02 -30.19
CA ARG J 90 78.54 -17.94 -31.57
C ARG J 90 77.64 -16.74 -31.80
N ILE J 91 76.96 -16.33 -30.73
CA ILE J 91 76.04 -15.21 -30.79
C ILE J 91 76.85 -13.94 -31.04
N SER J 92 77.98 -13.84 -30.35
CA SER J 92 78.80 -12.63 -30.43
C SER J 92 79.59 -12.63 -31.73
N MET J 93 79.85 -13.83 -32.25
CA MET J 93 80.50 -13.99 -33.55
C MET J 93 79.83 -13.12 -34.61
N GLN J 94 78.62 -13.51 -34.96
CA GLN J 94 77.89 -12.76 -35.97
C GLN J 94 77.30 -11.48 -35.37
N SER J 95 77.22 -11.37 -34.05
CA SER J 95 76.83 -10.08 -33.46
C SER J 95 77.84 -9.01 -33.85
N GLN J 96 79.10 -9.40 -33.94
CA GLN J 96 80.15 -8.51 -34.41
C GLN J 96 80.19 -8.43 -35.95
N LEU J 97 80.01 -9.57 -36.61
CA LEU J 97 80.04 -9.66 -38.07
C LEU J 97 79.01 -8.74 -38.76
N ILE J 98 77.78 -8.83 -38.25
CA ILE J 98 76.63 -8.14 -38.82
C ILE J 98 76.86 -6.65 -38.85
N GLU J 99 77.59 -6.13 -37.88
CA GLU J 99 77.82 -4.70 -37.78
C GLU J 99 78.92 -4.30 -38.77
N ASN J 100 79.76 -5.27 -39.12
CA ASN J 100 80.77 -5.02 -40.14
C ASN J 100 80.10 -4.90 -41.49
N ILE J 101 79.17 -5.79 -41.80
CA ILE J 101 78.47 -5.66 -43.07
C ILE J 101 77.39 -4.57 -43.00
N SER J 102 77.04 -4.15 -41.79
CA SER J 102 76.04 -3.10 -41.59
C SER J 102 76.63 -1.71 -41.83
N MET J 103 77.80 -1.48 -41.24
CA MET J 103 78.55 -0.25 -41.45
C MET J 103 79.23 -0.32 -42.80
N GLY J 104 79.39 -1.54 -43.31
CA GLY J 104 79.89 -1.77 -44.65
C GLY J 104 78.82 -1.40 -45.66
N PHE J 105 77.57 -1.40 -45.18
CA PHE J 105 76.44 -0.94 -45.99
C PHE J 105 76.44 0.58 -46.04
N LEU J 106 77.20 1.20 -45.16
CA LEU J 106 77.40 2.65 -45.17
C LEU J 106 78.50 3.01 -46.17
N ASP J 107 79.20 2.00 -46.68
CA ASP J 107 80.28 2.22 -47.63
C ASP J 107 79.76 2.39 -49.06
N MET J 108 78.54 1.94 -49.32
CA MET J 108 77.92 2.06 -50.63
C MET J 108 77.13 3.35 -50.76
N GLN J 109 77.17 4.16 -49.71
CA GLN J 109 76.29 5.31 -49.57
C GLN J 109 76.80 6.57 -50.27
N ASN J 110 77.89 6.41 -51.03
CA ASN J 110 78.53 7.44 -51.83
C ASN J 110 79.48 8.31 -51.01
N GLU J 121 69.66 -0.77 -50.19
CA GLU J 121 69.00 -1.57 -51.21
C GLU J 121 68.46 -2.87 -50.64
N SER J 122 69.36 -3.79 -50.30
CA SER J 122 68.91 -4.99 -49.62
C SER J 122 69.22 -4.86 -48.15
N LYS J 123 68.17 -4.51 -47.40
CA LYS J 123 68.20 -4.51 -45.95
C LYS J 123 67.42 -5.71 -45.43
N LEU J 124 66.83 -6.45 -46.35
CA LEU J 124 65.91 -7.51 -45.99
C LEU J 124 66.64 -8.59 -45.21
N PRO J 125 67.72 -9.18 -45.79
CA PRO J 125 68.46 -10.09 -44.92
C PRO J 125 69.22 -9.36 -43.81
N LEU J 126 69.42 -8.04 -43.93
CA LEU J 126 70.07 -7.29 -42.86
C LEU J 126 69.28 -7.45 -41.58
N LEU J 127 68.07 -6.92 -41.59
CA LEU J 127 67.25 -6.92 -40.39
C LEU J 127 66.66 -8.31 -40.15
N CYS J 128 66.73 -9.17 -41.15
CA CYS J 128 66.39 -10.57 -40.93
C CYS J 128 67.42 -11.19 -39.99
N MET J 129 68.69 -10.94 -40.29
CA MET J 129 69.81 -11.43 -39.50
C MET J 129 69.81 -10.80 -38.11
N GLU J 130 69.55 -9.50 -38.07
CA GLU J 130 69.45 -8.77 -36.82
C GLU J 130 68.38 -9.40 -35.95
N THR J 131 67.18 -9.55 -36.51
CA THR J 131 66.05 -10.18 -35.85
C THR J 131 66.42 -11.54 -35.29
N GLU J 132 67.15 -12.31 -36.09
CA GLU J 132 67.54 -13.65 -35.70
C GLU J 132 68.25 -13.67 -34.38
N LEU J 133 69.00 -12.60 -34.10
CA LEU J 133 69.75 -12.54 -32.87
C LEU J 133 68.73 -12.41 -31.77
N GLU J 134 68.07 -11.26 -31.67
CA GLU J 134 67.21 -10.99 -30.51
C GLU J 134 66.20 -12.09 -30.26
N ARG J 135 65.76 -12.69 -31.36
CA ARG J 135 64.88 -13.83 -31.27
C ARG J 135 65.59 -15.02 -30.62
N LEU J 136 66.86 -15.24 -30.95
CA LEU J 136 67.63 -16.34 -30.33
C LEU J 136 68.14 -15.99 -28.93
N LYS J 137 68.39 -14.71 -28.70
CA LYS J 137 69.00 -14.23 -27.47
C LYS J 137 67.96 -14.23 -26.37
N PHE J 138 66.74 -13.85 -26.74
CA PHE J 138 65.62 -13.93 -25.81
C PHE J 138 65.43 -15.35 -25.33
N VAL J 139 65.69 -16.31 -26.21
CA VAL J 139 65.49 -17.73 -25.92
C VAL J 139 66.12 -18.12 -24.60
N ILE J 140 67.44 -17.98 -24.52
CA ILE J 140 68.18 -18.42 -23.36
C ILE J 140 67.81 -17.66 -22.09
N ARG J 141 67.15 -16.52 -22.24
CA ARG J 141 66.79 -15.70 -21.09
C ARG J 141 65.84 -16.40 -20.15
N SER J 142 64.71 -16.82 -20.68
CA SER J 142 63.71 -17.51 -19.88
C SER J 142 64.34 -18.78 -19.32
N TYR J 143 65.17 -19.43 -20.12
CA TYR J 143 65.87 -20.63 -19.69
C TYR J 143 66.68 -20.38 -18.43
N ILE J 144 67.59 -19.41 -18.49
CA ILE J 144 68.49 -19.15 -17.37
C ILE J 144 67.70 -18.64 -16.18
N ARG J 145 66.88 -17.61 -16.40
CA ARG J 145 66.11 -16.94 -15.35
C ARG J 145 65.28 -17.91 -14.55
N CYS J 146 64.62 -18.82 -15.26
CA CYS J 146 63.84 -19.87 -14.62
C CYS J 146 64.72 -20.69 -13.69
N ARG J 147 65.91 -21.04 -14.16
CA ARG J 147 66.86 -21.78 -13.33
C ARG J 147 67.24 -20.98 -12.10
N LEU J 148 67.53 -19.70 -12.28
CA LEU J 148 67.91 -18.84 -11.17
C LEU J 148 66.81 -18.85 -10.12
N SER J 149 65.58 -18.79 -10.60
CA SER J 149 64.42 -18.87 -9.72
C SER J 149 64.41 -20.20 -8.97
N LYS J 150 64.45 -21.31 -9.70
CA LYS J 150 64.40 -22.64 -9.09
C LYS J 150 65.54 -22.84 -8.09
N ILE J 151 66.66 -22.18 -8.37
CA ILE J 151 67.80 -22.14 -7.47
C ILE J 151 67.34 -21.50 -6.17
N ASP J 152 66.78 -20.29 -6.26
CA ASP J 152 66.27 -19.61 -5.07
C ASP J 152 65.26 -20.46 -4.30
N LYS J 153 64.30 -20.99 -5.05
CA LYS J 153 63.26 -21.88 -4.56
C LYS J 153 63.86 -23.10 -3.87
N PHE J 154 64.91 -23.64 -4.46
CA PHE J 154 65.61 -24.80 -3.89
C PHE J 154 66.89 -24.51 -3.12
N SER J 155 67.23 -23.22 -2.95
CA SER J 155 68.55 -22.78 -2.48
C SER J 155 69.10 -23.60 -1.32
N LEU J 156 68.23 -23.96 -0.40
CA LEU J 156 68.63 -24.77 0.73
C LEU J 156 68.94 -26.20 0.29
N TYR J 157 68.00 -26.84 -0.42
CA TYR J 157 68.20 -28.22 -0.85
C TYR J 157 69.44 -28.37 -1.71
N LEU J 158 69.75 -27.33 -2.47
CA LEU J 158 70.94 -27.34 -3.29
C LEU J 158 72.17 -27.52 -2.41
N ARG J 159 72.14 -26.89 -1.23
CA ARG J 159 73.22 -27.04 -0.27
C ARG J 159 73.10 -28.36 0.48
N GLN J 160 71.88 -28.90 0.55
CA GLN J 160 71.67 -30.16 1.25
C GLN J 160 72.27 -31.29 0.44
N LEU J 161 72.27 -31.12 -0.87
CA LEU J 161 72.98 -32.00 -1.77
C LEU J 161 74.44 -31.59 -1.88
N ASN J 162 74.73 -30.32 -1.57
CA ASN J 162 76.08 -29.77 -1.74
C ASN J 162 77.03 -30.22 -0.66
N GLU J 163 76.61 -30.11 0.59
CA GLU J 163 77.46 -30.49 1.71
C GLU J 163 77.70 -31.99 1.71
N ASP J 164 76.69 -32.74 1.27
CA ASP J 164 76.81 -34.19 1.13
C ASP J 164 77.87 -34.56 0.12
N GLU J 165 78.51 -35.71 0.32
CA GLU J 165 79.46 -36.23 -0.66
C GLU J 165 78.68 -36.75 -1.85
N ASN J 166 77.90 -37.81 -1.62
CA ASN J 166 77.09 -38.42 -2.65
C ASN J 166 75.84 -37.59 -2.97
N SER J 167 75.46 -37.54 -4.25
CA SER J 167 76.21 -38.20 -5.32
C SER J 167 76.74 -37.19 -6.30
N LEU J 168 75.85 -36.64 -7.11
CA LEU J 168 76.20 -35.60 -8.06
C LEU J 168 75.89 -34.24 -7.45
N ILE J 169 76.86 -33.33 -7.50
CA ILE J 169 76.74 -32.04 -6.81
C ILE J 169 76.73 -30.90 -7.82
N SER J 170 76.61 -29.66 -7.33
CA SER J 170 76.70 -28.46 -8.16
C SER J 170 77.95 -28.51 -9.03
N LEU J 171 79.10 -28.41 -8.37
CA LEU J 171 80.40 -28.50 -9.05
C LEU J 171 80.47 -27.54 -10.21
N THR J 172 81.05 -28.02 -11.31
CA THR J 172 80.85 -27.39 -12.60
C THR J 172 79.69 -28.11 -13.27
N ASP J 173 79.31 -29.27 -12.68
CA ASP J 173 78.25 -30.16 -13.21
C ASP J 173 76.76 -29.76 -13.29
N LEU J 174 76.19 -29.18 -12.23
CA LEU J 174 74.78 -28.77 -12.29
C LEU J 174 74.62 -27.29 -12.62
N LEU J 175 75.45 -26.45 -12.01
CA LEU J 175 75.27 -25.01 -12.12
C LEU J 175 76.33 -24.37 -13.00
N SER J 176 75.93 -23.32 -13.73
CA SER J 176 76.89 -22.47 -14.40
C SER J 176 77.66 -21.72 -13.33
N LYS J 177 78.83 -21.21 -13.69
CA LYS J 177 79.66 -20.48 -12.75
C LYS J 177 78.89 -19.29 -12.15
N ASP J 178 78.18 -18.58 -13.02
CA ASP J 178 77.32 -17.49 -12.56
C ASP J 178 76.20 -18.03 -11.68
N GLU J 179 75.80 -19.28 -11.93
CA GLU J 179 74.71 -19.88 -11.17
C GLU J 179 75.12 -20.24 -9.75
N ILE J 180 76.34 -20.76 -9.56
CA ILE J 180 76.82 -21.05 -8.22
C ILE J 180 77.08 -19.74 -7.48
N LYS J 181 77.66 -18.78 -8.18
CA LYS J 181 77.90 -17.47 -7.58
C LYS J 181 76.59 -16.87 -7.08
N TYR J 182 75.61 -16.76 -7.97
CA TYR J 182 74.28 -16.27 -7.62
C TYR J 182 73.67 -17.07 -6.48
N HIS J 183 73.88 -18.39 -6.54
CA HIS J 183 73.35 -19.31 -5.53
C HIS J 183 73.80 -18.93 -4.14
N ASP J 184 75.10 -19.06 -3.88
CA ASP J 184 75.55 -18.82 -2.52
C ASP J 184 75.49 -17.35 -2.17
N THR J 185 75.73 -16.44 -3.11
CA THR J 185 75.62 -15.04 -2.75
C THR J 185 74.19 -14.70 -2.31
N HIS J 186 73.22 -15.30 -2.99
CA HIS J 186 71.81 -15.12 -2.62
C HIS J 186 71.48 -15.76 -1.28
N SER J 187 71.92 -16.99 -1.04
CA SER J 187 71.57 -17.68 0.20
C SER J 187 72.28 -17.05 1.39
N LEU J 188 73.45 -16.49 1.12
CA LEU J 188 74.28 -15.81 2.10
C LEU J 188 73.64 -14.51 2.49
N ILE J 189 73.28 -13.69 1.51
CA ILE J 189 72.70 -12.39 1.80
C ILE J 189 71.31 -12.60 2.38
N TRP J 190 70.69 -13.72 2.00
CA TRP J 190 69.43 -14.14 2.57
C TRP J 190 69.64 -14.41 4.04
N LEU J 191 70.75 -15.07 4.34
CA LEU J 191 71.10 -15.35 5.72
C LEU J 191 71.34 -14.03 6.44
N LYS J 192 71.96 -13.05 5.78
CA LYS J 192 72.20 -11.76 6.43
C LYS J 192 70.86 -11.15 6.83
N LEU J 193 69.94 -11.12 5.88
CA LEU J 193 68.63 -10.52 6.08
C LEU J 193 67.76 -11.23 7.12
N VAL J 194 67.82 -12.56 7.14
CA VAL J 194 67.00 -13.32 8.06
C VAL J 194 67.62 -13.30 9.46
N ASN J 195 68.96 -13.28 9.50
CA ASN J 195 69.70 -13.34 10.75
C ASN J 195 69.64 -12.02 11.50
N ASP J 196 69.91 -10.92 10.82
CA ASP J 196 69.91 -9.64 11.52
C ASP J 196 68.50 -9.26 11.97
N SER J 197 67.49 -9.73 11.24
CA SER J 197 66.08 -9.39 11.54
C SER J 197 65.24 -10.34 12.46
N ILE J 198 65.21 -11.63 12.17
CA ILE J 198 64.47 -12.55 13.03
C ILE J 198 65.34 -13.52 13.81
N LEU J 199 66.65 -13.54 13.55
CA LEU J 199 67.48 -14.39 14.38
C LEU J 199 68.45 -13.56 15.21
N LYS J 200 67.98 -13.19 16.40
CA LYS J 200 68.73 -12.40 17.38
C LYS J 200 68.53 -12.87 18.83
N TYR J 201 67.30 -12.94 19.40
CA TYR J 201 65.95 -13.26 18.83
C TYR J 201 65.98 -14.69 18.29
N MET J 202 67.15 -15.32 18.42
CA MET J 202 67.44 -16.64 17.86
C MET J 202 67.78 -17.64 18.94
N PRO J 203 66.74 -18.23 19.55
CA PRO J 203 66.90 -19.31 20.54
C PRO J 203 67.66 -20.47 19.91
N GLU J 204 68.35 -21.27 20.73
CA GLU J 204 69.45 -22.09 20.23
C GLU J 204 69.08 -23.17 19.20
N GLU J 205 68.07 -23.98 19.45
CA GLU J 205 67.69 -25.01 18.48
C GLU J 205 67.19 -24.37 17.19
N LEU J 206 66.77 -23.13 17.32
CA LEU J 206 66.28 -22.35 16.21
C LEU J 206 67.42 -21.72 15.40
N GLN J 207 68.64 -21.85 15.90
CA GLN J 207 69.79 -21.23 15.27
C GLN J 207 70.10 -21.79 13.89
N ALA J 208 69.50 -22.94 13.60
CA ALA J 208 69.73 -23.58 12.32
C ALA J 208 68.59 -23.27 11.35
N ILE J 209 68.90 -23.04 10.08
CA ILE J 209 67.84 -22.99 9.09
C ILE J 209 67.98 -24.21 8.19
N ASN J 210 67.18 -25.23 8.51
CA ASN J 210 67.21 -26.55 7.89
C ASN J 210 66.35 -27.51 8.70
N ASP J 211 66.37 -28.77 8.30
CA ASP J 211 65.60 -29.86 8.94
C ASP J 211 65.72 -29.92 10.47
N THR J 212 64.59 -30.20 11.13
CA THR J 212 64.47 -30.20 12.59
C THR J 212 64.72 -31.57 13.29
N GLU J 213 63.96 -32.63 13.01
CA GLU J 213 63.10 -32.76 11.82
C GLU J 213 61.61 -32.51 12.07
N GLY J 214 61.08 -31.68 11.17
CA GLY J 214 59.66 -31.42 11.00
C GLY J 214 59.14 -30.16 11.66
N SER J 215 58.26 -29.47 10.93
CA SER J 215 58.05 -29.78 9.52
C SER J 215 58.24 -28.54 8.63
N VAL J 216 59.26 -28.54 7.76
CA VAL J 216 60.21 -29.67 7.67
C VAL J 216 61.72 -29.27 7.84
N ASN J 217 62.34 -28.34 7.10
CA ASN J 217 61.81 -27.46 6.06
C ASN J 217 62.81 -27.19 4.93
N MET J 218 62.39 -27.47 3.71
CA MET J 218 63.20 -27.23 2.52
C MET J 218 64.67 -27.67 2.65
N ILE J 219 65.01 -28.99 2.57
CA ILE J 219 64.17 -30.11 2.11
C ILE J 219 63.66 -29.80 0.71
N ASP J 220 62.39 -29.45 0.61
CA ASP J 220 61.71 -29.13 -0.65
C ASP J 220 62.53 -28.28 -1.62
N GLU J 221 62.42 -28.59 -2.91
CA GLU J 221 61.46 -29.57 -3.39
C GLU J 221 62.05 -30.63 -4.31
N PRO J 222 62.73 -31.64 -3.73
CA PRO J 222 63.06 -32.81 -4.54
C PRO J 222 61.81 -33.64 -4.81
N ASP J 223 60.83 -33.00 -5.46
CA ASP J 223 59.60 -33.69 -5.79
C ASP J 223 59.82 -34.25 -7.19
N TRP J 224 60.03 -35.56 -7.25
CA TRP J 224 60.18 -36.25 -8.52
C TRP J 224 58.80 -36.79 -8.90
N ASN J 225 57.87 -36.64 -7.96
CA ASN J 225 56.55 -37.24 -8.10
C ASN J 225 55.56 -36.47 -8.97
N LYS J 226 55.86 -35.19 -9.21
CA LYS J 226 54.87 -34.27 -9.79
C LYS J 226 54.43 -34.63 -11.21
N PHE J 227 53.23 -34.20 -11.56
CA PHE J 227 52.65 -34.45 -12.89
C PHE J 227 53.02 -33.40 -13.91
N VAL J 228 53.29 -33.85 -15.13
CA VAL J 228 53.62 -32.96 -16.25
C VAL J 228 53.23 -33.60 -17.57
N PHE J 229 52.96 -32.75 -18.57
CA PHE J 229 52.64 -33.22 -19.91
C PHE J 229 53.92 -33.60 -20.64
N ILE J 230 53.87 -34.68 -21.44
CA ILE J 230 55.05 -35.14 -22.17
C ILE J 230 54.70 -35.60 -23.59
N HIS J 231 55.70 -35.66 -24.47
CA HIS J 231 55.53 -36.19 -25.84
C HIS J 231 56.73 -37.07 -26.20
N VAL J 232 56.48 -38.32 -26.58
CA VAL J 232 57.56 -39.31 -26.64
C VAL J 232 58.28 -39.37 -28.00
N ASN J 233 59.62 -39.40 -27.96
CA ASN J 233 60.40 -39.56 -29.19
C ASN J 233 61.80 -40.16 -28.99
N GLY J 234 62.28 -40.92 -29.96
CA GLY J 234 63.66 -41.36 -29.99
C GLY J 234 63.98 -41.94 -31.36
N PRO J 235 65.26 -41.92 -31.76
CA PRO J 235 65.74 -42.48 -33.02
C PRO J 235 65.83 -44.00 -32.97
N PRO J 236 64.71 -44.68 -33.23
CA PRO J 236 64.49 -46.08 -32.82
C PRO J 236 65.48 -47.08 -33.42
N ASP J 237 65.65 -48.21 -32.74
CA ASP J 237 66.37 -49.35 -33.30
C ASP J 237 65.64 -49.82 -34.55
N GLY J 238 64.33 -49.54 -34.60
CA GLY J 238 63.52 -49.80 -35.77
C GLY J 238 62.95 -48.52 -36.35
N GLU J 248 66.67 -51.51 -28.38
CA GLU J 248 66.93 -50.98 -27.05
C GLU J 248 65.88 -51.44 -26.06
N ASN J 249 65.00 -50.50 -25.71
CA ASN J 249 63.95 -50.73 -24.75
C ASN J 249 62.58 -51.06 -25.36
N GLU J 250 62.51 -51.25 -26.67
CA GLU J 250 61.20 -51.37 -27.33
C GLU J 250 60.57 -52.76 -27.16
N PHE J 251 59.45 -52.81 -26.43
CA PHE J 251 58.74 -54.06 -26.20
C PHE J 251 57.42 -54.26 -26.95
N GLY J 252 56.96 -53.25 -27.69
CA GLY J 252 55.63 -53.32 -28.29
C GLY J 252 54.55 -52.77 -27.36
N LYS J 253 53.27 -52.94 -27.69
CA LYS J 253 52.80 -53.69 -28.85
C LYS J 253 53.20 -53.04 -30.20
N PRO J 254 52.82 -51.77 -30.47
CA PRO J 254 53.67 -51.12 -31.48
C PRO J 254 55.06 -50.64 -30.96
N CYS J 255 55.13 -50.10 -29.74
CA CYS J 255 56.33 -49.32 -29.34
C CYS J 255 56.67 -49.31 -27.84
N TYR J 256 57.88 -48.83 -27.54
CA TYR J 256 58.38 -48.62 -26.18
C TYR J 256 57.74 -47.37 -25.53
N THR J 257 57.77 -47.21 -24.20
CA THR J 257 58.43 -48.04 -23.19
C THR J 257 57.62 -48.30 -21.93
N VAL J 258 58.35 -48.98 -21.04
CA VAL J 258 57.98 -49.30 -19.67
C VAL J 258 58.47 -47.99 -19.04
N THR J 259 58.71 -47.91 -17.74
CA THR J 259 58.68 -49.00 -16.78
C THR J 259 57.60 -48.74 -15.75
N ILE J 260 57.21 -49.80 -15.05
CA ILE J 260 56.14 -49.69 -14.07
C ILE J 260 56.34 -48.71 -12.91
N PRO J 261 55.22 -48.04 -12.62
CA PRO J 261 55.05 -46.98 -11.60
C PRO J 261 55.28 -47.48 -10.19
N ASP J 262 55.54 -46.59 -9.23
CA ASP J 262 55.90 -47.07 -7.91
C ASP J 262 54.79 -47.91 -7.27
N LEU J 263 53.56 -47.40 -7.28
CA LEU J 263 52.44 -48.09 -6.65
C LEU J 263 51.56 -48.86 -7.63
N LYS J 264 51.91 -48.83 -8.91
CA LYS J 264 51.08 -49.48 -9.93
C LYS J 264 51.94 -50.26 -10.93
N GLU J 265 51.28 -50.79 -11.96
CA GLU J 265 51.95 -51.56 -13.00
C GLU J 265 52.10 -50.77 -14.30
N GLU J 266 52.72 -51.39 -15.31
CA GLU J 266 53.00 -50.76 -16.62
C GLU J 266 51.80 -50.34 -17.51
N VAL J 267 51.98 -49.25 -18.27
CA VAL J 267 50.90 -48.73 -19.14
C VAL J 267 50.69 -49.26 -20.58
N GLU J 268 51.68 -49.21 -21.49
CA GLU J 268 52.99 -48.62 -21.29
C GLU J 268 53.22 -47.32 -22.07
N LEU J 269 53.68 -47.40 -23.32
CA LEU J 269 54.03 -46.20 -24.08
C LEU J 269 54.12 -46.47 -25.58
N THR J 270 53.97 -45.40 -26.37
CA THR J 270 54.41 -45.34 -27.77
C THR J 270 54.82 -43.89 -28.03
N ILE J 271 55.69 -43.66 -29.03
CA ILE J 271 56.18 -42.31 -29.27
C ILE J 271 55.07 -41.36 -29.73
N GLY J 272 54.13 -41.90 -30.51
CA GLY J 272 53.03 -41.09 -31.02
C GLY J 272 52.02 -40.79 -29.94
N SER J 273 52.24 -41.37 -28.76
CA SER J 273 51.31 -41.21 -27.65
C SER J 273 51.91 -40.39 -26.52
N ILE J 274 51.18 -39.38 -26.09
CA ILE J 274 51.61 -38.50 -25.01
C ILE J 274 51.02 -38.98 -23.67
N TYR J 275 51.89 -39.41 -22.77
CA TYR J 275 51.42 -40.04 -21.53
C TYR J 275 51.86 -39.32 -20.25
N VAL J 276 50.89 -38.75 -19.55
CA VAL J 276 51.17 -37.88 -18.41
C VAL J 276 51.24 -38.64 -17.08
N MET J 277 52.31 -38.41 -16.34
CA MET J 277 52.54 -39.15 -15.09
C MET J 277 53.62 -38.52 -14.21
N ARG J 278 53.96 -39.23 -13.13
CA ARG J 278 55.00 -38.80 -12.18
C ARG J 278 56.31 -38.50 -12.89
N TYR J 279 56.99 -37.42 -12.48
CA TYR J 279 58.26 -37.10 -13.11
C TYR J 279 59.34 -38.13 -12.79
N GLU J 280 59.24 -38.79 -11.63
CA GLU J 280 60.22 -39.81 -11.28
C GLU J 280 60.26 -40.92 -12.31
N VAL J 281 59.15 -41.62 -12.44
CA VAL J 281 59.05 -42.81 -13.29
C VAL J 281 59.50 -42.50 -14.73
N ILE J 282 59.28 -41.27 -15.17
CA ILE J 282 59.68 -40.88 -16.53
C ILE J 282 61.04 -40.19 -16.64
N ARG J 283 61.67 -39.90 -15.51
CA ARG J 283 62.79 -38.96 -15.49
C ARG J 283 63.97 -39.40 -16.34
N ASP J 284 64.29 -40.69 -16.18
CA ASP J 284 65.35 -41.31 -16.94
C ASP J 284 65.11 -41.04 -18.43
N LEU J 285 63.86 -41.06 -18.86
CA LEU J 285 63.53 -40.87 -20.27
C LEU J 285 63.75 -39.43 -20.74
N LEU J 286 63.78 -38.48 -19.81
CA LEU J 286 64.25 -37.14 -20.15
C LEU J 286 65.75 -37.17 -20.26
N ARG J 287 66.39 -37.84 -19.32
CA ARG J 287 67.84 -38.02 -19.37
C ARG J 287 68.25 -38.74 -20.65
N ASP J 288 67.42 -39.66 -21.11
CA ASP J 288 67.69 -40.43 -22.34
C ASP J 288 67.30 -39.67 -23.60
N ASP J 289 66.60 -38.55 -23.41
CA ASP J 289 65.98 -37.80 -24.51
C ASP J 289 64.95 -38.66 -25.23
N LYS J 290 64.29 -39.55 -24.49
CA LYS J 290 63.29 -40.42 -25.07
C LYS J 290 61.90 -39.77 -25.07
N VAL J 291 61.74 -38.68 -24.35
CA VAL J 291 60.46 -37.99 -24.36
C VAL J 291 60.50 -36.46 -24.20
N ALA J 292 59.76 -35.75 -25.07
CA ALA J 292 59.53 -34.30 -24.96
C ALA J 292 58.50 -33.97 -23.90
N LEU J 293 58.43 -32.70 -23.48
CA LEU J 293 57.54 -32.30 -22.39
C LEU J 293 56.42 -31.39 -22.88
N ILE K 5 58.24 21.44 -57.72
CA ILE K 5 57.83 21.28 -59.10
C ILE K 5 58.43 20.02 -59.73
N SER K 6 57.98 18.87 -59.25
CA SER K 6 58.48 17.61 -59.76
C SER K 6 57.42 16.52 -59.68
N GLN K 7 57.41 15.63 -60.67
CA GLN K 7 56.54 14.46 -60.63
C GLN K 7 56.91 13.64 -59.40
N PHE K 8 55.91 12.98 -58.84
CA PHE K 8 56.06 12.34 -57.53
C PHE K 8 57.08 11.22 -57.50
N SER K 9 57.15 10.44 -58.58
CA SER K 9 58.04 9.30 -58.65
C SER K 9 59.50 9.68 -58.39
N GLU K 10 59.91 10.86 -58.86
CA GLU K 10 61.28 11.32 -58.69
C GLU K 10 61.62 11.63 -57.24
N ALA K 11 60.81 12.49 -56.62
CA ALA K 11 61.04 12.91 -55.25
C ALA K 11 60.86 11.76 -54.27
N TYR K 12 60.00 10.82 -54.63
CA TYR K 12 59.71 9.68 -53.81
C TYR K 12 60.84 8.65 -53.87
N ASN K 13 61.27 8.33 -55.09
CA ASN K 13 62.38 7.41 -55.25
C ASN K 13 63.68 8.03 -54.72
N LYS K 14 63.70 9.36 -54.64
CA LYS K 14 64.84 10.09 -54.08
C LYS K 14 64.81 10.08 -52.56
N ILE K 15 63.62 10.22 -51.98
CA ILE K 15 63.48 10.14 -50.53
C ILE K 15 63.79 8.71 -50.10
N LEU K 16 63.62 7.76 -51.01
CA LEU K 16 64.08 6.39 -50.75
C LEU K 16 65.60 6.35 -50.50
N ARG K 17 66.35 7.10 -51.28
CA ARG K 17 67.81 7.08 -51.20
C ARG K 17 68.31 7.56 -49.83
N ASN K 18 67.56 8.44 -49.22
CA ASN K 18 67.89 8.96 -47.90
C ASN K 18 67.15 8.23 -46.78
N SER K 19 66.25 7.33 -47.19
CA SER K 19 65.30 6.58 -46.32
C SER K 19 65.59 5.46 -45.28
N SER K 20 66.37 4.45 -45.63
CA SER K 20 66.65 3.36 -44.70
C SER K 20 68.05 3.38 -44.09
N SER K 21 68.10 3.29 -42.76
CA SER K 21 69.34 3.28 -41.99
C SER K 21 69.02 3.07 -40.52
N HIS K 22 70.00 2.61 -39.74
CA HIS K 22 69.73 2.27 -38.35
C HIS K 22 70.87 2.65 -37.41
N SER K 23 70.58 3.40 -36.35
CA SER K 23 69.24 3.89 -36.03
C SER K 23 68.69 4.86 -37.07
N SER K 24 67.37 4.98 -37.08
CA SER K 24 66.68 5.74 -38.10
C SER K 24 67.10 7.18 -38.06
N CYS K 25 66.91 7.91 -39.15
CA CYS K 25 66.54 7.40 -40.48
C CYS K 25 67.40 8.11 -41.57
N GLN K 26 67.33 9.45 -41.68
CA GLN K 26 66.54 10.27 -40.77
C GLN K 26 65.65 11.27 -41.48
N LEU K 27 64.35 10.97 -41.39
CA LEU K 27 63.29 11.81 -41.94
C LEU K 27 62.01 11.55 -41.16
N VAL K 28 61.17 12.56 -41.11
CA VAL K 28 60.00 12.53 -40.25
C VAL K 28 58.85 13.35 -40.85
N ILE K 29 57.61 12.89 -40.67
CA ILE K 29 56.46 13.70 -41.04
C ILE K 29 56.24 14.82 -40.03
N PHE K 30 55.73 15.95 -40.51
CA PHE K 30 55.11 16.92 -39.60
C PHE K 30 53.62 16.97 -39.94
N VAL K 31 52.77 16.39 -39.08
CA VAL K 31 51.34 16.38 -39.39
C VAL K 31 50.80 17.77 -39.14
N SER K 32 50.28 18.38 -40.20
CA SER K 32 49.86 19.75 -40.06
C SER K 32 48.52 20.07 -40.69
N CYS K 33 47.59 20.47 -39.81
CA CYS K 33 47.82 20.24 -38.40
C CYS K 33 46.66 19.49 -37.77
N LEU K 34 45.62 20.25 -37.49
CA LEU K 34 44.37 19.73 -37.01
C LEU K 34 43.39 19.64 -38.17
N ASN K 35 43.77 20.22 -39.31
CA ASN K 35 42.93 20.13 -40.50
C ASN K 35 43.01 18.74 -41.10
N ILE K 36 41.86 18.21 -41.48
CA ILE K 36 41.71 16.78 -41.76
C ILE K 36 42.40 16.30 -43.05
N ASP K 37 42.66 17.22 -43.96
CA ASP K 37 43.21 16.84 -45.27
C ASP K 37 44.49 16.02 -45.16
N ALA K 38 45.25 16.25 -44.08
CA ALA K 38 46.50 15.54 -43.87
C ALA K 38 46.25 14.13 -43.36
N LEU K 39 45.27 14.01 -42.47
CA LEU K 39 45.04 12.82 -41.67
C LEU K 39 44.94 11.53 -42.48
N CYS K 40 44.03 11.51 -43.44
CA CYS K 40 43.96 10.38 -44.34
C CYS K 40 45.27 10.27 -45.11
N ALA K 41 45.68 11.39 -45.68
CA ALA K 41 46.88 11.47 -46.50
C ALA K 41 48.11 10.99 -45.73
N THR K 42 48.23 11.43 -44.48
CA THR K 42 49.32 10.96 -43.66
C THR K 42 49.20 9.45 -43.48
N LYS K 43 47.99 8.97 -43.19
CA LYS K 43 47.81 7.56 -42.88
C LYS K 43 48.19 6.65 -44.03
N MET K 44 47.64 6.93 -45.21
CA MET K 44 48.06 6.19 -46.39
C MET K 44 49.56 6.32 -46.49
N LEU K 45 50.05 7.53 -46.32
CA LEU K 45 51.49 7.80 -46.39
C LEU K 45 52.21 6.99 -45.34
N SER K 46 51.66 7.00 -44.14
CA SER K 46 52.18 6.18 -43.06
C SER K 46 52.29 4.75 -43.56
N LEU K 47 51.19 4.23 -44.09
CA LEU K 47 51.17 2.83 -44.51
C LEU K 47 52.24 2.62 -45.56
N LEU K 48 52.39 3.60 -46.44
CA LEU K 48 53.41 3.54 -47.47
C LEU K 48 54.76 3.31 -46.82
N PHE K 49 55.10 4.15 -45.86
CA PHE K 49 56.39 4.03 -45.17
C PHE K 49 56.46 2.72 -44.43
N LYS K 50 55.31 2.25 -43.97
CA LYS K 50 55.25 0.98 -43.24
C LYS K 50 55.35 -0.19 -44.20
N LYS K 51 54.99 0.05 -45.46
CA LYS K 51 55.04 -0.99 -46.47
C LYS K 51 56.46 -1.17 -46.98
N GLN K 52 57.20 -0.06 -47.01
CA GLN K 52 58.60 -0.09 -47.40
C GLN K 52 59.50 -0.26 -46.18
N LEU K 53 58.88 -0.54 -45.02
CA LEU K 53 59.60 -0.80 -43.76
C LEU K 53 60.59 0.29 -43.36
N VAL K 54 60.10 1.51 -43.14
CA VAL K 54 60.98 2.62 -42.86
C VAL K 54 60.56 3.37 -41.61
N GLN K 55 61.48 3.47 -40.65
CA GLN K 55 61.19 4.14 -39.38
C GLN K 55 60.95 5.63 -39.55
N SER K 56 59.87 6.12 -38.96
CA SER K 56 59.59 7.55 -38.99
C SER K 56 58.93 8.03 -37.69
N GLN K 57 59.41 9.15 -37.16
CA GLN K 57 58.75 9.81 -36.04
C GLN K 57 57.48 10.46 -36.58
N ILE K 58 56.49 10.64 -35.72
CA ILE K 58 55.21 11.18 -36.15
C ILE K 58 54.82 12.37 -35.28
N VAL K 59 54.85 13.56 -35.88
CA VAL K 59 54.64 14.80 -35.12
C VAL K 59 53.37 15.53 -35.52
N PRO K 60 52.42 15.65 -34.58
CA PRO K 60 51.16 16.40 -34.66
C PRO K 60 51.27 17.84 -34.13
N ILE K 61 51.84 18.73 -34.94
CA ILE K 61 52.01 20.12 -34.54
C ILE K 61 50.66 20.82 -34.60
N PHE K 62 50.54 21.92 -33.87
CA PHE K 62 49.33 22.72 -33.88
C PHE K 62 49.62 24.16 -34.28
N GLY K 63 50.37 24.85 -33.45
CA GLY K 63 50.63 26.26 -33.63
C GLY K 63 51.57 26.54 -34.77
N TYR K 64 51.36 27.68 -35.43
CA TYR K 64 52.24 28.14 -36.48
C TYR K 64 53.64 28.40 -35.93
N SER K 65 53.70 29.17 -34.85
CA SER K 65 54.95 29.45 -34.14
C SER K 65 55.55 28.18 -33.56
N GLU K 66 54.67 27.24 -33.22
CA GLU K 66 55.09 25.97 -32.65
C GLU K 66 55.93 25.18 -33.64
N LEU K 67 55.74 25.44 -34.93
CA LEU K 67 56.59 24.84 -35.95
C LEU K 67 58.02 25.29 -35.73
N ARG K 68 58.22 26.60 -35.57
CA ARG K 68 59.54 27.14 -35.27
C ARG K 68 60.07 26.50 -34.02
N ARG K 69 59.18 26.37 -33.03
CA ARG K 69 59.57 25.74 -31.78
C ARG K 69 60.18 24.37 -32.05
N HIS K 70 59.53 23.57 -32.89
CA HIS K 70 59.96 22.19 -33.14
C HIS K 70 61.16 22.03 -34.07
N TYR K 71 61.21 22.78 -35.17
CA TYR K 71 62.33 22.66 -36.08
C TYR K 71 63.63 23.08 -35.40
N SER K 72 63.55 24.18 -34.66
CA SER K 72 64.69 24.65 -33.88
C SER K 72 64.94 23.73 -32.69
N GLN K 73 63.93 22.97 -32.24
CA GLN K 73 64.12 22.17 -31.00
C GLN K 73 64.91 20.87 -31.12
N LEU K 74 64.40 19.87 -31.82
CA LEU K 74 65.24 18.71 -32.02
C LEU K 74 65.14 18.20 -33.44
N ASP K 75 66.16 18.53 -34.23
CA ASP K 75 66.48 17.88 -35.48
C ASP K 75 67.99 17.86 -35.50
N ASP K 76 68.61 16.70 -35.66
CA ASP K 76 70.07 16.65 -35.59
C ASP K 76 70.71 16.07 -36.85
N ASN K 77 70.68 14.75 -36.97
CA ASN K 77 71.28 14.07 -38.10
C ASN K 77 70.25 13.82 -39.19
N ILE K 78 69.08 14.44 -39.02
CA ILE K 78 67.95 14.23 -39.93
C ILE K 78 68.39 14.51 -41.37
N ASN K 79 68.27 13.51 -42.24
CA ASN K 79 68.77 13.67 -43.61
C ASN K 79 67.72 14.15 -44.58
N SER K 80 66.47 14.10 -44.15
CA SER K 80 65.35 14.48 -45.00
C SER K 80 64.12 14.82 -44.17
N LEU K 81 63.14 15.49 -44.76
CA LEU K 81 62.03 15.98 -43.96
C LEU K 81 60.70 16.02 -44.70
N LEU K 82 59.63 15.78 -43.94
CA LEU K 82 58.28 15.91 -44.46
C LEU K 82 57.50 16.97 -43.68
N LEU K 83 56.60 17.65 -44.38
CA LEU K 83 55.71 18.62 -43.75
C LEU K 83 54.41 18.71 -44.55
N VAL K 84 53.33 19.13 -43.90
CA VAL K 84 52.02 19.17 -44.55
C VAL K 84 51.34 20.52 -44.30
N GLY K 85 50.38 20.89 -45.16
CA GLY K 85 49.42 21.93 -44.85
C GLY K 85 49.96 23.31 -44.54
N PHE K 86 51.26 23.49 -44.71
CA PHE K 86 51.94 24.72 -44.31
C PHE K 86 52.81 25.27 -45.42
N GLY K 87 53.32 26.47 -45.20
CA GLY K 87 54.33 27.05 -46.07
C GLY K 87 53.87 27.29 -47.48
N GLY K 88 52.56 27.24 -47.70
CA GLY K 88 52.00 27.58 -48.99
C GLY K 88 51.95 29.08 -49.12
N VAL K 89 52.31 29.78 -48.05
CA VAL K 89 52.29 31.23 -48.03
C VAL K 89 53.61 31.81 -47.56
N ILE K 90 54.02 31.47 -46.35
CA ILE K 90 55.26 32.01 -45.78
C ILE K 90 56.40 31.00 -45.87
N ASP K 91 57.59 31.49 -46.18
CA ASP K 91 58.76 30.65 -46.39
C ASP K 91 59.50 30.33 -45.09
N LEU K 92 59.90 29.07 -44.98
CA LEU K 92 60.62 28.60 -43.80
C LEU K 92 62.09 28.99 -43.89
N GLU K 93 62.62 29.10 -45.11
CA GLU K 93 64.00 29.51 -45.30
C GLU K 93 64.24 30.88 -44.64
N ALA K 94 63.21 31.72 -44.63
CA ALA K 94 63.20 32.94 -43.84
C ALA K 94 62.83 32.64 -42.38
N PHE K 95 61.87 31.74 -42.21
CA PHE K 95 61.30 31.42 -40.91
C PHE K 95 62.22 30.54 -40.04
N LEU K 96 63.19 29.90 -40.69
CA LEU K 96 64.07 28.92 -40.05
C LEU K 96 65.55 29.30 -40.19
N GLU K 97 65.99 29.55 -41.43
CA GLU K 97 67.26 30.23 -41.76
C GLU K 97 68.58 29.53 -41.29
N ILE K 98 69.10 28.52 -42.03
CA ILE K 98 68.82 28.18 -43.44
C ILE K 98 68.86 29.40 -44.40
N ASP K 99 70.01 29.93 -44.85
CA ASP K 99 71.41 29.44 -44.81
C ASP K 99 71.61 28.17 -45.65
N PRO K 100 72.81 28.03 -46.26
CA PRO K 100 73.29 26.80 -46.89
C PRO K 100 73.83 25.79 -45.88
N GLN K 101 73.55 24.50 -46.08
CA GLN K 101 74.15 23.46 -45.25
C GLN K 101 74.78 22.38 -46.11
N GLU K 102 76.11 22.34 -46.13
CA GLU K 102 76.87 21.50 -47.07
C GLU K 102 76.33 21.61 -48.50
N GLN K 114 74.80 22.60 -52.66
CA GLN K 114 74.52 21.56 -53.65
C GLN K 114 74.50 20.19 -52.99
N SER K 115 73.47 19.40 -53.28
CA SER K 115 73.25 18.11 -52.64
C SER K 115 73.27 18.26 -51.13
N PHE K 116 72.44 19.17 -50.63
CA PHE K 116 72.48 19.58 -49.23
C PHE K 116 72.14 18.46 -48.26
N ARG K 117 72.68 18.57 -47.05
CA ARG K 117 72.59 17.54 -46.03
C ARG K 117 71.16 17.11 -45.69
N ARG K 118 70.20 17.98 -45.96
CA ARG K 118 68.83 17.74 -45.52
C ARG K 118 67.78 18.10 -46.58
N ASP K 119 66.90 17.15 -46.89
CA ASP K 119 65.78 17.38 -47.78
C ASP K 119 64.51 17.71 -46.98
N ILE K 120 63.65 18.58 -47.52
CA ILE K 120 62.39 18.88 -46.86
C ILE K 120 61.23 18.74 -47.84
N TYR K 121 60.20 18.01 -47.42
CA TYR K 121 58.97 17.90 -48.22
C TYR K 121 57.84 18.66 -47.54
N VAL K 122 57.01 19.33 -48.35
CA VAL K 122 55.89 20.13 -47.84
C VAL K 122 54.66 19.97 -48.74
N LEU K 123 53.49 19.74 -48.14
CA LEU K 123 52.27 19.53 -48.92
C LEU K 123 51.15 20.47 -48.53
N ASP K 124 50.37 20.95 -49.51
CA ASP K 124 49.16 21.74 -49.24
C ASP K 124 48.41 22.14 -50.51
N ALA K 125 47.11 22.41 -50.35
CA ALA K 125 46.26 22.93 -51.42
C ALA K 125 46.00 24.43 -51.31
N HIS K 126 46.48 25.05 -50.25
CA HIS K 126 46.19 26.46 -50.04
C HIS K 126 47.00 27.32 -51.01
N ARG K 127 46.37 28.41 -51.45
CA ARG K 127 46.96 29.29 -52.45
C ARG K 127 46.88 30.72 -51.94
N PRO K 128 47.64 31.65 -52.55
CA PRO K 128 48.67 31.42 -53.56
C PRO K 128 49.93 30.88 -52.93
N TRP K 129 50.73 30.13 -53.68
CA TRP K 129 52.00 29.64 -53.16
C TRP K 129 52.90 30.84 -52.85
N ASN K 130 53.84 30.65 -51.94
CA ASN K 130 54.86 31.65 -51.71
C ASN K 130 55.71 31.83 -52.95
N LEU K 131 56.25 33.02 -53.12
CA LEU K 131 57.18 33.28 -54.21
C LEU K 131 58.43 32.46 -54.02
N ASP K 132 58.75 32.18 -52.77
CA ASP K 132 59.94 31.44 -52.43
C ASP K 132 59.78 29.94 -52.72
N ASN K 133 58.53 29.49 -52.85
CA ASN K 133 58.16 28.07 -53.08
C ASN K 133 58.53 27.27 -54.36
N ILE K 134 58.34 27.83 -55.55
CA ILE K 134 58.67 27.12 -56.78
C ILE K 134 60.14 27.31 -57.16
N PHE K 135 60.69 28.47 -56.83
CA PHE K 135 62.05 28.79 -57.24
C PHE K 135 62.94 29.07 -56.04
N GLY K 136 64.25 29.03 -56.27
CA GLY K 136 65.19 29.06 -55.16
C GLY K 136 65.12 27.76 -54.38
N SER K 137 65.35 26.63 -55.07
CA SER K 137 65.13 25.34 -54.43
C SER K 137 66.27 25.02 -53.48
N GLN K 138 65.92 24.98 -52.20
CA GLN K 138 66.86 24.70 -51.13
C GLN K 138 66.26 23.71 -50.15
N ILE K 139 65.26 24.18 -49.41
CA ILE K 139 64.53 23.34 -48.47
C ILE K 139 63.61 22.44 -49.27
N ILE K 140 63.10 22.95 -50.38
CA ILE K 140 62.12 22.24 -51.17
C ILE K 140 62.51 22.37 -52.66
N GLN K 141 62.21 21.41 -53.54
CA GLN K 141 61.31 20.26 -53.41
C GLN K 141 59.86 20.71 -53.23
N CYS K 142 59.44 21.67 -54.04
CA CYS K 142 58.06 22.15 -54.05
C CYS K 142 57.13 21.08 -54.61
N PHE K 143 56.02 20.86 -53.92
CA PHE K 143 55.15 19.70 -54.15
C PHE K 143 53.96 19.96 -55.07
N ASP K 144 53.84 21.18 -55.58
CA ASP K 144 52.64 21.62 -56.30
C ASP K 144 52.19 20.69 -57.43
N ASP K 145 53.14 19.96 -58.03
CA ASP K 145 52.86 19.07 -59.14
C ASP K 145 51.76 18.06 -58.81
N GLY K 146 50.90 17.75 -59.79
CA GLY K 146 50.89 18.42 -61.07
C GLY K 146 49.76 19.40 -61.13
N THR K 147 49.25 19.76 -59.95
CA THR K 147 48.08 20.62 -59.80
C THR K 147 48.26 21.96 -60.51
N VAL K 148 49.14 22.79 -59.95
CA VAL K 148 49.30 24.13 -60.48
C VAL K 148 50.65 24.26 -61.19
N ASP K 149 50.60 24.29 -62.51
CA ASP K 149 51.80 24.49 -63.33
C ASP K 149 52.39 25.92 -63.16
N ASP K 150 51.57 26.98 -63.13
CA ASP K 150 50.18 27.01 -63.57
C ASP K 150 50.02 27.14 -65.11
N THR K 151 50.72 28.05 -65.78
CA THR K 151 51.51 29.16 -65.24
C THR K 151 50.58 30.34 -64.96
N LEU K 152 50.79 31.17 -63.92
CA LEU K 152 51.94 31.27 -62.99
C LEU K 152 53.26 31.55 -63.68
N GLY K 153 53.20 32.28 -64.77
CA GLY K 153 54.40 32.68 -65.51
C GLY K 153 54.84 33.99 -64.91
N GLU K 154 54.13 34.36 -63.85
CA GLU K 154 54.39 35.57 -63.10
C GLU K 154 55.55 35.40 -62.12
N GLN K 155 55.71 34.22 -61.56
CA GLN K 155 56.88 33.99 -60.73
C GLN K 155 58.09 33.74 -61.63
N LYS K 156 57.80 33.31 -62.86
CA LYS K 156 58.81 33.15 -63.87
C LYS K 156 59.50 34.48 -64.13
N GLU K 157 58.73 35.55 -64.09
CA GLU K 157 59.26 36.90 -64.19
C GLU K 157 59.55 37.51 -62.81
N ALA K 158 59.13 36.83 -61.75
CA ALA K 158 59.33 37.35 -60.40
C ALA K 158 60.74 37.14 -59.93
N TYR K 159 61.44 36.25 -60.62
CA TYR K 159 62.84 35.99 -60.33
C TYR K 159 63.67 36.38 -61.52
N TYR K 160 63.45 35.68 -62.62
CA TYR K 160 64.35 35.74 -63.77
C TYR K 160 64.33 37.11 -64.45
N LYS K 161 63.25 37.85 -64.27
CA LYS K 161 63.25 39.27 -64.59
C LYS K 161 63.82 40.09 -63.43
N LEU K 162 63.46 39.70 -62.20
CA LEU K 162 63.96 40.34 -60.99
C LEU K 162 65.46 40.10 -60.84
N LEU K 163 65.88 38.87 -61.09
CA LEU K 163 67.30 38.53 -61.02
C LEU K 163 67.96 38.75 -62.36
N GLU K 164 69.15 39.35 -62.34
CA GLU K 164 69.80 39.76 -61.10
C GLU K 164 69.54 41.23 -60.77
N LEU K 165 68.72 41.88 -61.60
CA LEU K 165 68.51 43.33 -61.58
C LEU K 165 69.81 44.12 -61.40
N ASN K 218 73.02 57.90 -70.64
CA ASN K 218 72.32 56.64 -70.87
C ASN K 218 72.09 55.86 -69.58
N ASP K 219 73.03 55.96 -68.64
CA ASP K 219 72.94 55.20 -67.40
C ASP K 219 71.86 55.74 -66.46
N LEU K 220 71.54 57.02 -66.60
CA LEU K 220 70.48 57.63 -65.80
C LEU K 220 69.08 57.38 -66.37
N SER K 221 68.96 57.43 -67.69
CA SER K 221 67.66 57.25 -68.34
C SER K 221 67.27 55.78 -68.41
N LYS K 222 68.27 54.90 -68.41
CA LYS K 222 68.02 53.46 -68.35
C LYS K 222 67.86 53.02 -66.91
N ARG K 223 68.19 53.91 -65.98
CA ARG K 223 68.05 53.62 -64.55
C ARG K 223 66.57 53.58 -64.19
N LYS K 224 65.85 54.65 -64.52
CA LYS K 224 64.41 54.69 -64.28
C LYS K 224 63.68 53.75 -65.25
N GLN K 225 64.37 53.34 -66.32
CA GLN K 225 63.81 52.38 -67.27
C GLN K 225 63.89 50.96 -66.72
N ARG K 226 65.06 50.61 -66.21
CA ARG K 226 65.25 49.32 -65.55
C ARG K 226 64.35 49.27 -64.33
N LYS K 227 64.26 50.38 -63.61
CA LYS K 227 63.40 50.45 -62.42
C LYS K 227 61.93 50.49 -62.79
N LYS K 228 61.59 50.90 -64.02
CA LYS K 228 60.20 50.93 -64.48
C LYS K 228 59.74 49.56 -64.94
N GLN K 229 60.64 48.83 -65.59
CA GLN K 229 60.35 47.47 -65.99
C GLN K 229 60.34 46.59 -64.75
N ILE K 230 61.23 46.90 -63.82
CA ILE K 230 61.25 46.21 -62.55
C ILE K 230 60.01 46.61 -61.75
N HIS K 231 59.54 47.84 -61.92
CA HIS K 231 58.29 48.27 -61.27
C HIS K 231 57.10 47.63 -61.96
N GLU K 232 57.35 47.13 -63.17
CA GLU K 232 56.33 46.43 -63.91
C GLU K 232 56.28 45.02 -63.37
N TYR K 233 57.44 44.50 -62.99
CA TYR K 233 57.54 43.19 -62.38
C TYR K 233 57.15 43.28 -60.90
N GLU K 234 57.19 44.50 -60.38
CA GLU K 234 56.92 44.77 -58.97
C GLU K 234 55.44 44.91 -58.80
N GLY K 235 54.81 45.51 -59.81
CA GLY K 235 53.38 45.74 -59.82
C GLY K 235 52.69 44.50 -60.33
N VAL K 236 53.42 43.70 -61.11
CA VAL K 236 52.91 42.40 -61.50
C VAL K 236 53.00 41.51 -60.26
N LEU K 237 54.21 41.25 -59.79
CA LEU K 237 54.44 40.37 -58.64
C LEU K 237 53.78 40.87 -57.35
N GLU K 238 53.39 42.14 -57.30
CA GLU K 238 52.71 42.67 -56.12
C GLU K 238 51.32 42.11 -56.03
N GLU K 239 50.67 41.97 -57.18
CA GLU K 239 49.32 41.43 -57.22
C GLU K 239 49.33 39.95 -56.82
N TYR K 240 50.26 39.17 -57.34
CA TYR K 240 50.44 37.85 -56.76
C TYR K 240 51.01 38.07 -55.38
N TYR K 241 50.75 37.14 -54.47
CA TYR K 241 51.21 37.21 -53.09
C TYR K 241 50.38 38.25 -52.33
N SER K 242 49.67 39.12 -53.05
CA SER K 242 48.58 39.87 -52.47
C SER K 242 47.28 39.49 -53.18
N GLN K 243 46.48 38.63 -52.53
CA GLN K 243 45.41 37.93 -53.23
C GLN K 243 44.67 37.06 -52.23
N GLY K 244 43.45 36.65 -52.57
CA GLY K 244 42.68 35.81 -51.70
C GLY K 244 43.27 34.43 -51.54
N THR K 245 43.40 33.98 -50.29
CA THR K 245 43.92 32.65 -50.03
C THR K 245 42.81 31.61 -50.11
N THR K 246 43.08 30.52 -50.85
CA THR K 246 42.08 29.47 -51.05
C THR K 246 42.69 28.08 -51.09
N VAL K 247 41.89 27.09 -50.70
CA VAL K 247 42.22 25.68 -50.86
C VAL K 247 41.92 25.26 -52.31
N VAL K 248 42.61 24.25 -52.81
CA VAL K 248 42.35 23.76 -54.15
C VAL K 248 41.97 22.27 -54.18
N ASN K 249 42.94 21.39 -53.96
CA ASN K 249 42.72 19.96 -54.07
C ASN K 249 43.14 19.19 -52.84
N SER K 250 42.29 18.27 -52.39
CA SER K 250 42.67 17.40 -51.28
C SER K 250 43.95 16.67 -51.61
N ILE K 251 44.97 16.83 -50.77
CA ILE K 251 46.30 16.27 -51.02
C ILE K 251 46.23 14.77 -51.14
N SER K 252 45.18 14.21 -50.57
CA SER K 252 44.95 12.78 -50.55
C SER K 252 44.93 12.21 -51.96
N ALA K 253 44.26 12.88 -52.89
CA ALA K 253 44.17 12.40 -54.26
C ALA K 253 45.49 12.55 -54.99
N GLN K 254 46.32 13.48 -54.52
CA GLN K 254 47.66 13.63 -55.05
C GLN K 254 48.49 12.43 -54.64
N ILE K 255 48.38 12.06 -53.37
CA ILE K 255 49.12 10.92 -52.87
C ILE K 255 48.47 9.63 -53.38
N TYR K 256 47.25 9.75 -53.89
CA TYR K 256 46.55 8.60 -54.44
C TYR K 256 46.99 8.32 -55.84
N SER K 257 47.16 9.39 -56.60
CA SER K 257 47.67 9.30 -57.96
C SER K 257 49.17 9.06 -57.89
N LEU K 258 49.73 9.30 -56.71
CA LEU K 258 51.13 9.05 -56.44
C LEU K 258 51.30 7.56 -56.23
N LEU K 259 50.44 7.03 -55.36
CA LEU K 259 50.39 5.61 -55.04
C LEU K 259 49.97 4.84 -56.29
N SER K 260 49.25 5.53 -57.16
CA SER K 260 48.74 4.98 -58.40
C SER K 260 49.86 4.94 -59.43
N ALA K 261 50.70 5.96 -59.38
CA ALA K 261 51.87 6.00 -60.24
C ALA K 261 52.79 4.86 -59.87
N ILE K 262 52.92 4.62 -58.56
CA ILE K 262 53.68 3.48 -58.07
C ILE K 262 52.92 2.19 -58.35
N GLY K 263 51.62 2.30 -58.59
CA GLY K 263 50.83 1.17 -59.02
C GLY K 263 49.89 0.61 -57.97
N GLU K 264 50.07 1.02 -56.72
CA GLU K 264 49.22 0.52 -55.64
C GLU K 264 47.91 1.27 -55.59
N THR K 265 46.83 0.51 -55.45
CA THR K 265 45.54 1.06 -55.06
C THR K 265 44.91 0.11 -54.06
N ASN K 266 44.60 0.61 -52.87
CA ASN K 266 43.88 -0.20 -51.91
C ASN K 266 42.52 0.40 -51.65
N LEU K 267 41.53 -0.48 -51.50
CA LEU K 267 40.15 -0.07 -51.31
C LEU K 267 40.08 0.80 -50.07
N SER K 268 40.91 0.46 -49.10
CA SER K 268 41.17 1.35 -47.98
C SER K 268 41.60 2.67 -48.56
N ASN K 269 42.77 2.71 -49.20
CA ASN K 269 43.35 3.97 -49.68
C ASN K 269 42.40 4.81 -50.51
N LEU K 270 41.50 4.19 -51.26
CA LEU K 270 40.49 4.96 -51.95
C LEU K 270 39.45 5.44 -50.96
N TRP K 271 39.14 4.66 -49.93
CA TRP K 271 38.18 5.12 -48.92
C TRP K 271 38.77 6.23 -48.06
N LEU K 272 40.09 6.21 -47.91
CA LEU K 272 40.84 7.22 -47.19
C LEU K 272 40.88 8.44 -48.07
N ASN K 273 40.91 8.20 -49.37
CA ASN K 273 40.81 9.27 -50.34
C ASN K 273 39.45 9.88 -50.25
N ILE K 274 38.45 9.03 -50.15
CA ILE K 274 37.10 9.50 -49.99
C ILE K 274 37.08 10.38 -48.76
N LEU K 275 37.37 9.86 -47.58
CA LEU K 275 37.38 10.69 -46.37
C LEU K 275 38.24 11.96 -46.45
N GLY K 276 39.31 11.92 -47.24
CA GLY K 276 40.21 13.05 -47.37
C GLY K 276 39.65 14.15 -48.24
N THR K 277 39.09 13.73 -49.37
CA THR K 277 38.39 14.58 -50.32
C THR K 277 37.14 15.13 -49.67
N THR K 278 36.36 14.20 -49.12
CA THR K 278 35.10 14.43 -48.45
C THR K 278 35.28 15.32 -47.22
N SER K 279 36.50 15.34 -46.71
CA SER K 279 36.83 16.10 -45.51
C SER K 279 36.33 17.52 -45.59
N LEU K 280 36.48 18.10 -46.77
CA LEU K 280 36.17 19.50 -47.00
C LEU K 280 34.81 19.79 -47.61
N ASP K 281 34.00 18.77 -47.86
CA ASP K 281 32.79 18.92 -48.68
C ASP K 281 31.79 19.96 -48.18
N ILE K 282 31.90 20.35 -46.91
CA ILE K 282 31.11 21.47 -46.41
C ILE K 282 31.65 22.75 -47.02
N ALA K 283 32.93 22.72 -47.38
CA ALA K 283 33.57 23.84 -48.05
C ALA K 283 33.67 23.55 -49.55
N TYR K 284 32.88 24.28 -50.33
CA TYR K 284 32.89 24.24 -51.79
C TYR K 284 32.91 22.82 -52.33
N ALA K 285 33.67 22.64 -53.39
CA ALA K 285 34.13 21.32 -53.75
C ALA K 285 35.65 21.45 -54.03
N GLN K 286 36.10 22.29 -54.98
CA GLN K 286 35.35 22.71 -56.17
C GLN K 286 35.60 21.66 -57.23
N VAL K 287 36.85 21.20 -57.25
CA VAL K 287 37.28 20.05 -58.04
C VAL K 287 36.62 18.79 -57.48
N TYR K 288 36.11 18.89 -56.26
CA TYR K 288 35.48 17.74 -55.64
C TYR K 288 34.25 17.30 -56.44
N ASN K 289 33.60 18.26 -57.10
CA ASN K 289 32.50 17.95 -58.02
C ASN K 289 32.96 17.01 -59.11
N ARG K 290 34.12 17.30 -59.69
CA ARG K 290 34.73 16.41 -60.67
C ARG K 290 35.60 15.36 -60.00
N LEU K 291 35.69 15.37 -58.68
CA LEU K 291 36.44 14.31 -58.01
C LEU K 291 35.64 13.02 -57.98
N TYR K 292 34.31 13.12 -57.95
CA TYR K 292 33.48 11.91 -58.06
C TYR K 292 33.98 11.05 -59.22
N PRO K 293 34.07 11.61 -60.45
CA PRO K 293 34.68 10.80 -61.52
C PRO K 293 36.09 10.32 -61.20
N LEU K 294 36.90 11.16 -60.56
CA LEU K 294 38.26 10.77 -60.21
C LEU K 294 38.25 9.69 -59.13
N LEU K 295 37.06 9.41 -58.61
CA LEU K 295 36.85 8.46 -57.52
C LEU K 295 35.88 7.35 -57.94
N GLN K 296 34.67 7.74 -58.35
CA GLN K 296 33.69 6.77 -58.88
C GLN K 296 34.29 5.82 -59.92
N ASP K 297 35.13 6.35 -60.81
CA ASP K 297 35.80 5.52 -61.81
C ASP K 297 36.69 4.50 -61.13
N GLU K 298 37.43 4.97 -60.12
CA GLU K 298 38.21 4.07 -59.28
C GLU K 298 37.28 3.12 -58.53
N VAL K 299 36.07 3.56 -58.21
CA VAL K 299 35.08 2.67 -57.59
C VAL K 299 34.66 1.64 -58.62
N LYS K 300 34.67 2.04 -59.89
CA LYS K 300 34.46 1.10 -60.98
C LYS K 300 35.75 0.35 -61.26
N ARG K 301 36.88 0.89 -60.81
CA ARG K 301 38.16 0.17 -60.94
C ARG K 301 38.25 -0.93 -59.90
N LEU K 302 37.42 -0.83 -58.86
CA LEU K 302 37.35 -1.90 -57.89
C LEU K 302 36.08 -2.72 -58.11
N THR K 303 36.29 -3.99 -58.45
CA THR K 303 35.20 -4.93 -58.58
C THR K 303 35.43 -6.03 -57.55
N PRO K 304 34.99 -5.78 -56.30
CA PRO K 304 35.19 -6.70 -55.18
C PRO K 304 34.73 -8.11 -55.52
N SER K 305 33.59 -8.19 -56.19
CA SER K 305 33.10 -9.46 -56.72
C SER K 305 32.11 -9.21 -57.85
N SER K 306 31.88 -10.22 -58.67
CA SER K 306 30.85 -10.14 -59.70
C SER K 306 29.47 -10.11 -59.03
N ARG K 307 29.36 -10.79 -57.89
CA ARG K 307 28.09 -10.89 -57.17
C ARG K 307 28.28 -11.65 -55.85
N ASN K 308 27.31 -11.46 -54.95
CA ASN K 308 27.31 -12.10 -53.64
C ASN K 308 27.20 -13.62 -53.73
N SER K 309 27.99 -14.40 -52.98
CA SER K 309 28.98 -14.00 -51.96
C SER K 309 28.40 -13.13 -50.83
N VAL K 310 27.31 -13.60 -50.23
CA VAL K 310 26.65 -12.97 -49.07
C VAL K 310 27.34 -13.43 -47.78
N LYS K 311 27.64 -12.50 -46.87
CA LYS K 311 27.47 -11.06 -47.07
C LYS K 311 28.56 -10.39 -47.94
N THR K 312 29.85 -10.69 -47.79
CA THR K 312 30.43 -11.61 -46.80
C THR K 312 30.72 -10.91 -45.48
N PRO K 313 30.95 -11.68 -44.40
CA PRO K 313 31.39 -11.06 -43.15
C PRO K 313 32.65 -10.23 -43.30
N ASP K 314 33.42 -10.50 -44.36
CA ASP K 314 34.67 -9.80 -44.62
C ASP K 314 34.76 -9.39 -46.09
N THR K 315 34.98 -8.10 -46.35
CA THR K 315 35.03 -7.58 -47.73
C THR K 315 33.80 -7.91 -48.61
N LEU K 316 32.59 -7.39 -48.31
CA LEU K 316 32.30 -6.31 -47.35
C LEU K 316 32.97 -4.96 -47.69
N THR K 317 32.77 -4.46 -48.90
CA THR K 317 33.41 -3.21 -49.32
C THR K 317 32.38 -2.24 -49.90
N LEU K 318 32.82 -1.00 -50.08
CA LEU K 318 31.93 0.14 -50.33
C LEU K 318 31.20 0.14 -51.66
N ASN K 319 30.14 0.95 -51.73
CA ASN K 319 29.47 1.27 -52.98
C ASN K 319 28.76 2.63 -52.91
N ILE K 320 28.43 3.17 -54.07
CA ILE K 320 27.72 4.45 -54.15
C ILE K 320 26.24 4.27 -53.83
N GLN K 321 25.60 5.32 -53.31
CA GLN K 321 24.21 5.22 -52.87
C GLN K 321 23.57 6.60 -52.65
N PRO K 322 22.28 6.66 -52.28
CA PRO K 322 21.67 7.98 -52.03
C PRO K 322 22.12 8.66 -50.74
N ASP K 323 23.25 9.37 -50.79
CA ASP K 323 23.70 10.19 -49.67
C ASP K 323 22.92 11.49 -49.55
N TYR K 324 22.98 12.12 -48.37
CA TYR K 324 22.26 13.36 -48.14
C TYR K 324 23.08 14.36 -47.30
N TYR K 325 22.99 15.65 -47.66
CA TYR K 325 23.59 16.72 -46.87
C TYR K 325 23.02 16.71 -45.47
N LEU K 326 21.85 16.12 -45.35
CA LEU K 326 21.20 15.89 -44.07
C LEU K 326 22.15 15.12 -43.17
N PHE K 327 22.08 15.42 -41.87
CA PHE K 327 23.17 15.14 -40.95
C PHE K 327 22.95 13.92 -40.02
N LEU K 328 23.99 13.11 -39.89
CA LEU K 328 24.00 11.89 -39.08
C LEU K 328 22.90 10.90 -39.42
N LEU K 329 22.58 10.77 -40.71
CA LEU K 329 21.47 9.94 -41.17
C LEU K 329 21.45 8.55 -40.54
N ARG K 330 22.49 7.78 -40.83
CA ARG K 330 22.48 6.35 -40.57
C ARG K 330 22.35 6.02 -39.10
N HIS K 331 23.04 6.79 -38.26
CA HIS K 331 23.14 6.46 -36.85
C HIS K 331 22.19 7.25 -35.95
N SER K 332 21.40 8.12 -36.56
CA SER K 332 20.49 9.03 -35.85
C SER K 332 19.06 9.06 -36.38
N SER K 333 18.14 9.58 -35.57
CA SER K 333 16.73 9.62 -35.94
C SER K 333 16.56 10.47 -37.19
N LEU K 334 15.65 10.06 -38.06
CA LEU K 334 15.40 10.77 -39.31
C LEU K 334 14.96 12.20 -39.04
N TYR K 335 14.14 12.37 -38.01
CA TYR K 335 13.72 13.70 -37.57
C TYR K 335 14.91 14.59 -37.30
N ASP K 336 15.68 14.23 -36.28
CA ASP K 336 16.86 14.98 -35.91
C ASP K 336 17.85 15.04 -37.06
N SER K 337 17.77 14.07 -37.96
CA SER K 337 18.58 14.10 -39.16
C SER K 337 18.23 15.32 -40.00
N PHE K 338 16.95 15.57 -40.23
CA PHE K 338 16.57 16.82 -40.88
C PHE K 338 16.87 18.01 -39.96
N TYR K 339 16.85 17.79 -38.66
CA TYR K 339 16.80 18.86 -37.67
C TYR K 339 18.12 19.56 -37.33
N TYR K 340 19.20 18.80 -37.17
CA TYR K 340 20.50 19.43 -36.90
C TYR K 340 21.24 19.68 -38.21
N SER K 341 20.67 19.20 -39.30
CA SER K 341 21.30 19.29 -40.61
C SER K 341 21.42 20.72 -41.09
N ASN K 342 22.52 21.01 -41.76
CA ASN K 342 22.81 22.36 -42.21
C ASN K 342 21.91 22.79 -43.36
N TYR K 343 21.83 21.98 -44.41
CA TYR K 343 21.07 22.37 -45.60
C TYR K 343 19.60 22.62 -45.29
N VAL K 344 19.07 21.90 -44.31
CA VAL K 344 17.69 22.11 -43.89
C VAL K 344 17.55 23.44 -43.18
N ASN K 345 18.59 23.83 -42.45
CA ASN K 345 18.53 24.98 -41.55
C ASN K 345 18.04 26.27 -42.20
N ALA K 346 18.86 26.83 -43.08
CA ALA K 346 18.54 28.12 -43.67
C ALA K 346 17.35 28.03 -44.61
N LYS K 347 17.41 27.06 -45.51
CA LYS K 347 16.38 26.87 -46.52
C LYS K 347 15.00 26.74 -45.90
N LEU K 348 14.88 25.88 -44.89
CA LEU K 348 13.60 25.62 -44.25
C LEU K 348 13.37 26.38 -42.94
N SER K 349 14.33 27.20 -42.54
CA SER K 349 14.20 28.03 -41.34
C SER K 349 14.02 27.21 -40.05
N LEU K 350 15.08 26.56 -39.59
CA LEU K 350 15.01 25.66 -38.43
C LEU K 350 14.88 26.34 -37.08
N TRP K 351 15.47 27.51 -36.92
CA TRP K 351 15.31 28.28 -35.69
C TRP K 351 13.87 28.72 -35.53
N ASN K 352 13.17 28.79 -36.66
CA ASN K 352 11.75 29.10 -36.68
C ASN K 352 10.89 27.90 -36.28
N GLU K 353 9.81 28.18 -35.56
CA GLU K 353 8.81 27.17 -35.26
C GLU K 353 7.93 27.00 -36.48
N ASN K 354 7.87 28.07 -37.27
CA ASN K 354 7.15 28.08 -38.52
C ASN K 354 7.65 26.98 -39.44
N GLY K 355 8.96 26.95 -39.65
CA GLY K 355 9.60 25.93 -40.45
C GLY K 355 9.61 24.57 -39.77
N LYS K 356 9.46 24.56 -38.45
CA LYS K 356 9.24 23.33 -37.70
C LYS K 356 7.97 22.62 -38.12
N LYS K 357 6.84 23.27 -37.86
CA LYS K 357 5.54 22.75 -38.31
C LYS K 357 5.60 22.46 -39.80
N ARG K 358 6.14 23.41 -40.55
CA ARG K 358 6.32 23.29 -42.00
C ARG K 358 7.09 22.03 -42.36
N LEU K 359 7.99 21.62 -41.47
CA LEU K 359 8.75 20.41 -41.69
C LEU K 359 7.82 19.24 -41.47
N HIS K 360 6.97 19.36 -40.47
CA HIS K 360 6.02 18.29 -40.20
C HIS K 360 5.05 18.14 -41.39
N LYS K 361 4.91 19.21 -42.17
CA LYS K 361 4.19 19.13 -43.43
C LYS K 361 4.91 18.22 -44.40
N MET K 362 6.23 18.19 -44.32
CA MET K 362 7.00 17.32 -45.21
C MET K 362 6.64 15.87 -44.95
N PHE K 363 6.46 15.49 -43.69
CA PHE K 363 6.09 14.12 -43.35
C PHE K 363 4.63 13.92 -43.64
N ALA K 364 3.89 15.02 -43.64
CA ALA K 364 2.50 14.97 -44.04
C ALA K 364 2.42 14.69 -45.54
N ARG K 365 3.51 14.97 -46.26
CA ARG K 365 3.66 14.51 -47.64
C ARG K 365 4.52 13.24 -47.77
N MET K 366 5.12 12.82 -46.66
CA MET K 366 6.01 11.65 -46.66
C MET K 366 5.28 10.43 -46.12
N GLY K 367 4.06 10.64 -45.67
CA GLY K 367 3.27 9.60 -45.03
C GLY K 367 3.95 9.01 -43.80
N ILE K 368 4.79 9.81 -43.16
CA ILE K 368 5.61 9.35 -42.04
C ILE K 368 5.16 9.92 -40.70
N PRO K 369 4.95 9.03 -39.70
CA PRO K 369 4.59 9.43 -38.34
C PRO K 369 5.67 10.27 -37.66
N LEU K 370 5.27 11.23 -36.83
CA LEU K 370 6.22 11.99 -36.02
C LEU K 370 7.01 11.04 -35.14
N SER K 371 6.34 10.00 -34.65
CA SER K 371 6.99 8.92 -33.93
C SER K 371 8.11 8.30 -34.77
N THR K 372 7.78 7.96 -36.01
CA THR K 372 8.73 7.33 -36.93
C THR K 372 9.87 8.28 -37.26
N ALA K 373 9.62 9.58 -37.08
CA ALA K 373 10.68 10.55 -37.19
C ALA K 373 11.57 10.47 -35.96
N GLN K 374 10.96 10.28 -34.79
CA GLN K 374 11.73 10.05 -33.57
C GLN K 374 12.41 8.68 -33.57
N GLU K 375 12.04 7.84 -34.55
CA GLU K 375 12.54 6.46 -34.63
C GLU K 375 14.05 6.38 -34.90
N THR K 376 14.66 5.30 -34.44
CA THR K 376 16.06 5.03 -34.76
C THR K 376 16.14 4.51 -36.19
N TRP K 377 17.14 4.99 -36.94
CA TRP K 377 17.26 4.65 -38.36
C TRP K 377 17.32 3.15 -38.59
N LEU K 378 17.82 2.40 -37.61
CA LEU K 378 17.95 0.97 -37.75
C LEU K 378 16.59 0.28 -37.85
N TYR K 379 15.60 0.82 -37.17
CA TYR K 379 14.30 0.16 -37.08
C TYR K 379 13.20 0.66 -38.01
N MET K 380 13.48 1.70 -38.77
CA MET K 380 12.50 2.20 -39.72
C MET K 380 12.18 1.08 -40.70
N ASP K 381 10.92 0.99 -41.09
CA ASP K 381 10.46 -0.12 -41.92
C ASP K 381 11.25 -0.21 -43.21
N HIS K 382 11.52 -1.45 -43.63
CA HIS K 382 12.18 -1.73 -44.90
C HIS K 382 11.43 -1.04 -46.04
N SER K 383 10.11 -0.94 -45.88
CA SER K 383 9.26 -0.18 -46.79
C SER K 383 9.69 1.28 -46.83
N ILE K 384 9.77 1.88 -45.65
CA ILE K 384 10.15 3.28 -45.55
C ILE K 384 11.56 3.49 -46.10
N LYS K 385 12.40 2.46 -46.03
CA LYS K 385 13.75 2.54 -46.58
C LYS K 385 13.76 2.52 -48.10
N ARG K 386 13.12 1.52 -48.69
CA ARG K 386 13.12 1.36 -50.14
C ARG K 386 12.43 2.51 -50.85
N GLU K 387 11.36 3.01 -50.25
CA GLU K 387 10.57 4.08 -50.86
C GLU K 387 11.06 5.47 -50.45
N LEU K 388 11.98 5.52 -49.50
CA LEU K 388 12.45 6.79 -48.91
C LEU K 388 12.86 7.80 -49.96
N GLY K 389 13.75 7.38 -50.84
CA GLY K 389 14.27 8.23 -51.90
C GLY K 389 13.19 8.66 -52.88
N ILE K 390 12.36 7.71 -53.31
CA ILE K 390 11.28 7.99 -54.24
C ILE K 390 10.28 8.96 -53.62
N ILE K 391 9.94 8.72 -52.36
CA ILE K 391 9.13 9.64 -51.57
C ILE K 391 9.71 11.04 -51.63
N PHE K 392 11.00 11.12 -51.30
CA PHE K 392 11.76 12.37 -51.35
C PHE K 392 11.59 13.04 -52.71
N ASP K 393 11.64 12.24 -53.77
CA ASP K 393 11.52 12.76 -55.12
C ASP K 393 10.13 13.30 -55.37
N LYS K 394 9.14 12.72 -54.70
CA LYS K 394 7.76 13.16 -54.86
C LYS K 394 7.45 14.40 -54.01
N ASN K 395 8.29 14.69 -53.02
CA ASN K 395 7.97 15.78 -52.10
C ASN K 395 9.00 16.91 -52.01
N LEU K 396 10.22 16.57 -51.59
CA LEU K 396 11.29 17.51 -51.24
C LEU K 396 11.53 18.58 -52.28
N ASP K 397 11.18 18.27 -53.54
CA ASP K 397 11.29 19.22 -54.64
C ASP K 397 10.36 20.43 -54.45
N ARG K 398 9.48 20.35 -53.47
CA ARG K 398 8.49 21.40 -53.22
C ARG K 398 9.10 22.65 -52.56
N TYR K 399 9.94 22.43 -51.57
CA TYR K 399 10.46 23.52 -50.73
C TYR K 399 11.84 24.00 -51.16
N GLY K 400 12.37 23.43 -52.24
CA GLY K 400 13.68 23.81 -52.76
C GLY K 400 14.77 22.88 -52.29
N LEU K 401 14.36 21.71 -51.80
CA LEU K 401 15.27 20.76 -51.18
C LEU K 401 15.82 19.72 -52.15
N GLN K 402 15.52 19.89 -53.43
CA GLN K 402 15.98 18.96 -54.46
C GLN K 402 17.50 18.76 -54.40
N ASP K 403 18.24 19.77 -53.99
CA ASP K 403 19.66 19.49 -53.81
C ASP K 403 19.87 19.10 -52.37
N ILE K 404 19.80 17.79 -52.17
CA ILE K 404 20.22 17.10 -50.97
C ILE K 404 20.90 15.88 -51.53
N ILE K 405 20.09 15.16 -52.30
CA ILE K 405 20.42 13.87 -52.88
C ILE K 405 21.75 13.92 -53.62
N ARG K 406 22.63 13.01 -53.22
CA ARG K 406 23.94 12.87 -53.82
C ARG K 406 24.28 11.39 -53.87
N ASP K 407 25.00 11.02 -54.92
CA ASP K 407 25.23 9.62 -55.25
C ASP K 407 26.54 9.09 -54.66
N GLY K 408 27.15 9.84 -53.75
CA GLY K 408 28.48 9.55 -53.26
C GLY K 408 28.66 8.26 -52.44
N PHE K 409 29.82 8.15 -51.81
CA PHE K 409 30.38 6.84 -51.44
C PHE K 409 30.07 6.39 -50.01
N VAL K 410 29.87 5.08 -49.83
CA VAL K 410 29.55 4.50 -48.52
C VAL K 410 30.35 3.24 -48.18
N ARG K 411 31.19 3.31 -47.16
CA ARG K 411 31.92 2.13 -46.66
C ARG K 411 30.98 1.14 -45.96
N THR K 412 31.36 -0.13 -45.99
CA THR K 412 30.59 -1.18 -45.33
C THR K 412 31.44 -2.05 -44.42
N LEU K 413 31.15 -2.07 -43.12
CA LEU K 413 31.63 -3.18 -42.30
C LEU K 413 30.50 -4.19 -42.12
N GLY K 414 29.38 -3.95 -42.81
CA GLY K 414 28.37 -4.99 -42.87
C GLY K 414 27.75 -5.19 -41.51
N TYR K 415 28.04 -6.35 -40.93
CA TYR K 415 27.56 -6.71 -39.62
C TYR K 415 27.70 -5.58 -38.60
N ARG K 416 28.75 -4.76 -38.72
CA ARG K 416 28.89 -3.59 -37.86
C ARG K 416 28.15 -2.38 -38.42
N GLY K 417 27.50 -2.57 -39.56
CA GLY K 417 26.80 -1.48 -40.22
C GLY K 417 27.52 -0.94 -41.44
N SER K 418 26.87 0.03 -42.07
CA SER K 418 27.45 0.74 -43.20
C SER K 418 27.41 2.24 -42.93
N ILE K 419 28.44 2.95 -43.38
CA ILE K 419 28.54 4.38 -43.14
C ILE K 419 29.00 5.12 -44.38
N SER K 420 28.24 6.14 -44.77
CA SER K 420 28.66 7.01 -45.86
C SER K 420 29.91 7.75 -45.44
N ALA K 421 30.73 8.13 -46.42
CA ALA K 421 31.92 8.91 -46.13
C ALA K 421 31.56 10.21 -45.43
N SER K 422 30.62 10.91 -46.05
CA SER K 422 30.13 12.20 -45.57
C SER K 422 29.81 12.16 -44.09
N GLU K 423 29.22 11.05 -43.66
CA GLU K 423 28.88 10.85 -42.27
C GLU K 423 30.12 10.59 -41.41
N PHE K 424 30.93 9.63 -41.84
CA PHE K 424 32.12 9.22 -41.10
C PHE K 424 33.07 10.39 -40.84
N VAL K 425 33.00 11.40 -41.71
CA VAL K 425 33.76 12.63 -41.52
C VAL K 425 33.53 13.27 -40.15
N GLU K 426 32.27 13.43 -39.78
CA GLU K 426 31.89 14.30 -38.67
C GLU K 426 32.51 13.90 -37.33
N ALA K 427 32.44 12.62 -37.01
CA ALA K 427 32.96 12.14 -35.73
C ALA K 427 34.47 12.31 -35.64
N LEU K 428 35.14 12.29 -36.78
CA LEU K 428 36.56 12.59 -36.82
C LEU K 428 36.74 14.01 -36.31
N THR K 429 35.85 14.89 -36.74
CA THR K 429 35.88 16.28 -36.33
C THR K 429 35.41 16.46 -34.90
N ALA K 430 34.86 15.39 -34.32
CA ALA K 430 34.38 15.42 -32.94
C ALA K 430 35.53 15.30 -31.96
N LEU K 431 36.45 14.40 -32.28
CA LEU K 431 37.55 14.08 -31.37
C LEU K 431 38.54 15.23 -31.29
N LEU K 432 38.31 16.23 -32.12
CA LEU K 432 39.21 17.35 -32.22
C LEU K 432 39.03 18.33 -31.04
N GLU K 433 37.78 18.69 -30.74
CA GLU K 433 37.49 19.57 -29.61
C GLU K 433 37.12 18.86 -28.31
N VAL K 434 36.88 17.56 -28.37
CA VAL K 434 36.31 16.85 -27.24
C VAL K 434 36.65 15.37 -27.31
N GLY K 435 36.51 14.67 -26.20
CA GLY K 435 36.87 13.27 -26.12
C GLY K 435 38.17 13.06 -25.38
N ASN K 436 38.61 14.11 -24.69
CA ASN K 436 39.83 14.05 -23.89
C ASN K 436 39.73 13.05 -22.75
N SER K 462 51.55 32.28 -17.55
CA SER K 462 50.11 32.21 -17.72
C SER K 462 49.74 31.77 -19.12
N ALA K 463 50.59 32.10 -20.09
CA ALA K 463 50.37 31.71 -21.48
C ALA K 463 50.59 30.21 -21.66
N GLN K 464 51.13 29.57 -20.62
CA GLN K 464 51.40 28.15 -20.63
C GLN K 464 50.11 27.34 -20.55
N LYS K 465 49.06 27.94 -20.02
CA LYS K 465 47.77 27.26 -19.87
C LYS K 465 47.17 26.93 -21.23
N LEU K 466 47.22 27.89 -22.15
CA LEU K 466 46.66 27.67 -23.48
C LEU K 466 47.59 26.81 -24.33
N THR K 467 48.87 26.75 -23.99
CA THR K 467 49.78 25.89 -24.73
C THR K 467 49.58 24.45 -24.30
N ASN K 468 49.32 24.29 -23.00
CA ASN K 468 48.95 23.01 -22.41
C ASN K 468 47.63 22.55 -22.99
N LEU K 469 46.77 23.53 -23.29
CA LEU K 469 45.43 23.30 -23.83
C LEU K 469 45.47 22.86 -25.29
N ARG K 470 46.18 23.63 -26.11
CA ARG K 470 46.46 23.29 -27.50
C ARG K 470 47.06 21.90 -27.53
N LYS K 471 47.93 21.67 -26.55
CA LYS K 471 48.59 20.39 -26.38
C LYS K 471 47.57 19.30 -26.09
N ARG K 472 46.51 19.64 -25.37
CA ARG K 472 45.42 18.69 -25.13
C ARG K 472 44.67 18.40 -26.43
N TRP K 473 44.51 19.43 -27.26
CA TRP K 473 43.88 19.23 -28.56
C TRP K 473 44.70 18.27 -29.43
N VAL K 474 46.00 18.51 -29.48
CA VAL K 474 46.93 17.65 -30.19
C VAL K 474 46.91 16.24 -29.58
N SER K 475 46.64 16.17 -28.29
CA SER K 475 46.55 14.90 -27.60
C SER K 475 45.36 14.11 -28.12
N ASN K 476 44.21 14.77 -28.19
CA ASN K 476 42.99 14.12 -28.65
C ASN K 476 42.98 13.92 -30.16
N PHE K 477 43.94 14.53 -30.84
CA PHE K 477 44.16 14.31 -32.26
C PHE K 477 44.40 12.82 -32.55
N TRP K 478 45.23 12.21 -31.72
CA TRP K 478 45.65 10.83 -31.91
C TRP K 478 44.49 9.85 -31.77
N LEU K 479 43.57 10.15 -30.87
CA LEU K 479 42.41 9.31 -30.70
C LEU K 479 41.63 9.30 -32.00
N SER K 480 41.74 10.39 -32.76
CA SER K 480 41.17 10.46 -34.10
C SER K 480 42.02 9.72 -35.11
N TRP K 481 43.33 9.70 -34.90
CA TRP K 481 44.22 8.90 -35.73
C TRP K 481 43.81 7.42 -35.68
N ASP K 482 43.64 6.90 -34.47
CA ASP K 482 43.17 5.53 -34.30
C ASP K 482 41.71 5.44 -34.68
N ALA K 483 41.00 6.58 -34.68
CA ALA K 483 39.61 6.58 -35.11
C ALA K 483 39.48 6.46 -36.61
N LEU K 484 40.60 6.65 -37.32
CA LEU K 484 40.62 6.31 -38.72
C LEU K 484 40.75 4.80 -38.87
N ASP K 485 41.57 4.20 -38.02
CA ASP K 485 41.81 2.77 -38.05
C ASP K 485 40.52 2.00 -37.79
N ASP K 486 40.20 1.08 -38.69
CA ASP K 486 38.99 0.28 -38.58
C ASP K 486 39.05 -0.67 -37.38
N ARG K 487 40.27 -1.09 -37.02
CA ARG K 487 40.48 -2.17 -36.06
C ARG K 487 39.63 -2.02 -34.79
N LYS K 488 39.54 -0.79 -34.30
CA LYS K 488 38.60 -0.51 -33.23
C LYS K 488 37.53 0.42 -33.80
N VAL K 489 36.35 -0.13 -34.05
CA VAL K 489 35.24 0.66 -34.55
C VAL K 489 34.56 1.32 -33.36
N GLU K 490 34.76 0.73 -32.19
CA GLU K 490 34.05 1.14 -30.98
C GLU K 490 34.39 2.56 -30.55
N LEU K 491 35.67 2.89 -30.55
CA LEU K 491 36.11 4.21 -30.11
C LEU K 491 35.58 5.31 -31.03
N LEU K 492 35.38 4.96 -32.30
CA LEU K 492 34.83 5.90 -33.27
C LEU K 492 33.41 6.33 -32.91
N ASN K 493 32.61 5.36 -32.49
CA ASN K 493 31.21 5.60 -32.16
C ASN K 493 31.04 6.60 -31.03
N ARG K 494 32.07 6.70 -30.19
CA ARG K 494 32.14 7.74 -29.18
C ARG K 494 31.90 9.07 -29.86
N GLY K 495 32.87 9.48 -30.65
CA GLY K 495 32.78 10.70 -31.43
C GLY K 495 31.52 10.77 -32.28
N ILE K 496 31.02 9.61 -32.72
CA ILE K 496 29.77 9.59 -33.46
C ILE K 496 28.59 10.16 -32.66
N GLN K 497 28.35 9.62 -31.46
CA GLN K 497 27.33 10.21 -30.57
C GLN K 497 27.70 11.64 -30.21
N LEU K 498 29.01 11.84 -30.04
CA LEU K 498 29.50 13.13 -29.66
C LEU K 498 29.09 14.17 -30.68
N ALA K 499 28.93 13.77 -31.94
CA ALA K 499 28.45 14.71 -32.96
C ALA K 499 27.07 15.25 -32.59
N GLN K 500 26.22 14.36 -32.09
CA GLN K 500 24.92 14.77 -31.62
C GLN K 500 25.10 15.72 -30.45
N ASP K 501 26.10 15.48 -29.61
CA ASP K 501 26.41 16.40 -28.51
C ASP K 501 26.83 17.81 -29.02
N LEU K 502 27.79 17.82 -29.94
CA LEU K 502 28.33 19.02 -30.56
C LEU K 502 27.24 19.83 -31.18
N GLN K 503 26.60 19.26 -32.19
CA GLN K 503 25.49 19.91 -32.85
C GLN K 503 24.40 20.32 -31.86
N ARG K 504 24.10 19.49 -30.87
CA ARG K 504 23.09 19.90 -29.90
C ARG K 504 23.53 21.20 -29.20
N ALA K 505 24.83 21.37 -28.98
CA ALA K 505 25.33 22.64 -28.47
C ALA K 505 25.15 23.74 -29.53
N ILE K 506 25.67 23.47 -30.72
CA ILE K 506 25.73 24.40 -31.84
C ILE K 506 24.36 24.93 -32.27
N PHE K 507 23.53 24.04 -32.81
CA PHE K 507 22.18 24.34 -33.28
C PHE K 507 21.42 25.17 -32.28
N ASN K 508 21.44 24.74 -31.04
CA ASN K 508 20.80 25.48 -29.96
C ASN K 508 21.39 26.88 -29.85
N THR K 509 22.71 26.96 -29.88
CA THR K 509 23.41 28.23 -29.72
C THR K 509 23.13 29.24 -30.84
N GLY K 510 23.19 28.77 -32.09
CA GLY K 510 23.00 29.62 -33.24
C GLY K 510 21.64 30.27 -33.20
N VAL K 511 20.61 29.47 -32.95
CA VAL K 511 19.26 29.98 -32.74
C VAL K 511 19.23 30.96 -31.59
N ALA K 512 19.93 30.60 -30.52
CA ALA K 512 20.02 31.46 -29.35
C ALA K 512 20.57 32.82 -29.75
N ILE K 513 21.41 32.87 -30.78
CA ILE K 513 21.96 34.12 -31.30
C ILE K 513 21.01 34.74 -32.35
N LEU K 514 20.10 33.93 -32.89
CA LEU K 514 19.21 34.39 -33.95
C LEU K 514 18.02 35.19 -33.43
N GLU K 515 17.44 34.74 -32.33
CA GLU K 515 16.32 35.45 -31.73
C GLU K 515 16.85 36.64 -30.92
N LYS K 516 18.14 36.61 -30.63
CA LYS K 516 18.82 37.78 -30.07
C LYS K 516 19.09 38.79 -31.17
N LYS K 517 19.25 38.30 -32.41
CA LYS K 517 19.56 39.14 -33.58
C LYS K 517 20.90 39.89 -33.41
N LEU K 518 22.00 39.16 -33.30
CA LEU K 518 23.31 39.75 -33.03
C LEU K 518 24.01 40.22 -34.29
N ILE K 519 23.31 40.15 -35.42
CA ILE K 519 23.89 40.50 -36.71
C ILE K 519 24.08 42.00 -36.88
N LYS K 520 25.28 42.40 -37.32
CA LYS K 520 25.55 43.77 -37.70
C LYS K 520 25.93 43.78 -39.18
N HIS K 521 25.08 44.35 -40.00
CA HIS K 521 25.27 44.32 -41.45
C HIS K 521 26.51 45.09 -41.86
N LEU K 522 26.85 46.11 -41.08
CA LEU K 522 27.94 47.03 -41.39
C LEU K 522 27.74 47.58 -42.80
N ARG K 523 28.79 47.56 -43.61
CA ARG K 523 28.67 47.97 -45.01
C ARG K 523 29.30 46.93 -45.93
N ILE K 524 30.61 46.78 -45.78
CA ILE K 524 31.39 45.87 -46.59
C ILE K 524 31.09 44.41 -46.31
N TYR K 525 30.81 44.11 -45.05
CA TYR K 525 30.71 42.73 -44.60
C TYR K 525 29.77 42.58 -43.41
N ARG K 526 29.11 41.43 -43.31
CA ARG K 526 28.34 41.12 -42.11
C ARG K 526 29.30 40.58 -41.06
N LEU K 527 29.09 40.95 -39.80
CA LEU K 527 29.96 40.49 -38.72
C LEU K 527 29.20 40.40 -37.40
N CYS K 528 29.60 39.46 -36.55
CA CYS K 528 29.06 39.35 -35.20
C CYS K 528 30.16 39.09 -34.17
N VAL K 529 29.75 38.99 -32.92
CA VAL K 529 30.66 38.74 -31.80
C VAL K 529 29.93 37.98 -30.69
N LEU K 530 30.62 37.06 -30.02
CA LEU K 530 30.04 36.34 -28.90
C LEU K 530 30.78 36.68 -27.59
N GLN K 531 30.10 37.37 -26.69
CA GLN K 531 30.71 37.76 -25.41
C GLN K 531 30.68 36.64 -24.37
N ASP K 532 29.65 35.81 -24.40
CA ASP K 532 29.43 34.77 -23.39
C ASP K 532 28.21 33.90 -23.69
N GLY K 533 28.16 32.74 -23.06
CA GLY K 533 27.08 31.78 -23.20
C GLY K 533 27.52 30.49 -22.54
N PRO K 534 26.79 29.40 -22.76
CA PRO K 534 27.23 28.08 -22.29
C PRO K 534 28.37 27.50 -23.14
N ASP K 535 29.31 26.83 -22.47
CA ASP K 535 30.37 26.07 -23.14
C ASP K 535 31.22 26.88 -24.12
N LEU K 536 31.80 27.97 -23.64
CA LEU K 536 32.67 28.79 -24.47
C LEU K 536 34.03 28.15 -24.69
N ASP K 537 34.40 27.23 -23.79
CA ASP K 537 35.63 26.46 -23.96
C ASP K 537 35.49 25.56 -25.17
N LEU K 538 34.28 25.10 -25.43
CA LEU K 538 34.02 24.29 -26.62
C LEU K 538 34.15 25.18 -27.84
N TYR K 539 34.08 26.49 -27.64
CA TYR K 539 34.27 27.47 -28.72
C TYR K 539 35.71 27.92 -28.83
N ARG K 540 36.59 27.35 -28.02
CA ARG K 540 38.02 27.61 -28.16
C ARG K 540 38.55 26.93 -29.41
N ASN K 541 38.03 25.74 -29.69
CA ASN K 541 38.41 25.00 -30.89
C ASN K 541 38.15 25.81 -32.16
N PRO K 542 39.21 26.02 -32.96
CA PRO K 542 39.10 26.73 -34.24
C PRO K 542 37.97 26.16 -35.07
N LEU K 543 37.84 24.84 -35.01
CA LEU K 543 36.81 24.15 -35.77
C LEU K 543 35.43 24.29 -35.22
N THR K 544 35.31 24.51 -33.92
CA THR K 544 33.97 24.63 -33.39
C THR K 544 33.35 25.89 -33.95
N LEU K 545 34.11 26.98 -33.93
CA LEU K 545 33.66 28.22 -34.56
C LEU K 545 33.67 28.10 -36.07
N LEU K 546 34.46 27.18 -36.62
CA LEU K 546 34.48 26.98 -38.06
C LEU K 546 33.18 26.34 -38.52
N ARG K 547 32.80 25.22 -37.89
CA ARG K 547 31.52 24.56 -38.09
C ARG K 547 30.37 25.48 -37.73
N LEU K 548 30.62 26.32 -36.74
CA LEU K 548 29.60 27.15 -36.14
C LEU K 548 29.24 28.20 -37.15
N GLY K 549 30.19 29.09 -37.42
CA GLY K 549 30.03 30.09 -38.45
C GLY K 549 29.82 29.55 -39.85
N ASN K 550 30.15 28.28 -40.09
CA ASN K 550 29.79 27.64 -41.36
C ASN K 550 28.29 27.44 -41.41
N TRP K 551 27.79 26.84 -40.34
CA TRP K 551 26.37 26.60 -40.14
C TRP K 551 25.62 27.93 -40.12
N LEU K 552 26.25 28.94 -39.55
CA LEU K 552 25.67 30.26 -39.33
C LEU K 552 25.77 31.17 -40.55
N ILE K 553 26.70 30.89 -41.45
CA ILE K 553 26.76 31.62 -42.70
C ILE K 553 25.81 30.98 -43.70
N GLU K 554 25.70 29.67 -43.64
CA GLU K 554 24.70 28.97 -44.43
C GLU K 554 23.35 29.49 -43.95
N CYS K 555 23.22 29.64 -42.63
CA CYS K 555 22.00 30.11 -41.99
C CYS K 555 21.65 31.57 -42.30
N CYS K 556 22.61 32.45 -42.02
CA CYS K 556 22.43 33.89 -42.18
C CYS K 556 22.21 34.21 -43.63
N ALA K 557 22.89 33.47 -44.48
CA ALA K 557 22.77 33.68 -45.91
C ALA K 557 22.58 32.36 -46.68
N GLU K 558 21.42 32.20 -47.31
CA GLU K 558 21.20 31.08 -48.20
C GLU K 558 21.92 31.21 -49.56
N SER K 559 21.82 32.34 -50.29
CA SER K 559 21.12 33.59 -49.94
C SER K 559 19.61 33.46 -50.19
N GLU K 560 18.71 34.14 -49.45
CA GLU K 560 18.89 35.29 -48.54
C GLU K 560 19.49 36.47 -49.28
N ASP K 561 18.86 36.78 -50.40
CA ASP K 561 19.25 37.87 -51.28
C ASP K 561 19.32 39.20 -50.54
N LYS K 562 20.27 40.08 -50.89
CA LYS K 562 21.18 39.91 -52.01
C LYS K 562 22.63 40.14 -51.60
N GLN K 563 23.55 39.81 -52.50
CA GLN K 563 24.96 40.16 -52.35
C GLN K 563 25.58 39.55 -51.09
N LEU K 564 25.86 38.25 -51.18
CA LEU K 564 26.47 37.50 -50.09
C LEU K 564 27.67 38.24 -49.52
N LEU K 565 27.78 38.28 -48.20
CA LEU K 565 28.87 39.02 -47.55
C LEU K 565 29.68 38.13 -46.64
N PRO K 566 31.01 38.35 -46.64
CA PRO K 566 31.96 37.60 -45.81
C PRO K 566 31.72 37.82 -44.31
N MET K 567 32.20 36.90 -43.49
CA MET K 567 31.84 36.89 -42.06
C MET K 567 33.03 36.80 -41.12
N VAL K 568 32.81 37.20 -39.88
CA VAL K 568 33.80 37.04 -38.81
C VAL K 568 33.08 36.75 -37.49
N LEU K 569 33.62 35.82 -36.70
CA LEU K 569 33.09 35.56 -35.37
C LEU K 569 34.18 35.51 -34.31
N ALA K 570 33.77 35.77 -33.07
CA ALA K 570 34.67 35.94 -31.93
C ALA K 570 34.10 35.32 -30.66
N SER K 571 34.96 34.76 -29.81
CA SER K 571 34.50 34.36 -28.49
C SER K 571 35.60 34.29 -27.43
N ILE K 572 35.20 34.41 -26.16
CA ILE K 572 36.12 34.34 -25.03
C ILE K 572 35.51 33.71 -23.78
N ASP K 573 36.35 33.00 -23.05
CA ASP K 573 35.99 32.33 -21.81
C ASP K 573 37.07 32.54 -20.75
N GLU K 574 38.30 32.20 -21.15
CA GLU K 574 39.49 32.27 -20.29
C GLU K 574 40.71 32.81 -21.02
N ASN K 575 41.79 33.03 -20.29
CA ASN K 575 43.04 33.56 -20.85
C ASN K 575 43.16 35.08 -20.78
N THR K 576 42.17 35.74 -20.17
CA THR K 576 42.17 37.20 -20.02
C THR K 576 41.64 37.95 -21.24
N ASP K 577 41.16 37.19 -22.22
CA ASP K 577 40.61 37.78 -23.45
C ASP K 577 41.41 37.45 -24.71
N THR K 578 41.72 36.19 -24.93
CA THR K 578 42.35 35.77 -26.19
C THR K 578 41.40 36.01 -27.36
N TYR K 579 40.09 35.95 -27.08
CA TYR K 579 39.04 36.23 -28.08
C TYR K 579 39.16 35.50 -29.43
N LEU K 580 39.15 34.17 -29.43
CA LEU K 580 39.37 33.46 -30.68
C LEU K 580 38.44 34.01 -31.75
N VAL K 581 39.01 34.36 -32.89
CA VAL K 581 38.32 35.08 -33.97
C VAL K 581 38.66 34.52 -35.35
N ALA K 582 37.67 34.28 -36.20
CA ALA K 582 37.98 33.69 -37.51
C ALA K 582 37.30 34.35 -38.72
N GLY K 583 38.01 34.34 -39.85
CA GLY K 583 37.48 34.84 -41.12
C GLY K 583 36.69 33.78 -41.87
N LEU K 584 35.64 34.22 -42.57
CA LEU K 584 34.63 33.31 -43.13
C LEU K 584 34.09 33.82 -44.47
N THR K 585 33.67 32.90 -45.34
CA THR K 585 33.24 33.26 -46.69
C THR K 585 31.95 32.55 -47.12
N PRO K 586 31.11 33.25 -47.90
CA PRO K 586 29.80 32.74 -48.30
C PRO K 586 29.83 31.54 -49.25
N ARG K 587 29.00 30.55 -48.95
CA ARG K 587 28.81 29.41 -49.84
C ARG K 587 27.61 29.65 -50.75
N TYR K 588 27.80 29.49 -52.05
CA TYR K 588 26.71 29.59 -52.99
C TYR K 588 25.71 28.46 -52.76
N PRO K 589 24.45 28.63 -53.19
CA PRO K 589 23.47 27.55 -53.05
C PRO K 589 23.55 26.51 -54.18
N ARG K 590 24.71 25.89 -54.34
CA ARG K 590 24.93 24.82 -55.31
C ARG K 590 24.65 25.24 -56.76
N GLY K 591 24.79 26.52 -57.05
CA GLY K 591 24.55 27.02 -58.39
C GLY K 591 24.69 28.53 -58.51
N THR K 597 28.29 27.36 -57.83
CA THR K 597 29.49 28.17 -57.68
C THR K 597 29.96 28.71 -59.03
N LYS K 598 29.75 30.00 -59.25
CA LYS K 598 30.19 30.64 -60.48
C LYS K 598 31.68 30.98 -60.41
N LYS K 599 32.16 31.32 -59.21
CA LYS K 599 33.56 31.75 -59.01
C LYS K 599 34.14 31.24 -57.68
N PRO K 600 35.49 31.10 -57.59
CA PRO K 600 36.19 30.62 -56.40
C PRO K 600 36.14 31.52 -55.15
N ILE K 601 36.06 32.83 -55.36
CA ILE K 601 35.75 33.91 -54.38
C ILE K 601 36.83 34.34 -53.36
N LEU K 602 37.88 33.55 -53.14
CA LEU K 602 39.14 34.07 -52.59
C LEU K 602 39.10 35.01 -51.36
N ASN K 603 38.98 34.45 -50.15
CA ASN K 603 38.93 35.25 -48.92
C ASN K 603 40.01 36.32 -48.84
N ASN K 604 39.62 37.56 -48.57
CA ASN K 604 40.54 38.69 -48.49
C ASN K 604 41.03 38.97 -47.08
N PHE K 605 40.45 38.31 -46.09
CA PHE K 605 40.83 38.56 -44.70
C PHE K 605 42.15 37.93 -44.36
N SER K 606 42.62 37.00 -45.18
CA SER K 606 43.95 36.47 -45.00
C SER K 606 44.95 37.60 -45.14
N MET K 607 44.74 38.42 -46.17
CA MET K 607 45.53 39.63 -46.38
C MET K 607 45.17 40.71 -45.37
N ALA K 608 43.88 40.87 -45.10
CA ALA K 608 43.38 41.98 -44.29
C ALA K 608 43.86 41.92 -42.84
N PHE K 609 43.73 40.73 -42.25
CA PHE K 609 44.22 40.49 -40.89
C PHE K 609 45.72 40.72 -40.86
N GLN K 610 46.39 40.47 -41.98
CA GLN K 610 47.81 40.82 -42.11
C GLN K 610 47.98 42.34 -42.12
N GLN K 611 47.03 43.04 -42.72
CA GLN K 611 47.10 44.50 -42.77
C GLN K 611 46.90 45.08 -41.38
N ILE K 612 46.14 44.38 -40.54
CA ILE K 612 46.01 44.81 -39.15
C ILE K 612 47.22 44.38 -38.31
N THR K 613 47.80 43.23 -38.65
CA THR K 613 49.04 42.82 -37.98
C THR K 613 50.20 43.64 -38.52
N ALA K 614 50.04 44.21 -39.71
CA ALA K 614 50.98 45.19 -40.22
C ALA K 614 50.62 46.57 -39.68
N GLU K 615 49.39 46.68 -39.17
CA GLU K 615 48.90 47.87 -38.49
C GLU K 615 49.40 47.85 -37.06
N THR K 616 48.78 48.65 -36.18
CA THR K 616 49.22 48.81 -34.80
C THR K 616 49.47 47.48 -34.08
N ASP K 617 48.77 46.43 -34.51
CA ASP K 617 49.03 45.04 -34.14
C ASP K 617 49.31 44.81 -32.66
N ALA K 618 48.64 45.58 -31.81
CA ALA K 618 48.81 45.40 -30.38
C ALA K 618 47.90 44.27 -29.93
N LYS K 619 48.48 43.30 -29.25
CA LYS K 619 47.79 42.14 -28.69
C LYS K 619 47.37 41.11 -29.74
N VAL K 620 47.47 41.47 -31.01
CA VAL K 620 47.16 40.55 -32.09
C VAL K 620 48.14 39.39 -32.10
N ARG K 621 47.65 38.18 -32.35
CA ARG K 621 48.52 37.01 -32.34
C ARG K 621 48.32 36.11 -33.57
N ILE K 622 49.39 35.98 -34.36
CA ILE K 622 49.42 35.19 -35.58
C ILE K 622 49.82 33.75 -35.21
N ASP K 623 49.84 33.47 -33.91
CA ASP K 623 50.20 32.15 -33.40
C ASP K 623 49.47 31.03 -34.13
N ASN K 624 48.29 31.34 -34.68
CA ASN K 624 47.55 30.42 -35.51
C ASN K 624 48.22 30.13 -36.86
N PHE K 625 48.11 28.89 -37.28
CA PHE K 625 48.59 28.42 -38.56
C PHE K 625 47.77 29.00 -39.71
N GLU K 626 46.48 29.16 -39.45
CA GLU K 626 45.53 29.52 -40.48
C GLU K 626 45.22 31.01 -40.46
N SER K 627 45.53 31.68 -41.57
CA SER K 627 45.35 33.12 -41.69
C SER K 627 43.91 33.55 -41.42
N SER K 628 42.98 32.61 -41.61
CA SER K 628 41.57 32.89 -41.41
C SER K 628 41.24 33.25 -39.96
N ILE K 629 42.14 32.90 -39.04
CA ILE K 629 41.83 33.01 -37.62
C ILE K 629 43.01 33.49 -36.76
N ILE K 630 42.75 34.39 -35.82
CA ILE K 630 43.77 34.89 -34.90
C ILE K 630 43.28 35.07 -33.47
N GLU K 631 44.21 35.10 -32.53
CA GLU K 631 43.91 35.51 -31.15
C GLU K 631 43.88 37.03 -31.07
N ILE K 632 42.96 37.59 -30.28
CA ILE K 632 42.88 39.04 -30.16
C ILE K 632 42.40 39.47 -28.77
N ARG K 633 42.95 40.55 -28.22
CA ARG K 633 42.50 41.03 -26.92
C ARG K 633 41.31 41.96 -27.06
N ARG K 634 40.34 41.81 -26.15
CA ARG K 634 39.11 42.61 -26.18
C ARG K 634 39.41 44.09 -26.16
N GLU K 635 40.48 44.44 -25.45
CA GLU K 635 40.87 45.81 -25.27
C GLU K 635 41.18 46.43 -26.63
N ASP K 636 41.99 45.72 -27.41
CA ASP K 636 42.33 46.20 -28.74
C ASP K 636 41.49 45.60 -29.86
N LEU K 637 40.59 44.66 -29.56
CA LEU K 637 39.79 44.06 -30.63
C LEU K 637 38.71 45.01 -31.13
N SER K 638 38.15 45.80 -30.24
CA SER K 638 37.16 46.78 -30.64
C SER K 638 37.82 47.82 -31.56
N PRO K 639 38.99 48.37 -31.17
CA PRO K 639 39.68 49.14 -32.20
C PRO K 639 40.23 48.26 -33.33
N PHE K 640 40.48 46.98 -33.09
CA PHE K 640 40.83 46.05 -34.18
C PHE K 640 39.65 45.99 -35.14
N LEU K 641 38.45 46.21 -34.62
CA LEU K 641 37.25 46.24 -35.45
C LEU K 641 37.10 47.57 -36.18
N GLU K 642 37.49 48.67 -35.55
CA GLU K 642 37.48 49.96 -36.23
C GLU K 642 38.51 49.98 -37.35
N LYS K 643 39.62 49.29 -37.11
CA LYS K 643 40.70 49.18 -38.07
C LYS K 643 40.39 48.09 -39.09
N LEU K 644 39.42 47.26 -38.75
CA LEU K 644 38.89 46.24 -39.67
C LEU K 644 37.88 46.87 -40.62
N THR K 645 37.20 47.91 -40.15
CA THR K 645 36.24 48.65 -40.97
C THR K 645 36.98 49.34 -42.10
N LEU K 646 37.98 50.12 -41.73
CA LEU K 646 38.84 50.78 -42.70
C LEU K 646 40.31 50.47 -42.42
N SER K 647 41.07 50.17 -43.47
CA SER K 647 40.57 50.16 -44.83
C SER K 647 39.85 48.85 -45.14
N GLY K 648 38.66 48.94 -45.72
CA GLY K 648 38.05 47.77 -46.29
C GLY K 648 38.87 47.37 -47.51
N LEU K 649 39.40 46.16 -47.49
CA LEU K 649 40.20 45.67 -48.59
C LEU K 649 39.33 45.12 -49.71
N LEU K 650 38.26 44.42 -49.33
CA LEU K 650 37.35 43.83 -50.31
C LEU K 650 36.09 44.67 -50.46
PG ANP M . -12.76 37.49 4.20
O1G ANP M . -11.91 36.82 3.05
O2G ANP M . -13.33 36.43 5.10
O3G ANP M . -11.80 38.44 5.02
PB ANP M . -13.20 39.73 2.86
O1B ANP M . -11.86 39.20 2.31
O2B ANP M . -12.93 40.80 3.87
N3B ANP M . -14.00 38.44 3.55
PA ANP M . -13.06 41.19 0.71
O1A ANP M . -11.97 40.43 0.04
O2A ANP M . -12.49 42.24 1.68
O3A ANP M . -13.98 40.31 1.64
O5' ANP M . -14.00 41.84 -0.39
C5' ANP M . -14.28 43.26 -0.37
C4' ANP M . -15.24 43.61 -1.47
O4' ANP M . -14.99 44.95 -1.93
C3' ANP M . -15.15 42.77 -2.73
O3' ANP M . -15.80 41.52 -2.57
C2' ANP M . -15.84 43.67 -3.76
O2' ANP M . -17.25 43.51 -3.72
C1' ANP M . -15.43 45.07 -3.28
N9 ANP M . -14.36 45.67 -4.08
C8 ANP M . -14.31 45.71 -5.45
N7 ANP M . -13.25 46.30 -5.93
C5 ANP M . -12.54 46.68 -4.79
C6 ANP M . -11.32 47.35 -4.62
N6 ANP M . -10.55 47.78 -5.63
N1 ANP M . -10.90 47.58 -3.35
C2 ANP M . -11.65 47.16 -2.34
N3 ANP M . -12.82 46.51 -2.38
C4 ANP M . -13.22 46.30 -3.64
PG ANP N . 13.22 2.94 24.71
O1G ANP N . 11.78 2.39 24.39
O2G ANP N . 13.24 4.41 24.47
O3G ANP N . 13.52 2.64 26.23
PB ANP N . 14.20 0.56 24.09
O1B ANP N . 13.02 -0.11 23.31
O2B ANP N . 13.93 0.58 25.54
N3B ANP N . 14.32 2.17 23.66
PA ANP N . 16.54 -0.41 25.01
O1A ANP N . 16.62 -1.84 25.37
O2A ANP N . 16.08 0.46 26.18
O3A ANP N . 15.52 -0.21 23.82
O5' ANP N . 17.92 0.09 24.42
C5' ANP N . 19.13 -0.41 25.02
C4' ANP N . 20.36 -0.03 24.24
O4' ANP N . 21.52 -0.17 25.12
C3' ANP N . 20.65 -0.90 23.02
O3' ANP N . 21.21 -0.13 21.98
C2' ANP N . 21.64 -1.94 23.58
O2' ANP N . 22.48 -2.47 22.56
C1' ANP N . 22.44 -1.09 24.55
N9 ANP N . 23.09 -1.83 25.62
C8 ANP N . 24.02 -2.82 25.46
N7 ANP N . 24.47 -3.35 26.58
C5 ANP N . 23.77 -2.65 27.57
C6 ANP N . 23.78 -2.72 28.97
N6 ANP N . 24.56 -3.58 29.66
N1 ANP N . 22.97 -1.88 29.64
C2 ANP N . 22.21 -1.04 28.96
N3 ANP N . 22.11 -0.87 27.64
C4 ANP N . 22.92 -1.72 26.99
PG ANP O . 11.87 21.43 5.04
O1G ANP O . 10.40 21.19 4.94
O2G ANP O . 12.59 20.10 5.47
O3G ANP O . 12.18 22.56 6.11
PB ANP O . 13.97 22.67 3.75
O1B ANP O . 15.17 21.84 3.19
O2B ANP O . 14.20 22.94 5.21
N3B ANP O . 12.51 21.90 3.55
PA ANP O . 15.30 24.83 2.90
O1A ANP O . 14.83 26.28 2.79
O2A ANP O . 16.12 24.57 4.11
O3A ANP O . 13.95 24.01 2.96
O5' ANP O . 16.11 24.34 1.60
C5' ANP O . 17.14 25.18 1.00
C4' ANP O . 16.50 26.10 0.01
O4' ANP O . 17.37 27.23 -0.22
C3' ANP O . 16.17 25.50 -1.36
O3' ANP O . 14.80 25.69 -1.67
C2' ANP O . 17.10 26.21 -2.34
O2' ANP O . 16.35 27.02 -3.25
C1' ANP O . 17.98 27.10 -1.48
N9 ANP O . 19.35 26.62 -1.30
C8 ANP O . 20.15 26.07 -2.26
N7 ANP O . 21.36 25.74 -1.86
C5 ANP O . 21.35 26.13 -0.52
C6 ANP O . 22.35 26.04 0.49
N6 ANP O . 23.56 25.55 0.28
N1 ANP O . 22.02 26.52 1.71
C2 ANP O . 20.81 27.02 1.91
N3 ANP O . 19.79 27.14 1.04
C4 ANP O . 20.14 26.67 -0.16
#